data_7E8C
#
_entry.id   7E8C
#
loop_
_entity.id
_entity.type
_entity.pdbx_description
1 polymer 'Spike glycoprotein'
2 polymer '604 H'
3 polymer '604 L'
4 polymer 'N9 H'
5 polymer '368-2 L'
6 polymer '368-2 H'
7 polymer 'N9 L'
#
loop_
_entity_poly.entity_id
_entity_poly.type
_entity_poly.pdbx_seq_one_letter_code
_entity_poly.pdbx_strand_id
1 'polypeptide(L)'
;MFVFLVLLPLVSSQCVNLTTRTQLPPAYTNSFTRGVYYPDKVFRSSVLHSTQDLFLPFFSNVTWFHAIHVSGTNGTKRFD
NPVLPFNDGVYFASTEKSNIIRGWIFGTTLDSKTQSLLIVNNATNVVIKVCEFQFCNDPFLGVYYHKNNKSWMESEFRVY
SSANNCTFEYVSQPFLMDLEGKQGNFKNLREFVFKNIDGYFKIYSKHTPINLVRDLPQGFSALEPLVDLPIGINITRFQT
LLALHRSYLTPGDSSSGWTAGAAAYYVGYLQPRTFLLKYNENGTITDAVDCALDPLSETKCTLKSFTVEKGIYQTSNFRV
QPTESIVRFPNITNLCPFGEVFNATRFASVYAWNRKRISNCVADYSVLYNSASFSTFKCYGVSPTKLNDLCFTNVYADSF
VIRGDEVRQIAPGQTGKIADYNYKLPDDFTGCVIAWNSNNLDSKVGGNYNYLYRLFRKSNLKPFERDISTEIYQAGSTPC
NGVEGFNCYFPLQSYGFQPTNGVGYQPYRVVVLSFELLHAPATVCGPKKSTNLVKNKCVNFNFNGLTGTGVLTESNKKFL
PFQQFGRDIADTTDAVRDPQTLEILDITPCSFGGVSVITPGTNTSNQVAVLYQDVNCTEVPVAIHADQLTPTWRVYSTGS
NVFQTRAGCLIGAEHVNNSYECDIPIGAGICASYQTQTNSPGSASSVASQSIIAYTMSLGAENSVAYSNNSIAIPTNFTI
SVTTEILPVSMTKTSVDCTMYICGDSTECSNLLLQYGSFCTQLNRALTGIAVEQDKNTQEVFAQVKQIYKTPPIKDFGGF
NFSQILPDPSKPSKRSFIEDLLFNKVTLADAGFIKQYGDCLGDIAARDLICAQKFNGLTVLPPLLTDEMIAQYTSALLAG
TITSGWTFGAGPALQIPFPMQMAYRFNGIGVTQNVLYENQKLIANQFNSAIGKIQDSLSSTPSALGKLQDVVNQNAQALN
TLVKQLSSNFGAISSVLNDILSRLDPPEAEVQIDRLITGRLQSLQTYVTQQLIRAAEIRASANLAATKMSECVLGQSKRV
DFCGKGYHLMSFPQSAPHGVVFLHVTYVPAQEKNFTTAPAICHDGKAHFPREGVFVSNGTHWFVTQRNFYEPQIITTDNT
FVSGNCDVVIGIVNNTVYDPLQPELDSFKEELDKYFKNHTSPDVDLGDISGINASVVNIQKEIDRLNEVAKNLNESLIDL
QELGKYEQGSGYIPEAPRDGQAYVRKDGEWVLLSTFLGRSLEVLFQGPGHHHHHEHHSAWSHPQFEKGGGSGGGGSGGSA
WSHPQFEK
;
A,B,C
2 'polypeptide(L)'
;EVQLVESGGGLIQPGGSLRLSCAASGIIVSSNYMTWVRQAPGKGLEWVSVIYSGGSTFYADSVKGRFTISRDKSKNTLYL
QMSSLRAEDTAVYYCARDLGPYGMDVWGQGTTVTVSSASTKGPSVFPLAPSSKSTSGGTAALGCLVKDYFPEPVTVSWNS
GALTSGVHTFPAVLQSSGLYSLSSVVTVPSSSLGTQTYICNVNHKPSNTKVDKKVEPKSCD
;
D,N,O
3 'polypeptide(L)'
;DIQLTQSPSFLSASVGDRVTITCRASQGISSDLAWYQQKPGKAPNLLIYAASTLQSGVPSRFSGSGSGTDFTLTISSLQP
EDFATYYCQQLNSDLYTFGQGTKLEIKRTVAAPSVFIFPPSDEQLKSGTASVVCLLNNFYPREAKVQWKVDNALQSGNSQ
ESVTEQDSKDSTYSLSSTLTLSKADYEKHKVYACEVTHQGLSSPVTKSFNRGEC
;
E,P,Q
4 'polypeptide(L)'
;EVQLVESGGGLVKPGGSLRLSCAASEFTFSSYSMNWVRQAPGKGLEWVSSISSSGSQIYYADSVKGRFTISRDNAKKSLY
LQMNSLRVEDTAVYYCATNGGAHSSTWSFYGMDVWGQGTTVTVSSASTKGPSVFPLAPSSKSTSGGTAALGCLVKDYFPE
PVTVSWNSGALTSGVHTFPAVLQSSGLYSLSSVVTVPSSSLGTQTYICNVNHKPSNTKVDKKVEPKSCDK
;
H,S,T
5 'polypeptide(L)'
;DIVMTQSPLSLPVTPGEPASISCRSSQSLLHSNGYLYLDWYLQKPGQSPQLLIYLGSNRASGVPDRFSGSGSGTDFTLKI
SRVEAEDVGVYYCMQALQTPGTFGQGTRLEIKRTVAAPSVFIFPPSDEQLKSGTASVVCLLNNFYPREAKVQWKVDNALQ
SGNSQESVTEQDSKDSTYSLSSTLTLSKADYEKHKVYACEVTHQGLSSPVTKSFNRGEC
;
I,J,Z
6 'polypeptide(L)'
;EVQLLESGGGVVQPGGSLRLSCAASGFAFTTYAMNWVRQAPGRGLEWVSAISDGGGSAYYADSVKGRFTISRDNSKNTLY
LQMNSLRAEDTAVYYCAKTRGRGLYDYVWGSKDYWGQGTLVTVSSASTKGPSVFPLAPSSKSTSGGTAALGCLVKDYFPE
PVTVSWNSGALTSGVHTFPAVLQSSGLYSLSSVVTVPSSSLGTQTYICNVNHKPSNTKVDKKVEPKSCDK
;
K,M,a
7 'polypeptide(L)'
;SYELTQPPSVSVSPGQTATITCSGDKLGDKYACWYQQRPGQSPVLVIYQDSKRPSGIPERFSGSNSGNTATLTIGGTQAM
DEAAYFCQAWDSNTGVFGGGTKLTVLSQPKAAPSVTLFPPSSEELQANKATLVCLISDFYPGAVTVAWKADSSPVKAGVE
TTTPSKQSNNKYAASSYLSLTPEQWKSHRSYSCQVTHEGSTVEKTVAPTECS
;
L,U,V
#
# COMPACT_ATOMS: atom_id res chain seq x y z
N GLN A 14 -47.54 37.11 18.03
CA GLN A 14 -48.76 36.59 18.64
C GLN A 14 -48.41 35.75 19.86
N CYS A 15 -48.37 34.43 19.66
CA CYS A 15 -47.95 33.46 20.66
C CYS A 15 -48.84 33.54 21.91
N VAL A 16 -50.12 33.24 21.69
CA VAL A 16 -51.01 32.94 22.80
C VAL A 16 -50.82 31.48 23.19
N ASN A 17 -50.49 31.26 24.46
CA ASN A 17 -50.16 29.93 24.95
C ASN A 17 -51.34 29.35 25.72
N LEU A 18 -51.53 28.04 25.60
CA LEU A 18 -52.71 27.37 26.14
C LEU A 18 -52.40 26.14 26.97
N THR A 19 -51.16 25.65 26.96
CA THR A 19 -50.80 24.50 27.77
C THR A 19 -50.69 24.91 29.23
N THR A 20 -51.82 25.25 29.84
CA THR A 20 -51.81 25.75 31.21
C THR A 20 -51.32 24.70 32.20
N ARG A 21 -52.10 23.64 32.39
CA ARG A 21 -51.68 22.61 33.34
C ARG A 21 -52.00 21.17 32.93
N THR A 22 -52.76 20.94 31.86
CA THR A 22 -53.13 19.59 31.47
C THR A 22 -51.89 18.73 31.20
N GLN A 23 -51.70 17.72 32.04
CA GLN A 23 -50.49 16.89 32.03
C GLN A 23 -50.87 15.41 32.14
N LEU A 24 -51.82 14.99 31.32
CA LEU A 24 -52.35 13.64 31.42
C LEU A 24 -51.31 12.60 31.01
N PRO A 25 -51.41 11.37 31.50
CA PRO A 25 -50.50 10.32 31.05
C PRO A 25 -50.79 9.91 29.62
N PRO A 26 -49.79 9.43 28.89
CA PRO A 26 -50.02 9.02 27.50
C PRO A 26 -51.03 7.89 27.38
N ALA A 27 -51.82 7.95 26.32
CA ALA A 27 -52.74 6.87 25.96
C ALA A 27 -52.21 6.15 24.74
N TYR A 28 -52.29 4.82 24.77
CA TYR A 28 -51.74 3.97 23.72
C TYR A 28 -52.85 3.17 23.06
N THR A 29 -53.01 3.34 21.76
CA THR A 29 -53.84 2.46 20.96
C THR A 29 -52.93 1.54 20.15
N ASN A 30 -53.51 0.71 19.29
CA ASN A 30 -52.76 -0.36 18.63
C ASN A 30 -52.84 -0.20 17.12
N SER A 31 -51.72 0.16 16.50
CA SER A 31 -51.59 0.20 15.05
C SER A 31 -51.42 -1.23 14.56
N PHE A 32 -52.53 -1.83 14.14
CA PHE A 32 -52.60 -3.27 13.87
C PHE A 32 -51.68 -3.71 12.74
N THR A 33 -52.00 -3.31 11.51
CA THR A 33 -51.21 -3.62 10.32
C THR A 33 -51.22 -2.33 9.50
N ARG A 34 -50.26 -1.47 9.77
CA ARG A 34 -50.45 -0.06 9.49
C ARG A 34 -49.11 0.61 9.17
N GLY A 35 -49.19 1.63 8.34
CA GLY A 35 -48.02 2.43 8.01
C GLY A 35 -46.96 1.72 7.20
N VAL A 36 -47.37 1.05 6.12
CA VAL A 36 -46.44 0.42 5.20
C VAL A 36 -46.42 1.27 3.94
N TYR A 37 -45.26 1.81 3.61
CA TYR A 37 -45.09 2.65 2.43
C TYR A 37 -44.27 1.91 1.39
N TYR A 38 -44.30 2.42 0.16
CA TYR A 38 -43.47 1.85 -0.90
C TYR A 38 -42.03 2.29 -0.66
N PRO A 39 -41.18 1.44 -0.10
CA PRO A 39 -39.85 1.90 0.31
C PRO A 39 -38.85 1.82 -0.82
N ASP A 40 -39.27 2.26 -2.01
CA ASP A 40 -38.48 2.05 -3.21
C ASP A 40 -39.09 2.86 -4.35
N LYS A 41 -38.52 2.67 -5.53
CA LYS A 41 -38.79 3.52 -6.67
C LYS A 41 -39.27 2.66 -7.84
N VAL A 42 -39.62 1.41 -7.55
CA VAL A 42 -39.50 0.30 -8.48
C VAL A 42 -40.84 -0.42 -8.59
N PHE A 43 -41.33 -0.58 -9.82
CA PHE A 43 -42.46 -1.45 -10.10
C PHE A 43 -42.05 -2.90 -9.90
N ARG A 44 -42.97 -3.71 -9.37
CA ARG A 44 -42.73 -5.13 -9.19
C ARG A 44 -44.00 -5.92 -9.50
N SER A 45 -43.83 -7.03 -10.21
CA SER A 45 -44.92 -7.89 -10.61
C SER A 45 -45.35 -8.76 -9.44
N SER A 46 -46.10 -9.83 -9.70
CA SER A 46 -46.55 -10.68 -8.61
C SER A 46 -45.34 -11.37 -8.00
N VAL A 47 -44.77 -10.75 -6.96
CA VAL A 47 -43.55 -11.22 -6.34
C VAL A 47 -43.58 -10.82 -4.87
N LEU A 48 -43.01 -11.66 -4.02
CA LEU A 48 -42.86 -11.38 -2.60
C LEU A 48 -41.44 -10.87 -2.39
N HIS A 49 -41.29 -9.57 -2.16
CA HIS A 49 -39.99 -8.96 -2.00
C HIS A 49 -39.74 -8.67 -0.52
N SER A 50 -38.51 -8.93 -0.07
CA SER A 50 -38.13 -8.73 1.32
C SER A 50 -37.37 -7.41 1.43
N THR A 51 -37.92 -6.49 2.20
CA THR A 51 -37.35 -5.15 2.33
C THR A 51 -36.85 -4.92 3.76
N GLN A 52 -35.68 -4.27 3.86
CA GLN A 52 -35.08 -3.91 5.13
C GLN A 52 -34.97 -2.38 5.15
N ASP A 53 -35.92 -1.73 5.83
CA ASP A 53 -36.00 -0.28 5.86
C ASP A 53 -36.64 0.14 7.17
N LEU A 54 -36.83 1.45 7.34
CA LEU A 54 -37.50 1.97 8.53
C LEU A 54 -39.01 1.80 8.39
N PHE A 55 -39.57 0.92 9.20
CA PHE A 55 -40.99 0.63 9.16
C PHE A 55 -41.57 0.77 10.56
N LEU A 56 -42.88 0.97 10.62
CA LEU A 56 -43.58 0.97 11.90
C LEU A 56 -43.98 -0.45 12.22
N PRO A 57 -43.45 -1.06 13.27
CA PRO A 57 -43.73 -2.47 13.53
C PRO A 57 -45.22 -2.75 13.70
N PHE A 58 -45.64 -3.91 13.23
CA PHE A 58 -47.02 -4.32 13.37
C PHE A 58 -47.38 -4.50 14.83
N PHE A 59 -48.65 -4.21 15.14
CA PHE A 59 -49.21 -4.44 16.48
C PHE A 59 -48.39 -3.75 17.56
N SER A 60 -48.02 -2.50 17.29
CA SER A 60 -47.27 -1.68 18.22
C SER A 60 -48.19 -0.66 18.88
N ASN A 61 -47.71 -0.08 19.97
CA ASN A 61 -48.47 0.94 20.70
C ASN A 61 -48.09 2.31 20.14
N VAL A 62 -49.09 3.01 19.59
CA VAL A 62 -48.92 4.36 19.08
C VAL A 62 -49.62 5.32 20.03
N THR A 63 -48.91 6.36 20.45
CA THR A 63 -49.48 7.35 21.35
C THR A 63 -50.68 8.02 20.70
N TRP A 64 -51.76 8.17 21.47
CA TRP A 64 -53.01 8.69 20.97
C TRP A 64 -53.29 10.03 21.62
N PHE A 65 -53.56 11.05 20.79
CA PHE A 65 -53.94 12.38 21.25
C PHE A 65 -55.35 12.66 20.76
N HIS A 66 -56.20 13.15 21.65
CA HIS A 66 -57.54 13.60 21.30
C HIS A 66 -57.87 14.89 22.03
N ALA A 67 -59.07 15.42 21.75
CA ALA A 67 -59.43 16.75 22.21
C ALA A 67 -59.69 16.82 23.71
N ILE A 68 -59.87 15.68 24.38
CA ILE A 68 -60.21 15.63 25.81
C ILE A 68 -61.52 16.38 26.07
N ARG A 78 -57.67 21.26 26.22
CA ARG A 78 -57.96 20.47 25.03
C ARG A 78 -56.73 20.37 24.13
N PHE A 79 -56.43 19.16 23.67
CA PHE A 79 -55.35 18.93 22.70
C PHE A 79 -54.01 19.45 23.24
N ASP A 80 -53.50 18.75 24.26
CA ASP A 80 -52.20 19.06 24.84
C ASP A 80 -51.19 19.49 23.79
N ASN A 81 -51.13 18.76 22.67
CA ASN A 81 -50.34 19.14 21.51
C ASN A 81 -48.89 19.45 21.86
N PRO A 82 -48.16 18.49 22.41
CA PRO A 82 -46.79 18.76 22.82
C PRO A 82 -45.79 18.46 21.71
N VAL A 83 -44.60 19.05 21.84
CA VAL A 83 -43.52 18.70 20.94
C VAL A 83 -43.13 17.24 21.16
N LEU A 84 -43.16 16.46 20.09
CA LEU A 84 -42.85 15.05 20.18
C LEU A 84 -41.52 14.76 19.50
N PRO A 85 -40.81 13.72 19.93
CA PRO A 85 -39.54 13.40 19.28
C PRO A 85 -39.74 12.96 17.84
N PHE A 86 -38.84 13.38 16.97
CA PHE A 86 -38.75 12.88 15.61
C PHE A 86 -37.51 11.98 15.60
N ASN A 87 -37.68 10.75 16.09
CA ASN A 87 -36.56 9.85 16.35
C ASN A 87 -35.80 9.50 15.08
N ASP A 88 -36.46 8.77 14.19
CA ASP A 88 -35.89 8.39 12.91
C ASP A 88 -36.89 8.59 11.78
N GLY A 89 -38.05 9.15 12.08
CA GLY A 89 -39.18 9.18 11.17
C GLY A 89 -40.41 8.78 11.95
N VAL A 90 -41.56 9.39 11.66
CA VAL A 90 -42.77 9.12 12.42
C VAL A 90 -43.86 8.69 11.45
N TYR A 91 -44.82 7.94 11.97
CA TYR A 91 -46.06 7.63 11.28
C TYR A 91 -47.17 8.45 11.91
N PHE A 92 -47.88 9.20 11.09
CA PHE A 92 -48.88 10.14 11.58
C PHE A 92 -50.22 9.81 10.94
N ALA A 93 -51.23 9.58 11.77
CA ALA A 93 -52.59 9.34 11.31
C ALA A 93 -53.52 10.35 11.97
N SER A 94 -54.69 10.54 11.38
CA SER A 94 -55.65 11.50 11.91
C SER A 94 -57.03 11.18 11.35
N THR A 95 -58.02 11.08 12.23
CA THR A 95 -59.39 10.84 11.80
C THR A 95 -60.02 12.13 11.29
N GLU A 96 -60.19 13.11 12.18
CA GLU A 96 -60.28 14.53 11.83
C GLU A 96 -61.29 14.77 10.71
N LYS A 97 -62.56 14.54 11.03
CA LYS A 97 -63.62 14.65 10.03
C LYS A 97 -63.85 16.09 9.55
N SER A 98 -63.23 17.08 10.18
CA SER A 98 -63.17 18.43 9.67
C SER A 98 -61.71 18.87 9.64
N ASN A 99 -61.39 19.83 8.79
CA ASN A 99 -59.98 20.18 8.57
C ASN A 99 -59.40 20.86 9.81
N ILE A 100 -59.02 20.05 10.80
CA ILE A 100 -58.52 20.57 12.07
C ILE A 100 -57.02 20.38 12.12
N ILE A 101 -56.54 19.18 11.79
CA ILE A 101 -55.11 18.96 11.57
C ILE A 101 -54.71 19.73 10.33
N ARG A 102 -53.69 20.57 10.45
CA ARG A 102 -53.33 21.48 9.38
C ARG A 102 -51.87 21.39 8.94
N GLY A 103 -50.96 20.95 9.80
CA GLY A 103 -49.58 20.86 9.42
C GLY A 103 -48.69 20.57 10.61
N TRP A 104 -47.38 20.70 10.37
CA TRP A 104 -46.38 20.29 11.34
C TRP A 104 -45.19 21.24 11.24
N ILE A 105 -44.43 21.33 12.33
CA ILE A 105 -43.39 22.33 12.46
C ILE A 105 -42.01 21.73 12.76
N PHE A 106 -41.70 20.57 12.16
CA PHE A 106 -40.45 19.86 12.42
C PHE A 106 -39.26 20.80 12.54
N GLY A 107 -38.36 20.49 13.46
CA GLY A 107 -37.14 21.27 13.62
C GLY A 107 -36.28 20.69 14.71
N THR A 108 -35.13 21.35 14.92
CA THR A 108 -34.17 20.93 15.94
C THR A 108 -34.40 21.67 17.26
N THR A 109 -34.47 22.99 17.20
CA THR A 109 -34.66 23.81 18.39
C THR A 109 -36.01 24.50 18.40
N LEU A 110 -36.64 24.68 17.24
CA LEU A 110 -37.92 25.37 17.08
C LEU A 110 -37.81 26.83 17.52
N ASP A 111 -36.56 27.30 17.63
CA ASP A 111 -36.26 28.69 17.93
C ASP A 111 -35.55 29.29 16.74
N SER A 112 -35.09 30.53 16.88
CA SER A 112 -34.22 31.10 15.88
C SER A 112 -32.84 30.45 15.97
N LYS A 113 -31.94 30.89 15.08
CA LYS A 113 -30.56 30.43 15.01
C LYS A 113 -30.47 28.99 14.49
N THR A 114 -31.62 28.35 14.31
CA THR A 114 -31.68 27.02 13.72
C THR A 114 -32.80 27.00 12.69
N GLN A 115 -32.52 26.47 11.51
CA GLN A 115 -33.53 26.39 10.47
C GLN A 115 -34.54 25.29 10.81
N SER A 116 -35.81 25.56 10.52
CA SER A 116 -36.90 24.66 10.85
C SER A 116 -37.90 24.62 9.72
N LEU A 117 -38.65 23.53 9.65
CA LEU A 117 -39.55 23.26 8.53
C LEU A 117 -41.00 23.45 8.98
N LEU A 118 -41.76 24.19 8.18
CA LEU A 118 -43.15 24.48 8.47
C LEU A 118 -44.00 24.05 7.29
N ILE A 119 -44.97 23.16 7.55
CA ILE A 119 -45.89 22.67 6.53
C ILE A 119 -47.28 23.13 6.92
N VAL A 120 -47.95 23.84 6.01
CA VAL A 120 -49.30 24.36 6.25
C VAL A 120 -50.07 24.29 4.92
N ASN A 121 -51.33 23.90 5.00
CA ASN A 121 -52.24 23.95 3.86
C ASN A 121 -53.51 24.72 4.24
N ASN A 122 -53.95 25.62 3.36
CA ASN A 122 -55.05 26.50 3.74
C ASN A 122 -56.40 25.85 3.51
N ALA A 123 -56.82 25.76 2.25
CA ALA A 123 -57.93 24.90 1.84
C ALA A 123 -57.66 24.35 0.45
N THR A 124 -56.74 25.01 -0.27
CA THR A 124 -56.53 24.72 -1.67
C THR A 124 -55.07 24.77 -2.08
N ASN A 125 -54.15 25.01 -1.14
CA ASN A 125 -52.72 24.99 -1.42
C ASN A 125 -51.99 24.53 -0.18
N VAL A 126 -50.80 23.99 -0.36
CA VAL A 126 -49.91 23.62 0.75
C VAL A 126 -48.67 24.49 0.67
N VAL A 127 -48.25 25.04 1.81
CA VAL A 127 -47.13 25.97 1.87
C VAL A 127 -46.05 25.32 2.72
N ILE A 128 -44.85 25.20 2.15
CA ILE A 128 -43.71 24.58 2.81
C ILE A 128 -42.57 25.57 2.86
N LYS A 129 -41.98 25.75 4.04
CA LYS A 129 -40.94 26.74 4.25
C LYS A 129 -39.87 26.15 5.15
N VAL A 130 -38.64 26.59 4.98
CA VAL A 130 -37.54 26.21 5.87
C VAL A 130 -36.86 27.50 6.31
N CYS A 131 -37.33 28.08 7.40
CA CYS A 131 -36.77 29.31 7.93
C CYS A 131 -36.26 29.11 9.34
N GLU A 132 -35.63 30.16 9.87
CA GLU A 132 -35.26 30.19 11.29
C GLU A 132 -36.42 30.82 12.06
N PHE A 133 -37.48 30.04 12.16
CA PHE A 133 -38.73 30.53 12.73
C PHE A 133 -38.58 30.80 14.22
N GLN A 134 -39.54 31.53 14.77
CA GLN A 134 -39.59 31.84 16.19
C GLN A 134 -40.88 31.26 16.76
N PHE A 135 -41.11 29.98 16.48
CA PHE A 135 -42.35 29.29 16.82
C PHE A 135 -42.80 29.61 18.24
N CYS A 136 -44.11 29.74 18.40
CA CYS A 136 -44.68 29.91 19.73
C CYS A 136 -44.57 28.61 20.52
N ASN A 137 -44.82 28.71 21.83
CA ASN A 137 -44.77 27.51 22.66
C ASN A 137 -46.04 26.68 22.48
N ASP A 138 -47.09 27.26 21.89
CA ASP A 138 -48.32 26.55 21.56
C ASP A 138 -48.81 27.01 20.19
N PRO A 139 -48.10 26.66 19.13
CA PRO A 139 -48.50 27.12 17.78
C PRO A 139 -49.83 26.50 17.36
N PHE A 140 -50.64 27.30 16.67
CA PHE A 140 -51.89 26.84 16.08
C PHE A 140 -52.38 27.92 15.12
N LEU A 141 -53.42 27.59 14.37
CA LEU A 141 -54.03 28.52 13.43
C LEU A 141 -55.48 28.79 13.84
N GLY A 142 -55.77 30.02 14.19
CA GLY A 142 -57.15 30.40 14.45
C GLY A 142 -57.98 30.40 13.17
N VAL A 143 -59.24 30.01 13.30
CA VAL A 143 -60.15 29.88 12.17
C VAL A 143 -61.40 30.69 12.47
N TYR A 144 -61.88 31.42 11.46
CA TYR A 144 -63.07 32.25 11.62
C TYR A 144 -63.97 32.09 10.41
N TYR A 145 -65.27 32.29 10.61
CA TYR A 145 -66.27 32.19 9.57
C TYR A 145 -67.02 33.50 9.49
N HIS A 146 -66.83 34.23 8.39
CA HIS A 146 -67.54 35.49 8.22
C HIS A 146 -68.98 35.22 7.81
N LYS A 147 -69.88 36.10 8.24
CA LYS A 147 -71.31 35.92 7.95
C LYS A 147 -71.65 36.23 6.50
N ASN A 148 -70.83 37.02 5.81
CA ASN A 148 -71.12 37.33 4.42
C ASN A 148 -71.06 36.10 3.54
N ASN A 149 -69.90 35.46 3.47
CA ASN A 149 -69.73 34.19 2.75
C ASN A 149 -69.18 33.19 3.77
N LYS A 150 -70.03 32.26 4.20
CA LYS A 150 -69.67 31.38 5.30
C LYS A 150 -68.46 30.51 4.94
N SER A 151 -68.41 30.01 3.71
CA SER A 151 -67.27 29.21 3.26
C SER A 151 -66.10 30.13 2.94
N TRP A 152 -65.54 30.72 3.99
CA TRP A 152 -64.39 31.60 3.90
C TRP A 152 -63.17 31.06 4.62
N MET A 153 -63.33 30.69 5.90
CA MET A 153 -62.27 30.10 6.71
C MET A 153 -61.05 31.01 6.79
N GLU A 154 -61.26 32.19 7.37
CA GLU A 154 -60.19 33.18 7.48
C GLU A 154 -59.19 32.71 8.54
N SER A 155 -58.15 32.04 8.10
CA SER A 155 -57.11 31.51 8.98
C SER A 155 -56.18 32.65 9.40
N GLU A 156 -55.89 32.72 10.69
CA GLU A 156 -54.87 33.62 11.21
C GLU A 156 -53.75 32.80 11.84
N PHE A 157 -52.52 33.23 11.63
CA PHE A 157 -51.35 32.49 12.05
C PHE A 157 -50.96 32.86 13.48
N ARG A 158 -50.84 31.87 14.34
CA ARG A 158 -50.30 32.01 15.69
C ARG A 158 -49.13 31.06 15.88
N VAL A 159 -48.42 30.80 14.78
CA VAL A 159 -47.38 29.78 14.75
C VAL A 159 -46.05 30.38 15.23
N TYR A 160 -45.57 31.39 14.51
CA TYR A 160 -44.29 32.01 14.82
C TYR A 160 -44.50 33.49 15.10
N SER A 161 -43.50 34.09 15.75
CA SER A 161 -43.45 35.55 15.88
C SER A 161 -42.51 36.19 14.87
N SER A 162 -41.38 35.55 14.56
CA SER A 162 -40.45 36.04 13.56
C SER A 162 -40.08 34.91 12.61
N ALA A 163 -39.95 35.24 11.32
CA ALA A 163 -39.61 34.26 10.30
C ALA A 163 -38.79 34.98 9.23
N ASN A 164 -37.47 34.80 9.26
CA ASN A 164 -36.58 35.58 8.41
C ASN A 164 -35.39 34.72 7.98
N ASN A 165 -34.75 35.16 6.90
CA ASN A 165 -33.47 34.60 6.43
C ASN A 165 -33.60 33.11 6.14
N CYS A 166 -34.37 32.79 5.11
CA CYS A 166 -34.60 31.40 4.76
C CYS A 166 -34.48 31.12 3.28
N THR A 167 -34.27 29.83 2.99
CA THR A 167 -33.80 29.33 1.71
C THR A 167 -34.85 28.65 0.86
N PHE A 168 -35.54 27.65 1.39
CA PHE A 168 -36.47 26.82 0.63
C PHE A 168 -37.89 27.31 0.84
N GLU A 169 -38.70 27.26 -0.22
CA GLU A 169 -40.09 27.71 -0.16
C GLU A 169 -40.87 27.01 -1.26
N TYR A 170 -41.76 26.10 -0.88
CA TYR A 170 -42.48 25.25 -1.82
C TYR A 170 -43.98 25.47 -1.65
N VAL A 171 -44.72 25.40 -2.76
CA VAL A 171 -46.17 25.55 -2.78
C VAL A 171 -46.73 24.53 -3.76
N SER A 172 -47.83 23.89 -3.38
CA SER A 172 -48.51 22.93 -4.25
C SER A 172 -49.95 22.78 -3.80
N GLN A 173 -50.65 21.82 -4.41
CA GLN A 173 -52.02 21.46 -4.07
C GLN A 173 -52.02 20.69 -2.74
N PRO A 174 -52.93 21.00 -1.83
CA PRO A 174 -52.76 20.60 -0.43
C PRO A 174 -52.71 19.10 -0.24
N PHE A 175 -51.92 18.68 0.76
CA PHE A 175 -51.86 17.26 1.12
C PHE A 175 -53.21 16.74 1.54
N LEU A 176 -53.87 17.44 2.47
CA LEU A 176 -55.08 16.96 3.10
C LEU A 176 -56.33 17.42 2.34
N LYS A 187 -64.82 8.83 8.18
CA LYS A 187 -64.51 10.18 8.67
C LYS A 187 -63.24 10.72 8.06
N ASN A 188 -62.88 10.23 6.87
CA ASN A 188 -61.74 10.73 6.11
C ASN A 188 -60.44 10.60 6.92
N LEU A 189 -60.06 9.34 7.13
CA LEU A 189 -58.78 9.04 7.75
C LEU A 189 -57.63 9.47 6.85
N ARG A 190 -56.58 10.02 7.46
CA ARG A 190 -55.38 10.43 6.74
C ARG A 190 -54.14 9.88 7.43
N GLU A 191 -53.24 9.30 6.64
CA GLU A 191 -52.04 8.65 7.16
C GLU A 191 -50.81 9.26 6.49
N PHE A 192 -49.81 9.59 7.29
CA PHE A 192 -48.58 10.19 6.79
C PHE A 192 -47.37 9.50 7.39
N VAL A 193 -46.34 9.33 6.58
CA VAL A 193 -45.02 8.91 7.04
C VAL A 193 -44.04 9.99 6.64
N PHE A 194 -43.30 10.51 7.62
CA PHE A 194 -42.23 11.46 7.37
C PHE A 194 -40.90 10.80 7.74
N LYS A 195 -39.87 11.06 6.95
CA LYS A 195 -38.53 10.63 7.30
C LYS A 195 -37.53 11.58 6.65
N ASN A 196 -36.35 11.67 7.26
CA ASN A 196 -35.32 12.63 6.87
C ASN A 196 -34.03 11.84 6.62
N ILE A 197 -33.80 11.48 5.36
CA ILE A 197 -32.66 10.65 4.98
C ILE A 197 -31.78 11.44 4.01
N ASP A 198 -30.51 11.61 4.38
CA ASP A 198 -29.49 12.20 3.54
C ASP A 198 -29.91 13.56 2.98
N GLY A 199 -30.38 14.44 3.84
CA GLY A 199 -30.75 15.78 3.44
C GLY A 199 -32.07 15.89 2.70
N TYR A 200 -32.77 14.79 2.50
CA TYR A 200 -34.04 14.77 1.79
C TYR A 200 -35.17 14.49 2.77
N PHE A 201 -36.22 15.31 2.71
CA PHE A 201 -37.40 15.13 3.53
C PHE A 201 -38.47 14.44 2.68
N LYS A 202 -38.90 13.26 3.11
CA LYS A 202 -39.77 12.41 2.33
C LYS A 202 -41.12 12.30 3.02
N ILE A 203 -42.20 12.53 2.26
CA ILE A 203 -43.56 12.46 2.77
C ILE A 203 -44.31 11.38 2.00
N TYR A 204 -44.75 10.35 2.72
CA TYR A 204 -45.62 9.31 2.19
C TYR A 204 -47.01 9.51 2.76
N SER A 205 -48.04 9.38 1.94
CA SER A 205 -49.38 9.66 2.39
C SER A 205 -50.39 8.72 1.74
N LYS A 206 -51.48 8.50 2.46
CA LYS A 206 -52.64 7.75 1.96
C LYS A 206 -53.87 8.33 2.62
N HIS A 207 -54.90 8.61 1.83
CA HIS A 207 -56.12 9.23 2.34
C HIS A 207 -57.26 8.22 2.19
N THR A 208 -57.83 7.79 3.32
CA THR A 208 -58.80 6.71 3.31
C THR A 208 -60.09 7.12 4.01
N PRO A 209 -61.25 6.94 3.37
CA PRO A 209 -62.52 7.18 4.06
C PRO A 209 -62.89 5.97 4.91
N ILE A 210 -63.04 6.20 6.22
CA ILE A 210 -63.19 5.12 7.18
C ILE A 210 -64.55 5.22 7.86
N ASN A 211 -65.04 4.08 8.35
CA ASN A 211 -66.26 4.02 9.15
C ASN A 211 -66.01 3.48 10.56
N LEU A 212 -64.79 3.09 10.88
CA LEU A 212 -64.50 2.54 12.20
C LEU A 212 -64.79 3.58 13.28
N VAL A 213 -64.98 3.09 14.51
CA VAL A 213 -65.54 3.92 15.57
C VAL A 213 -64.52 4.97 16.03
N ARG A 214 -63.43 4.53 16.64
CA ARG A 214 -62.54 5.50 17.27
C ARG A 214 -61.08 5.37 16.87
N ASP A 215 -60.58 4.15 16.69
CA ASP A 215 -59.15 3.93 16.55
C ASP A 215 -58.80 3.52 15.12
N LEU A 216 -57.54 3.17 14.91
CA LEU A 216 -57.06 2.83 13.59
C LEU A 216 -57.72 1.56 13.08
N PRO A 217 -58.10 1.49 11.80
CA PRO A 217 -58.76 0.29 11.28
C PRO A 217 -57.79 -0.87 11.08
N GLN A 218 -58.28 -1.96 10.48
CA GLN A 218 -57.50 -3.17 10.30
C GLN A 218 -57.02 -3.40 8.89
N GLY A 219 -57.79 -3.02 7.88
CA GLY A 219 -57.47 -3.29 6.49
C GLY A 219 -56.13 -2.76 6.04
N PHE A 220 -55.37 -3.57 5.31
CA PHE A 220 -54.06 -3.14 4.85
C PHE A 220 -54.18 -2.12 3.71
N SER A 221 -53.45 -1.02 3.83
CA SER A 221 -53.29 -0.04 2.77
C SER A 221 -51.85 0.44 2.77
N ALA A 222 -51.34 0.76 1.59
CA ALA A 222 -49.94 1.11 1.41
C ALA A 222 -49.82 2.61 1.17
N LEU A 223 -48.85 3.23 1.83
CA LEU A 223 -48.66 4.67 1.70
C LEU A 223 -47.74 4.97 0.53
N GLU A 224 -48.17 5.88 -0.34
CA GLU A 224 -47.39 6.21 -1.53
C GLU A 224 -46.94 7.67 -1.47
N PRO A 225 -45.65 7.92 -1.70
CA PRO A 225 -45.09 9.23 -1.38
C PRO A 225 -45.66 10.37 -2.21
N LEU A 226 -45.70 11.55 -1.59
CA LEU A 226 -46.19 12.77 -2.22
C LEU A 226 -45.05 13.57 -2.83
N VAL A 227 -44.07 13.95 -2.01
CA VAL A 227 -42.98 14.84 -2.41
C VAL A 227 -41.71 14.33 -1.76
N ASP A 228 -40.58 14.87 -2.21
CA ASP A 228 -39.27 14.56 -1.62
C ASP A 228 -38.50 15.89 -1.61
N LEU A 229 -38.61 16.63 -0.51
CA LEU A 229 -38.09 17.98 -0.44
C LEU A 229 -36.61 17.97 -0.12
N PRO A 230 -35.76 18.59 -0.94
CA PRO A 230 -34.33 18.64 -0.63
C PRO A 230 -34.03 19.66 0.46
N ILE A 231 -34.49 19.39 1.67
CA ILE A 231 -34.40 20.38 2.74
C ILE A 231 -32.97 20.47 3.27
N GLY A 232 -32.42 19.34 3.71
CA GLY A 232 -31.04 19.30 4.14
C GLY A 232 -30.78 19.81 5.54
N ILE A 233 -31.81 19.99 6.36
CA ILE A 233 -31.64 20.44 7.74
C ILE A 233 -31.71 19.22 8.65
N ASN A 234 -31.33 19.44 9.91
CA ASN A 234 -31.44 18.41 10.93
C ASN A 234 -32.76 18.57 11.68
N ILE A 235 -33.51 17.48 11.79
CA ILE A 235 -34.79 17.47 12.49
C ILE A 235 -34.71 16.45 13.61
N THR A 236 -35.05 16.89 14.82
CA THR A 236 -35.04 16.02 15.99
C THR A 236 -36.33 16.07 16.79
N ARG A 237 -37.14 17.11 16.62
CA ARG A 237 -38.43 17.23 17.29
C ARG A 237 -39.46 17.70 16.28
N PHE A 238 -40.74 17.53 16.62
CA PHE A 238 -41.80 18.04 15.76
C PHE A 238 -43.05 18.28 16.58
N GLN A 239 -44.01 18.97 15.98
CA GLN A 239 -45.24 19.35 16.64
C GLN A 239 -46.30 19.62 15.58
N THR A 240 -47.51 19.13 15.82
CA THR A 240 -48.60 19.32 14.88
C THR A 240 -49.21 20.71 15.04
N LEU A 241 -49.95 21.12 14.02
CA LEU A 241 -50.65 22.41 14.02
C LEU A 241 -52.15 22.14 14.00
N LEU A 242 -52.88 22.84 14.86
CA LEU A 242 -54.30 22.62 15.04
C LEU A 242 -55.09 23.86 14.66
N ALA A 243 -56.33 23.64 14.22
CA ALA A 243 -57.25 24.71 13.88
C ALA A 243 -58.22 24.89 15.03
N LEU A 244 -58.05 25.96 15.79
CA LEU A 244 -58.90 26.27 16.94
C LEU A 244 -59.80 27.45 16.61
N HIS A 245 -60.98 27.45 17.20
CA HIS A 245 -61.91 28.57 17.06
C HIS A 245 -61.90 29.42 18.32
N ARG A 246 -62.41 30.65 18.19
CA ARG A 246 -62.67 31.51 19.33
C ARG A 246 -64.13 31.39 19.69
N SER A 247 -64.41 30.73 20.82
CA SER A 247 -65.79 30.48 21.23
C SER A 247 -66.34 31.57 22.12
N TYR A 248 -65.51 32.15 22.99
CA TYR A 248 -65.91 33.31 23.78
C TYR A 248 -64.64 34.11 24.09
N LEU A 249 -64.83 35.43 24.26
CA LEU A 249 -63.71 36.33 24.48
C LEU A 249 -63.86 36.97 25.85
N THR A 250 -62.95 36.63 26.78
CA THR A 250 -62.91 37.49 27.95
C THR A 250 -61.92 38.63 27.70
N PRO A 251 -62.19 39.83 28.25
CA PRO A 251 -61.44 41.02 27.82
C PRO A 251 -59.93 40.91 27.90
N GLY A 252 -59.34 40.73 29.08
CA GLY A 252 -57.92 40.40 29.06
C GLY A 252 -57.58 39.01 29.56
N ASP A 253 -57.50 38.05 28.64
CA ASP A 253 -56.74 36.82 28.85
C ASP A 253 -55.99 36.45 27.58
N SER A 254 -56.66 36.68 26.44
CA SER A 254 -56.26 36.25 25.10
C SER A 254 -56.33 34.74 24.94
N SER A 255 -56.63 34.02 26.03
CA SER A 255 -56.56 32.56 26.07
C SER A 255 -57.87 31.96 26.57
N SER A 256 -59.01 32.54 26.17
CA SER A 256 -60.29 32.18 26.77
C SER A 256 -61.05 31.12 25.99
N GLY A 257 -61.41 31.42 24.74
CA GLY A 257 -62.37 30.60 24.03
C GLY A 257 -61.76 29.74 22.93
N TRP A 258 -60.55 29.24 23.16
CA TRP A 258 -59.84 28.47 22.15
C TRP A 258 -60.29 27.01 22.21
N THR A 259 -61.49 26.77 21.69
CA THR A 259 -61.98 25.40 21.56
C THR A 259 -61.32 24.72 20.37
N ALA A 260 -61.23 23.39 20.45
CA ALA A 260 -60.41 22.61 19.52
C ALA A 260 -61.25 21.71 18.63
N GLY A 261 -62.52 22.05 18.41
CA GLY A 261 -63.37 21.26 17.54
C GLY A 261 -63.52 19.84 18.06
N ALA A 262 -63.26 18.87 17.18
CA ALA A 262 -63.30 17.46 17.56
C ALA A 262 -62.48 16.67 16.55
N ALA A 263 -61.35 16.12 17.01
CA ALA A 263 -60.46 15.35 16.14
C ALA A 263 -59.57 14.48 17.01
N ALA A 264 -58.88 13.53 16.39
CA ALA A 264 -57.92 12.68 17.07
C ALA A 264 -56.84 12.27 16.09
N TYR A 265 -55.59 12.35 16.54
CA TYR A 265 -54.45 11.96 15.71
C TYR A 265 -53.51 11.07 16.50
N TYR A 266 -52.82 10.17 15.80
CA TYR A 266 -51.95 9.19 16.40
C TYR A 266 -50.53 9.41 15.91
N VAL A 267 -49.55 9.04 16.72
CA VAL A 267 -48.14 9.18 16.36
C VAL A 267 -47.46 7.84 16.59
N GLY A 268 -46.93 7.25 15.52
CA GLY A 268 -46.07 6.09 15.62
C GLY A 268 -44.62 6.47 15.38
N TYR A 269 -43.74 5.49 15.56
CA TYR A 269 -42.31 5.70 15.37
C TYR A 269 -41.73 4.59 14.52
N LEU A 270 -40.97 4.96 13.50
CA LEU A 270 -40.40 4.00 12.57
C LEU A 270 -39.13 3.40 13.13
N GLN A 271 -39.01 2.08 13.05
CA GLN A 271 -37.85 1.34 13.52
C GLN A 271 -37.22 0.58 12.35
N PRO A 272 -35.91 0.36 12.39
CA PRO A 272 -35.29 -0.42 11.31
C PRO A 272 -35.64 -1.89 11.39
N ARG A 273 -36.52 -2.34 10.51
CA ARG A 273 -37.01 -3.71 10.53
C ARG A 273 -37.02 -4.27 9.11
N THR A 274 -37.26 -5.58 9.03
CA THR A 274 -37.34 -6.28 7.76
C THR A 274 -38.80 -6.71 7.55
N PHE A 275 -39.37 -6.31 6.42
CA PHE A 275 -40.70 -6.73 6.03
C PHE A 275 -40.62 -7.61 4.78
N LEU A 276 -41.73 -8.30 4.51
CA LEU A 276 -41.90 -9.08 3.29
C LEU A 276 -43.19 -8.58 2.65
N LEU A 277 -43.06 -7.87 1.53
CA LEU A 277 -44.17 -7.16 0.93
C LEU A 277 -44.66 -7.94 -0.28
N LYS A 278 -45.97 -8.18 -0.35
CA LYS A 278 -46.56 -8.84 -1.49
C LYS A 278 -46.99 -7.80 -2.52
N TYR A 279 -46.31 -7.77 -3.65
CA TYR A 279 -46.68 -6.86 -4.73
C TYR A 279 -47.76 -7.51 -5.60
N ASN A 280 -48.68 -6.68 -6.05
CA ASN A 280 -49.84 -7.16 -6.81
C ASN A 280 -49.38 -7.52 -8.22
N GLU A 281 -50.31 -7.90 -9.10
CA GLU A 281 -49.94 -8.02 -10.50
C GLU A 281 -49.70 -6.63 -11.11
N ASN A 282 -50.43 -5.63 -10.61
CA ASN A 282 -50.28 -4.26 -11.08
C ASN A 282 -49.19 -3.49 -10.36
N GLY A 283 -48.56 -4.07 -9.35
CA GLY A 283 -47.46 -3.44 -8.66
C GLY A 283 -47.80 -2.80 -7.32
N THR A 284 -49.03 -2.95 -6.84
CA THR A 284 -49.43 -2.36 -5.58
C THR A 284 -49.19 -3.34 -4.44
N ILE A 285 -48.71 -2.83 -3.31
CA ILE A 285 -48.46 -3.67 -2.15
C ILE A 285 -49.82 -3.98 -1.53
N THR A 286 -50.28 -5.20 -1.77
CA THR A 286 -51.55 -5.63 -1.17
C THR A 286 -51.35 -6.23 0.24
N ASP A 287 -50.13 -6.58 0.67
CA ASP A 287 -49.98 -7.27 2.00
C ASP A 287 -48.54 -7.37 2.55
N ALA A 288 -48.37 -7.61 3.86
CA ALA A 288 -47.01 -7.86 4.40
C ALA A 288 -46.94 -8.62 5.72
N VAL A 289 -45.76 -9.10 6.11
CA VAL A 289 -45.50 -9.77 7.42
C VAL A 289 -44.33 -9.03 8.09
N ASP A 290 -44.41 -8.72 9.39
CA ASP A 290 -43.23 -8.13 10.08
C ASP A 290 -42.33 -9.30 10.49
N CYS A 291 -41.01 -9.11 10.43
CA CYS A 291 -40.06 -10.15 10.84
C CYS A 291 -39.66 -9.82 12.30
N ALA A 292 -39.49 -10.87 13.09
CA ALA A 292 -39.27 -10.77 14.53
C ALA A 292 -40.51 -10.26 15.26
N LEU A 293 -41.66 -10.29 14.60
CA LEU A 293 -42.93 -10.07 15.28
C LEU A 293 -43.29 -11.26 16.17
N ASP A 294 -43.29 -12.45 15.59
CA ASP A 294 -43.59 -13.70 16.26
C ASP A 294 -42.96 -14.82 15.45
N PRO A 295 -42.79 -16.03 16.02
CA PRO A 295 -42.03 -17.07 15.29
C PRO A 295 -42.61 -17.43 13.93
N LEU A 296 -43.93 -17.43 13.77
CA LEU A 296 -44.52 -17.81 12.49
C LEU A 296 -44.19 -16.79 11.40
N SER A 297 -44.21 -15.51 11.75
CA SER A 297 -43.80 -14.48 10.80
C SER A 297 -42.32 -14.61 10.45
N GLU A 298 -41.51 -15.02 11.43
CA GLU A 298 -40.10 -15.31 11.14
C GLU A 298 -39.98 -16.47 10.17
N THR A 299 -40.85 -17.48 10.30
CA THR A 299 -40.85 -18.61 9.37
C THR A 299 -41.18 -18.15 7.95
N LYS A 300 -42.26 -17.38 7.81
CA LYS A 300 -42.60 -16.83 6.49
C LYS A 300 -41.47 -15.94 5.96
N CYS A 301 -40.82 -15.20 6.85
CA CYS A 301 -39.71 -14.33 6.48
C CYS A 301 -38.55 -15.15 5.93
N THR A 302 -38.27 -16.30 6.54
CA THR A 302 -37.19 -17.16 6.08
C THR A 302 -37.55 -17.83 4.76
N LEU A 303 -38.80 -18.26 4.61
CA LEU A 303 -39.20 -18.99 3.41
C LEU A 303 -39.54 -18.09 2.23
N LYS A 304 -39.60 -16.77 2.45
CA LYS A 304 -40.06 -15.82 1.43
C LYS A 304 -41.36 -16.28 0.79
N SER A 305 -42.31 -16.68 1.63
CA SER A 305 -43.63 -17.13 1.19
C SER A 305 -44.65 -16.76 2.25
N PHE A 306 -45.85 -16.42 1.80
CA PHE A 306 -46.90 -15.97 2.71
C PHE A 306 -47.75 -17.11 3.26
N THR A 307 -47.59 -18.32 2.76
CA THR A 307 -48.29 -19.49 3.29
C THR A 307 -47.27 -20.59 3.51
N VAL A 308 -47.12 -21.03 4.76
CA VAL A 308 -46.19 -22.08 5.12
C VAL A 308 -46.96 -23.37 5.36
N GLU A 309 -46.47 -24.44 4.77
CA GLU A 309 -47.07 -25.76 4.89
C GLU A 309 -46.48 -26.47 6.09
N LYS A 310 -47.14 -27.55 6.52
CA LYS A 310 -46.79 -28.18 7.78
C LYS A 310 -45.37 -28.74 7.76
N GLY A 311 -44.75 -28.74 8.92
CA GLY A 311 -43.40 -29.24 9.05
C GLY A 311 -42.63 -28.45 10.08
N ILE A 312 -41.31 -28.62 10.06
CA ILE A 312 -40.39 -27.98 10.99
C ILE A 312 -39.34 -27.24 10.18
N TYR A 313 -39.14 -25.96 10.50
CA TYR A 313 -38.22 -25.10 9.77
C TYR A 313 -37.28 -24.41 10.76
N GLN A 314 -35.99 -24.37 10.44
CA GLN A 314 -35.02 -23.63 11.24
C GLN A 314 -34.98 -22.20 10.72
N THR A 315 -35.19 -21.23 11.61
CA THR A 315 -35.31 -19.84 11.22
C THR A 315 -34.16 -18.97 11.67
N SER A 316 -33.60 -19.21 12.86
CA SER A 316 -32.50 -18.39 13.36
C SER A 316 -31.73 -19.21 14.39
N ASN A 317 -30.85 -18.53 15.13
CA ASN A 317 -30.00 -19.17 16.11
C ASN A 317 -30.15 -18.49 17.48
N PHE A 318 -29.69 -19.20 18.51
CA PHE A 318 -29.74 -18.72 19.87
C PHE A 318 -28.33 -18.71 20.46
N ARG A 319 -28.00 -17.65 21.20
CA ARG A 319 -26.77 -17.61 21.97
C ARG A 319 -27.01 -16.91 23.29
N VAL A 320 -26.21 -17.27 24.28
CA VAL A 320 -26.16 -16.51 25.53
C VAL A 320 -25.02 -15.50 25.42
N GLN A 321 -25.31 -14.25 25.76
CA GLN A 321 -24.23 -13.27 25.77
C GLN A 321 -23.53 -13.29 27.13
N PRO A 322 -22.25 -12.95 27.18
CA PRO A 322 -21.57 -12.82 28.47
C PRO A 322 -21.86 -11.47 29.11
N THR A 323 -21.63 -11.42 30.42
CA THR A 323 -21.80 -10.20 31.20
C THR A 323 -20.56 -9.96 32.05
N GLU A 324 -20.24 -8.68 32.23
CA GLU A 324 -19.17 -8.22 33.13
C GLU A 324 -17.89 -9.04 32.94
N SER A 325 -17.30 -8.83 31.77
CA SER A 325 -15.99 -9.39 31.45
C SER A 325 -15.03 -9.22 32.61
N ILE A 326 -14.25 -10.27 32.87
CA ILE A 326 -13.34 -10.31 34.01
C ILE A 326 -11.92 -10.52 33.52
N VAL A 327 -10.96 -10.06 34.32
CA VAL A 327 -9.55 -10.25 34.05
C VAL A 327 -8.86 -10.69 35.33
N ARG A 328 -7.80 -11.48 35.20
CA ARG A 328 -6.99 -11.90 36.34
C ARG A 328 -5.53 -11.91 35.91
N PHE A 329 -4.71 -11.15 36.62
CA PHE A 329 -3.29 -10.97 36.36
C PHE A 329 -2.51 -11.31 37.63
N PRO A 330 -1.15 -11.52 37.61
CA PRO A 330 -0.41 -11.92 38.83
C PRO A 330 -0.64 -11.11 40.11
N ASN A 331 -0.48 -11.76 41.27
CA ASN A 331 -0.71 -11.09 42.57
C ASN A 331 0.24 -9.91 42.75
N ILE A 332 -0.29 -8.73 43.08
CA ILE A 332 0.57 -7.54 43.34
C ILE A 332 0.95 -7.58 44.83
N THR A 333 1.85 -8.51 45.20
CA THR A 333 2.14 -8.79 46.63
C THR A 333 3.61 -8.48 46.92
N ASN A 334 4.53 -9.20 46.28
CA ASN A 334 5.98 -8.95 46.46
C ASN A 334 6.28 -7.48 46.16
N LEU A 335 5.41 -6.57 46.63
CA LEU A 335 5.60 -5.12 46.34
C LEU A 335 7.09 -4.78 46.36
N CYS A 336 7.50 -3.81 45.53
CA CYS A 336 8.89 -3.40 45.48
C CYS A 336 9.18 -2.38 46.59
N PRO A 337 10.39 -2.38 47.14
CA PRO A 337 10.65 -1.60 48.36
C PRO A 337 10.67 -0.10 48.14
N PHE A 338 9.49 0.51 48.05
CA PHE A 338 9.36 1.95 48.00
C PHE A 338 9.13 2.58 49.37
N GLY A 339 8.94 1.75 50.40
CA GLY A 339 8.87 2.25 51.77
C GLY A 339 10.26 2.46 52.33
N GLU A 340 11.27 2.04 51.56
CA GLU A 340 12.66 2.20 51.99
C GLU A 340 13.28 3.47 51.43
N VAL A 341 12.89 3.88 50.22
CA VAL A 341 13.51 5.03 49.59
C VAL A 341 12.81 6.32 50.00
N PHE A 342 11.49 6.26 50.18
CA PHE A 342 10.64 7.43 50.39
C PHE A 342 10.34 7.67 51.86
N ASN A 343 10.48 6.67 52.71
CA ASN A 343 10.22 6.85 54.13
C ASN A 343 11.46 6.65 54.99
N ALA A 344 12.65 6.64 54.38
CA ALA A 344 13.88 6.50 55.16
C ALA A 344 14.11 7.75 56.00
N THR A 345 14.48 7.53 57.26
CA THR A 345 14.71 8.63 58.19
C THR A 345 16.05 9.31 57.98
N ARG A 346 16.93 8.77 57.14
CA ARG A 346 18.27 9.31 56.97
C ARG A 346 18.67 9.16 55.51
N PHE A 347 18.69 10.27 54.78
CA PHE A 347 19.13 10.25 53.40
C PHE A 347 20.64 10.45 53.32
N ALA A 348 21.12 10.67 52.10
CA ALA A 348 22.55 10.82 51.83
C ALA A 348 22.79 12.10 51.05
N SER A 349 24.02 12.60 51.13
CA SER A 349 24.42 13.82 50.44
C SER A 349 24.45 13.58 48.93
N VAL A 350 24.34 14.67 48.17
CA VAL A 350 24.18 14.57 46.73
C VAL A 350 25.47 14.10 46.06
N TYR A 351 26.60 14.21 46.76
CA TYR A 351 27.82 13.64 46.19
C TYR A 351 27.85 12.13 46.36
N ALA A 352 27.51 11.64 47.56
CA ALA A 352 27.36 10.21 47.82
C ALA A 352 25.89 9.81 47.79
N TRP A 353 25.27 9.99 46.62
CA TRP A 353 23.85 9.72 46.50
C TRP A 353 23.59 8.21 46.51
N ASN A 354 22.59 7.80 47.29
CA ASN A 354 22.18 6.41 47.32
C ASN A 354 21.63 5.99 45.96
N ARG A 355 21.78 4.70 45.65
CA ARG A 355 21.16 4.12 44.48
C ARG A 355 20.74 2.71 44.82
N LYS A 356 19.45 2.44 44.75
CA LYS A 356 18.91 1.11 45.02
C LYS A 356 18.40 0.50 43.73
N ARG A 357 18.98 -0.64 43.37
CA ARG A 357 18.46 -1.43 42.26
C ARG A 357 17.19 -2.13 42.71
N ILE A 358 16.19 -2.15 41.84
CA ILE A 358 14.90 -2.79 42.12
C ILE A 358 14.59 -3.76 40.99
N SER A 359 14.57 -5.05 41.32
CA SER A 359 14.41 -6.08 40.28
C SER A 359 13.64 -7.26 40.84
N ASN A 360 12.98 -7.99 39.92
CA ASN A 360 12.34 -9.27 40.21
C ASN A 360 11.27 -9.15 41.29
N CYS A 361 10.86 -7.92 41.57
CA CYS A 361 9.72 -7.67 42.44
C CYS A 361 8.63 -7.01 41.63
N VAL A 362 7.49 -6.71 42.27
CA VAL A 362 6.35 -6.08 41.54
C VAL A 362 6.17 -4.65 42.05
N ALA A 363 6.36 -3.65 41.19
CA ALA A 363 6.36 -2.24 41.66
C ALA A 363 4.95 -1.71 41.94
N ASP A 364 4.87 -0.48 42.47
CA ASP A 364 3.56 0.16 42.75
C ASP A 364 3.70 1.67 42.52
N TYR A 365 3.07 2.20 41.47
CA TYR A 365 3.21 3.64 41.14
C TYR A 365 1.87 4.34 41.37
N SER A 366 0.85 3.58 41.77
CA SER A 366 -0.47 4.19 42.08
C SER A 366 -0.38 4.88 43.43
N VAL A 367 0.45 4.35 44.34
CA VAL A 367 0.62 4.95 45.70
C VAL A 367 1.55 6.16 45.58
N LEU A 368 2.37 6.21 44.53
CA LEU A 368 3.30 7.36 44.31
C LEU A 368 2.49 8.51 43.73
N TYR A 369 1.48 8.19 42.92
CA TYR A 369 0.61 9.23 42.32
C TYR A 369 -0.38 9.73 43.38
N ASN A 370 -0.69 8.88 44.36
CA ASN A 370 -1.63 9.26 45.44
C ASN A 370 -0.85 9.70 46.69
N SER A 371 0.45 9.97 46.53
CA SER A 371 1.27 10.45 47.69
C SER A 371 0.86 11.88 48.04
N ALA A 372 0.54 12.70 47.02
CA ALA A 372 0.14 14.11 47.25
C ALA A 372 1.12 14.81 48.19
N SER A 373 2.42 14.60 47.98
CA SER A 373 3.46 15.20 48.86
C SER A 373 4.71 15.44 48.02
N PHE A 374 4.81 14.78 46.87
CA PHE A 374 5.99 14.94 45.98
C PHE A 374 5.83 16.25 45.20
N SER A 375 6.33 17.36 45.75
CA SER A 375 6.18 18.69 45.10
C SER A 375 6.65 18.62 43.64
N THR A 376 7.89 18.19 43.40
CA THR A 376 8.42 18.17 42.01
C THR A 376 8.39 16.74 41.46
N PHE A 377 7.19 16.23 41.17
CA PHE A 377 7.06 14.88 40.55
C PHE A 377 6.95 15.07 39.04
N LYS A 378 8.10 15.11 38.35
CA LYS A 378 8.12 15.32 36.87
C LYS A 378 8.61 14.03 36.20
N CYS A 379 7.83 13.50 35.26
CA CYS A 379 8.20 12.20 34.61
C CYS A 379 8.82 12.44 33.23
N TYR A 380 10.05 11.96 33.02
CA TYR A 380 10.74 12.15 31.72
C TYR A 380 10.73 10.81 30.97
N GLY A 381 10.42 9.73 31.67
CA GLY A 381 10.32 8.41 31.00
C GLY A 381 8.89 8.17 30.52
N VAL A 382 8.10 7.45 31.31
CA VAL A 382 6.67 7.24 30.96
C VAL A 382 5.81 8.10 31.91
N SER A 383 4.64 8.54 31.46
CA SER A 383 3.73 9.34 32.30
C SER A 383 3.37 8.55 33.57
N PRO A 384 3.17 9.20 34.74
CA PRO A 384 2.89 8.46 35.98
C PRO A 384 1.52 7.79 35.94
N THR A 385 0.63 8.21 35.04
CA THR A 385 -0.70 7.56 34.89
C THR A 385 -0.53 6.23 34.16
N LYS A 386 0.49 6.12 33.29
CA LYS A 386 0.72 4.88 32.51
C LYS A 386 1.84 4.06 33.17
N LEU A 387 2.48 4.62 34.20
CA LEU A 387 3.61 3.93 34.88
C LEU A 387 3.11 2.61 35.47
N ASN A 388 1.95 2.62 36.13
CA ASN A 388 1.42 1.41 36.81
C ASN A 388 1.14 0.30 35.79
N ASP A 389 0.78 0.65 34.56
CA ASP A 389 0.41 -0.38 33.56
C ASP A 389 1.60 -0.62 32.62
N LEU A 390 2.83 -0.43 33.11
CA LEU A 390 4.04 -0.66 32.28
C LEU A 390 5.06 -1.48 33.08
N CYS A 391 5.69 -2.47 32.43
CA CYS A 391 6.71 -3.31 33.11
C CYS A 391 8.11 -2.82 32.72
N PHE A 392 9.05 -2.84 33.67
CA PHE A 392 10.40 -2.30 33.39
C PHE A 392 11.44 -3.40 33.66
N THR A 393 12.64 -3.25 33.10
CA THR A 393 13.71 -4.25 33.32
C THR A 393 14.37 -3.99 34.68
N ASN A 394 14.64 -2.73 35.01
CA ASN A 394 15.36 -2.40 36.28
C ASN A 394 15.04 -0.98 36.75
N VAL A 395 14.41 -0.84 37.92
CA VAL A 395 14.16 0.52 38.48
C VAL A 395 15.35 0.89 39.38
N TYR A 396 15.77 2.15 39.36
CA TYR A 396 16.95 2.58 40.15
C TYR A 396 16.61 3.82 40.97
N ALA A 397 16.30 3.65 42.26
CA ALA A 397 15.91 4.79 43.11
C ALA A 397 17.14 5.55 43.61
N ASP A 398 17.38 6.75 43.08
CA ASP A 398 18.58 7.55 43.47
C ASP A 398 18.20 8.56 44.55
N SER A 399 18.38 8.20 45.83
CA SER A 399 17.95 9.09 46.95
C SER A 399 19.08 10.03 47.40
N PHE A 400 18.78 11.32 47.56
CA PHE A 400 19.78 12.30 48.05
C PHE A 400 19.06 13.55 48.59
N VAL A 401 19.83 14.54 49.07
CA VAL A 401 19.23 15.81 49.58
C VAL A 401 19.95 17.00 48.94
N ILE A 402 19.21 17.94 48.35
CA ILE A 402 19.82 19.18 47.78
C ILE A 402 19.08 20.38 48.37
N ARG A 403 19.08 21.52 47.68
CA ARG A 403 18.30 22.71 48.16
C ARG A 403 17.27 23.10 47.09
N GLY A 404 16.39 24.06 47.38
CA GLY A 404 15.34 24.48 46.44
C GLY A 404 15.88 25.02 45.13
N ASP A 405 17.04 25.69 45.16
CA ASP A 405 17.64 26.27 43.93
C ASP A 405 18.29 25.15 43.11
N GLU A 406 18.58 24.00 43.74
CA GLU A 406 19.31 22.92 43.03
C GLU A 406 18.35 21.86 42.50
N VAL A 407 17.03 22.06 42.59
CA VAL A 407 16.07 21.09 41.99
C VAL A 407 16.11 21.26 40.47
N ARG A 408 16.38 22.48 39.99
CA ARG A 408 16.51 22.73 38.53
C ARG A 408 17.60 21.82 37.99
N GLN A 409 18.73 21.71 38.70
CA GLN A 409 19.88 20.90 38.23
C GLN A 409 19.50 19.42 38.12
N ILE A 410 18.55 18.95 38.92
CA ILE A 410 18.08 17.53 38.79
C ILE A 410 17.11 17.43 37.61
N ALA A 411 17.63 17.51 36.39
CA ALA A 411 16.81 17.42 35.16
C ALA A 411 17.71 16.94 34.01
N PRO A 412 17.24 16.05 33.12
CA PRO A 412 18.03 15.54 32.00
C PRO A 412 18.90 16.59 31.31
N GLY A 413 20.23 16.47 31.42
CA GLY A 413 21.16 17.40 30.75
C GLY A 413 21.08 18.81 31.31
N GLN A 414 21.51 19.00 32.56
CA GLN A 414 21.53 20.37 33.14
C GLN A 414 22.95 20.74 33.58
N THR A 415 23.14 21.96 34.10
CA THR A 415 24.49 22.43 34.52
C THR A 415 24.45 22.88 35.98
N GLY A 416 25.51 23.55 36.44
CA GLY A 416 25.58 24.01 37.85
C GLY A 416 26.26 22.96 38.72
N LYS A 417 26.91 23.38 39.81
CA LYS A 417 27.67 22.46 40.72
C LYS A 417 27.05 21.06 40.81
N ILE A 418 25.75 20.96 41.11
CA ILE A 418 25.12 19.62 41.31
C ILE A 418 25.14 18.83 40.00
N ALA A 419 24.54 19.38 38.93
CA ALA A 419 24.49 18.68 37.63
C ALA A 419 25.82 18.84 36.88
N ASP A 420 26.89 19.19 37.58
CA ASP A 420 28.23 19.29 36.95
C ASP A 420 29.17 18.31 37.65
N TYR A 421 29.27 18.39 38.98
CA TYR A 421 30.24 17.52 39.72
C TYR A 421 29.62 16.96 41.00
N ASN A 422 28.37 16.51 40.97
CA ASN A 422 27.75 15.88 42.17
C ASN A 422 26.87 14.71 41.71
N TYR A 423 25.78 15.04 41.01
CA TYR A 423 24.86 14.00 40.48
C TYR A 423 24.46 14.42 39.07
N LYS A 424 24.89 13.66 38.06
CA LYS A 424 24.60 14.06 36.66
C LYS A 424 23.37 13.28 36.15
N LEU A 425 22.34 14.00 35.71
CA LEU A 425 21.15 13.32 35.11
C LEU A 425 21.35 13.29 33.60
N PRO A 426 21.47 12.09 32.97
CA PRO A 426 21.70 11.99 31.53
C PRO A 426 20.61 12.68 30.69
N ASP A 427 21.00 13.31 29.58
CA ASP A 427 19.98 13.92 28.68
C ASP A 427 19.03 12.83 28.22
N ASP A 428 19.54 11.63 27.91
CA ASP A 428 18.69 10.48 27.55
C ASP A 428 18.17 9.85 28.84
N PHE A 429 17.16 10.46 29.47
CA PHE A 429 16.68 9.96 30.78
C PHE A 429 15.31 9.29 30.63
N THR A 430 15.22 8.02 31.03
CA THR A 430 13.92 7.29 30.99
C THR A 430 13.45 7.04 32.43
N GLY A 431 13.34 8.09 33.24
CA GLY A 431 12.91 7.93 34.64
C GLY A 431 12.10 9.13 35.11
N CYS A 432 11.69 9.13 36.39
CA CYS A 432 10.88 10.24 36.94
C CYS A 432 11.54 10.79 38.20
N VAL A 433 11.73 12.11 38.28
CA VAL A 433 12.28 12.70 39.54
C VAL A 433 11.15 12.83 40.57
N ILE A 434 11.48 12.64 41.84
CA ILE A 434 10.47 12.81 42.94
C ILE A 434 11.13 13.74 43.95
N ALA A 435 10.55 14.92 44.16
CA ALA A 435 11.22 15.89 45.06
C ALA A 435 10.24 16.41 46.11
N TRP A 436 10.61 16.34 47.38
CA TRP A 436 9.71 16.80 48.47
C TRP A 436 10.51 17.60 49.49
N ASN A 437 10.11 18.86 49.74
CA ASN A 437 10.84 19.73 50.69
C ASN A 437 10.81 19.10 52.09
N SER A 438 11.97 19.08 52.77
CA SER A 438 12.03 18.53 54.14
C SER A 438 12.73 19.52 55.07
N ASN A 439 12.08 20.64 55.39
CA ASN A 439 12.64 21.65 56.34
C ASN A 439 12.36 21.19 57.77
N ASN A 440 11.93 19.94 57.93
CA ASN A 440 11.63 19.38 59.28
C ASN A 440 12.57 18.20 59.51
N LEU A 441 13.23 17.73 58.44
CA LEU A 441 14.12 16.54 58.56
C LEU A 441 15.58 16.98 58.41
N ASP A 442 15.90 17.72 57.34
CA ASP A 442 17.32 18.09 57.09
C ASP A 442 17.55 19.56 57.41
N SER A 443 16.78 20.14 58.36
CA SER A 443 17.05 21.54 58.77
C SER A 443 17.35 21.58 60.27
N LYS A 444 18.34 22.37 60.67
CA LYS A 444 18.75 22.45 62.10
C LYS A 444 19.16 23.88 62.44
N VAL A 445 18.67 24.40 63.57
CA VAL A 445 19.10 25.76 64.02
C VAL A 445 20.62 25.74 64.22
N GLY A 446 21.34 26.65 63.58
CA GLY A 446 22.82 26.62 63.65
C GLY A 446 23.39 26.00 62.39
N GLY A 447 22.53 25.66 61.43
CA GLY A 447 22.99 25.03 60.17
C GLY A 447 23.03 23.52 60.26
N ASN A 448 22.31 22.82 59.39
CA ASN A 448 22.41 21.34 59.36
C ASN A 448 23.61 20.97 58.49
N TYR A 449 24.79 20.84 59.10
CA TYR A 449 26.03 20.58 58.32
C TYR A 449 26.27 19.07 58.18
N ASN A 450 25.20 18.31 57.98
CA ASN A 450 25.34 16.83 57.77
C ASN A 450 25.41 16.58 56.28
N TYR A 451 24.69 17.38 55.49
CA TYR A 451 24.67 17.20 54.01
C TYR A 451 25.74 18.10 53.38
N LEU A 452 26.48 17.58 52.40
CA LEU A 452 27.56 18.37 51.73
C LEU A 452 27.36 18.30 50.21
N TYR A 453 28.12 19.08 49.46
CA TYR A 453 28.04 19.02 47.97
C TYR A 453 29.44 19.25 47.38
N ARG A 454 29.88 18.36 46.49
CA ARG A 454 31.20 18.52 45.83
C ARG A 454 31.17 19.70 44.87
N LEU A 455 31.54 20.89 45.35
CA LEU A 455 31.61 22.06 44.45
C LEU A 455 33.01 22.07 43.84
N PHE A 456 34.03 21.88 44.68
CA PHE A 456 35.43 21.96 44.19
C PHE A 456 35.81 20.71 43.38
N ARG A 457 35.61 20.76 42.07
CA ARG A 457 36.03 19.64 41.18
C ARG A 457 36.21 20.21 39.78
N LYS A 458 37.24 19.77 39.06
CA LYS A 458 37.51 20.29 37.70
C LYS A 458 36.78 19.41 36.68
N SER A 459 36.77 18.09 36.89
CA SER A 459 36.17 17.16 35.90
C SER A 459 34.65 17.21 35.97
N ASN A 460 33.98 17.28 34.81
CA ASN A 460 32.50 17.21 34.80
C ASN A 460 32.11 15.74 34.99
N LEU A 461 30.94 15.47 35.56
CA LEU A 461 30.59 14.06 35.87
C LEU A 461 29.87 13.39 34.69
N LYS A 462 30.05 12.08 34.56
CA LYS A 462 29.36 11.32 33.48
C LYS A 462 27.95 10.97 33.99
N PRO A 463 26.94 10.77 33.11
CA PRO A 463 25.61 10.33 33.55
C PRO A 463 25.68 9.31 34.69
N PHE A 464 25.12 9.65 35.86
CA PHE A 464 25.10 8.74 37.03
C PHE A 464 26.52 8.39 37.47
N GLU A 465 27.30 9.38 37.93
CA GLU A 465 28.65 9.08 38.48
C GLU A 465 28.66 9.50 39.95
N ARG A 466 29.35 8.75 40.81
CA ARG A 466 29.33 9.04 42.27
C ARG A 466 30.74 9.36 42.75
N ASP A 467 31.02 10.63 43.07
CA ASP A 467 32.36 10.99 43.61
C ASP A 467 32.33 10.82 45.13
N ILE A 468 33.40 10.26 45.72
CA ILE A 468 33.45 10.00 47.19
C ILE A 468 34.89 10.20 47.67
N SER A 469 35.72 10.92 46.91
CA SER A 469 37.16 11.07 47.27
C SER A 469 37.35 12.15 48.34
N THR A 470 38.50 12.11 49.03
CA THR A 470 38.81 13.13 50.07
C THR A 470 40.17 13.76 49.76
N GLU A 471 40.31 14.37 48.58
CA GLU A 471 41.64 14.91 48.16
C GLU A 471 41.73 16.40 48.50
N ILE A 472 42.90 17.01 48.27
CA ILE A 472 43.04 18.48 48.51
C ILE A 472 42.91 19.20 47.17
N TYR A 473 41.74 19.81 46.91
CA TYR A 473 41.49 20.46 45.60
C TYR A 473 42.52 21.55 45.31
N GLN A 474 43.37 21.33 44.30
CA GLN A 474 44.32 22.39 43.90
C GLN A 474 43.55 23.44 43.09
N ALA A 475 43.56 24.70 43.53
CA ALA A 475 42.86 25.77 42.80
C ALA A 475 43.88 26.65 42.06
N GLY A 476 44.63 26.07 41.12
CA GLY A 476 45.61 26.86 40.33
C GLY A 476 46.86 26.05 40.04
N SER A 477 48.03 26.69 40.12
CA SER A 477 49.30 25.98 39.86
C SER A 477 50.03 25.72 41.19
N THR A 478 49.60 26.39 42.26
CA THR A 478 50.24 26.23 43.60
C THR A 478 50.14 24.77 44.05
N PRO A 479 51.25 24.01 44.15
CA PRO A 479 51.19 22.58 44.49
C PRO A 479 50.57 22.37 45.88
N CYS A 480 49.58 21.47 45.98
CA CYS A 480 48.88 21.26 47.28
C CYS A 480 49.76 20.47 48.24
N ASN A 481 50.41 19.40 47.75
CA ASN A 481 51.31 18.56 48.59
C ASN A 481 50.60 18.16 49.88
N GLY A 482 49.45 17.48 49.77
CA GLY A 482 48.70 16.98 50.96
C GLY A 482 48.63 17.96 52.11
N VAL A 483 48.33 19.24 51.84
CA VAL A 483 48.29 20.28 52.91
C VAL A 483 47.15 21.26 52.55
N GLU A 484 46.28 21.56 53.52
CA GLU A 484 45.13 22.47 53.26
C GLU A 484 45.59 23.93 53.44
N GLY A 485 45.06 24.84 52.61
CA GLY A 485 45.44 26.27 52.68
C GLY A 485 44.97 27.04 51.47
N PHE A 486 45.73 28.06 51.05
CA PHE A 486 45.36 28.89 49.87
C PHE A 486 45.58 28.07 48.60
N ASN A 487 44.65 28.14 47.64
CA ASN A 487 44.73 27.33 46.39
C ASN A 487 44.84 25.85 46.75
N CYS A 488 44.23 25.45 47.86
CA CYS A 488 44.32 24.05 48.35
C CYS A 488 43.11 23.78 49.25
N TYR A 489 41.92 23.71 48.68
CA TYR A 489 40.70 23.58 49.50
C TYR A 489 40.19 22.13 49.47
N PHE A 490 38.89 21.93 49.65
CA PHE A 490 38.36 20.54 49.74
C PHE A 490 37.09 20.38 48.89
N PRO A 491 37.01 19.35 48.02
CA PRO A 491 35.82 19.07 47.22
C PRO A 491 34.46 19.32 47.90
N LEU A 492 34.18 18.61 48.99
CA LEU A 492 32.85 18.71 49.65
C LEU A 492 32.65 20.10 50.25
N GLN A 493 31.43 20.62 50.22
CA GLN A 493 31.11 21.93 50.85
C GLN A 493 29.85 21.75 51.70
N SER A 494 29.98 21.83 53.02
CA SER A 494 28.82 21.55 53.91
C SER A 494 27.68 22.55 53.69
N TYR A 495 26.44 22.05 53.64
CA TYR A 495 25.25 22.93 53.45
C TYR A 495 24.91 23.60 54.78
N GLY A 496 24.58 24.89 54.76
CA GLY A 496 24.13 25.57 56.00
C GLY A 496 22.62 25.55 56.08
N PHE A 497 22.02 24.38 56.29
CA PHE A 497 20.54 24.25 56.26
C PHE A 497 19.92 24.69 57.59
N GLN A 498 19.58 25.98 57.71
CA GLN A 498 18.89 26.47 58.93
C GLN A 498 17.40 26.55 58.61
N PRO A 499 16.46 26.47 59.57
CA PRO A 499 15.03 26.66 59.28
C PRO A 499 14.76 28.06 58.71
N THR A 500 15.64 29.03 58.97
CA THR A 500 15.47 30.41 58.46
C THR A 500 15.71 30.45 56.95
N ASN A 501 16.38 29.42 56.40
CA ASN A 501 16.67 29.37 54.94
C ASN A 501 15.38 29.50 54.15
N GLY A 502 15.39 30.29 53.07
CA GLY A 502 14.19 30.51 52.25
C GLY A 502 13.88 29.31 51.36
N VAL A 503 12.82 29.40 50.54
CA VAL A 503 12.40 28.26 49.67
C VAL A 503 13.58 27.79 48.80
N GLY A 504 14.31 28.73 48.17
CA GLY A 504 15.42 28.36 47.27
C GLY A 504 16.68 27.95 48.02
N TYR A 505 16.61 27.83 49.34
CA TYR A 505 17.76 27.38 50.16
C TYR A 505 17.27 26.32 51.15
N GLN A 506 16.01 25.89 50.99
CA GLN A 506 15.40 24.93 51.93
C GLN A 506 15.78 23.50 51.53
N PRO A 507 16.16 22.62 52.48
CA PRO A 507 16.47 21.22 52.18
C PRO A 507 15.40 20.52 51.34
N TYR A 508 15.83 19.73 50.34
CA TYR A 508 14.87 19.04 49.45
C TYR A 508 15.26 17.56 49.34
N ARG A 509 14.48 16.67 49.94
CA ARG A 509 14.74 15.21 49.81
C ARG A 509 14.31 14.76 48.42
N VAL A 510 15.28 14.45 47.54
CA VAL A 510 14.94 14.11 46.12
C VAL A 510 15.34 12.67 45.81
N VAL A 511 14.35 11.81 45.51
CA VAL A 511 14.67 10.41 45.09
C VAL A 511 14.37 10.30 43.60
N VAL A 512 15.37 9.97 42.78
CA VAL A 512 15.16 9.95 41.31
C VAL A 512 14.98 8.51 40.83
N LEU A 513 13.75 8.12 40.49
CA LEU A 513 13.52 6.77 39.93
C LEU A 513 14.13 6.72 38.53
N SER A 514 14.87 5.66 38.21
CA SER A 514 15.46 5.51 36.85
C SER A 514 15.06 4.16 36.26
N PHE A 515 14.06 4.13 35.38
CA PHE A 515 13.56 2.85 34.82
C PHE A 515 14.47 2.41 33.67
N GLU A 516 14.64 1.09 33.50
CA GLU A 516 15.46 0.57 32.39
C GLU A 516 14.65 -0.50 31.63
N ALA A 522 11.40 -7.12 31.78
CA ALA A 522 10.09 -6.86 32.43
C ALA A 522 10.07 -7.47 33.83
N THR A 523 11.23 -7.51 34.49
CA THR A 523 11.33 -8.13 35.84
C THR A 523 10.59 -7.27 36.87
N VAL A 524 10.55 -5.96 36.66
CA VAL A 524 9.81 -5.04 37.58
C VAL A 524 8.47 -4.68 36.93
N CYS A 525 7.52 -5.61 36.90
CA CYS A 525 6.18 -5.30 36.34
C CYS A 525 5.43 -4.39 37.32
N GLY A 526 4.57 -3.52 36.81
CA GLY A 526 3.84 -2.58 37.67
C GLY A 526 2.59 -3.20 38.28
N PRO A 527 1.71 -2.43 38.94
CA PRO A 527 0.36 -2.90 39.27
C PRO A 527 -0.52 -3.08 38.02
N LYS A 528 -0.34 -4.18 37.30
CA LYS A 528 -1.18 -4.47 36.10
C LYS A 528 -2.64 -4.52 36.55
N LYS A 529 -3.53 -3.78 35.88
CA LYS A 529 -4.96 -3.70 36.31
C LYS A 529 -5.54 -5.10 36.56
N SER A 530 -5.70 -5.48 37.82
CA SER A 530 -6.31 -6.79 38.16
C SER A 530 -7.67 -6.55 38.84
N THR A 531 -8.67 -7.39 38.55
CA THR A 531 -10.03 -7.18 39.06
C THR A 531 -10.42 -8.41 39.86
N ASN A 532 -11.60 -8.35 40.47
CA ASN A 532 -12.14 -9.45 41.25
C ASN A 532 -12.84 -10.43 40.31
N LEU A 533 -12.97 -11.68 40.76
CA LEU A 533 -13.45 -12.75 39.90
C LEU A 533 -14.90 -13.10 40.19
N VAL A 534 -15.55 -13.72 39.20
CA VAL A 534 -16.85 -14.33 39.36
C VAL A 534 -16.75 -15.78 38.89
N LYS A 535 -17.88 -16.50 38.98
CA LYS A 535 -17.91 -17.90 38.58
C LYS A 535 -19.32 -18.30 38.14
N ASN A 536 -19.36 -19.33 37.30
CA ASN A 536 -20.58 -20.13 37.03
C ASN A 536 -21.59 -19.42 36.13
N LYS A 537 -21.15 -18.46 35.33
CA LYS A 537 -22.01 -17.86 34.31
C LYS A 537 -21.17 -17.53 33.09
N CYS A 538 -21.84 -17.39 31.94
CA CYS A 538 -21.15 -17.08 30.69
C CYS A 538 -20.48 -15.72 30.83
N VAL A 539 -19.15 -15.70 30.75
CA VAL A 539 -18.36 -14.50 31.00
C VAL A 539 -17.28 -14.37 29.93
N ASN A 540 -16.64 -13.21 29.90
CA ASN A 540 -15.59 -12.89 28.95
C ASN A 540 -14.31 -12.63 29.75
N PHE A 541 -13.49 -13.67 29.90
CA PHE A 541 -12.42 -13.67 30.89
C PHE A 541 -11.07 -13.37 30.25
N ASN A 542 -10.08 -13.14 31.11
CA ASN A 542 -8.69 -12.93 30.70
C ASN A 542 -7.80 -13.45 31.83
N PHE A 543 -7.33 -14.68 31.69
CA PHE A 543 -6.41 -15.28 32.65
C PHE A 543 -5.00 -14.99 32.14
N ASN A 544 -4.44 -13.85 32.57
CA ASN A 544 -3.14 -13.32 32.20
C ASN A 544 -2.77 -13.63 30.75
N GLY A 545 -3.70 -13.39 29.84
CA GLY A 545 -3.45 -13.60 28.42
C GLY A 545 -4.54 -14.35 27.69
N LEU A 546 -5.30 -15.18 28.42
CA LEU A 546 -6.30 -16.04 27.81
C LEU A 546 -7.61 -15.28 27.64
N THR A 547 -7.69 -14.48 26.59
CA THR A 547 -8.90 -13.72 26.26
C THR A 547 -9.91 -14.67 25.62
N GLY A 548 -10.72 -15.32 26.45
CA GLY A 548 -11.73 -16.24 25.96
C GLY A 548 -13.10 -16.02 26.57
N THR A 549 -14.10 -16.78 26.11
CA THR A 549 -15.45 -16.70 26.64
C THR A 549 -15.94 -18.09 27.02
N GLY A 550 -17.08 -18.13 27.70
CA GLY A 550 -17.63 -19.39 28.18
C GLY A 550 -18.07 -19.25 29.62
N VAL A 551 -18.23 -20.41 30.26
CA VAL A 551 -18.61 -20.45 31.67
C VAL A 551 -17.48 -21.06 32.48
N LEU A 552 -17.12 -20.38 33.57
CA LEU A 552 -16.04 -20.81 34.45
C LEU A 552 -16.62 -21.50 35.67
N THR A 553 -16.27 -22.77 35.83
CA THR A 553 -16.40 -23.48 37.10
C THR A 553 -15.02 -23.99 37.52
N GLU A 554 -14.88 -24.27 38.82
CA GLU A 554 -13.59 -24.67 39.36
C GLU A 554 -13.16 -26.03 38.81
N SER A 555 -11.85 -26.20 38.66
CA SER A 555 -11.27 -27.42 38.12
C SER A 555 -10.82 -28.34 39.24
N ASN A 556 -11.17 -29.62 39.11
CA ASN A 556 -10.73 -30.67 40.00
C ASN A 556 -9.87 -31.65 39.19
N LYS A 557 -8.60 -31.27 38.99
CA LYS A 557 -7.62 -32.04 38.25
C LYS A 557 -6.24 -31.68 38.79
N LYS A 558 -5.20 -32.02 38.02
CA LYS A 558 -3.83 -31.74 38.46
C LYS A 558 -3.17 -30.79 37.47
N PHE A 559 -2.47 -29.80 38.01
CA PHE A 559 -1.46 -29.04 37.26
C PHE A 559 -0.09 -29.21 37.91
N LEU A 560 0.92 -29.00 37.12
CA LEU A 560 2.27 -28.94 37.65
C LEU A 560 2.51 -27.57 38.27
N PRO A 561 3.46 -27.46 39.22
CA PRO A 561 3.66 -26.17 39.92
C PRO A 561 3.98 -25.00 39.00
N PHE A 562 4.21 -25.24 37.71
CA PHE A 562 4.50 -24.19 36.77
C PHE A 562 3.41 -24.02 35.72
N GLN A 563 2.53 -25.01 35.56
CA GLN A 563 1.51 -24.99 34.51
C GLN A 563 0.58 -23.79 34.67
N GLN A 564 -0.02 -23.39 33.56
CA GLN A 564 -0.94 -22.26 33.53
C GLN A 564 -2.36 -22.66 33.13
N PHE A 565 -2.54 -23.34 32.01
CA PHE A 565 -3.88 -23.59 31.50
C PHE A 565 -3.97 -24.97 30.88
N GLY A 566 -5.12 -25.61 31.08
CA GLY A 566 -5.42 -26.87 30.43
C GLY A 566 -5.80 -26.67 28.97
N ARG A 567 -5.86 -27.78 28.25
CA ARG A 567 -6.17 -27.77 26.83
C ARG A 567 -6.68 -29.15 26.44
N ASP A 568 -7.63 -29.17 25.52
CA ASP A 568 -8.20 -30.42 25.03
C ASP A 568 -7.66 -30.69 23.63
N ILE A 569 -8.01 -31.84 23.06
CA ILE A 569 -7.57 -32.14 21.70
C ILE A 569 -8.18 -31.11 20.75
N ALA A 570 -7.50 -30.92 19.60
CA ALA A 570 -7.83 -29.87 18.64
C ALA A 570 -7.51 -28.48 19.20
N ASP A 571 -6.67 -28.43 20.23
CA ASP A 571 -6.10 -27.18 20.75
C ASP A 571 -7.19 -26.20 21.18
N THR A 572 -8.06 -26.67 22.08
CA THR A 572 -9.10 -25.84 22.68
C THR A 572 -8.92 -25.84 24.19
N THR A 573 -8.68 -24.65 24.76
CA THR A 573 -8.46 -24.54 26.20
C THR A 573 -9.67 -25.06 26.95
N ASP A 574 -9.43 -25.76 28.06
CA ASP A 574 -10.47 -26.49 28.76
C ASP A 574 -10.40 -26.30 30.28
N ALA A 575 -9.32 -25.69 30.78
CA ALA A 575 -9.14 -25.47 32.21
C ALA A 575 -8.03 -24.45 32.42
N VAL A 576 -8.14 -23.63 33.47
CA VAL A 576 -7.27 -22.46 33.65
C VAL A 576 -6.86 -22.32 35.11
N ARG A 577 -5.79 -21.55 35.32
CA ARG A 577 -5.22 -21.27 36.64
C ARG A 577 -5.44 -19.80 36.99
N ASP A 578 -5.63 -19.52 38.27
CA ASP A 578 -5.78 -18.15 38.73
C ASP A 578 -4.42 -17.55 39.09
N PRO A 579 -4.01 -16.43 38.48
CA PRO A 579 -2.66 -15.91 38.70
C PRO A 579 -2.45 -15.24 40.07
N GLN A 580 -3.51 -14.88 40.80
CA GLN A 580 -3.34 -14.36 42.15
C GLN A 580 -3.58 -15.40 43.24
N THR A 581 -4.34 -16.46 42.95
CA THR A 581 -4.65 -17.46 43.96
C THR A 581 -4.14 -18.85 43.61
N LEU A 582 -3.47 -19.01 42.46
CA LEU A 582 -2.86 -20.29 42.07
C LEU A 582 -3.87 -21.43 42.17
N GLU A 583 -5.04 -21.23 41.56
CA GLU A 583 -6.19 -22.10 41.74
C GLU A 583 -6.85 -22.33 40.38
N ILE A 584 -7.33 -23.56 40.16
CA ILE A 584 -7.58 -24.05 38.82
C ILE A 584 -9.09 -24.14 38.57
N LEU A 585 -9.53 -23.69 37.38
CA LEU A 585 -10.94 -23.64 37.01
C LEU A 585 -11.15 -24.36 35.68
N ASP A 586 -12.42 -24.62 35.34
CA ASP A 586 -12.79 -25.17 34.05
C ASP A 586 -13.13 -24.06 33.05
N ILE A 587 -13.50 -24.48 31.84
CA ILE A 587 -14.17 -23.65 30.86
C ILE A 587 -14.90 -24.55 29.87
N THR A 588 -16.17 -24.22 29.61
CA THR A 588 -17.05 -24.80 28.62
C THR A 588 -17.90 -23.69 28.00
N PRO A 589 -18.30 -23.82 26.74
CA PRO A 589 -18.93 -22.68 26.06
C PRO A 589 -20.36 -22.47 26.55
N CYS A 590 -20.69 -21.20 26.80
CA CYS A 590 -22.07 -20.87 27.14
C CYS A 590 -22.96 -21.08 25.92
N SER A 591 -24.16 -21.59 26.17
CA SER A 591 -24.87 -22.41 25.19
C SER A 591 -25.23 -21.64 23.93
N PHE A 592 -25.32 -22.36 22.82
CA PHE A 592 -25.82 -21.88 21.55
C PHE A 592 -26.61 -22.98 20.87
N GLY A 593 -27.11 -22.70 19.67
CA GLY A 593 -27.85 -23.68 18.93
C GLY A 593 -28.68 -23.02 17.85
N GLY A 594 -29.65 -23.77 17.34
CA GLY A 594 -30.58 -23.25 16.38
C GLY A 594 -32.01 -23.29 16.88
N VAL A 595 -32.89 -22.47 16.34
CA VAL A 595 -34.29 -22.47 16.72
C VAL A 595 -35.10 -22.99 15.53
N SER A 596 -36.13 -23.77 15.84
CA SER A 596 -37.00 -24.33 14.81
C SER A 596 -38.44 -24.06 15.19
N VAL A 597 -39.29 -23.94 14.18
CA VAL A 597 -40.69 -23.59 14.36
C VAL A 597 -41.55 -24.73 13.83
N ILE A 598 -42.45 -25.21 14.68
CA ILE A 598 -43.33 -26.32 14.36
C ILE A 598 -44.62 -25.72 13.81
N THR A 599 -44.79 -25.78 12.50
CA THR A 599 -46.02 -25.23 11.96
C THR A 599 -46.92 -26.34 11.47
N PRO A 600 -48.20 -26.36 11.86
CA PRO A 600 -49.16 -27.28 11.24
C PRO A 600 -49.68 -26.81 9.88
N GLY A 601 -49.19 -25.69 9.38
CA GLY A 601 -49.63 -25.14 8.10
C GLY A 601 -50.50 -23.91 8.29
N THR A 602 -50.12 -22.83 7.60
CA THR A 602 -50.87 -21.58 7.67
C THR A 602 -52.06 -21.62 6.70
N ASN A 603 -52.81 -22.72 6.81
CA ASN A 603 -54.19 -22.78 6.35
C ASN A 603 -55.03 -23.60 7.31
N THR A 604 -54.42 -24.11 8.39
CA THR A 604 -55.07 -24.82 9.48
C THR A 604 -54.99 -24.06 10.78
N SER A 605 -53.90 -23.33 11.02
CA SER A 605 -53.75 -22.50 12.20
C SER A 605 -52.58 -21.56 11.99
N ASN A 606 -52.55 -20.50 12.80
CA ASN A 606 -51.37 -19.65 12.95
C ASN A 606 -50.62 -19.96 14.24
N GLN A 607 -50.96 -21.06 14.90
CA GLN A 607 -50.31 -21.48 16.12
C GLN A 607 -49.06 -22.30 15.80
N VAL A 608 -48.02 -22.08 16.59
CA VAL A 608 -46.74 -22.78 16.38
C VAL A 608 -46.19 -23.23 17.72
N ALA A 609 -45.30 -24.20 17.67
CA ALA A 609 -44.38 -24.52 18.75
C ALA A 609 -42.96 -24.23 18.28
N VAL A 610 -42.09 -23.88 19.22
CA VAL A 610 -40.73 -23.49 18.90
C VAL A 610 -39.78 -24.46 19.60
N LEU A 611 -38.78 -24.94 18.87
CA LEU A 611 -37.78 -25.87 19.38
C LEU A 611 -36.44 -25.16 19.46
N TYR A 612 -35.88 -25.11 20.66
CA TYR A 612 -34.52 -24.62 20.87
C TYR A 612 -33.62 -25.84 21.00
N GLN A 613 -32.70 -26.00 20.05
CA GLN A 613 -31.96 -27.26 19.96
C GLN A 613 -30.87 -27.34 21.02
N ASP A 614 -30.78 -28.52 21.64
CA ASP A 614 -29.85 -28.88 22.70
C ASP A 614 -29.56 -27.75 23.68
N VAL A 615 -30.61 -27.21 24.30
CA VAL A 615 -30.47 -26.33 25.46
C VAL A 615 -31.45 -26.79 26.52
N ASN A 616 -31.15 -26.48 27.77
CA ASN A 616 -32.13 -26.61 28.84
C ASN A 616 -32.97 -25.33 28.87
N CYS A 617 -34.28 -25.48 28.99
CA CYS A 617 -35.17 -24.32 29.03
C CYS A 617 -34.98 -23.50 30.29
N THR A 618 -34.14 -23.98 31.22
CA THR A 618 -33.86 -23.22 32.43
C THR A 618 -33.23 -21.87 32.12
N GLU A 619 -32.56 -21.75 30.98
CA GLU A 619 -31.94 -20.49 30.56
C GLU A 619 -32.55 -20.04 29.24
N VAL A 620 -32.99 -18.78 29.21
CA VAL A 620 -33.53 -18.18 27.99
C VAL A 620 -32.42 -17.45 27.24
N SER A 640 -47.39 -22.03 24.96
CA SER A 640 -48.02 -22.94 25.91
C SER A 640 -47.02 -23.46 26.93
N ASN A 641 -47.01 -24.77 27.13
CA ASN A 641 -46.17 -25.38 28.17
C ASN A 641 -44.73 -25.51 27.68
N VAL A 642 -43.89 -26.07 28.55
CA VAL A 642 -42.46 -26.22 28.29
C VAL A 642 -42.12 -27.70 28.42
N PHE A 643 -41.49 -28.26 27.39
CA PHE A 643 -41.12 -29.66 27.35
C PHE A 643 -39.65 -29.78 26.98
N GLN A 644 -38.90 -30.54 27.77
CA GLN A 644 -37.47 -30.74 27.54
C GLN A 644 -37.25 -32.08 26.88
N THR A 645 -36.61 -32.06 25.72
CA THR A 645 -36.42 -33.25 24.89
C THR A 645 -34.94 -33.39 24.55
N ARG A 646 -34.55 -34.62 24.19
CA ARG A 646 -33.17 -34.86 23.79
C ARG A 646 -32.78 -34.02 22.58
N ALA A 647 -33.72 -33.74 21.69
CA ALA A 647 -33.49 -32.87 20.54
C ALA A 647 -33.47 -31.40 20.90
N GLY A 648 -33.46 -31.07 22.19
CA GLY A 648 -33.64 -29.71 22.65
C GLY A 648 -35.01 -29.54 23.29
N CYS A 649 -35.16 -28.45 24.04
CA CYS A 649 -36.37 -28.26 24.81
C CYS A 649 -37.40 -27.45 24.00
N LEU A 650 -38.62 -27.95 24.01
CA LEU A 650 -39.68 -27.52 23.09
C LEU A 650 -40.74 -26.76 23.84
N ILE A 651 -40.79 -25.44 23.65
CA ILE A 651 -41.78 -24.59 24.28
C ILE A 651 -42.90 -24.33 23.27
N GLY A 652 -44.14 -24.42 23.74
CA GLY A 652 -45.30 -24.16 22.91
C GLY A 652 -46.15 -25.37 22.58
N ALA A 653 -45.76 -26.57 23.02
CA ALA A 653 -46.52 -27.77 22.76
C ALA A 653 -46.58 -28.62 24.02
N GLU A 654 -47.75 -29.18 24.29
CA GLU A 654 -47.95 -30.00 25.48
C GLU A 654 -47.53 -31.43 25.20
N HIS A 655 -46.97 -32.09 26.21
CA HIS A 655 -46.51 -33.47 26.10
C HIS A 655 -47.63 -34.41 26.50
N VAL A 656 -48.40 -34.85 25.51
CA VAL A 656 -49.43 -35.86 25.72
C VAL A 656 -48.73 -37.18 26.00
N ASN A 657 -49.45 -38.15 26.58
CA ASN A 657 -48.85 -39.42 26.93
C ASN A 657 -49.47 -40.56 26.14
N ASN A 658 -49.64 -40.35 24.83
CA ASN A 658 -50.15 -41.35 23.91
C ASN A 658 -49.08 -41.64 22.86
N SER A 659 -49.45 -42.44 21.86
CA SER A 659 -48.55 -42.76 20.76
C SER A 659 -49.34 -42.84 19.47
N TYR A 660 -49.09 -41.92 18.56
CA TYR A 660 -49.69 -41.91 17.24
C TYR A 660 -48.58 -42.03 16.19
N GLU A 661 -48.98 -42.04 14.92
CA GLU A 661 -48.01 -41.99 13.84
C GLU A 661 -47.29 -40.64 13.86
N CYS A 662 -46.06 -40.64 13.36
CA CYS A 662 -45.30 -39.40 13.28
C CYS A 662 -45.86 -38.48 12.21
N ASP A 663 -46.09 -37.22 12.58
CA ASP A 663 -46.45 -36.18 11.63
C ASP A 663 -45.30 -35.22 11.35
N ILE A 664 -44.76 -34.60 12.38
CA ILE A 664 -43.67 -33.66 12.26
C ILE A 664 -42.53 -34.14 13.15
N PRO A 665 -41.42 -34.58 12.58
CA PRO A 665 -40.33 -35.14 13.41
C PRO A 665 -39.61 -34.07 14.19
N ILE A 666 -39.51 -34.28 15.50
CA ILE A 666 -38.74 -33.40 16.37
C ILE A 666 -37.33 -33.96 16.48
N GLY A 667 -37.24 -35.25 16.78
CA GLY A 667 -35.98 -35.93 16.94
C GLY A 667 -36.02 -36.82 18.18
N ALA A 668 -35.15 -37.82 18.19
CA ALA A 668 -35.00 -38.74 19.32
C ALA A 668 -36.31 -39.46 19.64
N GLY A 669 -37.11 -39.75 18.62
CA GLY A 669 -38.34 -40.49 18.79
C GLY A 669 -39.57 -39.65 19.08
N ILE A 670 -39.42 -38.33 19.23
CA ILE A 670 -40.54 -37.44 19.55
C ILE A 670 -41.04 -36.80 18.27
N CYS A 671 -42.36 -36.83 18.08
CA CYS A 671 -43.01 -36.18 16.94
C CYS A 671 -44.06 -35.21 17.47
N ALA A 672 -44.55 -34.34 16.58
CA ALA A 672 -45.53 -33.34 16.96
C ALA A 672 -46.63 -33.32 15.91
N SER A 673 -47.83 -32.97 16.35
CA SER A 673 -48.98 -32.91 15.45
C SER A 673 -50.04 -32.00 16.05
N TYR A 674 -50.83 -31.38 15.17
CA TYR A 674 -51.90 -30.47 15.58
C TYR A 674 -53.17 -31.27 15.79
N GLN A 675 -53.87 -31.02 16.89
CA GLN A 675 -55.16 -31.65 17.15
C GLN A 675 -56.28 -30.61 17.12
N GLN A 690 -57.10 -28.76 19.53
CA GLN A 690 -56.77 -27.45 19.00
C GLN A 690 -55.46 -26.92 19.58
N SER A 691 -54.46 -27.80 19.67
CA SER A 691 -53.16 -27.43 20.20
C SER A 691 -52.11 -28.30 19.52
N ILE A 692 -50.85 -27.87 19.62
CA ILE A 692 -49.71 -28.67 19.19
C ILE A 692 -49.34 -29.61 20.33
N ILE A 693 -49.29 -30.90 20.04
CA ILE A 693 -48.91 -31.89 21.02
C ILE A 693 -47.53 -32.43 20.66
N ALA A 694 -46.91 -33.14 21.60
CA ALA A 694 -45.58 -33.71 21.41
C ALA A 694 -45.56 -35.06 22.10
N TYR A 695 -45.65 -36.12 21.31
CA TYR A 695 -45.75 -37.49 21.80
C TYR A 695 -44.53 -38.29 21.37
N THR A 696 -44.43 -39.51 21.91
CA THR A 696 -43.45 -40.48 21.45
C THR A 696 -44.09 -41.31 20.34
N MET A 697 -43.47 -41.28 19.16
CA MET A 697 -44.12 -41.81 17.97
C MET A 697 -44.37 -43.31 18.09
N SER A 698 -45.46 -43.75 17.46
CA SER A 698 -45.85 -45.14 17.42
C SER A 698 -45.23 -45.81 16.21
N LEU A 699 -44.62 -46.97 16.40
CA LEU A 699 -43.97 -47.67 15.31
C LEU A 699 -44.96 -48.45 14.46
N GLY A 700 -46.19 -48.60 14.95
CA GLY A 700 -47.20 -49.33 14.22
C GLY A 700 -48.12 -50.05 15.19
N ALA A 701 -49.10 -50.73 14.61
CA ALA A 701 -50.06 -51.49 15.40
C ALA A 701 -49.45 -52.82 15.83
N GLU A 702 -49.44 -53.08 17.14
CA GLU A 702 -48.93 -54.35 17.63
C GLU A 702 -49.79 -55.49 17.09
N ASN A 703 -49.15 -56.62 16.85
CA ASN A 703 -49.82 -57.78 16.27
C ASN A 703 -49.08 -59.04 16.68
N SER A 704 -49.84 -60.06 17.04
CA SER A 704 -49.30 -61.38 17.32
C SER A 704 -50.00 -62.36 16.39
N VAL A 705 -49.24 -63.03 15.55
CA VAL A 705 -49.81 -63.98 14.61
C VAL A 705 -49.98 -65.31 15.33
N ALA A 706 -51.13 -65.95 15.12
CA ALA A 706 -51.51 -67.14 15.88
C ALA A 706 -50.66 -68.31 15.44
N TYR A 707 -49.40 -68.30 15.84
CA TYR A 707 -48.45 -69.33 15.47
C TYR A 707 -48.67 -70.58 16.31
N SER A 708 -48.55 -71.74 15.67
CA SER A 708 -48.51 -73.02 16.34
C SER A 708 -47.87 -74.02 15.38
N ASN A 709 -47.49 -75.16 15.92
CA ASN A 709 -46.73 -76.13 15.15
C ASN A 709 -47.54 -76.82 14.07
N ASN A 710 -48.87 -76.66 14.05
CA ASN A 710 -49.66 -77.29 12.99
C ASN A 710 -50.80 -76.41 12.47
N SER A 711 -50.74 -75.10 12.64
CA SER A 711 -51.78 -74.22 12.15
C SER A 711 -51.28 -73.35 11.00
N ILE A 712 -52.08 -73.29 9.94
CA ILE A 712 -51.76 -72.50 8.76
C ILE A 712 -52.93 -71.60 8.45
N ALA A 713 -52.64 -70.48 7.79
CA ALA A 713 -53.65 -69.57 7.30
C ALA A 713 -53.53 -69.48 5.78
N ILE A 714 -54.63 -69.71 5.08
CA ILE A 714 -54.62 -69.73 3.63
C ILE A 714 -55.68 -68.77 3.10
N PRO A 715 -55.32 -67.85 2.22
CA PRO A 715 -56.31 -66.89 1.70
C PRO A 715 -57.39 -67.58 0.90
N THR A 716 -58.59 -67.02 0.96
CA THR A 716 -59.73 -67.53 0.21
C THR A 716 -60.18 -66.56 -0.88
N ASN A 717 -59.75 -65.31 -0.81
CA ASN A 717 -60.05 -64.32 -1.83
C ASN A 717 -58.78 -63.54 -2.13
N PHE A 718 -58.89 -62.51 -2.95
CA PHE A 718 -57.76 -61.65 -3.23
C PHE A 718 -58.27 -60.26 -3.60
N THR A 719 -57.36 -59.30 -3.61
CA THR A 719 -57.61 -57.99 -4.19
C THR A 719 -56.49 -57.68 -5.17
N ILE A 720 -56.83 -56.96 -6.23
CA ILE A 720 -55.86 -56.48 -7.19
C ILE A 720 -55.69 -54.99 -6.97
N SER A 721 -54.49 -54.58 -6.61
CA SER A 721 -54.19 -53.18 -6.32
C SER A 721 -53.19 -52.67 -7.34
N VAL A 722 -53.36 -51.41 -7.73
CA VAL A 722 -52.40 -50.72 -8.56
C VAL A 722 -51.87 -49.53 -7.77
N THR A 723 -50.54 -49.42 -7.70
CA THR A 723 -49.89 -48.38 -6.94
C THR A 723 -48.91 -47.65 -7.85
N THR A 724 -48.71 -46.37 -7.56
CA THR A 724 -47.83 -45.54 -8.35
C THR A 724 -46.42 -45.54 -7.79
N GLU A 725 -45.47 -45.24 -8.67
CA GLU A 725 -44.10 -44.98 -8.27
C GLU A 725 -43.55 -43.89 -9.18
N ILE A 726 -43.17 -42.77 -8.58
CA ILE A 726 -42.71 -41.60 -9.31
C ILE A 726 -41.20 -41.54 -9.21
N LEU A 727 -40.54 -41.49 -10.36
CA LEU A 727 -39.08 -41.51 -10.42
C LEU A 727 -38.60 -40.40 -11.34
N PRO A 728 -37.71 -39.51 -10.86
CA PRO A 728 -37.08 -38.56 -11.77
C PRO A 728 -36.10 -39.26 -12.69
N VAL A 729 -36.06 -38.82 -13.94
CA VAL A 729 -35.13 -39.39 -14.91
C VAL A 729 -34.18 -38.34 -15.49
N SER A 730 -34.55 -37.07 -15.51
CA SER A 730 -33.70 -36.04 -16.11
C SER A 730 -34.05 -34.70 -15.46
N MET A 731 -33.17 -33.73 -15.68
CA MET A 731 -33.45 -32.35 -15.27
C MET A 731 -33.16 -31.43 -16.45
N THR A 732 -33.47 -30.16 -16.27
CA THR A 732 -33.25 -29.17 -17.32
C THR A 732 -31.77 -29.08 -17.65
N LYS A 733 -31.45 -29.10 -18.95
CA LYS A 733 -30.08 -28.94 -19.39
C LYS A 733 -29.71 -27.47 -19.39
N THR A 734 -28.82 -27.08 -18.49
CA THR A 734 -28.41 -25.69 -18.33
C THR A 734 -26.96 -25.56 -18.76
N SER A 735 -26.65 -24.46 -19.46
CA SER A 735 -25.28 -24.08 -19.75
C SER A 735 -25.09 -22.63 -19.36
N VAL A 736 -23.92 -22.32 -18.79
CA VAL A 736 -23.57 -20.95 -18.45
C VAL A 736 -22.34 -20.57 -19.26
N ASP A 737 -22.29 -19.31 -19.67
CA ASP A 737 -21.10 -18.75 -20.29
C ASP A 737 -20.24 -18.16 -19.19
N CYS A 738 -19.02 -18.70 -19.06
CA CYS A 738 -18.13 -18.24 -18.00
C CYS A 738 -17.81 -16.75 -18.11
N THR A 739 -17.38 -16.31 -19.29
CA THR A 739 -16.99 -14.91 -19.47
C THR A 739 -18.18 -13.97 -19.29
N MET A 740 -19.34 -14.31 -19.86
CA MET A 740 -20.49 -13.43 -19.75
C MET A 740 -21.04 -13.38 -18.33
N TYR A 741 -20.94 -14.48 -17.58
CA TYR A 741 -21.36 -14.45 -16.19
C TYR A 741 -20.41 -13.62 -15.33
N ILE A 742 -19.10 -13.85 -15.47
CA ILE A 742 -18.15 -13.20 -14.59
C ILE A 742 -17.91 -11.75 -15.02
N CYS A 743 -17.70 -11.52 -16.32
CA CYS A 743 -17.36 -10.17 -16.78
C CYS A 743 -18.59 -9.41 -17.28
N GLY A 744 -19.26 -9.93 -18.30
CA GLY A 744 -20.35 -9.19 -18.89
C GLY A 744 -19.88 -8.09 -19.82
N ASP A 745 -19.29 -8.49 -20.95
CA ASP A 745 -18.86 -7.60 -22.05
C ASP A 745 -17.94 -6.47 -21.57
N SER A 746 -17.11 -6.76 -20.58
CA SER A 746 -16.09 -5.82 -20.13
C SER A 746 -14.72 -6.32 -20.59
N THR A 747 -14.11 -5.61 -21.55
CA THR A 747 -12.83 -6.03 -22.09
C THR A 747 -11.73 -5.98 -21.04
N GLU A 748 -11.70 -4.93 -20.22
CA GLU A 748 -10.71 -4.85 -19.15
C GLU A 748 -10.93 -5.94 -18.11
N CYS A 749 -12.14 -6.48 -18.05
CA CYS A 749 -12.40 -7.62 -17.18
C CYS A 749 -12.02 -8.93 -17.87
N SER A 750 -12.35 -9.06 -19.15
CA SER A 750 -12.10 -10.33 -19.84
C SER A 750 -10.61 -10.57 -20.04
N ASN A 751 -9.84 -9.50 -20.25
CA ASN A 751 -8.39 -9.63 -20.29
C ASN A 751 -7.80 -10.06 -18.95
N LEU A 752 -8.31 -9.52 -17.84
CA LEU A 752 -7.92 -9.98 -16.52
C LEU A 752 -8.32 -11.42 -16.25
N LEU A 753 -9.43 -11.87 -16.82
CA LEU A 753 -9.89 -13.23 -16.61
C LEU A 753 -9.00 -14.27 -17.26
N LEU A 754 -8.31 -13.93 -18.34
CA LEU A 754 -7.36 -14.85 -18.97
C LEU A 754 -6.21 -15.22 -18.05
N GLN A 755 -5.87 -14.37 -17.08
CA GLN A 755 -4.79 -14.65 -16.15
C GLN A 755 -5.05 -15.88 -15.30
N TYR A 756 -6.31 -16.29 -15.12
CA TYR A 756 -6.66 -17.46 -14.35
C TYR A 756 -6.62 -18.75 -15.17
N GLY A 757 -6.28 -18.66 -16.44
CA GLY A 757 -6.01 -19.86 -17.22
C GLY A 757 -7.26 -20.46 -17.82
N SER A 758 -7.53 -21.71 -17.46
CA SER A 758 -8.55 -22.52 -18.12
C SER A 758 -9.66 -22.97 -17.18
N PHE A 759 -10.11 -22.10 -16.27
CA PHE A 759 -11.28 -22.41 -15.47
C PHE A 759 -12.56 -22.38 -16.28
N CYS A 760 -12.69 -21.39 -17.17
CA CYS A 760 -13.89 -21.20 -17.95
C CYS A 760 -14.16 -22.35 -18.91
N THR A 761 -13.14 -22.91 -19.54
CA THR A 761 -13.38 -24.06 -20.40
C THR A 761 -13.71 -25.32 -19.60
N GLN A 762 -13.08 -25.49 -18.43
CA GLN A 762 -13.44 -26.61 -17.57
C GLN A 762 -14.91 -26.57 -17.16
N LEU A 763 -15.39 -25.41 -16.72
CA LEU A 763 -16.77 -25.33 -16.24
C LEU A 763 -17.78 -25.62 -17.35
N ASN A 764 -17.56 -25.06 -18.55
CA ASN A 764 -18.42 -25.36 -19.68
C ASN A 764 -18.34 -26.81 -20.12
N ARG A 765 -17.15 -27.42 -20.07
CA ARG A 765 -17.03 -28.83 -20.40
C ARG A 765 -17.83 -29.69 -19.41
N ALA A 766 -17.75 -29.36 -18.12
CA ALA A 766 -18.51 -30.12 -17.12
C ALA A 766 -20.01 -29.97 -17.31
N LEU A 767 -20.48 -28.73 -17.54
CA LEU A 767 -21.91 -28.53 -17.75
C LEU A 767 -22.40 -29.19 -19.02
N THR A 768 -21.63 -29.15 -20.11
CA THR A 768 -22.00 -29.88 -21.31
C THR A 768 -22.02 -31.39 -21.08
N GLY A 769 -21.06 -31.91 -20.29
CA GLY A 769 -21.05 -33.32 -19.96
C GLY A 769 -22.27 -33.77 -19.18
N ILE A 770 -22.76 -32.95 -18.25
CA ILE A 770 -23.98 -33.31 -17.53
C ILE A 770 -25.24 -32.91 -18.28
N ALA A 771 -25.13 -32.13 -19.36
CA ALA A 771 -26.28 -31.88 -20.22
C ALA A 771 -26.50 -32.98 -21.25
N VAL A 772 -25.42 -33.63 -21.70
CA VAL A 772 -25.57 -34.75 -22.62
C VAL A 772 -26.16 -35.97 -21.91
N GLU A 773 -25.72 -36.25 -20.68
CA GLU A 773 -26.25 -37.40 -19.98
C GLU A 773 -27.69 -37.20 -19.52
N GLN A 774 -28.19 -35.96 -19.49
CA GLN A 774 -29.61 -35.77 -19.27
C GLN A 774 -30.45 -36.31 -20.42
N ASP A 775 -29.93 -36.27 -21.65
CA ASP A 775 -30.57 -36.93 -22.77
C ASP A 775 -30.33 -38.43 -22.78
N LYS A 776 -29.13 -38.87 -22.39
CA LYS A 776 -28.89 -40.31 -22.26
C LYS A 776 -29.83 -40.95 -21.24
N ASN A 777 -30.12 -40.25 -20.14
CA ASN A 777 -31.01 -40.76 -19.12
C ASN A 777 -32.39 -41.06 -19.69
N THR A 778 -32.99 -40.08 -20.39
CA THR A 778 -34.29 -40.29 -21.01
C THR A 778 -34.25 -41.38 -22.07
N GLN A 779 -33.17 -41.41 -22.87
CA GLN A 779 -33.06 -42.42 -23.92
C GLN A 779 -33.05 -43.82 -23.34
N GLU A 780 -32.30 -44.07 -22.28
CA GLU A 780 -32.21 -45.42 -21.74
C GLU A 780 -33.43 -45.84 -20.93
N VAL A 781 -34.26 -44.88 -20.50
CA VAL A 781 -35.49 -45.25 -19.83
C VAL A 781 -36.59 -45.56 -20.85
N PHE A 782 -36.76 -44.69 -21.84
CA PHE A 782 -37.93 -44.80 -22.71
C PHE A 782 -37.65 -45.51 -24.03
N ALA A 783 -36.49 -45.29 -24.64
CA ALA A 783 -36.18 -45.89 -25.94
C ALA A 783 -35.71 -47.34 -25.74
N GLN A 784 -36.64 -48.16 -25.25
CA GLN A 784 -36.38 -49.58 -25.03
C GLN A 784 -37.16 -50.47 -25.98
N VAL A 785 -37.91 -49.90 -26.91
CA VAL A 785 -38.71 -50.66 -27.87
C VAL A 785 -38.08 -50.53 -29.25
N LYS A 786 -37.95 -51.66 -29.94
CA LYS A 786 -37.49 -51.65 -31.32
C LYS A 786 -38.45 -50.93 -32.23
N GLN A 787 -39.76 -51.09 -32.02
CA GLN A 787 -40.77 -50.63 -32.96
C GLN A 787 -41.89 -49.96 -32.18
N ILE A 788 -42.65 -49.12 -32.89
CA ILE A 788 -43.82 -48.43 -32.25
C ILE A 788 -45.03 -49.36 -32.36
N TYR A 789 -45.34 -50.08 -31.27
CA TYR A 789 -46.47 -51.03 -31.28
C TYR A 789 -47.78 -50.25 -31.11
N LYS A 790 -48.84 -50.67 -31.81
CA LYS A 790 -50.12 -49.93 -31.76
C LYS A 790 -51.21 -50.80 -31.12
N THR A 791 -52.24 -50.16 -30.56
CA THR A 791 -53.36 -50.89 -29.93
C THR A 791 -54.44 -51.15 -30.98
N PRO A 792 -55.13 -52.31 -30.97
CA PRO A 792 -56.24 -52.55 -31.91
C PRO A 792 -57.34 -51.49 -31.73
N PRO A 793 -57.88 -50.90 -32.83
CA PRO A 793 -58.98 -49.95 -32.73
C PRO A 793 -60.11 -50.54 -31.89
N ILE A 794 -60.50 -51.79 -32.17
CA ILE A 794 -61.51 -52.46 -31.37
C ILE A 794 -60.82 -52.95 -30.10
N LYS A 795 -61.28 -52.47 -28.95
CA LYS A 795 -60.63 -52.74 -27.68
C LYS A 795 -61.51 -53.68 -26.87
N ASP A 796 -61.36 -54.98 -27.13
CA ASP A 796 -62.01 -56.05 -26.36
C ASP A 796 -60.89 -56.82 -25.66
N PHE A 797 -60.69 -56.53 -24.38
CA PHE A 797 -59.63 -57.16 -23.60
C PHE A 797 -60.19 -58.03 -22.48
N GLY A 798 -61.31 -58.69 -22.73
CA GLY A 798 -61.93 -59.55 -21.74
C GLY A 798 -62.56 -58.82 -20.57
N GLY A 799 -62.90 -57.55 -20.72
CA GLY A 799 -63.45 -56.76 -19.65
C GLY A 799 -62.49 -55.78 -19.01
N PHE A 800 -61.20 -55.91 -19.28
CA PHE A 800 -60.22 -54.96 -18.77
C PHE A 800 -60.29 -53.67 -19.58
N ASN A 801 -60.26 -52.54 -18.88
CA ASN A 801 -60.51 -51.23 -19.47
C ASN A 801 -59.27 -50.36 -19.29
N PHE A 802 -58.41 -50.33 -20.31
CA PHE A 802 -57.24 -49.45 -20.30
C PHE A 802 -57.53 -48.12 -20.98
N SER A 803 -58.62 -47.46 -20.61
CA SER A 803 -58.94 -46.18 -21.24
C SER A 803 -58.17 -45.02 -20.65
N GLN A 804 -57.78 -45.11 -19.37
CA GLN A 804 -57.10 -44.03 -18.69
C GLN A 804 -55.59 -44.13 -18.75
N ILE A 805 -55.05 -45.16 -19.40
CA ILE A 805 -53.61 -45.25 -19.63
C ILE A 805 -53.24 -45.20 -21.10
N LEU A 806 -54.16 -45.56 -22.01
CA LEU A 806 -54.03 -45.49 -23.45
C LEU A 806 -54.27 -44.07 -23.96
N PRO A 807 -53.68 -43.70 -25.09
CA PRO A 807 -53.77 -42.32 -25.58
C PRO A 807 -55.19 -41.96 -26.00
N ASP A 808 -55.45 -40.65 -25.98
CA ASP A 808 -56.69 -40.07 -26.48
C ASP A 808 -56.36 -39.23 -27.72
N PRO A 809 -56.96 -39.50 -28.87
CA PRO A 809 -56.60 -38.74 -30.09
C PRO A 809 -57.35 -37.41 -30.18
N SER A 810 -57.47 -36.69 -29.08
CA SER A 810 -58.05 -35.36 -29.08
C SER A 810 -57.24 -34.42 -28.20
N LYS A 811 -56.48 -34.99 -27.28
CA LYS A 811 -55.76 -34.29 -26.22
C LYS A 811 -54.38 -33.84 -26.71
N PRO A 812 -53.67 -32.93 -26.00
CA PRO A 812 -52.36 -32.51 -26.48
C PRO A 812 -51.37 -33.66 -26.55
N SER A 813 -50.64 -33.73 -27.67
CA SER A 813 -49.68 -34.80 -27.97
C SER A 813 -50.32 -36.18 -27.94
N LYS A 814 -51.66 -36.25 -27.93
CA LYS A 814 -52.39 -37.51 -27.78
C LYS A 814 -52.01 -38.20 -26.46
N ARG A 815 -51.84 -37.40 -25.41
CA ARG A 815 -51.54 -37.92 -24.09
C ARG A 815 -52.72 -38.71 -23.55
N SER A 816 -52.40 -39.71 -22.74
CA SER A 816 -53.44 -40.45 -22.03
C SER A 816 -54.03 -39.58 -20.93
N PHE A 817 -55.12 -40.05 -20.34
CA PHE A 817 -55.84 -39.22 -19.37
C PHE A 817 -55.00 -39.01 -18.10
N ILE A 818 -54.41 -40.08 -17.58
CA ILE A 818 -53.52 -39.95 -16.42
C ILE A 818 -52.28 -39.14 -16.78
N GLU A 819 -51.73 -39.32 -17.98
CA GLU A 819 -50.59 -38.51 -18.38
C GLU A 819 -50.93 -37.03 -18.43
N ASP A 820 -52.10 -36.66 -18.95
CA ASP A 820 -52.53 -35.26 -18.90
C ASP A 820 -52.74 -34.78 -17.48
N LEU A 821 -53.33 -35.61 -16.62
CA LEU A 821 -53.47 -35.23 -15.22
C LEU A 821 -52.12 -34.98 -14.57
N LEU A 822 -51.10 -35.76 -14.97
CA LEU A 822 -49.77 -35.61 -14.41
C LEU A 822 -49.07 -34.34 -14.88
N PHE A 823 -49.34 -33.90 -16.11
CA PHE A 823 -48.67 -32.73 -16.67
C PHE A 823 -49.31 -31.42 -16.23
N ASN A 824 -50.45 -31.47 -15.55
CA ASN A 824 -51.10 -30.28 -15.01
C ASN A 824 -50.89 -30.12 -13.51
N LYS A 825 -50.19 -31.04 -12.87
CA LYS A 825 -49.91 -30.98 -11.43
C LYS A 825 -48.50 -30.49 -11.14
N VAL A 826 -47.57 -30.70 -12.07
CA VAL A 826 -46.20 -30.28 -11.86
C VAL A 826 -46.03 -28.80 -12.16
N THR A 827 -46.98 -28.18 -12.85
CA THR A 827 -46.79 -26.83 -13.36
C THR A 827 -46.91 -25.82 -12.22
N LEU A 828 -46.08 -26.00 -11.19
CA LEU A 828 -46.12 -25.18 -9.99
C LEU A 828 -44.71 -24.71 -9.65
N GLN A 853 -34.95 -19.03 -18.94
CA GLN A 853 -34.77 -17.69 -19.47
C GLN A 853 -33.33 -17.45 -19.89
N LYS A 854 -32.98 -16.17 -20.07
CA LYS A 854 -31.62 -15.78 -20.41
C LYS A 854 -31.40 -14.36 -19.95
N PHE A 855 -30.57 -14.19 -18.92
CA PHE A 855 -30.26 -12.86 -18.41
C PHE A 855 -28.80 -12.50 -18.63
N ASN A 856 -27.86 -13.30 -18.12
CA ASN A 856 -26.44 -13.02 -18.32
C ASN A 856 -25.66 -14.32 -18.20
N GLY A 857 -25.41 -14.96 -19.34
CA GLY A 857 -24.65 -16.19 -19.42
C GLY A 857 -25.47 -17.45 -19.32
N LEU A 858 -26.66 -17.36 -18.72
CA LEU A 858 -27.50 -18.56 -18.48
C LEU A 858 -28.28 -18.91 -19.75
N THR A 859 -28.19 -20.16 -20.20
CA THR A 859 -28.91 -20.62 -21.42
C THR A 859 -29.45 -22.03 -21.19
N VAL A 860 -30.78 -22.18 -21.10
CA VAL A 860 -31.39 -23.52 -20.92
C VAL A 860 -31.55 -24.18 -22.29
N LEU A 861 -30.83 -25.29 -22.52
CA LEU A 861 -30.89 -26.00 -23.82
C LEU A 861 -32.08 -26.97 -23.81
N PRO A 862 -32.90 -27.03 -24.89
CA PRO A 862 -34.10 -27.89 -24.93
C PRO A 862 -33.78 -29.39 -24.93
N PRO A 863 -34.63 -30.25 -24.34
CA PRO A 863 -34.41 -31.70 -24.35
C PRO A 863 -34.48 -32.25 -25.79
N LEU A 864 -33.67 -33.28 -26.08
CA LEU A 864 -33.65 -33.85 -27.43
C LEU A 864 -34.97 -34.52 -27.76
N LEU A 865 -35.57 -35.24 -26.82
CA LEU A 865 -36.85 -35.90 -27.03
C LEU A 865 -37.96 -34.98 -26.52
N THR A 866 -38.79 -34.51 -27.44
CA THR A 866 -39.93 -33.71 -27.03
C THR A 866 -40.94 -34.59 -26.29
N ASP A 867 -41.80 -33.93 -25.51
CA ASP A 867 -42.81 -34.65 -24.74
C ASP A 867 -43.71 -35.51 -25.61
N GLU A 868 -43.94 -35.11 -26.86
CA GLU A 868 -44.73 -35.91 -27.78
C GLU A 868 -44.05 -37.25 -28.07
N MET A 869 -42.74 -37.24 -28.31
CA MET A 869 -42.05 -38.50 -28.58
C MET A 869 -41.93 -39.37 -27.34
N ILE A 870 -41.74 -38.77 -26.16
CA ILE A 870 -41.76 -39.57 -24.94
C ILE A 870 -43.14 -40.19 -24.73
N ALA A 871 -44.20 -39.45 -25.06
CA ALA A 871 -45.54 -40.00 -24.99
C ALA A 871 -45.73 -41.15 -25.97
N GLN A 872 -45.19 -41.03 -27.19
CA GLN A 872 -45.23 -42.15 -28.14
C GLN A 872 -44.46 -43.36 -27.64
N TYR A 873 -43.27 -43.15 -27.05
CA TYR A 873 -42.55 -44.25 -26.41
C TYR A 873 -43.40 -44.94 -25.35
N THR A 874 -43.99 -44.18 -24.44
CA THR A 874 -44.80 -44.81 -23.40
C THR A 874 -46.08 -45.43 -23.94
N SER A 875 -46.58 -44.95 -25.08
CA SER A 875 -47.74 -45.59 -25.71
C SER A 875 -47.37 -46.91 -26.37
N ALA A 876 -46.21 -46.97 -27.03
CA ALA A 876 -45.72 -48.20 -27.62
C ALA A 876 -45.33 -49.24 -26.57
N LEU A 877 -44.64 -48.83 -25.52
CA LEU A 877 -44.34 -49.72 -24.41
C LEU A 877 -45.61 -50.28 -23.78
N LEU A 878 -46.67 -49.48 -23.78
CA LEU A 878 -47.92 -49.85 -23.15
C LEU A 878 -48.85 -50.63 -24.08
N ALA A 879 -48.77 -50.40 -25.39
CA ALA A 879 -49.56 -51.16 -26.35
C ALA A 879 -48.93 -52.49 -26.72
N GLY A 880 -47.65 -52.69 -26.42
CA GLY A 880 -47.00 -53.96 -26.68
C GLY A 880 -47.18 -54.93 -25.54
N THR A 881 -47.28 -54.41 -24.32
CA THR A 881 -47.53 -55.25 -23.15
C THR A 881 -48.99 -55.64 -23.01
N ILE A 882 -49.90 -54.95 -23.68
CA ILE A 882 -51.30 -55.31 -23.66
C ILE A 882 -51.61 -56.37 -24.69
N THR A 883 -51.05 -56.24 -25.89
CA THR A 883 -51.34 -57.18 -26.98
C THR A 883 -50.37 -58.36 -26.99
N SER A 884 -49.08 -58.10 -26.83
CA SER A 884 -48.07 -59.14 -26.96
C SER A 884 -47.57 -59.70 -25.64
N GLY A 885 -47.77 -58.98 -24.54
CA GLY A 885 -47.31 -59.46 -23.25
C GLY A 885 -45.89 -59.01 -22.96
N TRP A 886 -45.10 -59.91 -22.40
CA TRP A 886 -43.68 -59.69 -22.14
C TRP A 886 -42.80 -60.25 -23.24
N THR A 887 -43.40 -60.74 -24.33
CA THR A 887 -42.64 -61.31 -25.43
C THR A 887 -41.99 -60.27 -26.32
N PHE A 888 -42.57 -59.07 -26.43
CA PHE A 888 -41.99 -58.06 -27.31
C PHE A 888 -40.69 -57.49 -26.75
N GLY A 889 -40.37 -57.74 -25.49
CA GLY A 889 -39.10 -57.37 -24.91
C GLY A 889 -38.02 -58.41 -25.06
N ALA A 890 -38.33 -59.57 -25.63
CA ALA A 890 -37.36 -60.65 -25.75
C ALA A 890 -37.24 -61.16 -27.18
N GLY A 891 -37.81 -60.46 -28.15
CA GLY A 891 -37.74 -60.88 -29.53
C GLY A 891 -38.90 -60.37 -30.36
N PRO A 892 -39.42 -61.20 -31.26
CA PRO A 892 -40.58 -60.85 -32.05
C PRO A 892 -41.81 -60.74 -31.16
N ALA A 893 -42.63 -59.71 -31.42
CA ALA A 893 -43.82 -59.47 -30.63
C ALA A 893 -44.90 -60.49 -31.00
N LEU A 894 -45.27 -61.35 -30.04
CA LEU A 894 -46.22 -62.41 -30.28
C LEU A 894 -47.53 -62.05 -29.61
N GLN A 895 -48.60 -61.98 -30.40
CA GLN A 895 -49.90 -61.62 -29.85
C GLN A 895 -50.45 -62.73 -28.97
N ILE A 896 -51.32 -62.34 -28.04
CA ILE A 896 -51.96 -63.26 -27.12
C ILE A 896 -53.16 -62.55 -26.50
N PRO A 897 -54.31 -63.23 -26.37
CA PRO A 897 -55.46 -62.57 -25.72
C PRO A 897 -55.11 -62.14 -24.30
N PHE A 898 -55.61 -60.97 -23.91
CA PHE A 898 -55.20 -60.39 -22.63
C PHE A 898 -55.62 -61.24 -21.45
N PRO A 899 -56.82 -61.82 -21.49
CA PRO A 899 -57.22 -62.74 -20.42
C PRO A 899 -56.23 -63.89 -20.29
N MET A 900 -55.77 -64.45 -21.40
CA MET A 900 -54.82 -65.53 -21.35
C MET A 900 -53.44 -65.05 -20.89
N GLN A 901 -53.10 -63.78 -21.17
CA GLN A 901 -51.91 -63.19 -20.59
C GLN A 901 -52.00 -63.11 -19.07
N MET A 902 -53.13 -62.64 -18.55
CA MET A 902 -53.36 -62.62 -17.12
C MET A 902 -53.29 -64.02 -16.52
N ALA A 903 -53.75 -65.03 -17.25
CA ALA A 903 -53.66 -66.39 -16.72
C ALA A 903 -52.21 -66.82 -16.51
N TYR A 904 -51.34 -66.54 -17.49
CA TYR A 904 -49.95 -66.97 -17.31
C TYR A 904 -49.21 -66.08 -16.33
N ARG A 905 -49.62 -64.82 -16.17
CA ARG A 905 -49.03 -64.02 -15.10
C ARG A 905 -49.51 -64.46 -13.73
N PHE A 906 -50.72 -65.00 -13.64
CA PHE A 906 -51.17 -65.63 -12.39
C PHE A 906 -50.35 -66.88 -12.11
N ASN A 907 -50.00 -67.64 -13.14
CA ASN A 907 -49.08 -68.75 -12.96
C ASN A 907 -47.76 -68.30 -12.37
N GLY A 908 -47.27 -67.12 -12.75
CA GLY A 908 -45.98 -66.66 -12.29
C GLY A 908 -45.90 -66.47 -10.80
N ILE A 909 -47.01 -66.08 -10.16
CA ILE A 909 -47.02 -65.82 -8.73
C ILE A 909 -47.44 -67.03 -7.90
N GLY A 910 -47.70 -68.17 -8.54
CA GLY A 910 -48.04 -69.39 -7.82
C GLY A 910 -49.50 -69.76 -7.80
N VAL A 911 -50.35 -69.05 -8.54
CA VAL A 911 -51.78 -69.31 -8.59
C VAL A 911 -52.11 -69.93 -9.95
N THR A 912 -52.95 -70.96 -9.94
CA THR A 912 -53.28 -71.65 -11.18
C THR A 912 -54.16 -70.79 -12.08
N GLN A 913 -54.29 -71.24 -13.33
CA GLN A 913 -55.01 -70.49 -14.35
C GLN A 913 -56.50 -70.39 -14.05
N ASN A 914 -57.09 -71.48 -13.56
CA ASN A 914 -58.52 -71.51 -13.32
C ASN A 914 -58.97 -70.44 -12.33
N VAL A 915 -58.10 -70.01 -11.41
CA VAL A 915 -58.47 -68.94 -10.51
C VAL A 915 -58.72 -67.65 -11.27
N LEU A 916 -57.92 -67.37 -12.29
CA LEU A 916 -58.21 -66.24 -13.15
C LEU A 916 -59.45 -66.48 -14.01
N TYR A 917 -59.54 -67.65 -14.64
CA TYR A 917 -60.61 -67.85 -15.61
C TYR A 917 -61.99 -67.88 -14.97
N GLU A 918 -62.11 -68.46 -13.78
CA GLU A 918 -63.39 -68.54 -13.10
C GLU A 918 -63.74 -67.26 -12.33
N ASN A 919 -62.81 -66.33 -12.21
CA ASN A 919 -63.03 -65.05 -11.53
C ASN A 919 -62.69 -63.88 -12.45
N GLN A 920 -62.71 -64.13 -13.76
CA GLN A 920 -62.30 -63.12 -14.74
C GLN A 920 -63.09 -61.82 -14.59
N LYS A 921 -64.41 -61.92 -14.44
CA LYS A 921 -65.24 -60.72 -14.39
C LYS A 921 -65.07 -59.95 -13.08
N LEU A 922 -64.82 -60.63 -11.97
CA LEU A 922 -64.43 -59.96 -10.73
C LEU A 922 -63.07 -59.29 -10.86
N ILE A 923 -62.10 -59.99 -11.47
CA ILE A 923 -60.74 -59.48 -11.59
C ILE A 923 -60.70 -58.23 -12.45
N ALA A 924 -61.41 -58.26 -13.59
CA ALA A 924 -61.46 -57.10 -14.45
C ALA A 924 -62.10 -55.90 -13.76
N ASN A 925 -63.18 -56.12 -13.00
CA ASN A 925 -63.81 -55.04 -12.26
C ASN A 925 -62.88 -54.47 -11.20
N GLN A 926 -62.17 -55.33 -10.48
CA GLN A 926 -61.21 -54.84 -9.49
C GLN A 926 -60.12 -54.02 -10.14
N PHE A 927 -59.58 -54.48 -11.27
CA PHE A 927 -58.53 -53.75 -11.97
C PHE A 927 -59.03 -52.38 -12.46
N ASN A 928 -60.23 -52.35 -13.05
CA ASN A 928 -60.77 -51.08 -13.53
C ASN A 928 -61.02 -50.11 -12.38
N SER A 929 -61.58 -50.61 -11.27
CA SER A 929 -61.78 -49.76 -10.10
C SER A 929 -60.46 -49.24 -9.53
N ALA A 930 -59.43 -50.07 -9.47
CA ALA A 930 -58.12 -49.63 -9.00
C ALA A 930 -57.50 -48.57 -9.90
N ILE A 931 -57.65 -48.68 -11.22
CA ILE A 931 -57.19 -47.63 -12.11
C ILE A 931 -57.96 -46.33 -11.87
N GLY A 932 -59.29 -46.44 -11.70
CA GLY A 932 -60.09 -45.28 -11.40
C GLY A 932 -59.68 -44.56 -10.13
N LYS A 933 -59.25 -45.30 -9.10
CA LYS A 933 -58.78 -44.68 -7.87
C LYS A 933 -57.40 -44.06 -8.00
N ILE A 934 -56.52 -44.60 -8.84
CA ILE A 934 -55.29 -43.88 -9.16
C ILE A 934 -55.62 -42.54 -9.76
N GLN A 935 -56.58 -42.52 -10.69
CA GLN A 935 -57.00 -41.26 -11.28
C GLN A 935 -57.47 -40.27 -10.22
N ASP A 936 -58.30 -40.73 -9.28
CA ASP A 936 -58.82 -39.83 -8.25
C ASP A 936 -57.72 -39.37 -7.30
N SER A 937 -56.88 -40.29 -6.84
CA SER A 937 -55.80 -39.94 -5.91
C SER A 937 -54.80 -38.99 -6.54
N LEU A 938 -54.70 -38.95 -7.86
CA LEU A 938 -53.85 -37.94 -8.49
C LEU A 938 -54.59 -36.64 -8.77
N SER A 939 -55.86 -36.71 -9.17
CA SER A 939 -56.59 -35.50 -9.54
C SER A 939 -56.88 -34.59 -8.36
N SER A 940 -56.80 -35.09 -7.14
CA SER A 940 -57.16 -34.31 -5.96
C SER A 940 -56.00 -34.07 -5.01
N THR A 941 -55.29 -35.13 -4.60
CA THR A 941 -54.29 -35.04 -3.55
C THR A 941 -53.09 -34.24 -4.03
N PRO A 942 -52.85 -33.09 -3.41
CA PRO A 942 -51.72 -32.25 -3.74
C PRO A 942 -50.42 -32.89 -3.26
N SER A 943 -49.32 -32.50 -3.91
CA SER A 943 -47.99 -33.02 -3.61
C SER A 943 -47.91 -34.53 -3.79
N ALA A 944 -48.75 -35.06 -4.68
CA ALA A 944 -48.60 -36.44 -5.11
C ALA A 944 -47.35 -36.66 -5.94
N LEU A 945 -46.96 -35.65 -6.72
CA LEU A 945 -45.76 -35.71 -7.54
C LEU A 945 -44.62 -34.96 -6.86
N GLY A 946 -44.58 -35.02 -5.54
CA GLY A 946 -43.60 -34.26 -4.78
C GLY A 946 -42.15 -34.60 -5.11
N LYS A 947 -41.88 -35.83 -5.55
CA LYS A 947 -40.51 -36.21 -5.85
C LYS A 947 -39.99 -35.57 -7.12
N LEU A 948 -40.86 -35.36 -8.12
CA LEU A 948 -40.46 -34.63 -9.32
C LEU A 948 -40.36 -33.13 -9.09
N GLN A 949 -41.20 -32.58 -8.22
CA GLN A 949 -41.14 -31.15 -7.95
C GLN A 949 -39.85 -30.74 -7.25
N ASP A 950 -39.27 -31.64 -6.45
CA ASP A 950 -38.04 -31.31 -5.74
C ASP A 950 -36.88 -31.08 -6.69
N VAL A 951 -36.77 -31.88 -7.75
CA VAL A 951 -35.66 -31.68 -8.68
C VAL A 951 -35.80 -30.38 -9.46
N VAL A 952 -37.02 -29.92 -9.72
CA VAL A 952 -37.21 -28.61 -10.33
C VAL A 952 -36.86 -27.50 -9.33
N ASN A 953 -37.33 -27.64 -8.08
CA ASN A 953 -37.10 -26.61 -7.08
C ASN A 953 -35.62 -26.46 -6.73
N GLN A 954 -34.91 -27.58 -6.60
CA GLN A 954 -33.49 -27.51 -6.27
C GLN A 954 -32.70 -26.81 -7.36
N ASN A 955 -32.97 -27.15 -8.63
CA ASN A 955 -32.29 -26.51 -9.74
C ASN A 955 -32.62 -25.03 -9.84
N ALA A 956 -33.90 -24.67 -9.67
CA ALA A 956 -34.30 -23.28 -9.67
C ALA A 956 -33.67 -22.49 -8.54
N GLN A 957 -33.60 -23.06 -7.34
CA GLN A 957 -32.92 -22.41 -6.23
C GLN A 957 -31.43 -22.23 -6.48
N ALA A 958 -30.77 -23.23 -7.05
CA ALA A 958 -29.35 -23.10 -7.38
C ALA A 958 -29.12 -21.98 -8.39
N LEU A 959 -29.94 -21.92 -9.44
CA LEU A 959 -29.81 -20.81 -10.40
C LEU A 959 -30.12 -19.46 -9.77
N ASN A 960 -31.16 -19.37 -8.94
CA ASN A 960 -31.48 -18.09 -8.29
C ASN A 960 -30.33 -17.64 -7.40
N THR A 961 -29.72 -18.56 -6.66
CA THR A 961 -28.55 -18.22 -5.87
C THR A 961 -27.38 -17.77 -6.74
N LEU A 962 -27.13 -18.45 -7.87
CA LEU A 962 -26.09 -18.02 -8.78
C LEU A 962 -26.30 -16.59 -9.26
N VAL A 963 -27.53 -16.25 -9.65
CA VAL A 963 -27.80 -14.90 -10.14
C VAL A 963 -27.70 -13.88 -9.00
N LYS A 964 -28.27 -14.19 -7.84
CA LYS A 964 -28.23 -13.29 -6.71
C LYS A 964 -26.82 -13.07 -6.17
N GLN A 965 -25.89 -13.97 -6.45
CA GLN A 965 -24.50 -13.74 -6.07
C GLN A 965 -23.81 -12.69 -6.93
N LEU A 966 -24.46 -12.22 -7.99
CA LEU A 966 -23.90 -11.15 -8.82
C LEU A 966 -24.09 -9.77 -8.20
N SER A 967 -24.94 -9.65 -7.19
CA SER A 967 -25.12 -8.40 -6.45
C SER A 967 -24.19 -8.33 -5.23
N SER A 968 -23.29 -9.29 -5.09
CA SER A 968 -22.39 -9.32 -3.95
C SER A 968 -21.09 -8.61 -4.29
N ASN A 969 -20.61 -7.81 -3.35
CA ASN A 969 -19.43 -6.97 -3.54
C ASN A 969 -18.12 -7.74 -3.38
N PHE A 970 -18.07 -8.70 -2.46
CA PHE A 970 -16.86 -9.45 -2.14
C PHE A 970 -15.73 -8.57 -1.62
N GLY A 971 -16.01 -7.29 -1.35
CA GLY A 971 -15.03 -6.36 -0.81
C GLY A 971 -14.62 -5.26 -1.77
N ALA A 972 -15.14 -5.28 -2.99
CA ALA A 972 -14.90 -4.20 -3.93
C ALA A 972 -15.63 -2.94 -3.45
N ILE A 973 -15.34 -1.80 -4.09
CA ILE A 973 -16.07 -0.59 -3.76
C ILE A 973 -17.48 -0.59 -4.35
N SER A 974 -17.74 -1.36 -5.39
CA SER A 974 -19.09 -1.53 -5.91
C SER A 974 -19.18 -2.88 -6.61
N SER A 975 -20.35 -3.51 -6.50
CA SER A 975 -20.62 -4.79 -7.13
C SER A 975 -20.93 -4.64 -8.61
N VAL A 976 -21.13 -3.43 -9.10
CA VAL A 976 -21.38 -3.15 -10.50
C VAL A 976 -20.03 -2.96 -11.18
N LEU A 977 -19.89 -3.53 -12.38
CA LEU A 977 -18.58 -3.54 -13.02
C LEU A 977 -18.28 -2.26 -13.77
N ASN A 978 -19.30 -1.63 -14.38
CA ASN A 978 -19.11 -0.31 -14.97
C ASN A 978 -18.84 0.77 -13.94
N ASP A 979 -19.52 0.72 -12.79
CA ASP A 979 -19.44 1.78 -11.80
C ASP A 979 -18.08 1.88 -11.12
N ILE A 980 -17.18 0.91 -11.33
CA ILE A 980 -15.82 1.05 -10.85
C ILE A 980 -14.80 1.13 -11.98
N LEU A 981 -15.25 1.13 -13.23
CA LEU A 981 -14.46 1.59 -14.35
C LEU A 981 -14.80 3.00 -14.78
N SER A 982 -16.05 3.43 -14.58
CA SER A 982 -16.46 4.79 -14.86
C SER A 982 -15.83 5.80 -13.92
N ARG A 983 -15.24 5.35 -12.80
CA ARG A 983 -14.72 6.28 -11.81
C ARG A 983 -13.35 5.90 -11.27
N LEU A 984 -12.64 4.94 -11.86
CA LEU A 984 -11.32 4.58 -11.38
C LEU A 984 -10.38 4.35 -12.56
N ASP A 985 -9.12 4.73 -12.34
CA ASP A 985 -8.03 4.61 -13.29
C ASP A 985 -7.49 3.18 -13.28
N PRO A 986 -7.11 2.64 -14.44
CA PRO A 986 -6.90 1.19 -14.58
C PRO A 986 -5.96 0.60 -13.54
N PRO A 987 -4.80 1.23 -13.26
CA PRO A 987 -3.97 0.69 -12.17
C PRO A 987 -4.67 0.69 -10.82
N GLU A 988 -5.60 1.62 -10.59
CA GLU A 988 -6.38 1.64 -9.37
C GLU A 988 -7.61 0.75 -9.42
N ALA A 989 -8.12 0.45 -10.62
CA ALA A 989 -9.36 -0.31 -10.75
C ALA A 989 -9.10 -1.80 -10.89
N GLU A 990 -7.90 -2.20 -11.33
CA GLU A 990 -7.64 -3.62 -11.53
C GLU A 990 -7.70 -4.41 -10.22
N VAL A 991 -7.21 -3.81 -9.12
CA VAL A 991 -7.27 -4.47 -7.83
C VAL A 991 -8.72 -4.75 -7.43
N GLN A 992 -9.62 -3.82 -7.75
CA GLN A 992 -11.03 -4.00 -7.40
C GLN A 992 -11.71 -4.99 -8.35
N ILE A 993 -11.29 -5.01 -9.62
CA ILE A 993 -11.83 -5.99 -10.56
C ILE A 993 -11.43 -7.41 -10.16
N ASP A 994 -10.20 -7.57 -9.66
CA ASP A 994 -9.72 -8.91 -9.32
C ASP A 994 -10.53 -9.55 -8.21
N ARG A 995 -10.92 -8.78 -7.20
CA ARG A 995 -11.76 -9.32 -6.12
C ARG A 995 -13.10 -9.82 -6.64
N LEU A 996 -13.75 -9.06 -7.52
CA LEU A 996 -15.02 -9.48 -8.08
C LEU A 996 -14.85 -10.69 -8.99
N ILE A 997 -13.76 -10.75 -9.75
CA ILE A 997 -13.43 -11.94 -10.53
C ILE A 997 -13.34 -13.15 -9.62
N THR A 998 -12.58 -13.04 -8.52
CA THR A 998 -12.40 -14.16 -7.62
C THR A 998 -13.72 -14.59 -6.98
N GLY A 999 -14.53 -13.64 -6.56
CA GLY A 999 -15.81 -13.98 -5.95
C GLY A 999 -16.76 -14.68 -6.90
N ARG A 1000 -16.89 -14.14 -8.11
CA ARG A 1000 -17.79 -14.72 -9.10
C ARG A 1000 -17.30 -16.07 -9.61
N LEU A 1001 -15.98 -16.25 -9.74
CA LEU A 1001 -15.45 -17.55 -10.14
C LEU A 1001 -15.74 -18.61 -9.08
N GLN A 1002 -15.59 -18.28 -7.80
CA GLN A 1002 -15.94 -19.19 -6.73
C GLN A 1002 -17.42 -19.51 -6.72
N SER A 1003 -18.28 -18.50 -6.87
CA SER A 1003 -19.71 -18.75 -6.86
C SER A 1003 -20.16 -19.54 -8.09
N LEU A 1004 -19.39 -19.52 -9.17
CA LEU A 1004 -19.69 -20.36 -10.32
C LEU A 1004 -19.19 -21.79 -10.14
N GLN A 1005 -18.00 -21.94 -9.57
CA GLN A 1005 -17.45 -23.26 -9.30
C GLN A 1005 -18.31 -24.04 -8.31
N THR A 1006 -18.82 -23.37 -7.27
CA THR A 1006 -19.70 -24.04 -6.33
C THR A 1006 -20.96 -24.57 -7.02
N TYR A 1007 -21.56 -23.75 -7.89
CA TYR A 1007 -22.75 -24.18 -8.61
C TYR A 1007 -22.45 -25.37 -9.51
N VAL A 1008 -21.31 -25.33 -10.22
CA VAL A 1008 -20.98 -26.44 -11.11
C VAL A 1008 -20.74 -27.72 -10.32
N THR A 1009 -20.04 -27.63 -9.18
CA THR A 1009 -19.76 -28.82 -8.38
C THR A 1009 -21.05 -29.43 -7.83
N GLN A 1010 -21.94 -28.59 -7.29
CA GLN A 1010 -23.19 -29.14 -6.79
C GLN A 1010 -24.11 -29.63 -7.89
N GLN A 1011 -24.03 -29.06 -9.10
CA GLN A 1011 -24.75 -29.64 -10.22
C GLN A 1011 -24.20 -30.99 -10.64
N LEU A 1012 -22.88 -31.19 -10.58
CA LEU A 1012 -22.33 -32.52 -10.82
C LEU A 1012 -22.83 -33.52 -9.78
N ILE A 1013 -22.83 -33.12 -8.50
CA ILE A 1013 -23.31 -34.01 -7.46
C ILE A 1013 -24.80 -34.33 -7.61
N ARG A 1014 -25.62 -33.36 -8.00
CA ARG A 1014 -27.04 -33.59 -8.25
C ARG A 1014 -27.26 -34.46 -9.49
N ALA A 1015 -26.45 -34.27 -10.52
CA ALA A 1015 -26.51 -35.09 -11.72
C ALA A 1015 -26.17 -36.54 -11.42
N ALA A 1016 -25.27 -36.80 -10.49
CA ALA A 1016 -25.00 -38.18 -10.10
C ALA A 1016 -26.22 -38.87 -9.52
N GLU A 1017 -26.98 -38.19 -8.65
CA GLU A 1017 -28.16 -38.83 -8.07
C GLU A 1017 -29.31 -38.92 -9.08
N ILE A 1018 -29.44 -37.95 -9.98
CA ILE A 1018 -30.43 -38.10 -11.04
C ILE A 1018 -30.05 -39.25 -11.96
N ARG A 1019 -28.75 -39.43 -12.22
CA ARG A 1019 -28.27 -40.57 -12.99
C ARG A 1019 -28.62 -41.89 -12.31
N ALA A 1020 -28.43 -41.97 -11.00
CA ALA A 1020 -28.79 -43.17 -10.27
C ALA A 1020 -30.29 -43.43 -10.31
N SER A 1021 -31.11 -42.40 -10.14
CA SER A 1021 -32.55 -42.54 -10.21
C SER A 1021 -33.05 -42.93 -11.60
N ALA A 1022 -32.39 -42.46 -12.65
CA ALA A 1022 -32.74 -42.86 -14.01
C ALA A 1022 -32.23 -44.23 -14.38
N ASN A 1023 -31.13 -44.69 -13.75
CA ASN A 1023 -30.72 -46.07 -13.90
C ASN A 1023 -31.69 -47.01 -13.20
N LEU A 1024 -32.19 -46.61 -12.04
CA LEU A 1024 -33.22 -47.40 -11.37
C LEU A 1024 -34.51 -47.44 -12.20
N ALA A 1025 -34.92 -46.30 -12.75
CA ALA A 1025 -36.12 -46.25 -13.57
C ALA A 1025 -35.98 -47.07 -14.85
N ALA A 1026 -34.82 -47.06 -15.48
CA ALA A 1026 -34.57 -47.91 -16.64
C ALA A 1026 -34.60 -49.39 -16.30
N THR A 1027 -34.15 -49.77 -15.10
CA THR A 1027 -34.23 -51.15 -14.65
C THR A 1027 -35.66 -51.58 -14.37
N LYS A 1028 -36.48 -50.71 -13.76
CA LYS A 1028 -37.88 -51.03 -13.54
C LYS A 1028 -38.64 -51.21 -14.85
N MET A 1029 -38.37 -50.36 -15.86
CA MET A 1029 -39.06 -50.48 -17.13
C MET A 1029 -38.74 -51.81 -17.82
N SER A 1030 -37.53 -52.34 -17.64
CA SER A 1030 -37.19 -53.63 -18.24
C SER A 1030 -37.71 -54.79 -17.42
N GLU A 1031 -37.54 -54.76 -16.10
CA GLU A 1031 -37.84 -55.91 -15.26
C GLU A 1031 -39.29 -55.97 -14.81
N CYS A 1032 -40.09 -54.93 -15.08
CA CYS A 1032 -41.47 -54.90 -14.61
C CYS A 1032 -42.49 -54.56 -15.70
N VAL A 1033 -42.15 -53.67 -16.62
CA VAL A 1033 -43.01 -53.38 -17.76
C VAL A 1033 -42.81 -54.40 -18.87
N LEU A 1034 -41.56 -54.72 -19.19
CA LEU A 1034 -41.24 -55.70 -20.22
C LEU A 1034 -41.24 -57.13 -19.70
N GLY A 1035 -41.49 -57.33 -18.41
CA GLY A 1035 -41.54 -58.67 -17.85
C GLY A 1035 -42.29 -58.73 -16.55
N GLN A 1036 -42.31 -59.91 -15.92
CA GLN A 1036 -42.92 -60.06 -14.59
C GLN A 1036 -41.81 -60.35 -13.61
N SER A 1037 -41.78 -59.59 -12.51
CA SER A 1037 -40.64 -59.60 -11.60
C SER A 1037 -40.91 -60.49 -10.39
N LYS A 1038 -39.93 -61.32 -10.06
CA LYS A 1038 -39.98 -62.12 -8.84
C LYS A 1038 -39.31 -61.43 -7.66
N ARG A 1039 -38.74 -60.26 -7.87
CA ARG A 1039 -38.14 -59.50 -6.78
C ARG A 1039 -39.24 -58.85 -5.95
N VAL A 1040 -39.27 -59.14 -4.67
CA VAL A 1040 -40.32 -58.63 -3.81
C VAL A 1040 -40.09 -57.16 -3.51
N ASP A 1041 -41.17 -56.38 -3.51
CA ASP A 1041 -41.17 -54.94 -3.27
C ASP A 1041 -40.37 -54.16 -4.30
N PHE A 1042 -39.84 -54.80 -5.34
CA PHE A 1042 -39.21 -54.05 -6.40
C PHE A 1042 -40.23 -53.30 -7.24
N CYS A 1043 -41.42 -53.87 -7.42
CA CYS A 1043 -42.51 -53.22 -8.15
C CYS A 1043 -43.81 -53.39 -7.37
N GLY A 1044 -44.07 -52.45 -6.46
CA GLY A 1044 -45.29 -52.46 -5.70
C GLY A 1044 -45.26 -53.44 -4.55
N LYS A 1045 -46.28 -53.33 -3.70
CA LYS A 1045 -46.44 -54.19 -2.53
C LYS A 1045 -47.40 -55.31 -2.89
N GLY A 1046 -46.94 -56.55 -2.77
CA GLY A 1046 -47.71 -57.70 -3.15
C GLY A 1046 -46.96 -58.51 -4.18
N TYR A 1047 -47.66 -59.43 -4.82
CA TYR A 1047 -47.10 -60.25 -5.89
C TYR A 1047 -47.31 -59.53 -7.21
N HIS A 1048 -46.20 -59.21 -7.88
CA HIS A 1048 -46.26 -58.38 -9.07
C HIS A 1048 -46.93 -59.13 -10.22
N LEU A 1049 -47.93 -58.50 -10.85
CA LEU A 1049 -48.55 -59.03 -12.05
C LEU A 1049 -48.03 -58.33 -13.29
N MET A 1050 -48.17 -57.00 -13.39
CA MET A 1050 -47.62 -56.25 -14.49
C MET A 1050 -47.56 -54.79 -14.10
N SER A 1051 -46.84 -54.00 -14.89
CA SER A 1051 -46.72 -52.57 -14.67
C SER A 1051 -46.98 -51.83 -15.97
N PHE A 1052 -47.47 -50.61 -15.85
CA PHE A 1052 -47.72 -49.74 -16.99
C PHE A 1052 -46.92 -48.45 -16.82
N PRO A 1053 -46.14 -48.04 -17.81
CA PRO A 1053 -45.43 -46.76 -17.70
C PRO A 1053 -46.32 -45.59 -18.09
N GLN A 1054 -46.13 -44.48 -17.39
CA GLN A 1054 -46.73 -43.21 -17.75
C GLN A 1054 -45.66 -42.13 -17.73
N SER A 1055 -45.65 -41.31 -18.77
CA SER A 1055 -44.65 -40.26 -18.88
C SER A 1055 -45.04 -39.07 -18.02
N ALA A 1056 -44.11 -38.66 -17.18
CA ALA A 1056 -44.21 -37.45 -16.38
C ALA A 1056 -43.18 -36.47 -16.91
N PRO A 1057 -43.34 -35.18 -16.61
CA PRO A 1057 -42.53 -34.15 -17.29
C PRO A 1057 -41.03 -34.42 -17.32
N HIS A 1058 -40.40 -34.55 -16.16
CA HIS A 1058 -38.98 -34.86 -16.07
C HIS A 1058 -38.76 -36.20 -15.38
N GLY A 1059 -39.69 -37.11 -15.57
CA GLY A 1059 -39.61 -38.39 -14.91
C GLY A 1059 -40.56 -39.38 -15.53
N VAL A 1060 -40.79 -40.48 -14.80
CA VAL A 1060 -41.68 -41.54 -15.25
C VAL A 1060 -42.51 -42.00 -14.07
N VAL A 1061 -43.73 -42.43 -14.35
CA VAL A 1061 -44.64 -42.95 -13.34
C VAL A 1061 -45.00 -44.37 -13.71
N PHE A 1062 -44.82 -45.30 -12.78
CA PHE A 1062 -45.17 -46.70 -12.98
C PHE A 1062 -46.42 -47.01 -12.19
N LEU A 1063 -47.38 -47.68 -12.84
CA LEU A 1063 -48.58 -48.18 -12.17
C LEU A 1063 -48.40 -49.69 -12.02
N HIS A 1064 -47.99 -50.10 -10.83
CA HIS A 1064 -47.67 -51.50 -10.56
C HIS A 1064 -48.94 -52.25 -10.19
N VAL A 1065 -49.31 -53.24 -10.99
CA VAL A 1065 -50.48 -54.07 -10.71
C VAL A 1065 -50.01 -55.29 -9.92
N THR A 1066 -50.46 -55.39 -8.68
CA THR A 1066 -50.03 -56.46 -7.79
C THR A 1066 -51.23 -57.24 -7.30
N TYR A 1067 -50.99 -58.51 -6.97
CA TYR A 1067 -52.00 -59.41 -6.45
C TYR A 1067 -51.79 -59.52 -4.94
N VAL A 1068 -52.78 -59.06 -4.18
CA VAL A 1068 -52.71 -59.04 -2.72
C VAL A 1068 -53.69 -60.06 -2.18
N PRO A 1069 -53.23 -61.05 -1.41
CA PRO A 1069 -54.14 -62.10 -0.91
C PRO A 1069 -55.05 -61.54 0.18
N ALA A 1070 -56.36 -61.68 -0.04
CA ALA A 1070 -57.39 -61.14 0.83
C ALA A 1070 -57.80 -62.19 1.88
N GLN A 1071 -58.96 -61.99 2.48
CA GLN A 1071 -59.47 -62.72 3.64
C GLN A 1071 -59.05 -64.19 3.66
N GLU A 1072 -58.55 -64.61 4.81
CA GLU A 1072 -57.92 -65.92 4.99
C GLU A 1072 -58.58 -66.66 6.14
N LYS A 1073 -58.56 -67.99 6.05
CA LYS A 1073 -59.09 -68.86 7.08
C LYS A 1073 -57.97 -69.65 7.75
N ASN A 1074 -58.23 -70.04 9.00
CA ASN A 1074 -57.32 -70.92 9.72
C ASN A 1074 -57.56 -72.36 9.31
N PHE A 1075 -56.51 -73.17 9.38
CA PHE A 1075 -56.58 -74.60 9.09
C PHE A 1075 -55.57 -75.31 9.96
N THR A 1076 -55.57 -76.64 9.89
CA THR A 1076 -54.54 -77.45 10.52
C THR A 1076 -53.82 -78.24 9.43
N THR A 1077 -52.49 -78.29 9.53
CA THR A 1077 -51.66 -78.91 8.52
C THR A 1077 -50.94 -80.12 9.06
N ALA A 1078 -50.40 -80.91 8.14
CA ALA A 1078 -49.50 -82.00 8.42
C ALA A 1078 -48.40 -81.99 7.37
N PRO A 1079 -47.15 -82.18 7.78
CA PRO A 1079 -46.06 -82.25 6.78
C PRO A 1079 -46.27 -83.35 5.75
N ALA A 1080 -46.84 -84.49 6.15
CA ALA A 1080 -47.02 -85.60 5.23
C ALA A 1080 -48.31 -86.33 5.60
N ILE A 1081 -48.65 -87.31 4.76
CA ILE A 1081 -49.82 -88.16 4.95
C ILE A 1081 -49.35 -89.60 5.02
N CYS A 1082 -49.77 -90.32 6.07
CA CYS A 1082 -49.46 -91.72 6.24
C CYS A 1082 -50.58 -92.56 5.61
N HIS A 1083 -50.22 -93.41 4.66
CA HIS A 1083 -51.18 -94.33 4.06
C HIS A 1083 -50.44 -95.55 3.56
N ASP A 1084 -50.86 -96.73 4.01
CA ASP A 1084 -50.21 -98.00 3.66
C ASP A 1084 -48.73 -98.00 4.04
N GLY A 1085 -48.41 -97.45 5.21
CA GLY A 1085 -47.05 -97.49 5.71
C GLY A 1085 -46.03 -96.72 4.89
N LYS A 1086 -46.46 -95.71 4.14
CA LYS A 1086 -45.56 -94.88 3.36
C LYS A 1086 -46.02 -93.44 3.43
N ALA A 1087 -45.06 -92.52 3.51
CA ALA A 1087 -45.35 -91.10 3.67
C ALA A 1087 -45.65 -90.47 2.32
N HIS A 1088 -46.69 -89.64 2.27
CA HIS A 1088 -47.11 -88.97 1.05
C HIS A 1088 -46.95 -87.47 1.24
N PHE A 1089 -46.24 -86.82 0.32
CA PHE A 1089 -46.02 -85.40 0.34
C PHE A 1089 -46.72 -84.73 -0.85
N PRO A 1090 -47.22 -83.51 -0.68
CA PRO A 1090 -47.91 -82.84 -1.79
C PRO A 1090 -46.94 -82.31 -2.82
N ARG A 1091 -47.33 -82.46 -4.09
CA ARG A 1091 -46.46 -82.04 -5.19
C ARG A 1091 -46.41 -80.53 -5.32
N GLU A 1092 -47.56 -79.86 -5.19
CA GLU A 1092 -47.61 -78.42 -5.48
C GLU A 1092 -48.38 -77.63 -4.44
N GLY A 1093 -48.77 -78.25 -3.34
CA GLY A 1093 -49.58 -77.55 -2.35
C GLY A 1093 -49.30 -77.95 -0.92
N VAL A 1094 -50.31 -77.85 -0.07
CA VAL A 1094 -50.19 -78.25 1.34
C VAL A 1094 -51.39 -79.08 1.74
N PHE A 1095 -51.22 -79.84 2.82
CA PHE A 1095 -52.30 -80.61 3.40
C PHE A 1095 -53.03 -79.76 4.43
N VAL A 1096 -54.32 -79.55 4.22
CA VAL A 1096 -55.13 -78.78 5.16
C VAL A 1096 -56.32 -79.63 5.58
N SER A 1097 -56.89 -79.27 6.72
CA SER A 1097 -58.04 -79.98 7.27
C SER A 1097 -59.08 -78.97 7.73
N ASN A 1098 -60.30 -79.12 7.25
CA ASN A 1098 -61.41 -78.27 7.69
C ASN A 1098 -61.90 -78.65 9.08
N GLY A 1099 -61.18 -79.52 9.77
CA GLY A 1099 -61.58 -80.00 11.08
C GLY A 1099 -61.79 -81.50 11.10
N THR A 1100 -62.38 -82.03 10.03
CA THR A 1100 -62.68 -83.46 9.94
C THR A 1100 -61.94 -84.14 8.80
N HIS A 1101 -61.95 -83.56 7.60
CA HIS A 1101 -61.41 -84.19 6.42
C HIS A 1101 -60.23 -83.39 5.88
N TRP A 1102 -59.31 -84.10 5.22
CA TRP A 1102 -58.07 -83.52 4.74
C TRP A 1102 -58.16 -83.23 3.24
N PHE A 1103 -57.40 -82.23 2.81
CA PHE A 1103 -57.41 -81.77 1.42
C PHE A 1103 -56.01 -81.34 1.01
N VAL A 1104 -55.82 -81.14 -0.29
CA VAL A 1104 -54.59 -80.59 -0.85
C VAL A 1104 -54.94 -79.30 -1.58
N THR A 1105 -54.53 -78.17 -1.03
CA THR A 1105 -54.77 -76.87 -1.65
C THR A 1105 -53.47 -76.31 -2.18
N GLN A 1106 -53.58 -75.51 -3.23
CA GLN A 1106 -52.47 -74.64 -3.61
C GLN A 1106 -52.25 -73.62 -2.50
N ARG A 1107 -51.01 -73.15 -2.39
CA ARG A 1107 -50.56 -72.47 -1.17
C ARG A 1107 -51.00 -71.01 -1.11
N ASN A 1108 -51.52 -70.45 -2.20
CA ASN A 1108 -51.85 -69.03 -2.24
C ASN A 1108 -53.34 -68.75 -2.35
N PHE A 1109 -54.16 -69.76 -2.62
CA PHE A 1109 -55.59 -69.57 -2.81
C PHE A 1109 -56.29 -70.85 -2.36
N TYR A 1110 -57.22 -70.73 -1.42
CA TYR A 1110 -57.89 -71.90 -0.87
C TYR A 1110 -58.72 -72.56 -1.97
N GLU A 1111 -58.28 -73.75 -2.38
CA GLU A 1111 -59.02 -74.54 -3.37
C GLU A 1111 -58.82 -76.00 -3.00
N PRO A 1112 -59.59 -76.51 -2.04
CA PRO A 1112 -59.35 -77.86 -1.53
C PRO A 1112 -59.70 -78.93 -2.55
N GLN A 1113 -58.91 -80.00 -2.53
CA GLN A 1113 -59.13 -81.15 -3.40
C GLN A 1113 -58.82 -82.43 -2.62
N ILE A 1114 -59.47 -83.51 -3.03
CA ILE A 1114 -59.26 -84.80 -2.38
C ILE A 1114 -57.83 -85.25 -2.59
N ILE A 1115 -57.21 -85.78 -1.53
CA ILE A 1115 -55.82 -86.18 -1.57
C ILE A 1115 -55.74 -87.46 -2.41
N THR A 1116 -55.39 -87.32 -3.67
CA THR A 1116 -55.27 -88.46 -4.57
C THR A 1116 -53.81 -88.86 -4.69
N THR A 1117 -53.54 -89.90 -5.48
CA THR A 1117 -52.18 -90.38 -5.66
C THR A 1117 -51.46 -89.68 -6.80
N ASP A 1118 -52.13 -88.77 -7.51
CA ASP A 1118 -51.51 -88.04 -8.60
C ASP A 1118 -51.38 -86.55 -8.32
N ASN A 1119 -51.64 -86.12 -7.08
CA ASN A 1119 -51.24 -84.79 -6.62
C ASN A 1119 -50.36 -84.90 -5.38
N THR A 1120 -49.90 -86.10 -5.06
CA THR A 1120 -48.94 -86.35 -4.00
C THR A 1120 -47.88 -87.32 -4.52
N PHE A 1121 -46.71 -87.29 -3.88
CA PHE A 1121 -45.65 -88.24 -4.19
C PHE A 1121 -45.18 -88.88 -2.89
N VAL A 1122 -44.59 -90.07 -3.00
CA VAL A 1122 -44.25 -90.89 -1.86
C VAL A 1122 -42.74 -91.00 -1.74
N SER A 1123 -42.25 -91.00 -0.50
CA SER A 1123 -40.82 -91.21 -0.24
C SER A 1123 -40.66 -91.73 1.18
N GLY A 1124 -40.10 -92.92 1.33
CA GLY A 1124 -39.77 -93.45 2.63
C GLY A 1124 -40.96 -94.05 3.36
N ASN A 1125 -40.68 -94.60 4.54
CA ASN A 1125 -41.72 -95.15 5.39
C ASN A 1125 -42.33 -94.03 6.22
N CYS A 1126 -43.18 -94.39 7.19
CA CYS A 1126 -43.95 -93.44 7.97
C CYS A 1126 -43.27 -93.10 9.30
N ASP A 1127 -42.07 -93.62 9.55
CA ASP A 1127 -41.46 -93.57 10.86
C ASP A 1127 -40.47 -92.43 11.06
N VAL A 1128 -40.16 -91.64 10.04
CA VAL A 1128 -39.10 -90.65 10.15
C VAL A 1128 -39.63 -89.21 10.22
N VAL A 1129 -40.64 -88.86 9.42
CA VAL A 1129 -41.19 -87.51 9.48
C VAL A 1129 -41.98 -87.35 10.77
N ILE A 1130 -41.78 -86.23 11.44
CA ILE A 1130 -42.46 -85.92 12.69
C ILE A 1130 -43.60 -84.96 12.39
N GLY A 1131 -44.82 -85.40 12.64
CA GLY A 1131 -46.00 -84.60 12.32
C GLY A 1131 -46.93 -85.25 11.33
N ILE A 1132 -46.58 -86.46 10.89
CA ILE A 1132 -47.42 -87.18 9.94
C ILE A 1132 -48.79 -87.45 10.56
N VAL A 1133 -49.83 -87.42 9.73
CA VAL A 1133 -51.16 -87.79 10.16
C VAL A 1133 -51.64 -88.99 9.33
N ASN A 1134 -52.28 -89.94 10.01
CA ASN A 1134 -52.88 -91.09 9.36
C ASN A 1134 -54.11 -90.63 8.57
N ASN A 1135 -54.16 -90.99 7.29
CA ASN A 1135 -55.31 -90.68 6.45
C ASN A 1135 -55.19 -91.48 5.17
N THR A 1136 -56.20 -91.39 4.31
CA THR A 1136 -56.29 -92.19 3.10
C THR A 1136 -55.91 -91.36 1.88
N VAL A 1137 -55.36 -92.04 0.89
CA VAL A 1137 -54.94 -91.42 -0.38
C VAL A 1137 -55.66 -92.17 -1.49
N TYR A 1138 -56.75 -91.59 -1.99
CA TYR A 1138 -57.51 -92.20 -3.07
C TYR A 1138 -56.66 -92.33 -4.32
N ASP A 1139 -56.79 -93.47 -5.00
CA ASP A 1139 -56.10 -93.67 -6.26
C ASP A 1139 -57.10 -94.00 -7.35
N PRO A 1140 -56.98 -93.34 -8.52
CA PRO A 1140 -58.00 -93.45 -9.57
C PRO A 1140 -57.85 -94.69 -10.47
N LEU A 1141 -57.66 -95.85 -9.83
CA LEU A 1141 -57.58 -97.09 -10.59
C LEU A 1141 -58.53 -98.15 -10.03
N GLN A 1142 -58.72 -98.15 -8.70
CA GLN A 1142 -59.55 -99.18 -8.08
C GLN A 1142 -60.96 -99.24 -8.66
N PRO A 1143 -61.70 -98.13 -8.78
CA PRO A 1143 -63.03 -98.22 -9.39
C PRO A 1143 -63.00 -98.68 -10.84
N GLU A 1144 -61.97 -98.28 -11.60
CA GLU A 1144 -61.89 -98.67 -13.01
C GLU A 1144 -61.66 -100.17 -13.15
N LEU A 1145 -60.90 -100.76 -12.24
CA LEU A 1145 -60.66 -102.19 -12.25
C LEU A 1145 -61.85 -102.93 -11.67
N ASP A 1146 -62.80 -102.19 -11.10
CA ASP A 1146 -63.99 -102.78 -10.51
C ASP A 1146 -65.25 -102.25 -11.19
N GLN B 14 42.17 -17.76 45.02
CA GLN B 14 42.20 -19.20 45.16
C GLN B 14 42.71 -19.79 43.85
N CYS B 15 41.83 -20.54 43.22
CA CYS B 15 41.90 -20.84 41.79
C CYS B 15 43.09 -21.75 41.46
N VAL B 16 43.13 -22.87 42.18
CA VAL B 16 44.10 -23.93 41.89
C VAL B 16 43.69 -24.64 40.61
N ASN B 17 44.69 -24.96 39.78
CA ASN B 17 44.47 -25.68 38.53
C ASN B 17 44.95 -27.11 38.65
N LEU B 18 44.16 -28.06 38.16
CA LEU B 18 44.43 -29.48 38.33
C LEU B 18 44.61 -30.25 37.04
N THR B 19 44.10 -29.75 35.90
CA THR B 19 44.16 -30.52 34.66
C THR B 19 45.58 -30.51 34.10
N THR B 20 46.46 -31.33 34.67
CA THR B 20 47.85 -31.38 34.24
C THR B 20 47.99 -31.88 32.80
N ARG B 21 47.65 -33.15 32.55
CA ARG B 21 47.85 -33.72 31.23
C ARG B 21 46.72 -34.63 30.74
N THR B 22 45.79 -35.06 31.58
CA THR B 22 44.77 -36.00 31.16
C THR B 22 44.00 -35.46 29.95
N GLN B 23 44.18 -36.13 28.81
CA GLN B 23 43.60 -35.71 27.54
C GLN B 23 42.99 -36.94 26.85
N LEU B 24 42.20 -37.70 27.61
CA LEU B 24 41.64 -38.93 27.09
C LEU B 24 40.59 -38.63 26.02
N PRO B 25 40.47 -39.49 25.01
CA PRO B 25 39.40 -39.33 24.03
C PRO B 25 38.03 -39.49 24.69
N PRO B 26 37.02 -38.78 24.21
CA PRO B 26 35.70 -38.86 24.85
C PRO B 26 35.09 -40.25 24.71
N ALA B 27 34.53 -40.73 25.83
CA ALA B 27 33.81 -41.99 25.87
C ALA B 27 32.31 -41.72 25.80
N TYR B 28 31.62 -42.53 25.00
CA TYR B 28 30.19 -42.36 24.75
C TYR B 28 29.43 -43.54 25.30
N THR B 29 28.24 -43.28 25.84
CA THR B 29 27.32 -44.33 26.22
C THR B 29 25.96 -44.08 25.55
N ASN B 30 24.98 -44.93 25.81
CA ASN B 30 23.71 -44.91 25.09
C ASN B 30 22.61 -44.39 26.00
N SER B 31 21.92 -43.34 25.56
CA SER B 31 20.77 -42.79 26.26
C SER B 31 19.51 -43.28 25.57
N PHE B 32 18.94 -44.36 26.09
CA PHE B 32 17.92 -45.14 25.38
C PHE B 32 16.65 -44.35 25.11
N THR B 33 15.91 -44.04 26.17
CA THR B 33 14.66 -43.27 26.11
C THR B 33 14.72 -42.33 27.30
N ARG B 34 15.31 -41.16 27.09
CA ARG B 34 15.82 -40.39 28.20
C ARG B 34 15.81 -38.91 27.86
N GLY B 35 15.74 -38.09 28.89
CA GLY B 35 15.71 -36.64 28.69
C GLY B 35 14.46 -36.14 28.01
N VAL B 36 13.30 -36.63 28.42
CA VAL B 36 12.02 -36.19 27.87
C VAL B 36 11.32 -35.39 28.96
N TYR B 37 11.02 -34.14 28.67
CA TYR B 37 10.44 -33.22 29.64
C TYR B 37 9.06 -32.77 29.18
N TYR B 38 8.30 -32.17 30.10
CA TYR B 38 7.00 -31.61 29.79
C TYR B 38 7.19 -30.29 29.03
N PRO B 39 7.01 -30.27 27.72
CA PRO B 39 7.28 -29.05 26.96
C PRO B 39 6.07 -28.13 26.87
N ASP B 40 5.35 -27.94 27.97
CA ASP B 40 4.10 -27.19 27.98
C ASP B 40 3.67 -26.93 29.42
N LYS B 41 2.89 -25.87 29.59
CA LYS B 41 2.15 -25.60 30.81
C LYS B 41 0.78 -26.28 30.77
N VAL B 42 0.59 -27.18 29.81
CA VAL B 42 -0.72 -27.69 29.44
C VAL B 42 -0.95 -29.04 30.09
N PHE B 43 -2.05 -29.17 30.82
CA PHE B 43 -2.53 -30.48 31.25
C PHE B 43 -3.27 -31.16 30.11
N ARG B 44 -3.03 -32.45 29.95
CA ARG B 44 -3.67 -33.22 28.90
C ARG B 44 -4.06 -34.59 29.43
N SER B 45 -5.32 -34.95 29.21
CA SER B 45 -5.82 -36.27 29.57
C SER B 45 -5.36 -37.27 28.53
N SER B 46 -5.96 -38.46 28.48
CA SER B 46 -5.38 -39.53 27.68
C SER B 46 -5.44 -39.18 26.20
N VAL B 47 -4.38 -38.54 25.71
CA VAL B 47 -4.25 -38.15 24.32
C VAL B 47 -2.82 -38.45 23.88
N LEU B 48 -2.63 -38.61 22.57
CA LEU B 48 -1.31 -38.73 21.98
C LEU B 48 -1.03 -37.44 21.22
N HIS B 49 -0.20 -36.58 21.81
CA HIS B 49 0.07 -35.26 21.26
C HIS B 49 1.40 -35.28 20.53
N SER B 50 1.49 -34.51 19.44
CA SER B 50 2.71 -34.40 18.65
C SER B 50 3.37 -33.07 18.97
N THR B 51 4.54 -33.11 19.58
CA THR B 51 5.27 -31.91 19.96
C THR B 51 6.53 -31.77 19.12
N GLN B 52 6.80 -30.53 18.70
CA GLN B 52 7.96 -30.18 17.88
C GLN B 52 8.84 -29.24 18.71
N ASP B 53 9.81 -29.79 19.40
CA ASP B 53 10.61 -29.03 20.36
C ASP B 53 12.05 -29.53 20.30
N LEU B 54 12.92 -28.91 21.09
CA LEU B 54 14.29 -29.36 21.23
C LEU B 54 14.32 -30.53 22.21
N PHE B 55 14.68 -31.71 21.69
CA PHE B 55 14.64 -32.93 22.49
C PHE B 55 15.98 -33.65 22.36
N LEU B 56 16.16 -34.66 23.21
CA LEU B 56 17.33 -35.53 23.12
C LEU B 56 16.93 -36.77 22.35
N PRO B 57 17.45 -36.98 21.13
CA PRO B 57 17.01 -38.13 20.32
C PRO B 57 17.26 -39.44 21.03
N PHE B 58 16.33 -40.37 20.84
CA PHE B 58 16.45 -41.68 21.47
C PHE B 58 17.65 -42.45 20.93
N PHE B 59 18.24 -43.26 21.80
CA PHE B 59 19.35 -44.14 21.44
C PHE B 59 20.50 -43.35 20.82
N SER B 60 20.82 -42.22 21.44
CA SER B 60 21.90 -41.36 20.99
C SER B 60 23.12 -41.54 21.88
N ASN B 61 24.27 -41.11 21.38
CA ASN B 61 25.54 -41.21 22.10
C ASN B 61 25.72 -39.96 22.95
N VAL B 62 25.73 -40.15 24.27
CA VAL B 62 25.96 -39.07 25.23
C VAL B 62 27.35 -39.24 25.81
N THR B 63 28.14 -38.17 25.78
CA THR B 63 29.51 -38.24 26.28
C THR B 63 29.52 -38.61 27.76
N TRP B 64 30.45 -39.48 28.13
CA TRP B 64 30.50 -40.04 29.48
C TRP B 64 31.77 -39.58 30.18
N PHE B 65 31.60 -38.98 31.36
CA PHE B 65 32.71 -38.53 32.20
C PHE B 65 32.64 -39.29 33.52
N HIS B 66 33.76 -39.83 33.96
CA HIS B 66 33.85 -40.55 35.22
C HIS B 66 35.13 -40.17 35.96
N ALA B 67 35.37 -40.88 37.06
CA ALA B 67 36.48 -40.55 37.96
C ALA B 67 37.81 -41.16 37.53
N ILE B 68 37.83 -41.90 36.42
CA ILE B 68 39.01 -42.64 35.94
C ILE B 68 39.84 -43.23 37.09
N ARG B 78 41.92 -37.27 37.21
CA ARG B 78 40.58 -37.60 37.71
C ARG B 78 39.58 -36.52 37.33
N PHE B 79 38.51 -36.93 36.63
CA PHE B 79 37.43 -36.03 36.23
C PHE B 79 37.96 -34.84 35.43
N ASP B 80 38.43 -35.16 34.21
CA ASP B 80 38.91 -34.14 33.28
C ASP B 80 38.08 -32.86 33.34
N ASN B 81 36.75 -33.00 33.29
CA ASN B 81 35.82 -31.91 33.58
C ASN B 81 36.12 -30.67 32.73
N PRO B 82 35.96 -30.76 31.41
CA PRO B 82 36.29 -29.63 30.54
C PRO B 82 35.09 -28.70 30.36
N VAL B 83 35.37 -27.56 29.72
CA VAL B 83 34.30 -26.68 29.29
C VAL B 83 33.61 -27.28 28.08
N LEU B 84 32.30 -27.40 28.15
CA LEU B 84 31.54 -28.05 27.09
C LEU B 84 30.62 -27.06 26.40
N PRO B 85 30.48 -27.13 25.08
CA PRO B 85 29.58 -26.21 24.38
C PRO B 85 28.14 -26.42 24.80
N PHE B 86 27.41 -25.32 24.95
CA PHE B 86 25.99 -25.33 25.29
C PHE B 86 25.24 -25.05 23.98
N ASN B 87 25.15 -26.08 23.13
CA ASN B 87 24.77 -25.89 21.74
C ASN B 87 23.37 -25.31 21.58
N ASP B 88 22.35 -26.08 21.96
CA ASP B 88 20.97 -25.60 21.98
C ASP B 88 20.34 -25.75 23.34
N GLY B 89 21.03 -26.39 24.28
CA GLY B 89 20.45 -26.86 25.52
C GLY B 89 20.91 -28.28 25.71
N VAL B 90 21.18 -28.68 26.95
CA VAL B 90 21.83 -29.96 27.20
C VAL B 90 21.00 -30.78 28.17
N TYR B 91 21.27 -32.08 28.16
CA TYR B 91 20.72 -33.02 29.13
C TYR B 91 21.86 -33.45 30.04
N PHE B 92 21.58 -33.53 31.34
CA PHE B 92 22.60 -33.81 32.34
C PHE B 92 22.07 -34.83 33.33
N ALA B 93 22.81 -35.92 33.50
CA ALA B 93 22.47 -36.96 34.46
C ALA B 93 23.70 -37.30 35.28
N SER B 94 23.49 -37.82 36.49
CA SER B 94 24.59 -38.22 37.34
C SER B 94 24.13 -39.34 38.26
N THR B 95 24.96 -40.36 38.41
CA THR B 95 24.64 -41.47 39.32
C THR B 95 24.91 -41.04 40.76
N GLU B 96 26.18 -40.79 41.09
CA GLU B 96 26.55 -39.88 42.17
C GLU B 96 25.91 -40.28 43.51
N LYS B 97 26.36 -41.39 44.06
CA LYS B 97 25.80 -41.86 45.32
C LYS B 97 26.12 -40.94 46.51
N SER B 98 26.99 -39.95 46.33
CA SER B 98 27.24 -38.92 47.34
C SER B 98 27.33 -37.57 46.66
N ASN B 99 27.08 -36.49 47.42
CA ASN B 99 26.89 -35.19 46.81
C ASN B 99 28.21 -34.65 46.25
N ILE B 100 28.55 -35.10 45.04
CA ILE B 100 29.82 -34.76 44.41
C ILE B 100 29.61 -33.73 43.31
N ILE B 101 28.61 -33.95 42.47
CA ILE B 101 28.16 -32.90 41.54
C ILE B 101 27.48 -31.83 42.38
N ARG B 102 27.85 -30.57 42.16
CA ARG B 102 27.35 -29.49 43.00
C ARG B 102 26.77 -28.32 42.24
N GLY B 103 27.04 -28.19 40.94
CA GLY B 103 26.49 -27.08 40.20
C GLY B 103 27.18 -26.88 38.87
N TRP B 104 26.83 -25.77 38.23
CA TRP B 104 27.24 -25.51 36.85
C TRP B 104 27.53 -24.02 36.72
N ILE B 105 28.40 -23.68 35.76
CA ILE B 105 28.88 -22.31 35.62
C ILE B 105 28.58 -21.75 34.23
N PHE B 106 27.40 -22.06 33.70
CA PHE B 106 26.97 -21.63 32.37
C PHE B 106 27.44 -20.21 32.04
N GLY B 107 27.93 -20.03 30.83
CA GLY B 107 28.37 -18.71 30.41
C GLY B 107 28.67 -18.68 28.92
N THR B 108 29.22 -17.55 28.49
CA THR B 108 29.65 -17.37 27.11
C THR B 108 31.18 -17.33 27.01
N THR B 109 31.82 -16.69 27.99
CA THR B 109 33.27 -16.56 28.02
C THR B 109 33.89 -17.12 29.29
N LEU B 110 33.10 -17.28 30.35
CA LEU B 110 33.60 -17.76 31.65
C LEU B 110 34.70 -16.85 32.16
N ASP B 111 34.54 -15.55 31.92
CA ASP B 111 35.55 -14.55 32.23
C ASP B 111 34.85 -13.21 32.41
N SER B 112 35.58 -12.24 32.96
CA SER B 112 35.02 -10.92 33.16
C SER B 112 34.65 -10.28 31.82
N LYS B 113 33.98 -9.13 31.90
CA LYS B 113 33.47 -8.38 30.76
C LYS B 113 32.29 -9.11 30.11
N THR B 114 31.89 -10.24 30.67
CA THR B 114 30.70 -10.98 30.25
C THR B 114 30.00 -11.51 31.48
N GLN B 115 28.69 -11.28 31.58
CA GLN B 115 27.91 -11.87 32.66
C GLN B 115 27.77 -13.37 32.45
N SER B 116 27.88 -14.12 33.54
CA SER B 116 27.79 -15.58 33.49
C SER B 116 27.04 -16.09 34.70
N LEU B 117 26.40 -17.24 34.51
CA LEU B 117 25.50 -17.82 35.51
C LEU B 117 26.26 -18.83 36.36
N LEU B 118 25.89 -18.91 37.64
CA LEU B 118 26.46 -19.87 38.57
C LEU B 118 25.33 -20.48 39.39
N ILE B 119 25.29 -21.81 39.43
CA ILE B 119 24.31 -22.56 40.22
C ILE B 119 25.09 -23.45 41.19
N VAL B 120 24.76 -23.35 42.47
CA VAL B 120 25.41 -24.15 43.51
C VAL B 120 24.40 -24.45 44.61
N ASN B 121 24.39 -25.69 45.09
CA ASN B 121 23.59 -26.08 46.24
C ASN B 121 24.48 -26.71 47.31
N ASN B 122 24.32 -26.27 48.55
CA ASN B 122 25.28 -26.67 49.58
C ASN B 122 24.93 -28.05 50.15
N ALA B 123 23.92 -28.09 51.01
CA ALA B 123 23.25 -29.33 51.38
C ALA B 123 21.78 -29.05 51.61
N THR B 124 21.45 -27.76 51.77
CA THR B 124 20.12 -27.35 52.18
C THR B 124 19.65 -26.07 51.48
N ASN B 125 20.43 -25.55 50.53
CA ASN B 125 20.06 -24.34 49.83
C ASN B 125 20.75 -24.33 48.47
N VAL B 126 20.06 -23.81 47.47
CA VAL B 126 20.63 -23.60 46.14
C VAL B 126 20.83 -22.10 45.97
N VAL B 127 21.99 -21.71 45.44
CA VAL B 127 22.33 -20.32 45.22
C VAL B 127 22.56 -20.12 43.73
N ILE B 128 21.84 -19.16 43.15
CA ILE B 128 21.93 -18.84 41.74
C ILE B 128 22.35 -17.39 41.60
N LYS B 129 23.34 -17.14 40.75
CA LYS B 129 23.89 -15.80 40.55
C LYS B 129 24.18 -15.62 39.08
N VAL B 130 24.03 -14.39 38.60
CA VAL B 130 24.42 -14.03 37.24
C VAL B 130 25.34 -12.83 37.38
N CYS B 131 26.64 -13.07 37.55
CA CYS B 131 27.58 -12.02 37.84
C CYS B 131 28.65 -11.99 36.75
N GLU B 132 29.49 -10.96 36.80
CA GLU B 132 30.68 -10.92 35.95
C GLU B 132 31.79 -11.70 36.65
N PHE B 133 31.58 -13.01 36.73
CA PHE B 133 32.50 -13.89 37.42
C PHE B 133 33.86 -13.88 36.73
N GLN B 134 34.87 -14.31 37.48
CA GLN B 134 36.23 -14.43 36.96
C GLN B 134 36.62 -15.89 37.05
N PHE B 135 35.74 -16.75 36.53
CA PHE B 135 35.88 -18.20 36.65
C PHE B 135 37.28 -18.68 36.34
N CYS B 136 37.66 -19.78 36.98
CA CYS B 136 38.98 -20.34 36.80
C CYS B 136 39.02 -21.26 35.60
N ASN B 137 40.10 -22.03 35.51
CA ASN B 137 40.20 -23.03 34.45
C ASN B 137 39.76 -24.40 34.96
N ASP B 138 39.83 -24.63 36.27
CA ASP B 138 39.30 -25.84 36.90
C ASP B 138 38.54 -25.46 38.17
N PRO B 139 37.35 -24.88 38.03
CA PRO B 139 36.58 -24.52 39.22
C PRO B 139 35.95 -25.75 39.88
N PHE B 140 36.07 -25.82 41.20
CA PHE B 140 35.47 -26.90 41.98
C PHE B 140 35.27 -26.39 43.41
N LEU B 141 34.82 -27.30 44.28
CA LEU B 141 34.53 -26.96 45.67
C LEU B 141 35.17 -27.99 46.59
N GLY B 142 36.09 -27.54 47.44
CA GLY B 142 36.65 -28.43 48.44
C GLY B 142 35.65 -28.76 49.52
N VAL B 143 35.77 -29.97 50.08
CA VAL B 143 34.88 -30.43 51.14
C VAL B 143 35.75 -30.92 52.30
N TYR B 144 35.44 -30.44 53.51
CA TYR B 144 36.16 -30.85 54.70
C TYR B 144 35.17 -31.16 55.81
N TYR B 145 35.40 -32.27 56.52
CA TYR B 145 34.61 -32.65 57.68
C TYR B 145 35.40 -32.33 58.93
N HIS B 146 34.86 -31.42 59.75
CA HIS B 146 35.46 -31.17 61.06
C HIS B 146 35.22 -32.36 61.97
N LYS B 147 36.19 -32.65 62.83
CA LYS B 147 36.08 -33.80 63.72
C LYS B 147 35.03 -33.61 64.81
N ASN B 148 34.65 -32.36 65.11
CA ASN B 148 33.65 -32.13 66.13
C ASN B 148 32.29 -32.69 65.73
N ASN B 149 31.90 -32.49 64.48
CA ASN B 149 30.61 -32.94 63.96
C ASN B 149 30.85 -33.40 62.52
N LYS B 150 30.91 -34.73 62.33
CA LYS B 150 31.38 -35.27 61.06
C LYS B 150 30.49 -34.83 59.90
N SER B 151 29.17 -34.85 60.08
CA SER B 151 28.25 -34.39 59.06
C SER B 151 28.23 -32.86 59.06
N TRP B 152 29.32 -32.28 58.54
CA TRP B 152 29.51 -30.84 58.51
C TRP B 152 29.57 -30.29 57.10
N MET B 153 30.43 -30.85 56.24
CA MET B 153 30.61 -30.39 54.87
C MET B 153 30.98 -28.91 54.82
N GLU B 154 32.12 -28.58 55.42
CA GLU B 154 32.64 -27.22 55.31
C GLU B 154 33.19 -27.05 53.89
N SER B 155 32.41 -26.39 53.05
CA SER B 155 32.74 -26.30 51.63
C SER B 155 33.41 -24.97 51.33
N GLU B 156 34.60 -25.04 50.72
CA GLU B 156 35.34 -23.86 50.30
C GLU B 156 35.17 -23.68 48.80
N PHE B 157 34.95 -22.43 48.38
CA PHE B 157 34.63 -22.11 47.00
C PHE B 157 35.91 -21.87 46.21
N ARG B 158 36.15 -22.70 45.22
CA ARG B 158 37.28 -22.56 44.30
C ARG B 158 36.77 -22.34 42.88
N VAL B 159 35.69 -21.56 42.75
CA VAL B 159 35.02 -21.40 41.47
C VAL B 159 35.51 -20.14 40.76
N TYR B 160 35.63 -19.04 41.49
CA TYR B 160 35.98 -17.75 40.91
C TYR B 160 36.96 -17.02 41.82
N SER B 161 37.64 -16.04 41.23
CA SER B 161 38.45 -15.10 42.00
C SER B 161 37.74 -13.79 42.29
N SER B 162 37.01 -13.25 41.31
CA SER B 162 36.26 -12.01 41.49
C SER B 162 34.82 -12.24 41.06
N ALA B 163 33.89 -11.52 41.72
CA ALA B 163 32.47 -11.64 41.42
C ALA B 163 31.78 -10.34 41.85
N ASN B 164 31.41 -9.51 40.87
CA ASN B 164 30.82 -8.21 41.16
C ASN B 164 30.03 -7.72 39.96
N ASN B 165 29.28 -6.63 40.16
CA ASN B 165 28.52 -5.94 39.12
C ASN B 165 27.51 -6.89 38.46
N CYS B 166 26.51 -7.28 39.25
CA CYS B 166 25.58 -8.28 38.77
C CYS B 166 24.15 -8.06 39.23
N THR B 167 23.24 -8.68 38.48
CA THR B 167 21.82 -8.35 38.45
C THR B 167 20.91 -9.39 39.07
N PHE B 168 21.23 -10.67 38.97
CA PHE B 168 20.34 -11.72 39.42
C PHE B 168 20.93 -12.42 40.63
N GLU B 169 20.07 -12.81 41.57
CA GLU B 169 20.48 -13.61 42.73
C GLU B 169 19.23 -14.28 43.29
N TYR B 170 19.20 -15.60 43.23
CA TYR B 170 18.04 -16.38 43.63
C TYR B 170 18.46 -17.48 44.59
N VAL B 171 17.62 -17.75 45.58
CA VAL B 171 17.89 -18.75 46.61
C VAL B 171 16.61 -19.56 46.81
N SER B 172 16.77 -20.88 46.97
CA SER B 172 15.63 -21.76 47.18
C SER B 172 16.11 -23.02 47.91
N GLN B 173 15.22 -24.00 48.01
CA GLN B 173 15.58 -25.32 48.45
C GLN B 173 16.41 -26.01 47.37
N PRO B 174 17.43 -26.78 47.74
CA PRO B 174 18.40 -27.26 46.74
C PRO B 174 17.74 -28.16 45.70
N PHE B 175 18.27 -28.10 44.48
CA PHE B 175 17.79 -28.97 43.42
C PHE B 175 18.00 -30.44 43.78
N LEU B 176 19.21 -30.77 44.21
CA LEU B 176 19.63 -32.16 44.38
C LEU B 176 19.35 -32.67 45.79
N LYS B 187 21.20 -45.60 43.07
CA LYS B 187 22.28 -44.74 43.56
C LYS B 187 21.93 -43.27 43.41
N ASN B 188 20.64 -42.96 43.43
CA ASN B 188 20.13 -41.59 43.31
C ASN B 188 20.54 -40.95 41.98
N LEU B 189 20.03 -41.53 40.90
CA LEU B 189 20.16 -40.89 39.59
C LEU B 189 19.40 -39.58 39.57
N ARG B 190 20.03 -38.55 39.03
CA ARG B 190 19.46 -37.21 38.98
C ARG B 190 19.66 -36.63 37.59
N GLU B 191 18.55 -36.25 36.95
CA GLU B 191 18.56 -35.84 35.56
C GLU B 191 18.17 -34.38 35.45
N PHE B 192 18.75 -33.67 34.49
CA PHE B 192 18.48 -32.26 34.28
C PHE B 192 18.43 -31.96 32.79
N VAL B 193 17.67 -30.92 32.45
CA VAL B 193 17.68 -30.34 31.11
C VAL B 193 17.79 -28.84 31.29
N PHE B 194 18.82 -28.25 30.71
CA PHE B 194 18.98 -26.79 30.69
C PHE B 194 18.78 -26.30 29.26
N LYS B 195 18.06 -25.20 29.12
CA LYS B 195 17.81 -24.63 27.80
C LYS B 195 17.55 -23.14 27.94
N ASN B 196 18.02 -22.38 26.96
CA ASN B 196 18.06 -20.92 27.02
C ASN B 196 17.27 -20.37 25.82
N ILE B 197 15.99 -20.13 26.03
CA ILE B 197 15.11 -19.59 25.01
C ILE B 197 14.65 -18.20 25.42
N ASP B 198 14.68 -17.27 24.47
CA ASP B 198 14.14 -15.91 24.54
C ASP B 198 14.27 -15.26 25.93
N GLY B 199 15.50 -15.19 26.43
CA GLY B 199 15.77 -14.46 27.66
C GLY B 199 15.48 -15.21 28.94
N TYR B 200 15.04 -16.46 28.87
CA TYR B 200 14.73 -17.25 30.05
C TYR B 200 15.60 -18.51 30.07
N PHE B 201 16.07 -18.87 31.26
CA PHE B 201 16.90 -20.06 31.44
C PHE B 201 16.06 -21.09 32.18
N LYS B 202 15.66 -22.15 31.47
CA LYS B 202 14.72 -23.14 31.97
C LYS B 202 15.46 -24.38 32.45
N ILE B 203 15.04 -24.90 33.60
CA ILE B 203 15.63 -26.09 34.20
C ILE B 203 14.52 -27.09 34.45
N TYR B 204 14.73 -28.33 34.02
CA TYR B 204 13.84 -29.44 34.30
C TYR B 204 14.64 -30.50 35.05
N SER B 205 14.01 -31.18 36.01
CA SER B 205 14.72 -32.19 36.78
C SER B 205 13.82 -33.37 37.05
N LYS B 206 14.45 -34.51 37.35
CA LYS B 206 13.74 -35.71 37.75
C LYS B 206 14.72 -36.58 38.51
N HIS B 207 14.37 -36.94 39.74
CA HIS B 207 15.28 -37.61 40.65
C HIS B 207 14.78 -39.04 40.88
N THR B 208 15.58 -40.02 40.44
CA THR B 208 15.13 -41.40 40.40
C THR B 208 16.12 -42.30 41.14
N PRO B 209 15.65 -43.18 42.01
CA PRO B 209 16.53 -44.20 42.60
C PRO B 209 16.70 -45.37 41.65
N ILE B 210 17.94 -45.63 41.25
CA ILE B 210 18.25 -46.67 40.27
C ILE B 210 19.01 -47.81 40.92
N ASN B 211 19.03 -48.95 40.25
CA ASN B 211 19.82 -50.11 40.63
C ASN B 211 20.82 -50.54 39.55
N LEU B 212 20.78 -49.89 38.38
CA LEU B 212 21.52 -50.39 37.23
C LEU B 212 23.03 -50.28 37.48
N VAL B 213 23.79 -51.04 36.68
CA VAL B 213 25.20 -51.25 36.99
C VAL B 213 26.01 -49.97 36.80
N ARG B 214 26.09 -49.47 35.58
CA ARG B 214 26.93 -48.30 35.36
C ARG B 214 26.24 -47.18 34.60
N ASP B 215 25.43 -47.50 33.60
CA ASP B 215 24.93 -46.50 32.67
C ASP B 215 23.47 -46.16 32.97
N LEU B 216 22.86 -45.39 32.08
CA LEU B 216 21.50 -44.92 32.30
C LEU B 216 20.52 -46.07 32.19
N PRO B 217 19.44 -46.06 32.98
CA PRO B 217 18.46 -47.16 32.91
C PRO B 217 17.63 -47.10 31.64
N GLN B 218 16.65 -48.00 31.52
CA GLN B 218 15.89 -48.15 30.29
C GLN B 218 14.44 -47.69 30.40
N GLY B 219 13.86 -47.70 31.59
CA GLY B 219 12.49 -47.25 31.77
C GLY B 219 12.30 -45.79 31.44
N PHE B 220 11.13 -45.44 30.91
CA PHE B 220 10.86 -44.06 30.53
C PHE B 220 10.46 -43.25 31.76
N SER B 221 10.94 -42.02 31.84
CA SER B 221 10.60 -41.11 32.92
C SER B 221 10.65 -39.69 32.40
N ALA B 222 9.67 -38.88 32.80
CA ALA B 222 9.47 -37.54 32.24
C ALA B 222 9.99 -36.49 33.22
N LEU B 223 10.86 -35.62 32.73
CA LEU B 223 11.37 -34.52 33.54
C LEU B 223 10.32 -33.41 33.64
N GLU B 224 10.26 -32.79 34.81
CA GLU B 224 9.29 -31.74 35.08
C GLU B 224 10.00 -30.53 35.67
N PRO B 225 9.70 -29.34 35.18
CA PRO B 225 10.58 -28.18 35.43
C PRO B 225 10.62 -27.76 36.89
N LEU B 226 11.78 -27.21 37.27
CA LEU B 226 11.99 -26.65 38.60
C LEU B 226 11.73 -25.16 38.61
N VAL B 227 12.47 -24.41 37.80
CA VAL B 227 12.48 -22.96 37.84
C VAL B 227 12.53 -22.42 36.42
N ASP B 228 12.25 -21.12 36.29
CA ASP B 228 12.35 -20.42 35.00
C ASP B 228 12.91 -19.04 35.32
N LEU B 229 14.24 -18.91 35.27
CA LEU B 229 14.91 -17.69 35.67
C LEU B 229 14.94 -16.70 34.51
N PRO B 230 14.50 -15.45 34.71
CA PRO B 230 14.61 -14.45 33.63
C PRO B 230 16.00 -13.86 33.55
N ILE B 231 16.97 -14.66 33.14
CA ILE B 231 18.36 -14.19 33.12
C ILE B 231 18.58 -13.24 31.95
N GLY B 232 18.35 -13.72 30.73
CA GLY B 232 18.45 -12.85 29.57
C GLY B 232 19.84 -12.70 28.99
N ILE B 233 20.79 -13.54 29.37
CA ILE B 233 22.14 -13.46 28.84
C ILE B 233 22.31 -14.49 27.74
N ASN B 234 23.41 -14.35 26.99
CA ASN B 234 23.80 -15.34 26.00
C ASN B 234 24.61 -16.44 26.69
N ILE B 235 24.35 -17.69 26.32
CA ILE B 235 25.09 -18.83 26.84
C ILE B 235 25.52 -19.68 25.66
N THR B 236 26.81 -20.00 25.58
CA THR B 236 27.34 -20.89 24.56
C THR B 236 28.20 -22.02 25.12
N ARG B 237 28.70 -21.90 26.34
CA ARG B 237 29.61 -22.87 26.93
C ARG B 237 29.23 -23.06 28.40
N PHE B 238 29.57 -24.21 28.95
CA PHE B 238 29.26 -24.48 30.35
C PHE B 238 30.25 -25.50 30.91
N GLN B 239 30.18 -25.67 32.22
CA GLN B 239 31.09 -26.57 32.93
C GLN B 239 30.48 -26.93 34.26
N THR B 240 30.55 -28.20 34.62
CA THR B 240 30.05 -28.64 35.91
C THR B 240 31.03 -28.30 37.01
N LEU B 241 30.54 -28.29 38.25
CA LEU B 241 31.34 -28.02 39.44
C LEU B 241 31.37 -29.28 40.29
N LEU B 242 32.56 -29.68 40.72
CA LEU B 242 32.75 -30.90 41.48
C LEU B 242 33.17 -30.59 42.91
N ALA B 243 32.99 -31.58 43.78
CA ALA B 243 33.41 -31.51 45.17
C ALA B 243 34.56 -32.48 45.37
N LEU B 244 35.74 -31.95 45.68
CA LEU B 244 36.95 -32.75 45.82
C LEU B 244 37.52 -32.64 47.22
N HIS B 245 37.82 -33.79 47.81
CA HIS B 245 38.48 -33.89 49.10
C HIS B 245 39.98 -33.60 48.95
N ARG B 246 40.59 -33.15 50.03
CA ARG B 246 42.04 -32.94 50.08
C ARG B 246 42.65 -34.10 50.85
N SER B 247 43.07 -35.14 50.13
CA SER B 247 43.55 -36.37 50.76
C SER B 247 44.92 -36.21 51.41
N TYR B 248 45.85 -35.50 50.76
CA TYR B 248 47.16 -35.24 51.38
C TYR B 248 47.66 -33.89 50.90
N LEU B 249 48.67 -33.38 51.60
CA LEU B 249 49.16 -32.03 51.37
C LEU B 249 50.66 -32.08 51.14
N THR B 250 51.09 -31.88 49.87
CA THR B 250 52.51 -31.62 49.72
C THR B 250 52.76 -30.12 49.77
N PRO B 251 53.84 -29.69 50.45
CA PRO B 251 53.97 -28.28 50.86
C PRO B 251 53.72 -27.25 49.76
N GLY B 252 54.53 -27.24 48.71
CA GLY B 252 54.15 -26.41 47.58
C GLY B 252 53.78 -27.22 46.34
N ASP B 253 52.48 -27.51 46.18
CA ASP B 253 51.92 -27.90 44.90
C ASP B 253 50.58 -27.21 44.71
N SER B 254 49.82 -27.12 45.81
CA SER B 254 48.41 -26.69 45.85
C SER B 254 47.52 -27.69 45.15
N SER B 255 48.11 -28.72 44.53
CA SER B 255 47.41 -29.67 43.68
C SER B 255 47.75 -31.11 44.06
N SER B 256 47.86 -31.38 45.36
CA SER B 256 48.41 -32.66 45.80
C SER B 256 47.35 -33.71 46.05
N GLY B 257 46.45 -33.48 47.01
CA GLY B 257 45.58 -34.53 47.47
C GLY B 257 44.14 -34.43 47.02
N TRP B 258 43.91 -33.83 45.87
CA TRP B 258 42.55 -33.60 45.38
C TRP B 258 41.99 -34.90 44.80
N THR B 259 41.45 -35.72 45.68
CA THR B 259 40.66 -36.87 45.23
C THR B 259 39.31 -36.40 44.72
N ALA B 260 38.70 -37.20 43.86
CA ALA B 260 37.46 -36.81 43.18
C ALA B 260 36.31 -37.78 43.47
N GLY B 261 36.36 -38.45 44.62
CA GLY B 261 35.25 -39.30 45.02
C GLY B 261 35.03 -40.44 44.03
N ALA B 262 33.75 -40.75 43.78
CA ALA B 262 33.40 -41.80 42.82
C ALA B 262 32.01 -41.49 42.28
N ALA B 263 31.95 -40.95 41.06
CA ALA B 263 30.68 -40.58 40.45
C ALA B 263 30.89 -40.55 38.93
N ALA B 264 29.80 -40.31 38.20
CA ALA B 264 29.85 -40.18 36.76
C ALA B 264 28.69 -39.32 36.30
N TYR B 265 28.92 -38.52 35.27
CA TYR B 265 27.90 -37.61 34.74
C TYR B 265 27.98 -37.57 33.23
N TYR B 266 26.84 -37.29 32.60
CA TYR B 266 26.67 -37.41 31.15
C TYR B 266 26.17 -36.08 30.60
N VAL B 267 26.51 -35.80 29.35
CA VAL B 267 26.10 -34.57 28.68
C VAL B 267 25.54 -34.93 27.32
N GLY B 268 24.21 -35.06 27.22
CA GLY B 268 23.54 -35.12 25.96
C GLY B 268 23.25 -33.72 25.44
N TYR B 269 22.82 -33.65 24.18
CA TYR B 269 22.53 -32.39 23.54
C TYR B 269 21.15 -32.42 22.89
N LEU B 270 20.43 -31.32 22.99
CA LEU B 270 19.07 -31.23 22.46
C LEU B 270 19.11 -30.79 21.01
N GLN B 271 18.28 -31.43 20.18
CA GLN B 271 18.15 -31.09 18.77
C GLN B 271 16.69 -30.87 18.44
N PRO B 272 16.38 -30.02 17.45
CA PRO B 272 14.97 -29.79 17.11
C PRO B 272 14.34 -31.00 16.47
N ARG B 273 13.50 -31.71 17.22
CA ARG B 273 12.88 -32.94 16.76
C ARG B 273 11.41 -32.95 17.12
N THR B 274 10.65 -33.73 16.37
CA THR B 274 9.23 -33.93 16.64
C THR B 274 9.08 -35.25 17.39
N PHE B 275 8.45 -35.16 18.57
CA PHE B 275 8.23 -36.37 19.42
C PHE B 275 6.74 -36.56 19.65
N LEU B 276 6.19 -37.70 19.25
CA LEU B 276 4.76 -37.97 19.57
C LEU B 276 4.72 -38.49 21.01
N LEU B 277 4.14 -37.71 21.92
CA LEU B 277 4.17 -38.01 23.38
C LEU B 277 2.92 -38.79 23.77
N LYS B 278 2.92 -39.39 24.96
CA LYS B 278 1.73 -40.14 25.45
C LYS B 278 1.35 -39.59 26.82
N TYR B 279 0.22 -38.89 26.91
CA TYR B 279 -0.23 -38.33 28.20
C TYR B 279 -1.11 -39.35 28.92
N ASN B 280 -0.99 -39.46 30.24
CA ASN B 280 -1.77 -40.41 31.01
C ASN B 280 -3.14 -39.80 31.31
N GLU B 281 -3.94 -40.46 32.16
CA GLU B 281 -5.19 -39.83 32.59
C GLU B 281 -4.92 -38.66 33.52
N ASN B 282 -3.95 -38.79 34.43
CA ASN B 282 -3.61 -37.74 35.36
C ASN B 282 -2.83 -36.59 34.72
N GLY B 283 -2.41 -36.75 33.47
CA GLY B 283 -1.64 -35.71 32.82
C GLY B 283 -0.16 -35.98 32.73
N THR B 284 0.30 -37.14 33.17
CA THR B 284 1.72 -37.47 33.17
C THR B 284 2.12 -38.09 31.83
N ILE B 285 3.25 -37.64 31.30
CA ILE B 285 3.81 -38.28 30.11
C ILE B 285 4.29 -39.67 30.47
N THR B 286 4.06 -40.63 29.58
CA THR B 286 4.39 -42.02 29.85
C THR B 286 5.26 -42.64 28.76
N ASP B 287 5.17 -42.19 27.52
CA ASP B 287 5.91 -42.73 26.40
C ASP B 287 6.16 -41.63 25.38
N ALA B 288 7.06 -41.91 24.45
CA ALA B 288 7.34 -41.02 23.34
C ALA B 288 8.04 -41.79 22.22
N VAL B 289 7.97 -41.24 21.02
CA VAL B 289 8.69 -41.79 19.87
C VAL B 289 9.36 -40.65 19.12
N ASP B 290 10.43 -40.96 18.40
CA ASP B 290 11.03 -39.98 17.51
C ASP B 290 10.22 -39.91 16.22
N CYS B 291 10.60 -39.02 15.30
CA CYS B 291 10.06 -39.03 13.95
C CYS B 291 11.14 -39.29 12.91
N ALA B 292 12.23 -38.53 12.94
CA ALA B 292 13.33 -38.69 12.01
C ALA B 292 14.31 -39.79 12.41
N LEU B 293 13.95 -40.62 13.41
CA LEU B 293 14.79 -41.73 13.80
C LEU B 293 14.98 -42.72 12.66
N ASP B 294 13.89 -43.32 12.22
CA ASP B 294 13.87 -44.33 11.18
C ASP B 294 12.54 -44.23 10.45
N PRO B 295 12.29 -45.01 9.40
CA PRO B 295 10.94 -45.01 8.80
C PRO B 295 9.82 -45.41 9.75
N LEU B 296 10.08 -46.27 10.74
CA LEU B 296 8.99 -46.75 11.59
C LEU B 296 8.54 -45.69 12.59
N SER B 297 9.49 -44.98 13.20
CA SER B 297 9.11 -43.84 14.03
C SER B 297 8.38 -42.80 13.21
N GLU B 298 8.76 -42.66 11.94
CA GLU B 298 8.04 -41.79 11.01
C GLU B 298 6.61 -42.28 10.82
N THR B 299 6.41 -43.60 10.76
CA THR B 299 5.08 -44.17 10.68
C THR B 299 4.25 -43.82 11.92
N LYS B 300 4.84 -44.01 13.09
CA LYS B 300 4.15 -43.70 14.34
C LYS B 300 3.75 -42.24 14.39
N CYS B 301 4.67 -41.34 14.00
CA CYS B 301 4.35 -39.92 13.96
C CYS B 301 3.23 -39.63 12.97
N THR B 302 3.32 -40.19 11.76
CA THR B 302 2.36 -39.88 10.71
C THR B 302 0.96 -40.34 11.11
N LEU B 303 0.85 -41.50 11.74
CA LEU B 303 -0.44 -42.08 12.06
C LEU B 303 -0.96 -41.64 13.43
N LYS B 304 -0.13 -40.99 14.24
CA LYS B 304 -0.52 -40.46 15.55
C LYS B 304 -1.14 -41.54 16.44
N SER B 305 -0.44 -42.67 16.54
CA SER B 305 -0.80 -43.71 17.48
C SER B 305 0.44 -44.51 17.82
N PHE B 306 0.43 -45.12 19.00
CA PHE B 306 1.60 -45.83 19.49
C PHE B 306 1.63 -47.30 19.10
N THR B 307 0.51 -47.86 18.64
CA THR B 307 0.51 -49.20 18.06
C THR B 307 -0.08 -49.08 16.66
N VAL B 308 0.65 -49.58 15.67
CA VAL B 308 0.20 -49.57 14.30
C VAL B 308 -0.19 -51.00 13.93
N GLU B 309 -1.10 -51.11 12.97
CA GLU B 309 -1.62 -52.42 12.57
C GLU B 309 -1.11 -52.75 11.18
N LYS B 310 -1.09 -54.05 10.87
CA LYS B 310 -0.41 -54.54 9.67
C LYS B 310 -0.98 -53.90 8.41
N GLY B 311 -0.09 -53.55 7.49
CA GLY B 311 -0.48 -52.85 6.28
C GLY B 311 0.73 -52.19 5.64
N ILE B 312 0.46 -51.12 4.91
CA ILE B 312 1.50 -50.34 4.24
C ILE B 312 1.07 -48.88 4.25
N TYR B 313 1.92 -48.01 4.79
CA TYR B 313 1.58 -46.62 5.03
C TYR B 313 2.59 -45.70 4.37
N GLN B 314 2.09 -44.69 3.66
CA GLN B 314 2.94 -43.67 3.08
C GLN B 314 3.30 -42.65 4.15
N THR B 315 4.59 -42.32 4.25
CA THR B 315 5.09 -41.44 5.30
C THR B 315 5.60 -40.12 4.76
N SER B 316 6.47 -40.14 3.76
CA SER B 316 7.02 -38.90 3.21
C SER B 316 7.44 -39.15 1.76
N ASN B 317 8.24 -38.24 1.23
CA ASN B 317 8.75 -38.27 -0.13
C ASN B 317 10.27 -38.20 -0.08
N PHE B 318 10.88 -38.06 -1.26
CA PHE B 318 12.33 -37.91 -1.35
C PHE B 318 12.70 -37.36 -2.71
N ARG B 319 13.73 -36.52 -2.74
CA ARG B 319 14.23 -35.95 -3.98
C ARG B 319 15.75 -36.02 -3.97
N VAL B 320 16.33 -36.09 -5.17
CA VAL B 320 17.77 -36.12 -5.33
C VAL B 320 18.28 -34.69 -5.25
N GLN B 321 19.44 -34.50 -4.62
CA GLN B 321 19.94 -33.15 -4.41
C GLN B 321 20.97 -32.77 -5.47
N PRO B 322 20.90 -31.53 -5.96
CA PRO B 322 21.92 -31.05 -6.90
C PRO B 322 23.30 -31.00 -6.24
N THR B 323 24.33 -31.16 -7.08
CA THR B 323 25.69 -31.31 -6.59
C THR B 323 26.59 -30.10 -6.85
N GLU B 324 26.46 -29.42 -7.98
CA GLU B 324 27.34 -28.30 -8.27
C GLU B 324 26.55 -27.17 -8.91
N SER B 325 27.08 -25.96 -8.75
CA SER B 325 26.54 -24.76 -9.39
C SER B 325 27.47 -24.35 -10.52
N ILE B 326 26.92 -24.28 -11.74
CA ILE B 326 27.69 -23.92 -12.91
C ILE B 326 27.15 -22.62 -13.49
N VAL B 327 27.96 -21.57 -13.41
CA VAL B 327 27.60 -20.24 -13.86
C VAL B 327 28.18 -20.02 -15.25
N ARG B 328 27.30 -19.68 -16.21
CA ARG B 328 27.68 -19.56 -17.60
C ARG B 328 27.28 -18.19 -18.14
N PHE B 329 28.22 -17.24 -18.12
CA PHE B 329 27.95 -15.87 -18.60
C PHE B 329 28.86 -15.62 -19.79
N PRO B 330 28.55 -14.71 -20.75
CA PRO B 330 29.47 -14.41 -21.84
C PRO B 330 30.91 -14.21 -21.34
N ASN B 331 31.81 -15.15 -21.65
CA ASN B 331 33.24 -15.03 -21.23
C ASN B 331 33.96 -14.14 -22.23
N ILE B 332 33.31 -13.81 -23.36
CA ILE B 332 33.90 -12.95 -24.44
C ILE B 332 34.74 -13.82 -25.39
N THR B 333 34.30 -13.95 -26.64
CA THR B 333 35.01 -14.71 -27.70
C THR B 333 35.69 -13.73 -28.67
N ASN B 334 34.99 -13.29 -29.71
CA ASN B 334 35.54 -12.24 -30.62
C ASN B 334 35.42 -10.91 -29.87
N LEU B 335 36.36 -10.63 -28.96
CA LEU B 335 36.24 -9.44 -28.08
C LEU B 335 36.17 -8.10 -28.81
N CYS B 336 35.44 -7.14 -28.25
CA CYS B 336 35.39 -5.78 -28.80
C CYS B 336 36.79 -5.19 -28.85
N PRO B 337 37.06 -4.31 -29.81
CA PRO B 337 38.43 -3.81 -30.01
C PRO B 337 38.87 -2.81 -28.95
N PHE B 338 39.07 -3.27 -27.72
CA PHE B 338 39.67 -2.45 -26.68
C PHE B 338 41.20 -2.45 -26.76
N GLY B 339 41.78 -3.33 -27.56
CA GLY B 339 43.21 -3.34 -27.76
C GLY B 339 43.65 -2.41 -28.88
N GLU B 340 42.66 -1.90 -29.63
CA GLU B 340 42.98 -0.92 -30.66
C GLU B 340 42.93 0.51 -30.12
N VAL B 341 42.16 0.74 -29.06
CA VAL B 341 42.10 2.07 -28.47
C VAL B 341 43.14 2.22 -27.35
N PHE B 342 43.14 1.32 -26.37
CA PHE B 342 44.03 1.46 -25.22
C PHE B 342 45.48 1.12 -25.54
N ASN B 343 45.75 0.49 -26.69
CA ASN B 343 47.12 0.14 -27.04
C ASN B 343 47.60 0.84 -28.32
N ALA B 344 46.82 1.77 -28.87
CA ALA B 344 47.20 2.42 -30.11
C ALA B 344 48.53 3.15 -29.97
N THR B 345 49.43 2.91 -30.92
CA THR B 345 50.76 3.51 -30.90
C THR B 345 50.74 4.98 -31.26
N ARG B 346 49.61 5.51 -31.73
CA ARG B 346 49.56 6.89 -32.19
C ARG B 346 48.20 7.47 -31.81
N PHE B 347 48.16 8.22 -30.71
CA PHE B 347 46.94 8.89 -30.29
C PHE B 347 46.72 10.16 -31.11
N ALA B 348 45.67 10.88 -30.79
CA ALA B 348 45.28 12.07 -31.55
C ALA B 348 45.32 13.30 -30.64
N SER B 349 45.39 14.47 -31.26
CA SER B 349 45.35 15.73 -30.55
C SER B 349 43.94 15.99 -30.04
N VAL B 350 43.86 16.76 -28.95
CA VAL B 350 42.61 16.86 -28.21
C VAL B 350 41.54 17.57 -29.04
N TYR B 351 41.93 18.55 -29.85
CA TYR B 351 40.97 19.20 -30.75
C TYR B 351 40.43 18.21 -31.77
N ALA B 352 41.29 17.38 -32.33
CA ALA B 352 40.88 16.33 -33.27
C ALA B 352 40.80 14.99 -32.56
N TRP B 353 39.87 14.90 -31.60
CA TRP B 353 39.77 13.71 -30.77
C TRP B 353 38.99 12.62 -31.51
N ASN B 354 39.47 11.38 -31.39
CA ASN B 354 38.89 10.27 -32.12
C ASN B 354 37.54 9.86 -31.52
N ARG B 355 36.78 9.13 -32.33
CA ARG B 355 35.58 8.42 -31.87
C ARG B 355 35.55 7.06 -32.55
N LYS B 356 35.54 6.00 -31.74
CA LYS B 356 35.34 4.65 -32.25
C LYS B 356 34.05 4.10 -31.66
N ARG B 357 33.02 3.98 -32.49
CA ARG B 357 31.76 3.40 -32.07
C ARG B 357 31.93 1.91 -31.82
N ILE B 358 31.21 1.39 -30.84
CA ILE B 358 31.27 -0.03 -30.46
C ILE B 358 29.85 -0.57 -30.41
N SER B 359 29.60 -1.65 -31.14
CA SER B 359 28.27 -2.24 -31.19
C SER B 359 28.38 -3.69 -31.65
N ASN B 360 27.50 -4.54 -31.09
CA ASN B 360 27.35 -5.92 -31.51
C ASN B 360 28.67 -6.70 -31.44
N CYS B 361 29.37 -6.55 -30.32
CA CYS B 361 30.52 -7.39 -30.00
C CYS B 361 30.47 -7.71 -28.51
N VAL B 362 31.56 -8.28 -28.00
CA VAL B 362 31.61 -8.79 -26.63
C VAL B 362 32.82 -8.21 -25.91
N ALA B 363 32.61 -7.15 -25.15
CA ALA B 363 33.67 -6.34 -24.59
C ALA B 363 34.07 -6.84 -23.21
N ASP B 364 35.30 -7.32 -23.08
CA ASP B 364 35.83 -7.81 -21.81
C ASP B 364 36.36 -6.64 -21.01
N TYR B 365 35.51 -6.09 -20.13
CA TYR B 365 35.92 -4.97 -19.28
C TYR B 365 36.94 -5.36 -18.22
N SER B 366 37.04 -6.65 -17.89
CA SER B 366 37.99 -7.09 -16.86
C SER B 366 39.45 -6.82 -17.25
N VAL B 367 39.72 -6.64 -18.54
CA VAL B 367 41.05 -6.21 -18.97
C VAL B 367 41.36 -4.80 -18.48
N LEU B 368 40.35 -3.94 -18.39
CA LEU B 368 40.56 -2.52 -18.13
C LEU B 368 40.54 -2.19 -16.63
N TYR B 369 39.65 -2.82 -15.87
CA TYR B 369 39.60 -2.52 -14.44
C TYR B 369 40.73 -3.19 -13.68
N ASN B 370 41.25 -4.31 -14.19
CA ASN B 370 42.29 -5.06 -13.48
C ASN B 370 43.64 -4.93 -14.16
N SER B 371 43.96 -3.74 -14.67
CA SER B 371 45.23 -3.50 -15.34
C SER B 371 46.27 -2.84 -14.44
N ALA B 372 45.86 -1.94 -13.55
CA ALA B 372 46.72 -1.31 -12.56
C ALA B 372 47.83 -0.47 -13.20
N SER B 373 47.63 -0.05 -14.45
CA SER B 373 48.53 0.88 -15.10
C SER B 373 47.82 2.19 -15.44
N PHE B 374 46.65 2.44 -14.88
CA PHE B 374 45.82 3.59 -15.21
C PHE B 374 45.90 4.61 -14.08
N SER B 375 46.30 5.84 -14.43
CA SER B 375 46.45 6.87 -13.41
C SER B 375 45.11 7.28 -12.82
N THR B 376 44.13 7.58 -13.67
CA THR B 376 42.81 8.00 -13.23
C THR B 376 41.78 6.99 -13.71
N PHE B 377 40.96 6.50 -12.78
CA PHE B 377 39.86 5.62 -13.17
C PHE B 377 38.68 6.06 -12.29
N LYS B 378 37.94 7.05 -12.79
CA LYS B 378 36.83 7.68 -12.08
C LYS B 378 35.58 7.49 -12.93
N CYS B 379 34.54 6.88 -12.36
CA CYS B 379 33.50 6.39 -13.25
C CYS B 379 32.10 6.73 -12.73
N TYR B 380 31.30 7.36 -13.60
CA TYR B 380 30.10 8.09 -13.20
C TYR B 380 28.78 7.39 -13.51
N GLY B 381 28.82 6.21 -14.12
CA GLY B 381 27.58 5.52 -14.44
C GLY B 381 27.26 4.49 -13.38
N VAL B 382 27.55 3.23 -13.66
CA VAL B 382 27.37 2.16 -12.70
C VAL B 382 28.76 1.78 -12.17
N SER B 383 28.78 1.03 -11.08
CA SER B 383 30.04 0.66 -10.45
C SER B 383 30.92 -0.10 -11.43
N PRO B 384 32.23 0.19 -11.44
CA PRO B 384 33.07 -0.28 -12.55
C PRO B 384 33.46 -1.74 -12.46
N THR B 385 33.62 -2.28 -11.24
CA THR B 385 33.78 -3.73 -11.15
C THR B 385 32.52 -4.44 -11.63
N LYS B 386 31.37 -3.79 -11.52
CA LYS B 386 30.09 -4.27 -12.03
C LYS B 386 29.83 -3.83 -13.46
N LEU B 387 30.86 -3.50 -14.23
CA LEU B 387 30.63 -2.98 -15.57
C LEU B 387 30.16 -4.06 -16.54
N ASN B 388 30.73 -5.26 -16.45
CA ASN B 388 30.37 -6.32 -17.38
C ASN B 388 29.16 -7.15 -16.92
N ASP B 389 28.07 -6.51 -16.52
CA ASP B 389 26.77 -7.16 -16.40
C ASP B 389 25.62 -6.28 -16.85
N LEU B 390 25.90 -5.24 -17.64
CA LEU B 390 24.92 -4.23 -18.01
C LEU B 390 24.87 -4.11 -19.52
N CYS B 391 23.66 -4.11 -20.08
CA CYS B 391 23.50 -4.12 -21.53
C CYS B 391 23.26 -2.71 -22.06
N PHE B 392 24.16 -2.27 -22.93
CA PHE B 392 24.17 -0.93 -23.47
C PHE B 392 23.83 -0.97 -24.96
N THR B 393 23.09 0.03 -25.41
CA THR B 393 22.79 0.14 -26.83
C THR B 393 24.05 0.37 -27.66
N ASN B 394 24.95 1.23 -27.20
CA ASN B 394 26.08 1.65 -28.01
C ASN B 394 27.19 2.16 -27.11
N VAL B 395 28.43 1.97 -27.55
CA VAL B 395 29.60 2.38 -26.79
C VAL B 395 30.53 3.18 -27.71
N TYR B 396 31.09 4.27 -27.18
CA TYR B 396 32.04 5.10 -27.90
C TYR B 396 33.34 5.19 -27.09
N ALA B 397 34.46 5.13 -27.80
CA ALA B 397 35.80 5.18 -27.19
C ALA B 397 36.52 6.41 -27.74
N ASP B 398 36.56 7.47 -26.96
CA ASP B 398 37.23 8.70 -27.36
C ASP B 398 38.64 8.76 -26.80
N SER B 399 39.64 8.84 -27.66
CA SER B 399 41.03 8.82 -27.25
C SER B 399 41.72 10.12 -27.61
N PHE B 400 42.58 10.60 -26.72
CA PHE B 400 43.34 11.83 -26.91
C PHE B 400 44.40 11.91 -25.83
N VAL B 401 45.27 12.91 -25.93
CA VAL B 401 46.36 13.11 -24.97
C VAL B 401 46.36 14.57 -24.52
N ILE B 402 46.23 14.77 -23.20
CA ILE B 402 46.14 16.10 -22.61
C ILE B 402 47.29 16.30 -21.63
N ARG B 403 47.29 17.47 -21.01
CA ARG B 403 48.19 17.73 -19.88
C ARG B 403 47.62 17.10 -18.61
N GLY B 404 48.53 16.57 -17.79
CA GLY B 404 48.12 15.97 -16.52
C GLY B 404 47.37 16.92 -15.60
N ASP B 405 47.66 18.22 -15.70
CA ASP B 405 46.94 19.23 -14.94
C ASP B 405 45.52 19.46 -15.47
N GLU B 406 45.18 18.88 -16.63
CA GLU B 406 43.90 19.12 -17.27
C GLU B 406 42.97 17.92 -17.24
N VAL B 407 43.40 16.80 -16.64
CA VAL B 407 42.51 15.67 -16.44
C VAL B 407 41.33 16.06 -15.56
N ARG B 408 41.50 17.08 -14.72
CA ARG B 408 40.40 17.58 -13.90
C ARG B 408 39.23 18.05 -14.76
N GLN B 409 39.51 18.55 -15.97
CA GLN B 409 38.47 19.04 -16.85
C GLN B 409 37.78 17.94 -17.64
N ILE B 410 38.31 16.71 -17.64
CA ILE B 410 37.63 15.58 -18.28
C ILE B 410 36.71 15.00 -17.23
N ALA B 411 35.55 15.63 -17.08
CA ALA B 411 34.54 15.30 -16.08
C ALA B 411 33.31 16.15 -16.36
N PRO B 412 32.11 15.68 -16.02
CA PRO B 412 30.91 16.46 -16.31
C PRO B 412 30.88 17.76 -15.50
N GLY B 413 30.36 18.81 -16.13
CA GLY B 413 30.27 20.11 -15.49
C GLY B 413 31.60 20.75 -15.17
N GLN B 414 32.61 20.53 -15.99
CA GLN B 414 33.92 21.15 -15.81
C GLN B 414 34.09 22.34 -16.76
N THR B 415 34.95 23.26 -16.35
CA THR B 415 35.24 24.44 -17.14
C THR B 415 36.75 24.56 -17.32
N GLY B 416 37.15 25.09 -18.48
CA GLY B 416 38.55 25.22 -18.82
C GLY B 416 38.75 25.30 -20.32
N LYS B 417 40.01 25.32 -20.76
CA LYS B 417 40.27 25.40 -22.20
C LYS B 417 39.91 24.10 -22.90
N ILE B 418 40.24 22.96 -22.30
CA ILE B 418 39.86 21.68 -22.88
C ILE B 418 38.36 21.47 -22.76
N ALA B 419 37.79 21.79 -21.60
CA ALA B 419 36.36 21.57 -21.40
C ALA B 419 35.51 22.44 -22.31
N ASP B 420 35.86 23.72 -22.42
CA ASP B 420 35.06 24.63 -23.26
C ASP B 420 35.36 24.42 -24.74
N TYR B 421 36.64 24.26 -25.09
CA TYR B 421 37.07 24.44 -26.48
C TYR B 421 37.70 23.22 -27.12
N ASN B 422 37.87 22.12 -26.39
CA ASN B 422 38.46 20.92 -26.99
C ASN B 422 37.66 19.66 -26.73
N TYR B 423 37.00 19.54 -25.59
CA TYR B 423 36.21 18.36 -25.28
C TYR B 423 35.23 18.70 -24.16
N LYS B 424 33.94 18.68 -24.48
CA LYS B 424 32.91 19.02 -23.51
C LYS B 424 32.12 17.76 -23.15
N LEU B 425 31.95 17.53 -21.85
CA LEU B 425 31.11 16.42 -21.39
C LEU B 425 29.76 16.93 -20.93
N PRO B 426 28.68 16.25 -21.28
CA PRO B 426 27.36 16.61 -20.74
C PRO B 426 27.31 16.36 -19.25
N ASP B 427 26.47 17.13 -18.56
CA ASP B 427 26.31 16.95 -17.12
C ASP B 427 25.68 15.61 -16.76
N ASP B 428 24.97 14.97 -17.71
CA ASP B 428 24.34 13.68 -17.50
C ASP B 428 25.18 12.54 -18.06
N PHE B 429 26.50 12.67 -17.94
CA PHE B 429 27.42 11.67 -18.47
C PHE B 429 27.17 10.30 -17.86
N THR B 430 27.07 9.30 -18.72
CA THR B 430 27.06 7.89 -18.33
C THR B 430 28.22 7.23 -19.07
N GLY B 431 29.01 6.47 -18.35
CA GLY B 431 30.28 6.02 -18.82
C GLY B 431 31.35 6.62 -17.95
N CYS B 432 32.60 6.55 -18.42
CA CYS B 432 33.69 6.95 -17.56
C CYS B 432 35.06 6.96 -18.24
N VAL B 433 35.94 7.77 -17.65
CA VAL B 433 37.17 8.25 -18.30
C VAL B 433 38.37 7.59 -17.63
N ILE B 434 39.37 7.26 -18.44
CA ILE B 434 40.53 6.49 -17.99
C ILE B 434 41.79 7.16 -18.50
N ALA B 435 42.67 7.56 -17.59
CA ALA B 435 43.92 8.22 -17.93
C ALA B 435 45.10 7.41 -17.41
N TRP B 436 46.20 7.43 -18.15
CA TRP B 436 47.45 6.86 -17.67
C TRP B 436 48.62 7.65 -18.29
N ASN B 437 49.60 7.97 -17.44
CA ASN B 437 50.74 8.76 -17.90
C ASN B 437 51.48 8.02 -19.00
N SER B 438 51.87 8.75 -20.04
CA SER B 438 52.60 8.21 -21.16
C SER B 438 53.72 9.16 -21.59
N ASN B 439 54.45 9.70 -20.60
CA ASN B 439 55.58 10.56 -20.92
C ASN B 439 56.70 9.79 -21.63
N ASN B 440 56.73 8.47 -21.45
CA ASN B 440 57.68 7.64 -22.19
C ASN B 440 57.46 7.71 -23.70
N LEU B 441 56.20 7.79 -24.14
CA LEU B 441 55.85 7.66 -25.54
C LEU B 441 55.56 8.99 -26.21
N ASP B 442 55.06 9.98 -25.46
CA ASP B 442 54.60 11.23 -26.05
C ASP B 442 55.48 12.42 -25.68
N SER B 443 56.60 12.22 -25.01
CA SER B 443 57.56 13.27 -24.74
C SER B 443 58.80 13.04 -25.58
N LYS B 444 59.47 14.14 -25.94
CA LYS B 444 60.60 14.09 -26.85
C LYS B 444 61.64 15.11 -26.41
N VAL B 445 62.91 14.68 -26.36
CA VAL B 445 63.98 15.60 -25.99
C VAL B 445 64.02 16.72 -27.01
N GLY B 446 63.79 17.95 -26.55
CA GLY B 446 63.56 19.06 -27.44
C GLY B 446 62.11 19.36 -27.71
N GLY B 447 61.20 18.77 -26.96
CA GLY B 447 59.78 19.03 -27.10
C GLY B 447 59.14 18.15 -28.16
N ASN B 448 57.91 17.73 -27.90
CA ASN B 448 57.11 16.96 -28.85
C ASN B 448 55.96 17.88 -29.29
N TYR B 449 56.00 18.32 -30.54
CA TYR B 449 55.07 19.32 -31.06
C TYR B 449 53.97 18.70 -31.92
N ASN B 450 53.71 17.41 -31.76
CA ASN B 450 52.67 16.74 -32.55
C ASN B 450 51.31 16.71 -31.85
N TYR B 451 51.19 17.35 -30.69
CA TYR B 451 49.91 17.45 -29.98
C TYR B 451 49.48 18.91 -29.92
N LEU B 452 48.21 19.16 -30.26
CA LEU B 452 47.68 20.51 -30.31
C LEU B 452 46.37 20.57 -29.52
N TYR B 453 46.04 21.76 -29.05
CA TYR B 453 44.80 22.04 -28.35
C TYR B 453 44.25 23.38 -28.84
N ARG B 454 42.94 23.48 -28.95
CA ARG B 454 42.34 24.72 -29.42
C ARG B 454 42.36 25.74 -28.29
N LEU B 455 43.04 26.87 -28.53
CA LEU B 455 43.11 27.95 -27.56
C LEU B 455 42.10 29.06 -27.83
N PHE B 456 41.71 29.25 -29.09
CA PHE B 456 40.90 30.39 -29.49
C PHE B 456 39.59 29.90 -30.07
N ARG B 457 38.49 30.22 -29.38
CA ARG B 457 37.17 29.96 -29.93
C ARG B 457 36.18 30.94 -29.34
N LYS B 458 35.26 31.41 -30.17
CA LYS B 458 34.31 32.43 -29.77
C LYS B 458 33.43 31.96 -28.62
N SER B 459 32.79 30.80 -28.76
CA SER B 459 31.87 30.29 -27.75
C SER B 459 32.28 28.87 -27.39
N ASN B 460 31.61 28.33 -26.37
CA ASN B 460 31.92 26.99 -25.90
C ASN B 460 31.37 25.94 -26.86
N LEU B 461 31.84 24.70 -26.70
CA LEU B 461 31.31 23.59 -27.47
C LEU B 461 30.06 23.04 -26.81
N LYS B 462 29.19 22.48 -27.64
CA LYS B 462 28.15 21.60 -27.14
C LYS B 462 28.79 20.26 -26.74
N PRO B 463 28.15 19.49 -25.86
CA PRO B 463 28.75 18.23 -25.41
C PRO B 463 29.04 17.29 -26.57
N PHE B 464 30.17 16.59 -26.48
CA PHE B 464 30.64 15.64 -27.50
C PHE B 464 30.86 16.27 -28.87
N GLU B 465 30.91 17.59 -28.97
CA GLU B 465 31.14 18.23 -30.26
C GLU B 465 32.63 18.26 -30.59
N ARG B 466 32.93 18.23 -31.89
CA ARG B 466 34.30 18.21 -32.38
C ARG B 466 34.52 19.36 -33.35
N ASP B 467 35.64 20.06 -33.17
CA ASP B 467 35.96 21.20 -34.02
C ASP B 467 37.37 21.02 -34.56
N ILE B 468 37.47 20.73 -35.85
CA ILE B 468 38.75 20.58 -36.54
C ILE B 468 39.08 21.80 -37.39
N SER B 469 38.24 22.83 -37.31
CA SER B 469 38.41 24.03 -38.13
C SER B 469 39.72 24.73 -37.78
N THR B 470 40.31 25.38 -38.79
CA THR B 470 41.61 26.02 -38.66
C THR B 470 41.57 27.46 -39.14
N GLU B 471 40.43 28.13 -39.00
CA GLU B 471 40.31 29.51 -39.44
C GLU B 471 40.96 30.45 -38.42
N ILE B 472 41.43 31.60 -38.92
CA ILE B 472 42.12 32.55 -38.06
C ILE B 472 41.11 33.22 -37.13
N TYR B 473 41.46 33.26 -35.83
CA TYR B 473 40.57 33.76 -34.80
C TYR B 473 40.71 35.28 -34.72
N GLN B 474 39.64 35.99 -35.06
CA GLN B 474 39.64 37.45 -35.08
C GLN B 474 39.53 37.95 -33.65
N ALA B 475 40.67 38.23 -33.02
CA ALA B 475 40.72 38.74 -31.66
C ALA B 475 40.51 40.24 -31.59
N GLY B 476 40.55 40.94 -32.72
CA GLY B 476 40.33 42.36 -32.77
C GLY B 476 39.15 42.70 -33.64
N SER B 477 38.90 44.01 -33.80
CA SER B 477 37.79 44.46 -34.63
C SER B 477 38.11 44.34 -36.11
N THR B 478 39.39 44.49 -36.47
CA THR B 478 39.79 44.44 -37.87
C THR B 478 39.60 43.03 -38.42
N PRO B 479 38.88 42.86 -39.54
CA PRO B 479 38.79 41.53 -40.15
C PRO B 479 40.17 41.02 -40.57
N CYS B 480 40.37 39.72 -40.39
CA CYS B 480 41.69 39.14 -40.61
C CYS B 480 42.05 39.02 -42.08
N ASN B 481 41.05 38.82 -42.95
CA ASN B 481 41.27 38.62 -44.38
C ASN B 481 42.18 37.44 -44.66
N GLY B 482 42.20 36.46 -43.74
CA GLY B 482 43.03 35.29 -43.91
C GLY B 482 44.52 35.56 -43.88
N VAL B 483 44.98 36.39 -42.95
CA VAL B 483 46.40 36.61 -42.75
C VAL B 483 46.67 36.58 -41.25
N GLU B 484 47.46 35.60 -40.81
CA GLU B 484 47.76 35.47 -39.39
C GLU B 484 48.65 36.62 -38.95
N GLY B 485 48.30 37.22 -37.81
CA GLY B 485 49.12 38.30 -37.29
C GLY B 485 48.61 38.88 -35.99
N PHE B 486 48.73 40.20 -35.87
CA PHE B 486 48.29 40.90 -34.66
C PHE B 486 46.77 40.84 -34.57
N ASN B 487 46.26 40.41 -33.42
CA ASN B 487 44.83 40.20 -33.18
C ASN B 487 44.21 39.22 -34.17
N CYS B 488 45.03 38.41 -34.84
CA CYS B 488 44.55 37.43 -35.81
C CYS B 488 45.39 36.17 -35.63
N TYR B 489 44.90 35.24 -34.80
CA TYR B 489 45.69 34.11 -34.34
C TYR B 489 45.10 32.80 -34.86
N PHE B 490 45.99 31.82 -35.10
CA PHE B 490 45.53 30.46 -35.33
C PHE B 490 45.03 29.93 -33.99
N PRO B 491 43.85 29.29 -33.91
CA PRO B 491 43.41 28.77 -32.62
C PRO B 491 44.18 27.57 -32.09
N LEU B 492 44.96 26.85 -32.89
CA LEU B 492 45.61 25.64 -32.41
C LEU B 492 47.02 25.90 -31.89
N GLN B 493 47.22 25.62 -30.61
CA GLN B 493 48.51 25.77 -29.94
C GLN B 493 49.06 24.40 -29.58
N SER B 494 50.38 24.27 -29.66
CA SER B 494 51.05 22.99 -29.50
C SER B 494 51.58 22.83 -28.08
N TYR B 495 51.26 21.69 -27.45
CA TYR B 495 51.93 21.29 -26.22
C TYR B 495 53.42 21.10 -26.48
N GLY B 496 54.23 21.70 -25.62
CA GLY B 496 55.66 21.45 -25.66
C GLY B 496 56.04 20.32 -24.72
N PHE B 497 55.60 19.10 -25.01
CA PHE B 497 55.89 17.98 -24.14
C PHE B 497 57.37 17.64 -24.17
N GLN B 498 58.06 17.93 -23.06
CA GLN B 498 59.48 17.72 -22.90
C GLN B 498 59.65 16.75 -21.74
N PRO B 499 60.58 15.80 -21.83
CA PRO B 499 60.71 14.79 -20.77
C PRO B 499 61.00 15.36 -19.40
N THR B 500 61.56 16.56 -19.32
CA THR B 500 61.87 17.19 -18.03
C THR B 500 60.64 17.85 -17.41
N ASN B 501 59.52 17.88 -18.12
CA ASN B 501 58.30 18.49 -17.60
C ASN B 501 57.88 17.83 -16.29
N GLY B 502 57.15 18.59 -15.48
CA GLY B 502 56.57 18.04 -14.28
C GLY B 502 55.40 17.12 -14.57
N VAL B 503 54.99 16.39 -13.53
CA VAL B 503 53.88 15.46 -13.69
C VAL B 503 52.59 16.18 -14.07
N GLY B 504 52.42 17.43 -13.64
CA GLY B 504 51.28 18.21 -14.07
C GLY B 504 51.39 18.74 -15.48
N TYR B 505 52.56 18.60 -16.11
CA TYR B 505 52.78 19.05 -17.47
C TYR B 505 53.12 17.90 -18.42
N GLN B 506 53.15 16.68 -17.91
CA GLN B 506 53.50 15.51 -18.70
C GLN B 506 52.28 15.03 -19.51
N PRO B 507 52.52 14.41 -20.66
CA PRO B 507 51.38 13.93 -21.47
C PRO B 507 50.67 12.77 -20.80
N TYR B 508 49.35 12.73 -20.98
CA TYR B 508 48.49 11.70 -20.40
C TYR B 508 47.52 11.21 -21.46
N ARG B 509 47.69 9.97 -21.91
CA ARG B 509 46.71 9.36 -22.79
C ARG B 509 45.42 9.11 -22.04
N VAL B 510 44.29 9.45 -22.67
CA VAL B 510 42.97 9.31 -22.06
C VAL B 510 42.05 8.66 -23.06
N VAL B 511 41.30 7.65 -22.62
CA VAL B 511 40.24 7.03 -23.41
C VAL B 511 38.96 7.11 -22.59
N VAL B 512 37.92 7.68 -23.20
CA VAL B 512 36.65 7.93 -22.53
C VAL B 512 35.65 6.93 -23.07
N LEU B 513 35.05 6.14 -22.18
CA LEU B 513 34.05 5.17 -22.59
C LEU B 513 32.65 5.69 -22.29
N SER B 514 31.83 5.78 -23.33
CA SER B 514 30.47 6.31 -23.23
C SER B 514 29.47 5.19 -23.47
N PHE B 515 28.42 5.15 -22.66
CA PHE B 515 27.40 4.12 -22.77
C PHE B 515 26.03 4.76 -22.94
N GLU B 516 25.24 4.20 -23.85
CA GLU B 516 23.89 4.70 -24.10
C GLU B 516 22.93 3.55 -24.42
N ALA B 522 20.36 -3.34 -27.24
CA ALA B 522 21.23 -3.94 -26.24
C ALA B 522 22.16 -4.95 -26.88
N THR B 523 23.23 -4.46 -27.51
CA THR B 523 24.11 -5.30 -28.31
C THR B 523 25.44 -5.61 -27.63
N VAL B 524 25.90 -4.78 -26.69
CA VAL B 524 27.18 -4.99 -26.03
C VAL B 524 26.94 -5.06 -24.51
N CYS B 525 27.09 -6.25 -23.92
CA CYS B 525 26.75 -6.40 -22.48
C CYS B 525 28.00 -6.75 -21.67
N GLY B 526 28.50 -7.99 -21.82
CA GLY B 526 29.68 -8.43 -21.06
C GLY B 526 30.27 -9.71 -21.65
N PRO B 527 30.11 -10.89 -21.00
CA PRO B 527 29.54 -10.98 -19.65
C PRO B 527 30.64 -11.11 -18.59
N LYS B 528 30.33 -11.81 -17.49
CA LYS B 528 31.32 -12.01 -16.40
C LYS B 528 32.19 -13.23 -16.71
N LYS B 529 33.40 -13.29 -16.13
CA LYS B 529 34.26 -14.49 -16.31
C LYS B 529 33.49 -15.70 -15.78
N SER B 530 33.13 -16.65 -16.66
CA SER B 530 32.26 -17.76 -16.23
C SER B 530 33.02 -19.07 -16.07
N THR B 531 32.35 -20.10 -15.55
CA THR B 531 32.99 -21.42 -15.34
C THR B 531 32.58 -22.39 -16.46
N ASN B 532 33.05 -23.63 -16.42
CA ASN B 532 32.73 -24.70 -17.37
C ASN B 532 31.37 -25.28 -17.05
N LEU B 533 30.76 -25.93 -18.03
CA LEU B 533 29.47 -26.57 -17.82
C LEU B 533 29.63 -28.08 -17.70
N VAL B 534 28.99 -28.64 -16.68
CA VAL B 534 29.07 -30.06 -16.38
C VAL B 534 27.81 -30.72 -16.93
N LYS B 535 27.83 -32.06 -17.03
CA LYS B 535 26.77 -32.80 -17.68
C LYS B 535 26.51 -34.12 -16.96
N ASN B 536 25.34 -34.69 -17.22
CA ASN B 536 24.99 -36.05 -16.80
C ASN B 536 24.88 -36.17 -15.27
N LYS B 537 24.53 -35.05 -14.64
CA LYS B 537 24.54 -34.95 -13.19
C LYS B 537 23.49 -33.92 -12.78
N CYS B 538 22.57 -34.31 -11.89
CA CYS B 538 21.60 -33.34 -11.39
C CYS B 538 22.35 -32.23 -10.67
N VAL B 539 22.33 -31.02 -11.24
CA VAL B 539 23.15 -29.91 -10.79
C VAL B 539 22.38 -28.61 -10.90
N ASN B 540 23.03 -27.52 -10.51
CA ASN B 540 22.50 -26.17 -10.60
C ASN B 540 23.26 -25.42 -11.68
N PHE B 541 22.52 -24.80 -12.60
CA PHE B 541 23.08 -23.93 -13.61
C PHE B 541 22.48 -22.53 -13.48
N ASN B 542 23.13 -21.56 -14.11
CA ASN B 542 22.71 -20.17 -14.08
C ASN B 542 22.79 -19.58 -15.49
N PHE B 543 22.17 -20.25 -16.46
CA PHE B 543 22.43 -19.98 -17.86
C PHE B 543 21.92 -18.62 -18.29
N ASN B 544 22.81 -17.61 -18.25
CA ASN B 544 22.49 -16.25 -18.67
C ASN B 544 21.31 -15.69 -17.90
N GLY B 545 21.16 -16.12 -16.65
CA GLY B 545 20.02 -15.79 -15.83
C GLY B 545 19.00 -16.90 -15.71
N LEU B 546 18.99 -17.86 -16.64
CA LEU B 546 18.05 -18.97 -16.58
C LEU B 546 18.47 -19.98 -15.53
N THR B 547 18.09 -19.74 -14.28
CA THR B 547 18.30 -20.72 -13.24
C THR B 547 17.33 -21.89 -13.40
N GLY B 548 17.76 -23.05 -12.94
CA GLY B 548 16.93 -24.24 -13.05
C GLY B 548 17.63 -25.43 -12.46
N THR B 549 16.84 -26.50 -12.26
CA THR B 549 17.30 -27.70 -11.57
C THR B 549 16.83 -28.93 -12.34
N GLY B 550 17.72 -29.90 -12.45
CA GLY B 550 17.44 -31.11 -13.20
C GLY B 550 18.74 -31.77 -13.61
N VAL B 551 18.64 -32.65 -14.60
CA VAL B 551 19.83 -33.28 -15.16
C VAL B 551 20.21 -32.53 -16.43
N LEU B 552 21.45 -32.73 -16.88
CA LEU B 552 21.92 -32.17 -18.13
C LEU B 552 22.49 -33.29 -19.00
N THR B 553 22.20 -33.23 -20.29
CA THR B 553 22.82 -34.09 -21.28
C THR B 553 22.69 -33.43 -22.64
N GLU B 554 23.35 -33.99 -23.64
CA GLU B 554 23.28 -33.44 -24.98
C GLU B 554 21.89 -33.67 -25.56
N SER B 555 21.47 -32.76 -26.43
CA SER B 555 20.18 -32.87 -27.12
C SER B 555 20.41 -33.39 -28.52
N ASN B 556 19.58 -34.34 -28.96
CA ASN B 556 19.61 -34.81 -30.34
C ASN B 556 18.76 -33.96 -31.27
N LYS B 557 17.79 -33.22 -30.72
CA LYS B 557 17.00 -32.28 -31.50
C LYS B 557 17.90 -31.21 -32.12
N LYS B 558 17.34 -30.49 -33.08
CA LYS B 558 18.02 -29.35 -33.66
C LYS B 558 17.34 -28.07 -33.20
N PHE B 559 18.09 -26.98 -33.28
CA PHE B 559 17.54 -25.65 -33.34
C PHE B 559 17.75 -25.07 -34.73
N LEU B 560 17.16 -23.92 -34.96
CA LEU B 560 17.61 -23.07 -36.03
C LEU B 560 18.68 -22.14 -35.47
N PRO B 561 19.58 -21.59 -36.31
CA PRO B 561 20.79 -20.97 -35.76
C PRO B 561 20.56 -19.74 -34.89
N PHE B 562 19.32 -19.30 -34.74
CA PHE B 562 19.01 -18.11 -33.97
C PHE B 562 18.42 -18.43 -32.60
N GLN B 563 18.09 -19.69 -32.35
CA GLN B 563 17.23 -20.07 -31.23
C GLN B 563 18.04 -20.24 -29.95
N GLN B 564 17.38 -19.97 -28.81
CA GLN B 564 18.04 -19.85 -27.52
C GLN B 564 17.71 -20.98 -26.56
N PHE B 565 16.47 -21.47 -26.54
CA PHE B 565 16.08 -22.55 -25.64
C PHE B 565 14.86 -23.25 -26.21
N GLY B 566 14.40 -24.30 -25.52
CA GLY B 566 13.20 -24.98 -25.91
C GLY B 566 12.16 -24.93 -24.82
N ARG B 567 10.94 -25.32 -25.17
CA ARG B 567 9.90 -25.61 -24.19
C ARG B 567 8.83 -26.47 -24.85
N ASP B 568 8.78 -27.72 -24.42
CA ASP B 568 7.82 -28.68 -24.96
C ASP B 568 6.41 -28.44 -24.40
N ILE B 569 6.32 -27.92 -23.17
CA ILE B 569 5.03 -27.76 -22.51
C ILE B 569 5.20 -26.85 -21.30
N ALA B 570 4.12 -26.14 -20.96
CA ALA B 570 3.91 -25.53 -19.64
C ALA B 570 5.06 -24.64 -19.19
N ASP B 571 5.54 -23.78 -20.09
CA ASP B 571 6.48 -22.69 -19.80
C ASP B 571 7.83 -23.18 -19.26
N THR B 572 8.06 -24.47 -19.15
CA THR B 572 9.34 -24.96 -18.64
C THR B 572 10.29 -25.27 -19.79
N THR B 573 11.49 -24.71 -19.70
CA THR B 573 12.52 -24.97 -20.69
C THR B 573 13.00 -26.41 -20.57
N ASP B 574 13.10 -27.09 -21.70
CA ASP B 574 13.67 -28.43 -21.76
C ASP B 574 14.96 -28.51 -22.56
N ALA B 575 15.64 -27.38 -22.74
CA ALA B 575 16.91 -27.30 -23.45
C ALA B 575 17.46 -25.89 -23.31
N VAL B 576 18.78 -25.76 -23.47
CA VAL B 576 19.44 -24.48 -23.47
C VAL B 576 20.59 -24.52 -24.46
N ARG B 577 20.86 -23.39 -25.11
CA ARG B 577 22.09 -23.20 -25.87
C ARG B 577 23.03 -22.36 -25.02
N ASP B 578 24.20 -22.91 -24.70
CA ASP B 578 25.05 -22.21 -23.75
C ASP B 578 25.65 -20.95 -24.37
N PRO B 579 25.91 -19.92 -23.55
CA PRO B 579 26.31 -18.62 -24.11
C PRO B 579 27.59 -18.63 -24.92
N GLN B 580 28.58 -19.44 -24.55
CA GLN B 580 29.92 -19.33 -25.13
C GLN B 580 30.12 -20.31 -26.28
N THR B 581 29.98 -21.61 -26.00
CA THR B 581 30.10 -22.63 -27.04
C THR B 581 28.96 -22.56 -28.05
N LEU B 582 27.83 -21.97 -27.67
CA LEU B 582 26.60 -22.04 -28.46
C LEU B 582 26.19 -23.49 -28.69
N GLU B 583 26.36 -24.30 -27.65
CA GLU B 583 26.04 -25.71 -27.67
C GLU B 583 24.72 -25.97 -26.95
N ILE B 584 23.87 -26.77 -27.59
CA ILE B 584 22.54 -27.08 -27.07
C ILE B 584 22.69 -28.19 -26.04
N LEU B 585 21.90 -28.11 -24.96
CA LEU B 585 21.93 -29.09 -23.88
C LEU B 585 20.51 -29.52 -23.55
N ASP B 586 20.39 -30.62 -22.83
CA ASP B 586 19.09 -31.12 -22.35
C ASP B 586 18.94 -30.81 -20.87
N ILE B 587 17.72 -30.41 -20.49
CA ILE B 587 17.37 -30.21 -19.08
C ILE B 587 16.14 -31.06 -18.81
N THR B 588 16.25 -31.97 -17.84
CA THR B 588 15.31 -32.97 -17.40
C THR B 588 15.43 -33.17 -15.88
N PRO B 589 14.33 -33.23 -15.14
CA PRO B 589 14.45 -33.21 -13.68
C PRO B 589 14.92 -34.54 -13.09
N CYS B 590 15.89 -34.44 -12.18
CA CYS B 590 16.35 -35.61 -11.45
C CYS B 590 15.23 -36.12 -10.54
N SER B 591 15.22 -37.43 -10.31
CA SER B 591 13.99 -38.13 -9.95
C SER B 591 13.54 -37.82 -8.53
N PHE B 592 12.41 -38.43 -8.15
CA PHE B 592 11.77 -38.27 -6.86
C PHE B 592 10.82 -39.43 -6.66
N GLY B 593 10.00 -39.34 -5.62
CA GLY B 593 9.02 -40.40 -5.39
C GLY B 593 8.37 -40.27 -4.03
N GLY B 594 7.77 -41.39 -3.60
CA GLY B 594 7.12 -41.46 -2.31
C GLY B 594 7.62 -42.63 -1.50
N VAL B 595 7.53 -42.54 -0.17
CA VAL B 595 8.09 -43.54 0.73
C VAL B 595 6.95 -44.21 1.48
N SER B 596 6.89 -45.53 1.41
CA SER B 596 5.93 -46.33 2.16
C SER B 596 6.67 -47.32 3.05
N VAL B 597 5.98 -47.78 4.08
CA VAL B 597 6.59 -48.63 5.11
C VAL B 597 5.64 -49.77 5.42
N ILE B 598 6.13 -51.00 5.30
CA ILE B 598 5.34 -52.20 5.53
C ILE B 598 5.55 -52.63 6.97
N THR B 599 4.47 -52.82 7.71
CA THR B 599 4.60 -53.39 9.03
C THR B 599 3.70 -54.61 9.15
N PRO B 600 4.18 -55.68 9.78
CA PRO B 600 3.30 -56.80 10.13
C PRO B 600 2.46 -56.54 11.37
N GLY B 601 2.41 -55.31 11.84
CA GLY B 601 1.75 -54.99 13.09
C GLY B 601 2.73 -54.99 14.23
N THR B 602 2.87 -53.85 14.93
CA THR B 602 3.80 -53.80 16.05
C THR B 602 3.38 -54.71 17.19
N ASN B 603 2.18 -55.30 17.10
CA ASN B 603 1.82 -56.36 18.03
C ASN B 603 2.70 -57.59 17.82
N THR B 604 3.12 -57.84 16.58
CA THR B 604 3.87 -59.06 16.28
C THR B 604 5.37 -58.80 16.26
N SER B 605 5.80 -57.72 15.61
CA SER B 605 7.22 -57.41 15.51
C SER B 605 7.40 -55.92 15.33
N ASN B 606 8.63 -55.46 15.58
CA ASN B 606 9.10 -54.17 15.11
C ASN B 606 10.09 -54.48 14.00
N GLN B 607 9.56 -54.74 12.80
CA GLN B 607 10.34 -55.00 11.61
C GLN B 607 9.58 -54.42 10.44
N VAL B 608 10.30 -53.84 9.49
CA VAL B 608 9.67 -53.13 8.40
C VAL B 608 10.44 -53.36 7.12
N ALA B 609 9.71 -53.41 6.01
CA ALA B 609 10.25 -53.12 4.69
C ALA B 609 9.85 -51.71 4.31
N VAL B 610 10.46 -51.19 3.25
CA VAL B 610 10.19 -49.85 2.77
C VAL B 610 10.12 -49.89 1.25
N LEU B 611 9.07 -49.28 0.69
CA LEU B 611 9.04 -48.95 -0.74
C LEU B 611 9.49 -47.51 -0.93
N TYR B 612 10.35 -47.31 -1.91
CA TYR B 612 10.58 -46.00 -2.50
C TYR B 612 9.92 -46.04 -3.88
N GLN B 613 8.82 -45.31 -4.02
CA GLN B 613 7.97 -45.45 -5.20
C GLN B 613 8.72 -45.04 -6.46
N ASP B 614 8.72 -45.94 -7.45
CA ASP B 614 9.14 -45.63 -8.81
C ASP B 614 10.57 -45.12 -8.89
N VAL B 615 11.49 -45.88 -8.27
CA VAL B 615 12.91 -45.61 -8.44
C VAL B 615 13.65 -46.88 -8.80
N ASN B 616 14.37 -46.84 -9.92
CA ASN B 616 15.32 -47.90 -10.25
C ASN B 616 16.53 -47.67 -9.33
N CYS B 617 16.43 -48.17 -8.10
CA CYS B 617 17.26 -47.66 -7.01
C CYS B 617 18.70 -48.14 -7.15
N THR B 618 19.31 -47.73 -8.26
CA THR B 618 20.75 -47.57 -8.35
C THR B 618 21.20 -46.26 -7.74
N GLU B 619 20.24 -45.49 -7.20
CA GLU B 619 20.46 -44.13 -6.74
C GLU B 619 19.82 -43.90 -5.37
N VAL B 620 20.00 -44.85 -4.46
CA VAL B 620 19.56 -44.67 -3.07
C VAL B 620 20.72 -44.96 -2.12
N THR B 638 20.66 -49.26 4.73
CA THR B 638 20.06 -49.92 3.57
C THR B 638 20.90 -51.11 3.13
N GLY B 639 20.81 -51.45 1.85
CA GLY B 639 21.54 -52.58 1.32
C GLY B 639 21.16 -53.91 1.91
N SER B 640 20.00 -54.01 2.56
CA SER B 640 19.55 -55.25 3.19
C SER B 640 18.69 -56.02 2.18
N ASN B 641 19.36 -56.52 1.14
CA ASN B 641 18.72 -57.24 0.03
C ASN B 641 17.62 -56.38 -0.60
N VAL B 642 18.07 -55.29 -1.21
CA VAL B 642 17.21 -54.47 -2.06
C VAL B 642 16.55 -55.37 -3.10
N PHE B 643 15.25 -55.14 -3.32
CA PHE B 643 14.49 -55.96 -4.25
C PHE B 643 13.71 -55.04 -5.17
N GLN B 644 14.21 -54.83 -6.39
CA GLN B 644 13.58 -53.94 -7.35
C GLN B 644 12.32 -54.59 -7.91
N THR B 645 11.22 -53.84 -7.91
CA THR B 645 9.97 -54.32 -8.48
C THR B 645 9.28 -53.22 -9.29
N ARG B 646 8.09 -53.52 -9.82
CA ARG B 646 7.40 -52.56 -10.67
C ARG B 646 6.83 -51.39 -9.87
N ALA B 647 6.63 -51.57 -8.57
CA ALA B 647 6.06 -50.53 -7.71
C ALA B 647 7.12 -49.78 -6.92
N GLY B 648 8.40 -49.93 -7.28
CA GLY B 648 9.50 -49.39 -6.50
C GLY B 648 10.54 -50.45 -6.21
N CYS B 649 11.29 -50.24 -5.13
CA CYS B 649 12.16 -51.31 -4.68
C CYS B 649 12.10 -51.42 -3.16
N LEU B 650 11.87 -52.64 -2.71
CA LEU B 650 11.81 -52.97 -1.29
C LEU B 650 13.20 -52.98 -0.69
N ILE B 651 13.31 -52.44 0.52
CA ILE B 651 14.51 -52.56 1.34
C ILE B 651 14.10 -53.09 2.70
N GLY B 652 14.43 -54.34 2.97
CA GLY B 652 14.04 -54.97 4.21
C GLY B 652 13.27 -56.26 4.05
N ALA B 653 12.97 -56.67 2.83
CA ALA B 653 12.25 -57.91 2.57
C ALA B 653 13.05 -58.74 1.57
N GLU B 654 13.02 -60.07 1.77
CA GLU B 654 13.69 -60.98 0.87
C GLU B 654 12.68 -61.56 -0.10
N HIS B 655 12.94 -61.34 -1.39
CA HIS B 655 12.12 -61.95 -2.44
C HIS B 655 12.29 -63.46 -2.43
N VAL B 656 11.18 -64.18 -2.52
CA VAL B 656 11.19 -65.63 -2.55
C VAL B 656 10.57 -66.09 -3.86
N ASN B 657 10.83 -67.36 -4.19
CA ASN B 657 10.28 -67.97 -5.39
C ASN B 657 8.92 -68.62 -5.14
N ASN B 658 8.49 -68.71 -3.88
CA ASN B 658 7.23 -69.34 -3.54
C ASN B 658 6.09 -68.38 -3.83
N SER B 659 4.86 -68.78 -3.51
CA SER B 659 3.69 -67.95 -3.77
C SER B 659 2.59 -68.31 -2.77
N TYR B 660 2.04 -67.28 -2.14
CA TYR B 660 1.00 -67.43 -1.14
C TYR B 660 -0.13 -66.45 -1.46
N GLU B 661 -1.20 -66.50 -0.66
CA GLU B 661 -2.24 -65.50 -0.78
C GLU B 661 -1.69 -64.14 -0.39
N CYS B 662 -2.31 -63.09 -0.94
CA CYS B 662 -1.84 -61.74 -0.66
C CYS B 662 -2.13 -61.37 0.79
N ASP B 663 -1.08 -60.91 1.49
CA ASP B 663 -1.18 -60.48 2.86
C ASP B 663 -1.14 -58.96 2.98
N ILE B 664 -0.11 -58.34 2.42
CA ILE B 664 0.00 -56.88 2.36
C ILE B 664 0.28 -56.51 0.90
N PRO B 665 -0.60 -55.76 0.24
CA PRO B 665 -0.41 -55.48 -1.19
C PRO B 665 0.69 -54.45 -1.42
N ILE B 666 1.74 -54.87 -2.13
CA ILE B 666 2.79 -53.94 -2.52
C ILE B 666 2.41 -53.22 -3.81
N GLY B 667 2.00 -53.99 -4.81
CA GLY B 667 1.61 -53.45 -6.10
C GLY B 667 2.20 -54.28 -7.23
N ALA B 668 1.50 -54.29 -8.36
CA ALA B 668 1.92 -55.03 -9.56
C ALA B 668 2.12 -56.52 -9.26
N GLY B 669 1.20 -57.09 -8.49
CA GLY B 669 1.21 -58.51 -8.21
C GLY B 669 2.08 -58.93 -7.05
N ILE B 670 2.81 -58.01 -6.44
CA ILE B 670 3.73 -58.32 -5.35
C ILE B 670 3.03 -58.09 -4.03
N CYS B 671 3.12 -59.07 -3.13
CA CYS B 671 2.58 -58.95 -1.79
C CYS B 671 3.66 -59.28 -0.77
N ALA B 672 3.51 -58.71 0.43
CA ALA B 672 4.46 -58.92 1.51
C ALA B 672 3.76 -59.63 2.66
N SER B 673 4.54 -60.39 3.43
CA SER B 673 4.00 -61.14 4.56
C SER B 673 5.12 -61.41 5.55
N TYR B 674 4.73 -61.61 6.81
CA TYR B 674 5.67 -61.87 7.90
C TYR B 674 5.52 -63.34 8.30
N GLN B 675 6.52 -64.15 7.99
CA GLN B 675 6.51 -65.55 8.39
C GLN B 675 7.93 -66.08 8.37
N THR B 676 8.16 -67.14 9.14
CA THR B 676 9.49 -67.69 9.33
C THR B 676 10.03 -68.35 8.07
N GLN B 690 12.77 -65.12 7.84
CA GLN B 690 11.83 -64.98 8.96
C GLN B 690 11.57 -63.52 9.28
N SER B 691 11.84 -62.62 8.33
CA SER B 691 11.81 -61.19 8.60
C SER B 691 10.63 -60.51 7.91
N ILE B 692 10.60 -60.51 6.57
CA ILE B 692 9.48 -60.07 5.75
C ILE B 692 9.71 -60.70 4.38
N ILE B 693 8.71 -61.36 3.81
CA ILE B 693 8.90 -61.98 2.50
C ILE B 693 8.09 -61.21 1.48
N ALA B 694 8.59 -61.22 0.25
CA ALA B 694 7.93 -60.56 -0.88
C ALA B 694 7.86 -61.53 -2.03
N TYR B 695 6.66 -61.73 -2.57
CA TYR B 695 6.42 -62.76 -3.57
C TYR B 695 5.38 -62.26 -4.55
N THR B 696 5.10 -63.09 -5.55
CA THR B 696 3.96 -62.85 -6.44
C THR B 696 2.78 -63.67 -5.93
N MET B 697 1.69 -62.97 -5.64
CA MET B 697 0.55 -63.61 -4.98
C MET B 697 -0.03 -64.70 -5.86
N SER B 698 -0.37 -65.82 -5.24
CA SER B 698 -1.08 -66.90 -5.92
C SER B 698 -2.56 -66.57 -5.94
N LEU B 699 -3.19 -66.81 -7.08
CA LEU B 699 -4.57 -66.40 -7.27
C LEU B 699 -5.58 -67.37 -6.66
N GLY B 700 -5.11 -68.43 -6.03
CA GLY B 700 -5.97 -69.40 -5.40
C GLY B 700 -5.50 -70.80 -5.70
N ALA B 701 -6.15 -71.77 -5.07
CA ALA B 701 -5.85 -73.17 -5.32
C ALA B 701 -6.20 -73.52 -6.76
N GLU B 702 -5.53 -74.55 -7.30
CA GLU B 702 -5.67 -74.91 -8.70
C GLU B 702 -6.22 -76.32 -8.79
N ASN B 703 -7.46 -76.47 -9.23
CA ASN B 703 -8.08 -77.77 -9.43
C ASN B 703 -8.71 -77.80 -10.82
N SER B 704 -8.59 -78.96 -11.47
CA SER B 704 -9.24 -79.20 -12.74
C SER B 704 -10.42 -80.13 -12.49
N VAL B 705 -11.61 -79.72 -12.93
CA VAL B 705 -12.78 -80.55 -12.74
C VAL B 705 -12.72 -81.72 -13.72
N ALA B 706 -13.15 -82.90 -13.28
CA ALA B 706 -13.05 -84.12 -14.07
C ALA B 706 -14.16 -84.13 -15.11
N TYR B 707 -14.04 -83.24 -16.09
CA TYR B 707 -15.05 -83.13 -17.12
C TYR B 707 -14.92 -84.25 -18.15
N SER B 708 -16.07 -84.82 -18.48
CA SER B 708 -16.18 -85.72 -19.63
C SER B 708 -17.64 -85.70 -20.07
N ASN B 709 -17.88 -86.26 -21.26
CA ASN B 709 -19.16 -86.13 -21.92
C ASN B 709 -20.27 -86.96 -21.27
N ASN B 710 -19.98 -87.80 -20.29
CA ASN B 710 -20.99 -88.64 -19.69
C ASN B 710 -20.82 -88.74 -18.18
N SER B 711 -20.06 -87.82 -17.59
CA SER B 711 -19.82 -87.86 -16.15
C SER B 711 -20.46 -86.66 -15.48
N ILE B 712 -21.24 -86.92 -14.44
CA ILE B 712 -21.90 -85.89 -13.65
C ILE B 712 -21.56 -86.12 -12.19
N ALA B 713 -21.61 -85.05 -11.41
CA ALA B 713 -21.38 -85.10 -9.97
C ALA B 713 -22.64 -84.61 -9.26
N ILE B 714 -23.17 -85.42 -8.35
CA ILE B 714 -24.37 -85.10 -7.60
C ILE B 714 -24.01 -85.06 -6.12
N PRO B 715 -24.35 -84.00 -5.40
CA PRO B 715 -24.08 -83.97 -3.96
C PRO B 715 -24.99 -84.95 -3.22
N THR B 716 -24.40 -85.67 -2.26
CA THR B 716 -25.12 -86.63 -1.46
C THR B 716 -25.53 -86.08 -0.11
N ASN B 717 -24.85 -85.06 0.40
CA ASN B 717 -25.22 -84.42 1.64
C ASN B 717 -25.27 -82.92 1.39
N PHE B 718 -25.42 -82.17 2.48
CA PHE B 718 -25.51 -80.72 2.39
C PHE B 718 -25.21 -80.14 3.76
N THR B 719 -24.65 -78.93 3.75
CA THR B 719 -24.48 -78.14 4.96
C THR B 719 -25.12 -76.79 4.75
N ILE B 720 -25.90 -76.35 5.73
CA ILE B 720 -26.48 -75.02 5.71
C ILE B 720 -25.58 -74.09 6.51
N SER B 721 -25.20 -73.00 5.89
CA SER B 721 -24.27 -72.06 6.48
C SER B 721 -24.99 -70.74 6.70
N VAL B 722 -24.59 -70.05 7.76
CA VAL B 722 -25.08 -68.70 8.02
C VAL B 722 -23.93 -67.73 7.83
N THR B 723 -24.19 -66.70 7.04
CA THR B 723 -23.16 -65.77 6.61
C THR B 723 -23.55 -64.37 7.05
N THR B 724 -22.57 -63.55 7.39
CA THR B 724 -22.80 -62.21 7.90
C THR B 724 -22.51 -61.20 6.79
N GLU B 725 -23.31 -60.14 6.75
CA GLU B 725 -23.08 -59.05 5.81
C GLU B 725 -23.45 -57.74 6.50
N ILE B 726 -22.53 -56.78 6.46
CA ILE B 726 -22.65 -55.54 7.20
C ILE B 726 -22.75 -54.39 6.20
N LEU B 727 -23.77 -53.54 6.35
CA LEU B 727 -23.93 -52.40 5.48
C LEU B 727 -24.14 -51.14 6.30
N PRO B 728 -23.44 -50.05 5.97
CA PRO B 728 -23.78 -48.75 6.56
C PRO B 728 -25.06 -48.19 5.95
N VAL B 729 -25.87 -47.57 6.80
CA VAL B 729 -27.10 -46.94 6.36
C VAL B 729 -27.22 -45.48 6.78
N SER B 730 -26.41 -45.01 7.72
CA SER B 730 -26.54 -43.64 8.20
C SER B 730 -25.17 -43.09 8.56
N MET B 731 -25.08 -41.76 8.57
CA MET B 731 -23.98 -41.03 9.17
C MET B 731 -24.48 -40.26 10.38
N THR B 732 -23.59 -39.47 10.97
CA THR B 732 -23.99 -38.50 11.97
C THR B 732 -24.62 -37.30 11.28
N LYS B 733 -25.54 -36.65 11.97
CA LYS B 733 -26.25 -35.49 11.42
C LYS B 733 -25.64 -34.23 12.01
N THR B 734 -24.56 -33.77 11.39
CA THR B 734 -23.88 -32.56 11.86
C THR B 734 -24.46 -31.33 11.18
N SER B 735 -24.53 -30.25 11.95
CA SER B 735 -24.94 -28.95 11.42
C SER B 735 -23.88 -27.93 11.83
N VAL B 736 -23.50 -27.08 10.88
CA VAL B 736 -22.46 -26.09 11.09
C VAL B 736 -23.01 -24.72 10.75
N ASP B 737 -22.77 -23.75 11.64
CA ASP B 737 -23.18 -22.38 11.42
C ASP B 737 -21.96 -21.55 11.00
N CYS B 738 -22.00 -20.99 9.80
CA CYS B 738 -20.88 -20.19 9.31
C CYS B 738 -20.55 -19.04 10.24
N THR B 739 -21.56 -18.26 10.63
CA THR B 739 -21.29 -17.04 11.37
C THR B 739 -20.44 -17.31 12.60
N MET B 740 -20.82 -18.30 13.39
CA MET B 740 -20.03 -18.66 14.57
C MET B 740 -18.73 -19.38 14.21
N TYR B 741 -18.71 -20.16 13.14
CA TYR B 741 -17.50 -20.90 12.81
C TYR B 741 -16.37 -19.98 12.35
N ILE B 742 -16.66 -19.07 11.42
CA ILE B 742 -15.60 -18.23 10.87
C ILE B 742 -15.47 -16.91 11.64
N CYS B 743 -16.57 -16.34 12.13
CA CYS B 743 -16.52 -15.09 12.87
C CYS B 743 -16.43 -15.32 14.37
N GLY B 744 -17.41 -16.01 14.96
CA GLY B 744 -17.33 -16.36 16.36
C GLY B 744 -17.36 -15.17 17.30
N ASP B 745 -18.51 -14.50 17.40
CA ASP B 745 -18.71 -13.36 18.29
C ASP B 745 -17.74 -12.23 17.95
N SER B 746 -17.92 -11.69 16.74
CA SER B 746 -17.16 -10.54 16.28
C SER B 746 -18.05 -9.75 15.34
N THR B 747 -18.53 -8.59 15.79
CA THR B 747 -19.45 -7.79 14.99
C THR B 747 -18.81 -7.30 13.69
N GLU B 748 -17.57 -6.82 13.75
CA GLU B 748 -16.89 -6.35 12.55
C GLU B 748 -16.60 -7.48 11.56
N CYS B 749 -16.31 -8.69 12.06
CA CYS B 749 -16.15 -9.84 11.18
C CYS B 749 -17.44 -10.16 10.44
N SER B 750 -18.55 -10.24 11.17
CA SER B 750 -19.84 -10.51 10.55
C SER B 750 -20.26 -9.39 9.61
N ASN B 751 -19.81 -8.16 9.84
CA ASN B 751 -20.09 -7.08 8.91
C ASN B 751 -19.41 -7.32 7.56
N LEU B 752 -18.13 -7.70 7.58
CA LEU B 752 -17.44 -8.01 6.33
C LEU B 752 -17.99 -9.28 5.69
N LEU B 753 -18.50 -10.20 6.50
CA LEU B 753 -19.06 -11.42 5.95
C LEU B 753 -20.26 -11.17 5.04
N LEU B 754 -21.00 -10.08 5.28
CA LEU B 754 -22.13 -9.76 4.42
C LEU B 754 -21.69 -9.30 3.03
N GLN B 755 -20.46 -8.80 2.88
CA GLN B 755 -19.93 -8.51 1.56
C GLN B 755 -19.85 -9.74 0.67
N TYR B 756 -19.77 -10.93 1.27
CA TYR B 756 -19.70 -12.17 0.52
C TYR B 756 -21.06 -12.69 0.09
N GLY B 757 -22.13 -12.09 0.57
CA GLY B 757 -23.45 -12.48 0.14
C GLY B 757 -23.90 -13.75 0.81
N SER B 758 -24.38 -14.70 0.00
CA SER B 758 -25.11 -15.87 0.48
C SER B 758 -24.35 -17.17 0.26
N PHE B 759 -23.03 -17.18 0.47
CA PHE B 759 -22.31 -18.44 0.48
C PHE B 759 -22.77 -19.37 1.60
N CYS B 760 -23.39 -18.84 2.65
CA CYS B 760 -23.64 -19.63 3.84
C CYS B 760 -25.09 -19.99 4.10
N THR B 761 -26.06 -19.38 3.41
CA THR B 761 -27.34 -20.05 3.35
C THR B 761 -27.22 -21.34 2.55
N GLN B 762 -26.32 -21.36 1.56
CA GLN B 762 -26.07 -22.56 0.77
C GLN B 762 -25.52 -23.68 1.63
N LEU B 763 -24.51 -23.39 2.45
CA LEU B 763 -23.88 -24.43 3.26
C LEU B 763 -24.85 -25.03 4.27
N ASN B 764 -25.59 -24.18 4.98
CA ASN B 764 -26.57 -24.68 5.93
C ASN B 764 -27.67 -25.47 5.23
N ARG B 765 -28.13 -25.02 4.06
CA ARG B 765 -29.15 -25.77 3.34
C ARG B 765 -28.63 -27.12 2.85
N ALA B 766 -27.38 -27.18 2.39
CA ALA B 766 -26.82 -28.45 1.92
C ALA B 766 -26.66 -29.43 3.08
N LEU B 767 -26.13 -28.96 4.20
CA LEU B 767 -26.00 -29.83 5.37
C LEU B 767 -27.35 -30.27 5.92
N THR B 768 -28.35 -29.38 5.91
CA THR B 768 -29.71 -29.79 6.28
C THR B 768 -30.26 -30.83 5.32
N GLY B 769 -30.00 -30.69 4.02
CA GLY B 769 -30.44 -31.67 3.06
C GLY B 769 -29.83 -33.04 3.27
N ILE B 770 -28.54 -33.09 3.58
CA ILE B 770 -27.89 -34.37 3.85
C ILE B 770 -28.06 -34.83 5.29
N ALA B 771 -28.73 -34.04 6.12
CA ALA B 771 -29.17 -34.49 7.43
C ALA B 771 -30.57 -35.07 7.43
N VAL B 772 -31.46 -34.55 6.58
CA VAL B 772 -32.77 -35.17 6.40
C VAL B 772 -32.63 -36.50 5.67
N GLU B 773 -31.72 -36.57 4.70
CA GLU B 773 -31.47 -37.79 3.96
C GLU B 773 -31.02 -38.92 4.88
N GLN B 774 -30.33 -38.60 5.98
CA GLN B 774 -29.91 -39.62 6.92
C GLN B 774 -31.11 -40.31 7.58
N ASP B 775 -32.14 -39.53 7.93
CA ASP B 775 -33.34 -40.13 8.50
C ASP B 775 -34.13 -40.89 7.44
N LYS B 776 -34.19 -40.37 6.21
CA LYS B 776 -34.85 -41.12 5.14
C LYS B 776 -34.17 -42.45 4.87
N ASN B 777 -32.83 -42.50 4.97
CA ASN B 777 -32.10 -43.75 4.79
C ASN B 777 -32.57 -44.82 5.77
N THR B 778 -32.67 -44.47 7.04
CA THR B 778 -33.11 -45.43 8.05
C THR B 778 -34.58 -45.80 7.85
N GLN B 779 -35.42 -44.84 7.51
CA GLN B 779 -36.82 -45.15 7.23
C GLN B 779 -36.95 -46.18 6.11
N GLU B 780 -36.17 -46.00 5.04
CA GLU B 780 -36.27 -46.93 3.91
C GLU B 780 -35.76 -48.32 4.24
N VAL B 781 -34.74 -48.45 5.08
CA VAL B 781 -34.19 -49.76 5.39
C VAL B 781 -35.09 -50.49 6.39
N PHE B 782 -35.43 -49.85 7.51
CA PHE B 782 -36.01 -50.57 8.63
C PHE B 782 -37.52 -50.53 8.67
N ALA B 783 -38.16 -49.48 8.15
CA ALA B 783 -39.62 -49.39 8.18
C ALA B 783 -40.24 -50.06 6.96
N GLN B 784 -39.82 -51.30 6.73
CA GLN B 784 -40.40 -52.15 5.70
C GLN B 784 -41.73 -52.75 6.13
N VAL B 785 -42.04 -52.72 7.42
CA VAL B 785 -43.12 -53.51 7.99
C VAL B 785 -44.26 -52.57 8.40
N LYS B 786 -45.48 -53.01 8.17
CA LYS B 786 -46.68 -52.25 8.55
C LYS B 786 -46.98 -52.40 10.03
N GLN B 787 -47.22 -53.64 10.48
CA GLN B 787 -47.58 -53.93 11.85
C GLN B 787 -46.36 -54.45 12.60
N ILE B 788 -46.33 -54.23 13.91
CA ILE B 788 -45.21 -54.75 14.75
C ILE B 788 -45.55 -56.19 15.13
N TYR B 789 -44.90 -57.16 14.49
CA TYR B 789 -45.22 -58.60 14.75
C TYR B 789 -44.47 -59.09 15.98
N LYS B 790 -45.12 -59.92 16.80
CA LYS B 790 -44.49 -60.42 18.05
C LYS B 790 -44.30 -61.94 17.96
N THR B 791 -43.25 -62.45 18.59
CA THR B 791 -42.98 -63.92 18.58
C THR B 791 -43.83 -64.58 19.67
N PRO B 792 -44.39 -65.79 19.45
CA PRO B 792 -45.17 -66.49 20.48
C PRO B 792 -44.42 -66.72 21.81
N PRO B 793 -45.02 -66.62 23.04
CA PRO B 793 -44.23 -66.89 24.26
C PRO B 793 -43.66 -68.31 24.30
N ILE B 794 -44.39 -69.28 23.77
CA ILE B 794 -43.89 -70.65 23.65
C ILE B 794 -43.33 -70.81 22.25
N LYS B 795 -42.12 -71.36 22.15
CA LYS B 795 -41.35 -71.35 20.91
C LYS B 795 -41.11 -72.79 20.46
N ASP B 796 -42.11 -73.34 19.78
CA ASP B 796 -42.03 -74.69 19.21
C ASP B 796 -41.76 -74.57 17.72
N PHE B 797 -40.51 -74.26 17.38
CA PHE B 797 -40.10 -74.05 16.00
C PHE B 797 -39.51 -75.29 15.37
N GLY B 798 -39.88 -76.47 15.87
CA GLY B 798 -39.42 -77.73 15.30
C GLY B 798 -37.96 -78.04 15.50
N GLY B 799 -37.31 -77.44 16.49
CA GLY B 799 -35.90 -77.68 16.74
C GLY B 799 -34.99 -76.54 16.39
N PHE B 800 -35.47 -75.54 15.65
CA PHE B 800 -34.64 -74.39 15.33
C PHE B 800 -34.63 -73.41 16.51
N ASN B 801 -33.44 -73.00 16.91
CA ASN B 801 -33.25 -72.13 18.08
C ASN B 801 -32.90 -70.73 17.60
N PHE B 802 -33.84 -69.81 17.73
CA PHE B 802 -33.64 -68.42 17.35
C PHE B 802 -33.32 -67.53 18.54
N SER B 803 -32.99 -68.12 19.69
CA SER B 803 -32.79 -67.37 20.91
C SER B 803 -31.69 -66.33 20.79
N GLN B 804 -30.77 -66.49 19.83
CA GLN B 804 -29.62 -65.62 19.72
C GLN B 804 -29.84 -64.46 18.75
N ILE B 805 -30.97 -64.42 18.06
CA ILE B 805 -31.37 -63.26 17.28
C ILE B 805 -32.69 -62.65 17.75
N LEU B 806 -33.54 -63.41 18.43
CA LEU B 806 -34.75 -62.89 19.03
C LEU B 806 -34.38 -61.96 20.20
N PRO B 807 -35.19 -60.93 20.45
CA PRO B 807 -34.85 -59.96 21.49
C PRO B 807 -34.87 -60.59 22.87
N ASP B 808 -34.14 -59.95 23.78
CA ASP B 808 -34.05 -60.41 25.17
C ASP B 808 -34.95 -59.56 26.05
N PRO B 809 -36.06 -60.11 26.57
CA PRO B 809 -36.98 -59.30 27.38
C PRO B 809 -36.37 -58.75 28.65
N SER B 810 -35.39 -59.43 29.23
CA SER B 810 -34.72 -58.98 30.46
C SER B 810 -33.45 -58.25 30.04
N LYS B 811 -33.61 -56.98 29.65
CA LYS B 811 -32.51 -56.17 29.13
C LYS B 811 -32.96 -54.73 28.90
N PRO B 812 -32.10 -53.74 29.08
CA PRO B 812 -32.37 -52.42 28.51
C PRO B 812 -32.40 -52.48 26.99
N SER B 813 -33.34 -51.71 26.41
CA SER B 813 -33.56 -51.56 24.98
C SER B 813 -34.01 -52.86 24.30
N LYS B 814 -34.17 -53.94 25.07
CA LYS B 814 -34.70 -55.20 24.58
C LYS B 814 -33.95 -55.70 23.34
N ARG B 815 -32.61 -55.62 23.39
CA ARG B 815 -31.82 -56.09 22.28
C ARG B 815 -31.60 -57.60 22.36
N SER B 816 -31.28 -58.20 21.21
CA SER B 816 -30.86 -59.58 21.16
C SER B 816 -29.36 -59.66 21.49
N PHE B 817 -28.86 -60.89 21.67
CA PHE B 817 -27.47 -61.06 22.07
C PHE B 817 -26.51 -60.58 20.98
N ILE B 818 -26.76 -60.98 19.73
CA ILE B 818 -25.88 -60.58 18.64
C ILE B 818 -25.90 -59.07 18.45
N GLU B 819 -27.09 -58.46 18.56
CA GLU B 819 -27.17 -57.01 18.55
C GLU B 819 -26.35 -56.39 19.68
N ASP B 820 -26.32 -57.04 20.85
CA ASP B 820 -25.50 -56.60 21.96
C ASP B 820 -24.01 -56.63 21.63
N LEU B 821 -23.54 -57.73 21.03
CA LEU B 821 -22.15 -57.76 20.58
C LEU B 821 -21.88 -56.66 19.56
N LEU B 822 -22.82 -56.42 18.66
CA LEU B 822 -22.63 -55.41 17.63
C LEU B 822 -22.55 -54.01 18.21
N PHE B 823 -23.30 -53.74 19.27
CA PHE B 823 -23.34 -52.39 19.84
C PHE B 823 -22.18 -52.10 20.81
N ASN B 824 -21.51 -53.13 21.33
CA ASN B 824 -20.39 -52.95 22.24
C ASN B 824 -19.05 -52.92 21.51
N LYS B 825 -19.10 -52.99 20.17
CA LYS B 825 -17.89 -53.15 19.38
C LYS B 825 -17.69 -52.02 18.38
N VAL B 826 -18.51 -50.97 18.42
CA VAL B 826 -18.39 -49.83 17.53
C VAL B 826 -18.12 -48.60 18.39
N THR B 827 -17.06 -47.87 18.08
CA THR B 827 -16.68 -46.69 18.85
C THR B 827 -17.32 -45.43 18.27
N GLN B 853 -20.23 -33.16 22.36
CA GLN B 853 -19.52 -31.91 22.53
C GLN B 853 -19.84 -30.92 21.42
N LYS B 854 -19.50 -29.65 21.64
CA LYS B 854 -19.73 -28.61 20.66
C LYS B 854 -18.64 -27.55 20.83
N PHE B 855 -18.10 -27.06 19.71
CA PHE B 855 -16.97 -26.15 19.76
C PHE B 855 -17.33 -24.74 19.31
N ASN B 856 -17.73 -24.58 18.04
CA ASN B 856 -18.25 -23.29 17.57
C ASN B 856 -19.08 -23.53 16.29
N GLY B 857 -20.39 -23.54 16.46
CA GLY B 857 -21.29 -23.80 15.36
C GLY B 857 -21.47 -25.26 15.02
N LEU B 858 -20.63 -26.13 15.55
CA LEU B 858 -20.70 -27.56 15.25
C LEU B 858 -21.66 -28.24 16.22
N THR B 859 -22.83 -28.61 15.73
CA THR B 859 -23.81 -29.35 16.50
C THR B 859 -23.98 -30.73 15.90
N VAL B 860 -24.68 -31.60 16.64
CA VAL B 860 -24.99 -32.94 16.18
C VAL B 860 -26.46 -33.19 16.44
N LEU B 861 -27.25 -33.22 15.38
CA LEU B 861 -28.67 -33.47 15.51
C LEU B 861 -28.92 -34.94 15.82
N PRO B 862 -29.82 -35.24 16.76
CA PRO B 862 -30.09 -36.63 17.09
C PRO B 862 -30.90 -37.31 16.01
N PRO B 863 -30.67 -38.58 15.75
CA PRO B 863 -31.48 -39.29 14.77
C PRO B 863 -32.93 -39.35 15.20
N LEU B 864 -33.82 -39.28 14.20
CA LEU B 864 -35.25 -39.30 14.48
C LEU B 864 -35.66 -40.62 15.12
N LEU B 865 -35.09 -41.73 14.65
CA LEU B 865 -35.39 -43.04 15.22
C LEU B 865 -34.30 -43.41 16.21
N THR B 866 -34.66 -43.43 17.49
CA THR B 866 -33.70 -43.85 18.49
C THR B 866 -33.40 -45.34 18.33
N ASP B 867 -32.24 -45.75 18.81
CA ASP B 867 -31.75 -47.11 18.60
C ASP B 867 -32.65 -48.17 19.21
N GLU B 868 -33.52 -47.79 20.15
CA GLU B 868 -34.50 -48.72 20.69
C GLU B 868 -35.66 -48.98 19.72
N MET B 869 -35.98 -48.00 18.86
CA MET B 869 -37.02 -48.19 17.85
C MET B 869 -36.51 -48.95 16.64
N ILE B 870 -35.25 -48.76 16.26
CA ILE B 870 -34.67 -49.53 15.17
C ILE B 870 -34.63 -51.01 15.52
N ALA B 871 -34.24 -51.32 16.75
CA ALA B 871 -34.27 -52.70 17.22
C ALA B 871 -35.67 -53.26 17.26
N GLN B 872 -36.67 -52.43 17.59
CA GLN B 872 -38.06 -52.89 17.55
C GLN B 872 -38.52 -53.20 16.14
N TYR B 873 -38.13 -52.35 15.16
CA TYR B 873 -38.31 -52.70 13.75
C TYR B 873 -37.69 -54.04 13.40
N THR B 874 -36.41 -54.25 13.76
CA THR B 874 -35.78 -55.50 13.39
C THR B 874 -36.41 -56.71 14.07
N SER B 875 -36.83 -56.58 15.33
CA SER B 875 -37.55 -57.65 16.00
C SER B 875 -38.91 -57.92 15.38
N ALA B 876 -39.63 -56.89 14.93
CA ALA B 876 -40.88 -57.11 14.22
C ALA B 876 -40.66 -57.84 12.90
N LEU B 877 -39.65 -57.43 12.14
CA LEU B 877 -39.33 -58.11 10.89
C LEU B 877 -38.93 -59.56 11.13
N LEU B 878 -38.11 -59.80 12.15
CA LEU B 878 -37.59 -61.13 12.43
C LEU B 878 -38.64 -62.05 13.04
N ALA B 879 -39.62 -61.51 13.75
CA ALA B 879 -40.75 -62.29 14.24
C ALA B 879 -41.85 -62.45 13.20
N GLY B 880 -41.85 -61.62 12.17
CA GLY B 880 -42.75 -61.83 11.06
C GLY B 880 -42.24 -62.89 10.10
N THR B 881 -40.93 -62.93 9.89
CA THR B 881 -40.37 -63.94 8.99
C THR B 881 -40.33 -65.32 9.64
N ILE B 882 -40.19 -65.40 10.96
CA ILE B 882 -40.23 -66.68 11.64
C ILE B 882 -41.64 -67.25 11.63
N THR B 883 -42.63 -66.41 11.89
CA THR B 883 -43.99 -66.87 12.07
C THR B 883 -44.78 -66.97 10.76
N SER B 884 -44.60 -66.02 9.85
CA SER B 884 -45.40 -65.96 8.63
C SER B 884 -44.64 -66.38 7.38
N GLY B 885 -43.31 -66.45 7.41
CA GLY B 885 -42.55 -66.72 6.22
C GLY B 885 -42.32 -65.45 5.42
N TRP B 886 -42.63 -65.48 4.13
CA TRP B 886 -42.58 -64.28 3.31
C TRP B 886 -43.94 -63.63 3.12
N THR B 887 -45.00 -64.23 3.66
CA THR B 887 -46.36 -63.78 3.35
C THR B 887 -46.67 -62.41 3.92
N PHE B 888 -45.93 -61.95 4.92
CA PHE B 888 -46.21 -60.64 5.50
C PHE B 888 -45.55 -59.50 4.73
N GLY B 889 -44.67 -59.81 3.78
CA GLY B 889 -44.15 -58.78 2.90
C GLY B 889 -44.97 -58.54 1.65
N ALA B 890 -46.04 -59.33 1.46
CA ALA B 890 -46.88 -59.23 0.28
C ALA B 890 -48.32 -58.84 0.62
N GLY B 891 -48.67 -58.83 1.90
CA GLY B 891 -50.03 -58.51 2.30
C GLY B 891 -50.32 -58.88 3.74
N PRO B 892 -51.44 -59.56 3.96
CA PRO B 892 -51.78 -60.03 5.30
C PRO B 892 -50.84 -61.14 5.72
N ALA B 893 -50.39 -61.09 6.97
CA ALA B 893 -49.48 -62.08 7.48
C ALA B 893 -50.22 -63.38 7.77
N LEU B 894 -49.74 -64.48 7.19
CA LEU B 894 -50.36 -65.78 7.34
C LEU B 894 -49.39 -66.72 8.04
N GLN B 895 -49.83 -67.29 9.16
CA GLN B 895 -48.97 -68.18 9.92
C GLN B 895 -48.77 -69.50 9.17
N ILE B 896 -47.64 -70.13 9.46
CA ILE B 896 -47.28 -71.42 8.90
C ILE B 896 -46.27 -72.05 9.84
N PRO B 897 -46.35 -73.34 10.15
CA PRO B 897 -45.32 -73.96 10.98
C PRO B 897 -43.93 -73.79 10.34
N PHE B 898 -42.95 -73.50 11.19
CA PHE B 898 -41.65 -73.12 10.66
C PHE B 898 -41.00 -74.25 9.87
N PRO B 899 -41.24 -75.50 10.25
CA PRO B 899 -40.73 -76.61 9.46
C PRO B 899 -41.32 -76.60 8.05
N MET B 900 -42.62 -76.33 7.93
CA MET B 900 -43.24 -76.28 6.61
C MET B 900 -42.75 -75.07 5.81
N GLN B 901 -42.49 -73.94 6.48
CA GLN B 901 -41.88 -72.81 5.79
C GLN B 901 -40.51 -73.16 5.27
N MET B 902 -39.71 -73.87 6.06
CA MET B 902 -38.40 -74.29 5.60
C MET B 902 -38.51 -75.26 4.44
N ALA B 903 -39.57 -76.08 4.43
CA ALA B 903 -39.84 -76.94 3.28
C ALA B 903 -40.17 -76.14 2.02
N TYR B 904 -40.97 -75.08 2.18
CA TYR B 904 -41.19 -74.15 1.07
C TYR B 904 -39.87 -73.61 0.54
N ARG B 905 -38.99 -73.17 1.44
CA ARG B 905 -37.74 -72.57 1.02
C ARG B 905 -36.79 -73.60 0.43
N PHE B 906 -36.91 -74.87 0.81
CA PHE B 906 -36.17 -75.93 0.14
C PHE B 906 -36.69 -76.16 -1.27
N ASN B 907 -38.02 -76.17 -1.45
CA ASN B 907 -38.59 -76.16 -2.79
C ASN B 907 -38.10 -74.99 -3.62
N GLY B 908 -37.87 -73.84 -2.99
CA GLY B 908 -37.45 -72.66 -3.72
C GLY B 908 -36.11 -72.85 -4.42
N ILE B 909 -35.21 -73.64 -3.82
CA ILE B 909 -33.87 -73.82 -4.38
C ILE B 909 -33.72 -75.09 -5.21
N GLY B 910 -34.81 -75.82 -5.46
CA GLY B 910 -34.76 -76.99 -6.31
C GLY B 910 -34.67 -78.31 -5.59
N VAL B 911 -34.72 -78.33 -4.27
CA VAL B 911 -34.67 -79.56 -3.49
C VAL B 911 -36.09 -79.90 -3.03
N THR B 912 -36.50 -81.15 -3.24
CA THR B 912 -37.83 -81.55 -2.83
C THR B 912 -37.98 -81.47 -1.32
N GLN B 913 -39.20 -81.18 -0.87
CA GLN B 913 -39.44 -80.89 0.53
C GLN B 913 -39.34 -82.11 1.43
N ASN B 914 -39.39 -83.33 0.88
CA ASN B 914 -39.15 -84.51 1.70
C ASN B 914 -37.70 -84.60 2.17
N VAL B 915 -36.78 -83.89 1.52
CA VAL B 915 -35.41 -83.85 2.00
C VAL B 915 -35.31 -83.10 3.32
N LEU B 916 -36.12 -82.04 3.48
CA LEU B 916 -36.17 -81.35 4.76
C LEU B 916 -36.70 -82.26 5.86
N TYR B 917 -37.92 -82.77 5.68
CA TYR B 917 -38.63 -83.44 6.77
C TYR B 917 -37.85 -84.65 7.28
N GLU B 918 -37.26 -85.42 6.37
CA GLU B 918 -36.47 -86.58 6.76
C GLU B 918 -35.18 -86.19 7.46
N ASN B 919 -34.63 -85.02 7.15
CA ASN B 919 -33.40 -84.54 7.77
C ASN B 919 -33.66 -83.35 8.70
N GLN B 920 -34.88 -83.24 9.23
CA GLN B 920 -35.25 -82.06 10.00
C GLN B 920 -34.38 -81.87 11.22
N LYS B 921 -34.10 -82.94 11.96
CA LYS B 921 -33.27 -82.83 13.16
C LYS B 921 -31.85 -82.39 12.81
N LEU B 922 -31.26 -83.00 11.79
CA LEU B 922 -29.92 -82.62 11.35
C LEU B 922 -29.88 -81.18 10.87
N ILE B 923 -30.88 -80.76 10.11
CA ILE B 923 -30.89 -79.40 9.58
C ILE B 923 -31.04 -78.38 10.70
N ALA B 924 -31.90 -78.69 11.69
CA ALA B 924 -32.02 -77.82 12.84
C ALA B 924 -30.72 -77.75 13.64
N ASN B 925 -30.03 -78.87 13.82
CA ASN B 925 -28.75 -78.84 14.53
C ASN B 925 -27.71 -78.01 13.78
N GLN B 926 -27.63 -78.18 12.46
CA GLN B 926 -26.70 -77.38 11.68
C GLN B 926 -27.04 -75.90 11.73
N PHE B 927 -28.31 -75.53 11.65
CA PHE B 927 -28.69 -74.13 11.74
C PHE B 927 -28.32 -73.55 13.08
N ASN B 928 -28.57 -74.30 14.17
CA ASN B 928 -28.23 -73.82 15.49
C ASN B 928 -26.73 -73.64 15.67
N SER B 929 -25.94 -74.60 15.20
CA SER B 929 -24.49 -74.48 15.29
C SER B 929 -23.96 -73.31 14.47
N ALA B 930 -24.48 -73.12 13.25
CA ALA B 930 -24.04 -72.01 12.42
C ALA B 930 -24.43 -70.66 13.02
N ILE B 931 -25.62 -70.57 13.63
CA ILE B 931 -25.98 -69.35 14.34
C ILE B 931 -25.04 -69.12 15.52
N GLY B 932 -24.73 -70.16 16.28
CA GLY B 932 -23.82 -70.03 17.40
C GLY B 932 -22.43 -69.59 17.02
N LYS B 933 -21.93 -70.02 15.86
CA LYS B 933 -20.60 -69.64 15.45
C LYS B 933 -20.47 -68.15 15.10
N ILE B 934 -21.55 -67.47 14.75
CA ILE B 934 -21.47 -66.04 14.48
C ILE B 934 -21.17 -65.26 15.76
N GLN B 935 -21.80 -65.67 16.86
CA GLN B 935 -21.48 -65.11 18.17
C GLN B 935 -19.99 -65.15 18.44
N ASP B 936 -19.34 -66.29 18.14
CA ASP B 936 -17.91 -66.42 18.36
C ASP B 936 -17.11 -65.58 17.39
N SER B 937 -17.47 -65.64 16.09
CA SER B 937 -16.74 -64.91 15.07
C SER B 937 -16.87 -63.40 15.22
N LEU B 938 -17.83 -62.92 16.01
CA LEU B 938 -17.94 -61.50 16.31
C LEU B 938 -17.30 -61.16 17.66
N SER B 939 -17.68 -61.88 18.71
CA SER B 939 -17.25 -61.56 20.07
C SER B 939 -15.74 -61.69 20.26
N SER B 940 -15.12 -62.72 19.69
CA SER B 940 -13.69 -62.90 19.85
C SER B 940 -12.88 -62.14 18.80
N THR B 941 -13.27 -62.25 17.53
CA THR B 941 -12.56 -61.61 16.44
C THR B 941 -12.98 -60.15 16.35
N PRO B 942 -12.03 -59.24 16.55
CA PRO B 942 -12.28 -57.83 16.35
C PRO B 942 -12.15 -57.46 14.88
N SER B 943 -12.49 -56.21 14.57
CA SER B 943 -12.38 -55.66 13.22
C SER B 943 -13.35 -56.32 12.25
N ALA B 944 -14.33 -57.06 12.76
CA ALA B 944 -15.36 -57.63 11.91
C ALA B 944 -16.38 -56.60 11.45
N LEU B 945 -16.47 -55.47 12.16
CA LEU B 945 -17.37 -54.38 11.80
C LEU B 945 -16.62 -53.20 11.19
N GLY B 946 -15.60 -53.48 10.38
CA GLY B 946 -14.80 -52.42 9.78
C GLY B 946 -15.58 -51.49 8.88
N LYS B 947 -16.56 -52.00 8.12
CA LYS B 947 -17.32 -51.15 7.23
C LYS B 947 -18.11 -50.09 7.99
N LEU B 948 -18.68 -50.45 9.15
CA LEU B 948 -19.36 -49.48 9.99
C LEU B 948 -18.39 -48.53 10.69
N GLN B 949 -17.21 -49.02 11.08
CA GLN B 949 -16.27 -48.17 11.78
C GLN B 949 -15.61 -47.15 10.86
N ASP B 950 -15.44 -47.48 9.58
CA ASP B 950 -14.82 -46.54 8.65
C ASP B 950 -15.66 -45.29 8.44
N VAL B 951 -16.99 -45.42 8.42
CA VAL B 951 -17.84 -44.24 8.28
C VAL B 951 -17.64 -43.30 9.47
N VAL B 952 -17.66 -43.84 10.68
CA VAL B 952 -17.46 -43.02 11.87
C VAL B 952 -16.08 -42.39 11.88
N ASN B 953 -15.04 -43.15 11.55
CA ASN B 953 -13.68 -42.61 11.54
C ASN B 953 -13.53 -41.53 10.48
N GLN B 954 -14.08 -41.73 9.29
CA GLN B 954 -14.02 -40.70 8.25
C GLN B 954 -14.73 -39.43 8.67
N ASN B 955 -15.93 -39.56 9.25
CA ASN B 955 -16.66 -38.37 9.69
C ASN B 955 -15.89 -37.64 10.79
N ALA B 956 -15.34 -38.39 11.74
CA ALA B 956 -14.56 -37.76 12.82
C ALA B 956 -13.32 -37.08 12.27
N GLN B 957 -12.61 -37.71 11.34
CA GLN B 957 -11.41 -37.10 10.76
C GLN B 957 -11.74 -35.82 10.00
N ALA B 958 -12.80 -35.84 9.20
CA ALA B 958 -13.20 -34.63 8.48
C ALA B 958 -13.62 -33.51 9.43
N LEU B 959 -14.41 -33.84 10.46
CA LEU B 959 -14.84 -32.82 11.40
C LEU B 959 -13.70 -32.31 12.28
N ASN B 960 -12.66 -33.13 12.48
CA ASN B 960 -11.49 -32.69 13.22
C ASN B 960 -10.61 -31.77 12.38
N THR B 961 -10.43 -32.10 11.10
CA THR B 961 -9.73 -31.20 10.21
C THR B 961 -10.50 -29.89 10.00
N LEU B 962 -11.82 -29.92 10.12
CA LEU B 962 -12.58 -28.68 10.11
C LEU B 962 -12.23 -27.80 11.30
N VAL B 963 -12.09 -28.38 12.49
CA VAL B 963 -11.74 -27.58 13.66
C VAL B 963 -10.30 -27.08 13.58
N LYS B 964 -9.36 -27.95 13.19
CA LYS B 964 -7.96 -27.57 13.20
C LYS B 964 -7.60 -26.57 12.10
N GLN B 965 -8.53 -26.24 11.22
CA GLN B 965 -8.29 -25.14 10.29
C GLN B 965 -8.65 -23.79 10.89
N LEU B 966 -9.14 -23.76 12.13
CA LEU B 966 -9.39 -22.50 12.81
C LEU B 966 -8.13 -21.87 13.39
N SER B 967 -7.00 -22.58 13.32
CA SER B 967 -5.73 -22.09 13.81
C SER B 967 -4.71 -21.91 12.68
N SER B 968 -5.13 -21.38 11.55
CA SER B 968 -4.26 -21.15 10.41
C SER B 968 -4.26 -19.67 10.05
N ASN B 969 -3.08 -19.15 9.71
CA ASN B 969 -2.95 -17.74 9.37
C ASN B 969 -3.62 -17.41 8.04
N PHE B 970 -3.48 -18.31 7.05
CA PHE B 970 -3.95 -18.06 5.69
C PHE B 970 -3.31 -16.82 5.09
N GLY B 971 -2.16 -16.41 5.63
CA GLY B 971 -1.50 -15.19 5.22
C GLY B 971 -1.73 -14.02 6.15
N ALA B 972 -2.59 -14.15 7.15
CA ALA B 972 -2.81 -13.10 8.13
C ALA B 972 -1.69 -13.16 9.19
N ILE B 973 -1.56 -12.08 9.96
CA ILE B 973 -0.55 -12.03 11.00
C ILE B 973 -0.83 -13.00 12.16
N SER B 974 -2.09 -13.21 12.50
CA SER B 974 -2.43 -14.12 13.58
C SER B 974 -3.74 -14.83 13.25
N SER B 975 -3.86 -16.07 13.68
CA SER B 975 -5.03 -16.88 13.42
C SER B 975 -6.17 -16.62 14.39
N VAL B 976 -5.95 -15.79 15.41
CA VAL B 976 -6.95 -15.47 16.41
C VAL B 976 -7.52 -14.10 16.09
N LEU B 977 -8.85 -13.99 16.05
CA LEU B 977 -9.50 -12.83 15.46
C LEU B 977 -9.48 -11.58 16.32
N ASN B 978 -9.54 -11.71 17.65
CA ASN B 978 -9.49 -10.52 18.49
C ASN B 978 -8.10 -9.95 18.62
N ASP B 979 -7.06 -10.78 18.46
CA ASP B 979 -5.69 -10.30 18.48
C ASP B 979 -5.42 -9.26 17.41
N ILE B 980 -5.73 -9.56 16.15
CA ILE B 980 -5.57 -8.57 15.08
C ILE B 980 -6.48 -7.37 15.27
N LEU B 981 -7.59 -7.54 16.02
CA LEU B 981 -8.38 -6.39 16.44
C LEU B 981 -7.65 -5.57 17.50
N SER B 982 -7.00 -6.25 18.44
CA SER B 982 -6.44 -5.61 19.62
C SER B 982 -5.09 -4.95 19.38
N ARG B 983 -4.50 -5.11 18.20
CA ARG B 983 -3.19 -4.50 17.95
C ARG B 983 -3.11 -3.73 16.64
N LEU B 984 -4.19 -3.68 15.85
CA LEU B 984 -4.20 -2.88 14.64
C LEU B 984 -5.49 -2.08 14.58
N ASP B 985 -5.39 -0.88 14.03
CA ASP B 985 -6.53 0.01 13.87
C ASP B 985 -7.44 -0.47 12.75
N PRO B 986 -8.71 -0.07 12.78
CA PRO B 986 -9.69 -0.58 11.79
C PRO B 986 -9.26 -0.36 10.35
N PRO B 987 -8.50 0.72 10.04
CA PRO B 987 -7.91 0.79 8.69
C PRO B 987 -7.06 -0.43 8.34
N GLU B 988 -6.26 -0.91 9.29
CA GLU B 988 -5.30 -1.96 8.99
C GLU B 988 -5.76 -3.35 9.44
N ALA B 989 -6.91 -3.45 10.10
CA ALA B 989 -7.38 -4.76 10.57
C ALA B 989 -8.19 -5.49 9.52
N GLU B 990 -9.04 -4.77 8.78
CA GLU B 990 -9.92 -5.39 7.79
C GLU B 990 -9.15 -6.19 6.76
N VAL B 991 -7.95 -5.74 6.38
CA VAL B 991 -7.20 -6.43 5.34
C VAL B 991 -6.78 -7.83 5.80
N GLN B 992 -6.61 -8.03 7.11
CA GLN B 992 -6.27 -9.35 7.64
C GLN B 992 -7.52 -10.16 7.99
N ILE B 993 -8.54 -9.49 8.53
CA ILE B 993 -9.79 -10.20 8.81
C ILE B 993 -10.39 -10.76 7.53
N ASP B 994 -10.27 -10.04 6.42
CA ASP B 994 -10.78 -10.53 5.14
C ASP B 994 -10.01 -11.75 4.65
N ARG B 995 -8.70 -11.82 4.86
CA ARG B 995 -7.95 -13.02 4.53
C ARG B 995 -8.38 -14.20 5.38
N LEU B 996 -8.59 -14.00 6.69
CA LEU B 996 -9.14 -15.07 7.50
C LEU B 996 -10.52 -15.49 7.03
N ILE B 997 -11.36 -14.55 6.62
CA ILE B 997 -12.70 -14.89 6.15
C ILE B 997 -12.62 -15.80 4.92
N THR B 998 -11.80 -15.42 3.95
CA THR B 998 -11.67 -16.25 2.75
C THR B 998 -11.11 -17.62 3.08
N GLY B 999 -10.06 -17.68 3.90
CA GLY B 999 -9.50 -18.98 4.25
C GLY B 999 -10.47 -19.89 4.97
N ARG B 1000 -11.16 -19.39 5.98
CA ARG B 1000 -12.11 -20.20 6.72
C ARG B 1000 -13.34 -20.56 5.89
N LEU B 1001 -13.85 -19.66 5.06
CA LEU B 1001 -14.97 -19.99 4.20
C LEU B 1001 -14.60 -21.05 3.18
N GLN B 1002 -13.40 -20.98 2.61
CA GLN B 1002 -12.93 -22.04 1.72
C GLN B 1002 -12.76 -23.36 2.44
N SER B 1003 -12.22 -23.34 3.66
CA SER B 1003 -12.07 -24.57 4.43
C SER B 1003 -13.41 -25.15 4.87
N LEU B 1004 -14.46 -24.33 4.91
CA LEU B 1004 -15.80 -24.83 5.16
C LEU B 1004 -16.47 -25.36 3.90
N GLN B 1005 -16.24 -24.69 2.76
CA GLN B 1005 -16.74 -25.17 1.48
C GLN B 1005 -16.16 -26.55 1.14
N THR B 1006 -14.87 -26.75 1.38
CA THR B 1006 -14.28 -28.07 1.16
C THR B 1006 -14.96 -29.15 1.97
N TYR B 1007 -15.17 -28.89 3.27
CA TYR B 1007 -15.82 -29.88 4.14
C TYR B 1007 -17.24 -30.17 3.67
N VAL B 1008 -17.99 -29.14 3.30
CA VAL B 1008 -19.37 -29.34 2.86
C VAL B 1008 -19.41 -30.17 1.58
N THR B 1009 -18.52 -29.87 0.63
CA THR B 1009 -18.47 -30.66 -0.61
C THR B 1009 -18.10 -32.10 -0.33
N GLN B 1010 -17.11 -32.34 0.53
CA GLN B 1010 -16.73 -33.71 0.85
C GLN B 1010 -17.84 -34.47 1.54
N GLN B 1011 -18.57 -33.83 2.46
CA GLN B 1011 -19.74 -34.44 3.06
C GLN B 1011 -20.85 -34.73 2.05
N LEU B 1012 -21.06 -33.84 1.09
CA LEU B 1012 -22.02 -34.13 0.01
C LEU B 1012 -21.61 -35.35 -0.78
N ILE B 1013 -20.32 -35.49 -1.10
CA ILE B 1013 -19.86 -36.66 -1.84
C ILE B 1013 -20.03 -37.93 -1.01
N ARG B 1014 -19.68 -37.87 0.28
CA ARG B 1014 -19.76 -39.04 1.16
C ARG B 1014 -21.20 -39.46 1.44
N ALA B 1015 -22.11 -38.50 1.53
CA ALA B 1015 -23.52 -38.79 1.74
C ALA B 1015 -24.14 -39.56 0.59
N ALA B 1016 -23.73 -39.29 -0.65
CA ALA B 1016 -24.19 -40.07 -1.78
C ALA B 1016 -23.74 -41.52 -1.71
N GLU B 1017 -22.52 -41.77 -1.28
CA GLU B 1017 -22.03 -43.12 -1.03
C GLU B 1017 -22.83 -43.84 0.05
N ILE B 1018 -23.09 -43.15 1.16
CA ILE B 1018 -23.91 -43.75 2.22
C ILE B 1018 -25.32 -44.00 1.73
N ARG B 1019 -25.86 -43.12 0.89
CA ARG B 1019 -27.20 -43.32 0.35
C ARG B 1019 -27.25 -44.50 -0.61
N ALA B 1020 -26.21 -44.70 -1.41
CA ALA B 1020 -26.14 -45.89 -2.25
C ALA B 1020 -26.10 -47.15 -1.40
N SER B 1021 -25.30 -47.14 -0.33
CA SER B 1021 -25.29 -48.27 0.60
C SER B 1021 -26.65 -48.50 1.26
N ALA B 1022 -27.35 -47.44 1.63
CA ALA B 1022 -28.68 -47.57 2.23
C ALA B 1022 -29.72 -48.09 1.24
N ASN B 1023 -29.66 -47.67 -0.02
CA ASN B 1023 -30.53 -48.27 -1.04
C ASN B 1023 -30.23 -49.74 -1.23
N LEU B 1024 -28.95 -50.12 -1.26
CA LEU B 1024 -28.60 -51.53 -1.33
C LEU B 1024 -29.12 -52.31 -0.12
N ALA B 1025 -29.00 -51.76 1.08
CA ALA B 1025 -29.52 -52.41 2.27
C ALA B 1025 -31.03 -52.54 2.27
N ALA B 1026 -31.77 -51.52 1.81
CA ALA B 1026 -33.20 -51.64 1.67
C ALA B 1026 -33.60 -52.69 0.65
N THR B 1027 -32.92 -52.73 -0.50
CA THR B 1027 -33.16 -53.78 -1.48
C THR B 1027 -32.89 -55.16 -0.91
N LYS B 1028 -31.79 -55.32 -0.17
CA LYS B 1028 -31.49 -56.60 0.44
C LYS B 1028 -32.51 -57.01 1.48
N MET B 1029 -32.95 -56.09 2.33
CA MET B 1029 -33.96 -56.46 3.31
C MET B 1029 -35.25 -56.87 2.63
N SER B 1030 -35.71 -56.10 1.65
CA SER B 1030 -36.89 -56.48 0.88
C SER B 1030 -36.72 -57.88 0.30
N GLU B 1031 -35.71 -58.06 -0.53
CA GLU B 1031 -35.60 -59.25 -1.36
C GLU B 1031 -35.05 -60.48 -0.63
N CYS B 1032 -34.60 -60.34 0.62
CA CYS B 1032 -34.00 -61.49 1.26
C CYS B 1032 -34.54 -61.74 2.67
N VAL B 1033 -35.04 -60.71 3.33
CA VAL B 1033 -35.74 -60.90 4.59
C VAL B 1033 -37.22 -61.11 4.36
N LEU B 1034 -37.82 -60.30 3.48
CA LEU B 1034 -39.23 -60.42 3.14
C LEU B 1034 -39.47 -61.43 2.02
N GLY B 1035 -38.43 -62.07 1.51
CA GLY B 1035 -38.60 -63.06 0.46
C GLY B 1035 -37.42 -64.00 0.32
N GLN B 1036 -37.42 -64.79 -0.75
CA GLN B 1036 -36.32 -65.69 -1.03
C GLN B 1036 -35.84 -65.41 -2.45
N SER B 1037 -34.59 -64.98 -2.58
CA SER B 1037 -34.08 -64.44 -3.84
C SER B 1037 -33.36 -65.51 -4.64
N LYS B 1038 -33.67 -65.57 -5.94
CA LYS B 1038 -32.94 -66.40 -6.88
C LYS B 1038 -31.66 -65.74 -7.38
N ARG B 1039 -31.40 -64.50 -6.99
CA ARG B 1039 -30.23 -63.79 -7.48
C ARG B 1039 -28.98 -64.36 -6.84
N VAL B 1040 -28.07 -64.86 -7.68
CA VAL B 1040 -26.87 -65.54 -7.21
C VAL B 1040 -25.97 -64.53 -6.48
N ASP B 1041 -25.47 -64.94 -5.32
CA ASP B 1041 -24.50 -64.20 -4.52
C ASP B 1041 -25.05 -62.89 -3.99
N PHE B 1042 -26.34 -62.59 -4.22
CA PHE B 1042 -26.91 -61.36 -3.69
C PHE B 1042 -27.04 -61.41 -2.18
N CYS B 1043 -27.32 -62.58 -1.62
CA CYS B 1043 -27.55 -62.74 -0.19
C CYS B 1043 -26.80 -63.94 0.35
N GLY B 1044 -25.51 -64.00 0.06
CA GLY B 1044 -24.65 -65.02 0.60
C GLY B 1044 -24.24 -66.04 -0.45
N LYS B 1045 -23.17 -66.75 -0.16
CA LYS B 1045 -22.65 -67.78 -1.05
C LYS B 1045 -23.40 -69.08 -0.79
N GLY B 1046 -24.00 -69.62 -1.85
CA GLY B 1046 -24.85 -70.78 -1.76
C GLY B 1046 -26.22 -70.44 -2.27
N TYR B 1047 -27.14 -71.39 -2.13
CA TYR B 1047 -28.53 -71.18 -2.52
C TYR B 1047 -29.29 -70.57 -1.35
N HIS B 1048 -29.86 -69.41 -1.56
CA HIS B 1048 -30.45 -68.63 -0.47
C HIS B 1048 -31.68 -69.32 0.08
N LEU B 1049 -31.73 -69.43 1.41
CA LEU B 1049 -32.90 -69.96 2.10
C LEU B 1049 -33.68 -68.85 2.79
N MET B 1050 -33.04 -68.08 3.65
CA MET B 1050 -33.69 -66.99 4.36
C MET B 1050 -32.61 -66.13 5.01
N SER B 1051 -32.99 -64.90 5.38
CA SER B 1051 -32.07 -63.97 6.00
C SER B 1051 -32.74 -63.37 7.23
N PHE B 1052 -31.90 -62.90 8.17
CA PHE B 1052 -32.37 -62.29 9.39
C PHE B 1052 -31.68 -60.95 9.56
N PRO B 1053 -32.42 -59.86 9.79
CA PRO B 1053 -31.79 -58.57 10.03
C PRO B 1053 -31.41 -58.37 11.49
N GLN B 1054 -30.26 -57.76 11.72
CA GLN B 1054 -29.84 -57.34 13.04
C GLN B 1054 -29.34 -55.90 12.96
N SER B 1055 -29.84 -55.07 13.86
CA SER B 1055 -29.52 -53.65 13.86
C SER B 1055 -28.16 -53.43 14.50
N ALA B 1056 -27.34 -52.61 13.84
CA ALA B 1056 -26.03 -52.26 14.32
C ALA B 1056 -25.94 -50.74 14.37
N PRO B 1057 -24.99 -50.15 15.09
CA PRO B 1057 -24.91 -48.68 15.15
C PRO B 1057 -24.68 -48.09 13.76
N HIS B 1058 -25.64 -47.31 13.28
CA HIS B 1058 -25.58 -46.66 11.98
C HIS B 1058 -25.43 -47.69 10.85
N GLY B 1059 -26.09 -48.82 10.98
CA GLY B 1059 -25.99 -49.84 9.96
C GLY B 1059 -26.97 -50.95 10.19
N VAL B 1060 -26.78 -52.04 9.43
CA VAL B 1060 -27.61 -53.23 9.54
C VAL B 1060 -26.73 -54.44 9.25
N VAL B 1061 -27.05 -55.55 9.90
CA VAL B 1061 -26.34 -56.81 9.72
C VAL B 1061 -27.34 -57.87 9.27
N PHE B 1062 -27.04 -58.54 8.17
CA PHE B 1062 -27.86 -59.61 7.66
C PHE B 1062 -27.16 -60.94 7.92
N LEU B 1063 -27.87 -61.87 8.55
CA LEU B 1063 -27.40 -63.24 8.68
C LEU B 1063 -28.06 -64.07 7.59
N HIS B 1064 -27.30 -64.34 6.53
CA HIS B 1064 -27.81 -65.03 5.36
C HIS B 1064 -27.68 -66.53 5.56
N VAL B 1065 -28.81 -67.21 5.68
CA VAL B 1065 -28.85 -68.67 5.80
C VAL B 1065 -28.92 -69.24 4.39
N THR B 1066 -27.95 -70.07 4.04
CA THR B 1066 -27.83 -70.60 2.70
C THR B 1066 -27.61 -72.12 2.75
N TYR B 1067 -28.01 -72.77 1.66
CA TYR B 1067 -27.87 -74.21 1.50
C TYR B 1067 -26.65 -74.48 0.62
N VAL B 1068 -25.66 -75.16 1.18
CA VAL B 1068 -24.41 -75.46 0.48
C VAL B 1068 -24.33 -76.96 0.27
N PRO B 1069 -24.32 -77.45 -0.96
CA PRO B 1069 -24.15 -78.89 -1.20
C PRO B 1069 -22.77 -79.36 -0.79
N ALA B 1070 -22.71 -80.62 -0.34
CA ALA B 1070 -21.46 -81.19 0.16
C ALA B 1070 -21.44 -82.69 -0.09
N GLN B 1071 -20.22 -83.24 -0.08
CA GLN B 1071 -19.98 -84.68 -0.21
C GLN B 1071 -20.61 -85.25 -1.49
N GLU B 1072 -20.13 -84.75 -2.62
CA GLU B 1072 -20.58 -85.24 -3.90
C GLU B 1072 -19.89 -86.55 -4.25
N LYS B 1073 -20.54 -87.33 -5.10
CA LYS B 1073 -19.92 -88.49 -5.73
C LYS B 1073 -20.32 -88.51 -7.18
N ASN B 1074 -19.38 -88.85 -8.05
CA ASN B 1074 -19.59 -88.77 -9.49
C ASN B 1074 -20.29 -90.03 -10.00
N PHE B 1075 -21.10 -89.83 -11.04
CA PHE B 1075 -21.88 -90.90 -11.65
C PHE B 1075 -21.67 -90.86 -13.15
N THR B 1076 -22.41 -91.72 -13.85
CA THR B 1076 -22.50 -91.69 -15.30
C THR B 1076 -23.90 -91.25 -15.69
N THR B 1077 -24.00 -90.39 -16.70
CA THR B 1077 -25.26 -89.76 -17.04
C THR B 1077 -25.56 -89.95 -18.52
N ALA B 1078 -26.84 -89.84 -18.85
CA ALA B 1078 -27.33 -90.01 -20.21
C ALA B 1078 -28.41 -88.97 -20.48
N PRO B 1079 -28.35 -88.27 -21.60
CA PRO B 1079 -29.38 -87.27 -21.91
C PRO B 1079 -30.78 -87.85 -22.00
N ALA B 1080 -30.90 -89.08 -22.51
CA ALA B 1080 -32.21 -89.70 -22.71
C ALA B 1080 -32.05 -91.22 -22.60
N ILE B 1081 -33.12 -91.93 -22.93
CA ILE B 1081 -33.18 -93.38 -22.80
C ILE B 1081 -34.05 -93.94 -23.92
N CYS B 1082 -33.49 -94.86 -24.70
CA CYS B 1082 -34.28 -95.66 -25.62
C CYS B 1082 -35.09 -96.68 -24.85
N HIS B 1083 -36.39 -96.77 -25.14
CA HIS B 1083 -37.20 -97.88 -24.68
C HIS B 1083 -38.37 -98.00 -25.63
N ASP B 1084 -38.52 -99.17 -26.23
CA ASP B 1084 -39.46 -99.40 -27.34
C ASP B 1084 -39.14 -98.48 -28.52
N GLY B 1085 -37.86 -98.28 -28.79
CA GLY B 1085 -37.45 -97.38 -29.86
C GLY B 1085 -37.95 -95.97 -29.69
N LYS B 1086 -38.02 -95.47 -28.45
CA LYS B 1086 -38.56 -94.11 -28.16
C LYS B 1086 -37.65 -93.39 -27.18
N ALA B 1087 -37.55 -92.05 -27.29
CA ALA B 1087 -36.64 -91.27 -26.42
C ALA B 1087 -37.38 -90.80 -25.16
N HIS B 1088 -36.82 -91.06 -23.98
CA HIS B 1088 -37.45 -90.66 -22.70
C HIS B 1088 -36.56 -89.64 -21.98
N PHE B 1089 -37.10 -88.49 -21.60
CA PHE B 1089 -36.30 -87.43 -20.94
C PHE B 1089 -36.84 -87.22 -19.52
N PRO B 1090 -36.01 -86.94 -18.49
CA PRO B 1090 -36.49 -86.86 -17.10
C PRO B 1090 -37.32 -85.61 -16.84
N ARG B 1091 -38.58 -85.76 -16.40
CA ARG B 1091 -39.44 -84.61 -16.17
C ARG B 1091 -38.78 -83.60 -15.25
N GLU B 1092 -38.18 -84.07 -14.17
CA GLU B 1092 -37.52 -83.22 -13.16
C GLU B 1092 -36.33 -84.01 -12.61
N GLY B 1093 -35.15 -83.81 -13.18
CA GLY B 1093 -33.98 -84.49 -12.68
C GLY B 1093 -33.09 -84.94 -13.82
N VAL B 1094 -32.19 -85.86 -13.50
CA VAL B 1094 -31.23 -86.39 -14.46
C VAL B 1094 -31.18 -87.90 -14.35
N PHE B 1095 -30.71 -88.53 -15.43
CA PHE B 1095 -30.49 -89.97 -15.47
C PHE B 1095 -29.07 -90.26 -14.99
N VAL B 1096 -28.95 -91.06 -13.94
CA VAL B 1096 -27.66 -91.44 -13.39
C VAL B 1096 -27.60 -92.95 -13.24
N SER B 1097 -26.38 -93.47 -13.18
CA SER B 1097 -26.16 -94.90 -13.03
C SER B 1097 -25.04 -95.13 -12.03
N ASN B 1098 -25.17 -96.18 -11.22
CA ASN B 1098 -24.13 -96.59 -10.30
C ASN B 1098 -23.16 -97.58 -10.93
N GLY B 1099 -23.21 -97.73 -12.25
CA GLY B 1099 -22.36 -98.67 -12.95
C GLY B 1099 -23.14 -99.71 -13.72
N THR B 1100 -24.23 -100.19 -13.14
CA THR B 1100 -25.06 -101.21 -13.76
C THR B 1100 -26.50 -100.77 -13.98
N HIS B 1101 -27.11 -100.12 -13.00
CA HIS B 1101 -28.53 -99.78 -13.04
C HIS B 1101 -28.72 -98.28 -13.19
N TRP B 1102 -29.81 -97.90 -13.83
CA TRP B 1102 -30.09 -96.50 -14.13
C TRP B 1102 -31.21 -95.96 -13.24
N PHE B 1103 -31.08 -94.70 -12.86
CA PHE B 1103 -31.97 -94.06 -11.89
C PHE B 1103 -32.31 -92.64 -12.36
N VAL B 1104 -33.32 -92.06 -11.74
CA VAL B 1104 -33.66 -90.65 -11.89
C VAL B 1104 -33.48 -90.00 -10.53
N THR B 1105 -32.58 -89.03 -10.45
CA THR B 1105 -32.35 -88.31 -9.21
C THR B 1105 -32.64 -86.83 -9.41
N GLN B 1106 -33.11 -86.18 -8.35
CA GLN B 1106 -33.23 -84.74 -8.37
C GLN B 1106 -31.85 -84.11 -8.43
N ARG B 1107 -31.77 -82.98 -9.12
CA ARG B 1107 -30.49 -82.48 -9.62
C ARG B 1107 -29.57 -81.93 -8.53
N ASN B 1108 -30.08 -81.64 -7.34
CA ASN B 1108 -29.27 -81.02 -6.30
C ASN B 1108 -29.06 -81.90 -5.07
N PHE B 1109 -29.50 -83.16 -5.10
CA PHE B 1109 -29.38 -84.03 -3.94
C PHE B 1109 -29.58 -85.46 -4.41
N TYR B 1110 -28.61 -86.33 -4.15
CA TYR B 1110 -28.66 -87.69 -4.65
C TYR B 1110 -29.77 -88.46 -3.93
N GLU B 1111 -30.88 -88.67 -4.63
CA GLU B 1111 -31.97 -89.51 -4.15
C GLU B 1111 -32.48 -90.33 -5.33
N PRO B 1112 -31.82 -91.44 -5.65
CA PRO B 1112 -32.18 -92.19 -6.87
C PRO B 1112 -33.53 -92.89 -6.75
N GLN B 1113 -34.19 -92.99 -7.90
CA GLN B 1113 -35.46 -93.68 -8.02
C GLN B 1113 -35.49 -94.40 -9.36
N ILE B 1114 -36.27 -95.48 -9.42
CA ILE B 1114 -36.34 -96.27 -10.65
C ILE B 1114 -37.11 -95.50 -11.71
N ILE B 1115 -36.67 -95.67 -12.95
CA ILE B 1115 -37.17 -94.87 -14.07
C ILE B 1115 -38.53 -95.45 -14.50
N THR B 1116 -39.60 -94.81 -14.08
CA THR B 1116 -40.95 -95.20 -14.45
C THR B 1116 -41.47 -94.26 -15.54
N THR B 1117 -42.66 -94.54 -16.04
CA THR B 1117 -43.24 -93.73 -17.11
C THR B 1117 -43.73 -92.38 -16.62
N ASP B 1118 -43.76 -92.16 -15.30
CA ASP B 1118 -44.23 -90.90 -14.74
C ASP B 1118 -43.11 -90.09 -14.08
N ASN B 1119 -41.89 -90.62 -14.02
CA ASN B 1119 -40.71 -89.82 -13.78
C ASN B 1119 -40.24 -89.10 -15.03
N THR B 1120 -40.67 -89.55 -16.21
CA THR B 1120 -40.15 -89.06 -17.48
C THR B 1120 -41.30 -88.67 -18.38
N PHE B 1121 -40.97 -87.85 -19.39
CA PHE B 1121 -41.86 -87.62 -20.51
C PHE B 1121 -41.18 -88.13 -21.77
N VAL B 1122 -41.94 -88.21 -22.85
CA VAL B 1122 -41.51 -88.87 -24.07
C VAL B 1122 -41.64 -87.90 -25.25
N SER B 1123 -40.67 -87.95 -26.16
CA SER B 1123 -40.73 -87.16 -27.39
C SER B 1123 -39.83 -87.73 -28.47
N GLY B 1124 -40.42 -88.22 -29.55
CA GLY B 1124 -39.68 -88.63 -30.73
C GLY B 1124 -39.12 -90.04 -30.63
N ASN B 1125 -38.69 -90.55 -31.79
CA ASN B 1125 -38.01 -91.83 -31.88
C ASN B 1125 -36.55 -91.62 -31.52
N CYS B 1126 -35.96 -92.59 -30.83
CA CYS B 1126 -34.65 -92.35 -30.23
C CYS B 1126 -33.52 -92.61 -31.22
N ASP B 1127 -33.42 -91.76 -32.24
CA ASP B 1127 -32.38 -91.89 -33.25
C ASP B 1127 -31.72 -90.55 -33.52
N VAL B 1128 -32.11 -89.52 -32.78
CA VAL B 1128 -31.61 -88.17 -33.01
C VAL B 1128 -30.78 -87.72 -31.82
N VAL B 1129 -31.18 -88.10 -30.61
CA VAL B 1129 -30.48 -87.67 -29.41
C VAL B 1129 -29.09 -88.29 -29.41
N ILE B 1130 -28.08 -87.46 -29.15
CA ILE B 1130 -26.68 -87.88 -29.21
C ILE B 1130 -26.26 -88.24 -27.79
N GLY B 1131 -26.01 -89.53 -27.56
CA GLY B 1131 -25.60 -89.99 -26.24
C GLY B 1131 -26.69 -90.77 -25.53
N ILE B 1132 -27.78 -91.05 -26.22
CA ILE B 1132 -28.86 -91.82 -25.63
C ILE B 1132 -28.40 -93.24 -25.34
N VAL B 1133 -29.05 -93.89 -24.38
CA VAL B 1133 -28.67 -95.23 -23.94
C VAL B 1133 -29.88 -96.15 -23.98
N ASN B 1134 -29.60 -97.45 -24.02
CA ASN B 1134 -30.63 -98.48 -24.03
C ASN B 1134 -30.91 -98.91 -22.60
N ASN B 1135 -32.15 -98.73 -22.15
CA ASN B 1135 -32.55 -99.18 -20.83
C ASN B 1135 -34.07 -99.33 -20.81
N THR B 1136 -34.57 -100.03 -19.80
CA THR B 1136 -35.99 -100.24 -19.64
C THR B 1136 -36.60 -99.12 -18.81
N VAL B 1137 -37.87 -98.84 -19.06
CA VAL B 1137 -38.63 -97.83 -18.34
C VAL B 1137 -39.85 -98.51 -17.76
N TYR B 1138 -39.97 -98.51 -16.43
CA TYR B 1138 -41.04 -99.22 -15.77
C TYR B 1138 -42.40 -98.59 -16.09
N ASP B 1139 -43.43 -99.44 -16.07
CA ASP B 1139 -44.80 -99.01 -16.28
C ASP B 1139 -45.64 -99.46 -15.10
N PRO B 1140 -46.22 -98.53 -14.33
CA PRO B 1140 -46.98 -98.92 -13.13
C PRO B 1140 -48.34 -99.54 -13.43
N LEU B 1141 -48.70 -99.75 -14.69
CA LEU B 1141 -50.02 -100.25 -15.05
C LEU B 1141 -50.03 -101.75 -15.32
N GLN B 1142 -49.16 -102.21 -16.23
CA GLN B 1142 -49.16 -103.61 -16.66
C GLN B 1142 -49.12 -104.64 -15.54
N PRO B 1143 -48.31 -104.50 -14.49
CA PRO B 1143 -48.37 -105.48 -13.38
C PRO B 1143 -49.74 -105.55 -12.72
N GLU B 1144 -50.45 -104.43 -12.62
CA GLU B 1144 -51.77 -104.44 -11.98
C GLU B 1144 -52.81 -105.10 -12.87
N LEU B 1145 -52.73 -104.86 -14.19
CA LEU B 1145 -53.62 -105.53 -15.12
C LEU B 1145 -53.39 -107.03 -15.14
N ASP B 1146 -52.15 -107.47 -14.89
CA ASP B 1146 -51.82 -108.88 -14.89
C ASP B 1146 -51.41 -109.35 -13.50
N GLN C 14 22.15 10.12 -58.12
CA GLN C 14 21.54 9.36 -59.21
C GLN C 14 20.06 9.75 -59.32
N CYS C 15 19.20 8.85 -58.84
CA CYS C 15 17.77 9.11 -58.68
C CYS C 15 17.11 9.48 -60.01
N VAL C 16 17.18 8.52 -60.93
CA VAL C 16 16.36 8.59 -62.13
C VAL C 16 14.96 8.09 -61.81
N ASN C 17 13.95 8.87 -62.21
CA ASN C 17 12.56 8.60 -61.86
C ASN C 17 11.85 8.00 -63.06
N LEU C 18 11.17 6.87 -62.84
CA LEU C 18 10.51 6.14 -63.92
C LEU C 18 9.01 6.00 -63.74
N THR C 19 8.46 6.37 -62.58
CA THR C 19 7.03 6.28 -62.37
C THR C 19 6.33 7.41 -63.12
N THR C 20 6.32 7.32 -64.44
CA THR C 20 5.76 8.39 -65.27
C THR C 20 4.26 8.56 -65.06
N ARG C 21 3.46 7.57 -65.48
CA ARG C 21 2.02 7.67 -65.31
C ARG C 21 1.32 6.37 -64.93
N THR C 22 1.98 5.21 -65.01
CA THR C 22 1.31 3.94 -64.79
C THR C 22 0.63 3.90 -63.42
N GLN C 23 -0.69 3.81 -63.43
CA GLN C 23 -1.51 3.84 -62.22
C GLN C 23 -2.58 2.76 -62.29
N LEU C 24 -2.19 1.55 -62.67
CA LEU C 24 -3.15 0.47 -62.83
C LEU C 24 -3.73 0.08 -61.48
N PRO C 25 -4.98 -0.38 -61.45
CA PRO C 25 -5.58 -0.86 -60.19
C PRO C 25 -4.85 -2.09 -59.69
N PRO C 26 -4.81 -2.29 -58.37
CA PRO C 26 -4.09 -3.46 -57.82
C PRO C 26 -4.71 -4.77 -58.28
N ALA C 27 -3.83 -5.73 -58.56
CA ALA C 27 -4.23 -7.07 -58.95
C ALA C 27 -3.97 -8.04 -57.80
N TYR C 28 -5.00 -8.82 -57.48
CA TYR C 28 -4.92 -9.79 -56.39
C TYR C 28 -4.96 -11.20 -56.95
N THR C 29 -4.08 -12.05 -56.45
CA THR C 29 -4.21 -13.49 -56.64
C THR C 29 -4.55 -14.12 -55.28
N ASN C 30 -4.63 -15.45 -55.22
CA ASN C 30 -5.06 -16.15 -54.02
C ASN C 30 -3.87 -16.86 -53.41
N SER C 31 -3.50 -16.47 -52.19
CA SER C 31 -2.48 -17.18 -51.41
C SER C 31 -3.17 -18.34 -50.73
N PHE C 32 -3.06 -19.52 -51.34
CA PHE C 32 -3.84 -20.68 -50.93
C PHE C 32 -3.53 -21.10 -49.49
N THR C 33 -2.32 -21.60 -49.28
CA THR C 33 -1.84 -22.02 -47.96
C THR C 33 -0.35 -21.70 -47.94
N ARG C 34 -0.02 -20.51 -47.47
CA ARG C 34 1.32 -19.97 -47.68
C ARG C 34 1.70 -19.08 -46.50
N GLY C 35 3.00 -18.88 -46.34
CA GLY C 35 3.50 -17.99 -45.30
C GLY C 35 3.31 -18.49 -43.89
N VAL C 36 3.53 -19.77 -43.65
CA VAL C 36 3.51 -20.33 -42.31
C VAL C 36 4.96 -20.54 -41.90
N TYR C 37 5.43 -19.73 -40.96
CA TYR C 37 6.79 -19.83 -40.48
C TYR C 37 6.83 -20.54 -39.13
N TYR C 38 8.04 -20.79 -38.64
CA TYR C 38 8.20 -21.39 -37.33
C TYR C 38 8.14 -20.27 -36.30
N PRO C 39 7.00 -20.07 -35.62
CA PRO C 39 6.86 -18.89 -34.78
C PRO C 39 7.43 -19.11 -33.39
N ASP C 40 8.59 -19.75 -33.31
CA ASP C 40 9.20 -20.18 -32.06
C ASP C 40 10.61 -20.67 -32.31
N LYS C 41 11.24 -21.08 -31.23
CA LYS C 41 12.61 -21.57 -31.18
C LYS C 41 12.66 -23.02 -30.71
N VAL C 42 11.52 -23.69 -30.74
CA VAL C 42 11.27 -24.89 -29.95
C VAL C 42 11.11 -26.09 -30.87
N PHE C 43 11.76 -27.20 -30.51
CA PHE C 43 11.51 -28.47 -31.18
C PHE C 43 10.27 -29.13 -30.60
N ARG C 44 9.48 -29.77 -31.48
CA ARG C 44 8.26 -30.44 -31.06
C ARG C 44 8.08 -31.72 -31.86
N SER C 45 7.77 -32.81 -31.14
CA SER C 45 7.56 -34.12 -31.75
C SER C 45 6.16 -34.18 -32.36
N SER C 46 5.66 -35.37 -32.64
CA SER C 46 4.40 -35.50 -33.36
C SER C 46 3.26 -34.98 -32.49
N VAL C 47 2.93 -33.71 -32.67
CA VAL C 47 1.98 -33.00 -31.81
C VAL C 47 1.31 -31.91 -32.63
N LEU C 48 0.16 -31.44 -32.15
CA LEU C 48 -0.57 -30.32 -32.74
C LEU C 48 -0.61 -29.21 -31.70
N HIS C 49 0.19 -28.17 -31.90
CA HIS C 49 0.37 -27.11 -30.92
C HIS C 49 -0.22 -25.80 -31.42
N SER C 50 -1.41 -25.45 -30.92
CA SER C 50 -2.11 -24.24 -31.30
C SER C 50 -1.29 -23.03 -30.89
N THR C 51 -1.02 -22.14 -31.84
CA THR C 51 -0.22 -20.94 -31.60
C THR C 51 -0.97 -19.69 -32.05
N GLN C 52 -0.70 -18.58 -31.36
CA GLN C 52 -1.42 -17.32 -31.55
C GLN C 52 -0.39 -16.23 -31.88
N ASP C 53 -0.15 -16.00 -33.17
CA ASP C 53 0.87 -15.06 -33.61
C ASP C 53 0.37 -14.33 -34.85
N LEU C 54 1.27 -13.58 -35.48
CA LEU C 54 0.94 -12.87 -36.72
C LEU C 54 1.15 -13.79 -37.91
N PHE C 55 0.10 -14.01 -38.69
CA PHE C 55 0.13 -14.99 -39.77
C PHE C 55 -0.59 -14.41 -40.99
N LEU C 56 -0.32 -15.02 -42.14
CA LEU C 56 -1.04 -14.68 -43.37
C LEU C 56 -2.24 -15.62 -43.47
N PRO C 57 -3.47 -15.11 -43.38
CA PRO C 57 -4.63 -16.01 -43.38
C PRO C 57 -4.70 -16.85 -44.64
N PHE C 58 -5.20 -18.07 -44.48
CA PHE C 58 -5.37 -18.97 -45.61
C PHE C 58 -6.40 -18.42 -46.58
N PHE C 59 -6.13 -18.57 -47.87
CA PHE C 59 -7.02 -18.15 -48.94
C PHE C 59 -7.37 -16.67 -48.82
N SER C 60 -6.34 -15.86 -48.65
CA SER C 60 -6.48 -14.41 -48.60
C SER C 60 -6.08 -13.81 -49.94
N ASN C 61 -6.31 -12.50 -50.08
CA ASN C 61 -5.95 -11.77 -51.29
C ASN C 61 -4.55 -11.21 -51.13
N VAL C 62 -3.60 -11.79 -51.85
CA VAL C 62 -2.23 -11.29 -51.91
C VAL C 62 -2.07 -10.50 -53.21
N THR C 63 -1.65 -9.24 -53.07
CA THR C 63 -1.54 -8.36 -54.23
C THR C 63 -0.44 -8.84 -55.16
N TRP C 64 -0.63 -8.59 -56.45
CA TRP C 64 0.27 -9.10 -57.48
C TRP C 64 0.90 -7.93 -58.21
N PHE C 65 2.22 -7.97 -58.36
CA PHE C 65 2.96 -6.99 -59.15
C PHE C 65 3.77 -7.74 -60.21
N HIS C 66 3.58 -7.38 -61.47
CA HIS C 66 4.23 -8.01 -62.59
C HIS C 66 4.75 -6.93 -63.55
N ALA C 67 5.59 -7.36 -64.49
CA ALA C 67 6.21 -6.42 -65.42
C ALA C 67 5.22 -5.83 -66.42
N ILE C 68 4.00 -6.36 -66.50
CA ILE C 68 3.00 -5.93 -67.49
C ILE C 68 3.55 -6.09 -68.90
N ARG C 78 6.03 -0.55 -66.44
CA ARG C 78 6.49 -1.87 -66.03
C ARG C 78 6.99 -1.84 -64.59
N PHE C 79 6.41 -2.66 -63.73
CA PHE C 79 6.82 -2.77 -62.33
C PHE C 79 6.71 -1.40 -61.63
N ASP C 80 5.46 -0.96 -61.47
CA ASP C 80 5.17 0.29 -60.77
C ASP C 80 6.07 0.49 -59.55
N ASN C 81 6.25 -0.56 -58.76
CA ASN C 81 7.13 -0.54 -57.60
C ASN C 81 6.79 0.60 -56.63
N PRO C 82 5.58 0.62 -56.08
CA PRO C 82 5.20 1.68 -55.15
C PRO C 82 5.83 1.45 -53.78
N VAL C 83 5.60 2.42 -52.89
CA VAL C 83 5.96 2.23 -51.49
C VAL C 83 4.77 1.67 -50.74
N LEU C 84 4.89 0.43 -50.29
CA LEU C 84 3.79 -0.32 -49.70
C LEU C 84 3.84 -0.22 -48.17
N PRO C 85 2.69 -0.24 -47.50
CA PRO C 85 2.70 -0.13 -46.04
C PRO C 85 3.22 -1.40 -45.38
N PHE C 86 4.05 -1.23 -44.36
CA PHE C 86 4.56 -2.33 -43.55
C PHE C 86 3.72 -2.34 -42.27
N ASN C 87 2.50 -2.87 -42.39
CA ASN C 87 1.47 -2.68 -41.38
C ASN C 87 1.82 -3.37 -40.06
N ASP C 88 1.90 -4.70 -40.08
CA ASP C 88 2.37 -5.47 -38.94
C ASP C 88 3.44 -6.47 -39.32
N GLY C 89 3.89 -6.45 -40.57
CA GLY C 89 4.72 -7.49 -41.12
C GLY C 89 4.13 -7.93 -42.44
N VAL C 90 4.96 -8.41 -43.36
CA VAL C 90 4.49 -8.73 -44.70
C VAL C 90 5.01 -10.10 -45.09
N TYR C 91 4.33 -10.71 -46.06
CA TYR C 91 4.74 -11.95 -46.69
C TYR C 91 5.12 -11.64 -48.13
N PHE C 92 6.35 -11.96 -48.50
CA PHE C 92 6.88 -11.63 -49.81
C PHE C 92 7.21 -12.93 -50.54
N ALA C 93 6.63 -13.09 -51.72
CA ALA C 93 6.89 -14.25 -52.58
C ALA C 93 7.18 -13.76 -53.98
N SER C 94 8.05 -14.48 -54.68
CA SER C 94 8.46 -14.07 -56.01
C SER C 94 8.98 -15.26 -56.79
N THR C 95 8.54 -15.38 -58.05
CA THR C 95 8.96 -16.48 -58.91
C THR C 95 10.36 -16.23 -59.47
N GLU C 96 10.51 -15.22 -60.32
CA GLU C 96 11.81 -14.62 -60.63
C GLU C 96 12.84 -15.67 -61.06
N LYS C 97 12.60 -16.23 -62.26
CA LYS C 97 13.50 -17.24 -62.79
C LYS C 97 14.95 -16.76 -62.86
N SER C 98 15.19 -15.50 -63.20
CA SER C 98 16.51 -14.89 -63.16
C SER C 98 16.50 -13.77 -62.13
N ASN C 99 17.67 -13.50 -61.54
CA ASN C 99 17.74 -12.67 -60.34
C ASN C 99 17.41 -11.21 -60.64
N ILE C 100 16.16 -10.81 -60.42
CA ILE C 100 15.69 -9.48 -60.74
C ILE C 100 15.37 -8.71 -59.47
N ILE C 101 14.63 -9.32 -58.56
CA ILE C 101 14.44 -8.76 -57.22
C ILE C 101 15.77 -8.81 -56.50
N ARG C 102 16.14 -7.72 -55.83
CA ARG C 102 17.44 -7.64 -55.19
C ARG C 102 17.42 -7.19 -53.75
N GLY C 103 16.33 -6.63 -53.25
CA GLY C 103 16.28 -6.22 -51.87
C GLY C 103 15.12 -5.30 -51.56
N TRP C 104 15.15 -4.77 -50.35
CA TRP C 104 14.05 -3.99 -49.80
C TRP C 104 14.61 -2.82 -48.99
N ILE C 105 13.83 -1.76 -48.86
CA ILE C 105 14.30 -0.50 -48.30
C ILE C 105 13.47 -0.05 -47.10
N PHE C 106 13.05 -1.00 -46.26
CA PHE C 106 12.13 -0.75 -45.15
C PHE C 106 12.48 0.55 -44.42
N GLY C 107 11.45 1.34 -44.10
CA GLY C 107 11.69 2.56 -43.35
C GLY C 107 10.40 3.18 -42.88
N THR C 108 10.54 4.36 -42.26
CA THR C 108 9.40 5.14 -41.78
C THR C 108 9.07 6.29 -42.72
N THR C 109 10.08 7.08 -43.07
CA THR C 109 9.91 8.18 -44.02
C THR C 109 10.69 7.96 -45.31
N LEU C 110 11.65 7.03 -45.30
CA LEU C 110 12.46 6.71 -46.48
C LEU C 110 13.24 7.94 -46.93
N ASP C 111 13.46 8.85 -45.99
CA ASP C 111 14.06 10.14 -46.26
C ASP C 111 15.18 10.36 -45.24
N SER C 112 15.77 11.54 -45.25
CA SER C 112 16.72 11.88 -44.21
C SER C 112 15.99 12.10 -42.89
N LYS C 113 16.77 12.29 -41.82
CA LYS C 113 16.27 12.64 -40.50
C LYS C 113 15.50 11.49 -39.84
N THR C 114 15.40 10.35 -40.53
CA THR C 114 14.86 9.12 -39.96
C THR C 114 15.71 7.96 -40.44
N GLN C 115 16.06 7.05 -39.54
CA GLN C 115 16.87 5.90 -39.92
C GLN C 115 16.04 4.92 -40.74
N SER C 116 16.64 4.41 -41.81
CA SER C 116 15.97 3.50 -42.72
C SER C 116 16.84 2.28 -42.96
N LEU C 117 16.18 1.15 -43.18
CA LEU C 117 16.83 -0.15 -43.31
C LEU C 117 16.89 -0.53 -44.78
N LEU C 118 18.03 -1.06 -45.22
CA LEU C 118 18.24 -1.45 -46.62
C LEU C 118 18.85 -2.83 -46.65
N ILE C 119 18.30 -3.71 -47.49
CA ILE C 119 18.84 -5.04 -47.72
C ILE C 119 19.15 -5.17 -49.20
N VAL C 120 20.38 -5.59 -49.51
CA VAL C 120 20.84 -5.76 -50.88
C VAL C 120 21.81 -6.92 -50.92
N ASN C 121 21.64 -7.81 -51.90
CA ASN C 121 22.57 -8.91 -52.14
C ASN C 121 23.02 -8.90 -53.59
N ASN C 122 24.34 -8.94 -53.80
CA ASN C 122 24.85 -8.76 -55.15
C ASN C 122 24.70 -10.02 -55.99
N ALA C 123 25.54 -11.02 -55.74
CA ALA C 123 25.29 -12.38 -56.22
C ALA C 123 25.84 -13.40 -55.22
N THR C 124 26.74 -12.93 -54.34
CA THR C 124 27.49 -13.82 -53.46
C THR C 124 27.54 -13.28 -52.03
N ASN C 125 26.83 -12.22 -51.74
CA ASN C 125 27.02 -11.45 -50.51
C ASN C 125 25.82 -10.55 -50.32
N VAL C 126 25.29 -10.52 -49.10
CA VAL C 126 24.12 -9.72 -48.78
C VAL C 126 24.56 -8.59 -47.86
N VAL C 127 24.05 -7.39 -48.11
CA VAL C 127 24.45 -6.19 -47.40
C VAL C 127 23.23 -5.61 -46.71
N ILE C 128 23.35 -5.36 -45.41
CA ILE C 128 22.26 -4.81 -44.60
C ILE C 128 22.80 -3.61 -43.82
N LYS C 129 22.13 -2.47 -43.96
CA LYS C 129 22.56 -1.24 -43.31
C LYS C 129 21.34 -0.51 -42.78
N VAL C 130 21.54 0.31 -41.75
CA VAL C 130 20.49 1.14 -41.18
C VAL C 130 21.02 2.57 -41.14
N CYS C 131 20.81 3.33 -42.22
CA CYS C 131 21.37 4.66 -42.33
C CYS C 131 20.29 5.69 -42.65
N GLU C 132 20.65 6.96 -42.43
CA GLU C 132 19.80 8.09 -42.80
C GLU C 132 19.87 8.28 -44.31
N PHE C 133 19.27 7.33 -45.02
CA PHE C 133 19.32 7.35 -46.48
C PHE C 133 18.49 8.50 -47.04
N GLN C 134 18.71 8.77 -48.33
CA GLN C 134 17.98 9.80 -49.06
C GLN C 134 17.42 9.16 -50.32
N PHE C 135 16.71 8.04 -50.13
CA PHE C 135 16.31 7.14 -51.20
C PHE C 135 15.73 7.88 -52.40
N CYS C 136 16.05 7.37 -53.59
CA CYS C 136 15.43 7.84 -54.80
C CYS C 136 13.96 7.44 -54.83
N ASN C 137 13.16 8.19 -55.58
CA ASN C 137 11.73 7.89 -55.65
C ASN C 137 11.47 6.58 -56.39
N ASP C 138 12.35 6.22 -57.32
CA ASP C 138 12.27 4.94 -58.03
C ASP C 138 13.60 4.20 -57.85
N PRO C 139 13.85 3.66 -56.67
CA PRO C 139 15.13 2.98 -56.42
C PRO C 139 15.18 1.65 -57.16
N PHE C 140 16.31 1.39 -57.80
CA PHE C 140 16.54 0.12 -58.49
C PHE C 140 18.04 -0.03 -58.70
N LEU C 141 18.44 -1.18 -59.22
CA LEU C 141 19.83 -1.54 -59.39
C LEU C 141 20.12 -1.80 -60.86
N GLY C 142 20.67 -0.78 -61.54
CA GLY C 142 21.06 -0.96 -62.93
C GLY C 142 22.08 -2.08 -63.08
N VAL C 143 21.89 -2.89 -64.12
CA VAL C 143 22.67 -4.10 -64.31
C VAL C 143 23.28 -4.10 -65.70
N TYR C 144 24.58 -4.38 -65.78
CA TYR C 144 25.32 -4.39 -67.03
C TYR C 144 26.22 -5.61 -67.07
N TYR C 145 26.44 -6.14 -68.27
CA TYR C 145 27.32 -7.28 -68.48
C TYR C 145 28.48 -6.81 -69.36
N HIS C 146 29.71 -7.07 -68.92
CA HIS C 146 30.86 -6.66 -69.71
C HIS C 146 31.29 -7.79 -70.65
N LYS C 147 31.63 -7.43 -71.89
CA LYS C 147 31.91 -8.44 -72.89
C LYS C 147 33.18 -9.24 -72.60
N ASN C 148 34.15 -8.67 -71.89
CA ASN C 148 35.37 -9.42 -71.58
C ASN C 148 35.06 -10.62 -70.70
N ASN C 149 34.18 -10.45 -69.70
CA ASN C 149 33.73 -11.55 -68.84
C ASN C 149 32.21 -11.47 -68.82
N LYS C 150 31.55 -12.33 -69.60
CA LYS C 150 30.11 -12.20 -69.80
C LYS C 150 29.35 -12.36 -68.49
N SER C 151 29.81 -13.26 -67.62
CA SER C 151 29.22 -13.42 -66.29
C SER C 151 29.89 -12.46 -65.31
N TRP C 152 29.49 -11.19 -65.43
CA TRP C 152 30.06 -10.11 -64.64
C TRP C 152 29.06 -9.50 -63.65
N MET C 153 27.88 -9.11 -64.13
CA MET C 153 26.81 -8.57 -63.29
C MET C 153 27.25 -7.24 -62.65
N GLU C 154 27.63 -6.27 -63.48
CA GLU C 154 28.11 -5.01 -62.94
C GLU C 154 26.92 -4.14 -62.55
N SER C 155 26.57 -4.18 -61.27
CA SER C 155 25.39 -3.47 -60.76
C SER C 155 25.78 -2.06 -60.36
N GLU C 156 24.89 -1.11 -60.64
CA GLU C 156 25.05 0.27 -60.19
C GLU C 156 23.90 0.65 -59.27
N PHE C 157 24.20 1.46 -58.26
CA PHE C 157 23.24 1.82 -57.23
C PHE C 157 22.49 3.10 -57.61
N ARG C 158 21.18 2.99 -57.76
CA ARG C 158 20.29 4.13 -57.95
C ARG C 158 19.25 4.17 -56.84
N VAL C 159 19.65 3.70 -55.66
CA VAL C 159 18.73 3.50 -54.55
C VAL C 159 18.61 4.78 -53.74
N TYR C 160 19.75 5.40 -53.44
CA TYR C 160 19.81 6.58 -52.59
C TYR C 160 20.78 7.59 -53.19
N SER C 161 20.74 8.80 -52.64
CA SER C 161 21.70 9.85 -52.99
C SER C 161 22.66 10.18 -51.87
N SER C 162 22.20 10.20 -50.63
CA SER C 162 23.05 10.48 -49.48
C SER C 162 22.82 9.43 -48.40
N ALA C 163 23.91 8.84 -47.90
CA ALA C 163 23.83 7.84 -46.84
C ALA C 163 24.95 8.13 -45.86
N ASN C 164 24.60 8.67 -44.69
CA ASN C 164 25.59 9.02 -43.68
C ASN C 164 25.01 8.81 -42.30
N ASN C 165 25.90 8.78 -41.30
CA ASN C 165 25.54 8.80 -39.89
C ASN C 165 24.68 7.59 -39.51
N CYS C 166 25.27 6.40 -39.65
CA CYS C 166 24.54 5.19 -39.34
C CYS C 166 25.32 4.23 -38.46
N THR C 167 24.56 3.30 -37.87
CA THR C 167 24.97 2.52 -36.71
C THR C 167 25.09 1.02 -36.96
N PHE C 168 24.23 0.43 -37.79
CA PHE C 168 24.20 -1.00 -38.00
C PHE C 168 24.62 -1.33 -39.42
N GLU C 169 25.39 -2.41 -39.57
CA GLU C 169 25.83 -2.87 -40.89
C GLU C 169 26.19 -4.35 -40.75
N TYR C 170 25.41 -5.21 -41.41
CA TYR C 170 25.59 -6.66 -41.33
C TYR C 170 25.86 -7.21 -42.72
N VAL C 171 26.75 -8.21 -42.77
CA VAL C 171 27.11 -8.90 -44.01
C VAL C 171 27.09 -10.39 -43.77
N SER C 172 26.50 -11.15 -44.70
CA SER C 172 26.50 -12.60 -44.63
C SER C 172 26.35 -13.15 -46.04
N GLN C 173 26.09 -14.45 -46.14
CA GLN C 173 25.86 -15.10 -47.41
C GLN C 173 24.50 -14.70 -47.98
N PRO C 174 24.35 -14.69 -49.30
CA PRO C 174 23.14 -14.10 -49.90
C PRO C 174 21.86 -14.79 -49.46
N PHE C 175 20.82 -13.99 -49.26
CA PHE C 175 19.51 -14.53 -48.91
C PHE C 175 18.95 -15.40 -50.03
N LEU C 176 19.04 -14.91 -51.27
CA LEU C 176 18.38 -15.53 -52.41
C LEU C 176 19.34 -16.41 -53.20
N LYS C 187 11.00 -22.62 -61.17
CA LYS C 187 11.40 -21.26 -61.50
C LYS C 187 11.96 -20.54 -60.28
N ASN C 188 12.35 -21.31 -59.26
CA ASN C 188 12.97 -20.78 -58.05
C ASN C 188 12.06 -19.78 -57.34
N LEU C 189 10.93 -20.31 -56.84
CA LEU C 189 10.05 -19.51 -56.01
C LEU C 189 10.70 -19.25 -54.66
N ARG C 190 10.72 -17.99 -54.25
CA ARG C 190 11.29 -17.58 -52.97
C ARG C 190 10.22 -16.89 -52.13
N GLU C 191 10.11 -17.30 -50.88
CA GLU C 191 9.10 -16.78 -49.97
C GLU C 191 9.79 -16.18 -48.75
N PHE C 192 9.31 -15.01 -48.33
CA PHE C 192 9.92 -14.28 -47.24
C PHE C 192 8.85 -13.77 -46.30
N VAL C 193 9.21 -13.62 -45.03
CA VAL C 193 8.37 -12.99 -44.02
C VAL C 193 9.24 -12.01 -43.26
N PHE C 194 8.83 -10.75 -43.23
CA PHE C 194 9.50 -9.72 -42.45
C PHE C 194 8.56 -9.24 -41.36
N LYS C 195 9.07 -9.12 -40.14
CA LYS C 195 8.27 -8.61 -39.04
C LYS C 195 9.18 -7.82 -38.10
N ASN C 196 8.63 -6.75 -37.55
CA ASN C 196 9.37 -5.82 -36.69
C ASN C 196 8.81 -5.94 -35.28
N ILE C 197 9.43 -6.80 -34.47
CA ILE C 197 9.00 -7.05 -33.09
C ILE C 197 10.06 -6.48 -32.15
N ASP C 198 9.61 -5.68 -31.19
CA ASP C 198 10.35 -5.18 -30.03
C ASP C 198 11.84 -4.94 -30.30
N GLY C 199 12.13 -4.18 -31.35
CA GLY C 199 13.50 -3.82 -31.67
C GLY C 199 14.24 -4.81 -32.54
N TYR C 200 13.69 -6.00 -32.75
CA TYR C 200 14.30 -7.01 -33.60
C TYR C 200 13.59 -7.09 -34.94
N PHE C 201 14.37 -7.05 -36.00
CA PHE C 201 13.87 -7.28 -37.35
C PHE C 201 14.08 -8.74 -37.72
N LYS C 202 12.99 -9.45 -37.92
CA LYS C 202 12.99 -10.91 -38.06
C LYS C 202 12.70 -11.27 -39.50
N ILE C 203 13.53 -12.15 -40.07
CA ILE C 203 13.40 -12.58 -41.46
C ILE C 203 13.21 -14.09 -41.48
N TYR C 204 12.15 -14.54 -42.13
CA TYR C 204 11.90 -15.96 -42.39
C TYR C 204 11.96 -16.18 -43.89
N SER C 205 12.50 -17.31 -44.32
CA SER C 205 12.70 -17.56 -45.74
C SER C 205 12.51 -19.03 -46.06
N LYS C 206 12.24 -19.28 -47.34
CA LYS C 206 12.08 -20.65 -47.84
C LYS C 206 12.25 -20.60 -49.35
N HIS C 207 13.22 -21.33 -49.87
CA HIS C 207 13.49 -21.36 -51.30
C HIS C 207 12.97 -22.67 -51.87
N THR C 208 12.19 -22.59 -52.95
CA THR C 208 11.55 -23.76 -53.52
C THR C 208 11.58 -23.71 -55.04
N PRO C 209 12.14 -24.72 -55.70
CA PRO C 209 11.98 -24.81 -57.16
C PRO C 209 10.54 -25.18 -57.50
N ILE C 210 9.91 -24.35 -58.32
CA ILE C 210 8.47 -24.41 -58.55
C ILE C 210 8.21 -24.93 -59.96
N ASN C 211 7.00 -25.47 -60.17
CA ASN C 211 6.54 -25.86 -61.48
C ASN C 211 5.21 -25.22 -61.86
N LEU C 212 4.51 -24.60 -60.91
CA LEU C 212 3.24 -23.97 -61.23
C LEU C 212 3.43 -22.83 -62.22
N VAL C 213 2.41 -22.61 -63.05
CA VAL C 213 2.56 -21.75 -64.23
C VAL C 213 2.82 -20.31 -63.81
N ARG C 214 1.89 -19.69 -63.09
CA ARG C 214 2.03 -18.27 -62.83
C ARG C 214 1.99 -17.89 -61.36
N ASP C 215 1.08 -18.47 -60.59
CA ASP C 215 0.78 -18.00 -59.24
C ASP C 215 1.38 -18.92 -58.19
N LEU C 216 1.04 -18.66 -56.93
CA LEU C 216 1.58 -19.43 -55.83
C LEU C 216 1.06 -20.86 -55.87
N PRO C 217 1.88 -21.85 -55.54
CA PRO C 217 1.44 -23.25 -55.66
C PRO C 217 0.48 -23.66 -54.55
N GLN C 218 0.12 -24.93 -54.52
CA GLN C 218 -0.89 -25.45 -53.59
C GLN C 218 -0.30 -26.11 -52.35
N GLY C 219 0.82 -26.81 -52.48
CA GLY C 219 1.39 -27.55 -51.36
C GLY C 219 1.81 -26.70 -50.18
N PHE C 220 1.64 -27.23 -48.98
CA PHE C 220 2.03 -26.51 -47.78
C PHE C 220 3.54 -26.55 -47.61
N SER C 221 4.14 -25.41 -47.31
CA SER C 221 5.57 -25.31 -47.03
C SER C 221 5.79 -24.36 -45.87
N ALA C 222 6.77 -24.66 -45.03
CA ALA C 222 7.04 -23.90 -43.82
C ALA C 222 8.29 -23.05 -44.02
N LEU C 223 8.25 -21.81 -43.54
CA LEU C 223 9.36 -20.89 -43.77
C LEU C 223 10.35 -20.95 -42.61
N GLU C 224 11.59 -21.28 -42.94
CA GLU C 224 12.63 -21.46 -41.94
C GLU C 224 13.41 -20.16 -41.76
N PRO C 225 13.41 -19.62 -40.55
CA PRO C 225 13.95 -18.28 -40.32
C PRO C 225 15.45 -18.16 -40.57
N LEU C 226 15.87 -16.96 -40.96
CA LEU C 226 17.26 -16.69 -41.32
C LEU C 226 18.00 -15.88 -40.26
N VAL C 227 17.47 -14.71 -39.90
CA VAL C 227 18.21 -13.74 -39.10
C VAL C 227 17.24 -12.95 -38.24
N ASP C 228 17.75 -12.41 -37.13
CA ASP C 228 17.00 -11.49 -36.26
C ASP C 228 17.91 -10.31 -35.95
N LEU C 229 17.81 -9.28 -36.77
CA LEU C 229 18.71 -8.13 -36.68
C LEU C 229 18.25 -7.19 -35.58
N PRO C 230 19.11 -6.85 -34.62
CA PRO C 230 18.71 -5.89 -33.58
C PRO C 230 18.67 -4.47 -34.13
N ILE C 231 17.72 -4.21 -35.02
CA ILE C 231 17.70 -2.93 -35.74
C ILE C 231 17.31 -1.80 -34.82
N GLY C 232 16.22 -1.97 -34.07
CA GLY C 232 15.82 -0.98 -33.08
C GLY C 232 15.17 0.26 -33.65
N ILE C 233 14.77 0.26 -34.90
CA ILE C 233 14.15 1.41 -35.53
C ILE C 233 12.66 1.14 -35.72
N ASN C 234 11.94 2.18 -36.14
CA ASN C 234 10.53 2.06 -36.49
C ASN C 234 10.39 1.96 -38.00
N ILE C 235 9.59 1.00 -38.45
CA ILE C 235 9.36 0.76 -39.88
C ILE C 235 7.85 0.77 -40.13
N THR C 236 7.42 1.55 -41.12
CA THR C 236 6.01 1.63 -41.47
C THR C 236 5.71 1.42 -42.95
N ARG C 237 6.61 1.76 -43.86
CA ARG C 237 6.39 1.65 -45.30
C ARG C 237 7.57 0.92 -45.91
N PHE C 238 7.39 0.41 -47.13
CA PHE C 238 8.51 -0.28 -47.75
C PHE C 238 8.37 -0.33 -49.27
N GLN C 239 9.43 -0.79 -49.91
CA GLN C 239 9.55 -0.84 -51.36
C GLN C 239 10.63 -1.85 -51.73
N THR C 240 10.40 -2.60 -52.80
CA THR C 240 11.38 -3.57 -53.27
C THR C 240 12.40 -2.90 -54.18
N LEU C 241 13.48 -3.63 -54.47
CA LEU C 241 14.55 -3.14 -55.33
C LEU C 241 14.68 -4.07 -56.52
N LEU C 242 14.67 -3.50 -57.72
CA LEU C 242 14.70 -4.25 -58.97
C LEU C 242 16.02 -4.07 -59.69
N ALA C 243 16.36 -5.08 -60.49
CA ALA C 243 17.56 -5.10 -61.32
C ALA C 243 17.15 -4.84 -62.76
N LEU C 244 17.21 -3.58 -63.19
CA LEU C 244 16.77 -3.17 -64.51
C LEU C 244 17.97 -3.04 -65.45
N HIS C 245 17.71 -3.27 -66.74
CA HIS C 245 18.70 -3.15 -67.79
C HIS C 245 18.47 -1.87 -68.59
N ARG C 246 19.51 -1.46 -69.32
CA ARG C 246 19.42 -0.34 -70.25
C ARG C 246 19.36 -0.91 -71.67
N SER C 247 18.15 -1.00 -72.22
CA SER C 247 17.97 -1.56 -73.56
C SER C 247 18.35 -0.59 -74.66
N TYR C 248 18.26 0.72 -74.42
CA TYR C 248 18.71 1.71 -75.38
C TYR C 248 18.99 3.00 -74.64
N LEU C 249 19.40 4.02 -75.39
CA LEU C 249 19.87 5.27 -74.79
C LEU C 249 19.41 6.45 -75.65
N THR C 250 18.31 7.11 -75.22
CA THR C 250 18.06 8.41 -75.81
C THR C 250 19.00 9.44 -75.19
N PRO C 251 19.44 10.45 -75.95
CA PRO C 251 20.53 11.32 -75.47
C PRO C 251 20.28 11.97 -74.11
N GLY C 252 19.28 12.84 -74.00
CA GLY C 252 18.86 13.27 -72.67
C GLY C 252 17.47 12.84 -72.28
N ASP C 253 17.33 11.73 -71.56
CA ASP C 253 16.10 11.44 -70.83
C ASP C 253 16.42 10.90 -69.45
N SER C 254 17.47 10.06 -69.40
CA SER C 254 17.93 9.30 -68.25
C SER C 254 16.97 8.16 -67.92
N SER C 255 15.79 8.16 -68.53
CA SER C 255 14.76 7.15 -68.32
C SER C 255 14.41 6.48 -69.64
N SER C 256 15.42 6.12 -70.42
CA SER C 256 15.20 5.77 -71.81
C SER C 256 14.88 4.29 -72.01
N GLY C 257 15.83 3.42 -71.67
CA GLY C 257 15.67 2.02 -72.00
C GLY C 257 15.67 1.08 -70.80
N TRP C 258 15.07 1.52 -69.69
CA TRP C 258 15.07 0.75 -68.46
C TRP C 258 14.07 -0.40 -68.58
N THR C 259 14.54 -1.50 -69.13
CA THR C 259 13.74 -2.73 -69.16
C THR C 259 13.69 -3.35 -67.78
N ALA C 260 12.66 -4.17 -67.55
CA ALA C 260 12.44 -4.79 -66.24
C ALA C 260 12.51 -6.31 -66.31
N GLY C 261 12.99 -6.85 -67.44
CA GLY C 261 13.08 -8.29 -67.58
C GLY C 261 11.71 -8.94 -67.48
N ALA C 262 11.64 -10.01 -66.69
CA ALA C 262 10.38 -10.72 -66.46
C ALA C 262 10.42 -11.36 -65.08
N ALA C 263 9.57 -10.88 -64.19
CA ALA C 263 9.50 -11.40 -62.82
C ALA C 263 8.13 -11.06 -62.25
N ALA C 264 7.79 -11.67 -61.12
CA ALA C 264 6.57 -11.36 -60.41
C ALA C 264 6.83 -11.49 -58.92
N TYR C 265 6.29 -10.57 -58.13
CA TYR C 265 6.42 -10.63 -56.68
C TYR C 265 5.09 -10.26 -56.03
N TYR C 266 4.79 -10.92 -54.92
CA TYR C 266 3.51 -10.81 -54.24
C TYR C 266 3.74 -10.19 -52.87
N VAL C 267 2.75 -9.46 -52.37
CA VAL C 267 2.84 -8.81 -51.07
C VAL C 267 1.55 -9.06 -50.31
N GLY C 268 1.59 -9.99 -49.36
CA GLY C 268 0.51 -10.18 -48.42
C GLY C 268 0.84 -9.54 -47.08
N TYR C 269 -0.12 -9.55 -46.18
CA TYR C 269 0.02 -8.90 -44.89
C TYR C 269 -0.30 -9.88 -43.77
N LEU C 270 0.39 -9.70 -42.64
CA LEU C 270 0.25 -10.61 -41.50
C LEU C 270 -0.71 -10.01 -40.48
N GLN C 271 -1.65 -10.82 -40.00
CA GLN C 271 -2.59 -10.38 -38.99
C GLN C 271 -2.55 -11.33 -37.80
N PRO C 272 -2.87 -10.85 -36.59
CA PRO C 272 -2.80 -11.72 -35.41
C PRO C 272 -3.89 -12.78 -35.43
N ARG C 273 -3.51 -14.02 -35.70
CA ARG C 273 -4.46 -15.12 -35.81
C ARG C 273 -3.96 -16.32 -35.01
N THR C 274 -4.73 -17.40 -35.10
CA THR C 274 -4.41 -18.65 -34.45
C THR C 274 -4.46 -19.77 -35.49
N PHE C 275 -3.31 -20.37 -35.76
CA PHE C 275 -3.25 -21.64 -36.47
C PHE C 275 -3.04 -22.74 -35.43
N LEU C 276 -3.23 -24.00 -35.83
CA LEU C 276 -2.82 -24.95 -34.81
C LEU C 276 -1.32 -25.18 -34.93
N LEU C 277 -0.93 -26.23 -35.65
CA LEU C 277 0.22 -26.45 -36.53
C LEU C 277 0.30 -27.97 -36.61
N LYS C 278 0.87 -28.55 -37.65
CA LYS C 278 1.15 -29.98 -37.53
C LYS C 278 2.65 -30.24 -37.46
N TYR C 279 3.15 -30.51 -36.27
CA TYR C 279 4.56 -30.82 -36.09
C TYR C 279 4.81 -32.30 -36.41
N ASN C 280 5.88 -32.56 -37.15
CA ASN C 280 6.20 -33.90 -37.61
C ASN C 280 6.86 -34.66 -36.47
N GLU C 281 7.39 -35.86 -36.77
CA GLU C 281 8.20 -36.56 -35.79
C GLU C 281 9.59 -35.96 -35.71
N ASN C 282 10.07 -35.35 -36.80
CA ASN C 282 11.38 -34.71 -36.84
C ASN C 282 11.35 -33.24 -36.46
N GLY C 283 10.18 -32.71 -36.09
CA GLY C 283 10.10 -31.34 -35.62
C GLY C 283 9.76 -30.32 -36.67
N THR C 284 9.45 -30.73 -37.90
CA THR C 284 9.11 -29.80 -38.96
C THR C 284 7.60 -29.67 -39.09
N ILE C 285 7.12 -28.44 -39.25
CA ILE C 285 5.70 -28.22 -39.50
C ILE C 285 5.33 -28.79 -40.86
N THR C 286 4.24 -29.56 -40.90
CA THR C 286 3.80 -30.16 -42.15
C THR C 286 2.39 -29.73 -42.56
N ASP C 287 1.57 -29.26 -41.63
CA ASP C 287 0.22 -28.78 -41.90
C ASP C 287 -0.14 -27.69 -40.91
N ALA C 288 -1.16 -26.92 -41.27
CA ALA C 288 -1.77 -25.97 -40.36
C ALA C 288 -3.22 -25.77 -40.79
N VAL C 289 -4.06 -25.34 -39.83
CA VAL C 289 -5.41 -24.90 -40.13
C VAL C 289 -5.60 -23.55 -39.46
N ASP C 290 -6.47 -22.74 -40.05
CA ASP C 290 -6.71 -21.38 -39.57
C ASP C 290 -7.78 -21.40 -38.49
N CYS C 291 -7.90 -20.27 -37.79
CA CYS C 291 -9.06 -20.00 -36.95
C CYS C 291 -9.75 -18.78 -37.53
N ALA C 292 -11.05 -18.65 -37.29
CA ALA C 292 -11.85 -17.55 -37.81
C ALA C 292 -11.84 -17.52 -39.33
N LEU C 293 -11.43 -18.62 -39.96
CA LEU C 293 -11.52 -18.74 -41.41
C LEU C 293 -12.93 -19.14 -41.82
N ASP C 294 -13.38 -20.29 -41.34
CA ASP C 294 -14.75 -20.76 -41.50
C ASP C 294 -15.14 -21.51 -40.22
N PRO C 295 -16.40 -21.87 -40.03
CA PRO C 295 -16.78 -22.54 -38.77
C PRO C 295 -16.04 -23.85 -38.50
N LEU C 296 -15.71 -24.62 -39.54
CA LEU C 296 -14.98 -25.87 -39.33
C LEU C 296 -13.56 -25.61 -38.86
N SER C 297 -12.96 -24.51 -39.32
CA SER C 297 -11.66 -24.12 -38.81
C SER C 297 -11.74 -23.86 -37.31
N GLU C 298 -12.76 -23.11 -36.88
CA GLU C 298 -12.98 -22.91 -35.45
C GLU C 298 -13.22 -24.24 -34.74
N THR C 299 -13.85 -25.20 -35.43
CA THR C 299 -14.08 -26.52 -34.85
C THR C 299 -12.77 -27.19 -34.50
N LYS C 300 -11.85 -27.26 -35.48
CA LYS C 300 -10.55 -27.89 -35.21
C LYS C 300 -9.74 -27.07 -34.22
N CYS C 301 -9.90 -25.74 -34.23
CA CYS C 301 -9.20 -24.90 -33.27
C CYS C 301 -9.61 -25.24 -31.84
N THR C 302 -10.91 -25.30 -31.58
CA THR C 302 -11.39 -25.65 -30.24
C THR C 302 -11.05 -27.08 -29.88
N LEU C 303 -11.13 -27.99 -30.85
CA LEU C 303 -10.96 -29.41 -30.61
C LEU C 303 -9.51 -29.86 -30.65
N LYS C 304 -8.60 -28.98 -31.10
CA LYS C 304 -7.15 -29.25 -31.12
C LYS C 304 -6.84 -30.58 -31.81
N SER C 305 -7.46 -30.78 -32.96
CA SER C 305 -7.23 -31.98 -33.75
C SER C 305 -7.49 -31.65 -35.21
N PHE C 306 -6.75 -32.33 -36.10
CA PHE C 306 -6.85 -32.07 -37.53
C PHE C 306 -7.89 -32.93 -38.22
N THR C 307 -8.50 -33.89 -37.53
CA THR C 307 -9.60 -34.68 -38.06
C THR C 307 -10.77 -34.60 -37.11
N VAL C 308 -11.84 -33.94 -37.55
CA VAL C 308 -13.06 -33.79 -36.76
C VAL C 308 -13.95 -34.98 -37.02
N GLU C 309 -14.58 -35.48 -35.96
CA GLU C 309 -15.38 -36.70 -36.02
C GLU C 309 -16.86 -36.32 -35.96
N LYS C 310 -17.69 -37.17 -36.56
CA LYS C 310 -19.11 -36.86 -36.73
C LYS C 310 -19.78 -36.52 -35.40
N GLY C 311 -20.55 -35.45 -35.41
CA GLY C 311 -21.22 -34.98 -34.22
C GLY C 311 -21.55 -33.50 -34.36
N ILE C 312 -21.87 -32.89 -33.23
CA ILE C 312 -22.16 -31.46 -33.15
C ILE C 312 -21.32 -30.89 -32.00
N TYR C 313 -20.61 -29.80 -32.27
CA TYR C 313 -19.65 -29.26 -31.32
C TYR C 313 -19.94 -27.79 -31.06
N GLN C 314 -19.87 -27.39 -29.80
CA GLN C 314 -20.00 -25.99 -29.42
C GLN C 314 -18.64 -25.32 -29.57
N THR C 315 -18.62 -24.13 -30.16
CA THR C 315 -17.37 -23.47 -30.51
C THR C 315 -17.23 -22.07 -29.93
N SER C 316 -18.28 -21.26 -29.98
CA SER C 316 -18.14 -19.85 -29.61
C SER C 316 -19.49 -19.36 -29.08
N ASN C 317 -19.64 -18.04 -29.02
CA ASN C 317 -20.88 -17.37 -28.71
C ASN C 317 -21.03 -16.19 -29.66
N PHE C 318 -22.00 -15.33 -29.37
CA PHE C 318 -22.16 -14.10 -30.14
C PHE C 318 -23.01 -13.12 -29.36
N ARG C 319 -22.83 -11.84 -29.67
CA ARG C 319 -23.71 -10.80 -29.19
C ARG C 319 -23.89 -9.78 -30.31
N VAL C 320 -25.11 -9.32 -30.48
CA VAL C 320 -25.35 -8.18 -31.36
C VAL C 320 -24.64 -6.97 -30.79
N GLN C 321 -24.38 -5.97 -31.64
CA GLN C 321 -23.47 -5.04 -31.00
C GLN C 321 -24.08 -3.65 -30.88
N PRO C 322 -23.70 -2.93 -29.83
CA PRO C 322 -24.27 -1.59 -29.60
C PRO C 322 -23.95 -0.62 -30.73
N THR C 323 -24.94 0.21 -31.06
CA THR C 323 -24.76 1.28 -32.05
C THR C 323 -24.41 2.60 -31.38
N GLU C 324 -24.55 3.70 -32.11
CA GLU C 324 -23.99 5.00 -31.73
C GLU C 324 -24.40 5.41 -30.33
N SER C 325 -23.62 6.33 -29.75
CA SER C 325 -23.70 6.69 -28.34
C SER C 325 -24.59 7.91 -28.14
N ILE C 326 -25.31 7.91 -27.02
CA ILE C 326 -26.19 9.01 -26.64
C ILE C 326 -25.94 9.34 -25.17
N VAL C 327 -26.06 10.63 -24.86
CA VAL C 327 -25.83 11.13 -23.50
C VAL C 327 -27.06 11.90 -23.05
N ARG C 328 -27.70 11.44 -21.97
CA ARG C 328 -28.91 12.06 -21.44
C ARG C 328 -28.56 12.75 -20.12
N PHE C 329 -28.05 13.98 -20.20
CA PHE C 329 -27.58 14.66 -18.96
C PHE C 329 -28.70 15.50 -18.34
N PRO C 330 -28.75 15.74 -16.99
CA PRO C 330 -29.89 16.40 -16.33
C PRO C 330 -30.27 17.85 -16.66
N ASN C 331 -31.57 18.11 -16.83
CA ASN C 331 -32.03 19.50 -17.01
C ASN C 331 -33.29 19.66 -16.11
N ILE C 332 -34.50 19.27 -16.57
CA ILE C 332 -35.75 19.26 -15.75
C ILE C 332 -35.98 20.54 -14.88
N THR C 333 -36.44 21.66 -15.46
CA THR C 333 -37.42 21.79 -16.58
C THR C 333 -37.38 23.22 -17.19
N ASN C 334 -37.74 24.28 -16.47
CA ASN C 334 -37.83 25.64 -17.08
C ASN C 334 -36.76 26.61 -16.52
N LEU C 335 -35.74 26.98 -17.31
CA LEU C 335 -34.57 27.87 -16.97
C LEU C 335 -34.49 28.68 -15.65
N CYS C 336 -33.26 28.81 -15.11
CA CYS C 336 -33.01 29.66 -13.90
C CYS C 336 -32.86 31.10 -14.42
N PRO C 337 -33.19 32.16 -13.64
CA PRO C 337 -33.15 33.53 -14.16
C PRO C 337 -31.76 34.14 -14.45
N PHE C 338 -31.21 33.90 -15.64
CA PHE C 338 -29.92 34.54 -16.01
C PHE C 338 -30.22 35.69 -16.98
N GLY C 339 -31.49 35.83 -17.38
CA GLY C 339 -31.86 36.98 -18.22
C GLY C 339 -32.41 38.08 -17.33
N GLU C 340 -32.78 37.73 -16.10
CA GLU C 340 -33.29 38.75 -15.14
C GLU C 340 -32.11 39.51 -14.54
N VAL C 341 -30.94 38.87 -14.44
CA VAL C 341 -29.78 39.52 -13.78
C VAL C 341 -28.85 40.14 -14.83
N PHE C 342 -28.58 39.43 -15.93
CA PHE C 342 -27.59 39.94 -16.93
C PHE C 342 -28.25 40.93 -17.89
N ASN C 343 -29.57 40.79 -18.12
CA ASN C 343 -30.24 41.65 -19.13
C ASN C 343 -31.26 42.57 -18.44
N ALA C 344 -31.05 42.93 -17.17
CA ALA C 344 -31.93 43.89 -16.49
C ALA C 344 -31.67 45.29 -17.06
N THR C 345 -32.70 46.14 -17.11
CA THR C 345 -32.54 47.51 -17.67
C THR C 345 -31.90 48.43 -16.63
N ARG C 346 -32.16 48.19 -15.34
CA ARG C 346 -31.65 49.10 -14.28
C ARG C 346 -30.76 48.33 -13.31
N PHE C 347 -29.45 48.55 -13.34
CA PHE C 347 -28.54 47.89 -12.36
C PHE C 347 -28.47 48.76 -11.11
N ALA C 348 -27.81 48.28 -10.06
CA ALA C 348 -27.78 49.03 -8.78
C ALA C 348 -26.44 49.73 -8.62
N SER C 349 -26.26 50.43 -7.49
CA SER C 349 -24.95 51.07 -7.21
C SER C 349 -24.09 50.09 -6.41
N VAL C 350 -22.77 50.24 -6.46
CA VAL C 350 -21.86 49.25 -5.82
C VAL C 350 -22.06 49.17 -4.28
N TYR C 351 -22.50 50.27 -3.64
CA TYR C 351 -22.70 50.26 -2.17
C TYR C 351 -23.92 49.39 -1.83
N ALA C 352 -25.03 49.60 -2.55
CA ALA C 352 -26.27 48.81 -2.33
C ALA C 352 -26.38 47.77 -3.45
N TRP C 353 -25.41 46.88 -3.56
CA TRP C 353 -25.39 45.88 -4.66
C TRP C 353 -26.55 44.88 -4.51
N ASN C 354 -27.21 44.55 -5.62
CA ASN C 354 -28.30 43.54 -5.58
C ASN C 354 -27.71 42.15 -5.38
N ARG C 355 -28.39 41.28 -4.64
CA ARG C 355 -27.93 39.86 -4.50
C ARG C 355 -29.14 38.96 -4.72
N LYS C 356 -29.07 38.08 -5.71
CA LYS C 356 -30.22 37.18 -6.01
C LYS C 356 -29.85 35.75 -5.64
N ARG C 357 -30.71 35.07 -4.87
CA ARG C 357 -30.45 33.63 -4.56
C ARG C 357 -31.08 32.78 -5.67
N ILE C 358 -30.29 31.92 -6.30
CA ILE C 358 -30.79 31.02 -7.39
C ILE C 358 -30.67 29.58 -6.89
N SER C 359 -31.80 28.89 -6.70
CA SER C 359 -31.79 27.49 -6.18
C SER C 359 -33.05 26.76 -6.69
N ASN C 360 -33.02 25.42 -6.75
CA ASN C 360 -34.20 24.62 -7.17
C ASN C 360 -34.72 25.03 -8.56
N CYS C 361 -33.83 25.40 -9.49
CA CYS C 361 -34.24 25.70 -10.89
C CYS C 361 -33.22 24.99 -11.81
N VAL C 362 -33.35 25.11 -13.13
CA VAL C 362 -32.42 24.41 -14.08
C VAL C 362 -31.52 25.46 -14.72
N ALA C 363 -30.19 25.37 -14.58
CA ALA C 363 -29.31 26.47 -15.05
C ALA C 363 -28.59 26.19 -16.37
N ASP C 364 -28.71 27.12 -17.34
CA ASP C 364 -27.96 27.00 -18.62
C ASP C 364 -26.71 27.90 -18.56
N TYR C 365 -25.54 27.31 -18.28
CA TYR C 365 -24.32 28.15 -18.13
C TYR C 365 -23.69 28.42 -19.50
N SER C 366 -24.17 27.72 -20.54
CA SER C 366 -23.62 27.89 -21.91
C SER C 366 -23.88 29.30 -22.44
N VAL C 367 -25.04 29.89 -22.10
CA VAL C 367 -25.38 31.25 -22.59
C VAL C 367 -24.31 32.24 -22.12
N LEU C 368 -23.86 32.11 -20.88
CA LEU C 368 -22.84 33.03 -20.31
C LEU C 368 -21.49 32.81 -21.00
N TYR C 369 -20.86 31.65 -20.76
CA TYR C 369 -19.50 31.41 -21.31
C TYR C 369 -19.41 31.64 -22.84
N ASN C 370 -20.51 31.41 -23.57
CA ASN C 370 -20.43 31.53 -25.05
C ASN C 370 -21.25 32.71 -25.57
N SER C 371 -21.10 33.88 -24.94
CA SER C 371 -21.86 35.10 -25.37
C SER C 371 -20.94 36.07 -26.11
N ALA C 372 -19.64 36.09 -25.75
CA ALA C 372 -18.64 36.98 -26.41
C ALA C 372 -19.07 38.45 -26.36
N SER C 373 -19.34 38.97 -25.16
CA SER C 373 -19.69 40.41 -25.00
C SER C 373 -19.19 40.88 -23.64
N PHE C 374 -18.31 40.09 -23.01
CA PHE C 374 -17.85 40.44 -21.64
C PHE C 374 -16.39 40.89 -21.66
N SER C 375 -16.10 42.00 -20.96
CA SER C 375 -14.71 42.50 -20.86
C SER C 375 -13.93 41.60 -19.89
N THR C 376 -14.63 40.97 -18.94
CA THR C 376 -13.94 40.16 -17.90
C THR C 376 -14.66 38.83 -17.67
N PHE C 377 -13.95 37.72 -17.68
CA PHE C 377 -14.55 36.39 -17.34
C PHE C 377 -13.46 35.58 -16.62
N LYS C 378 -13.31 35.79 -15.31
CA LYS C 378 -12.24 35.10 -14.54
C LYS C 378 -12.88 34.23 -13.45
N CYS C 379 -12.74 32.90 -13.56
CA CYS C 379 -13.38 31.99 -12.59
C CYS C 379 -12.31 31.42 -11.64
N TYR C 380 -12.54 31.55 -10.33
CA TYR C 380 -11.52 31.12 -9.33
C TYR C 380 -11.89 29.76 -8.74
N GLY C 381 -13.09 29.25 -9.05
CA GLY C 381 -13.51 27.93 -8.57
C GLY C 381 -13.22 26.87 -9.62
N VAL C 382 -14.24 26.47 -10.38
CA VAL C 382 -14.03 25.48 -11.48
C VAL C 382 -14.07 26.23 -12.81
N SER C 383 -13.21 25.85 -13.77
CA SER C 383 -13.10 26.55 -15.08
C SER C 383 -14.48 26.82 -15.71
N PRO C 384 -14.67 27.96 -16.39
CA PRO C 384 -15.96 28.30 -17.01
C PRO C 384 -16.51 27.30 -18.03
N THR C 385 -15.62 26.64 -18.79
CA THR C 385 -16.07 25.64 -19.79
C THR C 385 -16.53 24.37 -19.07
N LYS C 386 -16.06 24.14 -17.85
CA LYS C 386 -16.45 22.94 -17.05
C LYS C 386 -17.32 23.37 -15.87
N LEU C 387 -18.16 24.40 -16.06
CA LEU C 387 -18.97 24.92 -14.93
C LEU C 387 -20.37 24.29 -14.94
N ASN C 388 -20.79 23.71 -16.06
CA ASN C 388 -22.19 23.22 -16.16
C ASN C 388 -22.34 21.71 -15.91
N ASP C 389 -21.79 21.18 -14.82
CA ASP C 389 -22.02 19.74 -14.47
C ASP C 389 -21.83 19.58 -12.97
N LEU C 390 -21.47 20.67 -12.31
CA LEU C 390 -21.22 20.61 -10.85
C LEU C 390 -22.49 21.07 -10.15
N CYS C 391 -23.19 20.14 -9.49
CA CYS C 391 -24.47 20.48 -8.84
C CYS C 391 -24.21 21.39 -7.63
N PHE C 392 -24.42 22.70 -7.81
CA PHE C 392 -24.20 23.68 -6.71
C PHE C 392 -25.50 23.85 -5.95
N THR C 393 -25.44 24.41 -4.73
CA THR C 393 -26.66 24.67 -3.94
C THR C 393 -27.21 26.05 -4.31
N ASN C 394 -26.66 27.11 -3.72
CA ASN C 394 -27.18 28.48 -3.98
C ASN C 394 -26.26 29.23 -4.94
N VAL C 395 -26.84 29.90 -5.93
CA VAL C 395 -26.04 30.71 -6.89
C VAL C 395 -26.34 32.19 -6.62
N TYR C 396 -25.38 32.92 -6.06
CA TYR C 396 -25.61 34.35 -5.72
C TYR C 396 -25.23 35.23 -6.91
N ALA C 397 -26.11 36.18 -7.27
CA ALA C 397 -25.85 37.07 -8.41
C ALA C 397 -25.68 38.51 -7.93
N ASP C 398 -24.43 38.94 -7.70
CA ASP C 398 -24.16 40.31 -7.19
C ASP C 398 -24.06 41.28 -8.36
N SER C 399 -25.14 42.00 -8.68
CA SER C 399 -25.15 42.90 -9.86
C SER C 399 -25.03 44.37 -9.43
N PHE C 400 -24.13 45.13 -10.08
CA PHE C 400 -23.92 46.57 -9.77
C PHE C 400 -23.16 47.24 -10.93
N VAL C 401 -23.01 48.57 -10.88
CA VAL C 401 -22.25 49.29 -11.94
C VAL C 401 -21.09 50.06 -11.29
N ILE C 402 -19.87 49.90 -11.82
CA ILE C 402 -18.68 50.60 -11.28
C ILE C 402 -17.91 51.24 -12.44
N ARG C 403 -16.61 51.51 -12.25
CA ARG C 403 -15.76 52.07 -13.34
C ARG C 403 -14.85 50.96 -13.87
N GLY C 404 -14.05 51.27 -14.90
CA GLY C 404 -13.13 50.28 -15.47
C GLY C 404 -11.94 50.00 -14.57
N ASP C 405 -11.44 51.03 -13.89
CA ASP C 405 -10.31 50.84 -12.94
C ASP C 405 -10.84 50.13 -11.69
N GLU C 406 -12.14 50.24 -11.43
CA GLU C 406 -12.74 49.64 -10.21
C GLU C 406 -13.05 48.15 -10.42
N VAL C 407 -12.86 47.62 -11.63
CA VAL C 407 -13.04 46.16 -11.86
C VAL C 407 -11.89 45.44 -11.16
N ARG C 408 -10.72 46.08 -11.10
CA ARG C 408 -9.55 45.48 -10.39
C ARG C 408 -9.95 45.13 -8.96
N GLN C 409 -10.66 46.04 -8.27
CA GLN C 409 -11.04 45.83 -6.84
C GLN C 409 -12.00 44.64 -6.68
N ILE C 410 -12.71 44.25 -7.74
CA ILE C 410 -13.60 43.06 -7.68
C ILE C 410 -12.75 41.80 -7.91
N ALA C 411 -11.92 41.43 -6.92
CA ALA C 411 -11.06 40.23 -7.03
C ALA C 411 -10.71 39.75 -5.62
N PRO C 412 -10.69 38.43 -5.35
CA PRO C 412 -10.28 37.90 -4.03
C PRO C 412 -9.12 38.66 -3.37
N GLY C 413 -9.41 39.37 -2.27
CA GLY C 413 -8.35 40.09 -1.53
C GLY C 413 -7.80 41.26 -2.30
N GLN C 414 -8.59 42.34 -2.45
CA GLN C 414 -8.09 43.56 -3.12
C GLN C 414 -8.26 44.76 -2.19
N THR C 415 -7.75 45.93 -2.59
CA THR C 415 -7.87 47.16 -1.75
C THR C 415 -8.53 48.27 -2.58
N GLY C 416 -8.68 49.46 -1.99
CA GLY C 416 -9.24 50.60 -2.74
C GLY C 416 -10.63 50.98 -2.26
N LYS C 417 -11.29 51.89 -2.97
CA LYS C 417 -12.63 52.38 -2.55
C LYS C 417 -13.63 51.22 -2.60
N ILE C 418 -13.81 50.60 -3.77
CA ILE C 418 -14.84 49.53 -3.90
C ILE C 418 -14.55 48.39 -2.93
N ALA C 419 -13.33 47.82 -2.98
CA ALA C 419 -13.03 46.64 -2.16
C ALA C 419 -13.25 46.88 -0.66
N ASP C 420 -12.70 47.97 -0.10
CA ASP C 420 -12.78 48.15 1.38
C ASP C 420 -13.97 49.01 1.83
N TYR C 421 -14.77 49.57 0.93
CA TYR C 421 -15.84 50.49 1.40
C TYR C 421 -17.17 50.23 0.69
N ASN C 422 -17.20 49.29 -0.26
CA ASN C 422 -18.46 49.08 -1.05
C ASN C 422 -18.77 47.58 -1.17
N TYR C 423 -18.01 46.87 -2.01
CA TYR C 423 -18.24 45.42 -2.24
C TYR C 423 -16.91 44.67 -2.11
N LYS C 424 -16.87 43.67 -1.24
CA LYS C 424 -15.60 42.91 -1.02
C LYS C 424 -15.74 41.50 -1.56
N LEU C 425 -14.80 41.08 -2.41
CA LEU C 425 -14.80 39.68 -2.91
C LEU C 425 -13.89 38.85 -1.99
N PRO C 426 -14.40 37.81 -1.30
CA PRO C 426 -13.59 37.03 -0.37
C PRO C 426 -12.38 36.36 -1.03
N ASP C 427 -11.33 36.08 -0.27
CA ASP C 427 -10.13 35.41 -0.82
C ASP C 427 -10.47 33.97 -1.22
N ASP C 428 -11.53 33.40 -0.65
CA ASP C 428 -11.94 32.01 -0.95
C ASP C 428 -13.06 32.00 -1.99
N PHE C 429 -13.25 33.12 -2.70
CA PHE C 429 -14.32 33.21 -3.73
C PHE C 429 -14.19 32.04 -4.71
N THR C 430 -15.23 31.20 -4.79
CA THR C 430 -15.21 30.05 -5.71
C THR C 430 -16.27 30.25 -6.80
N GLY C 431 -16.18 31.36 -7.54
CA GLY C 431 -17.18 31.66 -8.57
C GLY C 431 -16.58 32.39 -9.75
N CYS C 432 -17.40 33.11 -10.53
CA CYS C 432 -16.90 33.81 -11.74
C CYS C 432 -17.23 35.30 -11.68
N VAL C 433 -16.23 36.17 -11.83
CA VAL C 433 -16.52 37.63 -11.90
C VAL C 433 -16.78 37.97 -13.37
N ILE C 434 -17.98 38.46 -13.68
CA ILE C 434 -18.35 38.74 -15.11
C ILE C 434 -18.60 40.24 -15.27
N ALA C 435 -17.69 40.94 -15.95
CA ALA C 435 -17.83 42.41 -16.12
C ALA C 435 -17.94 42.75 -17.60
N TRP C 436 -18.56 43.89 -17.92
CA TRP C 436 -18.66 44.35 -19.35
C TRP C 436 -18.92 45.86 -19.38
N ASN C 437 -18.35 46.56 -20.37
CA ASN C 437 -18.52 48.03 -20.47
C ASN C 437 -19.98 48.37 -20.77
N SER C 438 -20.50 49.44 -20.17
CA SER C 438 -21.89 49.88 -20.45
C SER C 438 -21.89 51.38 -20.74
N ASN C 439 -20.96 51.85 -21.58
CA ASN C 439 -20.85 53.30 -21.91
C ASN C 439 -22.08 53.75 -22.70
N ASN C 440 -22.76 52.80 -23.36
CA ASN C 440 -23.95 53.15 -24.18
C ASN C 440 -25.22 52.95 -23.35
N LEU C 441 -25.08 52.48 -22.10
CA LEU C 441 -26.29 52.15 -21.29
C LEU C 441 -26.31 52.99 -20.01
N ASP C 442 -25.20 53.04 -19.26
CA ASP C 442 -25.22 53.72 -17.94
C ASP C 442 -24.36 55.00 -17.95
N SER C 443 -24.10 55.57 -19.13
CA SER C 443 -23.37 56.86 -19.16
C SER C 443 -24.30 57.95 -19.69
N LYS C 444 -24.26 59.14 -19.09
CA LYS C 444 -25.13 60.25 -19.52
C LYS C 444 -24.26 61.44 -19.94
N VAL C 445 -24.64 62.13 -21.01
CA VAL C 445 -23.90 63.36 -21.41
C VAL C 445 -24.06 64.40 -20.30
N GLY C 446 -22.99 64.67 -19.54
CA GLY C 446 -23.10 65.59 -18.39
C GLY C 446 -22.85 64.85 -17.09
N GLY C 447 -22.65 63.53 -17.15
CA GLY C 447 -22.38 62.73 -15.95
C GLY C 447 -23.60 61.94 -15.51
N ASN C 448 -23.42 60.66 -15.17
CA ASN C 448 -24.55 59.86 -14.64
C ASN C 448 -24.45 59.83 -13.12
N TYR C 449 -25.22 60.68 -12.43
CA TYR C 449 -25.11 60.78 -10.95
C TYR C 449 -26.11 59.83 -10.28
N ASN C 450 -26.87 59.08 -11.08
CA ASN C 450 -27.83 58.09 -10.52
C ASN C 450 -27.03 57.01 -9.79
N TYR C 451 -25.84 56.67 -10.30
CA TYR C 451 -24.98 55.66 -9.65
C TYR C 451 -24.13 56.34 -8.57
N LEU C 452 -23.95 55.68 -7.42
CA LEU C 452 -23.19 56.27 -6.30
C LEU C 452 -22.20 55.24 -5.75
N TYR C 453 -21.33 55.65 -4.82
CA TYR C 453 -20.36 54.73 -4.20
C TYR C 453 -19.95 55.28 -2.83
N ARG C 454 -19.84 54.41 -1.83
CA ARG C 454 -19.39 54.86 -0.48
C ARG C 454 -17.87 55.04 -0.52
N LEU C 455 -17.38 56.23 -0.16
CA LEU C 455 -15.92 56.45 -0.09
C LEU C 455 -15.51 56.56 1.38
N PHE C 456 -15.97 57.60 2.07
CA PHE C 456 -15.54 57.83 3.47
C PHE C 456 -16.25 56.86 4.42
N ARG C 457 -15.65 55.69 4.66
CA ARG C 457 -16.24 54.74 5.65
C ARG C 457 -15.22 54.56 6.79
N LYS C 458 -15.69 54.45 8.03
CA LYS C 458 -14.78 54.37 9.21
C LYS C 458 -13.71 53.29 9.01
N SER C 459 -14.10 52.02 8.93
CA SER C 459 -13.08 50.93 8.85
C SER C 459 -13.05 50.32 7.45
N ASN C 460 -12.85 49.00 7.37
CA ASN C 460 -12.82 48.30 6.06
C ASN C 460 -14.10 47.46 5.92
N LEU C 461 -14.29 46.81 4.78
CA LEU C 461 -15.55 46.03 4.54
C LEU C 461 -15.29 44.55 4.77
N LYS C 462 -16.35 43.80 5.11
CA LYS C 462 -16.22 42.34 5.33
C LYS C 462 -16.56 41.62 4.02
N PRO C 463 -15.97 40.45 3.70
CA PRO C 463 -16.34 39.69 2.50
C PRO C 463 -17.85 39.59 2.34
N PHE C 464 -18.39 40.02 1.19
CA PHE C 464 -19.85 39.96 0.91
C PHE C 464 -20.64 40.72 1.99
N GLU C 465 -20.50 42.05 2.03
CA GLU C 465 -21.27 42.87 3.00
C GLU C 465 -21.84 44.11 2.30
N ARG C 466 -23.16 44.31 2.38
CA ARG C 466 -23.80 45.50 1.75
C ARG C 466 -23.60 46.70 2.68
N ASP C 467 -22.91 47.73 2.19
CA ASP C 467 -22.66 48.95 3.01
C ASP C 467 -23.72 50.01 2.68
N ILE C 468 -24.73 50.14 3.54
CA ILE C 468 -25.84 51.12 3.27
C ILE C 468 -25.94 52.10 4.44
N SER C 469 -24.83 52.30 5.18
CA SER C 469 -24.81 53.28 6.30
C SER C 469 -24.80 54.70 5.72
N THR C 470 -25.98 55.27 5.49
CA THR C 470 -26.08 56.62 4.86
C THR C 470 -26.30 57.69 5.92
N GLU C 471 -25.30 57.92 6.78
CA GLU C 471 -25.44 58.92 7.88
C GLU C 471 -24.24 59.86 7.85
N ILE C 472 -24.40 61.10 8.32
CA ILE C 472 -23.30 62.11 8.30
C ILE C 472 -22.01 61.47 8.84
N TYR C 473 -20.94 61.50 8.03
CA TYR C 473 -19.65 60.87 8.44
C TYR C 473 -18.74 61.93 9.06
N GLN C 474 -18.47 61.82 10.36
CA GLN C 474 -17.49 62.75 10.99
C GLN C 474 -16.09 62.29 10.62
N ALA C 475 -15.36 63.08 9.83
CA ALA C 475 -14.01 62.66 9.37
C ALA C 475 -13.01 62.78 10.52
N GLY C 476 -12.75 64.00 11.00
CA GLY C 476 -11.78 64.22 12.09
C GLY C 476 -12.42 64.09 13.45
N SER C 477 -12.65 65.22 14.13
CA SER C 477 -13.28 65.21 15.47
C SER C 477 -14.21 66.42 15.61
N THR C 478 -15.06 66.66 14.60
CA THR C 478 -15.99 67.82 14.64
C THR C 478 -17.42 67.31 14.84
N PRO C 479 -18.02 67.46 16.05
CA PRO C 479 -19.41 67.06 16.27
C PRO C 479 -20.38 67.92 15.46
N CYS C 480 -21.21 67.29 14.63
CA CYS C 480 -22.21 68.03 13.81
C CYS C 480 -23.61 67.56 14.20
N ASN C 481 -23.70 66.43 14.92
CA ASN C 481 -25.01 65.86 15.35
C ASN C 481 -25.97 65.77 14.15
N GLY C 482 -25.47 65.36 12.99
CA GLY C 482 -26.30 65.29 11.77
C GLY C 482 -26.34 66.62 11.03
N VAL C 483 -25.18 67.14 10.63
CA VAL C 483 -25.14 68.39 9.81
C VAL C 483 -24.11 68.17 8.70
N GLU C 484 -24.47 68.46 7.45
CA GLU C 484 -23.52 68.33 6.31
C GLU C 484 -22.56 69.52 6.33
N GLY C 485 -21.28 69.28 6.66
CA GLY C 485 -20.29 70.37 6.74
C GLY C 485 -18.86 69.88 6.65
N PHE C 486 -17.91 70.66 7.18
CA PHE C 486 -16.47 70.27 7.16
C PHE C 486 -16.24 69.16 8.19
N ASN C 487 -15.47 68.12 7.82
CA ASN C 487 -15.25 66.95 8.72
C ASN C 487 -16.61 66.40 9.16
N CYS C 488 -17.61 66.51 8.28
CA CYS C 488 -19.00 66.07 8.59
C CYS C 488 -19.69 65.82 7.25
N TYR C 489 -18.92 65.41 6.24
CA TYR C 489 -19.47 65.23 4.87
C TYR C 489 -20.27 63.93 4.78
N PHE C 490 -21.03 63.77 3.69
CA PHE C 490 -21.82 62.53 3.48
C PHE C 490 -20.89 61.44 2.92
N PRO C 491 -20.89 60.21 3.50
CA PRO C 491 -20.01 59.13 3.04
C PRO C 491 -20.28 58.71 1.60
N LEU C 492 -21.56 58.74 1.18
CA LEU C 492 -21.92 58.38 -0.21
C LEU C 492 -21.40 59.45 -1.17
N GLN C 493 -20.91 59.04 -2.34
CA GLN C 493 -20.38 60.00 -3.34
C GLN C 493 -20.91 59.60 -4.72
N SER C 494 -21.28 60.56 -5.57
CA SER C 494 -21.89 60.23 -6.88
C SER C 494 -20.84 59.85 -7.93
N TYR C 495 -21.30 59.46 -9.12
CA TYR C 495 -20.36 59.12 -10.22
C TYR C 495 -20.54 60.15 -11.34
N GLY C 496 -19.59 60.18 -12.30
CA GLY C 496 -19.70 61.11 -13.44
C GLY C 496 -19.63 60.36 -14.74
N PHE C 497 -20.36 59.24 -14.84
CA PHE C 497 -20.31 58.38 -16.06
C PHE C 497 -20.67 59.20 -17.30
N GLN C 498 -19.71 59.35 -18.22
CA GLN C 498 -19.94 60.19 -19.43
C GLN C 498 -19.33 59.46 -20.63
N PRO C 499 -19.79 59.67 -21.89
CA PRO C 499 -19.12 59.10 -23.06
C PRO C 499 -17.68 59.63 -23.17
N THR C 500 -17.44 60.86 -22.69
CA THR C 500 -16.09 61.47 -22.76
C THR C 500 -15.14 60.80 -21.75
N ASN C 501 -15.70 60.14 -20.73
CA ASN C 501 -14.86 59.41 -19.72
C ASN C 501 -14.03 58.35 -20.44
N GLY C 502 -12.80 58.11 -19.98
CA GLY C 502 -11.96 57.04 -20.58
C GLY C 502 -12.42 55.67 -20.09
N VAL C 503 -11.87 54.59 -20.64
CA VAL C 503 -12.29 53.20 -20.28
C VAL C 503 -12.24 53.02 -18.75
N GLY C 504 -11.18 53.50 -18.09
CA GLY C 504 -11.03 53.32 -16.63
C GLY C 504 -12.03 54.13 -15.83
N TYR C 505 -12.74 55.07 -16.47
CA TYR C 505 -13.75 55.91 -15.78
C TYR C 505 -15.13 55.64 -16.38
N GLN C 506 -15.22 54.69 -17.32
CA GLN C 506 -16.50 54.40 -18.02
C GLN C 506 -17.35 53.44 -17.17
N PRO C 507 -18.69 53.50 -17.25
CA PRO C 507 -19.56 52.58 -16.51
C PRO C 507 -19.35 51.10 -16.87
N TYR C 508 -19.41 50.22 -15.86
CA TYR C 508 -19.16 48.78 -16.10
C TYR C 508 -20.16 47.92 -15.33
N ARG C 509 -21.12 47.31 -16.04
CA ARG C 509 -22.08 46.39 -15.36
C ARG C 509 -21.35 45.11 -14.96
N VAL C 510 -21.37 44.76 -13.67
CA VAL C 510 -20.62 43.57 -13.18
C VAL C 510 -21.56 42.63 -12.42
N VAL C 511 -21.81 41.43 -12.94
CA VAL C 511 -22.62 40.42 -12.18
C VAL C 511 -21.64 39.37 -11.67
N VAL C 512 -21.37 39.37 -10.36
CA VAL C 512 -20.43 38.39 -9.76
C VAL C 512 -21.22 37.13 -9.39
N LEU C 513 -20.88 35.99 -10.00
CA LEU C 513 -21.65 34.74 -9.78
C LEU C 513 -20.99 33.88 -8.71
N SER C 514 -21.48 33.94 -7.46
CA SER C 514 -20.94 33.07 -6.39
C SER C 514 -21.67 31.73 -6.42
N PHE C 515 -20.98 30.62 -6.13
CA PHE C 515 -21.61 29.28 -6.22
C PHE C 515 -21.52 28.56 -4.87
N GLU C 516 -22.22 27.43 -4.73
CA GLU C 516 -22.17 26.64 -3.47
C GLU C 516 -22.20 25.14 -3.81
N ALA C 522 -26.71 21.06 -4.46
CA ALA C 522 -27.03 19.95 -5.39
C ALA C 522 -28.33 20.27 -6.12
N THR C 523 -28.37 21.38 -6.88
CA THR C 523 -29.62 21.80 -7.54
C THR C 523 -29.38 22.21 -9.01
N VAL C 524 -28.14 22.52 -9.41
CA VAL C 524 -27.91 23.05 -10.79
C VAL C 524 -26.75 22.33 -11.50
N CYS C 525 -27.05 21.47 -12.50
CA CYS C 525 -25.99 20.71 -13.25
C CYS C 525 -26.35 20.59 -14.74
N GLY C 526 -25.53 19.88 -15.54
CA GLY C 526 -25.76 19.70 -17.00
C GLY C 526 -25.12 18.41 -17.50
N PRO C 527 -24.17 18.39 -18.49
CA PRO C 527 -24.17 19.12 -19.76
C PRO C 527 -24.06 18.21 -21.00
N LYS C 528 -22.97 18.31 -21.78
CA LYS C 528 -22.70 17.44 -22.96
C LYS C 528 -23.76 17.60 -24.05
N LYS C 529 -24.36 18.79 -24.17
CA LYS C 529 -25.43 19.05 -25.20
C LYS C 529 -26.28 17.79 -25.32
N SER C 530 -26.82 17.29 -24.21
CA SER C 530 -27.60 16.01 -24.17
C SER C 530 -28.08 15.54 -25.54
N THR C 531 -27.38 14.55 -26.13
CA THR C 531 -27.76 14.00 -27.45
C THR C 531 -29.18 13.43 -27.40
N ASN C 532 -30.05 13.82 -28.34
CA ASN C 532 -31.45 13.33 -28.40
C ASN C 532 -31.52 11.81 -28.26
N LEU C 533 -32.51 11.28 -27.53
CA LEU C 533 -32.56 9.82 -27.29
C LEU C 533 -33.00 9.07 -28.56
N VAL C 534 -32.56 7.82 -28.73
CA VAL C 534 -32.97 6.97 -29.89
C VAL C 534 -33.73 5.76 -29.34
N LYS C 535 -34.49 5.01 -30.16
CA LYS C 535 -35.34 3.91 -29.61
C LYS C 535 -35.18 2.56 -30.33
N ASN C 536 -35.53 1.44 -29.68
CA ASN C 536 -35.54 0.08 -30.31
C ASN C 536 -34.15 -0.42 -30.74
N LYS C 537 -33.06 0.32 -30.51
CA LYS C 537 -31.76 -0.24 -30.96
C LYS C 537 -30.88 -0.54 -29.76
N CYS C 538 -30.20 -1.70 -29.75
CA CYS C 538 -29.25 -1.90 -28.69
C CYS C 538 -28.17 -0.95 -28.72
N VAL C 539 -28.22 0.08 -27.85
CA VAL C 539 -27.25 1.21 -27.96
C VAL C 539 -26.41 1.40 -26.71
N ASN C 540 -25.38 2.26 -26.82
CA ASN C 540 -24.56 2.61 -25.62
C ASN C 540 -25.02 3.99 -25.16
N PHE C 541 -25.49 4.11 -23.91
CA PHE C 541 -26.06 5.41 -23.47
C PHE C 541 -25.35 5.94 -22.22
N ASN C 542 -25.73 7.14 -21.77
CA ASN C 542 -25.19 7.70 -20.50
C ASN C 542 -26.36 8.42 -19.85
N PHE C 543 -27.18 7.70 -19.07
CA PHE C 543 -28.42 8.30 -18.52
C PHE C 543 -28.18 8.94 -17.16
N ASN C 544 -27.79 10.22 -17.14
CA ASN C 544 -27.57 10.95 -15.85
C ASN C 544 -26.54 10.19 -15.03
N GLY C 545 -25.59 9.52 -15.69
CA GLY C 545 -24.58 8.71 -14.98
C GLY C 545 -24.82 7.22 -15.15
N LEU C 546 -26.09 6.80 -15.16
CA LEU C 546 -26.41 5.36 -15.39
C LEU C 546 -25.85 4.93 -16.74
N THR C 547 -24.78 4.15 -16.76
CA THR C 547 -24.25 3.63 -18.05
C THR C 547 -24.62 2.16 -18.18
N GLY C 548 -24.90 1.70 -19.40
CA GLY C 548 -25.29 0.30 -19.63
C GLY C 548 -25.57 0.08 -21.11
N THR C 549 -26.06 -1.10 -21.47
CA THR C 549 -26.34 -1.42 -22.91
C THR C 549 -27.60 -2.27 -23.03
N GLY C 550 -28.41 -2.03 -24.06
CA GLY C 550 -29.68 -2.75 -24.27
C GLY C 550 -30.58 -1.96 -25.19
N VAL C 551 -31.86 -2.32 -25.28
CA VAL C 551 -32.79 -1.60 -26.20
C VAL C 551 -33.47 -0.48 -25.41
N LEU C 552 -33.87 0.60 -26.10
CA LEU C 552 -34.61 1.71 -25.42
C LEU C 552 -36.03 1.72 -25.97
N THR C 553 -36.99 1.11 -25.27
CA THR C 553 -38.40 1.07 -25.75
C THR C 553 -39.28 1.83 -24.74
N GLU C 554 -40.54 2.14 -25.07
CA GLU C 554 -41.37 2.96 -24.13
C GLU C 554 -41.99 2.04 -23.07
N SER C 555 -41.90 2.42 -21.78
CA SER C 555 -42.43 1.55 -20.69
C SER C 555 -43.89 1.84 -20.37
N ASN C 556 -44.53 0.94 -19.61
CA ASN C 556 -45.93 1.18 -19.17
C ASN C 556 -45.99 1.07 -17.64
N LYS C 557 -44.83 0.95 -16.98
CA LYS C 557 -44.81 0.78 -15.51
C LYS C 557 -45.48 1.98 -14.85
N LYS C 558 -46.35 1.74 -13.85
CA LYS C 558 -47.10 2.86 -13.20
C LYS C 558 -46.15 3.65 -12.29
N PHE C 559 -45.08 4.20 -12.86
CA PHE C 559 -44.11 5.00 -12.07
C PHE C 559 -44.89 6.15 -11.44
N LEU C 560 -45.22 6.04 -10.15
CA LEU C 560 -45.92 7.15 -9.45
C LEU C 560 -45.05 8.39 -9.69
N PRO C 561 -45.61 9.59 -9.97
CA PRO C 561 -44.82 10.77 -10.38
C PRO C 561 -43.61 11.24 -9.56
N PHE C 562 -42.56 10.42 -9.44
CA PHE C 562 -41.35 10.76 -8.65
C PHE C 562 -40.30 9.68 -8.99
N GLN C 563 -40.74 8.61 -9.67
CA GLN C 563 -39.84 7.45 -9.94
C GLN C 563 -38.74 7.80 -10.95
N GLN C 564 -37.57 7.17 -10.82
CA GLN C 564 -36.41 7.48 -11.72
C GLN C 564 -36.04 6.25 -12.55
N PHE C 565 -35.84 5.11 -11.90
CA PHE C 565 -35.45 3.86 -12.63
C PHE C 565 -36.02 2.65 -11.89
N GLY C 566 -36.77 1.79 -12.60
CA GLY C 566 -37.33 0.58 -11.99
C GLY C 566 -36.43 -0.62 -12.23
N ARG C 567 -36.87 -1.83 -11.87
CA ARG C 567 -36.09 -3.07 -12.13
C ARG C 567 -37.00 -4.28 -12.06
N ASP C 568 -36.50 -5.46 -12.44
CA ASP C 568 -37.30 -6.69 -12.29
C ASP C 568 -36.73 -7.44 -11.08
N ILE C 569 -35.39 -7.55 -10.99
CA ILE C 569 -34.72 -8.26 -9.86
C ILE C 569 -33.21 -8.04 -9.90
N ALA C 570 -32.51 -8.19 -8.77
CA ALA C 570 -31.03 -8.10 -8.68
C ALA C 570 -30.33 -7.17 -9.68
N ASP C 571 -30.31 -5.85 -9.43
CA ASP C 571 -29.51 -4.90 -10.27
C ASP C 571 -29.89 -4.92 -11.77
N THR C 572 -31.06 -5.44 -12.16
CA THR C 572 -31.43 -5.35 -13.61
C THR C 572 -32.29 -4.11 -13.84
N THR C 573 -31.68 -2.92 -13.84
CA THR C 573 -32.45 -1.66 -14.08
C THR C 573 -33.36 -1.84 -15.30
N ASP C 574 -34.69 -1.87 -15.09
CA ASP C 574 -35.62 -2.13 -16.21
C ASP C 574 -35.81 -0.87 -17.06
N ALA C 575 -36.12 0.28 -16.45
CA ALA C 575 -36.41 1.47 -17.29
C ALA C 575 -35.58 2.70 -16.88
N VAL C 576 -35.86 3.87 -17.48
CA VAL C 576 -35.12 5.14 -17.17
C VAL C 576 -35.96 6.32 -17.65
N ARG C 577 -36.00 7.43 -16.90
CA ARG C 577 -36.72 8.60 -17.45
C ARG C 577 -35.72 9.64 -17.94
N ASP C 578 -35.91 10.17 -19.15
CA ASP C 578 -35.00 11.26 -19.63
C ASP C 578 -35.08 12.42 -18.65
N PRO C 579 -33.95 12.94 -18.14
CA PRO C 579 -33.98 14.00 -17.14
C PRO C 579 -34.22 15.38 -17.76
N GLN C 580 -35.14 15.48 -18.72
CA GLN C 580 -35.47 16.77 -19.39
C GLN C 580 -36.98 16.83 -19.59
N THR C 581 -37.63 15.68 -19.79
CA THR C 581 -39.11 15.64 -19.92
C THR C 581 -39.72 14.58 -19.01
N LEU C 582 -38.93 13.98 -18.11
CA LEU C 582 -39.46 13.01 -17.10
C LEU C 582 -40.29 11.94 -17.81
N GLU C 583 -39.70 11.16 -18.72
CA GLU C 583 -40.47 10.21 -19.51
C GLU C 583 -39.74 8.88 -19.60
N ILE C 584 -40.41 7.81 -19.15
CA ILE C 584 -39.76 6.55 -18.82
C ILE C 584 -39.59 5.67 -20.05
N LEU C 585 -38.45 4.95 -20.10
CA LEU C 585 -38.00 4.23 -21.28
C LEU C 585 -37.35 2.91 -20.88
N ASP C 586 -37.86 1.79 -21.40
CA ASP C 586 -37.36 0.46 -21.04
C ASP C 586 -35.91 0.24 -21.45
N ILE C 587 -35.25 -0.68 -20.75
CA ILE C 587 -33.94 -1.21 -21.13
C ILE C 587 -33.99 -2.72 -20.91
N THR C 588 -33.89 -3.48 -22.00
CA THR C 588 -33.83 -4.94 -22.05
C THR C 588 -32.63 -5.37 -22.87
N PRO C 589 -31.76 -6.24 -22.37
CA PRO C 589 -30.47 -6.47 -23.04
C PRO C 589 -30.63 -7.19 -24.37
N CYS C 590 -29.89 -6.71 -25.37
CA CYS C 590 -29.98 -7.22 -26.72
C CYS C 590 -29.45 -8.66 -26.79
N SER C 591 -29.77 -9.34 -27.88
CA SER C 591 -29.73 -10.80 -27.91
C SER C 591 -28.31 -11.35 -27.89
N PHE C 592 -28.20 -12.63 -27.52
CA PHE C 592 -26.94 -13.35 -27.50
C PHE C 592 -27.25 -14.84 -27.52
N GLY C 593 -26.20 -15.65 -27.42
CA GLY C 593 -26.36 -17.09 -27.41
C GLY C 593 -25.07 -17.77 -27.80
N GLY C 594 -25.14 -19.09 -27.89
CA GLY C 594 -24.01 -19.90 -28.30
C GLY C 594 -24.15 -20.38 -29.74
N VAL C 595 -23.05 -20.89 -30.28
CA VAL C 595 -23.00 -21.35 -31.66
C VAL C 595 -22.41 -22.75 -31.70
N SER C 596 -23.01 -23.62 -32.50
CA SER C 596 -22.57 -25.00 -32.63
C SER C 596 -22.38 -25.34 -34.10
N VAL C 597 -21.52 -26.32 -34.33
CA VAL C 597 -21.06 -26.70 -35.67
C VAL C 597 -21.35 -28.18 -35.88
N ILE C 598 -21.97 -28.52 -37.00
CA ILE C 598 -22.47 -29.86 -37.26
C ILE C 598 -21.65 -30.44 -38.41
N THR C 599 -20.89 -31.50 -38.13
CA THR C 599 -20.04 -32.11 -39.15
C THR C 599 -20.37 -33.60 -39.30
N PRO C 600 -20.27 -34.13 -40.51
CA PRO C 600 -20.50 -35.57 -40.71
C PRO C 600 -19.23 -36.38 -40.50
N GLY C 601 -18.19 -35.73 -39.99
CA GLY C 601 -16.89 -36.34 -39.94
C GLY C 601 -16.05 -35.88 -41.12
N THR C 602 -14.89 -35.29 -40.85
CA THR C 602 -14.07 -34.70 -41.89
C THR C 602 -13.58 -35.71 -42.91
N ASN C 603 -13.62 -37.01 -42.59
CA ASN C 603 -13.24 -38.05 -43.52
C ASN C 603 -14.36 -38.39 -44.50
N THR C 604 -15.46 -37.66 -44.45
CA THR C 604 -16.59 -37.83 -45.35
C THR C 604 -16.90 -36.59 -46.17
N SER C 605 -16.61 -35.41 -45.62
CA SER C 605 -16.83 -34.16 -46.34
C SER C 605 -16.15 -33.03 -45.59
N ASN C 606 -16.18 -31.84 -46.19
CA ASN C 606 -15.88 -30.59 -45.49
C ASN C 606 -17.12 -29.73 -45.33
N GLN C 607 -18.29 -30.22 -45.76
CA GLN C 607 -19.52 -29.47 -45.60
C GLN C 607 -19.93 -29.41 -44.14
N VAL C 608 -20.60 -28.32 -43.78
CA VAL C 608 -20.91 -28.00 -42.39
C VAL C 608 -22.26 -27.32 -42.32
N ALA C 609 -23.07 -27.71 -41.34
CA ALA C 609 -24.19 -26.92 -40.87
C ALA C 609 -23.82 -26.28 -39.53
N VAL C 610 -24.38 -25.10 -39.28
CA VAL C 610 -24.04 -24.32 -38.09
C VAL C 610 -25.32 -23.98 -37.36
N LEU C 611 -25.34 -24.25 -36.06
CA LEU C 611 -26.48 -23.98 -35.20
C LEU C 611 -26.18 -22.83 -34.27
N TYR C 612 -27.10 -21.88 -34.18
CA TYR C 612 -27.00 -20.74 -33.28
C TYR C 612 -28.05 -20.93 -32.19
N GLN C 613 -27.61 -20.96 -30.94
CA GLN C 613 -28.49 -21.29 -29.82
C GLN C 613 -29.54 -20.22 -29.59
N ASP C 614 -30.81 -20.58 -29.86
CA ASP C 614 -31.97 -19.79 -29.51
C ASP C 614 -31.92 -18.35 -30.01
N VAL C 615 -31.80 -18.18 -31.32
CA VAL C 615 -31.93 -16.86 -31.92
C VAL C 615 -32.87 -16.93 -33.11
N ASN C 616 -33.80 -15.99 -33.20
CA ASN C 616 -34.59 -15.82 -34.41
C ASN C 616 -33.66 -15.47 -35.55
N CYS C 617 -33.84 -16.12 -36.71
CA CYS C 617 -32.93 -15.89 -37.83
C CYS C 617 -33.03 -14.45 -38.33
N THR C 618 -34.07 -13.74 -37.91
CA THR C 618 -34.26 -12.34 -38.25
C THR C 618 -33.27 -11.44 -37.51
N GLU C 619 -32.26 -12.05 -36.88
CA GLU C 619 -31.34 -11.32 -36.01
C GLU C 619 -29.89 -11.72 -36.29
N VAL C 620 -29.63 -12.31 -37.46
CA VAL C 620 -28.27 -12.58 -37.91
C VAL C 620 -28.08 -12.05 -39.33
N ASN C 641 -29.40 -23.85 -46.81
CA ASN C 641 -30.51 -22.92 -46.63
C ASN C 641 -30.50 -22.34 -45.22
N VAL C 642 -31.66 -21.87 -44.77
CA VAL C 642 -31.84 -21.32 -43.43
C VAL C 642 -33.11 -21.92 -42.86
N PHE C 643 -33.03 -22.46 -41.64
CA PHE C 643 -34.13 -23.20 -41.05
C PHE C 643 -34.19 -22.91 -39.56
N GLN C 644 -35.36 -22.45 -39.09
CA GLN C 644 -35.54 -22.05 -37.71
C GLN C 644 -36.16 -23.20 -36.92
N THR C 645 -35.40 -23.73 -35.96
CA THR C 645 -35.86 -24.78 -35.06
C THR C 645 -36.18 -24.18 -33.70
N ARG C 646 -36.68 -25.02 -32.80
CA ARG C 646 -36.89 -24.60 -31.42
C ARG C 646 -35.60 -24.59 -30.62
N ALA C 647 -34.56 -25.26 -31.12
CA ALA C 647 -33.25 -25.28 -30.49
C ALA C 647 -32.30 -24.22 -31.03
N GLY C 648 -32.84 -23.13 -31.55
CA GLY C 648 -32.10 -22.18 -32.35
C GLY C 648 -32.41 -22.36 -33.82
N CYS C 649 -31.68 -21.63 -34.66
CA CYS C 649 -31.91 -21.81 -36.08
C CYS C 649 -30.61 -22.16 -36.78
N LEU C 650 -30.76 -22.96 -37.83
CA LEU C 650 -29.70 -23.82 -38.36
C LEU C 650 -29.47 -23.48 -39.83
N ILE C 651 -28.39 -22.78 -40.11
CA ILE C 651 -28.05 -22.35 -41.47
C ILE C 651 -27.03 -23.32 -42.05
N GLY C 652 -27.26 -23.71 -43.30
CA GLY C 652 -26.41 -24.67 -43.97
C GLY C 652 -26.96 -26.08 -44.05
N ALA C 653 -28.18 -26.31 -43.56
CA ALA C 653 -28.81 -27.62 -43.60
C ALA C 653 -30.17 -27.50 -44.28
N GLU C 654 -30.49 -28.51 -45.09
CA GLU C 654 -31.69 -28.52 -45.91
C GLU C 654 -32.76 -29.36 -45.22
N HIS C 655 -33.91 -28.75 -44.94
CA HIS C 655 -34.94 -29.37 -44.10
C HIS C 655 -35.84 -30.25 -44.96
N VAL C 656 -35.66 -31.57 -44.86
CA VAL C 656 -36.50 -32.53 -45.56
C VAL C 656 -37.78 -32.78 -44.77
N ASN C 657 -38.73 -33.47 -45.38
CA ASN C 657 -39.99 -33.83 -44.74
C ASN C 657 -40.06 -35.32 -44.40
N ASN C 658 -38.95 -36.05 -44.51
CA ASN C 658 -38.92 -37.46 -44.16
C ASN C 658 -38.74 -37.60 -42.64
N SER C 659 -38.46 -38.81 -42.18
CA SER C 659 -38.19 -39.05 -40.76
C SER C 659 -37.39 -40.35 -40.64
N TYR C 660 -36.16 -40.24 -40.14
CA TYR C 660 -35.28 -41.38 -39.99
C TYR C 660 -34.81 -41.48 -38.54
N GLU C 661 -34.28 -42.64 -38.18
CA GLU C 661 -33.50 -42.75 -36.95
C GLU C 661 -32.25 -41.90 -37.11
N CYS C 662 -32.02 -41.00 -36.17
CA CYS C 662 -31.24 -39.81 -36.48
C CYS C 662 -29.78 -39.93 -36.07
N ASP C 663 -28.94 -39.15 -36.74
CA ASP C 663 -27.48 -39.22 -36.61
C ASP C 663 -26.95 -38.21 -35.60
N ILE C 664 -27.16 -36.92 -35.86
CA ILE C 664 -26.61 -35.84 -35.05
C ILE C 664 -27.78 -35.10 -34.41
N PRO C 665 -27.91 -35.12 -33.10
CA PRO C 665 -29.02 -34.40 -32.46
C PRO C 665 -28.78 -32.90 -32.42
N ILE C 666 -29.82 -32.15 -32.79
CA ILE C 666 -29.87 -30.70 -32.59
C ILE C 666 -30.63 -30.35 -31.32
N GLY C 667 -31.76 -31.01 -31.10
CA GLY C 667 -32.58 -30.75 -29.93
C GLY C 667 -34.01 -30.57 -30.41
N ALA C 668 -34.95 -30.60 -29.46
CA ALA C 668 -36.37 -30.41 -29.74
C ALA C 668 -36.88 -31.42 -30.76
N GLY C 669 -36.20 -32.56 -30.85
CA GLY C 669 -36.62 -33.61 -31.76
C GLY C 669 -36.06 -33.52 -33.17
N ILE C 670 -35.23 -32.53 -33.46
CA ILE C 670 -34.65 -32.35 -34.78
C ILE C 670 -33.25 -32.95 -34.79
N CYS C 671 -32.99 -33.83 -35.74
CA CYS C 671 -31.66 -34.39 -35.95
C CYS C 671 -31.22 -34.14 -37.40
N ALA C 672 -29.90 -34.13 -37.59
CA ALA C 672 -29.33 -33.84 -38.90
C ALA C 672 -28.46 -35.01 -39.33
N SER C 673 -28.47 -35.29 -40.63
CA SER C 673 -27.66 -36.35 -41.22
C SER C 673 -27.15 -35.88 -42.57
N TYR C 674 -26.07 -36.51 -43.03
CA TYR C 674 -25.42 -36.14 -44.27
C TYR C 674 -25.77 -37.15 -45.37
N GLN C 675 -26.77 -36.83 -46.17
CA GLN C 675 -27.04 -37.53 -47.41
C GLN C 675 -28.12 -36.80 -48.21
N GLN C 690 -25.03 -36.11 -50.15
CA GLN C 690 -24.22 -35.04 -50.74
C GLN C 690 -24.60 -33.68 -50.17
N SER C 691 -25.42 -33.68 -49.13
CA SER C 691 -25.78 -32.47 -48.41
C SER C 691 -26.21 -32.78 -46.99
N ILE C 692 -26.17 -31.78 -46.11
CA ILE C 692 -26.65 -31.92 -44.74
C ILE C 692 -28.15 -31.67 -44.74
N ILE C 693 -28.90 -32.65 -44.23
CA ILE C 693 -30.34 -32.52 -44.12
C ILE C 693 -30.71 -32.43 -42.65
N ALA C 694 -31.88 -31.84 -42.39
CA ALA C 694 -32.41 -31.71 -41.04
C ALA C 694 -33.85 -32.19 -41.06
N TYR C 695 -34.22 -33.02 -40.09
CA TYR C 695 -35.53 -33.66 -40.09
C TYR C 695 -35.95 -33.93 -38.66
N THR C 696 -37.22 -34.31 -38.50
CA THR C 696 -37.74 -34.80 -37.23
C THR C 696 -37.50 -36.29 -37.13
N MET C 697 -37.05 -36.73 -35.96
CA MET C 697 -36.70 -38.13 -35.76
C MET C 697 -37.92 -39.02 -35.93
N SER C 698 -37.71 -40.17 -36.57
CA SER C 698 -38.68 -41.26 -36.53
C SER C 698 -38.33 -42.14 -35.34
N LEU C 699 -39.33 -42.40 -34.49
CA LEU C 699 -39.07 -43.16 -33.27
C LEU C 699 -38.90 -44.64 -33.54
N GLY C 700 -39.17 -45.09 -34.75
CA GLY C 700 -39.05 -46.49 -35.10
C GLY C 700 -40.12 -46.86 -36.11
N ALA C 701 -40.01 -48.10 -36.59
CA ALA C 701 -40.97 -48.57 -37.58
C ALA C 701 -42.30 -48.90 -36.91
N GLU C 702 -43.37 -48.41 -37.51
CA GLU C 702 -44.70 -48.70 -37.01
C GLU C 702 -45.00 -50.19 -37.10
N ASN C 703 -45.69 -50.70 -36.08
CA ASN C 703 -46.07 -52.09 -36.04
C ASN C 703 -47.41 -52.21 -35.32
N SER C 704 -48.30 -53.02 -35.88
CA SER C 704 -49.57 -53.34 -35.23
C SER C 704 -49.62 -54.84 -35.05
N VAL C 705 -49.77 -55.27 -33.79
CA VAL C 705 -49.84 -56.69 -33.49
C VAL C 705 -51.26 -57.18 -33.74
N ALA C 706 -51.39 -58.29 -34.46
CA ALA C 706 -52.70 -58.76 -34.88
C ALA C 706 -53.47 -59.32 -33.70
N TYR C 707 -53.86 -58.44 -32.78
CA TYR C 707 -54.54 -58.86 -31.56
C TYR C 707 -55.99 -59.22 -31.85
N SER C 708 -56.45 -60.29 -31.20
CA SER C 708 -57.87 -60.64 -31.16
C SER C 708 -58.06 -61.56 -29.97
N ASN C 709 -59.32 -61.77 -29.62
CA ASN C 709 -59.66 -62.48 -28.38
C ASN C 709 -59.33 -63.97 -28.43
N ASN C 710 -58.99 -64.53 -29.58
CA ASN C 710 -58.69 -65.95 -29.65
C ASN C 710 -57.53 -66.24 -30.60
N SER C 711 -56.58 -65.31 -30.71
CA SER C 711 -55.43 -65.50 -31.60
C SER C 711 -54.14 -65.43 -30.80
N ILE C 712 -53.22 -66.35 -31.10
CA ILE C 712 -51.90 -66.38 -30.49
C ILE C 712 -50.86 -66.54 -31.60
N ALA C 713 -49.64 -66.15 -31.27
CA ALA C 713 -48.49 -66.40 -32.13
C ALA C 713 -47.48 -67.20 -31.34
N ILE C 714 -46.99 -68.30 -31.92
CA ILE C 714 -46.06 -69.18 -31.22
C ILE C 714 -44.83 -69.40 -32.09
N PRO C 715 -43.63 -69.21 -31.55
CA PRO C 715 -42.42 -69.41 -32.36
C PRO C 715 -42.26 -70.86 -32.78
N THR C 716 -41.77 -71.06 -33.99
CA THR C 716 -41.48 -72.39 -34.51
C THR C 716 -40.00 -72.68 -34.59
N ASN C 717 -39.16 -71.65 -34.50
CA ASN C 717 -37.71 -71.82 -34.50
C ASN C 717 -37.13 -70.86 -33.47
N PHE C 718 -35.81 -70.82 -33.39
CA PHE C 718 -35.14 -69.90 -32.49
C PHE C 718 -33.80 -69.52 -33.07
N THR C 719 -33.27 -68.41 -32.59
CA THR C 719 -31.91 -67.98 -32.91
C THR C 719 -31.16 -67.75 -31.61
N ILE C 720 -29.96 -68.30 -31.52
CA ILE C 720 -29.10 -68.09 -30.37
C ILE C 720 -28.13 -66.97 -30.69
N SER C 721 -28.34 -65.83 -30.03
CA SER C 721 -27.59 -64.63 -30.30
C SER C 721 -26.67 -64.36 -29.12
N VAL C 722 -25.46 -63.92 -29.42
CA VAL C 722 -24.49 -63.54 -28.40
C VAL C 722 -24.17 -62.06 -28.61
N THR C 723 -24.33 -61.27 -27.56
CA THR C 723 -24.11 -59.83 -27.61
C THR C 723 -23.17 -59.42 -26.49
N THR C 724 -22.35 -58.42 -26.78
CA THR C 724 -21.36 -57.92 -25.83
C THR C 724 -21.94 -56.81 -24.97
N GLU C 725 -21.29 -56.58 -23.84
CA GLU C 725 -21.60 -55.45 -22.96
C GLU C 725 -20.32 -55.06 -22.24
N ILE C 726 -19.87 -53.84 -22.47
CA ILE C 726 -18.59 -53.36 -21.95
C ILE C 726 -18.87 -52.46 -20.75
N LEU C 727 -18.21 -52.75 -19.64
CA LEU C 727 -18.34 -51.98 -18.41
C LEU C 727 -16.98 -51.60 -17.86
N PRO C 728 -16.75 -50.32 -17.58
CA PRO C 728 -15.52 -49.94 -16.85
C PRO C 728 -15.61 -50.36 -15.39
N VAL C 729 -14.48 -50.83 -14.86
CA VAL C 729 -14.41 -51.25 -13.47
C VAL C 729 -13.41 -50.44 -12.66
N SER C 730 -12.38 -49.88 -13.28
CA SER C 730 -11.37 -49.14 -12.54
C SER C 730 -10.74 -48.09 -13.45
N MET C 731 -10.12 -47.10 -12.82
CA MET C 731 -9.40 -46.06 -13.54
C MET C 731 -7.98 -46.00 -12.99
N THR C 732 -7.15 -45.17 -13.62
CA THR C 732 -5.73 -45.14 -13.30
C THR C 732 -5.50 -44.63 -11.88
N LYS C 733 -4.71 -45.37 -11.11
CA LYS C 733 -4.34 -44.99 -9.75
C LYS C 733 -3.30 -43.89 -9.83
N THR C 734 -3.76 -42.65 -9.67
CA THR C 734 -2.87 -41.50 -9.74
C THR C 734 -2.79 -40.82 -8.38
N SER C 735 -1.74 -40.02 -8.22
CA SER C 735 -1.54 -39.24 -7.01
C SER C 735 -0.67 -38.04 -7.35
N VAL C 736 -0.95 -36.93 -6.67
CA VAL C 736 -0.18 -35.71 -6.87
C VAL C 736 0.35 -35.25 -5.53
N ASP C 737 1.63 -34.92 -5.48
CA ASP C 737 2.21 -34.31 -4.29
C ASP C 737 1.78 -32.84 -4.24
N CYS C 738 0.95 -32.51 -3.25
CA CYS C 738 0.45 -31.15 -3.14
C CYS C 738 1.58 -30.15 -2.97
N THR C 739 2.54 -30.43 -2.09
CA THR C 739 3.65 -29.53 -1.87
C THR C 739 4.51 -29.38 -3.11
N MET C 740 4.85 -30.49 -3.77
CA MET C 740 5.69 -30.43 -4.96
C MET C 740 4.96 -29.82 -6.16
N TYR C 741 3.66 -30.10 -6.32
CA TYR C 741 2.90 -29.46 -7.39
C TYR C 741 2.84 -27.95 -7.18
N ILE C 742 2.56 -27.53 -5.95
CA ILE C 742 2.35 -26.10 -5.69
C ILE C 742 3.68 -25.36 -5.67
N CYS C 743 4.62 -25.81 -4.83
CA CYS C 743 5.91 -25.14 -4.71
C CYS C 743 6.90 -25.58 -5.79
N GLY C 744 7.25 -26.86 -5.79
CA GLY C 744 8.22 -27.35 -6.74
C GLY C 744 9.65 -27.00 -6.38
N ASP C 745 10.13 -27.51 -5.25
CA ASP C 745 11.50 -27.31 -4.78
C ASP C 745 11.80 -25.82 -4.59
N SER C 746 11.07 -25.20 -3.67
CA SER C 746 11.27 -23.80 -3.35
C SER C 746 10.89 -23.59 -1.89
N THR C 747 11.89 -23.52 -1.01
CA THR C 747 11.65 -23.37 0.41
C THR C 747 10.94 -22.06 0.76
N GLU C 748 11.14 -21.00 -0.02
CA GLU C 748 10.42 -19.76 0.23
C GLU C 748 8.93 -19.95 0.01
N CYS C 749 8.56 -20.83 -0.94
CA CYS C 749 7.16 -21.15 -1.16
C CYS C 749 6.61 -22.07 -0.07
N SER C 750 7.40 -23.07 0.33
CA SER C 750 6.92 -24.08 1.26
C SER C 750 6.59 -23.52 2.64
N ASN C 751 7.43 -22.63 3.17
CA ASN C 751 7.15 -22.03 4.47
C ASN C 751 5.88 -21.20 4.45
N LEU C 752 5.64 -20.46 3.38
CA LEU C 752 4.37 -19.75 3.22
C LEU C 752 3.21 -20.71 3.03
N LEU C 753 3.46 -21.87 2.43
CA LEU C 753 2.41 -22.87 2.24
C LEU C 753 1.93 -23.48 3.55
N LEU C 754 2.80 -23.63 4.54
CA LEU C 754 2.42 -24.18 5.82
C LEU C 754 1.39 -23.33 6.56
N GLN C 755 1.22 -22.07 6.16
CA GLN C 755 0.23 -21.20 6.79
C GLN C 755 -1.20 -21.60 6.45
N TYR C 756 -1.40 -22.45 5.44
CA TYR C 756 -2.73 -22.86 5.02
C TYR C 756 -3.19 -24.13 5.73
N GLY C 757 -2.44 -24.61 6.72
CA GLY C 757 -2.89 -25.76 7.47
C GLY C 757 -2.68 -27.07 6.72
N SER C 758 -3.70 -27.93 6.79
CA SER C 758 -3.63 -29.29 6.26
C SER C 758 -4.48 -29.47 5.00
N PHE C 759 -4.50 -28.48 4.12
CA PHE C 759 -5.09 -28.67 2.80
C PHE C 759 -4.35 -29.74 2.00
N CYS C 760 -3.02 -29.73 2.05
CA CYS C 760 -2.26 -30.67 1.24
C CYS C 760 -2.40 -32.10 1.76
N THR C 761 -2.34 -32.28 3.07
CA THR C 761 -2.56 -33.60 3.65
C THR C 761 -3.97 -34.08 3.33
N GLN C 762 -4.94 -33.17 3.36
CA GLN C 762 -6.32 -33.54 3.04
C GLN C 762 -6.46 -33.99 1.60
N LEU C 763 -5.81 -33.28 0.67
CA LEU C 763 -5.86 -33.67 -0.73
C LEU C 763 -5.19 -35.03 -0.96
N ASN C 764 -4.04 -35.25 -0.33
CA ASN C 764 -3.38 -36.56 -0.44
C ASN C 764 -4.24 -37.69 0.13
N ARG C 765 -4.88 -37.45 1.28
CA ARG C 765 -5.78 -38.43 1.86
C ARG C 765 -6.99 -38.70 0.98
N ALA C 766 -7.49 -37.68 0.29
CA ALA C 766 -8.59 -37.89 -0.66
C ALA C 766 -8.14 -38.74 -1.84
N LEU C 767 -6.97 -38.44 -2.41
CA LEU C 767 -6.52 -39.19 -3.58
C LEU C 767 -6.13 -40.63 -3.26
N THR C 768 -5.51 -40.88 -2.11
CA THR C 768 -5.17 -42.25 -1.72
C THR C 768 -6.41 -43.10 -1.52
N GLY C 769 -7.48 -42.50 -0.99
CA GLY C 769 -8.72 -43.23 -0.79
C GLY C 769 -9.37 -43.73 -2.05
N ILE C 770 -9.26 -42.97 -3.15
CA ILE C 770 -9.79 -43.41 -4.44
C ILE C 770 -8.75 -44.19 -5.22
N ALA C 771 -7.49 -44.17 -4.80
CA ALA C 771 -6.51 -45.10 -5.33
C ALA C 771 -6.71 -46.52 -4.82
N VAL C 772 -6.95 -46.69 -3.52
CA VAL C 772 -7.23 -48.02 -2.97
C VAL C 772 -8.57 -48.54 -3.48
N GLU C 773 -9.53 -47.64 -3.67
CA GLU C 773 -10.86 -48.04 -4.13
C GLU C 773 -10.81 -48.66 -5.53
N GLN C 774 -9.83 -48.28 -6.35
CA GLN C 774 -9.70 -48.91 -7.67
C GLN C 774 -9.26 -50.36 -7.57
N ASP C 775 -8.39 -50.70 -6.62
CA ASP C 775 -8.04 -52.09 -6.38
C ASP C 775 -9.22 -52.86 -5.81
N LYS C 776 -9.99 -52.21 -4.93
CA LYS C 776 -11.21 -52.85 -4.43
C LYS C 776 -12.20 -53.16 -5.54
N ASN C 777 -12.36 -52.23 -6.48
CA ASN C 777 -13.25 -52.44 -7.62
C ASN C 777 -12.86 -53.67 -8.42
N THR C 778 -11.59 -53.79 -8.79
CA THR C 778 -11.13 -54.95 -9.53
C THR C 778 -11.25 -56.24 -8.73
N GLN C 779 -10.97 -56.18 -7.42
CA GLN C 779 -11.12 -57.37 -6.59
C GLN C 779 -12.56 -57.86 -6.54
N GLU C 780 -13.53 -56.95 -6.43
CA GLU C 780 -14.92 -57.38 -6.32
C GLU C 780 -15.50 -57.94 -7.60
N VAL C 781 -14.94 -57.57 -8.76
CA VAL C 781 -15.48 -58.07 -10.02
C VAL C 781 -14.93 -59.45 -10.34
N PHE C 782 -13.62 -59.56 -10.48
CA PHE C 782 -13.00 -60.77 -11.01
C PHE C 782 -12.72 -61.83 -9.95
N ALA C 783 -12.31 -61.42 -8.76
CA ALA C 783 -11.95 -62.37 -7.71
C ALA C 783 -13.20 -62.89 -7.02
N GLN C 784 -14.10 -63.45 -7.83
CA GLN C 784 -15.34 -64.05 -7.35
C GLN C 784 -15.29 -65.57 -7.40
N VAL C 785 -14.09 -66.13 -7.58
CA VAL C 785 -13.91 -67.57 -7.66
C VAL C 785 -12.90 -68.00 -6.61
N LYS C 786 -13.22 -69.07 -5.89
CA LYS C 786 -12.32 -69.58 -4.85
C LYS C 786 -11.02 -70.07 -5.45
N GLN C 787 -11.12 -70.99 -6.40
CA GLN C 787 -10.01 -71.74 -6.94
C GLN C 787 -9.79 -71.33 -8.40
N ILE C 788 -8.84 -71.97 -9.05
CA ILE C 788 -8.48 -71.67 -10.43
C ILE C 788 -8.76 -72.90 -11.26
N TYR C 789 -9.96 -72.96 -11.84
CA TYR C 789 -10.39 -74.12 -12.61
C TYR C 789 -9.71 -74.15 -13.97
N LYS C 790 -9.59 -75.35 -14.52
CA LYS C 790 -8.97 -75.56 -15.82
C LYS C 790 -9.90 -76.36 -16.72
N THR C 791 -9.85 -76.09 -18.00
CA THR C 791 -10.58 -76.96 -18.89
C THR C 791 -9.73 -78.17 -19.27
N PRO C 792 -10.33 -79.30 -19.60
CA PRO C 792 -9.56 -80.46 -20.00
C PRO C 792 -8.89 -80.24 -21.35
N PRO C 793 -7.74 -80.88 -21.59
CA PRO C 793 -7.11 -80.76 -22.91
C PRO C 793 -7.93 -81.34 -24.05
N ILE C 794 -8.87 -82.24 -23.77
CA ILE C 794 -9.75 -82.82 -24.78
C ILE C 794 -11.08 -82.09 -24.67
N LYS C 795 -11.40 -81.29 -25.70
CA LYS C 795 -12.55 -80.40 -25.65
C LYS C 795 -13.72 -81.01 -26.43
N ASP C 796 -14.34 -82.00 -25.79
CA ASP C 796 -15.55 -82.63 -26.33
C ASP C 796 -16.78 -82.00 -25.66
N PHE C 797 -17.11 -80.80 -26.13
CA PHE C 797 -18.19 -80.00 -25.57
C PHE C 797 -19.48 -80.15 -26.37
N GLY C 798 -19.70 -81.29 -27.00
CA GLY C 798 -20.92 -81.52 -27.75
C GLY C 798 -21.05 -80.73 -29.03
N GLY C 799 -19.96 -80.16 -29.54
CA GLY C 799 -19.98 -79.38 -30.75
C GLY C 799 -19.76 -77.90 -30.54
N PHE C 800 -19.88 -77.42 -29.30
CA PHE C 800 -19.65 -76.01 -29.02
C PHE C 800 -18.16 -75.71 -29.04
N ASN C 801 -17.80 -74.57 -29.63
CA ASN C 801 -16.41 -74.19 -29.85
C ASN C 801 -16.13 -72.93 -29.06
N PHE C 802 -15.49 -73.08 -27.90
CA PHE C 802 -15.13 -71.97 -27.04
C PHE C 802 -13.70 -71.48 -27.29
N SER C 803 -13.15 -71.80 -28.46
CA SER C 803 -11.77 -71.45 -28.77
C SER C 803 -11.54 -69.94 -28.79
N GLN C 804 -12.56 -69.15 -29.11
CA GLN C 804 -12.39 -67.71 -29.25
C GLN C 804 -12.49 -66.98 -27.91
N ILE C 805 -12.79 -67.69 -26.83
CA ILE C 805 -12.85 -67.08 -25.50
C ILE C 805 -11.96 -67.78 -24.49
N LEU C 806 -11.52 -69.00 -24.77
CA LEU C 806 -10.60 -69.70 -23.89
C LEU C 806 -9.17 -69.23 -24.14
N PRO C 807 -8.30 -69.30 -23.13
CA PRO C 807 -6.91 -68.85 -23.32
C PRO C 807 -6.15 -69.73 -24.30
N ASP C 808 -4.93 -69.34 -24.64
CA ASP C 808 -4.16 -70.00 -25.69
C ASP C 808 -2.81 -70.46 -25.17
N PRO C 809 -2.44 -71.73 -25.37
CA PRO C 809 -1.04 -72.13 -25.17
C PRO C 809 -0.16 -71.50 -26.24
N SER C 810 0.08 -70.20 -26.09
CA SER C 810 0.59 -69.39 -27.18
C SER C 810 1.25 -68.14 -26.58
N LYS C 811 1.38 -67.09 -27.40
CA LYS C 811 2.00 -65.79 -27.12
C LYS C 811 1.80 -65.33 -25.68
N PRO C 812 2.82 -64.72 -25.07
CA PRO C 812 2.77 -64.43 -23.63
C PRO C 812 1.55 -63.60 -23.25
N SER C 813 1.27 -63.59 -21.94
CA SER C 813 0.00 -63.09 -21.41
C SER C 813 -1.15 -63.85 -22.05
N LYS C 814 -1.27 -65.13 -21.65
CA LYS C 814 -2.02 -66.11 -22.42
C LYS C 814 -3.50 -65.73 -22.37
N ARG C 815 -3.83 -64.73 -23.17
CA ARG C 815 -5.17 -64.19 -23.29
C ARG C 815 -5.97 -65.05 -24.28
N SER C 816 -7.25 -64.74 -24.42
CA SER C 816 -8.04 -65.35 -25.46
C SER C 816 -7.92 -64.51 -26.73
N PHE C 817 -8.50 -64.99 -27.82
CA PHE C 817 -8.46 -64.24 -29.07
C PHE C 817 -9.23 -62.93 -28.95
N ILE C 818 -10.41 -62.98 -28.32
CA ILE C 818 -11.24 -61.79 -28.16
C ILE C 818 -10.60 -60.81 -27.18
N GLU C 819 -10.06 -61.30 -26.07
CA GLU C 819 -9.37 -60.41 -25.13
C GLU C 819 -8.22 -59.70 -25.84
N ASP C 820 -7.57 -60.37 -26.78
CA ASP C 820 -6.44 -59.79 -27.48
C ASP C 820 -6.89 -58.77 -28.52
N LEU C 821 -8.03 -59.01 -29.17
CA LEU C 821 -8.65 -57.96 -29.96
C LEU C 821 -9.04 -56.77 -29.09
N LEU C 822 -9.45 -57.01 -27.85
CA LEU C 822 -9.85 -55.93 -26.95
C LEU C 822 -8.66 -55.15 -26.41
N PHE C 823 -7.50 -55.79 -26.26
CA PHE C 823 -6.34 -55.11 -25.71
C PHE C 823 -5.56 -54.32 -26.76
N ASN C 824 -5.89 -54.46 -28.04
CA ASN C 824 -5.29 -53.65 -29.09
C ASN C 824 -6.21 -52.56 -29.62
N LYS C 825 -7.51 -52.64 -29.35
CA LYS C 825 -8.41 -51.55 -29.73
C LYS C 825 -8.32 -50.37 -28.77
N VAL C 826 -7.96 -50.62 -27.52
CA VAL C 826 -8.01 -49.58 -26.48
C VAL C 826 -6.61 -49.02 -26.17
N THR C 827 -5.58 -49.48 -26.87
CA THR C 827 -4.21 -49.10 -26.51
C THR C 827 -3.93 -47.64 -26.86
N LEU C 828 -4.61 -46.73 -26.18
CA LEU C 828 -4.42 -45.29 -26.39
C LEU C 828 -4.28 -44.57 -25.07
N GLN C 853 2.97 -41.27 -16.32
CA GLN C 853 3.89 -40.28 -16.87
C GLN C 853 4.21 -39.23 -15.80
N LYS C 854 5.49 -39.18 -15.41
CA LYS C 854 5.94 -38.40 -14.26
C LYS C 854 6.51 -37.07 -14.73
N PHE C 855 5.85 -35.98 -14.34
CA PHE C 855 6.37 -34.63 -14.64
C PHE C 855 6.76 -33.86 -13.39
N ASN C 856 5.83 -33.60 -12.47
CA ASN C 856 6.13 -32.77 -11.30
C ASN C 856 5.04 -33.03 -10.26
N GLY C 857 5.38 -33.83 -9.25
CA GLY C 857 4.44 -34.26 -8.25
C GLY C 857 3.43 -35.29 -8.72
N LEU C 858 3.28 -35.46 -10.03
CA LEU C 858 2.33 -36.41 -10.57
C LEU C 858 2.93 -37.81 -10.56
N THR C 859 2.19 -38.77 -10.02
CA THR C 859 2.63 -40.15 -9.94
C THR C 859 1.49 -41.06 -10.36
N VAL C 860 1.84 -42.20 -10.94
CA VAL C 860 0.88 -43.24 -11.28
C VAL C 860 1.28 -44.51 -10.53
N LEU C 861 0.37 -45.02 -9.71
CA LEU C 861 0.62 -46.26 -9.02
C LEU C 861 0.16 -47.44 -9.87
N PRO C 862 0.80 -48.60 -9.74
CA PRO C 862 0.39 -49.76 -10.51
C PRO C 862 -0.82 -50.44 -9.89
N PRO C 863 -1.71 -50.99 -10.70
CA PRO C 863 -2.78 -51.83 -10.14
C PRO C 863 -2.20 -53.03 -9.43
N LEU C 864 -2.86 -53.42 -8.34
CA LEU C 864 -2.39 -54.57 -7.57
C LEU C 864 -2.43 -55.85 -8.39
N LEU C 865 -3.49 -56.03 -9.18
CA LEU C 865 -3.61 -57.18 -10.07
C LEU C 865 -3.09 -56.81 -11.45
N THR C 866 -2.06 -57.52 -11.89
CA THR C 866 -1.58 -57.34 -13.25
C THR C 866 -2.54 -57.97 -14.24
N ASP C 867 -2.46 -57.53 -15.50
CA ASP C 867 -3.39 -58.00 -16.52
C ASP C 867 -3.32 -59.52 -16.71
N GLU C 868 -2.17 -60.13 -16.46
CA GLU C 868 -2.09 -61.60 -16.50
C GLU C 868 -2.93 -62.21 -15.39
N MET C 869 -2.91 -61.60 -14.21
CA MET C 869 -3.72 -62.11 -13.10
C MET C 869 -5.21 -61.96 -13.37
N ILE C 870 -5.62 -60.84 -13.96
CA ILE C 870 -7.01 -60.65 -14.31
C ILE C 870 -7.43 -61.63 -15.40
N ALA C 871 -6.56 -61.86 -16.38
CA ALA C 871 -6.84 -62.86 -17.39
C ALA C 871 -6.97 -64.25 -16.78
N GLN C 872 -6.16 -64.56 -15.78
CA GLN C 872 -6.28 -65.85 -15.08
C GLN C 872 -7.58 -65.95 -14.30
N TYR C 873 -8.02 -64.86 -13.65
CA TYR C 873 -9.34 -64.84 -13.03
C TYR C 873 -10.44 -65.13 -14.03
N THR C 874 -10.44 -64.43 -15.17
CA THR C 874 -11.49 -64.65 -16.15
C THR C 874 -11.42 -66.04 -16.76
N SER C 875 -10.22 -66.57 -17.00
CA SER C 875 -10.09 -67.95 -17.46
C SER C 875 -10.59 -68.96 -16.45
N ALA C 876 -10.33 -68.76 -15.17
CA ALA C 876 -10.88 -69.63 -14.14
C ALA C 876 -12.39 -69.56 -14.07
N LEU C 877 -12.97 -68.36 -14.17
CA LEU C 877 -14.42 -68.23 -14.20
C LEU C 877 -15.02 -68.93 -15.42
N LEU C 878 -14.42 -68.74 -16.59
CA LEU C 878 -14.95 -69.28 -17.82
C LEU C 878 -14.73 -70.78 -17.97
N ALA C 879 -13.68 -71.33 -17.37
CA ALA C 879 -13.48 -72.76 -17.31
C ALA C 879 -14.32 -73.42 -16.25
N GLY C 880 -14.84 -72.65 -15.29
CA GLY C 880 -15.73 -73.19 -14.28
C GLY C 880 -17.16 -73.19 -14.76
N THR C 881 -17.54 -72.18 -15.53
CA THR C 881 -18.91 -72.14 -16.05
C THR C 881 -19.12 -73.10 -17.22
N ILE C 882 -18.06 -73.68 -17.77
CA ILE C 882 -18.21 -74.65 -18.85
C ILE C 882 -18.23 -76.08 -18.31
N THR C 883 -17.31 -76.40 -17.40
CA THR C 883 -17.20 -77.78 -16.93
C THR C 883 -18.21 -78.08 -15.83
N SER C 884 -18.59 -77.07 -15.05
CA SER C 884 -19.46 -77.29 -13.89
C SER C 884 -20.81 -76.60 -13.98
N GLY C 885 -20.91 -75.47 -14.66
CA GLY C 885 -22.19 -74.77 -14.78
C GLY C 885 -22.33 -73.61 -13.83
N TRP C 886 -23.45 -73.55 -13.11
CA TRP C 886 -23.63 -72.55 -12.08
C TRP C 886 -23.27 -73.09 -10.70
N THR C 887 -22.86 -74.35 -10.62
CA THR C 887 -22.65 -75.00 -9.32
C THR C 887 -21.37 -74.55 -8.64
N PHE C 888 -20.39 -74.02 -9.37
CA PHE C 888 -19.12 -73.66 -8.76
C PHE C 888 -19.19 -72.33 -8.03
N GLY C 889 -20.21 -71.51 -8.28
CA GLY C 889 -20.36 -70.25 -7.58
C GLY C 889 -21.33 -70.35 -6.43
N ALA C 890 -21.71 -71.57 -6.07
CA ALA C 890 -22.64 -71.79 -4.97
C ALA C 890 -22.20 -72.93 -4.06
N GLY C 891 -20.96 -73.40 -4.17
CA GLY C 891 -20.48 -74.51 -3.37
C GLY C 891 -19.33 -75.23 -4.04
N PRO C 892 -19.32 -76.56 -3.96
CA PRO C 892 -18.32 -77.35 -4.65
C PRO C 892 -18.66 -77.44 -6.13
N ALA C 893 -17.64 -77.33 -6.97
CA ALA C 893 -17.84 -77.39 -8.41
C ALA C 893 -18.15 -78.82 -8.83
N LEU C 894 -19.31 -79.02 -9.44
CA LEU C 894 -19.77 -80.34 -9.85
C LEU C 894 -19.80 -80.41 -11.38
N GLN C 895 -19.04 -81.34 -11.95
CA GLN C 895 -18.98 -81.45 -13.39
C GLN C 895 -20.30 -81.94 -13.96
N ILE C 896 -20.53 -81.62 -15.24
CA ILE C 896 -21.73 -82.00 -15.96
C ILE C 896 -21.42 -81.85 -17.44
N PRO C 897 -21.87 -82.76 -18.30
CA PRO C 897 -21.66 -82.57 -19.74
C PRO C 897 -22.27 -81.27 -20.22
N PHE C 898 -21.55 -80.59 -21.11
CA PHE C 898 -21.97 -79.25 -21.51
C PHE C 898 -23.34 -79.24 -22.17
N PRO C 899 -23.59 -80.19 -23.08
CA PRO C 899 -24.92 -80.30 -23.64
C PRO C 899 -25.98 -80.49 -22.56
N MET C 900 -25.69 -81.29 -21.54
CA MET C 900 -26.68 -81.54 -20.50
C MET C 900 -26.94 -80.31 -19.65
N GLN C 901 -25.99 -79.39 -19.51
CA GLN C 901 -26.27 -78.19 -18.75
C GLN C 901 -26.93 -77.12 -19.62
N MET C 902 -26.64 -77.14 -20.93
CA MET C 902 -27.45 -76.31 -21.82
C MET C 902 -28.90 -76.76 -21.81
N ALA C 903 -29.15 -78.05 -21.58
CA ALA C 903 -30.52 -78.51 -21.33
C ALA C 903 -31.10 -77.88 -20.07
N TYR C 904 -30.31 -77.78 -19.00
CA TYR C 904 -30.76 -77.08 -17.80
C TYR C 904 -31.13 -75.64 -18.11
N ARG C 905 -30.27 -74.97 -18.87
CA ARG C 905 -30.48 -73.56 -19.19
C ARG C 905 -31.64 -73.34 -20.15
N PHE C 906 -32.00 -74.34 -20.96
CA PHE C 906 -33.26 -74.28 -21.68
C PHE C 906 -34.46 -74.48 -20.77
N ASN C 907 -34.38 -75.41 -19.81
CA ASN C 907 -35.45 -75.52 -18.82
C ASN C 907 -35.64 -74.22 -18.04
N GLY C 908 -34.54 -73.51 -17.77
CA GLY C 908 -34.62 -72.26 -17.05
C GLY C 908 -35.42 -71.18 -17.74
N ILE C 909 -35.51 -71.23 -19.06
CA ILE C 909 -36.26 -70.21 -19.80
C ILE C 909 -37.61 -70.70 -20.31
N GLY C 910 -38.08 -71.85 -19.82
CA GLY C 910 -39.41 -72.31 -20.16
C GLY C 910 -39.51 -73.16 -21.41
N VAL C 911 -38.40 -73.79 -21.79
CA VAL C 911 -38.36 -74.68 -22.94
C VAL C 911 -37.95 -76.07 -22.46
N THR C 912 -38.70 -77.08 -22.88
CA THR C 912 -38.39 -78.45 -22.49
C THR C 912 -37.03 -78.86 -23.05
N GLN C 913 -36.34 -79.72 -22.30
CA GLN C 913 -34.95 -80.03 -22.61
C GLN C 913 -34.79 -80.90 -23.85
N ASN C 914 -35.88 -81.49 -24.36
CA ASN C 914 -35.79 -82.22 -25.62
C ASN C 914 -35.49 -81.30 -26.80
N VAL C 915 -35.94 -80.04 -26.75
CA VAL C 915 -35.68 -79.10 -27.83
C VAL C 915 -34.19 -78.89 -28.03
N LEU C 916 -33.40 -78.92 -26.95
CA LEU C 916 -31.95 -78.84 -27.09
C LEU C 916 -31.39 -80.06 -27.82
N TYR C 917 -31.61 -81.25 -27.24
CA TYR C 917 -30.98 -82.45 -27.77
C TYR C 917 -31.40 -82.74 -29.21
N GLU C 918 -32.67 -82.51 -29.53
CA GLU C 918 -33.17 -82.72 -30.88
C GLU C 918 -32.69 -81.66 -31.86
N ASN C 919 -32.06 -80.59 -31.38
CA ASN C 919 -31.51 -79.54 -32.21
C ASN C 919 -30.08 -79.21 -31.82
N GLN C 920 -29.35 -80.19 -31.26
CA GLN C 920 -28.05 -79.91 -30.67
C GLN C 920 -27.04 -79.44 -31.70
N LYS C 921 -27.05 -80.03 -32.90
CA LYS C 921 -26.13 -79.57 -33.93
C LYS C 921 -26.47 -78.17 -34.43
N LEU C 922 -27.75 -77.89 -34.65
CA LEU C 922 -28.17 -76.55 -35.03
C LEU C 922 -27.80 -75.52 -33.96
N ILE C 923 -28.06 -75.86 -32.71
CA ILE C 923 -27.75 -74.96 -31.60
C ILE C 923 -26.25 -74.72 -31.48
N ALA C 924 -25.44 -75.77 -31.63
CA ALA C 924 -24.00 -75.60 -31.58
C ALA C 924 -23.49 -74.74 -32.73
N ASN C 925 -24.01 -74.96 -33.94
CA ASN C 925 -23.60 -74.15 -35.07
C ASN C 925 -23.99 -72.68 -34.90
N GLN C 926 -25.20 -72.43 -34.40
CA GLN C 926 -25.62 -71.05 -34.14
C GLN C 926 -24.74 -70.40 -33.09
N PHE C 927 -24.43 -71.11 -32.01
CA PHE C 927 -23.55 -70.56 -30.98
C PHE C 927 -22.17 -70.26 -31.53
N ASN C 928 -21.59 -71.18 -32.31
CA ASN C 928 -20.26 -70.96 -32.85
C ASN C 928 -20.22 -69.78 -33.81
N SER C 929 -21.19 -69.69 -34.72
CA SER C 929 -21.24 -68.56 -35.64
C SER C 929 -21.47 -67.24 -34.91
N ALA C 930 -22.33 -67.23 -33.90
CA ALA C 930 -22.53 -66.01 -33.11
C ALA C 930 -21.26 -65.58 -32.39
N ILE C 931 -20.52 -66.53 -31.83
CA ILE C 931 -19.25 -66.19 -31.18
C ILE C 931 -18.26 -65.63 -32.20
N GLY C 932 -18.18 -66.24 -33.39
CA GLY C 932 -17.29 -65.72 -34.42
C GLY C 932 -17.65 -64.33 -34.87
N LYS C 933 -18.94 -64.04 -35.00
CA LYS C 933 -19.37 -62.71 -35.41
C LYS C 933 -18.96 -61.62 -34.43
N ILE C 934 -18.76 -61.93 -33.15
CA ILE C 934 -18.32 -60.91 -32.20
C ILE C 934 -16.91 -60.44 -32.54
N GLN C 935 -15.99 -61.38 -32.73
CA GLN C 935 -14.63 -60.97 -33.09
C GLN C 935 -14.58 -60.40 -34.49
N ASP C 936 -15.50 -60.80 -35.38
CA ASP C 936 -15.62 -60.08 -36.65
C ASP C 936 -16.00 -58.63 -36.41
N SER C 937 -16.96 -58.38 -35.51
CA SER C 937 -17.40 -57.03 -35.21
C SER C 937 -16.35 -56.21 -34.48
N LEU C 938 -15.46 -56.87 -33.73
CA LEU C 938 -14.49 -56.13 -32.94
C LEU C 938 -13.30 -55.63 -33.76
N SER C 939 -12.79 -56.44 -34.68
CA SER C 939 -11.69 -56.02 -35.54
C SER C 939 -12.15 -55.16 -36.71
N SER C 940 -13.46 -55.12 -36.98
CA SER C 940 -13.99 -54.36 -38.11
C SER C 940 -14.63 -53.04 -37.69
N THR C 941 -15.42 -53.04 -36.62
CA THR C 941 -15.98 -51.79 -36.12
C THR C 941 -14.86 -50.90 -35.60
N PRO C 942 -14.97 -49.61 -35.90
CA PRO C 942 -13.90 -48.65 -35.59
C PRO C 942 -13.64 -48.58 -34.09
N SER C 943 -14.64 -48.19 -33.31
CA SER C 943 -14.46 -48.08 -31.86
C SER C 943 -15.80 -48.40 -31.19
N ALA C 944 -15.99 -49.66 -30.84
CA ALA C 944 -17.11 -50.08 -29.99
C ALA C 944 -16.71 -50.12 -28.53
N LEU C 945 -15.43 -49.90 -28.22
CA LEU C 945 -14.93 -49.83 -26.85
C LEU C 945 -14.96 -48.42 -26.29
N GLY C 946 -15.87 -47.58 -26.77
CA GLY C 946 -15.92 -46.19 -26.39
C GLY C 946 -16.13 -45.94 -24.92
N LYS C 947 -16.87 -46.80 -24.23
CA LYS C 947 -17.07 -46.63 -22.80
C LYS C 947 -15.77 -46.71 -22.03
N LEU C 948 -14.89 -47.65 -22.37
CA LEU C 948 -13.58 -47.72 -21.75
C LEU C 948 -12.67 -46.57 -22.18
N GLN C 949 -12.76 -46.14 -23.44
CA GLN C 949 -11.89 -45.07 -23.92
C GLN C 949 -12.25 -43.73 -23.28
N ASP C 950 -13.54 -43.51 -22.99
CA ASP C 950 -13.97 -42.26 -22.37
C ASP C 950 -13.35 -42.03 -21.01
N VAL C 951 -13.24 -43.07 -20.18
CA VAL C 951 -12.63 -42.91 -18.87
C VAL C 951 -11.17 -42.49 -18.99
N VAL C 952 -10.41 -43.15 -19.87
CA VAL C 952 -9.01 -42.80 -20.07
C VAL C 952 -8.88 -41.39 -20.61
N ASN C 953 -9.72 -41.03 -21.58
CA ASN C 953 -9.67 -39.68 -22.14
C ASN C 953 -9.99 -38.64 -21.08
N GLN C 954 -11.01 -38.86 -20.25
CA GLN C 954 -11.37 -37.92 -19.20
C GLN C 954 -10.25 -37.75 -18.19
N ASN C 955 -9.65 -38.84 -17.74
CA ASN C 955 -8.56 -38.74 -16.77
C ASN C 955 -7.35 -38.03 -17.36
N ALA C 956 -6.99 -38.35 -18.61
CA ALA C 956 -5.87 -37.67 -19.26
C ALA C 956 -6.16 -36.19 -19.43
N GLN C 957 -7.39 -35.83 -19.82
CA GLN C 957 -7.74 -34.43 -19.96
C GLN C 957 -7.68 -33.69 -18.62
N ALA C 958 -8.14 -34.33 -17.54
CA ALA C 958 -8.04 -33.71 -16.22
C ALA C 958 -6.60 -33.47 -15.82
N LEU C 959 -5.72 -34.46 -16.01
CA LEU C 959 -4.30 -34.25 -15.70
C LEU C 959 -3.67 -33.20 -16.59
N ASN C 960 -4.01 -33.16 -17.88
CA ASN C 960 -3.45 -32.17 -18.79
C ASN C 960 -3.86 -30.76 -18.38
N THR C 961 -5.14 -30.58 -18.02
CA THR C 961 -5.57 -29.28 -17.51
C THR C 961 -4.87 -28.93 -16.20
N LEU C 962 -4.68 -29.91 -15.32
CA LEU C 962 -3.98 -29.66 -14.06
C LEU C 962 -2.56 -29.17 -14.30
N VAL C 963 -1.84 -29.77 -15.26
CA VAL C 963 -0.47 -29.36 -15.51
C VAL C 963 -0.41 -28.06 -16.31
N LYS C 964 -1.38 -27.80 -17.17
CA LYS C 964 -1.40 -26.53 -17.89
C LYS C 964 -1.88 -25.38 -17.01
N GLN C 965 -2.42 -25.68 -15.83
CA GLN C 965 -2.68 -24.63 -14.86
C GLN C 965 -1.43 -24.13 -14.16
N LEU C 966 -0.30 -24.82 -14.32
CA LEU C 966 0.96 -24.34 -13.76
C LEU C 966 1.56 -23.21 -14.57
N SER C 967 1.05 -22.95 -15.78
CA SER C 967 1.52 -21.86 -16.62
C SER C 967 0.57 -20.66 -16.58
N SER C 968 -0.05 -20.41 -15.43
CA SER C 968 -0.93 -19.26 -15.25
C SER C 968 -0.51 -18.49 -14.01
N ASN C 969 -0.53 -17.17 -14.12
CA ASN C 969 -0.03 -16.31 -13.05
C ASN C 969 -1.09 -15.98 -12.00
N PHE C 970 -2.37 -16.09 -12.35
CA PHE C 970 -3.48 -15.80 -11.44
C PHE C 970 -3.42 -14.37 -10.89
N GLY C 971 -2.71 -13.49 -11.58
CA GLY C 971 -2.64 -12.09 -11.20
C GLY C 971 -1.29 -11.63 -10.66
N ALA C 972 -0.27 -12.47 -10.70
CA ALA C 972 1.06 -12.08 -10.23
C ALA C 972 1.90 -11.61 -11.42
N ILE C 973 3.08 -11.08 -11.15
CA ILE C 973 3.92 -10.54 -12.21
C ILE C 973 4.53 -11.61 -13.10
N SER C 974 4.45 -12.88 -12.70
CA SER C 974 4.99 -13.96 -13.51
C SER C 974 4.36 -15.27 -13.09
N SER C 975 4.51 -16.29 -13.93
CA SER C 975 4.02 -17.63 -13.64
C SER C 975 5.15 -18.62 -13.34
N VAL C 976 6.39 -18.14 -13.29
CA VAL C 976 7.53 -18.97 -12.93
C VAL C 976 8.03 -18.49 -11.57
N LEU C 977 8.28 -19.44 -10.67
CA LEU C 977 8.57 -19.11 -9.28
C LEU C 977 10.01 -18.69 -9.05
N ASN C 978 10.97 -19.33 -9.73
CA ASN C 978 12.37 -18.95 -9.61
C ASN C 978 12.59 -17.50 -10.06
N ASP C 979 11.83 -17.03 -11.05
CA ASP C 979 12.00 -15.65 -11.51
C ASP C 979 11.46 -14.65 -10.49
N ILE C 980 10.35 -14.98 -9.81
CA ILE C 980 9.88 -14.13 -8.73
C ILE C 980 10.88 -14.10 -7.60
N LEU C 981 11.44 -15.25 -7.24
CA LEU C 981 12.43 -15.30 -6.17
C LEU C 981 13.77 -14.70 -6.57
N SER C 982 14.03 -14.54 -7.88
CA SER C 982 15.35 -14.12 -8.32
C SER C 982 15.48 -12.60 -8.42
N ARG C 983 14.38 -11.89 -8.67
CA ARG C 983 14.45 -10.45 -8.86
C ARG C 983 13.45 -9.71 -7.97
N LEU C 984 13.22 -10.23 -6.76
CA LEU C 984 12.47 -9.50 -5.76
C LEU C 984 12.98 -9.90 -4.37
N ASP C 985 13.08 -8.91 -3.51
CA ASP C 985 13.43 -9.09 -2.11
C ASP C 985 12.32 -9.82 -1.38
N PRO C 986 12.61 -10.43 -0.24
CA PRO C 986 11.58 -11.16 0.51
C PRO C 986 10.35 -10.30 0.81
N PRO C 987 10.49 -9.01 1.21
CA PRO C 987 9.28 -8.24 1.53
C PRO C 987 8.28 -8.10 0.40
N GLU C 988 8.76 -7.96 -0.84
CA GLU C 988 7.87 -7.67 -1.96
C GLU C 988 7.55 -8.90 -2.80
N ALA C 989 8.21 -10.04 -2.54
CA ALA C 989 7.92 -11.25 -3.29
C ALA C 989 6.88 -12.14 -2.60
N GLU C 990 6.73 -11.99 -1.29
CA GLU C 990 5.77 -12.82 -0.56
C GLU C 990 4.34 -12.60 -1.03
N VAL C 991 3.94 -11.34 -1.21
CA VAL C 991 2.60 -11.04 -1.70
C VAL C 991 2.35 -11.61 -3.08
N GLN C 992 3.39 -11.73 -3.91
CA GLN C 992 3.25 -12.28 -5.26
C GLN C 992 3.28 -13.80 -5.28
N ILE C 993 4.14 -14.42 -4.47
CA ILE C 993 4.17 -15.88 -4.38
C ILE C 993 2.87 -16.41 -3.76
N ASP C 994 2.29 -15.67 -2.81
CA ASP C 994 1.00 -16.06 -2.25
C ASP C 994 -0.10 -16.08 -3.28
N ARG C 995 -0.03 -15.19 -4.28
CA ARG C 995 -1.01 -15.18 -5.36
C ARG C 995 -0.95 -16.47 -6.17
N LEU C 996 0.26 -16.97 -6.45
CA LEU C 996 0.41 -18.30 -7.03
C LEU C 996 -0.11 -19.38 -6.09
N ILE C 997 0.17 -19.25 -4.79
CA ILE C 997 -0.21 -20.28 -3.82
C ILE C 997 -1.71 -20.51 -3.85
N THR C 998 -2.49 -19.45 -3.70
CA THR C 998 -3.94 -19.62 -3.65
C THR C 998 -4.51 -20.16 -4.95
N GLY C 999 -4.04 -19.66 -6.10
CA GLY C 999 -4.54 -20.14 -7.37
C GLY C 999 -4.20 -21.59 -7.65
N ARG C 1000 -2.97 -22.00 -7.38
CA ARG C 1000 -2.59 -23.39 -7.60
C ARG C 1000 -3.28 -24.34 -6.63
N LEU C 1001 -3.44 -23.94 -5.37
CA LEU C 1001 -4.20 -24.76 -4.43
C LEU C 1001 -5.65 -24.92 -4.86
N GLN C 1002 -6.29 -23.84 -5.32
CA GLN C 1002 -7.66 -23.92 -5.81
C GLN C 1002 -7.77 -24.79 -7.07
N SER C 1003 -6.79 -24.69 -7.97
CA SER C 1003 -6.75 -25.55 -9.15
C SER C 1003 -6.56 -27.02 -8.77
N LEU C 1004 -5.82 -27.30 -7.70
CA LEU C 1004 -5.67 -28.68 -7.24
C LEU C 1004 -6.95 -29.19 -6.59
N GLN C 1005 -7.63 -28.36 -5.80
CA GLN C 1005 -8.89 -28.76 -5.20
C GLN C 1005 -9.95 -29.07 -6.25
N THR C 1006 -10.02 -28.27 -7.31
CA THR C 1006 -10.97 -28.57 -8.37
C THR C 1006 -10.74 -29.96 -8.95
N TYR C 1007 -9.48 -30.28 -9.28
CA TYR C 1007 -9.16 -31.59 -9.84
C TYR C 1007 -9.49 -32.70 -8.87
N VAL C 1008 -9.14 -32.54 -7.59
CA VAL C 1008 -9.39 -33.60 -6.62
C VAL C 1008 -10.89 -33.83 -6.43
N THR C 1009 -11.68 -32.76 -6.33
CA THR C 1009 -13.12 -32.93 -6.16
C THR C 1009 -13.74 -33.60 -7.38
N GLN C 1010 -13.36 -33.18 -8.59
CA GLN C 1010 -13.93 -33.82 -9.76
C GLN C 1010 -13.46 -35.26 -9.94
N GLN C 1011 -12.25 -35.59 -9.51
CA GLN C 1011 -11.82 -36.98 -9.45
C GLN C 1011 -12.60 -37.82 -8.44
N LEU C 1012 -12.95 -37.24 -7.29
CA LEU C 1012 -13.83 -37.95 -6.37
C LEU C 1012 -15.19 -38.22 -6.99
N ILE C 1013 -15.74 -37.23 -7.68
CA ILE C 1013 -17.03 -37.42 -8.33
C ILE C 1013 -16.95 -38.49 -9.41
N ARG C 1014 -15.87 -38.49 -10.20
CA ARG C 1014 -15.70 -39.49 -11.25
C ARG C 1014 -15.45 -40.89 -10.68
N ALA C 1015 -14.73 -40.99 -9.57
CA ALA C 1015 -14.54 -42.25 -8.88
C ALA C 1015 -15.84 -42.81 -8.32
N ALA C 1016 -16.72 -41.94 -7.81
CA ALA C 1016 -18.04 -42.39 -7.36
C ALA C 1016 -18.85 -43.01 -8.49
N GLU C 1017 -18.65 -42.59 -9.73
CA GLU C 1017 -19.34 -43.16 -10.88
C GLU C 1017 -18.67 -44.44 -11.38
N ILE C 1018 -17.34 -44.46 -11.41
CA ILE C 1018 -16.64 -45.69 -11.76
C ILE C 1018 -16.95 -46.80 -10.75
N ARG C 1019 -17.13 -46.44 -9.47
CA ARG C 1019 -17.48 -47.43 -8.47
C ARG C 1019 -18.88 -47.98 -8.68
N ALA C 1020 -19.84 -47.13 -9.08
CA ALA C 1020 -21.16 -47.63 -9.42
C ALA C 1020 -21.11 -48.58 -10.61
N SER C 1021 -20.34 -48.23 -11.63
CA SER C 1021 -20.15 -49.12 -12.77
C SER C 1021 -19.50 -50.43 -12.39
N ALA C 1022 -18.50 -50.42 -11.51
CA ALA C 1022 -17.86 -51.63 -11.05
C ALA C 1022 -18.76 -52.47 -10.15
N ASN C 1023 -19.63 -51.85 -9.36
CA ASN C 1023 -20.64 -52.57 -8.62
C ASN C 1023 -21.64 -53.27 -9.54
N LEU C 1024 -22.08 -52.59 -10.59
CA LEU C 1024 -22.94 -53.23 -11.57
C LEU C 1024 -22.23 -54.38 -12.28
N ALA C 1025 -20.96 -54.19 -12.63
CA ALA C 1025 -20.19 -55.28 -13.23
C ALA C 1025 -20.03 -56.48 -12.32
N ALA C 1026 -19.80 -56.25 -11.03
CA ALA C 1026 -19.73 -57.36 -10.08
C ALA C 1026 -21.08 -58.06 -9.94
N THR C 1027 -22.18 -57.29 -9.93
CA THR C 1027 -23.50 -57.91 -9.88
C THR C 1027 -23.76 -58.75 -11.13
N LYS C 1028 -23.38 -58.26 -12.31
CA LYS C 1028 -23.53 -59.04 -13.53
C LYS C 1028 -22.65 -60.29 -13.55
N MET C 1029 -21.45 -60.22 -13.02
CA MET C 1029 -20.62 -61.43 -12.93
C MET C 1029 -21.20 -62.44 -11.94
N SER C 1030 -21.78 -61.98 -10.85
CA SER C 1030 -22.38 -62.91 -9.89
C SER C 1030 -23.65 -63.54 -10.44
N GLU C 1031 -24.48 -62.76 -11.13
CA GLU C 1031 -25.83 -63.18 -11.48
C GLU C 1031 -25.97 -63.66 -12.91
N CYS C 1032 -24.92 -63.63 -13.71
CA CYS C 1032 -25.07 -64.04 -15.11
C CYS C 1032 -23.98 -64.99 -15.57
N VAL C 1033 -22.79 -64.86 -14.99
CA VAL C 1033 -21.73 -65.83 -15.24
C VAL C 1033 -21.82 -66.99 -14.26
N LEU C 1034 -22.09 -66.69 -13.00
CA LEU C 1034 -22.20 -67.70 -11.96
C LEU C 1034 -23.62 -68.25 -11.83
N GLY C 1035 -24.56 -67.77 -12.63
CA GLY C 1035 -25.92 -68.26 -12.61
C GLY C 1035 -26.68 -67.89 -13.86
N GLN C 1036 -27.95 -68.25 -13.92
CA GLN C 1036 -28.81 -67.88 -15.04
C GLN C 1036 -29.86 -66.91 -14.52
N SER C 1037 -29.98 -65.76 -15.19
CA SER C 1037 -30.76 -64.64 -14.69
C SER C 1037 -32.14 -64.63 -15.30
N LYS C 1038 -33.16 -64.46 -14.46
CA LYS C 1038 -34.53 -64.24 -14.88
C LYS C 1038 -34.84 -62.77 -15.11
N ARG C 1039 -33.98 -61.87 -14.65
CA ARG C 1039 -34.23 -60.45 -14.79
C ARG C 1039 -34.18 -60.05 -16.25
N VAL C 1040 -35.24 -59.37 -16.70
CA VAL C 1040 -35.38 -59.05 -18.12
C VAL C 1040 -34.40 -57.96 -18.51
N ASP C 1041 -33.70 -58.17 -19.63
CA ASP C 1041 -32.80 -57.20 -20.24
C ASP C 1041 -31.61 -56.86 -19.35
N PHE C 1042 -31.49 -57.54 -18.21
CA PHE C 1042 -30.29 -57.38 -17.39
C PHE C 1042 -29.07 -57.86 -18.15
N CYS C 1043 -29.02 -59.15 -18.47
CA CYS C 1043 -27.95 -59.69 -19.29
C CYS C 1043 -28.36 -59.94 -20.73
N GLY C 1044 -28.53 -58.88 -21.51
CA GLY C 1044 -28.76 -59.02 -22.94
C GLY C 1044 -30.22 -59.14 -23.30
N LYS C 1045 -30.49 -58.97 -24.59
CA LYS C 1045 -31.85 -59.05 -25.11
C LYS C 1045 -32.21 -60.48 -25.44
N GLY C 1046 -33.41 -60.89 -25.05
CA GLY C 1046 -33.84 -62.26 -25.15
C GLY C 1046 -33.77 -62.95 -23.80
N TYR C 1047 -34.01 -64.25 -23.82
CA TYR C 1047 -34.00 -65.05 -22.61
C TYR C 1047 -32.57 -65.50 -22.32
N HIS C 1048 -32.05 -65.10 -21.17
CA HIS C 1048 -30.64 -65.33 -20.86
C HIS C 1048 -30.38 -66.82 -20.69
N LEU C 1049 -29.37 -67.31 -21.41
CA LEU C 1049 -28.89 -68.67 -21.25
C LEU C 1049 -27.64 -68.70 -20.37
N MET C 1050 -26.59 -68.00 -20.77
CA MET C 1050 -25.35 -67.95 -20.01
C MET C 1050 -24.52 -66.78 -20.50
N SER C 1051 -23.54 -66.39 -19.70
CA SER C 1051 -22.67 -65.27 -20.04
C SER C 1051 -21.22 -65.70 -19.86
N PHE C 1052 -20.33 -65.06 -20.62
CA PHE C 1052 -18.91 -65.32 -20.54
C PHE C 1052 -18.19 -64.00 -20.29
N PRO C 1053 -17.34 -63.92 -19.27
CA PRO C 1053 -16.55 -62.70 -19.06
C PRO C 1053 -15.29 -62.70 -19.91
N GLN C 1054 -14.90 -61.51 -20.32
CA GLN C 1054 -13.64 -61.29 -21.03
C GLN C 1054 -12.98 -60.06 -20.48
N SER C 1055 -11.71 -60.19 -20.10
CA SER C 1055 -10.99 -59.07 -19.52
C SER C 1055 -10.74 -57.99 -20.56
N ALA C 1056 -10.76 -56.75 -20.10
CA ALA C 1056 -10.48 -55.58 -20.93
C ALA C 1056 -9.50 -54.71 -20.18
N PRO C 1057 -8.82 -53.79 -20.88
CA PRO C 1057 -7.80 -52.95 -20.24
C PRO C 1057 -8.15 -52.43 -18.84
N HIS C 1058 -9.26 -51.72 -18.72
CA HIS C 1058 -9.70 -51.19 -17.43
C HIS C 1058 -11.17 -51.53 -17.18
N GLY C 1059 -11.62 -52.64 -17.72
CA GLY C 1059 -13.01 -53.03 -17.56
C GLY C 1059 -13.21 -54.48 -17.88
N VAL C 1060 -14.47 -54.88 -18.03
CA VAL C 1060 -14.83 -56.26 -18.33
C VAL C 1060 -15.80 -56.23 -19.50
N VAL C 1061 -15.72 -57.26 -20.34
CA VAL C 1061 -16.64 -57.44 -21.45
C VAL C 1061 -17.40 -58.74 -21.23
N PHE C 1062 -18.72 -58.65 -21.19
CA PHE C 1062 -19.58 -59.80 -21.02
C PHE C 1062 -20.13 -60.23 -22.37
N LEU C 1063 -20.07 -61.53 -22.66
CA LEU C 1063 -20.63 -62.10 -23.86
C LEU C 1063 -21.92 -62.81 -23.47
N HIS C 1064 -23.05 -62.13 -23.62
CA HIS C 1064 -24.34 -62.62 -23.16
C HIS C 1064 -24.93 -63.51 -24.23
N VAL C 1065 -25.05 -64.80 -23.92
CA VAL C 1065 -25.67 -65.76 -24.82
C VAL C 1065 -27.15 -65.85 -24.45
N THR C 1066 -28.01 -65.48 -25.39
CA THR C 1066 -29.44 -65.41 -25.14
C THR C 1066 -30.19 -66.22 -26.17
N TYR C 1067 -31.43 -66.56 -25.84
CA TYR C 1067 -32.31 -67.33 -26.71
C TYR C 1067 -33.39 -66.41 -27.24
N VAL C 1068 -33.44 -66.26 -28.56
CA VAL C 1068 -34.35 -65.35 -29.23
C VAL C 1068 -35.31 -66.18 -30.08
N PRO C 1069 -36.60 -66.22 -29.74
CA PRO C 1069 -37.56 -66.96 -30.57
C PRO C 1069 -37.76 -66.29 -31.93
N ALA C 1070 -38.10 -67.10 -32.92
CA ALA C 1070 -38.23 -66.62 -34.29
C ALA C 1070 -39.16 -67.53 -35.07
N GLN C 1071 -39.61 -67.03 -36.23
CA GLN C 1071 -40.43 -67.77 -37.17
C GLN C 1071 -41.74 -68.23 -36.51
N GLU C 1072 -42.55 -67.23 -36.14
CA GLU C 1072 -43.79 -67.50 -35.45
C GLU C 1072 -44.92 -67.77 -36.44
N LYS C 1073 -45.97 -68.42 -35.94
CA LYS C 1073 -47.15 -68.75 -36.73
C LYS C 1073 -48.39 -68.34 -35.96
N ASN C 1074 -49.40 -67.88 -36.69
CA ASN C 1074 -50.69 -67.58 -36.06
C ASN C 1074 -51.41 -68.87 -35.69
N PHE C 1075 -52.21 -68.80 -34.62
CA PHE C 1075 -53.00 -69.94 -34.17
C PHE C 1075 -54.30 -69.42 -33.55
N THR C 1076 -55.18 -70.37 -33.23
CA THR C 1076 -56.41 -70.09 -32.49
C THR C 1076 -56.31 -70.76 -31.13
N THR C 1077 -56.68 -70.03 -30.08
CA THR C 1077 -56.57 -70.53 -28.73
C THR C 1077 -57.92 -70.51 -28.03
N ALA C 1078 -58.00 -71.27 -26.94
CA ALA C 1078 -59.12 -71.31 -26.05
C ALA C 1078 -58.58 -71.32 -24.63
N PRO C 1079 -59.25 -70.65 -23.70
CA PRO C 1079 -58.83 -70.76 -22.29
C PRO C 1079 -58.84 -72.19 -21.76
N ALA C 1080 -59.79 -73.00 -22.19
CA ALA C 1080 -59.92 -74.35 -21.68
C ALA C 1080 -60.70 -75.22 -22.65
N ILE C 1081 -60.64 -76.52 -22.44
CA ILE C 1081 -61.28 -77.52 -23.30
C ILE C 1081 -62.44 -78.14 -22.54
N CYS C 1082 -63.62 -78.17 -23.17
CA CYS C 1082 -64.80 -78.80 -22.60
C CYS C 1082 -64.83 -80.28 -22.95
N HIS C 1083 -64.98 -81.13 -21.93
CA HIS C 1083 -65.12 -82.56 -22.17
C HIS C 1083 -65.88 -83.17 -21.00
N ASP C 1084 -67.02 -83.79 -21.29
CA ASP C 1084 -67.89 -84.40 -20.28
C ASP C 1084 -68.39 -83.39 -19.26
N GLY C 1085 -68.78 -82.20 -19.73
CA GLY C 1085 -69.27 -81.18 -18.84
C GLY C 1085 -68.26 -80.62 -17.87
N LYS C 1086 -66.98 -80.89 -18.09
CA LYS C 1086 -65.92 -80.40 -17.23
C LYS C 1086 -64.93 -79.58 -18.06
N ALA C 1087 -64.26 -78.64 -17.42
CA ALA C 1087 -63.32 -77.75 -18.08
C ALA C 1087 -61.90 -78.22 -17.83
N HIS C 1088 -61.12 -78.33 -18.90
CA HIS C 1088 -59.74 -78.81 -18.83
C HIS C 1088 -58.81 -77.66 -19.17
N PHE C 1089 -57.88 -77.36 -18.28
CA PHE C 1089 -56.86 -76.36 -18.47
C PHE C 1089 -55.51 -77.04 -18.65
N PRO C 1090 -54.61 -76.47 -19.45
CA PRO C 1090 -53.31 -77.10 -19.65
C PRO C 1090 -52.42 -76.95 -18.43
N ARG C 1091 -51.77 -78.04 -18.06
CA ARG C 1091 -50.83 -78.02 -16.94
C ARG C 1091 -49.70 -77.03 -17.22
N GLU C 1092 -49.10 -77.13 -18.41
CA GLU C 1092 -47.95 -76.32 -18.81
C GLU C 1092 -48.03 -76.11 -20.32
N GLY C 1093 -48.61 -75.00 -20.74
CA GLY C 1093 -48.72 -74.70 -22.14
C GLY C 1093 -50.02 -73.99 -22.44
N VAL C 1094 -50.35 -73.96 -23.74
CA VAL C 1094 -51.56 -73.34 -24.24
C VAL C 1094 -52.27 -74.31 -25.16
N PHE C 1095 -53.58 -74.11 -25.32
CA PHE C 1095 -54.37 -74.84 -26.30
C PHE C 1095 -54.31 -74.11 -27.64
N VAL C 1096 -53.84 -74.79 -28.68
CA VAL C 1096 -53.80 -74.21 -30.01
C VAL C 1096 -54.47 -75.17 -30.98
N SER C 1097 -54.98 -74.61 -32.07
CA SER C 1097 -55.61 -75.40 -33.11
C SER C 1097 -55.06 -74.98 -34.46
N ASN C 1098 -54.77 -75.96 -35.31
CA ASN C 1098 -54.31 -75.70 -36.67
C ASN C 1098 -55.46 -75.46 -37.63
N GLY C 1099 -56.63 -75.07 -37.11
CA GLY C 1099 -57.80 -74.82 -37.93
C GLY C 1099 -58.83 -75.93 -37.82
N THR C 1100 -58.36 -77.15 -37.58
CA THR C 1100 -59.24 -78.31 -37.46
C THR C 1100 -59.11 -79.07 -36.15
N HIS C 1101 -57.90 -79.29 -35.66
CA HIS C 1101 -57.67 -80.13 -34.49
C HIS C 1101 -56.98 -79.32 -33.39
N TRP C 1102 -57.30 -79.64 -32.15
CA TRP C 1102 -56.81 -78.91 -31.00
C TRP C 1102 -55.63 -79.63 -30.37
N PHE C 1103 -54.61 -78.86 -29.99
CA PHE C 1103 -53.34 -79.40 -29.54
C PHE C 1103 -52.92 -78.69 -28.26
N VAL C 1104 -52.00 -79.31 -27.53
CA VAL C 1104 -51.36 -78.71 -26.36
C VAL C 1104 -49.88 -78.54 -26.67
N THR C 1105 -49.41 -77.30 -26.65
CA THR C 1105 -48.03 -77.00 -26.97
C THR C 1105 -47.40 -76.19 -25.85
N GLN C 1106 -46.09 -76.31 -25.71
CA GLN C 1106 -45.37 -75.42 -24.82
C GLN C 1106 -45.36 -74.00 -25.39
N ARG C 1107 -45.20 -73.03 -24.49
CA ARG C 1107 -45.53 -71.65 -24.80
C ARG C 1107 -44.43 -70.91 -25.56
N ASN C 1108 -43.22 -71.44 -25.60
CA ASN C 1108 -42.10 -70.76 -26.24
C ASN C 1108 -41.58 -71.48 -27.48
N PHE C 1109 -42.15 -72.64 -27.81
CA PHE C 1109 -41.70 -73.41 -28.96
C PHE C 1109 -42.85 -74.28 -29.41
N TYR C 1110 -43.11 -74.31 -30.72
CA TYR C 1110 -44.26 -75.05 -31.23
C TYR C 1110 -43.95 -76.54 -31.26
N GLU C 1111 -44.48 -77.27 -30.30
CA GLU C 1111 -44.45 -78.73 -30.32
C GLU C 1111 -45.82 -79.24 -29.95
N PRO C 1112 -46.75 -79.25 -30.89
CA PRO C 1112 -48.12 -79.68 -30.58
C PRO C 1112 -48.19 -81.12 -30.13
N GLN C 1113 -49.09 -81.37 -29.18
CA GLN C 1113 -49.36 -82.70 -28.68
C GLN C 1113 -50.87 -82.88 -28.54
N ILE C 1114 -51.31 -84.12 -28.59
CA ILE C 1114 -52.73 -84.42 -28.46
C ILE C 1114 -53.16 -84.22 -27.01
N ILE C 1115 -54.34 -83.62 -26.85
CA ILE C 1115 -54.83 -83.25 -25.52
C ILE C 1115 -55.22 -84.53 -24.79
N THR C 1116 -54.39 -84.94 -23.84
CA THR C 1116 -54.65 -86.11 -23.01
C THR C 1116 -54.95 -85.65 -21.58
N THR C 1117 -55.42 -86.57 -20.75
CA THR C 1117 -55.73 -86.27 -19.37
C THR C 1117 -54.48 -86.19 -18.50
N ASP C 1118 -53.29 -86.35 -19.09
CA ASP C 1118 -52.04 -86.27 -18.35
C ASP C 1118 -51.36 -84.91 -18.46
N ASN C 1119 -51.58 -84.17 -19.55
CA ASN C 1119 -51.00 -82.85 -19.72
C ASN C 1119 -52.03 -81.75 -19.49
N THR C 1120 -53.20 -82.10 -18.98
CA THR C 1120 -54.21 -81.13 -18.57
C THR C 1120 -54.65 -81.43 -17.15
N PHE C 1121 -55.37 -80.50 -16.55
CA PHE C 1121 -56.04 -80.73 -15.29
C PHE C 1121 -57.45 -80.14 -15.37
N VAL C 1122 -58.36 -80.74 -14.60
CA VAL C 1122 -59.78 -80.43 -14.68
C VAL C 1122 -60.19 -79.65 -13.43
N SER C 1123 -61.01 -78.61 -13.63
CA SER C 1123 -61.43 -77.76 -12.52
C SER C 1123 -62.76 -77.09 -12.90
N GLY C 1124 -63.83 -77.52 -12.25
CA GLY C 1124 -65.12 -76.86 -12.40
C GLY C 1124 -65.92 -77.41 -13.57
N ASN C 1125 -67.16 -76.91 -13.66
CA ASN C 1125 -68.07 -77.26 -14.73
C ASN C 1125 -67.89 -76.30 -15.90
N CYS C 1126 -68.48 -76.67 -17.03
CA CYS C 1126 -68.19 -76.03 -18.32
C CYS C 1126 -69.18 -74.89 -18.62
N ASP C 1127 -69.38 -73.99 -17.66
CA ASP C 1127 -70.27 -72.86 -17.92
C ASP C 1127 -69.82 -71.55 -17.29
N VAL C 1128 -68.66 -71.52 -16.61
CA VAL C 1128 -68.18 -70.31 -15.94
C VAL C 1128 -67.02 -69.67 -16.72
N VAL C 1129 -66.14 -70.48 -17.29
CA VAL C 1129 -65.05 -69.95 -18.10
C VAL C 1129 -65.63 -69.48 -19.43
N ILE C 1130 -65.34 -68.23 -19.80
CA ILE C 1130 -65.80 -67.69 -21.07
C ILE C 1130 -64.69 -67.86 -22.11
N GLY C 1131 -65.05 -68.42 -23.26
CA GLY C 1131 -64.07 -68.82 -24.26
C GLY C 1131 -63.84 -70.31 -24.35
N ILE C 1132 -64.56 -71.13 -23.56
CA ILE C 1132 -64.45 -72.57 -23.67
C ILE C 1132 -64.74 -73.01 -25.10
N VAL C 1133 -64.01 -74.02 -25.57
CA VAL C 1133 -64.34 -74.69 -26.81
C VAL C 1133 -64.56 -76.17 -26.51
N ASN C 1134 -65.49 -76.77 -27.26
CA ASN C 1134 -65.83 -78.18 -27.13
C ASN C 1134 -64.80 -79.00 -27.88
N ASN C 1135 -64.23 -80.01 -27.22
CA ASN C 1135 -63.29 -80.90 -27.86
C ASN C 1135 -63.12 -82.14 -26.99
N THR C 1136 -62.44 -83.15 -27.53
CA THR C 1136 -62.25 -84.40 -26.82
C THR C 1136 -60.91 -84.42 -26.09
N VAL C 1137 -60.92 -84.95 -24.88
CA VAL C 1137 -59.70 -85.12 -24.10
C VAL C 1137 -59.38 -86.61 -24.05
N TYR C 1138 -58.35 -87.02 -24.77
CA TYR C 1138 -58.03 -88.43 -24.91
C TYR C 1138 -57.58 -89.02 -23.57
N ASP C 1139 -57.92 -90.29 -23.33
CA ASP C 1139 -57.60 -90.96 -22.10
C ASP C 1139 -56.70 -92.15 -22.39
N PRO C 1140 -55.54 -92.24 -21.75
CA PRO C 1140 -54.61 -93.34 -22.03
C PRO C 1140 -54.94 -94.63 -21.29
N LEU C 1141 -56.16 -94.76 -20.75
CA LEU C 1141 -56.54 -95.95 -20.02
C LEU C 1141 -57.64 -96.75 -20.73
N GLN C 1142 -58.51 -96.05 -21.44
CA GLN C 1142 -59.59 -96.74 -22.17
C GLN C 1142 -59.08 -97.66 -23.26
N PRO C 1143 -58.14 -97.23 -24.13
CA PRO C 1143 -57.71 -98.13 -25.22
C PRO C 1143 -57.13 -99.47 -24.76
N GLU C 1144 -56.39 -99.49 -23.64
CA GLU C 1144 -55.82 -100.74 -23.16
C GLU C 1144 -56.90 -101.66 -22.62
N LEU C 1145 -57.94 -101.07 -22.01
CA LEU C 1145 -58.95 -101.87 -21.32
C LEU C 1145 -59.72 -102.75 -22.31
N ASP C 1146 -60.05 -102.20 -23.47
CA ASP C 1146 -60.78 -102.94 -24.48
C ASP C 1146 -59.89 -104.02 -25.12
N GLU D 1 -6.44 75.60 13.13
CA GLU D 1 -7.29 74.61 13.78
C GLU D 1 -6.89 73.20 13.36
N VAL D 2 -6.79 72.98 12.06
CA VAL D 2 -6.38 71.70 11.51
C VAL D 2 -4.94 71.85 11.04
N GLN D 3 -4.02 71.29 11.82
CA GLN D 3 -2.60 71.54 11.62
C GLN D 3 -1.83 70.23 11.56
N LEU D 4 -0.94 70.12 10.59
CA LEU D 4 -0.03 68.98 10.47
C LEU D 4 1.40 69.47 10.66
N VAL D 5 2.14 68.79 11.52
CA VAL D 5 3.51 69.16 11.86
C VAL D 5 4.40 67.94 11.64
N GLU D 6 5.53 68.15 10.98
CA GLU D 6 6.35 67.06 10.49
C GLU D 6 7.76 67.13 11.03
N SER D 7 8.34 65.97 11.28
CA SER D 7 9.70 65.85 11.76
C SER D 7 10.27 64.49 11.35
N GLY D 8 11.58 64.38 11.39
CA GLY D 8 12.28 63.13 11.11
C GLY D 8 13.24 63.16 9.95
N GLY D 9 13.13 64.12 9.01
CA GLY D 9 14.04 64.17 7.91
C GLY D 9 15.37 64.81 8.27
N GLY D 10 16.36 64.57 7.41
CA GLY D 10 17.69 65.12 7.63
C GLY D 10 18.69 64.50 6.67
N LEU D 11 19.91 65.02 6.73
CA LEU D 11 20.99 64.53 5.89
C LEU D 11 21.39 63.12 6.30
N ILE D 12 21.30 62.19 5.36
CA ILE D 12 21.46 60.75 5.61
C ILE D 12 22.26 60.17 4.45
N GLN D 13 23.17 59.23 4.78
CA GLN D 13 24.01 58.58 3.77
C GLN D 13 23.15 57.77 2.80
N PRO D 14 23.58 57.63 1.55
CA PRO D 14 22.80 56.86 0.59
C PRO D 14 22.62 55.41 1.03
N GLY D 15 21.41 54.90 0.81
CA GLY D 15 21.06 53.56 1.22
C GLY D 15 20.72 53.39 2.68
N GLY D 16 20.77 54.47 3.47
CA GLY D 16 20.55 54.37 4.89
C GLY D 16 19.09 54.27 5.28
N SER D 17 18.85 54.27 6.59
CA SER D 17 17.52 54.21 7.16
C SER D 17 17.16 55.55 7.79
N LEU D 18 15.86 55.81 7.86
CA LEU D 18 15.32 57.07 8.38
C LEU D 18 13.82 56.88 8.57
N ARG D 19 13.19 57.80 9.29
CA ARG D 19 11.75 57.79 9.45
C ARG D 19 11.22 59.21 9.63
N LEU D 20 10.08 59.48 9.01
CA LEU D 20 9.37 60.74 9.20
C LEU D 20 8.22 60.56 10.18
N SER D 21 7.79 61.67 10.76
CA SER D 21 6.62 61.72 11.63
C SER D 21 5.76 62.90 11.24
N CYS D 22 4.44 62.76 11.44
CA CYS D 22 3.49 63.81 11.09
C CYS D 22 2.36 63.77 12.11
N ALA D 23 2.48 64.60 13.15
CA ALA D 23 1.46 64.72 14.19
C ALA D 23 0.27 65.49 13.62
N ALA D 24 -0.92 65.15 14.07
CA ALA D 24 -2.14 65.78 13.58
C ALA D 24 -2.97 66.26 14.76
N SER D 25 -3.43 67.51 14.68
CA SER D 25 -4.35 68.08 15.65
C SER D 25 -5.67 68.37 14.95
N GLY D 26 -6.77 67.94 15.54
CA GLY D 26 -8.07 68.08 14.91
C GLY D 26 -8.53 66.91 14.06
N ILE D 27 -7.75 66.55 13.05
CA ILE D 27 -8.06 65.37 12.24
C ILE D 27 -7.63 64.12 13.00
N ILE D 28 -8.48 63.09 12.99
CA ILE D 28 -8.03 61.78 13.43
C ILE D 28 -7.36 61.07 12.26
N VAL D 29 -6.08 60.75 12.43
CA VAL D 29 -5.33 60.03 11.39
C VAL D 29 -5.90 58.63 11.17
N SER D 30 -6.41 58.02 12.24
CA SER D 30 -6.79 56.62 12.19
C SER D 30 -8.08 56.36 11.43
N SER D 31 -8.73 57.40 10.89
CA SER D 31 -9.93 57.20 10.09
C SER D 31 -10.00 58.11 8.86
N ASN D 32 -8.87 58.63 8.37
CA ASN D 32 -8.86 59.44 7.17
C ASN D 32 -7.72 59.00 6.27
N TYR D 33 -7.82 59.35 4.99
CA TYR D 33 -6.83 58.98 3.99
C TYR D 33 -5.66 59.94 4.10
N MET D 34 -4.50 59.44 4.51
CA MET D 34 -3.31 60.28 4.59
C MET D 34 -2.31 59.87 3.51
N THR D 35 -1.77 60.87 2.82
CA THR D 35 -0.85 60.67 1.71
C THR D 35 0.49 61.30 2.00
N TRP D 36 1.55 60.69 1.46
CA TRP D 36 2.88 61.28 1.43
C TRP D 36 3.13 61.82 0.03
N VAL D 37 3.63 63.05 -0.03
CA VAL D 37 3.83 63.76 -1.29
C VAL D 37 5.25 64.31 -1.30
N ARG D 38 5.93 64.16 -2.44
CA ARG D 38 7.34 64.50 -2.56
C ARG D 38 7.54 65.66 -3.53
N GLN D 39 8.59 66.44 -3.27
CA GLN D 39 8.96 67.57 -4.12
C GLN D 39 10.47 67.66 -4.16
N ALA D 40 11.08 67.17 -5.24
CA ALA D 40 12.52 67.31 -5.42
C ALA D 40 12.88 68.77 -5.68
N PRO D 41 14.09 69.18 -5.31
CA PRO D 41 14.51 70.57 -5.58
C PRO D 41 14.46 70.86 -7.07
N GLY D 42 13.93 72.04 -7.42
CA GLY D 42 13.76 72.41 -8.80
C GLY D 42 12.72 71.60 -9.55
N LYS D 43 11.86 70.86 -8.85
CA LYS D 43 10.83 70.04 -9.46
C LYS D 43 9.50 70.31 -8.76
N GLY D 44 8.44 69.69 -9.27
CA GLY D 44 7.11 69.86 -8.73
C GLY D 44 6.73 68.77 -7.73
N LEU D 45 5.45 68.76 -7.39
CA LEU D 45 4.91 67.76 -6.48
C LEU D 45 4.76 66.41 -7.18
N GLU D 46 4.81 65.35 -6.37
CA GLU D 46 4.69 63.99 -6.89
C GLU D 46 4.23 63.09 -5.75
N TRP D 47 3.44 62.08 -6.08
CA TRP D 47 2.86 61.23 -5.04
C TRP D 47 3.85 60.17 -4.58
N VAL D 48 3.74 59.79 -3.31
CA VAL D 48 4.54 58.72 -2.72
C VAL D 48 3.67 57.57 -2.25
N SER D 49 2.76 57.84 -1.33
CA SER D 49 2.05 56.78 -0.62
C SER D 49 0.69 57.30 -0.15
N VAL D 50 -0.18 56.33 0.18
CA VAL D 50 -1.42 56.61 0.88
C VAL D 50 -1.78 55.37 1.69
N ILE D 51 -2.21 55.58 2.93
CA ILE D 51 -2.73 54.51 3.77
C ILE D 51 -4.21 54.80 4.03
N TYR D 52 -5.05 53.81 3.74
CA TYR D 52 -6.49 53.99 3.74
C TYR D 52 -7.01 54.13 5.17
N SER D 53 -8.24 54.63 5.29
CA SER D 53 -8.86 54.79 6.60
C SER D 53 -9.07 53.43 7.26
N GLY D 54 -9.27 52.38 6.47
CA GLY D 54 -9.35 51.04 7.00
C GLY D 54 -8.02 50.41 7.33
N GLY D 55 -6.93 50.97 6.80
CA GLY D 55 -5.61 50.47 7.10
C GLY D 55 -4.87 49.90 5.91
N SER D 56 -5.51 49.88 4.74
CA SER D 56 -4.84 49.41 3.54
C SER D 56 -3.82 50.42 3.07
N THR D 57 -2.74 49.92 2.47
CA THR D 57 -1.58 50.74 2.13
C THR D 57 -1.42 50.84 0.62
N PHE D 58 -0.64 51.84 0.19
CA PHE D 58 -0.37 52.06 -1.22
C PHE D 58 0.91 52.89 -1.35
N TYR D 59 1.74 52.51 -2.32
CA TYR D 59 2.94 53.26 -2.63
C TYR D 59 3.10 53.36 -4.15
N ALA D 60 3.97 54.27 -4.58
CA ALA D 60 4.18 54.50 -6.00
C ALA D 60 5.16 53.48 -6.58
N ASP D 61 5.25 53.46 -7.91
CA ASP D 61 6.17 52.55 -8.59
C ASP D 61 7.62 52.86 -8.21
N SER D 62 7.97 54.13 -8.11
CA SER D 62 9.30 54.54 -7.67
C SER D 62 9.50 54.33 -6.17
N VAL D 63 8.48 53.89 -5.45
CA VAL D 63 8.54 53.74 -4.00
C VAL D 63 8.48 52.30 -3.54
N LYS D 64 7.82 51.40 -4.28
CA LYS D 64 7.61 50.03 -3.84
C LYS D 64 8.93 49.32 -3.55
N GLY D 65 8.97 48.59 -2.44
CA GLY D 65 10.15 47.86 -2.02
C GLY D 65 11.15 48.66 -1.22
N ARG D 66 10.94 49.97 -1.07
CA ARG D 66 11.87 50.82 -0.34
C ARG D 66 11.25 51.46 0.88
N PHE D 67 10.10 52.10 0.74
CA PHE D 67 9.49 52.83 1.84
C PHE D 67 8.35 52.03 2.45
N THR D 68 7.98 52.39 3.68
CA THR D 68 6.81 51.84 4.34
C THR D 68 6.11 52.95 5.09
N ILE D 69 4.79 52.98 5.00
CA ILE D 69 3.97 53.98 5.69
C ILE D 69 3.40 53.32 6.94
N SER D 70 3.37 54.07 8.04
CA SER D 70 2.95 53.51 9.30
C SER D 70 2.31 54.60 10.13
N ARG D 71 1.57 54.19 11.14
CA ARG D 71 0.64 55.04 11.86
C ARG D 71 0.66 54.70 13.34
N ASP D 72 0.08 55.57 14.15
CA ASP D 72 -0.16 55.30 15.56
C ASP D 72 -1.51 55.92 15.94
N LYS D 73 -2.37 55.10 16.55
CA LYS D 73 -3.68 55.58 16.99
C LYS D 73 -3.61 56.30 18.33
N SER D 74 -2.60 55.98 19.15
CA SER D 74 -2.49 56.61 20.46
C SER D 74 -2.04 58.07 20.35
N LYS D 75 -1.07 58.33 19.48
CA LYS D 75 -0.54 59.68 19.34
C LYS D 75 -1.14 60.44 18.17
N ASN D 76 -2.03 59.82 17.39
CA ASN D 76 -2.67 60.45 16.25
C ASN D 76 -1.62 61.01 15.28
N THR D 77 -0.70 60.11 14.88
CA THR D 77 0.49 60.51 14.15
C THR D 77 0.68 59.60 12.94
N LEU D 78 1.33 60.12 11.91
CA LEU D 78 1.62 59.40 10.67
C LEU D 78 3.12 59.27 10.49
N TYR D 79 3.56 58.11 10.04
CA TYR D 79 4.98 57.79 9.92
C TYR D 79 5.28 57.29 8.51
N LEU D 80 6.56 57.37 8.12
CA LEU D 80 7.02 56.81 6.85
C LEU D 80 8.39 56.18 7.08
N GLN D 81 8.47 54.85 6.95
CA GLN D 81 9.74 54.13 7.11
C GLN D 81 10.61 54.40 5.89
N MET D 82 11.76 55.03 6.11
CA MET D 82 12.62 55.48 5.02
C MET D 82 13.86 54.60 4.96
N SER D 83 14.08 53.96 3.81
CA SER D 83 15.09 52.91 3.73
C SER D 83 15.58 52.75 2.30
N SER D 84 16.78 52.19 2.16
CA SER D 84 17.41 51.99 0.85
C SER D 84 17.49 53.29 0.06
N LEU D 85 17.88 54.36 0.75
CA LEU D 85 17.74 55.71 0.21
C LEU D 85 18.76 55.97 -0.89
N ARG D 86 18.26 56.21 -2.10
CA ARG D 86 19.13 56.58 -3.20
C ARG D 86 19.29 58.10 -3.25
N ALA D 87 19.99 58.59 -4.28
CA ALA D 87 20.19 60.02 -4.45
C ALA D 87 18.92 60.74 -4.89
N GLU D 88 18.00 60.05 -5.56
CA GLU D 88 16.76 60.64 -6.04
C GLU D 88 15.76 60.91 -4.93
N ASP D 89 16.01 60.43 -3.72
CA ASP D 89 15.11 60.63 -2.59
C ASP D 89 15.29 61.98 -1.93
N THR D 90 16.26 62.78 -2.38
CA THR D 90 16.46 64.13 -1.87
C THR D 90 15.30 65.03 -2.27
N ALA D 91 14.41 65.31 -1.33
CA ALA D 91 13.21 66.09 -1.61
C ALA D 91 12.62 66.60 -0.31
N VAL D 92 11.56 67.39 -0.43
CA VAL D 92 10.79 67.86 0.71
C VAL D 92 9.44 67.13 0.69
N TYR D 93 9.05 66.59 1.84
CA TYR D 93 7.84 65.78 1.94
C TYR D 93 6.83 66.49 2.82
N TYR D 94 5.57 66.50 2.37
CA TYR D 94 4.44 67.01 3.13
C TYR D 94 3.47 65.87 3.39
N CYS D 95 2.68 65.98 4.46
CA CYS D 95 1.58 65.05 4.71
C CYS D 95 0.28 65.77 4.38
N ALA D 96 -0.59 65.11 3.61
CA ALA D 96 -1.87 65.66 3.22
C ALA D 96 -2.98 64.64 3.44
N ARG D 97 -4.22 65.14 3.55
CA ARG D 97 -5.39 64.32 3.85
C ARG D 97 -6.23 64.18 2.59
N ASP D 98 -6.45 62.94 2.16
CA ASP D 98 -7.13 62.68 0.90
C ASP D 98 -8.61 62.43 1.10
N LEU D 99 -9.43 63.15 0.33
CA LEU D 99 -10.88 63.00 0.41
C LEU D 99 -11.53 62.64 -0.92
N GLY D 100 -10.78 62.09 -1.87
CA GLY D 100 -11.33 61.69 -3.13
C GLY D 100 -11.65 62.86 -4.04
N PRO D 101 -12.94 63.07 -4.32
CA PRO D 101 -13.33 64.23 -5.16
C PRO D 101 -12.93 65.56 -4.56
N TYR D 102 -12.88 65.66 -3.24
CA TYR D 102 -12.32 66.84 -2.59
C TYR D 102 -10.79 66.76 -2.61
N GLY D 103 -10.15 67.91 -2.85
CA GLY D 103 -8.71 67.94 -2.98
C GLY D 103 -7.98 67.85 -1.66
N MET D 104 -6.66 68.04 -1.69
CA MET D 104 -5.83 67.88 -0.50
C MET D 104 -6.12 69.08 0.39
N ASP D 105 -7.18 68.99 1.22
CA ASP D 105 -7.70 70.19 1.86
C ASP D 105 -6.73 70.79 2.87
N VAL D 106 -5.99 69.96 3.61
CA VAL D 106 -5.03 70.43 4.59
C VAL D 106 -3.66 69.89 4.24
N TRP D 107 -2.61 70.60 4.68
CA TRP D 107 -1.26 70.25 4.29
C TRP D 107 -0.32 70.46 5.47
N GLY D 108 0.88 69.89 5.36
CA GLY D 108 1.91 70.13 6.35
C GLY D 108 2.95 71.14 5.87
N GLN D 109 3.81 71.57 6.80
CA GLN D 109 4.80 72.59 6.47
C GLN D 109 5.90 72.03 5.57
N GLY D 110 6.27 70.77 5.75
CA GLY D 110 7.29 70.16 4.91
C GLY D 110 8.62 70.05 5.65
N THR D 111 9.36 68.99 5.32
CA THR D 111 10.67 68.73 5.90
C THR D 111 11.64 68.36 4.78
N THR D 112 12.84 68.94 4.81
CA THR D 112 13.84 68.75 3.78
C THR D 112 14.68 67.52 4.10
N VAL D 113 14.80 66.62 3.14
CA VAL D 113 15.61 65.41 3.27
C VAL D 113 16.71 65.48 2.22
N THR D 114 17.96 65.36 2.66
CA THR D 114 19.12 65.42 1.78
C THR D 114 19.92 64.12 1.87
N VAL D 115 20.42 63.67 0.73
CA VAL D 115 21.19 62.43 0.64
C VAL D 115 22.61 62.78 0.24
N SER D 116 23.58 62.33 1.04
CA SER D 116 24.99 62.57 0.76
C SER D 116 25.86 61.52 1.43
N ILE E 2 -2.23 58.05 -16.43
CA ILE E 2 -2.75 59.13 -17.24
C ILE E 2 -1.68 60.23 -17.25
N GLN E 3 -1.70 61.12 -18.24
CA GLN E 3 -0.72 62.20 -18.33
C GLN E 3 -1.46 63.53 -18.41
N LEU E 4 -1.15 64.43 -17.47
CA LEU E 4 -1.71 65.77 -17.48
C LEU E 4 -0.65 66.77 -17.94
N THR E 5 -1.02 67.66 -18.86
CA THR E 5 -0.10 68.65 -19.40
C THR E 5 -0.71 70.04 -19.24
N GLN E 6 0.00 70.92 -18.53
CA GLN E 6 -0.36 72.32 -18.41
C GLN E 6 0.26 73.10 -19.56
N SER E 7 -0.40 74.20 -19.94
CA SER E 7 0.07 74.93 -21.11
C SER E 7 -0.34 76.40 -21.01
N PRO E 8 0.60 77.34 -21.14
CA PRO E 8 2.04 77.09 -21.18
C PRO E 8 2.72 77.29 -19.82
N SER E 9 3.99 76.91 -19.72
CA SER E 9 4.68 76.87 -18.42
C SER E 9 4.88 78.26 -17.83
N PHE E 10 5.55 79.15 -18.55
CA PHE E 10 5.89 80.48 -18.04
C PHE E 10 4.92 81.50 -18.61
N LEU E 11 4.23 82.20 -17.71
CA LEU E 11 3.12 83.06 -18.09
C LEU E 11 3.28 84.40 -17.39
N SER E 12 2.93 85.47 -18.12
CA SER E 12 3.18 86.82 -17.63
C SER E 12 2.03 87.73 -18.02
N ALA E 13 1.64 88.60 -17.08
CA ALA E 13 0.63 89.62 -17.34
C ALA E 13 0.69 90.68 -16.25
N SER E 14 0.11 91.83 -16.55
CA SER E 14 0.02 92.92 -15.58
C SER E 14 -1.29 92.86 -14.82
N VAL E 15 -1.40 93.68 -13.78
CA VAL E 15 -2.58 93.67 -12.92
C VAL E 15 -3.82 94.04 -13.72
N GLY E 16 -4.90 93.31 -13.48
CA GLY E 16 -6.17 93.55 -14.15
C GLY E 16 -6.41 92.74 -15.40
N ASP E 17 -5.42 91.99 -15.88
CA ASP E 17 -5.58 91.20 -17.09
C ASP E 17 -6.39 89.95 -16.80
N ARG E 18 -7.09 89.46 -17.83
CA ARG E 18 -7.83 88.22 -17.77
C ARG E 18 -6.93 87.08 -18.22
N VAL E 19 -6.66 86.13 -17.33
CA VAL E 19 -5.72 85.03 -17.57
C VAL E 19 -6.52 83.74 -17.73
N THR E 20 -6.01 82.83 -18.56
CA THR E 20 -6.62 81.52 -18.77
C THR E 20 -5.54 80.45 -18.78
N ILE E 21 -5.29 79.84 -17.62
CA ILE E 21 -4.29 78.80 -17.46
C ILE E 21 -4.95 77.46 -17.79
N THR E 22 -4.34 76.72 -18.72
CA THR E 22 -4.94 75.50 -19.25
C THR E 22 -4.15 74.29 -18.79
N CYS E 23 -4.84 73.36 -18.12
CA CYS E 23 -4.35 72.01 -17.89
C CYS E 23 -5.16 71.06 -18.75
N ARG E 24 -4.51 70.40 -19.69
CA ARG E 24 -5.19 69.63 -20.72
C ARG E 24 -5.15 68.16 -20.36
N ALA E 25 -6.31 67.53 -20.28
CA ALA E 25 -6.42 66.11 -19.94
C ALA E 25 -6.29 65.29 -21.21
N SER E 26 -5.36 64.32 -21.19
CA SER E 26 -5.04 63.58 -22.41
C SER E 26 -6.11 62.54 -22.74
N GLN E 27 -6.66 61.85 -21.73
CA GLN E 27 -7.73 60.88 -21.97
C GLN E 27 -9.13 61.48 -21.93
N GLY E 28 -9.46 62.22 -20.87
CA GLY E 28 -10.82 62.69 -20.66
C GLY E 28 -11.47 62.08 -19.44
N ILE E 29 -11.59 62.86 -18.36
CA ILE E 29 -12.09 62.36 -17.10
C ILE E 29 -13.34 63.09 -16.63
N SER E 30 -13.49 64.38 -16.95
CA SER E 30 -14.72 65.15 -16.93
C SER E 30 -15.23 65.66 -15.58
N SER E 31 -14.66 65.23 -14.45
CA SER E 31 -15.00 65.92 -13.23
C SER E 31 -13.88 65.98 -12.21
N ASP E 32 -12.72 65.38 -12.53
CA ASP E 32 -11.69 65.13 -11.52
C ASP E 32 -10.51 66.11 -11.64
N LEU E 33 -10.77 67.38 -11.34
CA LEU E 33 -9.70 68.37 -11.31
C LEU E 33 -9.74 69.19 -10.04
N ALA E 34 -8.53 69.46 -9.51
CA ALA E 34 -8.34 70.36 -8.38
C ALA E 34 -7.20 71.31 -8.71
N TRP E 35 -7.44 72.60 -8.47
CA TRP E 35 -6.53 73.67 -8.84
C TRP E 35 -5.68 74.03 -7.62
N TYR E 36 -4.37 73.87 -7.75
CA TYR E 36 -3.46 74.04 -6.62
C TYR E 36 -2.55 75.23 -6.88
N GLN E 37 -2.76 76.31 -6.13
CA GLN E 37 -1.91 77.48 -6.20
C GLN E 37 -0.87 77.40 -5.09
N GLN E 38 0.38 77.62 -5.46
CA GLN E 38 1.49 77.48 -4.53
C GLN E 38 2.33 78.74 -4.57
N LYS E 39 2.32 79.50 -3.49
CA LYS E 39 3.24 80.59 -3.35
C LYS E 39 4.67 80.05 -3.40
N PRO E 40 5.59 80.79 -4.02
CA PRO E 40 6.96 80.27 -4.21
C PRO E 40 7.57 79.79 -2.90
N GLY E 41 7.79 78.48 -2.81
CA GLY E 41 8.32 77.87 -1.61
C GLY E 41 7.35 77.78 -0.46
N LYS E 42 6.06 77.62 -0.73
CA LYS E 42 5.04 77.59 0.32
C LYS E 42 4.17 76.34 0.17
N ALA E 43 3.12 76.27 1.01
CA ALA E 43 2.13 75.20 1.04
C ALA E 43 0.98 75.49 0.08
N PRO E 44 0.71 74.57 -0.85
CA PRO E 44 -0.37 74.79 -1.82
C PRO E 44 -1.74 74.82 -1.13
N ASN E 45 -2.75 75.27 -1.88
CA ASN E 45 -4.11 75.42 -1.36
C ASN E 45 -5.09 75.11 -2.47
N LEU E 46 -6.25 74.56 -2.12
CA LEU E 46 -7.31 74.36 -3.10
C LEU E 46 -7.84 75.69 -3.61
N LEU E 47 -8.12 75.74 -4.91
CA LEU E 47 -8.75 76.91 -5.51
C LEU E 47 -10.13 76.58 -6.06
N ILE E 48 -10.21 75.62 -6.98
CA ILE E 48 -11.46 75.10 -7.51
C ILE E 48 -11.37 73.58 -7.43
N TYR E 49 -12.32 72.96 -6.72
CA TYR E 49 -12.43 71.51 -6.68
C TYR E 49 -13.62 71.06 -7.52
N ALA E 50 -13.52 69.83 -8.04
CA ALA E 50 -14.42 69.30 -9.07
C ALA E 50 -14.39 70.12 -10.36
N ALA E 51 -13.36 70.94 -10.53
CA ALA E 51 -13.02 71.65 -11.76
C ALA E 51 -13.94 72.82 -12.09
N SER E 52 -15.04 72.98 -11.35
CA SER E 52 -15.94 74.10 -11.62
C SER E 52 -16.46 74.82 -10.39
N THR E 53 -16.33 74.28 -9.18
CA THR E 53 -16.96 74.84 -7.99
C THR E 53 -15.93 75.54 -7.11
N LEU E 54 -16.35 76.65 -6.51
CA LEU E 54 -15.42 77.48 -5.75
C LEU E 54 -15.23 76.93 -4.34
N GLN E 55 -13.99 76.56 -4.03
CA GLN E 55 -13.67 75.98 -2.74
C GLN E 55 -13.77 77.10 -1.70
N SER E 56 -14.23 76.74 -0.49
CA SER E 56 -14.67 77.74 0.47
C SER E 56 -13.52 78.59 0.98
N GLY E 57 -13.74 79.92 0.98
CA GLY E 57 -12.73 80.86 1.41
C GLY E 57 -11.88 81.42 0.30
N VAL E 58 -11.92 80.82 -0.89
CA VAL E 58 -11.25 81.34 -2.07
C VAL E 58 -12.00 82.58 -2.53
N PRO E 59 -11.34 83.69 -2.81
CA PRO E 59 -12.05 84.89 -3.24
C PRO E 59 -12.67 84.73 -4.63
N SER E 60 -13.75 85.46 -4.85
CA SER E 60 -14.64 85.26 -6.00
C SER E 60 -14.02 85.66 -7.33
N ARG E 61 -12.77 86.14 -7.34
CA ARG E 61 -12.10 86.49 -8.59
C ARG E 61 -11.54 85.28 -9.32
N PHE E 62 -11.59 84.10 -8.70
CA PHE E 62 -11.04 82.88 -9.27
C PHE E 62 -12.18 82.02 -9.79
N SER E 63 -12.04 81.52 -11.01
CA SER E 63 -13.07 80.68 -11.62
C SER E 63 -12.42 79.52 -12.36
N GLY E 64 -13.18 78.43 -12.50
CA GLY E 64 -12.75 77.28 -13.27
C GLY E 64 -13.81 76.89 -14.27
N SER E 65 -13.40 76.22 -15.35
CA SER E 65 -14.33 75.84 -16.40
C SER E 65 -13.76 74.66 -17.16
N GLY E 66 -14.63 73.97 -17.89
CA GLY E 66 -14.26 72.84 -18.71
C GLY E 66 -14.72 71.52 -18.11
N SER E 67 -14.96 70.56 -19.01
CA SER E 67 -15.39 69.24 -18.59
C SER E 67 -15.15 68.22 -19.69
N GLY E 68 -14.59 67.07 -19.33
CA GLY E 68 -14.31 66.04 -20.32
C GLY E 68 -12.83 65.94 -20.60
N THR E 69 -12.42 66.41 -21.78
CA THR E 69 -11.03 66.38 -22.19
C THR E 69 -10.34 67.74 -22.05
N ASP E 70 -11.11 68.84 -22.09
CA ASP E 70 -10.59 70.19 -21.95
C ASP E 70 -10.87 70.69 -20.53
N PHE E 71 -9.94 71.49 -20.00
CA PHE E 71 -10.06 72.10 -18.68
C PHE E 71 -9.27 73.41 -18.68
N THR E 72 -9.77 74.40 -17.95
CA THR E 72 -9.09 75.69 -17.87
C THR E 72 -9.21 76.31 -16.49
N LEU E 73 -8.25 77.17 -16.16
CA LEU E 73 -8.31 78.05 -14.99
C LEU E 73 -8.45 79.48 -15.49
N THR E 74 -9.45 80.20 -15.00
CA THR E 74 -9.71 81.57 -15.41
C THR E 74 -9.67 82.49 -14.19
N ILE E 75 -8.83 83.52 -14.26
CA ILE E 75 -8.77 84.57 -13.25
C ILE E 75 -9.33 85.83 -13.88
N SER E 76 -10.43 86.34 -13.31
CA SER E 76 -11.12 87.48 -13.89
C SER E 76 -10.37 88.80 -13.74
N SER E 77 -9.67 89.01 -12.63
CA SER E 77 -8.96 90.27 -12.41
C SER E 77 -7.73 89.99 -11.55
N LEU E 78 -6.54 90.22 -12.11
CA LEU E 78 -5.30 89.89 -11.43
C LEU E 78 -5.04 90.83 -10.26
N GLN E 79 -4.22 90.35 -9.33
CA GLN E 79 -3.71 91.09 -8.19
C GLN E 79 -2.20 90.98 -8.16
N PRO E 80 -1.51 91.96 -7.56
CA PRO E 80 -0.05 91.86 -7.47
C PRO E 80 0.44 90.65 -6.70
N GLU E 81 -0.37 90.10 -5.80
CA GLU E 81 0.00 88.90 -5.06
C GLU E 81 -0.48 87.62 -5.72
N ASP E 82 -1.12 87.71 -6.89
CA ASP E 82 -1.65 86.54 -7.57
C ASP E 82 -0.58 85.79 -8.35
N PHE E 83 0.70 86.07 -8.11
CA PHE E 83 1.78 85.30 -8.71
C PHE E 83 2.04 84.08 -7.85
N ALA E 84 2.15 82.92 -8.49
CA ALA E 84 2.39 81.65 -7.81
C ALA E 84 2.71 80.61 -8.88
N THR E 85 2.85 79.36 -8.45
CA THR E 85 2.94 78.23 -9.36
C THR E 85 1.64 77.45 -9.20
N TYR E 86 0.95 77.22 -10.30
CA TYR E 86 -0.42 76.71 -10.31
C TYR E 86 -0.43 75.28 -10.79
N TYR E 87 -0.97 74.38 -9.97
CA TYR E 87 -0.97 72.95 -10.26
C TYR E 87 -2.38 72.48 -10.59
N CYS E 88 -2.47 71.50 -11.47
CA CYS E 88 -3.68 70.74 -11.70
C CYS E 88 -3.47 69.30 -11.25
N GLN E 89 -4.52 68.69 -10.67
CA GLN E 89 -4.41 67.35 -10.13
C GLN E 89 -5.55 66.47 -10.60
N GLN E 90 -5.25 65.19 -10.83
CA GLN E 90 -6.27 64.19 -11.12
C GLN E 90 -6.95 63.78 -9.81
N LEU E 91 -8.23 64.11 -9.70
CA LEU E 91 -9.00 63.64 -8.56
C LEU E 91 -9.51 62.23 -8.82
N ASN E 92 -9.98 61.57 -7.75
CA ASN E 92 -10.60 60.25 -7.83
C ASN E 92 -9.71 59.24 -8.56
N SER E 93 -8.42 59.30 -8.31
CA SER E 93 -7.43 58.50 -9.03
C SER E 93 -6.69 57.57 -8.09
N ASP E 94 -5.70 56.88 -8.63
CA ASP E 94 -4.84 55.99 -7.86
C ASP E 94 -3.43 56.52 -7.67
N LEU E 95 -2.89 57.26 -8.63
CA LEU E 95 -1.57 57.87 -8.50
C LEU E 95 -1.64 59.37 -8.24
N TYR E 96 -2.81 59.98 -8.36
CA TYR E 96 -3.02 61.40 -8.09
C TYR E 96 -2.05 62.25 -8.91
N THR E 97 -2.06 62.01 -10.21
CA THR E 97 -1.11 62.63 -11.13
C THR E 97 -1.31 64.14 -11.15
N PHE E 98 -0.21 64.89 -11.01
CA PHE E 98 -0.23 66.34 -11.13
C PHE E 98 0.25 66.78 -12.52
N GLY E 99 0.14 68.07 -12.77
CA GLY E 99 0.77 68.68 -13.92
C GLY E 99 2.20 69.11 -13.62
N GLN E 100 2.85 69.68 -14.64
CA GLN E 100 4.22 70.14 -14.45
C GLN E 100 4.28 71.44 -13.66
N GLY E 101 3.26 72.29 -13.77
CA GLY E 101 3.22 73.53 -13.03
C GLY E 101 3.37 74.76 -13.91
N THR E 102 2.47 75.72 -13.75
CA THR E 102 2.50 76.96 -14.51
C THR E 102 2.82 78.11 -13.56
N LYS E 103 3.87 78.87 -13.86
CA LYS E 103 4.33 79.94 -12.99
C LYS E 103 3.85 81.28 -13.54
N LEU E 104 2.67 81.71 -13.09
CA LEU E 104 2.21 83.06 -13.39
C LEU E 104 3.17 84.06 -12.78
N GLU E 105 3.39 85.18 -13.47
CA GLU E 105 4.26 86.25 -13.00
C GLU E 105 3.55 87.59 -13.10
N ILE E 106 3.55 88.34 -12.00
CA ILE E 106 3.07 89.71 -12.01
C ILE E 106 4.17 90.54 -12.65
N LYS E 107 4.04 90.79 -13.95
CA LYS E 107 5.14 91.28 -14.78
C LYS E 107 4.85 92.70 -15.26
N VAL F 2 -53.90 42.10 29.82
CA VAL F 2 -52.82 42.93 30.37
C VAL F 2 -53.34 44.19 31.02
N GLN F 3 -52.44 44.88 31.71
CA GLN F 3 -52.74 46.14 32.38
C GLN F 3 -51.93 47.24 31.68
N LEU F 4 -52.63 48.25 31.18
CA LEU F 4 -52.05 49.24 30.30
C LEU F 4 -51.96 50.61 30.97
N VAL F 5 -50.80 51.25 30.80
CA VAL F 5 -50.56 52.60 31.30
C VAL F 5 -49.93 53.40 30.16
N GLU F 6 -50.46 54.59 29.89
CA GLU F 6 -49.88 55.46 28.86
C GLU F 6 -49.08 56.61 29.49
N SER F 7 -48.28 57.27 28.66
CA SER F 7 -47.46 58.39 29.09
C SER F 7 -47.07 59.22 27.87
N GLY F 8 -46.59 60.43 28.15
CA GLY F 8 -46.03 61.29 27.13
C GLY F 8 -46.82 62.54 26.77
N GLY F 9 -48.11 62.60 27.11
CA GLY F 9 -48.93 63.75 26.77
C GLY F 9 -48.54 64.98 27.58
N GLY F 10 -48.37 66.10 26.88
CA GLY F 10 -47.97 67.33 27.54
C GLY F 10 -48.30 68.57 26.72
N LEU F 11 -47.79 69.70 27.21
CA LEU F 11 -48.02 70.98 26.54
C LEU F 11 -47.00 71.22 25.44
N VAL F 12 -47.48 71.29 24.20
CA VAL F 12 -46.65 71.59 23.04
C VAL F 12 -47.39 72.62 22.19
N LYS F 13 -46.63 73.36 21.37
CA LYS F 13 -47.23 74.33 20.47
C LYS F 13 -47.46 73.70 19.09
N PRO F 14 -48.36 74.27 18.29
CA PRO F 14 -48.67 73.66 16.98
C PRO F 14 -47.42 73.46 16.13
N GLY F 15 -47.37 72.31 15.46
CA GLY F 15 -46.23 71.94 14.66
C GLY F 15 -45.14 71.21 15.40
N GLY F 16 -45.26 71.08 16.72
CA GLY F 16 -44.22 70.49 17.53
C GLY F 16 -44.22 68.97 17.41
N SER F 17 -43.36 68.36 18.23
CA SER F 17 -43.17 66.92 18.19
C SER F 17 -43.47 66.33 19.57
N LEU F 18 -44.14 65.18 19.56
CA LEU F 18 -44.35 64.38 20.75
C LEU F 18 -44.10 62.91 20.42
N ARG F 19 -44.07 62.09 21.46
CA ARG F 19 -43.93 60.65 21.33
C ARG F 19 -44.64 59.99 22.50
N LEU F 20 -45.89 59.57 22.29
CA LEU F 20 -46.62 58.93 23.36
C LEU F 20 -46.13 57.51 23.59
N SER F 21 -46.79 56.83 24.52
CA SER F 21 -46.44 55.47 24.87
C SER F 21 -47.65 54.78 25.49
N CYS F 22 -47.58 53.45 25.56
CA CYS F 22 -48.59 52.65 26.23
C CYS F 22 -47.90 51.35 26.66
N ALA F 23 -47.53 51.28 27.94
CA ALA F 23 -46.75 50.17 28.45
C ALA F 23 -47.69 49.08 28.98
N ALA F 24 -47.27 47.83 28.82
CA ALA F 24 -48.05 46.69 29.27
C ALA F 24 -47.46 46.09 30.54
N SER F 25 -48.33 45.42 31.30
CA SER F 25 -47.88 44.76 32.53
C SER F 25 -47.29 43.39 32.24
N GLU F 26 -48.04 42.54 31.56
CA GLU F 26 -47.66 41.17 31.25
C GLU F 26 -47.05 41.11 29.85
N PHE F 27 -46.60 39.90 29.48
CA PHE F 27 -46.11 39.63 28.14
C PHE F 27 -47.18 39.13 27.20
N THR F 28 -48.43 39.05 27.66
CA THR F 28 -49.55 38.72 26.78
C THR F 28 -49.80 39.81 25.74
N PHE F 29 -49.19 40.99 25.96
CA PHE F 29 -49.15 42.06 24.97
C PHE F 29 -48.81 41.56 23.56
N SER F 30 -47.99 40.53 23.45
CA SER F 30 -47.54 40.06 22.15
C SER F 30 -48.69 39.59 21.27
N SER F 31 -49.77 39.10 21.89
CA SER F 31 -50.88 38.50 21.16
C SER F 31 -51.96 39.49 20.79
N TYR F 32 -51.75 40.78 21.03
CA TYR F 32 -52.78 41.80 20.85
C TYR F 32 -52.37 42.78 19.77
N SER F 33 -53.24 42.96 18.78
CA SER F 33 -53.07 44.05 17.83
C SER F 33 -53.56 45.35 18.44
N MET F 34 -52.68 46.34 18.48
CA MET F 34 -52.94 47.59 19.18
C MET F 34 -53.63 48.60 18.28
N ASN F 35 -54.41 49.46 18.92
CA ASN F 35 -55.09 50.56 18.26
C ASN F 35 -54.86 51.82 19.09
N TRP F 36 -54.71 52.95 18.41
CA TRP F 36 -54.67 54.25 19.06
C TRP F 36 -55.98 54.98 18.80
N VAL F 37 -56.65 55.38 19.87
CA VAL F 37 -57.93 56.06 19.79
C VAL F 37 -57.85 57.33 20.62
N ARG F 38 -58.12 58.47 20.00
CA ARG F 38 -58.09 59.75 20.69
C ARG F 38 -59.52 60.20 21.02
N GLN F 39 -59.66 60.81 22.20
CA GLN F 39 -60.97 61.27 22.67
C GLN F 39 -60.90 62.80 22.74
N ALA F 40 -61.83 63.45 22.06
CA ALA F 40 -61.85 64.91 22.05
C ALA F 40 -62.29 65.43 23.41
N PRO F 41 -61.85 66.63 23.79
CA PRO F 41 -62.31 67.21 25.06
C PRO F 41 -63.82 67.47 25.11
N GLY F 42 -64.48 67.56 23.96
CA GLY F 42 -65.90 67.83 23.94
C GLY F 42 -66.72 66.79 23.19
N LYS F 43 -66.05 65.90 22.48
CA LYS F 43 -66.71 64.85 21.72
C LYS F 43 -66.21 63.49 22.16
N GLY F 44 -66.63 62.45 21.43
CA GLY F 44 -66.28 61.09 21.74
C GLY F 44 -64.91 60.71 21.22
N LEU F 45 -64.86 59.58 20.54
CA LEU F 45 -63.59 58.95 20.21
C LEU F 45 -63.29 59.06 18.72
N GLU F 46 -62.00 59.04 18.39
CA GLU F 46 -61.54 58.92 17.01
C GLU F 46 -60.51 57.81 16.92
N TRP F 47 -60.64 56.94 15.93
CA TRP F 47 -59.57 55.99 15.66
C TRP F 47 -58.40 56.71 15.00
N VAL F 48 -57.21 56.54 15.57
CA VAL F 48 -56.00 57.18 15.08
C VAL F 48 -55.21 56.24 14.18
N SER F 49 -54.79 55.10 14.71
CA SER F 49 -53.97 54.17 13.95
C SER F 49 -54.22 52.77 14.49
N SER F 50 -53.47 51.81 13.94
CA SER F 50 -53.56 50.43 14.37
C SER F 50 -52.31 49.70 13.88
N ILE F 51 -51.95 48.64 14.60
CA ILE F 51 -50.79 47.85 14.26
C ILE F 51 -51.11 46.38 14.54
N SER F 52 -50.48 45.50 13.78
CA SER F 52 -50.69 44.07 13.92
C SER F 52 -49.90 43.53 15.11
N SER F 53 -50.17 42.28 15.46
CA SER F 53 -49.43 41.63 16.53
C SER F 53 -47.95 41.53 16.17
N SER F 54 -47.65 41.16 14.92
CA SER F 54 -46.28 41.15 14.43
C SER F 54 -45.74 42.55 14.15
N GLY F 55 -46.63 43.53 13.96
CA GLY F 55 -46.22 44.88 13.65
C GLY F 55 -46.00 45.17 12.18
N SER F 56 -46.31 44.22 11.30
CA SER F 56 -46.08 44.40 9.87
C SER F 56 -47.32 44.86 9.12
N GLN F 57 -48.44 45.08 9.81
CA GLN F 57 -49.69 45.51 9.18
C GLN F 57 -50.12 46.80 9.87
N ILE F 58 -49.67 47.93 9.34
CA ILE F 58 -49.81 49.24 9.97
C ILE F 58 -50.74 50.09 9.13
N TYR F 59 -51.75 50.68 9.78
CA TYR F 59 -52.74 51.51 9.09
C TYR F 59 -52.95 52.80 9.86
N TYR F 60 -53.32 53.86 9.15
CA TYR F 60 -53.57 55.16 9.76
C TYR F 60 -54.90 55.72 9.27
N ALA F 61 -55.46 56.63 10.06
CA ALA F 61 -56.63 57.40 9.64
C ALA F 61 -56.24 58.39 8.55
N ASP F 62 -57.21 58.75 7.72
CA ASP F 62 -56.95 59.63 6.60
C ASP F 62 -56.40 60.98 7.05
N SER F 63 -56.84 61.47 8.20
CA SER F 63 -56.42 62.78 8.66
C SER F 63 -55.02 62.81 9.27
N VAL F 64 -54.33 61.67 9.39
CA VAL F 64 -53.11 61.60 10.18
C VAL F 64 -51.95 60.92 9.47
N LYS F 65 -52.12 60.36 8.28
CA LYS F 65 -50.98 59.69 7.66
C LYS F 65 -49.96 60.73 7.23
N GLY F 66 -48.69 60.34 7.18
CA GLY F 66 -47.61 61.25 6.88
C GLY F 66 -47.13 62.05 8.08
N ARG F 67 -47.84 61.98 9.20
CA ARG F 67 -47.47 62.68 10.43
C ARG F 67 -47.10 61.72 11.54
N PHE F 68 -47.99 60.78 11.88
CA PHE F 68 -47.80 59.88 13.00
C PHE F 68 -47.10 58.60 12.55
N THR F 69 -46.43 57.95 13.50
CA THR F 69 -45.69 56.72 13.25
C THR F 69 -45.88 55.80 14.44
N ILE F 70 -46.83 54.88 14.34
CA ILE F 70 -47.04 53.86 15.37
C ILE F 70 -45.96 52.80 15.26
N SER F 71 -45.48 52.35 16.42
CA SER F 71 -44.51 51.27 16.47
C SER F 71 -44.65 50.58 17.82
N ARG F 72 -44.16 49.34 17.90
CA ARG F 72 -44.30 48.55 19.10
C ARG F 72 -43.02 47.76 19.34
N ASP F 73 -42.96 47.08 20.48
CA ASP F 73 -41.84 46.19 20.81
C ASP F 73 -42.35 45.11 21.75
N ASN F 74 -42.74 43.97 21.18
CA ASN F 74 -43.30 42.87 21.98
C ASN F 74 -42.34 42.37 23.05
N ALA F 75 -41.03 42.42 22.82
CA ALA F 75 -40.08 42.06 23.87
C ALA F 75 -39.97 43.16 24.93
N LYS F 76 -40.23 44.41 24.56
CA LYS F 76 -40.25 45.52 25.50
C LYS F 76 -41.62 45.78 26.10
N LYS F 77 -42.63 45.02 25.69
CA LYS F 77 -44.03 45.22 26.08
C LYS F 77 -44.39 46.71 26.13
N SER F 78 -44.09 47.40 25.03
CA SER F 78 -44.40 48.81 24.91
C SER F 78 -45.01 49.10 23.54
N LEU F 79 -45.85 50.12 23.50
CA LEU F 79 -46.44 50.65 22.27
C LEU F 79 -46.21 52.15 22.23
N TYR F 80 -45.66 52.62 21.11
CA TYR F 80 -45.35 54.03 20.90
C TYR F 80 -46.22 54.60 19.80
N LEU F 81 -46.17 55.93 19.67
CA LEU F 81 -46.86 56.67 18.63
C LEU F 81 -46.12 57.98 18.42
N GLN F 82 -45.27 58.03 17.39
CA GLN F 82 -44.57 59.25 17.02
C GLN F 82 -45.59 60.28 16.57
N MET F 83 -45.38 61.52 16.98
CA MET F 83 -46.42 62.54 17.00
C MET F 83 -45.82 63.83 16.47
N ASN F 84 -45.72 63.89 15.14
CA ASN F 84 -45.04 64.95 14.45
C ASN F 84 -46.05 65.78 13.69
N SER F 85 -45.68 67.04 13.50
CA SER F 85 -46.57 68.06 12.97
C SER F 85 -47.88 68.09 13.75
N LEU F 86 -47.74 68.09 15.08
CA LEU F 86 -48.89 68.24 15.97
C LEU F 86 -49.65 69.50 15.64
N ARG F 87 -50.91 69.35 15.30
CA ARG F 87 -51.48 70.42 14.52
C ARG F 87 -52.79 70.76 15.20
N VAL F 88 -53.51 71.78 14.73
CA VAL F 88 -54.42 72.53 15.62
C VAL F 88 -55.46 71.63 16.30
N GLU F 89 -56.07 70.69 15.58
CA GLU F 89 -57.10 69.90 16.25
C GLU F 89 -56.58 68.60 16.86
N ASP F 90 -55.28 68.45 17.13
CA ASP F 90 -54.80 67.21 17.72
C ASP F 90 -54.91 67.17 19.24
N THR F 91 -55.39 68.24 19.87
CA THR F 91 -55.55 68.22 21.33
C THR F 91 -56.70 67.30 21.72
N ALA F 92 -56.41 66.32 22.57
CA ALA F 92 -57.34 65.24 22.88
C ALA F 92 -56.78 64.41 24.01
N VAL F 93 -57.52 63.37 24.38
CA VAL F 93 -57.04 62.32 25.26
C VAL F 93 -56.97 61.01 24.47
N TYR F 94 -55.80 60.39 24.44
CA TYR F 94 -55.54 59.24 23.58
C TYR F 94 -55.67 57.95 24.38
N TYR F 95 -56.33 56.95 23.79
CA TYR F 95 -56.50 55.64 24.40
C TYR F 95 -55.78 54.59 23.57
N CYS F 96 -55.04 53.71 24.24
CA CYS F 96 -54.43 52.56 23.60
C CYS F 96 -55.28 51.33 23.91
N ALA F 97 -55.83 50.72 22.86
CA ALA F 97 -56.79 49.64 23.02
C ALA F 97 -56.38 48.44 22.17
N THR F 98 -56.37 47.28 22.79
CA THR F 98 -56.01 46.02 22.14
C THR F 98 -57.19 45.49 21.36
N ASN F 99 -56.91 44.80 20.25
CA ASN F 99 -57.97 44.20 19.46
C ASN F 99 -58.09 42.70 19.73
N GLY F 100 -56.97 42.01 19.79
CA GLY F 100 -56.98 40.57 19.98
C GLY F 100 -56.72 39.83 18.69
N GLY F 101 -57.32 40.31 17.60
CA GLY F 101 -57.06 39.73 16.30
C GLY F 101 -55.60 39.90 15.90
N ALA F 102 -54.99 38.81 15.46
CA ALA F 102 -53.57 38.81 15.13
C ALA F 102 -53.24 39.70 13.94
N HIS F 103 -54.11 39.73 12.93
CA HIS F 103 -53.83 40.45 11.70
C HIS F 103 -55.05 41.28 11.30
N SER F 104 -54.82 42.22 10.38
CA SER F 104 -55.89 43.14 9.99
C SER F 104 -57.07 42.42 9.36
N SER F 105 -56.87 41.19 8.87
CA SER F 105 -57.98 40.45 8.28
C SER F 105 -58.95 39.92 9.33
N THR F 106 -58.52 39.81 10.59
CA THR F 106 -59.39 39.31 11.66
C THR F 106 -59.81 40.40 12.64
N TRP F 107 -59.59 41.68 12.33
CA TRP F 107 -59.95 42.75 13.26
C TRP F 107 -61.46 42.88 13.40
N SER F 108 -62.20 42.65 12.32
CA SER F 108 -63.65 42.77 12.35
C SER F 108 -64.31 41.71 13.22
N PHE F 109 -63.60 40.65 13.58
CA PHE F 109 -64.16 39.58 14.41
C PHE F 109 -63.99 39.84 15.89
N TYR F 110 -63.44 41.00 16.27
CA TYR F 110 -63.15 41.32 17.65
C TYR F 110 -63.58 42.75 17.92
N GLY F 111 -63.23 43.23 19.11
CA GLY F 111 -63.41 44.62 19.48
C GLY F 111 -62.29 45.06 20.40
N MET F 112 -62.16 46.38 20.55
CA MET F 112 -61.14 46.92 21.43
C MET F 112 -61.54 46.76 22.91
N ASP F 113 -60.90 45.82 23.62
CA ASP F 113 -61.38 45.44 24.94
C ASP F 113 -60.61 46.10 26.08
N VAL F 114 -59.28 46.13 26.04
CA VAL F 114 -58.47 46.61 27.14
C VAL F 114 -57.97 48.00 26.81
N TRP F 115 -58.49 48.99 27.54
CA TRP F 115 -58.08 50.38 27.38
C TRP F 115 -57.29 50.78 28.63
N GLY F 116 -56.20 51.50 28.42
CA GLY F 116 -55.47 52.05 29.55
C GLY F 116 -56.01 53.42 29.93
N GLN F 117 -55.48 53.97 31.02
CA GLN F 117 -55.81 55.34 31.38
C GLN F 117 -55.26 56.27 30.32
N GLY F 118 -56.11 57.14 29.80
CA GLY F 118 -55.70 58.01 28.71
C GLY F 118 -54.67 59.04 29.15
N THR F 119 -53.99 59.59 28.14
CA THR F 119 -52.98 60.63 28.35
C THR F 119 -53.44 61.88 27.63
N THR F 120 -53.39 63.02 28.31
CA THR F 120 -53.91 64.27 27.77
C THR F 120 -52.84 64.95 26.94
N VAL F 121 -53.19 65.29 25.70
CA VAL F 121 -52.31 66.00 24.79
C VAL F 121 -52.95 67.33 24.46
N THR F 122 -52.19 68.41 24.58
CA THR F 122 -52.70 69.76 24.35
C THR F 122 -51.76 70.49 23.40
N VAL F 123 -52.32 71.05 22.32
CA VAL F 123 -51.53 71.86 21.39
C VAL F 123 -52.20 73.23 21.37
N SER F 124 -51.39 74.29 21.53
CA SER F 124 -51.91 75.65 21.59
C SER F 124 -50.73 76.62 21.65
N SER F 125 -50.97 77.84 21.20
CA SER F 125 -49.89 78.84 21.19
C SER F 125 -49.84 79.59 22.53
N ASP G 1 54.70 33.52 -65.95
CA ASP G 1 55.76 33.83 -65.00
C ASP G 1 55.76 35.30 -64.62
N ILE G 2 56.18 35.59 -63.40
CA ILE G 2 56.33 36.96 -62.91
C ILE G 2 57.81 37.25 -62.83
N VAL G 3 58.33 38.00 -63.80
CA VAL G 3 59.75 38.33 -63.80
C VAL G 3 59.94 39.69 -63.15
N MET G 4 60.74 39.72 -62.09
CA MET G 4 60.92 40.91 -61.27
C MET G 4 62.34 41.43 -61.45
N THR G 5 62.48 42.75 -61.54
CA THR G 5 63.76 43.39 -61.76
C THR G 5 64.04 44.33 -60.59
N GLN G 6 65.24 44.27 -60.05
CA GLN G 6 65.60 45.14 -58.93
C GLN G 6 66.27 46.41 -59.43
N SER G 7 66.28 47.43 -58.59
CA SER G 7 66.91 48.69 -58.96
C SER G 7 67.46 49.40 -57.72
N PRO G 8 68.76 49.73 -57.72
CA PRO G 8 69.70 49.38 -58.79
C PRO G 8 70.40 48.05 -58.52
N LEU G 9 71.38 47.71 -59.35
CA LEU G 9 72.10 46.46 -59.18
C LEU G 9 73.03 46.49 -57.97
N SER G 10 73.57 47.65 -57.59
CA SER G 10 74.44 47.78 -56.43
C SER G 10 74.21 49.10 -55.72
N LEU G 11 74.29 49.06 -54.39
CA LEU G 11 74.19 50.27 -53.57
C LEU G 11 75.26 50.28 -52.48
N PRO G 12 76.51 50.54 -52.85
CA PRO G 12 77.54 50.79 -51.83
C PRO G 12 77.26 52.11 -51.12
N VAL G 13 76.90 52.02 -49.84
CA VAL G 13 76.53 53.18 -49.04
C VAL G 13 77.31 53.15 -47.73
N THR G 14 77.87 54.29 -47.34
CA THR G 14 78.64 54.37 -46.11
C THR G 14 77.73 54.16 -44.91
N PRO G 15 78.21 53.58 -43.81
CA PRO G 15 77.34 53.39 -42.64
C PRO G 15 76.90 54.74 -42.06
N GLY G 16 75.69 54.74 -41.50
CA GLY G 16 75.08 55.92 -40.97
C GLY G 16 74.21 56.67 -41.96
N GLU G 17 74.36 56.40 -43.24
CA GLU G 17 73.57 57.02 -44.31
C GLU G 17 72.32 56.20 -44.58
N PRO G 18 71.29 56.81 -45.16
CA PRO G 18 70.09 56.06 -45.51
C PRO G 18 70.19 55.43 -46.90
N ALA G 19 69.40 54.38 -47.09
CA ALA G 19 69.43 53.62 -48.34
C ALA G 19 68.04 53.12 -48.69
N SER G 20 67.75 53.15 -49.99
CA SER G 20 66.49 52.63 -50.53
C SER G 20 66.77 51.65 -51.66
N ILE G 21 66.09 50.50 -51.60
CA ILE G 21 66.21 49.45 -52.61
C ILE G 21 64.84 49.26 -53.25
N SER G 22 64.79 49.32 -54.57
CA SER G 22 63.54 49.22 -55.32
C SER G 22 63.57 48.01 -56.24
N CYS G 23 62.44 47.31 -56.29
CA CYS G 23 62.27 46.14 -57.14
C CYS G 23 60.85 46.16 -57.67
N ARG G 24 60.70 46.21 -58.99
CA ARG G 24 59.41 46.38 -59.64
C ARG G 24 58.98 45.07 -60.27
N SER G 25 57.72 44.72 -60.11
CA SER G 25 57.15 43.48 -60.66
C SER G 25 56.64 43.73 -62.07
N SER G 26 56.74 42.68 -62.91
CA SER G 26 56.18 42.78 -64.25
C SER G 26 54.66 42.81 -64.25
N GLN G 27 54.01 42.06 -63.36
CA GLN G 27 52.57 42.03 -63.23
C GLN G 27 52.15 42.75 -61.94
N SER G 28 50.85 42.69 -61.66
CA SER G 28 50.29 43.30 -60.45
C SER G 28 50.25 42.25 -59.35
N LEU G 29 50.84 42.58 -58.20
CA LEU G 29 50.88 41.69 -57.05
C LEU G 29 49.92 42.12 -55.95
N LEU G 30 48.85 42.84 -56.29
CA LEU G 30 48.02 43.49 -55.30
C LEU G 30 46.70 42.77 -55.15
N HIS G 31 46.26 42.63 -53.89
CA HIS G 31 44.92 42.15 -53.53
C HIS G 31 44.65 40.75 -54.07
N SER G 32 45.44 39.80 -53.56
CA SER G 32 44.91 38.44 -53.46
C SER G 32 43.80 38.40 -52.43
N ASN G 33 43.95 39.16 -51.35
CA ASN G 33 42.86 39.45 -50.42
C ASN G 33 42.82 40.91 -50.01
N GLY G 34 43.77 41.73 -50.46
CA GLY G 34 43.82 43.13 -50.06
C GLY G 34 45.21 43.61 -49.69
N TYR G 35 46.21 42.73 -49.81
CA TYR G 35 47.58 43.07 -49.46
C TYR G 35 48.49 42.95 -50.68
N LEU G 36 49.76 43.31 -50.49
CA LEU G 36 50.75 43.35 -51.56
C LEU G 36 51.72 42.19 -51.34
N TYR G 37 51.58 41.14 -52.14
CA TYR G 37 52.34 39.89 -51.92
C TYR G 37 53.73 39.99 -52.54
N LEU G 38 54.53 40.88 -51.97
CA LEU G 38 55.96 40.94 -52.25
C LEU G 38 56.70 40.92 -50.92
N ASP G 39 57.73 40.06 -50.83
CA ASP G 39 58.47 39.85 -49.61
C ASP G 39 59.95 40.17 -49.83
N TRP G 40 60.59 40.70 -48.80
CA TRP G 40 61.97 41.19 -48.89
C TRP G 40 62.89 40.31 -48.03
N TYR G 41 64.01 39.89 -48.61
CA TYR G 41 64.99 39.07 -47.92
C TYR G 41 66.39 39.67 -47.98
N LEU G 42 67.15 39.42 -46.92
CA LEU G 42 68.57 39.73 -46.85
C LEU G 42 69.36 38.46 -46.65
N GLN G 43 70.25 38.16 -47.59
CA GLN G 43 71.20 37.06 -47.46
C GLN G 43 72.54 37.67 -47.08
N LYS G 44 72.84 37.67 -45.79
CA LYS G 44 74.13 38.16 -45.33
C LYS G 44 75.23 37.22 -45.81
N PRO G 45 76.44 37.74 -46.00
CA PRO G 45 77.51 36.93 -46.61
C PRO G 45 77.83 35.69 -45.81
N GLY G 46 77.78 34.54 -46.49
CA GLY G 46 78.17 33.28 -45.89
C GLY G 46 77.09 32.54 -45.12
N GLN G 47 75.96 33.19 -44.84
CA GLN G 47 74.87 32.55 -44.11
C GLN G 47 73.56 32.74 -44.87
N SER G 48 72.52 32.01 -44.41
CA SER G 48 71.22 31.84 -45.03
C SER G 48 70.32 33.05 -44.75
N PRO G 49 69.44 33.37 -45.70
CA PRO G 49 68.54 34.51 -45.52
C PRO G 49 67.45 34.23 -44.50
N GLN G 50 66.90 35.30 -43.92
CA GLN G 50 65.62 35.26 -43.24
C GLN G 50 64.81 36.47 -43.67
N LEU G 51 63.52 36.44 -43.39
CA LEU G 51 62.61 37.48 -43.85
C LEU G 51 63.00 38.84 -43.26
N LEU G 52 63.00 39.88 -44.10
CA LEU G 52 63.06 41.26 -43.64
C LEU G 52 61.72 41.96 -43.73
N ILE G 53 61.09 41.94 -44.91
CA ILE G 53 59.79 42.56 -45.14
C ILE G 53 58.87 41.53 -45.77
N TYR G 54 57.68 41.37 -45.17
CA TYR G 54 56.61 40.57 -45.73
C TYR G 54 55.42 41.48 -46.03
N LEU G 55 54.65 41.08 -47.04
CA LEU G 55 53.45 41.79 -47.48
C LEU G 55 53.76 43.22 -47.88
N GLY G 56 54.91 43.43 -48.49
CA GLY G 56 55.28 44.74 -49.03
C GLY G 56 55.73 45.80 -48.04
N SER G 57 54.94 46.02 -46.99
CA SER G 57 55.18 47.12 -46.07
C SER G 57 55.42 46.70 -44.62
N ASN G 58 55.23 45.43 -44.28
CA ASN G 58 55.30 44.99 -42.89
C ASN G 58 56.53 44.10 -42.69
N ARG G 59 57.00 44.00 -41.45
CA ARG G 59 58.17 43.16 -41.18
C ARG G 59 57.87 42.07 -40.16
N ALA G 60 58.73 41.05 -40.15
CA ALA G 60 58.53 39.87 -39.32
C ALA G 60 58.95 40.13 -37.86
N SER G 61 59.13 39.04 -37.12
CA SER G 61 59.53 39.14 -35.72
C SER G 61 61.00 39.54 -35.60
N GLY G 62 61.26 40.52 -34.73
CA GLY G 62 62.60 40.87 -34.31
C GLY G 62 63.44 41.67 -35.29
N VAL G 63 62.87 42.18 -36.38
CA VAL G 63 63.63 42.92 -37.38
C VAL G 63 64.05 44.27 -36.81
N PRO G 64 65.22 44.78 -37.18
CA PRO G 64 65.59 46.15 -36.76
C PRO G 64 64.56 47.16 -37.25
N ASP G 65 64.34 48.18 -36.42
CA ASP G 65 63.31 49.17 -36.68
C ASP G 65 63.64 50.05 -37.89
N ARG G 66 64.90 50.05 -38.31
CA ARG G 66 65.34 50.87 -39.44
C ARG G 66 64.75 50.43 -40.78
N PHE G 67 64.31 49.19 -40.89
CA PHE G 67 63.81 48.63 -42.15
C PHE G 67 62.34 49.00 -42.28
N SER G 68 61.92 49.39 -43.49
CA SER G 68 60.51 49.63 -43.79
C SER G 68 60.29 49.49 -45.30
N GLY G 69 59.11 49.02 -45.67
CA GLY G 69 58.78 48.85 -47.08
C GLY G 69 57.65 49.76 -47.52
N SER G 70 57.59 50.05 -48.82
CA SER G 70 56.59 50.94 -49.36
C SER G 70 56.40 50.62 -50.85
N GLY G 71 55.31 51.12 -51.40
CA GLY G 71 54.98 50.92 -52.79
C GLY G 71 53.77 50.01 -52.95
N SER G 72 53.04 50.18 -54.05
CA SER G 72 51.84 49.41 -54.32
C SER G 72 51.74 49.12 -55.81
N GLY G 73 51.05 48.02 -56.12
CA GLY G 73 50.79 47.63 -57.49
C GLY G 73 51.94 46.91 -58.17
N THR G 74 52.94 47.66 -58.62
CA THR G 74 54.10 47.07 -59.27
C THR G 74 55.41 47.60 -58.73
N ASP G 75 55.46 48.80 -58.15
CA ASP G 75 56.69 49.40 -57.66
C ASP G 75 56.72 49.23 -56.15
N PHE G 76 57.86 48.80 -55.64
CA PHE G 76 58.04 48.54 -54.21
C PHE G 76 59.45 48.94 -53.81
N THR G 77 59.57 49.59 -52.66
CA THR G 77 60.85 50.12 -52.19
C THR G 77 61.08 49.73 -50.74
N LEU G 78 62.29 49.28 -50.45
CA LEU G 78 62.74 49.07 -49.08
C LEU G 78 63.48 50.30 -48.58
N LYS G 79 63.23 50.67 -47.32
CA LYS G 79 63.71 51.93 -46.77
C LYS G 79 64.50 51.65 -45.49
N ILE G 80 65.82 51.68 -45.59
CA ILE G 80 66.70 51.51 -44.43
C ILE G 80 66.94 52.89 -43.84
N SER G 81 66.61 53.05 -42.55
CA SER G 81 66.76 54.35 -41.90
C SER G 81 68.22 54.74 -41.77
N ARG G 82 69.10 53.81 -41.39
CA ARG G 82 70.50 54.14 -41.15
C ARG G 82 71.34 52.90 -41.43
N VAL G 83 72.05 52.90 -42.56
CA VAL G 83 72.96 51.82 -42.89
C VAL G 83 74.02 51.70 -41.80
N GLU G 84 74.36 50.46 -41.44
CA GLU G 84 75.48 50.20 -40.54
C GLU G 84 76.31 49.04 -41.05
N ALA G 85 77.31 48.67 -40.25
CA ALA G 85 78.30 47.65 -40.60
C ALA G 85 77.74 46.24 -40.59
N GLU G 86 76.57 45.97 -40.01
CA GLU G 86 75.98 44.63 -40.05
C GLU G 86 75.00 44.45 -41.20
N ASP G 87 74.75 45.50 -41.97
CA ASP G 87 73.74 45.49 -43.02
C ASP G 87 74.28 45.00 -44.36
N VAL G 88 75.56 44.62 -44.42
CA VAL G 88 76.17 44.21 -45.67
C VAL G 88 75.55 42.91 -46.16
N GLY G 89 75.27 42.85 -47.46
CA GLY G 89 74.83 41.65 -48.12
C GLY G 89 73.79 41.94 -49.18
N VAL G 90 73.40 40.87 -49.87
CA VAL G 90 72.47 40.94 -51.01
C VAL G 90 71.06 41.09 -50.49
N TYR G 91 70.22 41.80 -51.26
CA TYR G 91 68.80 41.95 -50.93
C TYR G 91 67.98 41.29 -52.03
N TYR G 92 66.96 40.54 -51.63
CA TYR G 92 66.06 39.86 -52.57
C TYR G 92 64.62 40.31 -52.35
N CYS G 93 63.86 40.39 -53.45
CA CYS G 93 62.41 40.50 -53.39
C CYS G 93 61.78 39.22 -53.96
N MET G 94 60.55 38.94 -53.56
CA MET G 94 59.88 37.77 -54.10
C MET G 94 58.40 38.09 -54.31
N GLN G 95 57.86 37.66 -55.44
CA GLN G 95 56.42 37.70 -55.64
C GLN G 95 55.81 36.48 -54.95
N ALA G 96 54.77 36.71 -54.16
CA ALA G 96 54.15 35.66 -53.35
C ALA G 96 52.69 35.44 -53.75
N LEU G 97 52.38 35.65 -55.03
CA LEU G 97 51.01 35.56 -55.54
C LEU G 97 50.74 34.28 -56.32
N GLN G 98 51.59 33.95 -57.29
CA GLN G 98 51.37 32.81 -58.15
C GLN G 98 52.41 31.75 -57.82
N THR G 99 52.10 30.50 -58.16
CA THR G 99 52.94 29.40 -57.73
C THR G 99 54.40 29.48 -58.19
N PRO G 100 54.76 29.97 -59.41
CA PRO G 100 56.19 30.02 -59.74
C PRO G 100 56.87 31.13 -58.94
N GLY G 101 57.60 30.74 -57.91
CA GLY G 101 58.18 31.70 -56.99
C GLY G 101 59.51 32.23 -57.47
N THR G 102 59.55 33.49 -57.88
CA THR G 102 60.75 34.07 -58.46
C THR G 102 61.35 35.11 -57.52
N PHE G 103 62.65 35.04 -57.31
CA PHE G 103 63.39 35.99 -56.50
C PHE G 103 64.10 37.00 -57.41
N GLY G 104 64.60 38.07 -56.80
CA GLY G 104 65.42 39.03 -57.51
C GLY G 104 66.79 38.47 -57.82
N GLN G 105 67.61 39.31 -58.45
CA GLN G 105 68.94 38.90 -58.86
C GLN G 105 70.00 39.21 -57.80
N GLY G 106 69.71 40.10 -56.87
CA GLY G 106 70.62 40.36 -55.76
C GLY G 106 71.41 41.66 -55.86
N THR G 107 70.99 42.65 -55.07
CA THR G 107 71.75 43.89 -54.91
C THR G 107 72.35 43.95 -53.51
N ARG G 108 73.67 44.03 -53.41
CA ARG G 108 74.31 44.16 -52.11
C ARG G 108 74.32 45.63 -51.69
N LEU G 109 73.94 45.88 -50.44
CA LEU G 109 74.36 47.08 -49.75
C LEU G 109 75.71 46.80 -49.10
N GLU G 110 76.74 47.53 -49.53
CA GLU G 110 78.07 47.32 -48.98
C GLU G 110 78.58 48.64 -48.43
N ILE G 111 79.78 48.60 -47.84
CA ILE G 111 80.43 49.75 -47.25
C ILE G 111 81.61 50.12 -48.14
N LYS G 112 81.58 51.32 -48.71
CA LYS G 112 82.54 51.70 -49.74
C LYS G 112 83.61 52.64 -49.17
N ASP H 1 59.26 7.50 71.05
CA ASP H 1 58.72 8.78 71.46
C ASP H 1 59.58 9.94 70.98
N ILE H 2 58.95 11.08 70.72
CA ILE H 2 59.65 12.30 70.36
C ILE H 2 59.57 13.25 71.55
N VAL H 3 60.67 13.35 72.30
CA VAL H 3 60.69 14.24 73.45
C VAL H 3 61.27 15.59 73.04
N MET H 4 60.50 16.65 73.24
CA MET H 4 60.83 17.98 72.76
C MET H 4 61.10 18.86 73.97
N THR H 5 62.14 19.69 73.87
CA THR H 5 62.55 20.58 74.96
C THR H 5 62.47 22.02 74.46
N GLN H 6 61.89 22.89 75.26
CA GLN H 6 61.76 24.29 74.89
C GLN H 6 62.94 25.10 75.45
N SER H 7 63.17 26.26 74.85
CA SER H 7 64.25 27.12 75.31
C SER H 7 63.91 28.59 75.08
N PRO H 8 63.95 29.42 76.13
CA PRO H 8 64.20 28.99 77.51
C PRO H 8 62.91 28.66 78.26
N LEU H 9 63.02 28.39 79.56
CA LEU H 9 61.85 28.06 80.35
C LEU H 9 60.95 29.27 80.59
N SER H 10 61.51 30.49 80.64
CA SER H 10 60.71 31.70 80.83
C SER H 10 61.30 32.86 80.04
N LEU H 11 60.42 33.69 79.51
CA LEU H 11 60.82 34.91 78.80
C LEU H 11 59.96 36.09 79.21
N PRO H 12 60.19 36.63 80.41
CA PRO H 12 59.56 37.91 80.78
C PRO H 12 60.14 39.04 79.95
N VAL H 13 59.32 39.60 79.06
CA VAL H 13 59.75 40.65 78.14
C VAL H 13 58.76 41.81 78.21
N THR H 14 59.29 43.02 78.29
CA THR H 14 58.44 44.21 78.38
C THR H 14 57.67 44.39 77.06
N PRO H 15 56.46 44.93 77.10
CA PRO H 15 55.72 45.13 75.85
C PRO H 15 56.43 46.11 74.92
N GLY H 16 56.27 45.88 73.63
CA GLY H 16 56.94 46.66 72.60
C GLY H 16 58.26 46.10 72.16
N GLU H 17 58.86 45.21 72.94
CA GLU H 17 60.12 44.56 72.63
C GLU H 17 59.89 43.28 71.84
N PRO H 18 60.89 42.81 71.09
CA PRO H 18 60.75 41.55 70.37
C PRO H 18 61.13 40.35 71.22
N ALA H 19 60.60 39.20 70.84
CA ALA H 19 60.81 37.97 71.59
C ALA H 19 60.89 36.78 70.66
N SER H 20 61.78 35.84 71.00
CA SER H 20 61.94 34.60 70.27
C SER H 20 61.86 33.42 71.23
N ILE H 21 61.07 32.41 70.85
CA ILE H 21 60.91 31.19 71.62
C ILE H 21 61.38 30.02 70.77
N SER H 22 62.29 29.21 71.34
CA SER H 22 62.89 28.10 70.63
C SER H 22 62.57 26.79 71.32
N CYS H 23 62.25 25.79 70.50
CA CYS H 23 61.93 24.44 70.98
C CYS H 23 62.51 23.45 70.00
N ARG H 24 63.42 22.59 70.47
CA ARG H 24 64.17 21.69 69.61
C ARG H 24 63.66 20.27 69.81
N SER H 25 63.49 19.54 68.71
CA SER H 25 63.01 18.17 68.71
C SER H 25 64.17 17.20 68.89
N SER H 26 63.90 16.08 69.56
CA SER H 26 64.91 15.04 69.68
C SER H 26 65.18 14.34 68.36
N GLN H 27 64.16 14.12 67.54
CA GLN H 27 64.30 13.50 66.24
C GLN H 27 64.09 14.53 65.14
N SER H 28 64.08 14.06 63.90
CA SER H 28 63.86 14.92 62.74
C SER H 28 62.39 14.92 62.39
N LEU H 29 61.80 16.12 62.32
CA LEU H 29 60.39 16.29 62.00
C LEU H 29 60.18 16.78 60.57
N LEU H 30 61.11 16.51 59.66
CA LEU H 30 61.11 17.15 58.35
C LEU H 30 60.68 16.15 57.29
N HIS H 31 59.85 16.64 56.36
CA HIS H 31 59.50 15.93 55.13
C HIS H 31 58.82 14.58 55.43
N SER H 32 57.65 14.68 56.07
CA SER H 32 56.65 13.64 55.83
C SER H 32 56.14 13.72 54.41
N ASN H 33 55.99 14.94 53.88
CA ASN H 33 55.80 15.18 52.46
C ASN H 33 56.66 16.32 51.93
N GLY H 34 57.41 17.01 52.80
CA GLY H 34 58.20 18.16 52.38
C GLY H 34 58.09 19.35 53.31
N TYR H 35 57.35 19.20 54.41
CA TYR H 35 57.16 20.28 55.36
C TYR H 35 57.69 19.88 56.74
N LEU H 36 57.64 20.83 57.66
CA LEU H 36 58.18 20.67 59.01
C LEU H 36 57.00 20.54 59.98
N TYR H 37 56.75 19.32 60.45
CA TYR H 37 55.54 19.03 61.24
C TYR H 37 55.78 19.38 62.71
N LEU H 38 55.95 20.67 62.95
CA LEU H 38 55.95 21.22 64.31
C LEU H 38 54.96 22.37 64.34
N ASP H 39 54.09 22.38 65.36
CA ASP H 39 53.02 23.36 65.49
C ASP H 39 53.17 24.12 66.79
N TRP H 40 52.81 25.42 66.77
CA TRP H 40 53.00 26.31 67.91
C TRP H 40 51.65 26.73 68.47
N TYR H 41 51.52 26.64 69.80
CA TYR H 41 50.28 27.03 70.48
C TYR H 41 50.55 28.03 71.59
N LEU H 42 49.57 28.89 71.83
CA LEU H 42 49.53 29.81 72.96
C LEU H 42 48.31 29.51 73.81
N GLN H 43 48.54 29.16 75.07
CA GLN H 43 47.47 29.01 76.04
C GLN H 43 47.46 30.27 76.91
N LYS H 44 46.59 31.21 76.56
CA LYS H 44 46.46 32.41 77.37
C LYS H 44 45.87 32.05 78.73
N PRO H 45 46.18 32.84 79.76
CA PRO H 45 45.80 32.45 81.12
C PRO H 45 44.29 32.33 81.28
N GLY H 46 43.86 31.17 81.78
CA GLY H 46 42.47 30.93 82.09
C GLY H 46 41.61 30.44 80.95
N GLN H 47 42.10 30.49 79.72
CA GLN H 47 41.33 30.01 78.58
C GLN H 47 42.17 29.04 77.75
N SER H 48 41.50 28.38 76.79
CA SER H 48 41.98 27.26 75.98
C SER H 48 42.86 27.76 74.84
N PRO H 49 43.85 26.95 74.45
CA PRO H 49 44.74 27.35 73.35
C PRO H 49 44.06 27.30 72.00
N GLN H 50 44.60 28.06 71.04
CA GLN H 50 44.34 27.84 69.63
C GLN H 50 45.66 27.96 68.89
N LEU H 51 45.67 27.49 67.65
CA LEU H 51 46.90 27.42 66.87
C LEU H 51 47.49 28.82 66.66
N LEU H 52 48.80 28.95 66.84
CA LEU H 52 49.54 30.12 66.41
C LEU H 52 50.36 29.86 65.15
N ILE H 53 51.19 28.83 65.16
CA ILE H 53 52.02 28.45 64.01
C ILE H 53 51.79 26.98 63.71
N TYR H 54 51.48 26.69 62.44
CA TYR H 54 51.41 25.33 61.93
C TYR H 54 52.48 25.13 60.87
N LEU H 55 52.95 23.89 60.74
CA LEU H 55 53.97 23.50 59.76
C LEU H 55 55.26 24.30 59.93
N GLY H 56 55.61 24.60 61.17
CA GLY H 56 56.87 25.26 61.48
C GLY H 56 56.99 26.74 61.20
N SER H 57 56.60 27.16 59.98
CA SER H 57 56.81 28.53 59.54
C SER H 57 55.53 29.28 59.17
N ASN H 58 54.39 28.61 59.11
CA ASN H 58 53.16 29.22 58.60
C ASN H 58 52.16 29.38 59.75
N ARG H 59 51.22 30.31 59.62
CA ARG H 59 50.23 30.51 60.66
C ARG H 59 48.80 30.31 60.15
N ALA H 60 47.88 30.09 61.10
CA ALA H 60 46.49 29.78 60.78
C ALA H 60 45.70 31.03 60.42
N SER H 61 44.37 30.89 60.44
CA SER H 61 43.50 32.02 60.12
C SER H 61 43.49 33.04 61.25
N GLY H 62 43.62 34.31 60.88
CA GLY H 62 43.40 35.44 61.77
C GLY H 62 44.49 35.73 62.78
N VAL H 63 45.66 35.10 62.70
CA VAL H 63 46.72 35.30 63.67
C VAL H 63 47.32 36.70 63.50
N PRO H 64 47.74 37.36 64.58
CA PRO H 64 48.44 38.63 64.42
C PRO H 64 49.69 38.47 63.57
N ASP H 65 49.97 39.52 62.79
CA ASP H 65 51.05 39.49 61.81
C ASP H 65 52.42 39.45 62.48
N ARG H 66 52.50 39.79 63.77
CA ARG H 66 53.76 39.81 64.50
C ARG H 66 54.37 38.43 64.70
N PHE H 67 53.57 37.37 64.62
CA PHE H 67 54.05 36.01 64.88
C PHE H 67 54.65 35.46 63.59
N SER H 68 55.77 34.75 63.72
CA SER H 68 56.38 34.05 62.60
C SER H 68 57.26 32.92 63.13
N GLY H 69 57.35 31.84 62.37
CA GLY H 69 58.16 30.71 62.77
C GLY H 69 59.31 30.45 61.82
N SER H 70 60.37 29.80 62.32
CA SER H 70 61.55 29.54 61.51
C SER H 70 62.28 28.35 62.10
N GLY H 71 63.19 27.79 61.32
CA GLY H 71 63.98 26.65 61.71
C GLY H 71 63.59 25.40 60.93
N SER H 72 64.54 24.48 60.77
CA SER H 72 64.32 23.27 60.01
C SER H 72 65.06 22.12 60.67
N GLY H 73 64.55 20.90 60.45
CA GLY H 73 65.17 19.68 60.93
C GLY H 73 64.87 19.36 62.37
N THR H 74 65.56 20.03 63.30
CA THR H 74 65.34 19.82 64.72
C THR H 74 65.17 21.11 65.50
N ASP H 75 65.70 22.23 65.02
CA ASP H 75 65.65 23.50 65.75
C ASP H 75 64.55 24.34 65.11
N PHE H 76 63.71 24.93 65.95
CA PHE H 76 62.58 25.74 65.50
C PHE H 76 62.38 26.91 66.45
N THR H 77 62.13 28.08 65.88
CA THR H 77 62.02 29.31 66.67
C THR H 77 60.77 30.07 66.28
N LEU H 78 60.04 30.56 67.28
CA LEU H 78 58.94 31.49 67.07
C LEU H 78 59.44 32.91 67.23
N LYS H 79 58.96 33.81 66.36
CA LYS H 79 59.48 35.17 66.27
C LYS H 79 58.31 36.15 66.42
N ILE H 80 58.20 36.74 67.60
CA ILE H 80 57.19 37.77 67.86
C ILE H 80 57.80 39.12 67.51
N SER H 81 57.16 39.85 66.60
CA SER H 81 57.71 41.14 66.18
C SER H 81 57.68 42.16 67.29
N ARG H 82 56.60 42.23 68.05
CA ARG H 82 56.45 43.24 69.09
C ARG H 82 55.56 42.70 70.19
N VAL H 83 56.17 42.35 71.33
CA VAL H 83 55.40 41.90 72.49
C VAL H 83 54.45 43.00 72.94
N GLU H 84 53.23 42.61 73.29
CA GLU H 84 52.28 43.54 73.90
C GLU H 84 51.58 42.89 75.09
N ALA H 85 50.64 43.63 75.66
CA ALA H 85 49.93 43.26 76.87
C ALA H 85 48.94 42.11 76.68
N GLU H 86 48.57 41.74 75.45
CA GLU H 86 47.68 40.61 75.23
C GLU H 86 48.44 39.32 74.94
N ASP H 87 49.77 39.37 74.88
CA ASP H 87 50.59 38.23 74.49
C ASP H 87 50.98 37.36 75.68
N VAL H 88 50.52 37.69 76.88
CA VAL H 88 50.90 36.96 78.08
C VAL H 88 50.34 35.54 78.02
N GLY H 89 51.16 34.58 78.40
CA GLY H 89 50.74 33.20 78.55
C GLY H 89 51.81 32.23 78.09
N VAL H 90 51.51 30.94 78.30
CA VAL H 90 52.43 29.84 78.00
C VAL H 90 52.46 29.59 76.50
N TYR H 91 53.61 29.16 76.00
CA TYR H 91 53.76 28.79 74.59
C TYR H 91 54.09 27.29 74.52
N TYR H 92 53.43 26.58 73.61
CA TYR H 92 53.68 25.16 73.40
C TYR H 92 54.10 24.88 71.97
N CYS H 93 54.98 23.90 71.80
CA CYS H 93 55.26 23.30 70.50
C CYS H 93 54.76 21.85 70.48
N MET H 94 54.51 21.34 69.28
CA MET H 94 54.08 19.95 69.19
C MET H 94 54.69 19.33 67.95
N GLN H 95 55.18 18.10 68.09
CA GLN H 95 55.57 17.30 66.93
C GLN H 95 54.31 16.68 66.33
N ALA H 96 54.15 16.83 65.01
CA ALA H 96 52.96 16.37 64.32
C ALA H 96 53.28 15.29 63.28
N LEU H 97 54.30 14.48 63.57
CA LEU H 97 54.78 13.47 62.64
C LEU H 97 54.37 12.06 63.02
N GLN H 98 54.59 11.66 64.26
CA GLN H 98 54.31 10.30 64.71
C GLN H 98 53.14 10.34 65.68
N THR H 99 52.46 9.19 65.80
CA THR H 99 51.21 9.17 66.56
C THR H 99 51.33 9.64 68.02
N PRO H 100 52.40 9.36 68.79
CA PRO H 100 52.43 9.87 70.17
C PRO H 100 52.64 11.37 70.16
N GLY H 101 51.57 12.12 70.39
CA GLY H 101 51.62 13.56 70.27
C GLY H 101 52.10 14.24 71.54
N THR H 102 53.30 14.79 71.51
CA THR H 102 53.91 15.37 72.70
C THR H 102 54.01 16.88 72.57
N PHE H 103 53.59 17.58 73.62
CA PHE H 103 53.69 19.02 73.68
C PHE H 103 54.90 19.43 74.53
N GLY H 104 55.25 20.71 74.46
CA GLY H 104 56.28 21.28 75.29
C GLY H 104 55.84 21.39 76.74
N GLN H 105 56.74 21.90 77.57
CA GLN H 105 56.46 22.03 79.00
C GLN H 105 55.85 23.39 79.36
N GLY H 106 55.98 24.39 78.49
CA GLY H 106 55.32 25.66 78.72
C GLY H 106 56.22 26.79 79.18
N THR H 107 56.55 27.70 78.26
CA THR H 107 57.25 28.93 78.60
C THR H 107 56.31 30.11 78.44
N ARG H 108 56.10 30.86 79.53
CA ARG H 108 55.26 32.05 79.45
C ARG H 108 56.10 33.23 78.97
N LEU H 109 55.57 33.98 78.02
CA LEU H 109 55.96 35.36 77.83
C LEU H 109 55.11 36.23 78.74
N GLU H 110 55.77 36.91 79.69
CA GLU H 110 55.04 37.76 80.62
C GLU H 110 55.60 39.16 80.55
N ILE H 111 54.99 40.06 81.31
CA ILE H 111 55.39 41.46 81.37
C ILE H 111 56.04 41.70 82.73
N LYS H 112 57.31 42.09 82.71
CA LYS H 112 58.09 42.15 83.95
C LYS H 112 58.26 43.60 84.42
N VAL I 2 63.87 26.30 -32.57
CA VAL I 2 63.65 25.97 -33.97
C VAL I 2 64.98 25.62 -34.62
N GLN I 3 65.05 24.43 -35.24
CA GLN I 3 66.20 24.00 -36.02
C GLN I 3 65.71 23.33 -37.29
N LEU I 4 66.37 23.63 -38.40
CA LEU I 4 66.05 23.03 -39.70
C LEU I 4 67.30 22.30 -40.18
N LEU I 5 67.45 21.04 -39.78
CA LEU I 5 68.60 20.24 -40.18
C LEU I 5 68.31 19.54 -41.49
N GLU I 6 69.03 19.92 -42.52
CA GLU I 6 68.95 19.29 -43.83
C GLU I 6 70.02 18.21 -43.92
N SER I 7 69.61 17.02 -44.31
CA SER I 7 70.51 15.87 -44.38
C SER I 7 70.64 15.41 -45.82
N GLY I 8 71.41 14.34 -46.01
CA GLY I 8 71.67 13.87 -47.35
C GLY I 8 72.57 14.83 -48.12
N GLY I 9 72.58 14.65 -49.43
CA GLY I 9 73.34 15.53 -50.30
C GLY I 9 74.80 15.17 -50.38
N GLY I 10 75.40 15.40 -51.54
CA GLY I 10 76.80 15.10 -51.75
C GLY I 10 77.12 15.17 -53.23
N VAL I 11 77.89 14.21 -53.72
CA VAL I 11 78.20 14.11 -55.14
C VAL I 11 77.40 12.95 -55.71
N VAL I 12 76.50 13.26 -56.64
CA VAL I 12 75.67 12.26 -57.31
C VAL I 12 76.02 12.27 -58.80
N GLN I 13 75.59 11.21 -59.51
CA GLN I 13 76.05 10.98 -60.87
C GLN I 13 75.08 11.65 -61.84
N PRO I 14 75.56 12.18 -62.98
CA PRO I 14 74.64 12.76 -63.98
C PRO I 14 73.60 11.76 -64.48
N GLY I 15 72.35 12.00 -64.12
CA GLY I 15 71.27 11.08 -64.37
C GLY I 15 70.96 10.13 -63.23
N GLY I 16 71.78 10.13 -62.16
CA GLY I 16 71.54 9.28 -61.02
C GLY I 16 70.40 9.78 -60.14
N SER I 17 70.48 9.41 -58.86
CA SER I 17 69.36 9.55 -57.91
C SER I 17 69.86 10.03 -56.55
N LEU I 18 68.96 10.62 -55.76
CA LEU I 18 69.29 11.12 -54.42
C LEU I 18 68.00 11.36 -53.64
N ARG I 19 68.08 11.41 -52.31
CA ARG I 19 66.93 11.90 -51.55
C ARG I 19 67.36 12.69 -50.33
N LEU I 20 66.71 13.84 -50.14
CA LEU I 20 67.14 14.83 -49.17
C LEU I 20 66.16 14.89 -47.99
N SER I 21 66.68 15.12 -46.78
CA SER I 21 65.88 15.11 -45.56
C SER I 21 65.98 16.45 -44.85
N CYS I 22 64.83 17.05 -44.52
CA CYS I 22 64.77 18.27 -43.72
C CYS I 22 64.14 17.95 -42.37
N ALA I 23 64.99 17.58 -41.40
CA ALA I 23 64.55 17.27 -40.04
C ALA I 23 64.32 18.58 -39.30
N ALA I 24 63.07 18.83 -38.93
CA ALA I 24 62.70 20.07 -38.26
C ALA I 24 62.28 19.79 -36.82
N SER I 25 62.45 20.80 -35.97
CA SER I 25 62.13 20.67 -34.55
C SER I 25 61.95 22.06 -33.97
N GLY I 26 61.46 22.10 -32.72
CA GLY I 26 61.24 23.34 -32.03
C GLY I 26 59.96 24.05 -32.39
N PHE I 27 59.17 23.49 -33.29
CA PHE I 27 57.89 24.09 -33.67
C PHE I 27 56.97 22.97 -34.14
N ALA I 28 55.71 23.33 -34.40
CA ALA I 28 54.67 22.34 -34.67
C ALA I 28 55.00 21.49 -35.89
N PHE I 29 55.03 22.13 -37.06
CA PHE I 29 55.33 21.51 -38.36
C PHE I 29 54.08 20.72 -38.75
N THR I 30 53.11 20.58 -37.85
CA THR I 30 51.88 19.85 -38.14
C THR I 30 50.84 20.72 -38.82
N THR I 31 50.92 22.04 -38.66
CA THR I 31 49.99 22.96 -39.30
C THR I 31 50.72 23.97 -40.17
N TYR I 32 52.02 23.77 -40.36
CA TYR I 32 52.88 24.66 -41.11
C TYR I 32 53.20 24.03 -42.46
N ALA I 33 53.25 24.88 -43.47
CA ALA I 33 53.70 24.50 -44.80
C ALA I 33 55.22 24.54 -44.85
N MET I 34 55.80 23.94 -45.87
CA MET I 34 57.24 23.90 -46.06
C MET I 34 57.58 24.23 -47.51
N ASN I 35 58.78 24.78 -47.72
CA ASN I 35 59.26 25.16 -49.04
C ASN I 35 60.64 24.59 -49.27
N TRP I 36 60.95 24.34 -50.54
CA TRP I 36 62.29 23.92 -50.96
C TRP I 36 62.86 24.98 -51.90
N VAL I 37 64.05 25.48 -51.58
CA VAL I 37 64.67 26.58 -52.31
C VAL I 37 66.08 26.15 -52.70
N ARG I 38 66.43 26.38 -53.96
CA ARG I 38 67.76 26.05 -54.45
C ARG I 38 68.51 27.31 -54.85
N GLN I 39 69.83 27.19 -54.91
CA GLN I 39 70.72 28.28 -55.28
C GLN I 39 71.96 27.70 -55.92
N ALA I 40 72.00 27.72 -57.26
CA ALA I 40 73.21 27.31 -57.97
C ALA I 40 74.34 28.28 -57.63
N PRO I 41 75.61 27.84 -57.75
CA PRO I 41 76.72 28.66 -57.24
C PRO I 41 76.76 30.06 -57.85
N GLY I 42 76.53 31.06 -57.01
CA GLY I 42 76.54 32.45 -57.44
C GLY I 42 75.50 32.76 -58.50
N ARG I 43 74.30 32.19 -58.37
CA ARG I 43 73.25 32.40 -59.37
C ARG I 43 71.90 32.80 -58.81
N GLY I 44 71.74 32.91 -57.49
CA GLY I 44 70.54 33.47 -56.91
C GLY I 44 69.57 32.40 -56.42
N LEU I 45 68.77 32.80 -55.45
CA LEU I 45 67.73 31.94 -54.90
C LEU I 45 66.64 31.71 -55.92
N GLU I 46 66.33 30.45 -56.16
CA GLU I 46 65.28 30.07 -57.10
C GLU I 46 64.46 28.94 -56.51
N TRP I 47 63.16 28.95 -56.81
CA TRP I 47 62.22 28.09 -56.10
C TRP I 47 62.20 26.68 -56.66
N VAL I 48 61.77 25.73 -55.83
CA VAL I 48 61.58 24.35 -56.27
C VAL I 48 60.19 23.82 -55.91
N SER I 49 59.83 23.85 -54.62
CA SER I 49 58.71 23.03 -54.17
C SER I 49 58.05 23.61 -52.92
N ALA I 50 56.83 23.12 -52.65
CA ALA I 50 56.07 23.45 -51.44
C ALA I 50 55.05 22.36 -51.18
N ILE I 51 54.65 22.23 -49.91
CA ILE I 51 53.71 21.20 -49.49
C ILE I 51 52.74 21.78 -48.47
N SER I 52 51.55 21.18 -48.38
CA SER I 52 50.51 21.64 -47.45
C SER I 52 50.76 21.07 -46.07
N ASP I 53 49.80 21.26 -45.16
CA ASP I 53 49.97 20.82 -43.78
C ASP I 53 50.06 19.30 -43.68
N GLY I 54 49.30 18.59 -44.50
CA GLY I 54 49.28 17.15 -44.42
C GLY I 54 49.61 16.44 -45.72
N GLY I 55 50.41 17.06 -46.57
CA GLY I 55 50.73 16.46 -47.84
C GLY I 55 49.58 16.55 -48.82
N GLY I 56 49.68 15.77 -49.89
CA GLY I 56 48.67 15.79 -50.93
C GLY I 56 48.89 16.93 -51.90
N SER I 57 48.98 18.15 -51.37
CA SER I 57 49.27 19.33 -52.16
C SER I 57 50.76 19.34 -52.51
N ALA I 58 51.08 18.89 -53.73
CA ALA I 58 52.46 18.74 -54.17
C ALA I 58 52.72 19.70 -55.32
N TYR I 59 53.36 20.81 -55.02
CA TYR I 59 53.49 21.94 -55.92
C TYR I 59 54.93 22.07 -56.40
N TYR I 60 55.10 22.06 -57.73
CA TYR I 60 56.41 21.99 -58.36
C TYR I 60 56.56 23.04 -59.45
N ALA I 61 57.81 23.44 -59.70
CA ALA I 61 58.15 24.25 -60.86
C ALA I 61 58.22 23.39 -62.12
N ASP I 62 58.30 24.07 -63.29
CA ASP I 62 58.40 23.33 -64.56
C ASP I 62 59.63 22.45 -64.63
N SER I 63 60.80 22.97 -64.21
CA SER I 63 62.02 22.19 -64.38
C SER I 63 62.03 20.95 -63.51
N VAL I 64 61.20 20.91 -62.47
CA VAL I 64 61.04 19.74 -61.63
C VAL I 64 59.71 19.02 -61.87
N LYS I 65 59.02 19.31 -62.99
CA LYS I 65 57.82 18.58 -63.38
C LYS I 65 58.05 17.09 -63.42
N GLY I 66 57.39 16.34 -62.52
CA GLY I 66 57.48 14.89 -62.55
C GLY I 66 58.78 14.36 -62.01
N ARG I 67 59.89 14.97 -62.44
CA ARG I 67 61.23 14.51 -62.06
C ARG I 67 61.48 14.65 -60.55
N PHE I 68 60.91 15.65 -59.89
CA PHE I 68 61.01 15.76 -58.44
C PHE I 68 59.64 15.57 -57.79
N THR I 69 59.65 14.96 -56.62
CA THR I 69 58.47 14.76 -55.79
C THR I 69 58.88 14.98 -54.34
N ILE I 70 57.93 15.39 -53.51
CA ILE I 70 58.22 15.76 -52.12
C ILE I 70 57.25 15.04 -51.19
N SER I 71 57.67 14.88 -49.93
CA SER I 71 56.88 14.19 -48.92
C SER I 71 57.30 14.67 -47.55
N ARG I 72 56.48 14.36 -46.55
CA ARG I 72 56.74 14.73 -45.18
C ARG I 72 56.35 13.58 -44.25
N ASP I 73 56.97 13.55 -43.08
CA ASP I 73 56.71 12.55 -42.05
C ASP I 73 56.10 13.30 -40.88
N ASN I 74 54.77 13.46 -40.90
CA ASN I 74 54.11 14.28 -39.88
C ASN I 74 54.25 13.70 -38.49
N SER I 75 54.49 12.39 -38.36
CA SER I 75 54.76 11.82 -37.04
C SER I 75 56.17 12.15 -36.56
N LYS I 76 57.17 11.94 -37.42
CA LYS I 76 58.56 12.16 -37.06
C LYS I 76 59.02 13.59 -37.33
N ASN I 77 58.19 14.41 -37.96
CA ASN I 77 58.47 15.82 -38.21
C ASN I 77 59.70 16.01 -39.11
N THR I 78 59.60 15.51 -40.33
CA THR I 78 60.69 15.53 -41.29
C THR I 78 60.14 15.84 -42.67
N LEU I 79 60.97 16.46 -43.53
CA LEU I 79 60.61 16.78 -44.90
C LEU I 79 61.52 16.02 -45.86
N TYR I 80 60.96 15.52 -46.96
CA TYR I 80 61.69 14.70 -47.91
C TYR I 80 61.58 15.28 -49.32
N LEU I 81 62.41 14.76 -50.23
CA LEU I 81 62.54 15.32 -51.57
C LEU I 81 63.06 14.26 -52.53
N GLN I 82 62.21 13.84 -53.48
CA GLN I 82 62.54 12.77 -54.42
C GLN I 82 63.26 13.34 -55.64
N MET I 83 64.31 12.66 -56.09
CA MET I 83 65.10 13.11 -57.22
C MET I 83 65.32 11.98 -58.21
N ASN I 84 65.29 12.30 -59.51
CA ASN I 84 65.53 11.34 -60.57
C ASN I 84 66.10 12.03 -61.81
N SER I 85 67.03 11.35 -62.48
CA SER I 85 67.64 11.82 -63.74
C SER I 85 68.18 13.24 -63.61
N LEU I 86 68.98 13.46 -62.56
CA LEU I 86 69.48 14.79 -62.27
C LEU I 86 70.36 15.31 -63.40
N ARG I 87 70.08 16.54 -63.82
CA ARG I 87 70.90 17.26 -64.79
C ARG I 87 71.91 18.14 -64.08
N ALA I 88 72.70 18.88 -64.85
CA ALA I 88 73.78 19.69 -64.33
C ALA I 88 73.31 21.03 -63.79
N GLU I 89 72.07 21.44 -64.06
CA GLU I 89 71.55 22.71 -63.60
C GLU I 89 71.01 22.64 -62.18
N ASP I 90 70.82 21.45 -61.62
CA ASP I 90 70.40 21.30 -60.24
C ASP I 90 71.57 21.19 -59.27
N THR I 91 72.81 21.35 -59.74
CA THR I 91 73.96 21.38 -58.85
C THR I 91 73.89 22.64 -58.00
N ALA I 92 73.49 22.50 -56.73
CA ALA I 92 73.21 23.67 -55.92
C ALA I 92 73.17 23.27 -54.45
N VAL I 93 72.98 24.28 -53.61
CA VAL I 93 72.73 24.10 -52.17
C VAL I 93 71.24 24.29 -51.95
N TYR I 94 70.64 23.42 -51.14
CA TYR I 94 69.19 23.34 -51.06
C TYR I 94 68.74 23.78 -49.66
N TYR I 95 67.80 24.72 -49.62
CA TYR I 95 67.23 25.22 -48.38
C TYR I 95 65.81 24.73 -48.22
N CYS I 96 65.51 24.09 -47.09
CA CYS I 96 64.14 23.85 -46.70
C CYS I 96 63.69 24.97 -45.78
N ALA I 97 62.53 25.54 -46.08
CA ALA I 97 62.08 26.72 -45.37
C ALA I 97 60.59 26.55 -45.05
N LYS I 98 60.19 27.02 -43.89
CA LYS I 98 58.81 26.94 -43.46
C LYS I 98 58.09 28.24 -43.76
N THR I 99 56.83 28.12 -44.17
CA THR I 99 56.00 29.31 -44.29
C THR I 99 55.88 29.97 -42.92
N ARG I 100 55.79 31.32 -42.94
CA ARG I 100 55.45 32.10 -41.75
C ARG I 100 54.61 31.32 -40.77
N GLY I 101 53.51 30.74 -41.29
CA GLY I 101 52.25 30.74 -40.59
C GLY I 101 51.31 29.65 -41.06
N ARG I 102 50.15 29.67 -40.43
CA ARG I 102 49.31 28.50 -40.32
C ARG I 102 47.85 28.72 -40.71
N GLY I 103 47.48 29.91 -41.20
CA GLY I 103 46.16 30.15 -41.74
C GLY I 103 46.13 30.19 -43.27
N LEU I 104 44.91 30.24 -43.82
CA LEU I 104 44.70 30.23 -45.27
C LEU I 104 44.75 31.65 -45.82
N TYR I 105 45.18 31.79 -47.08
CA TYR I 105 45.67 33.02 -47.73
C TYR I 105 47.06 33.42 -47.26
N ASP I 106 47.64 32.72 -46.30
CA ASP I 106 49.07 32.74 -46.07
C ASP I 106 49.62 31.61 -46.94
N TYR I 107 49.89 31.94 -48.20
CA TYR I 107 50.04 30.93 -49.25
C TYR I 107 51.16 29.96 -48.92
N VAL I 108 50.89 28.67 -49.16
CA VAL I 108 51.87 27.63 -48.89
C VAL I 108 53.06 27.74 -49.81
N TRP I 109 53.00 28.62 -50.81
CA TRP I 109 54.16 28.93 -51.64
C TRP I 109 54.61 30.37 -51.47
N GLY I 110 54.36 30.98 -50.32
CA GLY I 110 54.59 32.40 -50.14
C GLY I 110 55.71 32.76 -49.20
N SER I 111 55.40 33.48 -48.12
CA SER I 111 56.42 33.95 -47.20
C SER I 111 57.13 32.78 -46.53
N LYS I 112 58.44 32.93 -46.35
CA LYS I 112 59.29 31.91 -45.76
C LYS I 112 60.01 32.54 -44.57
N ASP I 113 59.50 32.27 -43.37
CA ASP I 113 60.03 32.91 -42.17
C ASP I 113 61.40 32.38 -41.79
N TYR I 114 61.49 31.08 -41.58
CA TYR I 114 62.69 30.45 -41.04
C TYR I 114 63.32 29.58 -42.12
N TRP I 115 64.63 29.69 -42.26
CA TRP I 115 65.41 28.90 -43.20
C TRP I 115 66.42 28.02 -42.47
N GLY I 116 66.97 27.05 -43.22
CA GLY I 116 67.94 26.13 -42.68
C GLY I 116 69.38 26.53 -42.95
N GLN I 117 70.28 25.54 -42.86
CA GLN I 117 71.69 25.77 -43.11
C GLN I 117 72.14 25.33 -44.49
N GLY I 118 71.37 24.47 -45.16
CA GLY I 118 71.64 24.12 -46.54
C GLY I 118 72.69 23.05 -46.71
N THR I 119 72.45 22.13 -47.63
CA THR I 119 73.40 21.08 -47.98
C THR I 119 73.65 21.14 -49.48
N LEU I 120 74.91 20.97 -49.86
CA LEU I 120 75.30 21.05 -51.26
C LEU I 120 75.00 19.73 -51.97
N VAL I 121 74.33 19.83 -53.11
CA VAL I 121 74.08 18.69 -53.99
C VAL I 121 74.84 18.94 -55.28
N THR I 122 75.85 18.11 -55.55
CA THR I 122 76.75 18.28 -56.68
C THR I 122 76.51 17.14 -57.66
N VAL I 123 76.23 17.48 -58.91
CA VAL I 123 76.10 16.47 -59.96
C VAL I 123 77.34 16.54 -60.84
N SER I 124 78.19 15.53 -60.74
CA SER I 124 79.40 15.47 -61.55
C SER I 124 79.90 14.03 -61.57
N SER I 125 81.09 13.84 -62.13
CA SER I 125 81.67 12.52 -62.28
C SER I 125 83.14 12.53 -61.87
N TYR J 2 -66.47 56.00 4.64
CA TYR J 2 -67.59 55.30 5.25
C TYR J 2 -67.94 55.92 6.59
N GLU J 3 -69.23 56.21 6.80
CA GLU J 3 -69.70 56.83 8.02
C GLU J 3 -70.81 56.00 8.64
N LEU J 4 -70.86 56.01 9.97
CA LEU J 4 -71.91 55.38 10.73
C LEU J 4 -72.72 56.44 11.45
N THR J 5 -74.04 56.40 11.29
CA THR J 5 -74.92 57.44 11.80
C THR J 5 -75.65 56.93 13.02
N GLN J 6 -75.48 57.63 14.13
CA GLN J 6 -76.18 57.34 15.37
C GLN J 6 -76.95 58.57 15.81
N PRO J 7 -78.17 58.40 16.31
CA PRO J 7 -78.94 59.54 16.82
C PRO J 7 -78.21 60.18 17.98
N PRO J 8 -78.29 61.51 18.10
CA PRO J 8 -77.50 62.20 19.14
C PRO J 8 -77.74 61.67 20.55
N SER J 9 -79.00 61.37 20.90
CA SER J 9 -79.31 60.84 22.21
C SER J 9 -80.75 60.34 22.23
N VAL J 10 -80.99 59.34 23.07
CA VAL J 10 -82.33 58.84 23.37
C VAL J 10 -82.40 58.57 24.87
N SER J 11 -83.60 58.56 25.43
CA SER J 11 -83.79 58.39 26.86
C SER J 11 -85.02 57.55 27.14
N VAL J 12 -84.96 56.74 28.19
CA VAL J 12 -86.09 55.95 28.67
C VAL J 12 -86.09 55.99 30.19
N SER J 13 -87.25 55.74 30.78
CA SER J 13 -87.34 55.67 32.24
C SER J 13 -86.66 54.40 32.76
N PRO J 14 -86.15 54.43 33.99
CA PRO J 14 -85.52 53.22 34.54
C PRO J 14 -86.50 52.06 34.59
N GLY J 15 -85.97 50.86 34.33
CA GLY J 15 -86.78 49.66 34.27
C GLY J 15 -87.41 49.38 32.93
N GLN J 16 -87.24 50.26 31.95
CA GLN J 16 -87.84 50.09 30.64
C GLN J 16 -86.85 49.39 29.70
N THR J 17 -87.20 49.33 28.41
CA THR J 17 -86.35 48.73 27.38
C THR J 17 -85.88 49.82 26.43
N ALA J 18 -84.57 49.89 26.23
CA ALA J 18 -83.97 50.89 25.36
C ALA J 18 -83.66 50.30 23.99
N THR J 19 -83.61 51.18 23.00
CA THR J 19 -83.36 50.77 21.61
C THR J 19 -82.58 51.87 20.93
N ILE J 20 -81.35 51.57 20.52
CA ILE J 20 -80.44 52.54 19.92
C ILE J 20 -79.96 52.00 18.58
N THR J 21 -80.06 52.83 17.54
CA THR J 21 -79.83 52.41 16.17
C THR J 21 -78.50 52.93 15.64
N CYS J 22 -78.02 52.26 14.58
CA CYS J 22 -76.76 52.59 13.94
C CYS J 22 -76.91 52.32 12.45
N SER J 23 -76.67 53.35 11.63
CA SER J 23 -76.95 53.29 10.20
C SER J 23 -75.67 53.38 9.40
N GLY J 24 -75.57 52.55 8.36
CA GLY J 24 -74.45 52.57 7.45
C GLY J 24 -74.84 52.00 6.11
N ASP J 25 -74.02 52.29 5.10
CA ASP J 25 -74.31 51.83 3.75
C ASP J 25 -74.00 50.34 3.65
N LYS J 26 -75.03 49.53 3.43
CA LYS J 26 -74.91 48.08 3.39
C LYS J 26 -74.23 47.56 4.66
N LEU J 27 -74.66 48.11 5.80
CA LEU J 27 -74.02 47.82 7.08
C LEU J 27 -74.36 46.44 7.61
N GLY J 28 -75.43 45.81 7.09
CA GLY J 28 -75.75 44.45 7.47
C GLY J 28 -74.84 43.40 6.89
N ASP J 29 -73.89 43.80 6.04
CA ASP J 29 -72.88 42.90 5.50
C ASP J 29 -71.57 42.96 6.27
N LYS J 30 -71.53 43.68 7.39
CA LYS J 30 -70.30 43.97 8.10
C LYS J 30 -70.47 43.65 9.57
N TYR J 31 -69.35 43.55 10.28
CA TYR J 31 -69.36 43.29 11.71
C TYR J 31 -69.26 44.60 12.49
N ALA J 32 -70.16 44.77 13.45
CA ALA J 32 -70.26 46.01 14.21
C ALA J 32 -70.06 45.73 15.70
N CYS J 33 -69.23 46.54 16.34
CA CYS J 33 -69.01 46.48 17.78
C CYS J 33 -69.63 47.69 18.46
N TRP J 34 -70.07 47.50 19.70
CA TRP J 34 -70.69 48.56 20.49
C TRP J 34 -69.97 48.71 21.82
N TYR J 35 -69.84 49.95 22.27
CA TYR J 35 -69.08 50.26 23.49
C TYR J 35 -69.89 51.18 24.40
N GLN J 36 -69.58 51.09 25.68
CA GLN J 36 -70.23 51.86 26.74
C GLN J 36 -69.20 52.82 27.32
N GLN J 37 -69.48 54.11 27.24
CA GLN J 37 -68.62 55.13 27.83
C GLN J 37 -69.44 55.91 28.85
N ARG J 38 -69.36 55.48 30.10
CA ARG J 38 -69.92 56.26 31.19
C ARG J 38 -69.02 57.47 31.43
N PRO J 39 -69.61 58.63 31.72
CA PRO J 39 -68.82 59.88 31.75
C PRO J 39 -67.65 59.79 32.72
N GLY J 40 -66.49 60.26 32.25
CA GLY J 40 -65.28 60.17 33.03
C GLY J 40 -64.63 58.80 33.02
N GLN J 41 -65.03 57.92 32.10
CA GLN J 41 -64.63 56.51 32.09
C GLN J 41 -64.14 56.12 30.69
N SER J 42 -63.14 55.26 30.69
CA SER J 42 -62.72 54.61 29.46
C SER J 42 -63.80 53.64 29.01
N PRO J 43 -64.04 53.54 27.70
CA PRO J 43 -65.15 52.70 27.21
C PRO J 43 -64.86 51.22 27.43
N VAL J 44 -65.94 50.45 27.40
CA VAL J 44 -65.89 49.00 27.58
C VAL J 44 -66.69 48.34 26.47
N LEU J 45 -66.14 47.28 25.89
CA LEU J 45 -66.83 46.56 24.83
C LEU J 45 -67.99 45.78 25.41
N VAL J 46 -69.16 45.90 24.78
CA VAL J 46 -70.36 45.22 25.26
C VAL J 46 -71.02 44.35 24.21
N ILE J 47 -70.81 44.59 22.92
CA ILE J 47 -71.37 43.77 21.86
C ILE J 47 -70.37 43.73 20.70
N TYR J 48 -70.12 42.54 20.16
CA TYR J 48 -69.30 42.42 18.96
C TYR J 48 -69.88 41.31 18.08
N GLN J 49 -69.49 41.36 16.80
CA GLN J 49 -69.93 40.41 15.78
C GLN J 49 -71.45 40.46 15.55
N ASP J 50 -72.07 41.58 15.94
CA ASP J 50 -73.47 41.90 15.67
C ASP J 50 -74.45 41.03 16.45
N SER J 51 -73.97 39.94 17.05
CA SER J 51 -74.85 39.08 17.84
C SER J 51 -74.25 38.57 19.14
N LYS J 52 -72.93 38.50 19.28
CA LYS J 52 -72.31 37.86 20.43
C LYS J 52 -71.99 38.88 21.51
N ARG J 53 -71.98 38.42 22.75
CA ARG J 53 -71.93 39.12 24.02
C ARG J 53 -70.70 38.72 24.82
N PRO J 54 -69.77 39.65 25.06
CA PRO J 54 -68.51 39.29 25.70
C PRO J 54 -68.69 38.83 27.14
N SER J 55 -67.68 38.12 27.63
CA SER J 55 -67.67 37.63 29.00
C SER J 55 -67.67 38.81 29.98
N GLY J 56 -68.51 38.72 31.00
CA GLY J 56 -68.61 39.76 32.01
C GLY J 56 -69.74 40.74 31.80
N ILE J 57 -70.64 40.48 30.86
CA ILE J 57 -71.71 41.39 30.49
C ILE J 57 -73.04 40.67 30.69
N PRO J 58 -74.01 41.27 31.39
CA PRO J 58 -75.30 40.61 31.58
C PRO J 58 -76.09 40.52 30.28
N GLU J 59 -76.95 39.50 30.21
CA GLU J 59 -77.59 39.11 28.96
C GLU J 59 -78.57 40.14 28.41
N ARG J 60 -78.92 41.15 29.21
CA ARG J 60 -79.87 42.18 28.76
C ARG J 60 -79.26 43.14 27.73
N PHE J 61 -77.95 43.06 27.49
CA PHE J 61 -77.32 43.78 26.39
C PHE J 61 -77.47 42.94 25.11
N SER J 62 -78.53 43.20 24.35
CA SER J 62 -78.82 42.45 23.14
C SER J 62 -78.64 43.33 21.91
N GLY J 63 -77.85 42.86 20.95
CA GLY J 63 -77.62 43.60 19.72
C GLY J 63 -77.92 42.74 18.51
N SER J 64 -78.38 43.42 17.46
CA SER J 64 -78.72 42.75 16.21
C SER J 64 -78.41 43.67 15.04
N ASN J 65 -78.27 43.07 13.85
CA ASN J 65 -77.91 43.81 12.66
C ASN J 65 -78.60 43.20 11.44
N SER J 66 -79.13 44.06 10.58
CA SER J 66 -79.77 43.61 9.35
C SER J 66 -79.96 44.80 8.42
N GLY J 67 -79.66 44.63 7.14
CA GLY J 67 -79.85 45.67 6.15
C GLY J 67 -78.85 46.80 6.27
N ASN J 68 -79.34 48.01 6.58
CA ASN J 68 -78.49 49.18 6.75
C ASN J 68 -78.53 49.72 8.18
N THR J 69 -79.06 48.97 9.13
CA THR J 69 -79.21 49.43 10.50
C THR J 69 -78.62 48.41 11.47
N ALA J 70 -77.80 48.89 12.39
CA ALA J 70 -77.33 48.11 13.53
C ALA J 70 -78.05 48.61 14.77
N THR J 71 -78.61 47.69 15.55
CA THR J 71 -79.43 48.05 16.70
C THR J 71 -78.94 47.33 17.96
N LEU J 72 -79.03 48.02 19.08
CA LEU J 72 -78.76 47.43 20.39
C LEU J 72 -79.98 47.59 21.27
N THR J 73 -80.31 46.54 22.01
CA THR J 73 -81.51 46.48 22.84
C THR J 73 -81.10 46.27 24.29
N ILE J 74 -81.63 47.09 25.18
CA ILE J 74 -81.34 47.00 26.62
C ILE J 74 -82.69 46.85 27.33
N GLY J 75 -83.03 45.63 27.70
CA GLY J 75 -84.22 45.40 28.52
C GLY J 75 -83.89 45.55 30.01
N GLY J 76 -84.87 46.05 30.75
CA GLY J 76 -84.67 46.31 32.16
C GLY J 76 -83.57 47.32 32.44
N THR J 77 -83.61 48.44 31.72
CA THR J 77 -82.60 49.48 31.87
C THR J 77 -82.57 50.00 33.30
N GLN J 78 -81.36 50.16 33.84
CA GLN J 78 -81.14 50.69 35.18
C GLN J 78 -80.39 52.01 35.11
N ALA J 79 -79.97 52.46 36.30
CA ALA J 79 -79.35 53.77 36.45
C ALA J 79 -78.02 53.89 35.68
N MET J 80 -77.13 52.92 35.80
CA MET J 80 -75.80 53.05 35.20
C MET J 80 -75.77 52.69 33.72
N ASP J 81 -76.93 52.51 33.09
CA ASP J 81 -77.01 52.45 31.63
C ASP J 81 -76.95 53.82 31.00
N GLU J 82 -76.95 54.87 31.83
CA GLU J 82 -76.78 56.25 31.37
C GLU J 82 -75.33 56.45 30.94
N ALA J 83 -75.06 56.30 29.65
CA ALA J 83 -73.69 56.30 29.16
C ALA J 83 -73.69 56.61 27.67
N ALA J 84 -72.50 56.92 27.16
CA ALA J 84 -72.32 57.12 25.72
C ALA J 84 -72.12 55.77 25.04
N TYR J 85 -72.81 55.60 23.91
CA TYR J 85 -72.86 54.32 23.22
C TYR J 85 -72.35 54.51 21.81
N PHE J 86 -71.18 53.95 21.51
CA PHE J 86 -70.54 54.11 20.22
C PHE J 86 -70.68 52.83 19.41
N CYS J 87 -71.45 52.91 18.33
CA CYS J 87 -71.48 51.83 17.35
C CYS J 87 -70.22 51.87 16.49
N GLN J 88 -69.52 50.75 16.42
CA GLN J 88 -68.25 50.68 15.73
C GLN J 88 -68.40 49.72 14.55
N ALA J 89 -67.56 49.88 13.53
CA ALA J 89 -67.53 48.96 12.41
C ALA J 89 -66.19 49.10 11.68
N TRP J 90 -65.81 48.02 11.00
CA TRP J 90 -64.59 47.97 10.21
C TRP J 90 -64.94 47.87 8.73
N ASP J 91 -64.31 48.71 7.91
CA ASP J 91 -64.48 48.65 6.47
C ASP J 91 -63.14 49.01 5.85
N SER J 92 -62.59 48.09 5.06
CA SER J 92 -61.31 48.29 4.38
C SER J 92 -60.22 48.65 5.36
N ASN J 93 -60.12 47.85 6.42
CA ASN J 93 -59.07 47.98 7.44
C ASN J 93 -59.07 49.34 8.11
N THR J 94 -60.21 50.03 8.14
CA THR J 94 -60.28 51.39 8.68
C THR J 94 -61.21 51.41 9.88
N GLY J 95 -60.65 51.71 11.05
CA GLY J 95 -61.48 51.89 12.23
C GLY J 95 -62.27 53.18 12.16
N VAL J 96 -63.58 53.03 11.95
CA VAL J 96 -64.49 54.17 11.86
C VAL J 96 -65.52 54.02 12.96
N PHE J 97 -65.62 55.03 13.81
CA PHE J 97 -66.53 55.02 14.94
C PHE J 97 -67.83 55.73 14.56
N GLY J 98 -68.93 55.29 15.17
CA GLY J 98 -70.20 55.95 14.99
C GLY J 98 -70.25 57.26 15.74
N GLY J 99 -71.38 57.96 15.58
CA GLY J 99 -71.55 59.23 16.26
C GLY J 99 -71.54 59.11 17.77
N GLY J 100 -72.25 58.11 18.30
CA GLY J 100 -72.30 57.93 19.74
C GLY J 100 -73.59 58.44 20.34
N THR J 101 -74.52 57.54 20.62
CA THR J 101 -75.82 57.91 21.16
C THR J 101 -75.76 57.92 22.68
N LYS J 102 -76.14 59.03 23.29
CA LYS J 102 -76.20 59.12 24.74
C LYS J 102 -77.53 58.61 25.25
N LEU J 103 -77.48 57.69 26.20
CA LEU J 103 -78.67 57.12 26.82
C LEU J 103 -78.85 57.78 28.18
N THR J 104 -80.05 58.27 28.45
CA THR J 104 -80.37 58.92 29.72
C THR J 104 -81.50 58.16 30.40
N VAL J 105 -81.30 57.83 31.67
CA VAL J 105 -82.33 57.21 32.49
C VAL J 105 -82.77 58.23 33.53
N LEU J 106 -84.06 58.24 33.84
CA LEU J 106 -84.64 59.22 34.75
C LEU J 106 -84.63 58.71 36.19
N VAL K 2 30.80 28.14 65.03
CA VAL K 2 31.48 26.98 65.58
C VAL K 2 31.41 27.05 67.11
N GLN K 3 30.90 25.98 67.72
CA GLN K 3 30.89 25.82 69.17
C GLN K 3 31.27 24.39 69.51
N LEU K 4 32.10 24.23 70.55
CA LEU K 4 32.52 22.92 71.02
C LEU K 4 32.08 22.80 72.48
N LEU K 5 30.85 22.35 72.69
CA LEU K 5 30.31 22.18 74.04
C LEU K 5 30.67 20.81 74.57
N GLU K 6 31.49 20.79 75.60
CA GLU K 6 31.86 19.58 76.29
C GLU K 6 30.93 19.40 77.48
N SER K 7 30.36 18.21 77.60
CA SER K 7 29.38 17.91 78.64
C SER K 7 29.93 16.82 79.55
N GLY K 8 29.13 16.43 80.53
CA GLY K 8 29.59 15.46 81.50
C GLY K 8 30.64 16.05 82.42
N GLY K 9 31.35 15.16 83.09
CA GLY K 9 32.44 15.55 83.96
C GLY K 9 31.97 16.01 85.33
N GLY K 10 32.79 15.76 86.33
CA GLY K 10 32.48 16.15 87.70
C GLY K 10 33.41 15.47 88.67
N VAL K 11 32.87 14.96 89.77
CA VAL K 11 33.65 14.20 90.73
C VAL K 11 33.28 12.73 90.58
N VAL K 12 34.25 11.91 90.19
CA VAL K 12 34.07 10.48 90.03
C VAL K 12 34.96 9.76 91.04
N GLN K 13 34.68 8.46 91.25
CA GLN K 13 35.30 7.72 92.35
C GLN K 13 36.59 7.07 91.84
N PRO K 14 37.63 6.94 92.68
CA PRO K 14 38.85 6.24 92.25
C PRO K 14 38.59 4.81 91.84
N GLY K 15 38.75 4.54 90.54
CA GLY K 15 38.39 3.27 89.95
C GLY K 15 37.00 3.22 89.35
N GLY K 16 36.19 4.27 89.53
CA GLY K 16 34.86 4.31 88.97
C GLY K 16 34.85 4.59 87.48
N SER K 17 33.75 5.17 87.00
CA SER K 17 33.43 5.25 85.57
C SER K 17 32.85 6.63 85.24
N LEU K 18 32.93 7.02 83.96
CA LEU K 18 32.39 8.30 83.48
C LEU K 18 32.30 8.26 81.96
N ARG K 19 31.47 9.14 81.38
CA ARG K 19 31.55 9.32 79.93
C ARG K 19 31.30 10.77 79.52
N LEU K 20 32.14 11.26 78.63
CA LEU K 20 32.20 12.69 78.30
C LEU K 20 31.65 12.93 76.91
N SER K 21 30.97 14.06 76.73
CA SER K 21 30.33 14.40 75.44
C SER K 21 30.85 15.71 74.89
N CYS K 22 31.29 15.70 73.63
CA CYS K 22 31.71 16.90 72.92
C CYS K 22 30.70 17.21 71.82
N ALA K 23 29.67 17.99 72.14
CA ALA K 23 28.65 18.39 71.19
C ALA K 23 29.19 19.53 70.35
N ALA K 24 29.37 19.28 69.06
CA ALA K 24 29.93 20.27 68.13
C ALA K 24 28.87 20.75 67.16
N SER K 25 29.05 21.98 66.66
CA SER K 25 28.11 22.60 65.75
C SER K 25 28.81 23.72 65.00
N GLY K 26 28.12 24.24 63.99
CA GLY K 26 28.66 25.32 63.19
C GLY K 26 29.63 24.90 62.12
N PHE K 27 29.91 23.60 62.00
CA PHE K 27 30.82 23.10 60.97
C PHE K 27 30.43 21.67 60.67
N ALA K 28 31.07 21.10 59.64
CA ALA K 28 30.66 19.81 59.11
C ALA K 28 30.74 18.71 60.15
N PHE K 29 31.97 18.40 60.61
CA PHE K 29 32.27 17.40 61.61
C PHE K 29 32.13 16.03 60.92
N THR K 30 31.61 16.02 59.69
CA THR K 30 31.44 14.77 58.96
C THR K 30 32.71 14.37 58.21
N THR K 31 33.59 15.32 57.91
CA THR K 31 34.84 15.04 57.22
C THR K 31 36.04 15.51 58.04
N TYR K 32 35.80 15.92 59.27
CA TYR K 32 36.80 16.45 60.16
C TYR K 32 37.14 15.42 61.22
N ALA K 33 38.42 15.35 61.56
CA ALA K 33 38.90 14.54 62.66
C ALA K 33 38.72 15.31 63.97
N MET K 34 38.83 14.60 65.09
CA MET K 34 38.68 15.19 66.41
C MET K 34 39.80 14.69 67.32
N ASN K 35 40.14 15.51 68.31
CA ASN K 35 41.18 15.19 69.27
C ASN K 35 40.67 15.39 70.69
N TRP K 36 41.24 14.63 71.62
CA TRP K 36 40.99 14.79 73.05
C TRP K 36 42.30 15.17 73.73
N VAL K 37 42.27 16.27 74.48
CA VAL K 37 43.46 16.83 75.12
C VAL K 37 43.17 17.03 76.59
N ARG K 38 44.08 16.58 77.45
CA ARG K 38 43.92 16.77 78.88
C ARG K 38 45.01 17.67 79.44
N GLN K 39 44.73 18.23 80.61
CA GLN K 39 45.65 19.13 81.30
C GLN K 39 45.41 18.99 82.80
N ALA K 40 46.27 18.23 83.46
CA ALA K 40 46.22 18.16 84.91
C ALA K 40 46.56 19.53 85.50
N PRO K 41 46.08 19.83 86.73
CA PRO K 41 46.20 21.20 87.25
C PRO K 41 47.63 21.72 87.27
N GLY K 42 47.89 22.73 86.45
CA GLY K 42 49.22 23.32 86.35
C GLY K 42 50.30 22.36 85.90
N ARG K 43 49.97 21.48 84.95
CA ARG K 43 50.93 20.49 84.50
C ARG K 43 51.10 20.41 82.99
N GLY K 44 50.37 21.18 82.20
CA GLY K 44 50.62 21.26 80.78
C GLY K 44 49.66 20.41 79.96
N LEU K 45 49.48 20.84 78.72
CA LEU K 45 48.64 20.13 77.77
C LEU K 45 49.31 18.82 77.39
N GLU K 46 48.56 17.72 77.51
CA GLU K 46 49.05 16.40 77.16
C GLU K 46 47.95 15.64 76.43
N TRP K 47 48.35 14.81 75.47
CA TRP K 47 47.42 14.24 74.52
C TRP K 47 46.71 13.01 75.09
N VAL K 48 45.53 12.71 74.53
CA VAL K 48 44.80 11.50 74.89
C VAL K 48 44.41 10.70 73.66
N SER K 49 43.67 11.31 72.73
CA SER K 49 42.94 10.51 71.74
C SER K 49 42.69 11.28 70.45
N ALA K 50 42.35 10.53 69.40
CA ALA K 50 41.96 11.08 68.10
C ALA K 50 41.13 10.06 67.35
N ILE K 51 40.29 10.53 66.43
CA ILE K 51 39.40 9.67 65.65
C ILE K 51 39.35 10.17 64.21
N SER K 52 39.04 9.25 63.29
CA SER K 52 38.97 9.57 61.87
C SER K 52 37.60 10.18 61.55
N ASP K 53 37.33 10.36 60.24
CA ASP K 53 36.09 11.01 59.82
C ASP K 53 34.87 10.17 60.19
N GLY K 54 34.98 8.86 60.10
CA GLY K 54 33.84 8.00 60.37
C GLY K 54 34.08 6.95 61.42
N GLY K 55 34.96 7.22 62.37
CA GLY K 55 35.28 6.24 63.39
C GLY K 55 36.15 5.13 62.86
N GLY K 56 36.22 4.04 63.63
CA GLY K 56 37.07 2.93 63.28
C GLY K 56 38.51 3.16 63.67
N SER K 57 39.07 4.28 63.22
CA SER K 57 40.43 4.68 63.58
C SER K 57 40.42 5.22 65.01
N ALA K 58 40.79 4.37 65.96
CA ALA K 58 40.73 4.71 67.38
C ALA K 58 42.14 4.73 67.95
N TYR K 59 42.69 5.94 68.10
CA TYR K 59 44.09 6.14 68.39
C TYR K 59 44.27 6.66 69.82
N TYR K 60 45.07 5.94 70.60
CA TYR K 60 45.20 6.18 72.03
C TYR K 60 46.67 6.24 72.45
N ALA K 61 46.93 6.97 73.54
CA ALA K 61 48.22 6.95 74.20
C ALA K 61 48.37 5.68 75.06
N ASP K 62 49.60 5.44 75.54
CA ASP K 62 49.84 4.27 76.39
C ASP K 62 49.02 4.31 77.68
N SER K 63 48.96 5.46 78.34
CA SER K 63 48.28 5.49 79.64
C SER K 63 46.79 5.26 79.50
N VAL K 64 46.23 5.45 78.32
CA VAL K 64 44.84 5.13 78.03
C VAL K 64 44.68 3.88 77.18
N LYS K 65 45.71 3.04 77.07
CA LYS K 65 45.61 1.75 76.38
C LYS K 65 44.47 0.91 76.94
N GLY K 66 43.45 0.66 76.12
CA GLY K 66 42.35 -0.21 76.52
C GLY K 66 41.40 0.43 77.50
N ARG K 67 41.94 1.12 78.50
CA ARG K 67 41.14 1.73 79.55
C ARG K 67 40.25 2.86 79.02
N PHE K 68 40.67 3.59 77.99
CA PHE K 68 39.82 4.59 77.36
C PHE K 68 39.48 4.17 75.93
N THR K 69 38.27 4.50 75.51
CA THR K 69 37.79 4.29 74.15
C THR K 69 36.96 5.50 73.75
N ILE K 70 36.90 5.79 72.45
CA ILE K 70 36.25 6.99 71.95
C ILE K 70 35.26 6.62 70.84
N SER K 71 34.28 7.48 70.64
CA SER K 71 33.25 7.28 69.63
C SER K 71 32.66 8.62 69.22
N ARG K 72 31.92 8.61 68.12
CA ARG K 72 31.28 9.80 67.60
C ARG K 72 29.90 9.45 67.07
N ASP K 73 29.02 10.44 67.05
CA ASP K 73 27.66 10.31 66.55
C ASP K 73 27.57 11.17 65.30
N ASN K 74 27.93 10.60 64.15
CA ASN K 74 28.01 11.38 62.93
C ASN K 74 26.66 11.94 62.50
N SER K 75 25.55 11.33 62.93
CA SER K 75 24.23 11.90 62.65
C SER K 75 23.95 13.11 63.55
N LYS K 76 24.17 12.97 64.85
CA LYS K 76 23.88 14.02 65.82
C LYS K 76 25.05 14.97 66.02
N ASN K 77 26.22 14.67 65.43
CA ASN K 77 27.40 15.54 65.47
C ASN K 77 27.90 15.73 66.91
N THR K 78 28.32 14.64 67.53
CA THR K 78 28.77 14.63 68.91
C THR K 78 29.97 13.70 69.03
N LEU K 79 30.84 13.99 70.01
CA LEU K 79 32.02 13.17 70.29
C LEU K 79 31.91 12.59 71.70
N TYR K 80 32.33 11.33 71.85
CA TYR K 80 32.20 10.61 73.12
C TYR K 80 33.55 10.08 73.58
N LEU K 81 33.60 9.62 74.83
CA LEU K 81 34.86 9.23 75.46
C LEU K 81 34.58 8.25 76.59
N GLN K 82 35.01 7.00 76.43
CA GLN K 82 34.76 5.92 77.40
C GLN K 82 35.85 5.90 78.46
N MET K 83 35.44 5.74 79.71
CA MET K 83 36.37 5.73 80.84
C MET K 83 36.12 4.54 81.74
N ASN K 84 37.20 3.95 82.27
CA ASN K 84 37.10 2.84 83.20
C ASN K 84 38.32 2.81 84.12
N SER K 85 38.08 2.45 85.38
CA SER K 85 39.14 2.28 86.39
C SER K 85 40.04 3.51 86.47
N LEU K 86 39.40 4.67 86.61
CA LEU K 86 40.14 5.94 86.60
C LEU K 86 41.11 6.02 87.77
N ARG K 87 42.35 6.38 87.46
CA ARG K 87 43.38 6.65 88.45
C ARG K 87 43.42 8.16 88.79
N ALA K 88 44.34 8.53 89.66
CA ALA K 88 44.44 9.89 90.15
C ALA K 88 45.18 10.82 89.19
N GLU K 89 45.87 10.27 88.18
CA GLU K 89 46.62 11.08 87.23
C GLU K 89 45.75 11.62 86.10
N ASP K 90 44.52 11.13 85.95
CA ASP K 90 43.59 11.65 84.97
C ASP K 90 42.70 12.76 85.52
N THR K 91 42.92 13.19 86.76
CA THR K 91 42.19 14.33 87.30
C THR K 91 42.60 15.59 86.55
N ALA K 92 41.77 16.07 85.64
CA ALA K 92 42.17 17.15 84.75
C ALA K 92 40.95 17.76 84.09
N VAL K 93 41.19 18.79 83.30
CA VAL K 93 40.18 19.42 82.45
C VAL K 93 40.43 18.93 81.03
N TYR K 94 39.36 18.57 80.33
CA TYR K 94 39.48 17.85 79.07
C TYR K 94 39.00 18.73 77.92
N TYR K 95 39.83 18.86 76.89
CA TYR K 95 39.51 19.64 75.71
C TYR K 95 39.27 18.71 74.53
N CYS K 96 38.13 18.85 73.89
CA CYS K 96 37.92 18.24 72.58
C CYS K 96 38.25 19.27 71.51
N ALA K 97 39.06 18.86 70.54
CA ALA K 97 39.56 19.79 69.55
C ALA K 97 39.48 19.13 68.19
N LYS K 98 39.16 19.92 67.18
CA LYS K 98 39.05 19.43 65.82
C LYS K 98 40.34 19.70 65.07
N THR K 99 40.72 18.75 64.21
CA THR K 99 41.82 18.98 63.30
C THR K 99 41.48 20.16 62.40
N ARG K 100 42.51 20.94 62.04
CA ARG K 100 42.39 21.98 61.01
C ARG K 100 41.32 21.65 59.98
N GLY K 101 41.39 20.43 59.42
CA GLY K 101 41.15 20.23 58.03
C GLY K 101 40.79 18.79 57.69
N ARG K 102 40.59 18.59 56.41
CA ARG K 102 39.77 17.52 55.89
C ARG K 102 40.43 16.68 54.80
N GLY K 103 41.70 16.94 54.46
CA GLY K 103 42.44 16.09 53.55
C GLY K 103 43.45 15.18 54.25
N LEU K 104 44.04 14.27 53.46
CA LEU K 104 44.98 13.29 53.98
C LEU K 104 46.41 13.85 53.97
N TYR K 105 47.23 13.40 54.91
CA TYR K 105 48.50 14.02 55.38
C TYR K 105 48.28 15.25 56.24
N ASP K 106 47.03 15.68 56.41
CA ASP K 106 46.68 16.55 57.52
C ASP K 106 46.29 15.60 58.65
N TYR K 107 47.30 15.18 59.41
CA TYR K 107 47.18 14.00 60.25
C TYR K 107 46.05 14.16 61.28
N VAL K 108 45.28 13.09 61.44
CA VAL K 108 44.17 13.10 62.37
C VAL K 108 44.64 13.21 63.81
N TRP K 109 45.95 13.12 64.04
CA TRP K 109 46.52 13.39 65.36
C TRP K 109 47.42 14.62 65.34
N GLY K 110 47.19 15.56 64.44
CA GLY K 110 48.11 16.67 64.23
C GLY K 110 47.60 18.02 64.65
N SER K 111 47.51 18.96 63.70
CA SER K 111 47.10 20.32 64.03
C SER K 111 45.68 20.35 64.57
N LYS K 112 45.46 21.22 65.56
CA LYS K 112 44.18 21.37 66.23
C LYS K 112 43.78 22.83 66.13
N ASP K 113 42.90 23.13 65.18
CA ASP K 113 42.53 24.53 64.90
C ASP K 113 41.66 25.11 66.01
N TYR K 114 40.52 24.48 66.27
CA TYR K 114 39.52 25.02 67.17
C TYR K 114 39.44 24.14 68.41
N TRP K 115 39.40 24.79 69.57
CA TRP K 115 39.28 24.13 70.86
C TRP K 115 37.99 24.52 71.56
N GLY K 116 37.65 23.75 72.59
CA GLY K 116 36.44 24.00 73.37
C GLY K 116 36.70 24.80 74.63
N GLN K 117 35.74 24.70 75.56
CA GLN K 117 35.83 25.40 76.84
C GLN K 117 36.32 24.52 77.98
N GLY K 118 36.23 23.20 77.84
CA GLY K 118 36.80 22.29 78.82
C GLY K 118 35.92 22.04 80.02
N THR K 119 35.86 20.79 80.47
CA THR K 119 35.13 20.41 81.66
C THR K 119 36.09 19.68 82.60
N LEU K 120 36.00 19.98 83.88
CA LEU K 120 36.88 19.37 84.85
C LEU K 120 36.39 17.98 85.24
N VAL K 121 37.31 17.02 85.20
CA VAL K 121 37.06 15.66 85.67
C VAL K 121 37.94 15.41 86.88
N THR K 122 37.32 15.25 88.03
CA THR K 122 38.02 15.12 89.31
C THR K 122 37.82 13.70 89.83
N VAL K 123 38.92 13.02 90.11
CA VAL K 123 38.86 11.70 90.73
C VAL K 123 39.26 11.83 92.20
N SER K 124 38.29 11.69 93.09
CA SER K 124 38.57 11.78 94.52
C SER K 124 37.41 11.13 95.27
N SER K 125 37.44 11.27 96.59
CA SER K 125 36.44 10.65 97.45
C SER K 125 35.95 11.65 98.50
N GLU L 1 47.15 52.51 -29.86
CA GLU L 1 46.12 51.86 -30.67
C GLU L 1 45.28 50.93 -29.81
N VAL L 2 45.94 50.05 -29.07
CA VAL L 2 45.29 49.12 -28.17
C VAL L 2 45.48 49.65 -26.75
N GLN L 3 44.41 50.22 -26.19
CA GLN L 3 44.52 50.96 -24.94
C GLN L 3 43.46 50.48 -23.96
N LEU L 4 43.88 50.28 -22.71
CA LEU L 4 42.97 49.93 -21.62
C LEU L 4 43.00 51.06 -20.61
N VAL L 5 41.81 51.53 -20.22
CA VAL L 5 41.65 52.64 -19.29
C VAL L 5 40.76 52.19 -18.14
N GLU L 6 41.18 52.47 -16.92
CA GLU L 6 40.56 51.90 -15.73
C GLU L 6 40.04 52.98 -14.80
N SER L 7 38.92 52.68 -14.15
CA SER L 7 38.31 53.57 -13.18
C SER L 7 37.49 52.75 -12.21
N GLY L 8 37.19 53.36 -11.06
CA GLY L 8 36.32 52.76 -10.06
C GLY L 8 36.96 52.55 -8.69
N GLY L 9 38.29 52.52 -8.58
CA GLY L 9 38.92 52.35 -7.29
C GLY L 9 38.95 53.63 -6.47
N GLY L 10 39.17 53.46 -5.17
CA GLY L 10 39.23 54.59 -4.26
C GLY L 10 39.25 54.11 -2.82
N LEU L 11 39.41 55.08 -1.93
CA LEU L 11 39.43 54.80 -0.50
C LEU L 11 38.04 54.36 -0.03
N ILE L 12 37.98 53.17 0.55
CA ILE L 12 36.73 52.49 0.90
C ILE L 12 36.92 51.83 2.26
N GLN L 13 35.88 51.89 3.11
CA GLN L 13 35.91 51.30 4.44
C GLN L 13 36.07 49.78 4.34
N PRO L 14 36.72 49.16 5.32
CA PRO L 14 36.89 47.70 5.28
C PRO L 14 35.55 46.97 5.25
N GLY L 15 35.49 45.92 4.43
CA GLY L 15 34.28 45.15 4.26
C GLY L 15 33.26 45.77 3.32
N GLY L 16 33.54 46.93 2.75
CA GLY L 16 32.57 47.62 1.93
C GLY L 16 32.49 47.06 0.52
N SER L 17 31.66 47.73 -0.29
CA SER L 17 31.44 47.39 -1.68
C SER L 17 32.09 48.42 -2.59
N LEU L 18 32.44 47.98 -3.79
CA LEU L 18 33.11 48.82 -4.77
C LEU L 18 33.09 48.08 -6.10
N ARG L 19 33.40 48.77 -7.20
CA ARG L 19 33.51 48.15 -8.51
C ARG L 19 34.53 48.88 -9.36
N LEU L 20 35.30 48.11 -10.12
CA LEU L 20 36.23 48.67 -11.09
C LEU L 20 35.63 48.57 -12.50
N SER L 21 36.14 49.41 -13.40
CA SER L 21 35.79 49.39 -14.80
C SER L 21 37.06 49.46 -15.63
N CYS L 22 37.03 48.84 -16.82
CA CYS L 22 38.18 48.81 -17.71
C CYS L 22 37.66 48.85 -19.14
N ALA L 23 37.58 50.06 -19.72
CA ALA L 23 37.16 50.24 -21.09
C ALA L 23 38.28 49.80 -22.02
N ALA L 24 37.92 49.27 -23.18
CA ALA L 24 38.88 48.76 -24.14
C ALA L 24 38.60 49.36 -25.51
N SER L 25 39.65 49.87 -26.16
CA SER L 25 39.60 50.35 -27.52
C SER L 25 40.46 49.45 -28.39
N GLY L 26 39.93 49.00 -29.50
CA GLY L 26 40.63 48.06 -30.36
C GLY L 26 40.39 46.59 -30.09
N ILE L 27 40.65 46.14 -28.87
CA ILE L 27 40.35 44.76 -28.48
C ILE L 27 38.86 44.65 -28.17
N ILE L 28 38.24 43.59 -28.66
CA ILE L 28 36.90 43.24 -28.19
C ILE L 28 37.04 42.43 -26.90
N VAL L 29 36.48 42.96 -25.80
CA VAL L 29 36.52 42.26 -24.53
C VAL L 29 35.70 40.98 -24.59
N SER L 30 34.63 40.98 -25.38
CA SER L 30 33.67 39.88 -25.36
C SER L 30 34.18 38.62 -26.05
N SER L 31 35.39 38.62 -26.59
CA SER L 31 35.96 37.43 -27.20
C SER L 31 37.44 37.22 -26.90
N ASN L 32 37.96 37.80 -25.83
CA ASN L 32 39.36 37.60 -25.46
C ASN L 32 39.43 37.34 -23.96
N TYR L 33 40.54 36.74 -23.53
CA TYR L 33 40.76 36.40 -22.13
C TYR L 33 41.23 37.65 -21.41
N MET L 34 40.42 38.16 -20.48
CA MET L 34 40.81 39.32 -19.70
C MET L 34 41.06 38.92 -18.25
N THR L 35 42.17 39.39 -17.69
CA THR L 35 42.59 39.05 -16.35
C THR L 35 42.67 40.29 -15.48
N TRP L 36 42.41 40.10 -14.18
CA TRP L 36 42.66 41.11 -13.17
C TRP L 36 43.93 40.73 -12.42
N VAL L 37 44.82 41.71 -12.26
CA VAL L 37 46.13 41.50 -11.67
C VAL L 37 46.33 42.54 -10.56
N ARG L 38 46.86 42.10 -9.43
CA ARG L 38 46.97 42.93 -8.23
C ARG L 38 48.44 43.18 -7.89
N GLN L 39 48.69 44.35 -7.29
CA GLN L 39 50.03 44.71 -6.84
C GLN L 39 49.89 45.51 -5.55
N ALA L 40 50.14 44.85 -4.41
CA ALA L 40 50.14 45.54 -3.13
C ALA L 40 51.34 46.48 -3.03
N PRO L 41 51.22 47.57 -2.27
CA PRO L 41 52.36 48.47 -2.10
C PRO L 41 53.57 47.74 -1.52
N GLY L 42 54.74 48.01 -2.09
CA GLY L 42 55.94 47.31 -1.68
C GLY L 42 55.99 45.84 -2.03
N LYS L 43 55.11 45.37 -2.92
CA LYS L 43 55.05 43.98 -3.32
C LYS L 43 55.00 43.91 -4.85
N GLY L 44 55.03 42.69 -5.37
CA GLY L 44 55.00 42.47 -6.80
C GLY L 44 53.61 42.20 -7.34
N LEU L 45 53.57 41.76 -8.59
CA LEU L 45 52.32 41.41 -9.24
C LEU L 45 51.79 40.07 -8.75
N GLU L 46 50.48 39.92 -8.83
CA GLU L 46 49.82 38.70 -8.38
C GLU L 46 48.47 38.60 -9.09
N TRP L 47 48.05 37.37 -9.38
CA TRP L 47 46.83 37.17 -10.18
C TRP L 47 45.59 37.28 -9.30
N VAL L 48 44.50 37.75 -9.89
CA VAL L 48 43.21 37.83 -9.23
C VAL L 48 42.17 36.97 -9.93
N SER L 49 41.91 37.24 -11.20
CA SER L 49 40.77 36.65 -11.90
C SER L 49 41.05 36.59 -13.38
N VAL L 50 40.26 35.75 -14.06
CA VAL L 50 40.19 35.73 -15.52
C VAL L 50 38.79 35.26 -15.91
N ILE L 51 38.22 35.92 -16.90
CA ILE L 51 36.95 35.51 -17.50
C ILE L 51 37.23 35.10 -18.94
N TYR L 52 36.81 33.90 -19.30
CA TYR L 52 37.16 33.30 -20.57
C TYR L 52 36.42 33.99 -21.72
N SER L 53 36.91 33.77 -22.95
CA SER L 53 36.26 34.34 -24.12
C SER L 53 34.85 33.79 -24.28
N GLY L 54 34.62 32.55 -23.85
CA GLY L 54 33.28 31.99 -23.86
C GLY L 54 32.40 32.47 -22.73
N GLY L 55 32.99 33.03 -21.68
CA GLY L 55 32.22 33.55 -20.57
C GLY L 55 32.46 32.84 -19.25
N SER L 56 33.30 31.81 -19.26
CA SER L 56 33.62 31.11 -18.02
C SER L 56 34.54 31.98 -17.15
N THR L 57 34.39 31.84 -15.85
CA THR L 57 35.05 32.72 -14.89
C THR L 57 36.07 31.95 -14.06
N PHE L 58 36.97 32.70 -13.43
CA PHE L 58 38.01 32.14 -12.60
C PHE L 58 38.52 33.20 -11.63
N TYR L 59 38.74 32.80 -10.39
CA TYR L 59 39.33 33.67 -9.37
C TYR L 59 40.36 32.90 -8.57
N ALA L 60 41.19 33.64 -7.84
CA ALA L 60 42.25 33.03 -7.04
C ALA L 60 41.71 32.53 -5.70
N ASP L 61 42.54 31.76 -5.01
CA ASP L 61 42.16 31.25 -3.69
C ASP L 61 41.93 32.38 -2.71
N SER L 62 42.77 33.42 -2.74
CA SER L 62 42.58 34.60 -1.91
C SER L 62 41.41 35.46 -2.37
N VAL L 63 40.78 35.11 -3.48
CA VAL L 63 39.71 35.93 -4.06
C VAL L 63 38.35 35.26 -4.00
N LYS L 64 38.26 33.93 -4.02
CA LYS L 64 36.98 33.25 -4.09
C LYS L 64 36.07 33.63 -2.92
N GLY L 65 34.80 33.85 -3.24
CA GLY L 65 33.80 34.23 -2.26
C GLY L 65 33.72 35.71 -1.96
N ARG L 66 34.63 36.52 -2.51
CA ARG L 66 34.66 37.94 -2.25
C ARG L 66 34.43 38.78 -3.49
N PHE L 67 35.17 38.53 -4.57
CA PHE L 67 35.09 39.34 -5.76
C PHE L 67 34.28 38.64 -6.84
N THR L 68 33.81 39.43 -7.80
CA THR L 68 33.14 38.90 -8.99
C THR L 68 33.59 39.70 -10.19
N ILE L 69 33.87 39.00 -11.29
CA ILE L 69 34.28 39.65 -12.54
C ILE L 69 33.07 39.69 -13.45
N SER L 70 32.93 40.81 -14.15
CA SER L 70 31.75 41.01 -14.97
C SER L 70 32.13 41.88 -16.16
N ARG L 71 31.27 41.86 -17.17
CA ARG L 71 31.58 42.38 -18.49
C ARG L 71 30.36 43.06 -19.08
N ASP L 72 30.57 43.81 -20.15
CA ASP L 72 29.49 44.36 -20.96
C ASP L 72 29.90 44.31 -22.42
N LYS L 73 29.04 43.73 -23.26
CA LYS L 73 29.31 43.65 -24.69
C LYS L 73 28.95 44.95 -25.42
N SER L 74 28.04 45.75 -24.86
CA SER L 74 27.64 46.98 -25.53
C SER L 74 28.72 48.04 -25.42
N LYS L 75 29.33 48.18 -24.25
CA LYS L 75 30.36 49.20 -24.03
C LYS L 75 31.78 48.67 -24.18
N ASN L 76 31.95 47.37 -24.44
CA ASN L 76 33.27 46.76 -24.61
C ASN L 76 34.15 47.05 -23.37
N THR L 77 33.60 46.71 -22.21
CA THR L 77 34.19 47.10 -20.93
C THR L 77 34.26 45.90 -20.01
N LEU L 78 35.22 45.93 -19.09
CA LEU L 78 35.46 44.88 -18.11
C LEU L 78 35.24 45.44 -16.71
N TYR L 79 34.60 44.65 -15.85
CA TYR L 79 34.23 45.08 -14.51
C TYR L 79 34.73 44.07 -13.49
N LEU L 80 34.85 44.51 -12.23
CA LEU L 80 35.18 43.62 -11.11
C LEU L 80 34.35 44.04 -9.90
N GLN L 81 33.43 43.17 -9.46
CA GLN L 81 32.60 43.45 -8.29
C GLN L 81 33.47 43.31 -7.03
N MET L 82 33.62 44.41 -6.30
CA MET L 82 34.53 44.46 -5.17
C MET L 82 33.72 44.49 -3.88
N SER L 83 33.96 43.51 -3.01
CA SER L 83 33.08 43.30 -1.87
C SER L 83 33.82 42.58 -0.74
N SER L 84 33.31 42.74 0.47
CA SER L 84 33.90 42.14 1.67
C SER L 84 35.38 42.52 1.80
N LEU L 85 35.67 43.79 1.57
CA LEU L 85 37.04 44.25 1.39
C LEU L 85 37.80 44.26 2.71
N ARG L 86 38.84 43.44 2.80
CA ARG L 86 39.71 43.43 3.96
C ARG L 86 40.85 44.44 3.78
N ALA L 87 41.76 44.46 4.74
CA ALA L 87 42.91 45.36 4.65
C ALA L 87 43.92 44.92 3.61
N GLU L 88 43.99 43.63 3.29
CA GLU L 88 44.93 43.10 2.32
C GLU L 88 44.57 43.44 0.89
N ASP L 89 43.37 43.98 0.65
CA ASP L 89 42.93 44.34 -0.69
C ASP L 89 43.47 45.68 -1.16
N THR L 90 44.22 46.39 -0.30
CA THR L 90 44.85 47.64 -0.68
C THR L 90 45.97 47.38 -1.68
N ALA L 91 45.71 47.69 -2.95
CA ALA L 91 46.65 47.41 -4.03
C ALA L 91 46.27 48.23 -5.26
N VAL L 92 47.11 48.12 -6.28
CA VAL L 92 46.82 48.72 -7.59
C VAL L 92 46.50 47.59 -8.55
N TYR L 93 45.41 47.74 -9.30
CA TYR L 93 44.94 46.70 -10.19
C TYR L 93 45.05 47.17 -11.64
N TYR L 94 45.53 46.27 -12.50
CA TYR L 94 45.59 46.50 -13.94
C TYR L 94 44.72 45.47 -14.64
N CYS L 95 44.22 45.78 -15.82
CA CYS L 95 43.54 44.80 -16.67
C CYS L 95 44.48 44.41 -17.80
N ALA L 96 44.63 43.11 -18.03
CA ALA L 96 45.49 42.59 -19.07
C ALA L 96 44.76 41.52 -19.89
N ARG L 97 45.25 41.29 -21.10
CA ARG L 97 44.62 40.38 -22.06
C ARG L 97 45.46 39.12 -22.17
N ASP L 98 44.85 37.97 -21.87
CA ASP L 98 45.58 36.71 -21.79
C ASP L 98 45.49 35.95 -23.11
N LEU L 99 46.65 35.52 -23.62
CA LEU L 99 46.71 34.76 -24.86
C LEU L 99 47.40 33.42 -24.72
N GLY L 100 47.49 32.87 -23.51
CA GLY L 100 48.10 31.58 -23.30
C GLY L 100 49.62 31.61 -23.42
N PRO L 101 50.15 30.94 -24.44
CA PRO L 101 51.61 30.96 -24.64
C PRO L 101 52.15 32.35 -24.89
N TYR L 102 51.36 33.25 -25.48
CA TYR L 102 51.73 34.65 -25.57
C TYR L 102 51.45 35.34 -24.25
N GLY L 103 52.36 36.23 -23.85
CA GLY L 103 52.25 36.88 -22.56
C GLY L 103 51.23 37.99 -22.54
N MET L 104 51.18 38.74 -21.43
CA MET L 104 50.17 39.77 -21.24
C MET L 104 50.52 40.92 -22.18
N ASP L 105 50.08 40.83 -23.44
CA ASP L 105 50.63 41.71 -24.47
C ASP L 105 50.28 43.18 -24.24
N VAL L 106 49.07 43.47 -23.76
CA VAL L 106 48.64 44.84 -23.51
C VAL L 106 48.25 44.96 -22.05
N TRP L 107 48.33 46.18 -21.51
CA TRP L 107 48.11 46.40 -20.10
C TRP L 107 47.37 47.71 -19.90
N GLY L 108 46.82 47.89 -18.69
CA GLY L 108 46.21 49.15 -18.31
C GLY L 108 47.11 49.99 -17.44
N GLN L 109 46.69 51.25 -17.23
CA GLN L 109 47.52 52.18 -16.46
C GLN L 109 47.52 51.83 -14.98
N GLY L 110 46.42 51.34 -14.46
CA GLY L 110 46.35 50.96 -13.06
C GLY L 110 45.58 51.98 -12.23
N THR L 111 44.89 51.50 -11.20
CA THR L 111 44.12 52.33 -10.29
C THR L 111 44.42 51.91 -8.86
N THR L 112 44.66 52.88 -7.99
CA THR L 112 45.03 52.64 -6.60
C THR L 112 43.78 52.48 -5.75
N VAL L 113 43.71 51.38 -5.00
CA VAL L 113 42.61 51.11 -4.08
C VAL L 113 43.17 51.08 -2.67
N THR L 114 42.61 51.88 -1.77
CA THR L 114 43.04 51.96 -0.39
C THR L 114 41.90 51.60 0.54
N VAL L 115 42.22 50.88 1.61
CA VAL L 115 41.25 50.42 2.59
C VAL L 115 41.55 51.12 3.92
N SER L 116 40.55 51.79 4.47
CA SER L 116 40.70 52.46 5.76
C SER L 116 39.34 52.66 6.44
N GLU M 1 51.81 37.99 43.23
CA GLU M 1 51.98 36.60 42.85
C GLU M 1 50.83 36.13 41.98
N VAL M 2 49.61 36.35 42.46
CA VAL M 2 48.40 36.00 41.72
C VAL M 2 47.84 37.28 41.12
N GLN M 3 48.03 37.46 39.81
CA GLN M 3 47.74 38.73 39.17
C GLN M 3 46.88 38.50 37.93
N LEU M 4 45.84 39.33 37.79
CA LEU M 4 44.99 39.35 36.62
C LEU M 4 45.16 40.68 35.90
N VAL M 5 45.39 40.62 34.60
CA VAL M 5 45.62 41.80 33.78
C VAL M 5 44.65 41.77 32.61
N GLU M 6 43.99 42.89 32.35
CA GLU M 6 42.87 42.95 31.44
C GLU M 6 43.11 43.94 30.30
N SER M 7 42.61 43.59 29.13
CA SER M 7 42.72 44.44 27.96
C SER M 7 41.56 44.11 27.02
N GLY M 8 41.29 45.04 26.09
CA GLY M 8 40.29 44.85 25.05
C GLY M 8 39.17 45.86 25.05
N GLY M 9 38.91 46.57 26.15
CA GLY M 9 37.86 47.57 26.16
C GLY M 9 38.25 48.88 25.50
N GLY M 10 37.24 49.67 25.17
CA GLY M 10 37.48 50.95 24.54
C GLY M 10 36.18 51.54 24.02
N LEU M 11 36.28 52.76 23.53
CA LEU M 11 35.13 53.47 22.98
C LEU M 11 34.67 52.80 21.69
N ILE M 12 33.41 52.37 21.67
CA ILE M 12 32.83 51.56 20.61
C ILE M 12 31.42 52.05 20.33
N GLN M 13 31.04 52.10 19.05
CA GLN M 13 29.72 52.55 18.64
C GLN M 13 28.64 51.63 19.19
N PRO M 14 27.45 52.15 19.46
CA PRO M 14 26.38 51.31 20.00
C PRO M 14 26.02 50.18 19.04
N GLY M 15 25.79 48.99 19.61
CA GLY M 15 25.49 47.81 18.84
C GLY M 15 26.68 47.12 18.23
N GLY M 16 27.89 47.64 18.42
CA GLY M 16 29.06 47.09 17.79
C GLY M 16 29.59 45.85 18.47
N SER M 17 30.71 45.36 17.96
CA SER M 17 31.39 44.19 18.48
C SER M 17 32.69 44.60 19.18
N LEU M 18 33.11 43.77 20.12
CA LEU M 18 34.29 44.03 20.93
C LEU M 18 34.62 42.74 21.68
N ARG M 19 35.82 42.67 22.27
CA ARG M 19 36.20 41.54 23.09
C ARG M 19 37.19 41.98 24.16
N LEU M 20 37.02 41.42 25.37
CA LEU M 20 37.96 41.62 26.45
C LEU M 20 38.88 40.42 26.59
N SER M 21 40.03 40.65 27.22
CA SER M 21 40.98 39.60 27.55
C SER M 21 41.42 39.77 28.99
N CYS M 22 41.76 38.65 29.64
CA CYS M 22 42.17 38.66 31.03
C CYS M 22 43.22 37.55 31.22
N ALA M 23 44.49 37.91 31.10
CA ALA M 23 45.60 36.98 31.30
C ALA M 23 45.74 36.71 32.79
N ALA M 24 46.15 35.49 33.13
CA ALA M 24 46.28 35.07 34.50
C ALA M 24 47.67 34.47 34.73
N SER M 25 48.34 34.92 35.79
CA SER M 25 49.60 34.35 36.23
C SER M 25 49.40 33.70 37.59
N GLY M 26 49.86 32.47 37.72
CA GLY M 26 49.65 31.71 38.95
C GLY M 26 48.40 30.84 38.99
N ILE M 27 47.23 31.44 38.78
CA ILE M 27 45.99 30.67 38.70
C ILE M 27 45.88 30.05 37.30
N ILE M 28 45.50 28.78 37.25
CA ILE M 28 45.10 28.20 35.96
C ILE M 28 43.64 28.54 35.72
N VAL M 29 43.37 29.26 34.63
CA VAL M 29 42.01 29.62 34.27
C VAL M 29 41.20 28.37 33.91
N SER M 30 41.86 27.37 33.33
CA SER M 30 41.14 26.23 32.77
C SER M 30 40.59 25.27 33.83
N SER M 31 40.80 25.56 35.12
CA SER M 31 40.25 24.71 36.17
C SER M 31 39.71 25.49 37.36
N ASN M 32 39.38 26.77 37.20
CA ASN M 32 38.80 27.57 38.28
C ASN M 32 37.61 28.35 37.74
N TYR M 33 36.75 28.78 38.66
CA TYR M 33 35.55 29.53 38.31
C TYR M 33 35.94 30.98 38.09
N MET M 34 35.82 31.45 36.85
CA MET M 34 36.12 32.85 36.54
C MET M 34 34.82 33.59 36.21
N THR M 35 34.67 34.77 36.80
CA THR M 35 33.48 35.59 36.66
C THR M 35 33.82 36.93 36.02
N TRP M 36 32.86 37.48 35.29
CA TRP M 36 32.91 38.84 34.79
C TRP M 36 31.98 39.68 35.65
N VAL M 37 32.49 40.83 36.10
CA VAL M 37 31.78 41.71 37.02
C VAL M 37 31.80 43.13 36.44
N ARG M 38 30.66 43.81 36.51
CA ARG M 38 30.48 45.10 35.87
C ARG M 38 30.26 46.19 36.91
N GLN M 39 30.70 47.40 36.57
CA GLN M 39 30.50 48.57 37.43
C GLN M 39 30.26 49.78 36.54
N ALA M 40 29.00 50.18 36.41
CA ALA M 40 28.65 51.39 35.67
C ALA M 40 29.14 52.62 36.44
N PRO M 41 29.46 53.70 35.72
CA PRO M 41 29.88 54.94 36.40
C PRO M 41 28.80 55.42 37.36
N GLY M 42 29.22 55.83 38.56
CA GLY M 42 28.29 56.24 39.58
C GLY M 42 27.42 55.13 40.14
N LYS M 43 27.78 53.87 39.90
CA LYS M 43 27.02 52.72 40.38
C LYS M 43 27.97 51.74 41.02
N GLY M 44 27.41 50.66 41.59
CA GLY M 44 28.19 49.65 42.26
C GLY M 44 28.52 48.47 41.36
N LEU M 45 29.02 47.41 41.99
CA LEU M 45 29.35 46.18 41.30
C LEU M 45 28.09 45.39 40.95
N GLU M 46 28.20 44.60 39.88
CA GLU M 46 27.08 43.78 39.43
C GLU M 46 27.63 42.63 38.61
N TRP M 47 26.97 41.48 38.68
CA TRP M 47 27.50 40.27 38.05
C TRP M 47 27.16 40.27 36.56
N VAL M 48 28.03 39.65 35.76
CA VAL M 48 27.82 39.47 34.33
C VAL M 48 27.76 37.98 33.97
N SER M 49 28.84 37.25 34.24
CA SER M 49 29.00 35.92 33.71
C SER M 49 29.89 35.10 34.63
N VAL M 50 29.82 33.78 34.46
CA VAL M 50 30.77 32.85 35.06
C VAL M 50 30.85 31.63 34.15
N ILE M 51 32.07 31.15 33.92
CA ILE M 51 32.31 29.90 33.20
C ILE M 51 32.93 28.92 34.17
N TYR M 52 32.32 27.74 34.28
CA TYR M 52 32.68 26.77 35.30
C TYR M 52 34.03 26.13 35.00
N SER M 53 34.61 25.49 36.01
CA SER M 53 35.89 24.81 35.82
C SER M 53 35.77 23.68 34.82
N GLY M 54 34.59 23.06 34.75
CA GLY M 54 34.35 22.03 33.74
C GLY M 54 34.07 22.59 32.35
N GLY M 55 33.72 23.87 32.26
CA GLY M 55 33.47 24.49 30.97
C GLY M 55 32.05 24.97 30.77
N SER M 56 31.18 24.74 31.76
CA SER M 56 29.82 25.22 31.66
C SER M 56 29.77 26.72 31.85
N THR M 57 28.82 27.37 31.17
CA THR M 57 28.76 28.82 31.09
C THR M 57 27.52 29.35 31.79
N PHE M 58 27.56 30.65 32.10
CA PHE M 58 26.45 31.31 32.77
C PHE M 58 26.55 32.81 32.52
N TYR M 59 25.39 33.43 32.25
CA TYR M 59 25.31 34.88 32.09
C TYR M 59 24.08 35.40 32.82
N ALA M 60 24.04 36.71 33.02
CA ALA M 60 22.93 37.34 33.73
C ALA M 60 21.75 37.57 32.80
N ASP M 61 20.61 37.93 33.40
CA ASP M 61 19.41 38.22 32.62
C ASP M 61 19.63 39.41 31.70
N SER M 62 20.32 40.45 32.17
CA SER M 62 20.66 41.59 31.34
C SER M 62 21.77 41.28 30.33
N VAL M 63 22.32 40.07 30.37
CA VAL M 63 23.44 39.70 29.52
C VAL M 63 23.07 38.64 28.47
N LYS M 64 22.10 37.77 28.74
CA LYS M 64 21.80 36.66 27.84
C LYS M 64 21.43 37.17 26.45
N GLY M 65 21.97 36.48 25.43
CA GLY M 65 21.72 36.82 24.05
C GLY M 65 22.63 37.88 23.48
N ARG M 66 23.48 38.50 24.30
CA ARG M 66 24.37 39.57 23.84
C ARG M 66 25.84 39.22 24.00
N PHE M 67 26.26 38.77 25.18
CA PHE M 67 27.66 38.51 25.44
C PHE M 67 27.96 37.02 25.39
N THR M 68 29.23 36.69 25.21
CA THR M 68 29.69 35.31 25.30
C THR M 68 31.03 35.31 26.02
N ILE M 69 31.20 34.34 26.91
CA ILE M 69 32.44 34.18 27.68
C ILE M 69 33.24 33.06 27.02
N SER M 70 34.55 33.25 26.93
CA SER M 70 35.39 32.30 26.23
C SER M 70 36.77 32.31 26.86
N ARG M 71 37.53 31.25 26.58
CA ARG M 71 38.74 30.93 27.30
C ARG M 71 39.78 30.39 26.34
N ASP M 72 41.02 30.31 26.82
CA ASP M 72 42.09 29.64 26.10
C ASP M 72 42.96 28.91 27.13
N LYS M 73 43.20 27.62 26.89
CA LYS M 73 44.05 26.83 27.78
C LYS M 73 45.53 27.02 27.48
N SER M 74 45.87 27.41 26.24
CA SER M 74 47.28 27.57 25.89
C SER M 74 47.87 28.83 26.50
N LYS M 75 47.12 29.93 26.48
CA LYS M 75 47.61 31.19 27.01
C LYS M 75 47.13 31.48 28.43
N ASN M 76 46.32 30.60 29.02
CA ASN M 76 45.81 30.77 30.38
C ASN M 76 45.10 32.13 30.52
N THR M 77 44.15 32.35 29.61
CA THR M 77 43.52 33.66 29.46
C THR M 77 42.01 33.52 29.41
N LEU M 78 41.31 34.57 29.83
CA LEU M 78 39.86 34.63 29.85
C LEU M 78 39.37 35.72 28.90
N TYR M 79 38.30 35.43 28.16
CA TYR M 79 37.79 36.34 27.15
C TYR M 79 36.30 36.58 27.37
N LEU M 80 35.79 37.67 26.81
CA LEU M 80 34.35 37.96 26.82
C LEU M 80 33.98 38.55 25.46
N GLN M 81 33.15 37.82 24.70
CA GLN M 81 32.69 38.30 23.39
C GLN M 81 31.66 39.41 23.61
N MET M 82 31.97 40.60 23.14
CA MET M 82 31.14 41.78 23.42
C MET M 82 30.42 42.18 22.13
N SER M 83 29.09 42.21 22.20
CA SER M 83 28.29 42.34 20.98
C SER M 83 26.92 42.94 21.31
N SER M 84 26.30 43.53 20.28
CA SER M 84 24.99 44.18 20.42
C SER M 84 25.01 45.23 21.53
N LEU M 85 26.07 46.03 21.56
CA LEU M 85 26.36 46.87 22.72
C LEU M 85 25.40 48.06 22.78
N ARG M 86 24.60 48.10 23.84
CA ARG M 86 23.72 49.25 24.07
C ARG M 86 24.45 50.31 24.88
N ALA M 87 23.72 51.37 25.24
CA ALA M 87 24.29 52.45 26.04
C ALA M 87 24.53 52.03 27.49
N GLU M 88 23.77 51.06 28.01
CA GLU M 88 23.91 50.62 29.38
C GLU M 88 25.15 49.77 29.62
N ASP M 89 25.86 49.38 28.57
CA ASP M 89 27.06 48.56 28.69
C ASP M 89 28.29 49.39 29.03
N THR M 90 28.15 50.72 29.11
CA THR M 90 29.26 51.58 29.51
C THR M 90 29.59 51.35 30.99
N ALA M 91 30.69 50.65 31.25
CA ALA M 91 31.08 50.29 32.60
C ALA M 91 32.53 49.86 32.61
N VAL M 92 33.02 49.58 33.82
CA VAL M 92 34.36 49.02 34.00
C VAL M 92 34.20 47.57 34.44
N TYR M 93 34.94 46.68 33.79
CA TYR M 93 34.82 45.25 34.04
C TYR M 93 36.10 44.71 34.66
N TYR M 94 35.95 43.88 35.68
CA TYR M 94 37.06 43.17 36.32
C TYR M 94 36.84 41.67 36.13
N CYS M 95 37.93 40.91 36.16
CA CYS M 95 37.85 39.44 36.19
C CYS M 95 38.18 38.99 37.60
N ALA M 96 37.35 38.10 38.15
CA ALA M 96 37.54 37.57 39.49
C ALA M 96 37.38 36.05 39.48
N ARG M 97 37.94 35.40 40.50
CA ARG M 97 37.98 33.95 40.60
C ARG M 97 37.00 33.52 41.69
N ASP M 98 36.04 32.68 41.33
CA ASP M 98 34.96 32.30 42.23
C ASP M 98 35.28 30.99 42.93
N LEU M 99 35.14 30.98 44.26
CA LEU M 99 35.39 29.79 45.05
C LEU M 99 34.21 29.38 45.91
N GLY M 100 33.00 29.81 45.59
CA GLY M 100 31.83 29.45 46.35
C GLY M 100 31.75 30.14 47.69
N PRO M 101 31.84 29.36 48.78
CA PRO M 101 31.82 29.97 50.12
C PRO M 101 32.95 30.96 50.35
N TYR M 102 34.10 30.76 49.71
CA TYR M 102 35.15 31.76 49.72
C TYR M 102 34.83 32.86 48.72
N GLY M 103 35.11 34.10 49.11
CA GLY M 103 34.77 35.23 48.28
C GLY M 103 35.70 35.43 47.10
N MET M 104 35.53 36.54 46.39
CA MET M 104 36.30 36.81 45.17
C MET M 104 37.72 37.12 45.61
N ASP M 105 38.54 36.08 45.80
CA ASP M 105 39.80 36.27 46.52
C ASP M 105 40.79 37.16 45.75
N VAL M 106 40.84 37.02 44.43
CA VAL M 106 41.74 37.81 43.60
C VAL M 106 40.91 38.60 42.59
N TRP M 107 41.46 39.72 42.12
CA TRP M 107 40.72 40.60 41.24
C TRP M 107 41.65 41.18 40.18
N GLY M 108 41.06 41.76 39.14
CA GLY M 108 41.83 42.46 38.13
C GLY M 108 41.77 43.96 38.31
N GLN M 109 42.61 44.66 37.55
CA GLN M 109 42.69 46.12 37.68
C GLN M 109 41.46 46.81 37.11
N GLY M 110 40.88 46.27 36.05
CA GLY M 110 39.69 46.85 35.46
C GLY M 110 40.00 47.61 34.18
N THR M 111 39.05 47.60 33.25
CA THR M 111 39.15 48.29 31.97
C THR M 111 37.86 49.05 31.71
N THR M 112 37.99 50.30 31.28
CA THR M 112 36.84 51.18 31.05
C THR M 112 36.33 50.98 29.63
N VAL M 113 35.02 50.72 29.51
CA VAL M 113 34.36 50.56 28.23
C VAL M 113 33.32 51.68 28.09
N THR M 114 33.40 52.43 27.01
CA THR M 114 32.51 53.54 26.75
C THR M 114 31.76 53.32 25.44
N VAL M 115 30.48 53.69 25.43
CA VAL M 115 29.62 53.51 24.26
C VAL M 115 29.23 54.90 23.77
N SER M 116 29.49 55.16 22.48
CA SER M 116 29.12 56.43 21.87
C SER M 116 28.99 56.30 20.36
N ILE N 2 52.71 26.09 -8.32
CA ILE N 2 54.13 26.03 -8.66
C ILE N 2 54.77 27.25 -7.99
N GLN N 3 56.08 27.22 -7.76
CA GLN N 3 56.78 28.34 -7.13
C GLN N 3 57.93 28.76 -8.04
N LEU N 4 57.93 30.04 -8.41
CA LEU N 4 59.01 30.63 -9.20
C LEU N 4 59.87 31.51 -8.31
N THR N 5 61.19 31.34 -8.41
CA THR N 5 62.14 32.11 -7.62
C THR N 5 63.15 32.79 -8.53
N GLN N 6 63.22 34.11 -8.45
CA GLN N 6 64.23 34.90 -9.15
C GLN N 6 65.46 35.02 -8.27
N SER N 7 66.63 35.17 -8.91
CA SER N 7 67.86 35.17 -8.14
C SER N 7 68.94 35.95 -8.88
N PRO N 8 69.58 36.94 -8.23
CA PRO N 8 69.18 37.47 -6.92
C PRO N 8 68.34 38.74 -7.03
N SER N 9 67.79 39.20 -5.90
CA SER N 9 66.80 40.28 -5.90
C SER N 9 67.41 41.61 -6.32
N PHE N 10 68.43 42.09 -5.62
CA PHE N 10 69.01 43.39 -5.88
C PHE N 10 70.29 43.23 -6.69
N LEU N 11 70.32 43.87 -7.85
CA LEU N 11 71.38 43.64 -8.83
C LEU N 11 71.88 44.98 -9.33
N SER N 12 73.20 45.05 -9.54
CA SER N 12 73.84 46.32 -9.88
C SER N 12 74.95 46.10 -10.89
N ALA N 13 75.04 47.03 -11.85
CA ALA N 13 76.10 47.01 -12.84
C ALA N 13 76.15 48.36 -13.54
N SER N 14 77.30 48.64 -14.17
CA SER N 14 77.47 49.85 -14.94
C SER N 14 77.14 49.61 -16.41
N VAL N 15 77.07 50.70 -17.18
CA VAL N 15 76.67 50.62 -18.57
C VAL N 15 77.67 49.76 -19.35
N GLY N 16 77.15 48.90 -20.22
CA GLY N 16 77.96 48.04 -21.04
C GLY N 16 78.23 46.66 -20.48
N ASP N 17 77.84 46.40 -19.23
CA ASP N 17 78.07 45.09 -18.64
C ASP N 17 77.10 44.06 -19.17
N ARG N 18 77.53 42.80 -19.17
CA ARG N 18 76.67 41.68 -19.54
C ARG N 18 76.00 41.14 -18.29
N VAL N 19 74.67 41.19 -18.25
CA VAL N 19 73.88 40.81 -17.09
C VAL N 19 73.15 39.51 -17.39
N THR N 20 72.96 38.69 -16.36
CA THR N 20 72.22 37.44 -16.48
C THR N 20 71.28 37.28 -15.30
N ILE N 21 70.02 37.70 -15.48
CA ILE N 21 68.99 37.62 -14.46
C ILE N 21 68.32 36.26 -14.55
N THR N 22 68.29 35.54 -13.44
CA THR N 22 67.85 34.15 -13.40
C THR N 22 66.52 34.05 -12.67
N CYS N 23 65.51 33.51 -13.35
CA CYS N 23 64.28 33.04 -12.72
C CYS N 23 64.29 31.52 -12.80
N ARG N 24 64.30 30.87 -11.65
CA ARG N 24 64.53 29.43 -11.57
C ARG N 24 63.20 28.73 -11.36
N ALA N 25 62.87 27.80 -12.25
CA ALA N 25 61.62 27.05 -12.17
C ALA N 25 61.82 25.84 -11.26
N SER N 26 60.96 25.70 -10.26
CA SER N 26 61.16 24.66 -9.25
C SER N 26 60.78 23.27 -9.76
N GLN N 27 59.70 23.17 -10.54
CA GLN N 27 59.32 21.87 -11.11
C GLN N 27 59.94 21.59 -12.47
N GLY N 28 59.84 22.52 -13.43
CA GLY N 28 60.26 22.26 -14.79
C GLY N 28 59.11 22.27 -15.78
N ILE N 29 59.00 23.34 -16.55
CA ILE N 29 57.87 23.54 -17.45
C ILE N 29 58.30 23.66 -18.91
N SER N 30 59.48 24.21 -19.17
CA SER N 30 60.23 24.10 -20.43
C SER N 30 59.79 24.97 -21.61
N SER N 31 58.64 25.65 -21.55
CA SER N 31 58.40 26.65 -22.57
C SER N 31 57.60 27.85 -22.09
N ASP N 32 57.20 27.85 -20.82
CA ASP N 32 56.18 28.80 -20.35
C ASP N 32 56.79 29.93 -19.51
N LEU N 33 57.57 30.79 -20.17
CA LEU N 33 58.12 31.96 -19.50
C LEU N 33 57.88 33.23 -20.32
N ALA N 34 57.54 34.30 -19.60
CA ALA N 34 57.42 35.64 -20.15
C ALA N 34 58.18 36.61 -19.25
N TRP N 35 59.00 37.46 -19.88
CA TRP N 35 59.88 38.37 -19.17
C TRP N 35 59.22 39.74 -19.10
N TYR N 36 58.98 40.21 -17.88
CA TYR N 36 58.22 41.44 -17.67
C TYR N 36 59.13 42.49 -17.05
N GLN N 37 59.46 43.52 -17.83
CA GLN N 37 60.23 44.65 -17.35
C GLN N 37 59.29 45.76 -16.96
N GLN N 38 59.49 46.30 -15.76
CA GLN N 38 58.59 47.32 -15.21
C GLN N 38 59.42 48.50 -14.77
N LYS N 39 59.27 49.63 -15.46
CA LYS N 39 59.84 50.86 -14.99
C LYS N 39 59.25 51.19 -13.63
N PRO N 40 60.05 51.75 -12.72
CA PRO N 40 59.58 51.98 -11.34
C PRO N 40 58.27 52.77 -11.32
N GLY N 41 57.22 52.10 -10.87
CA GLY N 41 55.90 52.67 -10.83
C GLY N 41 55.22 52.83 -12.17
N LYS N 42 55.48 51.92 -13.12
CA LYS N 42 54.93 52.02 -14.46
C LYS N 42 54.25 50.70 -14.85
N ALA N 43 53.81 50.62 -16.11
CA ALA N 43 53.15 49.48 -16.73
C ALA N 43 54.18 48.53 -17.32
N PRO N 44 54.16 47.26 -16.90
CA PRO N 44 55.11 46.29 -17.44
C PRO N 44 54.91 46.04 -18.93
N ASN N 45 55.89 45.38 -19.55
CA ASN N 45 55.87 45.11 -20.99
C ASN N 45 56.53 43.76 -21.23
N LEU N 46 56.08 43.05 -22.27
CA LEU N 46 56.74 41.82 -22.67
C LEU N 46 58.14 42.10 -23.20
N LEU N 47 59.07 41.23 -22.85
CA LEU N 47 60.42 41.30 -23.37
C LEU N 47 60.76 40.08 -24.22
N ILE N 48 60.69 38.89 -23.63
CA ILE N 48 60.84 37.61 -24.33
C ILE N 48 59.65 36.74 -23.96
N TYR N 49 58.88 36.30 -24.94
CA TYR N 49 57.80 35.35 -24.71
C TYR N 49 58.22 33.98 -25.23
N ALA N 50 57.64 32.93 -24.62
CA ALA N 50 58.05 31.54 -24.79
C ALA N 50 59.50 31.32 -24.36
N ALA N 51 60.06 32.26 -23.58
CA ALA N 51 61.34 32.14 -22.89
C ALA N 51 62.56 32.23 -23.79
N SER N 52 62.37 32.23 -25.12
CA SER N 52 63.51 32.34 -26.03
C SER N 52 63.31 33.27 -27.21
N THR N 53 62.09 33.70 -27.53
CA THR N 53 61.82 34.44 -28.76
C THR N 53 61.60 35.92 -28.45
N LEU N 54 62.09 36.78 -29.34
CA LEU N 54 62.04 38.22 -29.10
C LEU N 54 60.68 38.80 -29.46
N GLN N 55 60.02 39.35 -28.45
CA GLN N 55 58.69 39.91 -28.64
C GLN N 55 58.84 41.19 -29.47
N SER N 56 57.87 41.44 -30.35
CA SER N 56 58.02 42.43 -31.41
C SER N 56 58.14 43.85 -30.86
N GLY N 57 59.15 44.58 -31.35
CA GLY N 57 59.40 45.93 -30.91
C GLY N 57 60.42 46.05 -29.80
N VAL N 58 60.76 44.95 -29.15
CA VAL N 58 61.82 44.91 -28.14
C VAL N 58 63.15 45.06 -28.87
N PRO N 59 64.05 45.93 -28.42
CA PRO N 59 65.33 46.08 -29.12
C PRO N 59 66.21 44.85 -28.96
N SER N 60 67.07 44.64 -29.96
CA SER N 60 67.81 43.40 -30.13
C SER N 60 68.89 43.17 -29.08
N ARG N 61 69.06 44.07 -28.11
CA ARG N 61 70.04 43.90 -27.05
C ARG N 61 69.53 42.98 -25.94
N PHE N 62 68.27 42.57 -26.00
CA PHE N 62 67.66 41.74 -24.98
C PHE N 62 67.55 40.31 -25.51
N SER N 63 67.95 39.33 -24.71
CA SER N 63 67.90 37.93 -25.11
C SER N 63 67.43 37.08 -23.94
N GLY N 64 66.85 35.93 -24.26
CA GLY N 64 66.43 34.95 -23.28
C GLY N 64 66.98 33.58 -23.63
N SER N 65 67.12 32.73 -22.63
CA SER N 65 67.68 31.41 -22.84
C SER N 65 67.22 30.48 -21.72
N GLY N 66 67.35 29.19 -21.97
CA GLY N 66 66.99 28.16 -21.01
C GLY N 66 65.69 27.46 -21.37
N SER N 67 65.62 26.20 -20.93
CA SER N 67 64.43 25.39 -21.19
C SER N 67 64.38 24.20 -20.24
N GLY N 68 63.21 23.96 -19.65
CA GLY N 68 63.05 22.87 -18.71
C GLY N 68 62.93 23.38 -17.30
N THR N 69 63.98 23.17 -16.51
CA THR N 69 64.02 23.60 -15.12
C THR N 69 64.82 24.89 -14.93
N ASP N 70 65.77 25.18 -15.81
CA ASP N 70 66.60 26.38 -15.75
C ASP N 70 66.07 27.40 -16.75
N PHE N 71 66.16 28.68 -16.40
CA PHE N 71 65.77 29.79 -17.25
C PHE N 71 66.60 31.02 -16.89
N THR N 72 66.93 31.84 -17.89
CA THR N 72 67.72 33.04 -17.64
C THR N 72 67.28 34.19 -18.53
N LEU N 73 67.56 35.41 -18.07
CA LEU N 73 67.44 36.63 -18.86
C LEU N 73 68.85 37.17 -19.08
N THR N 74 69.20 37.42 -20.34
CA THR N 74 70.53 37.92 -20.70
C THR N 74 70.40 39.25 -21.44
N ILE N 75 71.07 40.28 -20.93
CA ILE N 75 71.16 41.57 -21.58
C ILE N 75 72.60 41.72 -22.07
N SER N 76 72.77 41.84 -23.39
CA SER N 76 74.10 41.87 -23.98
C SER N 76 74.85 43.17 -23.71
N SER N 77 74.17 44.31 -23.68
CA SER N 77 74.83 45.60 -23.47
C SER N 77 73.87 46.53 -22.75
N LEU N 78 74.22 46.93 -21.53
CA LEU N 78 73.34 47.75 -20.71
C LEU N 78 73.22 49.17 -21.25
N GLN N 79 72.13 49.82 -20.86
CA GLN N 79 71.85 51.22 -21.14
C GLN N 79 71.51 51.92 -19.83
N PRO N 80 71.72 53.23 -19.75
CA PRO N 80 71.36 53.95 -18.51
C PRO N 80 69.88 53.88 -18.17
N GLU N 81 69.01 53.67 -19.16
CA GLU N 81 67.59 53.52 -18.92
C GLU N 81 67.15 52.08 -18.72
N ASP N 82 68.09 51.13 -18.74
CA ASP N 82 67.77 49.71 -18.61
C ASP N 82 67.56 49.30 -17.15
N PHE N 83 67.41 50.26 -16.24
CA PHE N 83 67.06 49.95 -14.86
C PHE N 83 65.55 49.82 -14.75
N ALA N 84 65.11 48.75 -14.08
CA ALA N 84 63.69 48.46 -13.89
C ALA N 84 63.58 47.34 -12.88
N THR N 85 62.35 46.87 -12.67
CA THR N 85 62.10 45.65 -11.91
C THR N 85 61.62 44.60 -12.92
N TYR N 86 62.30 43.46 -12.94
CA TYR N 86 62.14 42.47 -13.99
C TYR N 86 61.40 41.26 -13.43
N TYR N 87 60.28 40.91 -14.06
CA TYR N 87 59.43 39.82 -13.60
C TYR N 87 59.52 38.63 -14.54
N CYS N 88 59.39 37.44 -13.98
CA CYS N 88 59.17 36.22 -14.74
C CYS N 88 57.78 35.67 -14.42
N GLN N 89 57.12 35.12 -15.44
CA GLN N 89 55.74 34.64 -15.29
C GLN N 89 55.60 33.23 -15.84
N GLN N 90 54.75 32.44 -15.18
CA GLN N 90 54.36 31.12 -15.68
C GLN N 90 53.32 31.30 -16.77
N LEU N 91 53.68 30.96 -18.00
CA LEU N 91 52.71 30.94 -19.08
C LEU N 91 51.92 29.63 -19.06
N ASN N 92 50.81 29.62 -19.80
CA ASN N 92 49.99 28.42 -19.99
C ASN N 92 49.58 27.79 -18.66
N SER N 93 49.25 28.62 -17.68
CA SER N 93 49.00 28.17 -16.32
C SER N 93 47.56 28.51 -15.91
N ASP N 94 47.27 28.24 -14.64
CA ASP N 94 45.97 28.55 -14.06
C ASP N 94 46.01 29.70 -13.07
N LEU N 95 47.11 29.87 -12.33
CA LEU N 95 47.26 30.99 -11.41
C LEU N 95 48.21 32.06 -11.93
N TYR N 96 48.91 31.81 -13.04
CA TYR N 96 49.81 32.76 -13.67
C TYR N 96 50.83 33.30 -12.65
N THR N 97 51.50 32.36 -11.99
CA THR N 97 52.42 32.69 -10.90
C THR N 97 53.57 33.55 -11.42
N PHE N 98 53.87 34.64 -10.72
CA PHE N 98 55.02 35.48 -11.01
C PHE N 98 56.18 35.16 -10.07
N GLY N 99 57.32 35.79 -10.34
CA GLY N 99 58.42 35.80 -9.41
C GLY N 99 58.31 36.96 -8.44
N GLN N 100 59.30 37.05 -7.54
CA GLN N 100 59.30 38.13 -6.57
C GLN N 100 59.73 39.46 -7.18
N GLY N 101 60.59 39.41 -8.20
CA GLY N 101 61.02 40.63 -8.86
C GLY N 101 62.49 40.97 -8.62
N THR N 102 63.22 41.21 -9.69
CA THR N 102 64.63 41.57 -9.60
C THR N 102 64.80 43.03 -10.05
N LYS N 103 65.40 43.85 -9.17
CA LYS N 103 65.54 45.28 -9.43
C LYS N 103 66.97 45.56 -9.90
N LEU N 104 67.17 45.52 -11.22
CA LEU N 104 68.42 45.97 -11.78
C LEU N 104 68.61 47.44 -11.50
N GLU N 105 69.86 47.85 -11.25
CA GLU N 105 70.20 49.24 -10.96
C GLU N 105 71.36 49.69 -11.83
N ILE N 106 71.18 50.81 -12.53
CA ILE N 106 72.28 51.44 -13.26
C ILE N 106 73.14 52.14 -12.21
N LYS N 107 74.20 51.45 -11.77
CA LYS N 107 74.93 51.82 -10.57
C LYS N 107 76.34 52.28 -10.92
N ILE O 2 16.90 37.09 44.94
CA ILE O 2 16.89 37.55 46.32
C ILE O 2 17.26 39.03 46.28
N GLN O 3 16.91 39.79 47.32
CA GLN O 3 17.24 41.22 47.37
C GLN O 3 18.01 41.50 48.66
N LEU O 4 19.19 42.08 48.51
CA LEU O 4 20.00 42.50 49.65
C LEU O 4 19.96 44.02 49.78
N THR O 5 19.72 44.50 51.01
CA THR O 5 19.64 45.92 51.28
C THR O 5 20.61 46.29 52.39
N GLN O 6 21.53 47.20 52.09
CA GLN O 6 22.43 47.77 53.08
C GLN O 6 21.78 48.98 53.73
N SER O 7 22.16 49.26 54.98
CA SER O 7 21.50 50.34 55.70
C SER O 7 22.42 50.91 56.75
N PRO O 8 22.64 52.23 56.79
CA PRO O 8 22.21 53.16 55.73
C PRO O 8 23.33 53.49 54.74
N SER O 9 22.99 54.18 53.65
CA SER O 9 23.93 54.37 52.54
C SER O 9 25.11 55.26 52.92
N PHE O 10 24.86 56.47 53.38
CA PHE O 10 25.92 57.43 53.67
C PHE O 10 26.17 57.47 55.18
N LEU O 11 27.41 57.18 55.57
CA LEU O 11 27.73 56.95 56.97
C LEU O 11 28.99 57.75 57.31
N SER O 12 29.02 58.31 58.51
CA SER O 12 30.09 59.22 58.90
C SER O 12 30.46 59.01 60.36
N ALA O 13 31.76 59.05 60.63
CA ALA O 13 32.26 58.97 61.99
C ALA O 13 33.71 59.42 62.02
N SER O 14 34.18 59.77 63.21
CA SER O 14 35.57 60.15 63.42
C SER O 14 36.40 58.95 63.83
N VAL O 15 37.72 59.14 63.85
CA VAL O 15 38.64 58.05 64.16
C VAL O 15 38.39 57.53 65.57
N GLY O 16 38.40 56.20 65.72
CA GLY O 16 38.19 55.57 67.00
C GLY O 16 36.76 55.17 67.30
N ASP O 17 35.81 55.56 66.48
CA ASP O 17 34.42 55.23 66.74
C ASP O 17 34.14 53.77 66.38
N ARG O 18 33.15 53.19 67.07
CA ARG O 18 32.68 51.84 66.77
C ARG O 18 31.54 51.93 65.77
N VAL O 19 31.73 51.34 64.59
CA VAL O 19 30.78 51.41 63.48
C VAL O 19 30.12 50.06 63.30
N THR O 20 28.85 50.07 62.88
CA THR O 20 28.11 48.85 62.61
C THR O 20 27.33 48.99 61.31
N ILE O 21 27.94 48.55 60.20
CA ILE O 21 27.33 48.61 58.88
C ILE O 21 26.47 47.36 58.68
N THR O 22 25.21 47.57 58.34
CA THR O 22 24.22 46.50 58.28
C THR O 22 23.83 46.23 56.83
N CYS O 23 24.03 44.99 56.39
CA CYS O 23 23.42 44.47 55.17
C CYS O 23 22.35 43.47 55.58
N ARG O 24 21.11 43.77 55.24
CA ARG O 24 19.97 43.02 55.76
C ARG O 24 19.47 42.06 54.68
N ALA O 25 19.43 40.77 55.02
CA ALA O 25 18.98 39.74 54.09
C ALA O 25 17.46 39.62 54.17
N SER O 26 16.80 39.72 53.00
CA SER O 26 15.35 39.77 52.98
C SER O 26 14.71 38.41 53.22
N GLN O 27 15.29 37.34 52.67
CA GLN O 27 14.77 35.99 52.90
C GLN O 27 15.37 35.29 54.11
N GLY O 28 16.70 35.25 54.22
CA GLY O 28 17.36 34.48 55.26
C GLY O 28 18.16 33.32 54.70
N ILE O 29 19.50 33.48 54.69
CA ILE O 29 20.38 32.50 54.06
C ILE O 29 21.37 31.91 55.05
N SER O 30 21.80 32.67 56.06
CA SER O 30 22.46 32.21 57.28
C SER O 30 23.93 31.84 57.22
N SER O 31 24.53 31.73 56.03
CA SER O 31 25.99 31.62 56.04
C SER O 31 26.66 32.27 54.83
N ASP O 32 25.87 32.84 53.92
CA ASP O 32 26.40 33.23 52.62
C ASP O 32 26.60 34.75 52.49
N LEU O 33 27.57 35.27 53.23
CA LEU O 33 27.92 36.68 53.12
C LEU O 33 29.42 36.86 52.98
N ALA O 34 29.78 37.81 52.11
CA ALA O 34 31.16 38.26 51.93
C ALA O 34 31.19 39.77 51.94
N TRP O 35 32.10 40.34 52.71
CA TRP O 35 32.20 41.77 52.94
C TRP O 35 33.25 42.35 52.01
N TYR O 36 32.83 43.26 51.14
CA TYR O 36 33.69 43.80 50.09
C TYR O 36 33.94 45.28 50.34
N GLN O 37 35.17 45.60 50.72
CA GLN O 37 35.58 46.98 50.90
C GLN O 37 36.27 47.46 49.63
N GLN O 38 35.85 48.62 49.14
CA GLN O 38 36.36 49.16 47.89
C GLN O 38 36.83 50.57 48.11
N LYS O 39 38.14 50.78 48.02
CA LYS O 39 38.67 52.13 48.00
C LYS O 39 38.09 52.87 46.80
N PRO O 40 37.79 54.17 46.96
CA PRO O 40 37.12 54.91 45.88
C PRO O 40 37.84 54.78 44.55
N GLY O 41 37.19 54.12 43.60
CA GLY O 41 37.77 53.85 42.31
C GLY O 41 38.85 52.80 42.29
N LYS O 42 38.77 51.79 43.15
CA LYS O 42 39.81 50.77 43.24
C LYS O 42 39.19 49.38 43.14
N ALA O 43 40.03 48.35 43.35
CA ALA O 43 39.68 46.94 43.34
C ALA O 43 39.23 46.47 44.72
N PRO O 44 38.02 45.93 44.83
CA PRO O 44 37.53 45.46 46.13
C PRO O 44 38.36 44.31 46.67
N ASN O 45 38.16 44.00 47.95
CA ASN O 45 38.91 42.94 48.64
C ASN O 45 37.99 42.26 49.64
N LEU O 46 38.21 40.98 49.90
CA LEU O 46 37.47 40.28 50.94
C LEU O 46 37.85 40.83 52.31
N LEU O 47 36.85 40.95 53.18
CA LEU O 47 37.08 41.34 54.56
C LEU O 47 36.69 40.22 55.52
N ILE O 48 35.43 39.79 55.48
CA ILE O 48 34.94 38.64 56.23
C ILE O 48 34.19 37.74 55.26
N TYR O 49 34.63 36.49 55.14
CA TYR O 49 33.92 35.51 54.35
C TYR O 49 33.18 34.53 55.27
N ALA O 50 32.09 33.97 54.75
CA ALA O 50 31.12 33.19 55.53
C ALA O 50 30.47 34.02 56.64
N ALA O 51 30.58 35.34 56.55
CA ALA O 51 29.87 36.32 57.37
C ALA O 51 30.37 36.42 58.81
N SER O 52 31.27 35.54 59.22
CA SER O 52 31.80 35.61 60.59
C SER O 52 33.30 35.38 60.72
N THR O 53 33.99 34.86 59.70
CA THR O 53 35.38 34.46 59.82
C THR O 53 36.29 35.47 59.14
N LEU O 54 37.46 35.71 59.74
CA LEU O 54 38.37 36.74 59.25
C LEU O 54 39.22 36.22 58.10
N GLN O 55 39.04 36.84 56.93
CA GLN O 55 39.76 36.44 55.74
C GLN O 55 41.23 36.80 55.93
N SER O 56 42.12 35.96 55.41
CA SER O 56 43.54 36.02 55.78
C SER O 56 44.21 37.29 55.29
N GLY O 57 44.94 37.96 56.20
CA GLY O 57 45.61 39.19 55.89
C GLY O 57 44.84 40.44 56.25
N VAL O 58 43.54 40.31 56.52
CA VAL O 58 42.71 41.40 56.99
C VAL O 58 43.12 41.71 58.43
N PRO O 59 43.35 42.98 58.80
CA PRO O 59 43.76 43.27 60.18
C PRO O 59 42.63 43.03 61.16
N SER O 60 43.02 42.72 62.40
CA SER O 60 42.11 42.20 63.42
C SER O 60 41.11 43.21 63.93
N ARG O 61 41.12 44.44 63.43
CA ARG O 61 40.16 45.45 63.84
C ARG O 61 38.82 45.30 63.15
N PHE O 62 38.71 44.39 62.18
CA PHE O 62 37.50 44.18 61.40
C PHE O 62 36.82 42.91 61.89
N SER O 63 35.52 42.98 62.12
CA SER O 63 34.76 41.84 62.60
C SER O 63 33.41 41.78 61.88
N GLY O 64 32.85 40.57 61.80
CA GLY O 64 31.53 40.36 61.24
C GLY O 64 30.69 39.53 62.20
N SER O 65 29.37 39.68 62.09
CA SER O 65 28.46 39.00 62.99
C SER O 65 27.09 38.87 62.33
N GLY O 66 26.29 37.95 62.85
CA GLY O 66 24.94 37.73 62.38
C GLY O 66 24.83 36.43 61.59
N SER O 67 23.63 35.86 61.64
CA SER O 67 23.35 34.62 60.93
C SER O 67 21.86 34.42 60.75
N GLY O 68 21.45 34.04 59.54
CA GLY O 68 20.04 33.86 59.25
C GLY O 68 19.49 34.97 58.40
N THR O 69 18.67 35.84 59.01
CA THR O 69 18.07 36.96 58.32
C THR O 69 18.78 38.27 58.60
N ASP O 70 19.47 38.39 59.74
CA ASP O 70 20.20 39.59 60.13
C ASP O 70 21.68 39.36 59.89
N PHE O 71 22.38 40.43 59.48
CA PHE O 71 23.82 40.42 59.25
C PHE O 71 24.38 41.81 59.51
N THR O 72 25.60 41.88 60.04
CA THR O 72 26.22 43.18 60.33
C THR O 72 27.71 43.16 60.06
N LEU O 73 28.28 44.33 59.78
CA LEU O 73 29.72 44.56 59.75
C LEU O 73 30.07 45.46 60.93
N THR O 74 31.05 45.03 61.73
CA THR O 74 31.48 45.78 62.90
C THR O 74 32.96 46.10 62.80
N ILE O 75 33.30 47.38 62.90
CA ILE O 75 34.68 47.85 62.95
C ILE O 75 34.92 48.35 64.38
N SER O 76 35.86 47.71 65.07
CA SER O 76 36.10 48.02 66.48
C SER O 76 36.78 49.37 66.68
N SER O 77 37.69 49.78 65.80
CA SER O 77 38.41 51.04 65.98
C SER O 77 38.76 51.58 64.59
N LEU O 78 38.20 52.75 64.26
CA LEU O 78 38.38 53.32 62.94
C LEU O 78 39.79 53.84 62.72
N GLN O 79 40.17 53.94 61.45
CA GLN O 79 41.42 54.51 60.99
C GLN O 79 41.11 55.57 59.94
N PRO O 80 42.00 56.55 59.77
CA PRO O 80 41.76 57.58 58.73
C PRO O 80 41.68 57.01 57.33
N GLU O 81 42.28 55.86 57.07
CA GLU O 81 42.21 55.22 55.76
C GLU O 81 41.06 54.22 55.66
N ASP O 82 40.25 54.07 56.70
CA ASP O 82 39.17 53.10 56.71
C ASP O 82 37.92 53.62 55.99
N PHE O 83 38.04 54.70 55.22
CA PHE O 83 36.95 55.17 54.38
C PHE O 83 36.98 54.41 53.06
N ALA O 84 35.81 53.93 52.64
CA ALA O 84 35.67 53.16 51.41
C ALA O 84 34.17 53.02 51.14
N THR O 85 33.85 52.25 50.10
CA THR O 85 32.48 51.82 49.85
C THR O 85 32.43 50.32 50.13
N TYR O 86 31.52 49.92 51.02
CA TYR O 86 31.50 48.58 51.58
C TYR O 86 30.34 47.79 50.99
N TYR O 87 30.65 46.64 50.40
CA TYR O 87 29.66 45.82 49.72
C TYR O 87 29.38 44.55 50.51
N CYS O 88 28.15 44.08 50.44
CA CYS O 88 27.77 42.76 50.88
C CYS O 88 27.34 41.91 49.68
N GLN O 89 27.70 40.62 49.69
CA GLN O 89 27.42 39.75 48.57
C GLN O 89 26.77 38.45 49.03
N GLN O 90 25.85 37.95 48.20
CA GLN O 90 25.26 36.62 48.40
C GLN O 90 26.25 35.56 47.94
N LEU O 91 26.76 34.78 48.88
CA LEU O 91 27.59 33.65 48.53
C LEU O 91 26.72 32.44 48.16
N ASN O 92 27.35 31.44 47.54
CA ASN O 92 26.69 30.18 47.20
C ASN O 92 25.40 30.39 46.42
N SER O 93 25.40 31.34 45.50
CA SER O 93 24.22 31.75 44.78
C SER O 93 24.38 31.51 43.28
N ASP O 94 23.39 31.96 42.53
CA ASP O 94 23.40 31.87 41.08
C ASP O 94 23.59 33.22 40.38
N LEU O 95 23.09 34.31 40.96
CA LEU O 95 23.28 35.63 40.42
C LEU O 95 24.29 36.46 41.20
N TYR O 96 24.73 35.97 42.36
CA TYR O 96 25.74 36.64 43.18
C TYR O 96 25.34 38.09 43.48
N THR O 97 24.12 38.23 44.00
CA THR O 97 23.52 39.54 44.22
C THR O 97 24.34 40.33 45.23
N PHE O 98 24.64 41.59 44.92
CA PHE O 98 25.31 42.50 45.82
C PHE O 98 24.30 43.43 46.48
N GLY O 99 24.80 44.23 47.43
CA GLY O 99 24.04 45.34 47.97
C GLY O 99 24.27 46.61 47.16
N GLN O 100 23.61 47.68 47.59
CA GLN O 100 23.75 48.95 46.90
C GLN O 100 25.09 49.63 47.21
N GLY O 101 25.62 49.40 48.42
CA GLY O 101 26.90 49.98 48.79
C GLY O 101 26.79 51.05 49.86
N THR O 102 27.59 50.93 50.92
CA THR O 102 27.61 51.90 52.00
C THR O 102 28.95 52.63 51.99
N LYS O 103 28.90 53.95 51.91
CA LYS O 103 30.11 54.76 51.81
C LYS O 103 30.45 55.35 53.17
N LEU O 104 31.26 54.64 53.94
CA LEU O 104 31.80 55.19 55.17
C LEU O 104 32.67 56.39 54.83
N GLU O 105 32.65 57.40 55.70
CA GLU O 105 33.44 58.62 55.54
C GLU O 105 34.19 58.93 56.82
N ILE O 106 35.50 59.14 56.69
CA ILE O 106 36.30 59.63 57.81
C ILE O 106 36.02 61.12 57.92
N LYS O 107 35.09 61.47 58.79
CA LYS O 107 34.46 62.79 58.81
C LYS O 107 34.86 63.56 60.06
N VAL P 2 19.00 16.98 -70.06
CA VAL P 2 19.09 18.37 -69.62
C VAL P 2 19.68 19.29 -70.67
N GLN P 3 19.58 20.59 -70.41
CA GLN P 3 20.11 21.63 -71.29
C GLN P 3 21.24 22.32 -70.55
N LEU P 4 22.43 22.32 -71.14
CA LEU P 4 23.66 22.72 -70.47
C LEU P 4 24.21 24.02 -71.05
N VAL P 5 24.61 24.91 -70.16
CA VAL P 5 25.24 26.18 -70.51
C VAL P 5 26.48 26.34 -69.63
N GLU P 6 27.62 26.67 -70.24
CA GLU P 6 28.84 26.91 -69.50
C GLU P 6 29.14 28.40 -69.40
N SER P 7 30.05 28.74 -68.48
CA SER P 7 30.47 30.13 -68.27
C SER P 7 31.82 30.14 -67.58
N GLY P 8 32.47 31.30 -67.59
CA GLY P 8 33.68 31.54 -66.84
C GLY P 8 34.96 31.71 -67.65
N GLY P 9 34.98 31.30 -68.92
CA GLY P 9 36.17 31.41 -69.74
C GLY P 9 36.48 32.85 -70.10
N GLY P 10 37.74 33.24 -69.90
CA GLY P 10 38.15 34.61 -70.17
C GLY P 10 39.64 34.74 -70.37
N LEU P 11 40.09 36.00 -70.45
CA LEU P 11 41.50 36.30 -70.64
C LEU P 11 42.24 36.33 -69.31
N VAL P 12 43.19 35.41 -69.15
CA VAL P 12 44.05 35.34 -67.97
C VAL P 12 45.48 35.11 -68.45
N LYS P 13 46.45 35.49 -67.60
CA LYS P 13 47.84 35.27 -67.92
C LYS P 13 48.32 33.96 -67.31
N PRO P 14 49.42 33.38 -67.82
CA PRO P 14 49.88 32.08 -67.33
C PRO P 14 50.10 32.09 -65.82
N GLY P 15 49.69 30.99 -65.17
CA GLY P 15 49.78 30.87 -63.74
C GLY P 15 48.57 31.40 -62.99
N GLY P 16 47.63 32.04 -63.68
CA GLY P 16 46.49 32.65 -63.05
C GLY P 16 45.46 31.63 -62.61
N SER P 17 44.33 32.16 -62.13
CA SER P 17 43.27 31.32 -61.60
C SER P 17 41.97 31.61 -62.34
N LEU P 18 41.24 30.53 -62.62
CA LEU P 18 39.89 30.62 -63.17
C LEU P 18 38.99 29.63 -62.44
N ARG P 19 37.70 29.73 -62.72
CA ARG P 19 36.71 28.81 -62.17
C ARG P 19 35.56 28.72 -63.16
N LEU P 20 35.58 27.70 -64.01
CA LEU P 20 34.52 27.55 -64.99
C LEU P 20 33.25 27.03 -64.33
N SER P 21 32.24 26.80 -65.16
CA SER P 21 30.95 26.33 -64.69
C SER P 21 30.22 25.64 -65.84
N CYS P 22 29.19 24.89 -65.49
CA CYS P 22 28.31 24.25 -66.46
C CYS P 22 26.97 24.04 -65.77
N ALA P 23 26.01 24.93 -66.03
CA ALA P 23 24.73 24.92 -65.35
C ALA P 23 23.73 24.07 -66.12
N ALA P 24 22.85 23.40 -65.39
CA ALA P 24 21.85 22.54 -65.97
C ALA P 24 20.47 23.21 -65.94
N SER P 25 19.60 22.78 -66.86
CA SER P 25 18.24 23.32 -66.90
C SER P 25 17.33 22.59 -65.93
N GLU P 26 17.29 21.26 -66.04
CA GLU P 26 16.41 20.41 -65.22
C GLU P 26 17.18 19.87 -64.04
N PHE P 27 16.48 19.12 -63.18
CA PHE P 27 17.10 18.42 -62.06
C PHE P 27 17.51 17.00 -62.41
N THR P 28 17.34 16.58 -63.66
CA THR P 28 17.85 15.29 -64.12
C THR P 28 19.38 15.26 -64.09
N PHE P 29 20.01 16.43 -63.98
CA PHE P 29 21.44 16.55 -63.74
C PHE P 29 21.96 15.59 -62.67
N SER P 30 21.13 15.28 -61.66
CA SER P 30 21.58 14.45 -60.54
C SER P 30 21.98 13.05 -60.99
N SER P 31 21.39 12.57 -62.08
CA SER P 31 21.60 11.19 -62.52
C SER P 31 22.75 11.05 -63.51
N TYR P 32 23.51 12.12 -63.76
CA TYR P 32 24.52 12.12 -64.79
C TYR P 32 25.90 12.32 -64.18
N SER P 33 26.82 11.41 -64.49
CA SER P 33 28.22 11.63 -64.16
C SER P 33 28.84 12.55 -65.19
N MET P 34 29.42 13.65 -64.71
CA MET P 34 29.92 14.72 -65.56
C MET P 34 31.35 14.49 -65.98
N ASN P 35 31.68 15.00 -67.15
CA ASN P 35 33.04 14.97 -67.68
C ASN P 35 33.38 16.35 -68.19
N TRP P 36 34.64 16.75 -68.02
CA TRP P 36 35.16 17.98 -68.61
C TRP P 36 36.07 17.61 -69.77
N VAL P 37 35.76 18.15 -70.95
CA VAL P 37 36.52 17.88 -72.16
C VAL P 37 36.89 19.21 -72.80
N ARG P 38 38.17 19.43 -73.02
CA ARG P 38 38.65 20.66 -73.63
C ARG P 38 38.98 20.41 -75.10
N GLN P 39 38.68 21.40 -75.93
CA GLN P 39 38.92 21.31 -77.37
C GLN P 39 39.98 22.34 -77.73
N ALA P 40 41.06 21.88 -78.35
CA ALA P 40 42.14 22.78 -78.73
C ALA P 40 41.69 23.69 -79.87
N PRO P 41 42.25 24.89 -79.97
CA PRO P 41 41.91 25.76 -81.11
C PRO P 41 42.30 25.19 -82.46
N GLY P 42 43.24 24.24 -82.51
CA GLY P 42 43.67 23.66 -83.77
C GLY P 42 43.51 22.16 -83.85
N LYS P 43 43.24 21.51 -82.72
CA LYS P 43 43.07 20.07 -82.67
C LYS P 43 41.69 19.73 -82.10
N GLY P 44 41.48 18.44 -81.88
CA GLY P 44 40.22 17.93 -81.38
C GLY P 44 40.07 18.10 -79.89
N LEU P 45 39.68 17.00 -79.24
CA LEU P 45 39.23 17.07 -77.85
C LEU P 45 40.25 16.42 -76.93
N GLU P 46 40.26 16.86 -75.67
CA GLU P 46 41.01 16.22 -74.60
C GLU P 46 40.09 15.99 -73.43
N TRP P 47 40.13 14.80 -72.85
CA TRP P 47 39.44 14.58 -71.58
C TRP P 47 40.22 15.24 -70.45
N VAL P 48 39.53 16.09 -69.68
CA VAL P 48 40.14 16.82 -68.58
C VAL P 48 39.93 16.11 -67.25
N SER P 49 38.68 15.91 -66.87
CA SER P 49 38.36 15.28 -65.59
C SER P 49 37.01 14.59 -65.70
N SER P 50 36.56 14.06 -64.57
CA SER P 50 35.27 13.38 -64.51
C SER P 50 34.86 13.28 -63.05
N ILE P 51 33.56 13.21 -62.82
CA ILE P 51 33.01 13.11 -61.48
C ILE P 51 31.81 12.18 -61.52
N SER P 52 31.56 11.50 -60.42
CA SER P 52 30.44 10.57 -60.32
C SER P 52 29.14 11.33 -60.07
N SER P 53 28.03 10.61 -60.16
CA SER P 53 26.74 11.21 -59.87
C SER P 53 26.66 11.68 -58.42
N SER P 54 27.17 10.87 -57.50
CA SER P 54 27.27 11.28 -56.10
C SER P 54 28.41 12.26 -55.86
N GLY P 55 29.39 12.32 -56.76
CA GLY P 55 30.52 13.20 -56.60
C GLY P 55 31.67 12.65 -55.78
N SER P 56 31.61 11.38 -55.39
CA SER P 56 32.65 10.77 -54.58
C SER P 56 33.68 9.98 -55.38
N GLN P 57 33.55 9.95 -56.71
CA GLN P 57 34.47 9.23 -57.57
C GLN P 57 35.03 10.22 -58.58
N ILE P 58 36.15 10.86 -58.23
CA ILE P 58 36.71 11.98 -58.97
C ILE P 58 38.04 11.55 -59.57
N TYR P 59 38.20 11.78 -60.87
CA TYR P 59 39.42 11.40 -61.58
C TYR P 59 39.89 12.56 -62.45
N TYR P 60 41.20 12.62 -62.68
CA TYR P 60 41.79 13.67 -63.51
C TYR P 60 42.73 13.06 -64.54
N ALA P 61 42.97 13.81 -65.61
CA ALA P 61 43.99 13.46 -66.58
C ALA P 61 45.38 13.65 -65.98
N ASP P 62 46.34 12.89 -66.52
CA ASP P 62 47.70 12.93 -65.97
C ASP P 62 48.30 14.33 -66.05
N SER P 63 47.96 15.08 -67.09
CA SER P 63 48.56 16.40 -67.28
C SER P 63 47.97 17.47 -66.38
N VAL P 64 46.93 17.17 -65.59
CA VAL P 64 46.18 18.22 -64.90
C VAL P 64 45.97 17.97 -63.42
N LYS P 65 46.37 16.82 -62.86
CA LYS P 65 46.11 16.63 -61.44
C LYS P 65 47.01 17.56 -60.63
N GLY P 66 46.54 17.92 -59.43
CA GLY P 66 47.24 18.88 -58.60
C GLY P 66 46.97 20.33 -58.96
N ARG P 67 46.29 20.58 -60.07
CA ARG P 67 45.93 21.92 -60.51
C ARG P 67 44.44 22.16 -60.50
N PHE P 68 43.67 21.30 -61.17
CA PHE P 68 42.24 21.49 -61.31
C PHE P 68 41.48 20.78 -60.20
N THR P 69 40.27 21.27 -59.92
CA THR P 69 39.42 20.72 -58.87
C THR P 69 37.97 20.73 -59.37
N ILE P 70 37.52 19.61 -59.89
CA ILE P 70 36.13 19.47 -60.31
C ILE P 70 35.25 19.28 -59.08
N SER P 71 34.08 19.92 -59.11
CA SER P 71 33.10 19.75 -58.06
C SER P 71 31.73 20.05 -58.64
N ARG P 72 30.70 19.56 -57.97
CA ARG P 72 29.33 19.70 -58.45
C ARG P 72 28.40 19.98 -57.28
N ASP P 73 27.13 20.25 -57.62
CA ASP P 73 26.09 20.45 -56.60
C ASP P 73 24.75 20.06 -57.21
N ASN P 74 24.34 18.81 -57.00
CA ASN P 74 23.10 18.30 -57.57
C ASN P 74 21.87 19.09 -57.15
N ALA P 75 21.86 19.66 -55.94
CA ALA P 75 20.76 20.53 -55.55
C ALA P 75 20.85 21.89 -56.22
N LYS P 76 22.05 22.35 -56.57
CA LYS P 76 22.25 23.58 -57.30
C LYS P 76 22.26 23.40 -58.81
N LYS P 77 22.14 22.16 -59.28
CA LYS P 77 22.24 21.81 -60.71
C LYS P 77 23.36 22.59 -61.40
N SER P 78 24.54 22.54 -60.80
CA SER P 78 25.71 23.19 -61.35
C SER P 78 26.92 22.27 -61.29
N LEU P 79 27.83 22.47 -62.23
CA LEU P 79 29.12 21.79 -62.28
C LEU P 79 30.22 22.82 -62.43
N TYR P 80 31.22 22.73 -61.56
CA TYR P 80 32.34 23.67 -61.54
C TYR P 80 33.62 22.94 -61.91
N LEU P 81 34.67 23.73 -62.12
CA LEU P 81 36.02 23.24 -62.40
C LEU P 81 37.01 24.31 -61.99
N GLN P 82 37.59 24.17 -60.80
CA GLN P 82 38.62 25.09 -60.34
C GLN P 82 39.83 24.96 -61.24
N MET P 83 40.44 26.09 -61.56
CA MET P 83 41.33 26.21 -62.70
C MET P 83 42.55 27.01 -62.26
N ASN P 84 43.44 26.33 -61.55
CA ASN P 84 44.58 26.95 -60.91
C ASN P 84 45.84 26.51 -61.62
N SER P 85 46.84 27.38 -61.53
CA SER P 85 48.09 27.26 -62.28
C SER P 85 47.78 27.07 -63.76
N LEU P 86 46.88 27.92 -64.27
CA LEU P 86 46.59 27.94 -65.70
C LEU P 86 47.86 28.16 -66.50
N ARG P 87 48.16 27.22 -67.37
CA ARG P 87 49.55 27.15 -67.74
C ARG P 87 49.55 27.10 -69.27
N VAL P 88 50.73 27.11 -69.89
CA VAL P 88 50.84 27.63 -71.27
C VAL P 88 49.89 26.93 -72.26
N GLU P 89 49.77 25.61 -72.20
CA GLU P 89 48.89 24.97 -73.18
C GLU P 89 47.45 24.78 -72.72
N ASP P 90 46.97 25.51 -71.71
CA ASP P 90 45.60 25.30 -71.28
C ASP P 90 44.58 26.11 -72.08
N THR P 91 45.02 26.91 -73.05
CA THR P 91 44.08 27.67 -73.86
C THR P 91 43.32 26.73 -74.80
N ALA P 92 41.99 26.76 -74.71
CA ALA P 92 41.14 25.78 -75.39
C ALA P 92 39.69 26.20 -75.24
N VAL P 93 38.79 25.37 -75.78
CA VAL P 93 37.36 25.48 -75.52
C VAL P 93 36.92 24.23 -74.78
N TYR P 94 36.29 24.42 -73.62
CA TYR P 94 35.98 23.32 -72.71
C TYR P 94 34.52 22.90 -72.88
N TYR P 95 34.29 21.59 -72.92
CA TYR P 95 32.95 21.04 -73.03
C TYR P 95 32.61 20.26 -71.77
N CYS P 96 31.40 20.47 -71.23
CA CYS P 96 30.88 19.68 -70.13
C CYS P 96 29.91 18.66 -70.71
N ALA P 97 30.24 17.37 -70.53
CA ALA P 97 29.48 16.29 -71.14
C ALA P 97 29.10 15.26 -70.10
N THR P 98 27.83 14.88 -70.11
CA THR P 98 27.28 13.90 -69.18
C THR P 98 27.59 12.50 -69.67
N ASN P 99 27.78 11.56 -68.74
CA ASN P 99 28.01 10.18 -69.12
C ASN P 99 26.75 9.33 -68.99
N GLY P 100 26.03 9.50 -67.89
CA GLY P 100 24.84 8.70 -67.63
C GLY P 100 25.11 7.60 -66.63
N GLY P 101 26.27 6.96 -66.74
CA GLY P 101 26.67 5.98 -65.75
C GLY P 101 26.84 6.59 -64.37
N ALA P 102 26.23 5.96 -63.38
CA ALA P 102 26.22 6.50 -62.03
C ALA P 102 27.61 6.53 -61.41
N HIS P 103 28.44 5.52 -61.66
CA HIS P 103 29.73 5.39 -61.02
C HIS P 103 30.80 5.06 -62.07
N SER P 104 32.06 5.23 -61.68
CA SER P 104 33.16 5.04 -62.62
C SER P 104 33.22 3.61 -63.15
N SER P 105 32.62 2.65 -62.44
CA SER P 105 32.63 1.27 -62.92
C SER P 105 31.70 1.06 -64.11
N THR P 106 30.72 1.95 -64.32
CA THR P 106 29.78 1.82 -65.43
C THR P 106 30.00 2.86 -66.52
N TRP P 107 31.11 3.59 -66.50
CA TRP P 107 31.34 4.62 -67.51
C TRP P 107 31.58 4.03 -68.88
N SER P 108 32.24 2.86 -68.93
CA SER P 108 32.53 2.22 -70.21
C SER P 108 31.28 1.72 -70.92
N PHE P 109 30.15 1.62 -70.24
CA PHE P 109 28.91 1.15 -70.84
C PHE P 109 28.09 2.28 -71.46
N TYR P 110 28.61 3.49 -71.44
CA TYR P 110 27.89 4.66 -71.93
C TYR P 110 28.83 5.50 -72.78
N GLY P 111 28.35 6.68 -73.16
CA GLY P 111 29.15 7.68 -73.83
C GLY P 111 28.69 9.07 -73.44
N MET P 112 29.54 10.05 -73.72
CA MET P 112 29.19 11.44 -73.41
C MET P 112 28.18 11.99 -74.40
N ASP P 113 26.92 12.14 -73.97
CA ASP P 113 25.84 12.42 -74.90
C ASP P 113 25.45 13.90 -74.96
N VAL P 114 25.30 14.57 -73.81
CA VAL P 114 24.79 15.93 -73.77
C VAL P 114 25.95 16.88 -73.53
N TRP P 115 26.29 17.66 -74.55
CA TRP P 115 27.34 18.66 -74.48
C TRP P 115 26.70 20.03 -74.50
N GLY P 116 27.19 20.93 -73.65
CA GLY P 116 26.74 22.31 -73.70
C GLY P 116 27.58 23.12 -74.68
N GLN P 117 27.18 24.36 -74.89
CA GLN P 117 28.01 25.28 -75.67
C GLN P 117 29.31 25.53 -74.93
N GLY P 118 30.42 25.34 -75.62
CA GLY P 118 31.72 25.46 -74.97
C GLY P 118 32.03 26.89 -74.56
N THR P 119 33.00 27.00 -73.64
CA THR P 119 33.46 28.28 -73.16
C THR P 119 34.94 28.42 -73.50
N THR P 120 35.31 29.58 -74.06
CA THR P 120 36.66 29.78 -74.55
C THR P 120 37.55 30.26 -73.41
N VAL P 121 38.67 29.58 -73.21
CA VAL P 121 39.66 29.95 -72.21
C VAL P 121 40.95 30.27 -72.93
N THR P 122 41.55 31.40 -72.61
CA THR P 122 42.77 31.86 -73.26
C THR P 122 43.80 32.24 -72.20
N VAL P 123 45.00 31.69 -72.29
CA VAL P 123 46.09 32.04 -71.39
C VAL P 123 47.22 32.57 -72.28
N SER P 124 47.76 33.73 -71.93
CA SER P 124 48.80 34.36 -72.73
C SER P 124 49.29 35.61 -72.01
N SER P 125 50.52 36.01 -72.29
CA SER P 125 51.10 37.18 -71.63
C SER P 125 50.75 38.46 -72.40
N VAL Q 2 55.10 -22.61 45.87
CA VAL Q 2 55.85 -21.44 45.43
C VAL Q 2 57.12 -21.22 46.22
N GLN Q 3 57.95 -20.30 45.73
CA GLN Q 3 59.21 -19.93 46.37
C GLN Q 3 59.08 -18.50 46.84
N LEU Q 4 59.27 -18.28 48.14
CA LEU Q 4 58.95 -17.01 48.78
C LEU Q 4 60.21 -16.29 49.24
N VAL Q 5 60.26 -14.99 48.97
CA VAL Q 5 61.34 -14.10 49.40
C VAL Q 5 60.70 -12.86 50.01
N GLU Q 6 61.17 -12.47 51.19
CA GLU Q 6 60.67 -11.25 51.83
C GLU Q 6 61.70 -10.12 51.72
N SER Q 7 61.23 -8.91 51.99
CA SER Q 7 62.07 -7.71 51.94
C SER Q 7 61.42 -6.61 52.77
N GLY Q 8 62.21 -5.58 53.07
CA GLY Q 8 61.71 -4.38 53.71
C GLY Q 8 62.16 -4.13 55.13
N GLY Q 9 62.65 -5.15 55.84
CA GLY Q 9 63.07 -4.99 57.22
C GLY Q 9 64.33 -4.16 57.35
N GLY Q 10 64.30 -3.17 58.25
CA GLY Q 10 65.45 -2.30 58.42
C GLY Q 10 65.44 -1.60 59.75
N LEU Q 11 66.37 -0.65 59.90
CA LEU Q 11 66.50 0.12 61.13
C LEU Q 11 65.55 1.32 61.13
N VAL Q 12 64.61 1.31 62.08
CA VAL Q 12 63.67 2.42 62.27
C VAL Q 12 63.57 2.69 63.76
N LYS Q 13 63.17 3.92 64.10
CA LYS Q 13 62.99 4.29 65.49
C LYS Q 13 61.52 4.08 65.91
N PRO Q 14 61.26 3.95 67.21
CA PRO Q 14 59.88 3.67 67.66
C PRO Q 14 58.90 4.71 67.13
N GLY Q 15 57.72 4.23 66.72
CA GLY Q 15 56.70 5.07 66.15
C GLY Q 15 56.82 5.27 64.64
N GLY Q 16 57.88 4.76 64.03
CA GLY Q 16 58.12 4.97 62.62
C GLY Q 16 57.24 4.09 61.75
N SER Q 17 57.50 4.16 60.45
CA SER Q 17 56.70 3.44 59.48
C SER Q 17 57.59 2.51 58.66
N LEU Q 18 57.08 1.31 58.40
CA LEU Q 18 57.70 0.37 57.49
C LEU Q 18 56.64 -0.24 56.60
N ARG Q 19 57.08 -0.99 55.59
CA ARG Q 19 56.20 -1.71 54.69
C ARG Q 19 56.95 -2.95 54.20
N LEU Q 20 56.71 -4.08 54.84
CA LEU Q 20 57.39 -5.30 54.42
C LEU Q 20 56.79 -5.85 53.14
N SER Q 21 57.30 -6.99 52.72
CA SER Q 21 56.85 -7.64 51.50
C SER Q 21 57.17 -9.12 51.57
N CYS Q 22 56.54 -9.89 50.69
CA CYS Q 22 56.83 -11.32 50.54
C CYS Q 22 56.43 -11.69 49.11
N ALA Q 23 57.43 -11.76 48.23
CA ALA Q 23 57.19 -11.99 46.80
C ALA Q 23 57.18 -13.48 46.50
N ALA Q 24 56.36 -13.88 45.55
CA ALA Q 24 56.24 -15.28 45.15
C ALA Q 24 56.93 -15.52 43.82
N SER Q 25 57.34 -16.78 43.61
CA SER Q 25 57.98 -17.14 42.35
C SER Q 25 56.96 -17.45 41.27
N GLU Q 26 56.03 -18.36 41.56
CA GLU Q 26 55.02 -18.82 40.63
C GLU Q 26 53.72 -18.05 40.85
N PHE Q 27 52.73 -18.34 40.01
CA PHE Q 27 51.39 -17.79 40.16
C PHE Q 27 50.47 -18.67 40.99
N THR Q 28 50.98 -19.78 41.53
CA THR Q 28 50.22 -20.60 42.46
C THR Q 28 49.94 -19.85 43.77
N PHE Q 29 50.65 -18.75 43.99
CA PHE Q 29 50.36 -17.81 45.08
C PHE Q 29 48.87 -17.51 45.22
N SER Q 30 48.13 -17.48 44.11
CA SER Q 30 46.72 -17.09 44.15
C SER Q 30 45.90 -18.04 45.01
N SER Q 31 46.30 -19.30 45.12
CA SER Q 31 45.52 -20.31 45.81
C SER Q 31 45.86 -20.43 47.29
N TYR Q 32 46.70 -19.54 47.82
CA TYR Q 32 47.21 -19.68 49.17
C TYR Q 32 46.75 -18.50 50.02
N SER Q 33 46.11 -18.79 51.15
CA SER Q 33 45.85 -17.77 52.14
C SER Q 33 47.11 -17.50 52.96
N MET Q 34 47.53 -16.25 52.98
CA MET Q 34 48.80 -15.86 53.57
C MET Q 34 48.67 -15.55 55.05
N ASN Q 35 49.75 -15.79 55.77
CA ASN Q 35 49.86 -15.46 57.19
C ASN Q 35 51.17 -14.74 57.42
N TRP Q 36 51.16 -13.77 58.32
CA TRP Q 36 52.38 -13.12 58.78
C TRP Q 36 52.70 -13.60 60.19
N VAL Q 37 53.90 -14.13 60.35
CA VAL Q 37 54.35 -14.67 61.63
C VAL Q 37 55.71 -14.05 61.95
N ARG Q 38 55.81 -13.41 63.11
CA ARG Q 38 57.06 -12.79 63.54
C ARG Q 38 57.74 -13.68 64.57
N GLN Q 39 59.07 -13.72 64.49
CA GLN Q 39 59.88 -14.54 65.39
C GLN Q 39 60.72 -13.59 66.24
N ALA Q 40 60.61 -13.72 67.55
CA ALA Q 40 61.35 -12.86 68.45
C ALA Q 40 62.84 -13.22 68.40
N PRO Q 41 63.73 -12.26 68.66
CA PRO Q 41 65.16 -12.58 68.72
C PRO Q 41 65.52 -13.57 69.82
N GLY Q 42 64.69 -13.72 70.85
CA GLY Q 42 64.99 -14.63 71.93
C GLY Q 42 63.93 -15.68 72.17
N LYS Q 43 62.77 -15.53 71.54
CA LYS Q 43 61.68 -16.48 71.69
C LYS Q 43 61.28 -17.03 70.33
N GLY Q 44 60.18 -17.79 70.32
CA GLY Q 44 59.69 -18.43 69.12
C GLY Q 44 58.89 -17.49 68.26
N LEU Q 45 57.71 -17.97 67.85
CA LEU Q 45 56.95 -17.30 66.81
C LEU Q 45 55.70 -16.63 67.39
N GLU Q 46 55.24 -15.59 66.70
CA GLU Q 46 53.95 -14.96 66.99
C GLU Q 46 53.18 -14.84 65.69
N TRP Q 47 51.90 -15.20 65.71
CA TRP Q 47 51.04 -14.91 64.58
C TRP Q 47 50.70 -13.42 64.57
N VAL Q 48 50.95 -12.77 63.44
CA VAL Q 48 50.70 -11.34 63.27
C VAL Q 48 49.35 -11.08 62.62
N SER Q 49 49.15 -11.59 61.41
CA SER Q 49 47.92 -11.35 60.68
C SER Q 49 47.68 -12.52 59.74
N SER Q 50 46.63 -12.39 58.94
CA SER Q 50 46.28 -13.40 57.95
C SER Q 50 45.34 -12.78 56.94
N ILE Q 51 45.35 -13.33 55.73
CA ILE Q 51 44.50 -12.84 54.65
C ILE Q 51 44.02 -14.04 53.84
N SER Q 52 42.84 -13.91 53.27
CA SER Q 52 42.25 -14.97 52.47
C SER Q 52 42.87 -14.99 51.07
N SER Q 53 42.56 -16.05 50.33
CA SER Q 53 43.03 -16.15 48.95
C SER Q 53 42.48 -15.00 48.11
N SER Q 54 41.19 -14.68 48.28
CA SER Q 54 40.60 -13.53 47.61
C SER Q 54 41.00 -12.21 48.26
N GLY Q 55 41.47 -12.24 49.51
CA GLY Q 55 41.85 -11.04 50.21
C GLY Q 55 40.73 -10.32 50.93
N SER Q 56 39.53 -10.89 50.97
CA SER Q 56 38.39 -10.26 51.61
C SER Q 56 38.16 -10.73 53.03
N GLN Q 57 38.99 -11.62 53.56
CA GLN Q 57 38.85 -12.14 54.92
C GLN Q 57 40.16 -11.86 55.65
N ILE Q 58 40.24 -10.70 56.30
CA ILE Q 58 41.47 -10.18 56.88
C ILE Q 58 41.32 -10.15 58.39
N TYR Q 59 42.30 -10.72 59.10
CA TYR Q 59 42.27 -10.79 60.55
C TYR Q 59 43.63 -10.37 61.10
N TYR Q 60 43.62 -9.83 62.32
CA TYR Q 60 44.83 -9.39 62.98
C TYR Q 60 44.88 -9.92 64.41
N ALA Q 61 46.10 -10.00 64.95
CA ALA Q 61 46.29 -10.31 66.36
C ALA Q 61 45.84 -9.13 67.22
N ASP Q 62 45.45 -9.45 68.46
CA ASP Q 62 44.92 -8.42 69.35
C ASP Q 62 45.93 -7.31 69.60
N SER Q 63 47.21 -7.64 69.64
CA SER Q 63 48.22 -6.65 69.95
C SER Q 63 48.56 -5.72 68.78
N VAL Q 64 47.99 -5.94 67.59
CA VAL Q 64 48.46 -5.25 66.40
C VAL Q 64 47.37 -4.60 65.57
N LYS Q 65 46.08 -4.77 65.90
CA LYS Q 65 45.07 -4.16 65.05
C LYS Q 65 45.11 -2.64 65.24
N GLY Q 66 44.69 -1.91 64.20
CA GLY Q 66 44.78 -0.47 64.20
C GLY Q 66 46.14 0.08 63.81
N ARG Q 67 47.14 -0.79 63.69
CA ARG Q 67 48.49 -0.40 63.31
C ARG Q 67 48.90 -0.99 61.96
N PHE Q 68 48.81 -2.30 61.82
CA PHE Q 68 49.26 -2.99 60.61
C PHE Q 68 48.14 -3.12 59.60
N THR Q 69 48.52 -3.25 58.33
CA THR Q 69 47.57 -3.38 57.23
C THR Q 69 48.13 -4.38 56.22
N ILE Q 70 47.69 -5.63 56.34
CA ILE Q 70 48.06 -6.66 55.37
C ILE Q 70 47.29 -6.45 54.08
N SER Q 71 47.96 -6.66 52.96
CA SER Q 71 47.33 -6.59 51.66
C SER Q 71 48.14 -7.46 50.70
N ARG Q 72 47.49 -7.85 49.60
CA ARG Q 72 48.12 -8.74 48.64
C ARG Q 72 47.74 -8.31 47.23
N ASP Q 73 48.35 -8.98 46.24
CA ASP Q 73 48.02 -8.74 44.84
C ASP Q 73 48.32 -10.02 44.06
N ASN Q 74 47.30 -10.87 43.88
CA ASN Q 74 47.49 -12.16 43.21
C ASN Q 74 48.01 -12.01 41.79
N ALA Q 75 47.67 -10.93 41.08
CA ALA Q 75 48.25 -10.70 39.76
C ALA Q 75 49.70 -10.22 39.85
N LYS Q 76 50.06 -9.55 40.95
CA LYS Q 76 51.43 -9.13 41.20
C LYS Q 76 52.26 -10.17 41.95
N LYS Q 77 51.64 -11.29 42.34
CA LYS Q 77 52.26 -12.32 43.17
C LYS Q 77 53.12 -11.71 44.29
N SER Q 78 52.51 -10.78 45.02
CA SER Q 78 53.18 -10.14 46.14
C SER Q 78 52.24 -10.07 47.35
N LEU Q 79 52.86 -10.08 48.53
CA LEU Q 79 52.17 -9.89 49.80
C LEU Q 79 52.87 -8.80 50.58
N TYR Q 80 52.10 -7.82 51.05
CA TYR Q 80 52.60 -6.68 51.79
C TYR Q 80 52.09 -6.72 53.22
N LEU Q 81 52.66 -5.84 54.04
CA LEU Q 81 52.26 -5.65 55.44
C LEU Q 81 52.65 -4.24 55.85
N GLN Q 82 51.70 -3.32 55.82
CA GLN Q 82 51.93 -1.95 56.27
C GLN Q 82 52.21 -1.99 57.77
N MET Q 83 53.17 -1.18 58.19
CA MET Q 83 53.85 -1.36 59.46
C MET Q 83 53.99 0.01 60.12
N ASN Q 84 52.88 0.45 60.70
CA ASN Q 84 52.75 1.79 61.23
C ASN Q 84 52.68 1.72 62.75
N SER Q 85 53.12 2.81 63.36
CA SER Q 85 53.31 2.89 64.80
C SER Q 85 54.16 1.71 65.29
N LEU Q 86 55.27 1.49 64.58
CA LEU Q 86 56.24 0.49 64.98
C LEU Q 86 56.72 0.76 66.39
N ARG Q 87 56.52 -0.21 67.28
CA ARG Q 87 56.48 0.22 68.65
C ARG Q 87 57.41 -0.75 69.38
N VAL Q 88 57.63 -0.54 70.69
CA VAL Q 88 58.89 -1.00 71.30
C VAL Q 88 59.14 -2.50 71.11
N GLU Q 89 58.12 -3.35 71.27
CA GLU Q 89 58.41 -4.78 71.14
C GLU Q 89 58.19 -5.33 69.73
N ASP Q 90 58.17 -4.50 68.68
CA ASP Q 90 57.96 -5.04 67.34
C ASP Q 90 59.24 -5.54 66.68
N THR Q 91 60.40 -5.41 67.33
CA THR Q 91 61.64 -5.91 66.75
C THR Q 91 61.65 -7.43 66.74
N ALA Q 92 61.82 -8.02 65.56
CA ALA Q 92 61.64 -9.46 65.37
C ALA Q 92 62.09 -9.82 63.96
N VAL Q 93 61.96 -11.12 63.63
CA VAL Q 93 62.10 -11.60 62.27
C VAL Q 93 60.75 -12.14 61.81
N TYR Q 94 60.25 -11.62 60.69
CA TYR Q 94 58.90 -11.90 60.24
C TYR Q 94 58.92 -12.98 59.16
N TYR Q 95 57.99 -13.93 59.26
CA TYR Q 95 57.85 -15.01 58.29
C TYR Q 95 56.52 -14.89 57.58
N CYS Q 96 56.53 -15.03 56.26
CA CYS Q 96 55.31 -15.11 55.47
C CYS Q 96 55.05 -16.57 55.13
N ALA Q 97 53.93 -17.10 55.60
CA ALA Q 97 53.61 -18.51 55.48
C ALA Q 97 52.23 -18.70 54.90
N THR Q 98 52.15 -19.57 53.89
CA THR Q 98 50.91 -19.88 53.20
C THR Q 98 50.12 -20.90 54.01
N ASN Q 99 48.79 -20.82 53.94
CA ASN Q 99 47.95 -21.79 54.63
C ASN Q 99 47.43 -22.86 53.67
N GLY Q 100 46.97 -22.44 52.49
CA GLY Q 100 46.38 -23.37 51.54
C GLY Q 100 44.87 -23.30 51.54
N GLY Q 101 44.28 -23.18 52.72
CA GLY Q 101 42.85 -23.00 52.81
C GLY Q 101 42.40 -21.70 52.17
N ALA Q 102 41.38 -21.79 51.32
CA ALA Q 102 40.94 -20.63 50.57
C ALA Q 102 40.35 -19.55 51.44
N HIS Q 103 39.62 -19.92 52.49
CA HIS Q 103 38.90 -18.96 53.33
C HIS Q 103 39.16 -19.28 54.80
N SER Q 104 38.84 -18.32 55.66
CA SER Q 104 39.12 -18.46 57.09
C SER Q 104 38.37 -19.63 57.70
N SER Q 105 37.29 -20.09 57.07
CA SER Q 105 36.56 -21.23 57.59
C SER Q 105 37.29 -22.55 57.41
N THR Q 106 38.26 -22.62 56.48
CA THR Q 106 39.01 -23.83 56.23
C THR Q 106 40.46 -23.75 56.70
N TRP Q 107 40.82 -22.74 57.48
CA TRP Q 107 42.21 -22.60 57.92
C TRP Q 107 42.59 -23.68 58.91
N SER Q 108 41.65 -24.11 59.75
CA SER Q 108 41.94 -25.15 60.74
C SER Q 108 42.21 -26.50 60.12
N PHE Q 109 41.87 -26.70 58.85
CA PHE Q 109 42.09 -27.98 58.18
C PHE Q 109 43.47 -28.06 57.52
N TYR Q 110 44.30 -27.04 57.69
CA TYR Q 110 45.60 -26.99 57.05
C TYR Q 110 46.62 -26.51 58.07
N GLY Q 111 47.83 -26.25 57.58
CA GLY Q 111 48.89 -25.65 58.36
C GLY Q 111 49.75 -24.77 57.48
N MET Q 112 50.55 -23.92 58.12
CA MET Q 112 51.45 -23.04 57.37
C MET Q 112 52.66 -23.80 56.85
N ASP Q 113 52.69 -24.07 55.54
CA ASP Q 113 53.67 -25.00 54.99
C ASP Q 113 54.87 -24.32 54.36
N VAL Q 114 54.68 -23.28 53.55
CA VAL Q 114 55.76 -22.65 52.79
C VAL Q 114 56.14 -21.35 53.48
N TRP Q 115 57.33 -21.33 54.06
CA TRP Q 115 57.86 -20.15 54.72
C TRP Q 115 59.02 -19.62 53.87
N GLY Q 116 59.08 -18.30 53.69
CA GLY Q 116 60.22 -17.71 53.03
C GLY Q 116 61.32 -17.39 54.03
N GLN Q 117 62.46 -16.94 53.51
CA GLN Q 117 63.52 -16.44 54.38
C GLN Q 117 63.03 -15.20 55.10
N GLY Q 118 63.15 -15.17 56.42
CA GLY Q 118 62.62 -14.07 57.19
C GLY Q 118 63.38 -12.78 56.95
N THR Q 119 62.74 -11.68 57.31
CA THR Q 119 63.33 -10.34 57.20
C THR Q 119 63.41 -9.74 58.59
N THR Q 120 64.57 -9.19 58.93
CA THR Q 120 64.83 -8.70 60.27
C THR Q 120 64.33 -7.26 60.39
N VAL Q 121 63.51 -7.01 61.40
CA VAL Q 121 62.99 -5.68 61.69
C VAL Q 121 63.49 -5.28 63.08
N THR Q 122 64.05 -4.08 63.17
CA THR Q 122 64.62 -3.60 64.42
C THR Q 122 64.07 -2.21 64.72
N VAL Q 123 63.52 -2.01 65.91
CA VAL Q 123 63.05 -0.70 66.34
C VAL Q 123 63.82 -0.35 67.61
N SER Q 124 64.39 0.85 67.66
CA SER Q 124 65.22 1.26 68.78
C SER Q 124 65.62 2.72 68.59
N SER Q 125 65.91 3.40 69.69
CA SER Q 125 66.28 4.81 69.61
C SER Q 125 67.79 4.97 69.40
N TYR R 2 47.86 4.46 -72.33
CA TYR R 2 47.13 3.81 -73.40
C TYR R 2 46.76 4.82 -74.49
N GLU R 3 47.04 4.47 -75.74
CA GLU R 3 46.78 5.34 -76.87
C GLU R 3 45.92 4.61 -77.91
N LEU R 4 45.09 5.39 -78.58
CA LEU R 4 44.27 4.90 -79.69
C LEU R 4 44.72 5.60 -80.96
N THR R 5 45.00 4.81 -82.00
CA THR R 5 45.59 5.32 -83.23
C THR R 5 44.52 5.35 -84.31
N GLN R 6 44.28 6.53 -84.86
CA GLN R 6 43.36 6.73 -85.97
C GLN R 6 44.11 7.37 -87.13
N PRO R 7 43.84 6.94 -88.36
CA PRO R 7 44.46 7.58 -89.51
C PRO R 7 44.07 9.04 -89.60
N PRO R 8 44.98 9.91 -90.03
CA PRO R 8 44.68 11.36 -90.01
C PRO R 8 43.40 11.73 -90.76
N SER R 9 43.16 11.11 -91.92
CA SER R 9 41.94 11.38 -92.68
C SER R 9 41.79 10.36 -93.80
N VAL R 10 40.54 10.09 -94.16
CA VAL R 10 40.20 9.28 -95.33
C VAL R 10 39.02 9.96 -96.02
N SER R 11 38.84 9.66 -97.31
CA SER R 11 37.80 10.31 -98.10
C SER R 11 37.21 9.32 -99.10
N VAL R 12 35.92 9.45 -99.34
CA VAL R 12 35.20 8.67 -100.35
C VAL R 12 34.23 9.59 -101.07
N SER R 13 33.83 9.18 -102.28
CA SER R 13 32.85 9.95 -103.03
C SER R 13 31.47 9.80 -102.39
N PRO R 14 30.59 10.79 -102.55
CA PRO R 14 29.23 10.67 -101.99
C PRO R 14 28.50 9.47 -102.56
N GLY R 15 27.72 8.82 -101.71
CA GLY R 15 26.99 7.61 -102.09
C GLY R 15 27.78 6.32 -101.93
N GLN R 16 29.04 6.40 -101.52
CA GLN R 16 29.87 5.22 -101.37
C GLN R 16 29.83 4.72 -99.93
N THR R 17 30.67 3.75 -99.60
CA THR R 17 30.77 3.20 -98.26
C THR R 17 32.11 3.57 -97.66
N ALA R 18 32.09 4.16 -96.47
CA ALA R 18 33.30 4.58 -95.79
C ALA R 18 33.72 3.56 -94.74
N THR R 19 35.01 3.55 -94.43
CA THR R 19 35.58 2.61 -93.47
C THR R 19 36.72 3.30 -92.74
N ILE R 20 36.56 3.49 -91.43
CA ILE R 20 37.52 4.21 -90.61
C ILE R 20 37.93 3.32 -89.44
N THR R 21 39.24 3.19 -89.23
CA THR R 21 39.80 2.23 -88.29
C THR R 21 40.31 2.91 -87.02
N CYS R 22 40.43 2.11 -85.96
CA CYS R 22 40.90 2.57 -84.66
C CYS R 22 41.71 1.46 -84.03
N SER R 23 42.97 1.74 -83.68
CA SER R 23 43.90 0.72 -83.23
C SER R 23 44.29 0.95 -81.77
N GLY R 24 44.35 -0.13 -81.01
CA GLY R 24 44.78 -0.08 -79.62
C GLY R 24 45.30 -1.43 -79.19
N ASP R 25 46.05 -1.42 -78.09
CA ASP R 25 46.64 -2.66 -77.59
C ASP R 25 45.55 -3.50 -76.93
N LYS R 26 45.27 -4.67 -77.51
CA LYS R 26 44.21 -5.55 -77.04
C LYS R 26 42.88 -4.78 -76.94
N LEU R 27 42.61 -3.98 -77.97
CA LEU R 27 41.46 -3.10 -77.97
C LEU R 27 40.14 -3.84 -78.19
N GLY R 28 40.20 -5.07 -78.70
CA GLY R 28 38.99 -5.87 -78.83
C GLY R 28 38.45 -6.43 -77.53
N ASP R 29 39.15 -6.20 -76.42
CA ASP R 29 38.68 -6.58 -75.10
C ASP R 29 38.01 -5.43 -74.36
N LYS R 30 37.81 -4.29 -75.03
CA LYS R 30 37.35 -3.07 -74.38
C LYS R 30 36.18 -2.49 -75.16
N TYR R 31 35.45 -1.58 -74.51
CA TYR R 31 34.32 -0.91 -75.14
C TYR R 31 34.76 0.43 -75.73
N ALA R 32 34.40 0.66 -76.99
CA ALA R 32 34.82 1.84 -77.72
C ALA R 32 33.61 2.63 -78.18
N CYS R 33 33.65 3.95 -77.98
CA CYS R 33 32.63 4.85 -78.46
C CYS R 33 33.17 5.71 -79.60
N TRP R 34 32.28 6.09 -80.51
CA TRP R 34 32.64 6.91 -81.66
C TRP R 34 31.77 8.16 -81.71
N TYR R 35 32.36 9.28 -82.11
CA TYR R 35 31.67 10.56 -82.11
C TYR R 35 31.87 11.27 -83.44
N GLN R 36 30.91 12.12 -83.77
CA GLN R 36 30.90 12.91 -84.99
C GLN R 36 31.05 14.38 -84.62
N GLN R 37 32.11 15.01 -85.12
CA GLN R 37 32.32 16.44 -84.92
C GLN R 37 32.36 17.12 -86.28
N ARG R 38 31.21 17.61 -86.71
CA ARG R 38 31.15 18.48 -87.87
C ARG R 38 31.75 19.83 -87.50
N PRO R 39 32.50 20.44 -88.42
CA PRO R 39 33.28 21.64 -88.06
C PRO R 39 32.39 22.75 -87.50
N GLY R 40 32.86 23.36 -86.41
CA GLY R 40 32.08 24.37 -85.73
C GLY R 40 30.97 23.82 -84.85
N GLN R 41 30.99 22.51 -84.54
CA GLN R 41 29.91 21.82 -83.87
C GLN R 41 30.44 21.00 -82.70
N SER R 42 29.66 20.96 -81.64
CA SER R 42 29.92 20.04 -80.55
C SER R 42 29.68 18.61 -81.02
N PRO R 43 30.50 17.65 -80.60
CA PRO R 43 30.38 16.28 -81.10
C PRO R 43 29.11 15.62 -80.61
N VAL R 44 28.72 14.56 -81.33
CA VAL R 44 27.54 13.77 -81.04
C VAL R 44 27.91 12.30 -81.04
N LEU R 45 27.43 11.57 -80.04
CA LEU R 45 27.71 10.14 -79.96
C LEU R 45 26.93 9.41 -81.04
N VAL R 46 27.62 8.52 -81.76
CA VAL R 46 27.00 7.77 -82.84
C VAL R 46 27.15 6.26 -82.70
N ILE R 47 28.14 5.77 -81.97
CA ILE R 47 28.34 4.34 -81.75
C ILE R 47 28.90 4.15 -80.35
N TYR R 48 28.35 3.20 -79.59
CA TYR R 48 28.89 2.82 -78.30
C TYR R 48 28.76 1.31 -78.12
N GLN R 49 29.57 0.79 -77.20
CA GLN R 49 29.62 -0.65 -76.87
C GLN R 49 30.05 -1.49 -78.06
N ASP R 50 30.72 -0.87 -79.04
CA ASP R 50 31.36 -1.53 -80.16
C ASP R 50 30.37 -2.12 -81.15
N SER R 51 29.09 -2.22 -80.78
CA SER R 51 28.08 -2.74 -81.70
C SER R 51 26.76 -2.00 -81.69
N LYS R 52 26.40 -1.30 -80.61
CA LYS R 52 25.07 -0.71 -80.48
C LYS R 52 25.06 0.73 -80.96
N ARG R 53 23.89 1.17 -81.43
CA ARG R 53 23.58 2.39 -82.15
C ARG R 53 22.55 3.22 -81.39
N PRO R 54 22.94 4.41 -80.94
CA PRO R 54 22.04 5.19 -80.08
C PRO R 54 20.79 5.65 -80.81
N SER R 55 19.79 6.00 -80.01
CA SER R 55 18.52 6.50 -80.55
C SER R 55 18.75 7.82 -81.28
N GLY R 56 18.14 7.95 -82.46
CA GLY R 56 18.25 9.14 -83.26
C GLY R 56 19.30 9.08 -84.35
N ILE R 57 19.87 7.91 -84.60
CA ILE R 57 20.97 7.73 -85.57
C ILE R 57 20.51 6.73 -86.62
N PRO R 58 20.65 7.02 -87.91
CA PRO R 58 20.26 6.07 -88.94
C PRO R 58 21.17 4.85 -88.98
N GLU R 59 20.60 3.74 -89.43
CA GLU R 59 21.24 2.43 -89.28
C GLU R 59 22.52 2.27 -90.10
N ARG R 60 22.79 3.19 -91.02
CA ARG R 60 23.99 3.11 -91.84
C ARG R 60 25.28 3.42 -91.08
N PHE R 61 25.17 3.89 -89.84
CA PHE R 61 26.33 4.02 -88.95
C PHE R 61 26.56 2.66 -88.27
N SER R 62 27.42 1.84 -88.87
CA SER R 62 27.72 0.51 -88.37
C SER R 62 29.15 0.45 -87.85
N GLY R 63 29.30 -0.02 -86.60
CA GLY R 63 30.61 -0.16 -86.01
C GLY R 63 30.83 -1.57 -85.49
N SER R 64 32.09 -1.98 -85.53
CA SER R 64 32.47 -3.32 -85.07
C SER R 64 33.87 -3.26 -84.48
N ASN R 65 34.19 -4.26 -83.67
CA ASN R 65 35.47 -4.32 -82.96
C ASN R 65 35.92 -5.77 -82.83
N SER R 66 37.21 -6.00 -83.08
CA SER R 66 37.79 -7.34 -82.93
C SER R 66 39.31 -7.22 -82.93
N GLY R 67 39.97 -7.93 -82.03
CA GLY R 67 41.42 -7.94 -81.97
C GLY R 67 42.02 -6.65 -81.45
N ASN R 68 42.78 -5.94 -82.29
CA ASN R 68 43.39 -4.68 -81.93
C ASN R 68 42.86 -3.51 -82.76
N THR R 69 41.76 -3.71 -83.49
CA THR R 69 41.23 -2.68 -84.38
C THR R 69 39.75 -2.46 -84.09
N ALA R 70 39.36 -1.19 -83.94
CA ALA R 70 37.96 -0.78 -83.90
C ALA R 70 37.63 -0.10 -85.21
N THR R 71 36.53 -0.51 -85.84
CA THR R 71 36.17 -0.02 -87.17
C THR R 71 34.74 0.49 -87.18
N LEU R 72 34.52 1.56 -87.95
CA LEU R 72 33.19 2.09 -88.18
C LEU R 72 32.92 2.10 -89.69
N THR R 73 31.72 1.68 -90.07
CA THR R 73 31.32 1.54 -91.46
C THR R 73 30.14 2.46 -91.75
N ILE R 74 30.25 3.24 -92.82
CA ILE R 74 29.19 4.17 -93.24
C ILE R 74 28.83 3.82 -94.67
N GLY R 75 27.74 3.09 -94.86
CA GLY R 75 27.23 2.83 -96.20
C GLY R 75 26.32 3.95 -96.66
N GLY R 76 26.34 4.22 -97.96
CA GLY R 76 25.57 5.31 -98.51
C GLY R 76 25.96 6.67 -97.95
N THR R 77 27.26 6.94 -97.90
CA THR R 77 27.77 8.20 -97.37
C THR R 77 27.20 9.39 -98.13
N GLN R 78 26.77 10.40 -97.39
CA GLN R 78 26.25 11.63 -97.98
C GLN R 78 27.14 12.82 -97.61
N ALA R 79 26.63 14.01 -97.93
CA ALA R 79 27.40 15.24 -97.77
C ALA R 79 27.77 15.54 -96.32
N MET R 80 26.83 15.43 -95.38
CA MET R 80 27.11 15.83 -94.01
C MET R 80 27.81 14.75 -93.20
N ASP R 81 28.28 13.68 -93.84
CA ASP R 81 29.20 12.75 -93.21
C ASP R 81 30.62 13.28 -93.19
N GLU R 82 30.86 14.44 -93.81
CA GLU R 82 32.13 15.12 -93.78
C GLU R 82 32.34 15.73 -92.40
N ALA R 83 33.03 15.01 -91.51
CA ALA R 83 33.14 15.41 -90.12
C ALA R 83 34.35 14.73 -89.50
N ALA R 84 34.72 15.23 -88.32
CA ALA R 84 35.77 14.60 -87.53
C ALA R 84 35.21 13.44 -86.73
N TYR R 85 35.92 12.32 -86.74
CA TYR R 85 35.43 11.09 -86.15
C TYR R 85 36.43 10.63 -85.10
N PHE R 86 36.01 10.69 -83.83
CA PHE R 86 36.89 10.35 -82.71
C PHE R 86 36.50 9.00 -82.14
N CYS R 87 37.38 8.02 -82.30
CA CYS R 87 37.23 6.75 -81.62
C CYS R 87 37.65 6.91 -80.15
N GLN R 88 36.74 6.51 -79.26
CA GLN R 88 36.95 6.69 -77.83
C GLN R 88 37.03 5.32 -77.18
N ALA R 89 37.68 5.24 -76.02
CA ALA R 89 37.74 4.02 -75.24
C ALA R 89 38.10 4.35 -73.80
N TRP R 90 37.70 3.47 -72.89
CA TRP R 90 37.99 3.58 -71.48
C TRP R 90 38.93 2.46 -71.06
N ASP R 91 39.99 2.84 -70.33
CA ASP R 91 40.94 1.87 -69.77
C ASP R 91 41.39 2.41 -68.43
N SER R 92 41.13 1.63 -67.37
CA SER R 92 41.53 1.99 -66.01
C SER R 92 40.97 3.36 -65.63
N ASN R 93 39.66 3.53 -65.87
CA ASN R 93 38.91 4.73 -65.48
C ASN R 93 39.48 5.99 -66.11
N THR R 94 40.15 5.88 -67.27
CA THR R 94 40.81 7.02 -67.90
C THR R 94 40.18 7.26 -69.26
N GLY R 95 39.55 8.42 -69.41
CA GLY R 95 39.04 8.82 -70.71
C GLY R 95 40.17 9.19 -71.66
N VAL R 96 40.41 8.32 -72.63
CA VAL R 96 41.44 8.53 -73.62
C VAL R 96 40.78 8.55 -74.99
N PHE R 97 40.97 9.65 -75.72
CA PHE R 97 40.37 9.85 -77.03
C PHE R 97 41.36 9.42 -78.11
N GLY R 98 40.81 8.95 -79.23
CA GLY R 98 41.63 8.63 -80.37
C GLY R 98 42.11 9.88 -81.09
N GLY R 99 42.90 9.65 -82.13
CA GLY R 99 43.42 10.77 -82.91
C GLY R 99 42.33 11.59 -83.57
N GLY R 100 41.37 10.91 -84.19
CA GLY R 100 40.30 11.61 -84.87
C GLY R 100 40.49 11.64 -86.38
N THR R 101 39.79 10.77 -87.09
CA THR R 101 39.92 10.66 -88.53
C THR R 101 38.91 11.59 -89.20
N LYS R 102 39.39 12.47 -90.07
CA LYS R 102 38.52 13.35 -90.82
C LYS R 102 38.03 12.65 -92.08
N LEU R 103 36.72 12.66 -92.27
CA LEU R 103 36.08 12.06 -93.44
C LEU R 103 35.70 13.18 -94.39
N THR R 104 36.06 13.04 -95.66
CA THR R 104 35.78 14.04 -96.68
C THR R 104 34.95 13.39 -97.78
N VAL R 105 33.83 14.04 -98.13
CA VAL R 105 33.00 13.60 -99.24
C VAL R 105 33.15 14.64 -100.35
N LEU R 106 33.16 14.17 -101.59
CA LEU R 106 33.37 15.04 -102.75
C LEU R 106 32.06 15.56 -103.31
N TYR S 2 42.76 -17.54 74.41
CA TYR S 2 43.07 -18.96 74.41
C TYR S 2 44.58 -19.18 74.40
N GLU S 3 45.06 -20.03 75.29
CA GLU S 3 46.48 -20.31 75.41
C GLU S 3 46.73 -21.81 75.31
N LEU S 4 47.88 -22.16 74.74
CA LEU S 4 48.34 -23.53 74.66
C LEU S 4 49.61 -23.67 75.51
N THR S 5 49.62 -24.65 76.39
CA THR S 5 50.70 -24.82 77.37
C THR S 5 51.58 -25.99 76.95
N GLN S 6 52.86 -25.70 76.74
CA GLN S 6 53.85 -26.70 76.44
C GLN S 6 54.96 -26.65 77.49
N PRO S 7 55.45 -27.81 77.93
CA PRO S 7 56.57 -27.82 78.87
C PRO S 7 57.79 -27.16 78.26
N PRO S 8 58.58 -26.44 79.07
CA PRO S 8 59.71 -25.69 78.49
C PRO S 8 60.67 -26.53 77.68
N SER S 9 60.98 -27.74 78.14
CA SER S 9 61.87 -28.64 77.39
C SER S 9 61.83 -30.03 78.00
N VAL S 10 62.06 -31.03 77.15
CA VAL S 10 62.25 -32.41 77.56
C VAL S 10 63.38 -32.99 76.74
N SER S 11 64.01 -34.05 77.25
CA SER S 11 65.17 -34.64 76.60
C SER S 11 65.15 -36.16 76.75
N VAL S 12 65.61 -36.86 75.72
CA VAL S 12 65.77 -38.31 75.75
C VAL S 12 67.09 -38.65 75.06
N SER S 13 67.62 -39.84 75.37
CA SER S 13 68.83 -40.30 74.71
C SER S 13 68.53 -40.67 73.25
N PRO S 14 69.53 -40.58 72.37
CA PRO S 14 69.30 -40.97 70.98
C PRO S 14 68.88 -42.43 70.86
N GLY S 15 67.97 -42.69 69.91
CA GLY S 15 67.42 -44.01 69.73
C GLY S 15 66.22 -44.33 70.58
N GLN S 16 65.81 -43.43 71.47
CA GLN S 16 64.69 -43.66 72.36
C GLN S 16 63.40 -43.11 71.74
N THR S 17 62.32 -43.10 72.53
CA THR S 17 61.04 -42.57 72.09
C THR S 17 60.71 -41.31 72.89
N ALA S 18 60.41 -40.22 72.20
CA ALA S 18 60.10 -38.96 72.83
C ALA S 18 58.59 -38.75 72.91
N THR S 19 58.18 -37.94 73.88
CA THR S 19 56.77 -37.65 74.11
C THR S 19 56.65 -36.23 74.60
N ILE S 20 55.98 -35.38 73.82
CA ILE S 20 55.85 -33.96 74.11
C ILE S 20 54.37 -33.59 74.11
N THR S 21 53.92 -32.90 75.16
CA THR S 21 52.51 -32.66 75.40
C THR S 21 52.14 -31.20 75.10
N CYS S 22 50.85 -30.99 74.87
CA CYS S 22 50.29 -29.67 74.57
C CYS S 22 48.91 -29.59 75.21
N SER S 23 48.70 -28.59 76.06
CA SER S 23 47.49 -28.49 76.86
C SER S 23 46.69 -27.26 76.48
N GLY S 24 45.37 -27.44 76.39
CA GLY S 24 44.46 -26.35 76.10
C GLY S 24 43.08 -26.66 76.63
N ASP S 25 42.26 -25.61 76.76
CA ASP S 25 40.91 -25.79 77.29
C ASP S 25 40.04 -26.43 76.22
N LYS S 26 39.57 -27.65 76.49
CA LYS S 26 38.78 -28.42 75.54
C LYS S 26 39.50 -28.54 74.19
N LEU S 27 40.81 -28.81 74.28
CA LEU S 27 41.67 -28.82 73.10
C LEU S 27 41.47 -30.04 72.23
N GLY S 28 40.85 -31.10 72.77
CA GLY S 28 40.52 -32.26 71.96
C GLY S 28 39.36 -32.07 71.00
N ASP S 29 38.72 -30.91 71.04
CA ASP S 29 37.67 -30.55 70.09
C ASP S 29 38.18 -29.71 68.94
N LYS S 30 39.49 -29.51 68.84
CA LYS S 30 40.08 -28.58 67.90
C LYS S 30 41.20 -29.27 67.13
N TYR S 31 41.60 -28.65 66.01
CA TYR S 31 42.69 -29.16 65.19
C TYR S 31 43.99 -28.49 65.57
N ALA S 32 45.02 -29.30 65.80
CA ALA S 32 46.32 -28.81 66.26
C ALA S 32 47.41 -29.19 65.28
N CYS S 33 48.26 -28.22 64.94
CA CYS S 33 49.43 -28.45 64.09
C CYS S 33 50.71 -28.36 64.91
N TRP S 34 51.72 -29.11 64.50
CA TRP S 34 53.01 -29.12 65.18
C TRP S 34 54.12 -28.81 64.19
N TYR S 35 55.13 -28.07 64.65
CA TYR S 35 56.21 -27.61 63.79
C TYR S 35 57.56 -27.89 64.45
N GLN S 36 58.56 -28.03 63.59
CA GLN S 36 59.94 -28.31 63.99
C GLN S 36 60.79 -27.10 63.65
N GLN S 37 61.41 -26.49 64.66
CA GLN S 37 62.33 -25.38 64.45
C GLN S 37 63.70 -25.78 64.98
N ARG S 38 64.53 -26.28 64.09
CA ARG S 38 65.93 -26.49 64.39
C ARG S 38 66.62 -25.14 64.45
N PRO S 39 67.54 -24.95 65.41
CA PRO S 39 68.10 -23.61 65.66
C PRO S 39 68.72 -23.01 64.41
N GLY S 40 68.42 -21.74 64.17
CA GLY S 40 68.87 -21.06 62.97
C GLY S 40 68.08 -21.40 61.73
N GLN S 41 66.89 -22.02 61.87
CA GLN S 41 66.12 -22.56 60.77
C GLN S 41 64.67 -22.08 60.85
N SER S 42 64.09 -21.85 59.70
CA SER S 42 62.66 -21.62 59.60
C SER S 42 61.92 -22.92 59.91
N PRO S 43 60.80 -22.84 60.62
CA PRO S 43 60.10 -24.06 61.03
C PRO S 43 59.50 -24.80 59.84
N VAL S 44 59.21 -26.08 60.07
CA VAL S 44 58.63 -26.97 59.07
C VAL S 44 57.45 -27.70 59.71
N LEU S 45 56.34 -27.78 58.98
CA LEU S 45 55.17 -28.48 59.46
C LEU S 45 55.42 -29.98 59.46
N VAL S 46 55.10 -30.63 60.57
CA VAL S 46 55.33 -32.07 60.70
C VAL S 46 54.07 -32.84 61.08
N ILE S 47 53.07 -32.22 61.69
CA ILE S 47 51.82 -32.88 62.05
C ILE S 47 50.69 -31.86 61.92
N TYR S 48 49.60 -32.26 61.29
CA TYR S 48 48.40 -31.43 61.24
C TYR S 48 47.16 -32.32 61.35
N GLN S 49 46.05 -31.68 61.72
CA GLN S 49 44.76 -32.35 61.91
C GLN S 49 44.79 -33.39 63.01
N ASP S 50 45.77 -33.28 63.90
CA ASP S 50 45.89 -34.09 65.13
C ASP S 50 46.24 -35.54 64.86
N SER S 51 46.13 -35.98 63.60
CA SER S 51 46.48 -37.38 63.28
C SER S 51 47.25 -37.54 61.98
N LYS S 52 47.16 -36.62 61.02
CA LYS S 52 47.72 -36.82 59.70
C LYS S 52 49.13 -36.22 59.62
N ARG S 53 49.95 -36.81 58.75
CA ARG S 53 51.38 -36.64 58.56
C ARG S 53 51.69 -36.15 57.15
N PRO S 54 52.24 -34.95 57.01
CA PRO S 54 52.43 -34.36 55.68
C PRO S 54 53.44 -35.14 54.85
N SER S 55 53.37 -34.91 53.54
CA SER S 55 54.29 -35.55 52.61
C SER S 55 55.72 -35.08 52.87
N GLY S 56 56.65 -36.02 52.87
CA GLY S 56 58.05 -35.71 53.09
C GLY S 56 58.52 -35.91 54.52
N ILE S 57 57.70 -36.52 55.37
CA ILE S 57 58.00 -36.69 56.79
C ILE S 57 57.99 -38.18 57.10
N PRO S 58 59.02 -38.73 57.77
CA PRO S 58 59.01 -40.15 58.11
C PRO S 58 57.96 -40.48 59.16
N GLU S 59 57.50 -41.73 59.12
CA GLU S 59 56.31 -42.14 59.87
C GLU S 59 56.51 -42.13 61.38
N ARG S 60 57.74 -41.97 61.86
CA ARG S 60 58.00 -41.96 63.30
C ARG S 60 57.54 -40.67 63.97
N PHE S 61 57.13 -39.67 63.20
CA PHE S 61 56.47 -38.49 63.76
C PHE S 61 54.98 -38.79 63.93
N SER S 62 54.60 -39.25 65.11
CA SER S 62 53.23 -39.63 65.41
C SER S 62 52.62 -38.66 66.41
N GLY S 63 51.46 -38.10 66.06
CA GLY S 63 50.76 -37.19 66.94
C GLY S 63 49.33 -37.64 67.18
N SER S 64 48.83 -37.31 68.37
CA SER S 64 47.48 -37.67 68.75
C SER S 64 46.91 -36.59 69.66
N ASN S 65 45.58 -36.56 69.76
CA ASN S 65 44.88 -35.55 70.54
C ASN S 65 43.64 -36.15 71.17
N SER S 66 43.41 -35.81 72.44
CA SER S 66 42.22 -36.27 73.15
C SER S 66 42.06 -35.47 74.42
N GLY S 67 40.84 -35.04 74.72
CA GLY S 67 40.56 -34.31 75.95
C GLY S 67 41.10 -32.88 75.94
N ASN S 68 42.04 -32.60 76.85
CA ASN S 68 42.67 -31.29 76.94
C ASN S 68 44.17 -31.34 76.64
N THR S 69 44.66 -32.44 76.07
CA THR S 69 46.09 -32.61 75.82
C THR S 69 46.31 -33.01 74.36
N ALA S 70 47.23 -32.33 73.70
CA ALA S 70 47.74 -32.72 72.40
C ALA S 70 49.15 -33.27 72.58
N THR S 71 49.42 -34.44 72.01
CA THR S 71 50.69 -35.11 72.22
C THR S 71 51.32 -35.50 70.88
N LEU S 72 52.64 -35.43 70.84
CA LEU S 72 53.41 -35.88 69.70
C LEU S 72 54.42 -36.93 70.16
N THR S 73 54.54 -38.01 69.39
CA THR S 73 55.38 -39.14 69.74
C THR S 73 56.45 -39.32 68.67
N ILE S 74 57.71 -39.45 69.09
CA ILE S 74 58.84 -39.64 68.19
C ILE S 74 59.56 -40.92 68.62
N GLY S 75 59.29 -42.02 67.93
CA GLY S 75 60.03 -43.24 68.17
C GLY S 75 61.32 -43.27 67.36
N GLY S 76 62.34 -43.89 67.93
CA GLY S 76 63.64 -43.93 67.31
C GLY S 76 64.25 -42.55 67.10
N THR S 77 64.21 -41.73 68.14
CA THR S 77 64.74 -40.37 68.06
C THR S 77 66.21 -40.38 67.69
N GLN S 78 66.59 -39.50 66.77
CA GLN S 78 67.97 -39.34 66.33
C GLN S 78 68.49 -37.96 66.68
N ALA S 79 69.67 -37.66 66.14
CA ALA S 79 70.38 -36.43 66.47
C ALA S 79 69.62 -35.17 66.06
N MET S 80 69.10 -35.11 64.83
CA MET S 80 68.48 -33.88 64.34
C MET S 80 67.04 -33.71 64.79
N ASP S 81 66.57 -34.54 65.72
CA ASP S 81 65.31 -34.28 66.40
C ASP S 81 65.47 -33.25 67.51
N GLU S 82 66.70 -32.81 67.76
CA GLU S 82 66.98 -31.74 68.70
C GLU S 82 66.54 -30.41 68.11
N ALA S 83 65.32 -29.98 68.44
CA ALA S 83 64.72 -28.83 67.79
C ALA S 83 63.62 -28.27 68.68
N ALA S 84 63.18 -27.06 68.35
CA ALA S 84 62.04 -26.45 69.01
C ALA S 84 60.74 -26.95 68.39
N TYR S 85 59.78 -27.31 69.24
CA TYR S 85 58.55 -27.95 68.81
C TYR S 85 57.38 -27.10 69.26
N PHE S 86 56.69 -26.49 68.30
CA PHE S 86 55.59 -25.58 68.60
C PHE S 86 54.27 -26.27 68.28
N CYS S 87 53.48 -26.54 69.32
CA CYS S 87 52.11 -26.98 69.13
C CYS S 87 51.24 -25.78 68.77
N GLN S 88 50.51 -25.92 67.66
CA GLN S 88 49.71 -24.83 67.13
C GLN S 88 48.25 -25.24 67.18
N ALA S 89 47.35 -24.26 67.22
CA ALA S 89 45.91 -24.52 67.16
C ALA S 89 45.20 -23.25 66.73
N TRP S 90 44.02 -23.44 66.13
CA TRP S 90 43.16 -22.35 65.71
C TRP S 90 41.89 -22.32 66.55
N ASP S 91 41.54 -21.13 67.04
CA ASP S 91 40.31 -20.94 67.79
C ASP S 91 39.79 -19.55 67.44
N SER S 92 38.58 -19.50 66.89
CA SER S 92 37.92 -18.26 66.51
C SER S 92 38.81 -17.44 65.57
N ASN S 93 39.29 -18.11 64.52
CA ASN S 93 40.07 -17.49 63.46
C ASN S 93 41.34 -16.82 63.98
N THR S 94 41.87 -17.27 65.12
CA THR S 94 43.02 -16.64 65.74
C THR S 94 44.18 -17.63 65.79
N GLY S 95 45.26 -17.31 65.08
CA GLY S 95 46.46 -18.11 65.17
C GLY S 95 47.16 -17.92 66.49
N VAL S 96 47.08 -18.94 67.33
CA VAL S 96 47.69 -18.92 68.65
C VAL S 96 48.70 -20.07 68.72
N PHE S 97 49.95 -19.74 69.00
CA PHE S 97 51.02 -20.71 69.05
C PHE S 97 51.24 -21.17 70.48
N GLY S 98 51.68 -22.41 70.64
CA GLY S 98 52.03 -22.92 71.94
C GLY S 98 53.35 -22.36 72.43
N GLY S 99 53.71 -22.75 73.64
CA GLY S 99 54.96 -22.28 74.23
C GLY S 99 56.18 -22.71 73.43
N GLY S 100 56.22 -23.98 73.03
CA GLY S 100 57.35 -24.49 72.28
C GLY S 100 58.30 -25.29 73.14
N THR S 101 58.20 -26.62 73.05
CA THR S 101 59.03 -27.51 73.87
C THR S 101 60.31 -27.84 73.12
N LYS S 102 61.44 -27.59 73.76
CA LYS S 102 62.73 -27.93 73.17
C LYS S 102 63.08 -29.38 73.49
N LEU S 103 63.42 -30.12 72.44
CA LEU S 103 63.81 -31.52 72.57
C LEU S 103 65.32 -31.60 72.45
N THR S 104 65.97 -32.28 73.39
CA THR S 104 67.42 -32.43 73.41
C THR S 104 67.75 -33.91 73.35
N VAL S 105 68.65 -34.27 72.43
CA VAL S 105 69.15 -35.64 72.32
C VAL S 105 70.63 -35.59 72.75
N LEU S 106 71.05 -36.65 73.43
CA LEU S 106 72.41 -36.71 73.98
C LEU S 106 73.37 -37.37 73.00
N ASP T 1 -47.56 77.88 13.92
CA ASP T 1 -46.79 78.64 12.95
C ASP T 1 -45.71 79.48 13.61
N ILE T 2 -44.61 79.69 12.90
CA ILE T 2 -43.54 80.56 13.36
C ILE T 2 -43.58 81.82 12.51
N VAL T 3 -44.10 82.91 13.08
CA VAL T 3 -44.18 84.16 12.35
C VAL T 3 -42.97 85.01 12.68
N MET T 4 -42.21 85.38 11.66
CA MET T 4 -40.94 86.07 11.83
C MET T 4 -41.08 87.49 11.29
N THR T 5 -40.51 88.44 12.01
CA THR T 5 -40.59 89.85 11.63
C THR T 5 -39.18 90.37 11.43
N GLN T 6 -38.96 91.11 10.35
CA GLN T 6 -37.65 91.66 10.06
C GLN T 6 -37.54 93.08 10.60
N SER T 7 -36.30 93.54 10.77
CA SER T 7 -36.07 94.88 11.26
C SER T 7 -34.78 95.46 10.71
N PRO T 8 -34.83 96.63 10.05
CA PRO T 8 -36.07 97.34 9.75
C PRO T 8 -36.65 96.95 8.40
N LEU T 9 -37.70 97.65 7.97
CA LEU T 9 -38.33 97.34 6.69
C LEU T 9 -37.46 97.76 5.50
N SER T 10 -36.65 98.81 5.64
CA SER T 10 -35.76 99.26 4.58
C SER T 10 -34.44 99.77 5.15
N LEU T 11 -33.36 99.49 4.42
CA LEU T 11 -32.03 100.00 4.78
C LEU T 11 -31.32 100.53 3.55
N PRO T 12 -31.70 101.72 3.07
CA PRO T 12 -30.90 102.40 2.04
C PRO T 12 -29.58 102.85 2.62
N VAL T 13 -28.49 102.24 2.18
CA VAL T 13 -27.16 102.53 2.70
C VAL T 13 -26.21 102.76 1.53
N THR T 14 -25.40 103.81 1.63
CA THR T 14 -24.46 104.15 0.57
C THR T 14 -23.39 103.06 0.46
N PRO T 15 -22.86 102.80 -0.73
CA PRO T 15 -21.82 101.77 -0.85
C PRO T 15 -20.57 102.16 -0.08
N GLY T 16 -19.88 101.14 0.44
CA GLY T 16 -18.71 101.31 1.27
C GLY T 16 -19.00 101.37 2.75
N GLU T 17 -20.26 101.62 3.13
CA GLU T 17 -20.69 101.67 4.52
C GLU T 17 -21.12 100.30 5.00
N PRO T 18 -21.10 100.06 6.31
CA PRO T 18 -21.58 98.78 6.85
C PRO T 18 -23.08 98.78 7.08
N ALA T 19 -23.64 97.58 7.11
CA ALA T 19 -25.08 97.41 7.25
C ALA T 19 -25.39 96.16 8.05
N SER T 20 -26.42 96.25 8.88
CA SER T 20 -26.90 95.12 9.68
C SER T 20 -28.40 94.96 9.47
N ILE T 21 -28.83 93.73 9.23
CA ILE T 21 -30.23 93.38 9.05
C ILE T 21 -30.62 92.39 10.13
N SER T 22 -31.70 92.71 10.86
CA SER T 22 -32.15 91.91 11.98
C SER T 22 -33.55 91.37 11.72
N CYS T 23 -33.75 90.10 12.08
CA CYS T 23 -35.03 89.43 11.93
C CYS T 23 -35.22 88.51 13.12
N ARG T 24 -36.28 88.75 13.90
CA ARG T 24 -36.50 88.06 15.16
C ARG T 24 -37.64 87.06 15.00
N SER T 25 -37.45 85.86 15.55
CA SER T 25 -38.43 84.78 15.48
C SER T 25 -39.41 84.90 16.63
N SER T 26 -40.66 84.51 16.38
CA SER T 26 -41.65 84.46 17.46
C SER T 26 -41.36 83.36 18.47
N GLN T 27 -40.87 82.21 18.02
CA GLN T 27 -40.52 81.09 18.89
C GLN T 27 -39.01 80.94 18.94
N SER T 28 -38.56 79.88 19.61
CA SER T 28 -37.14 79.58 19.74
C SER T 28 -36.74 78.62 18.62
N LEU T 29 -35.71 79.00 17.86
CA LEU T 29 -35.21 78.19 16.76
C LEU T 29 -33.90 77.50 17.10
N LEU T 30 -33.63 77.26 18.38
CA LEU T 30 -32.30 76.83 18.81
C LEU T 30 -32.31 75.35 19.18
N HIS T 31 -31.25 74.66 18.76
CA HIS T 31 -30.96 73.29 19.20
C HIS T 31 -32.08 72.32 18.82
N SER T 32 -32.29 72.18 17.51
CA SER T 32 -32.81 70.91 17.02
C SER T 32 -31.77 69.82 17.21
N ASN T 33 -30.49 70.16 17.02
CA ASN T 33 -29.38 69.33 17.45
C ASN T 33 -28.27 70.13 18.12
N GLY T 34 -28.39 71.46 18.19
CA GLY T 34 -27.35 72.29 18.77
C GLY T 34 -27.04 73.54 17.96
N TYR T 35 -27.77 73.74 16.86
CA TYR T 35 -27.54 74.88 15.98
C TYR T 35 -28.80 75.75 15.92
N LEU T 36 -28.68 76.88 15.21
CA LEU T 36 -29.73 77.88 15.11
C LEU T 36 -30.31 77.80 13.70
N TYR T 37 -31.50 77.22 13.56
CA TYR T 37 -32.09 76.93 12.26
C TYR T 37 -32.81 78.16 11.70
N LEU T 38 -32.01 79.18 11.42
CA LEU T 38 -32.47 80.35 10.66
C LEU T 38 -31.50 80.56 9.50
N ASP T 39 -32.05 80.76 8.30
CA ASP T 39 -31.27 80.88 7.08
C ASP T 39 -31.54 82.23 6.42
N TRP T 40 -30.52 82.81 5.80
CA TRP T 40 -30.60 84.14 5.22
C TRP T 40 -30.48 84.06 3.70
N TYR T 41 -31.39 84.76 3.00
CA TYR T 41 -31.40 84.79 1.55
C TYR T 41 -31.39 86.22 1.02
N LEU T 42 -30.77 86.38 -0.15
CA LEU T 42 -30.80 87.60 -0.92
C LEU T 42 -31.44 87.33 -2.28
N GLN T 43 -32.53 88.01 -2.57
CA GLN T 43 -33.16 87.99 -3.89
C GLN T 43 -32.76 89.27 -4.60
N LYS T 44 -31.73 89.19 -5.43
CA LYS T 44 -31.32 90.34 -6.21
C LYS T 44 -32.40 90.67 -7.23
N PRO T 45 -32.51 91.93 -7.64
CA PRO T 45 -33.63 92.34 -8.49
C PRO T 45 -33.65 91.60 -9.82
N GLY T 46 -34.80 90.99 -10.12
CA GLY T 46 -35.02 90.34 -11.39
C GLY T 46 -34.56 88.90 -11.48
N GLN T 47 -33.79 88.42 -10.52
CA GLN T 47 -33.31 87.03 -10.53
C GLN T 47 -33.61 86.37 -9.19
N SER T 48 -33.42 85.03 -9.16
CA SER T 48 -33.79 84.11 -8.10
C SER T 48 -32.78 84.15 -6.96
N PRO T 49 -33.26 83.93 -5.73
CA PRO T 49 -32.36 83.95 -4.57
C PRO T 49 -31.45 82.73 -4.53
N GLN T 50 -30.32 82.87 -3.84
CA GLN T 50 -29.54 81.75 -3.35
C GLN T 50 -29.13 82.03 -1.92
N LEU T 51 -28.68 80.98 -1.22
CA LEU T 51 -28.38 81.09 0.19
C LEU T 51 -27.25 82.10 0.43
N LEU T 52 -27.43 82.95 1.44
CA LEU T 52 -26.35 83.78 1.97
C LEU T 52 -25.83 83.25 3.30
N ILE T 53 -26.71 83.06 4.28
CA ILE T 53 -26.35 82.54 5.59
C ILE T 53 -27.24 81.35 5.91
N TYR T 54 -26.61 80.24 6.30
CA TYR T 54 -27.30 79.07 6.81
C TYR T 54 -26.88 78.84 8.26
N LEU T 55 -27.80 78.25 9.03
CA LEU T 55 -27.58 77.93 10.44
C LEU T 55 -27.24 79.17 11.27
N GLY T 56 -27.85 80.29 10.92
CA GLY T 56 -27.69 81.51 11.70
C GLY T 56 -26.40 82.29 11.55
N SER T 57 -25.27 81.60 11.66
CA SER T 57 -23.97 82.26 11.69
C SER T 57 -23.02 81.83 10.58
N ASN T 58 -23.35 80.81 9.81
CA ASN T 58 -22.42 80.25 8.83
C ASN T 58 -22.93 80.55 7.41
N ARG T 59 -22.02 80.55 6.43
CA ARG T 59 -22.43 80.81 5.05
C ARG T 59 -22.08 79.66 4.12
N ALA T 60 -22.74 79.64 2.96
CA ALA T 60 -22.63 78.55 2.00
C ALA T 60 -21.34 78.68 1.17
N SER T 61 -21.31 77.95 0.06
CA SER T 61 -20.16 77.99 -0.83
C SER T 61 -20.11 79.29 -1.61
N GLY T 62 -18.92 79.91 -1.64
CA GLY T 62 -18.63 81.02 -2.52
C GLY T 62 -19.19 82.37 -2.14
N VAL T 63 -19.74 82.52 -0.94
CA VAL T 63 -20.34 83.79 -0.51
C VAL T 63 -19.25 84.82 -0.28
N PRO T 64 -19.49 86.10 -0.58
CA PRO T 64 -18.51 87.13 -0.24
C PRO T 64 -18.22 87.14 1.25
N ASP T 65 -16.96 87.43 1.58
CA ASP T 65 -16.48 87.36 2.96
C ASP T 65 -17.11 88.45 3.83
N ARG T 66 -17.68 89.48 3.23
CA ARG T 66 -18.29 90.58 3.96
C ARG T 66 -19.53 90.18 4.75
N PHE T 67 -20.20 89.09 4.37
CA PHE T 67 -21.44 88.67 5.01
C PHE T 67 -21.09 87.84 6.25
N SER T 68 -21.84 88.07 7.33
CA SER T 68 -21.72 87.26 8.54
C SER T 68 -23.02 87.36 9.34
N GLY T 69 -23.36 86.27 10.04
CA GLY T 69 -24.57 86.24 10.84
C GLY T 69 -24.28 86.09 12.31
N SER T 70 -25.21 86.54 13.15
CA SER T 70 -25.03 86.48 14.59
C SER T 70 -26.40 86.50 15.26
N GLY T 71 -26.42 86.14 16.53
CA GLY T 71 -27.63 86.09 17.32
C GLY T 71 -28.01 84.66 17.66
N SER T 72 -28.72 84.49 18.77
CA SER T 72 -29.13 83.17 19.24
C SER T 72 -30.51 83.26 19.88
N GLY T 73 -31.22 82.13 19.84
CA GLY T 73 -32.53 82.01 20.46
C GLY T 73 -33.66 82.55 19.62
N THR T 74 -33.84 83.87 19.64
CA THR T 74 -34.89 84.51 18.85
C THR T 74 -34.39 85.68 18.03
N ASP T 75 -33.31 86.34 18.41
CA ASP T 75 -32.80 87.51 17.71
C ASP T 75 -31.62 87.08 16.85
N PHE T 76 -31.62 87.52 15.60
CA PHE T 76 -30.59 87.17 14.64
C PHE T 76 -30.30 88.36 13.75
N THR T 77 -29.02 88.59 13.48
CA THR T 77 -28.59 89.75 12.72
C THR T 77 -27.61 89.35 11.64
N LEU T 78 -27.80 89.89 10.44
CA LEU T 78 -26.84 89.77 9.35
C LEU T 78 -25.92 90.98 9.34
N LYS T 79 -24.64 90.74 9.09
CA LYS T 79 -23.61 91.76 9.24
C LYS T 79 -22.82 91.86 7.93
N ILE T 80 -23.13 92.89 7.13
CA ILE T 80 -22.40 93.15 5.90
C ILE T 80 -21.24 94.07 6.24
N SER T 81 -20.01 93.61 5.92
CA SER T 81 -18.83 94.41 6.25
C SER T 81 -18.77 95.71 5.46
N ARG T 82 -19.09 95.67 4.16
CA ARG T 82 -18.97 96.85 3.32
C ARG T 82 -19.99 96.75 2.19
N VAL T 83 -21.06 97.54 2.29
CA VAL T 83 -22.06 97.59 1.23
C VAL T 83 -21.40 98.05 -0.06
N GLU T 84 -21.77 97.42 -1.18
CA GLU T 84 -21.36 97.87 -2.50
C GLU T 84 -22.54 97.86 -3.46
N ALA T 85 -22.23 98.18 -4.72
CA ALA T 85 -23.23 98.34 -5.78
C ALA T 85 -23.84 97.03 -6.25
N GLU T 86 -23.29 95.86 -5.92
CA GLU T 86 -23.90 94.59 -6.28
C GLU T 86 -24.78 94.03 -5.18
N ASP T 87 -24.85 94.69 -4.04
CA ASP T 87 -25.55 94.18 -2.86
C ASP T 87 -27.02 94.57 -2.84
N VAL T 88 -27.49 95.28 -3.87
CA VAL T 88 -28.87 95.77 -3.89
C VAL T 88 -29.84 94.60 -3.98
N GLY T 89 -30.91 94.66 -3.20
CA GLY T 89 -32.00 93.72 -3.29
C GLY T 89 -32.56 93.38 -1.92
N VAL T 90 -33.62 92.58 -1.94
CA VAL T 90 -34.37 92.21 -0.74
C VAL T 90 -33.60 91.14 0.02
N TYR T 91 -33.73 91.16 1.35
CA TYR T 91 -33.13 90.14 2.20
C TYR T 91 -34.25 89.36 2.90
N TYR T 92 -34.11 88.04 2.94
CA TYR T 92 -35.09 87.16 3.60
C TYR T 92 -34.42 86.34 4.68
N CYS T 93 -35.16 86.09 5.76
CA CYS T 93 -34.80 85.07 6.74
C CYS T 93 -35.82 83.93 6.69
N MET T 94 -35.41 82.75 7.14
CA MET T 94 -36.36 81.64 7.17
C MET T 94 -36.10 80.81 8.42
N GLN T 95 -37.17 80.40 9.09
CA GLN T 95 -37.07 79.41 10.14
C GLN T 95 -37.00 78.02 9.50
N ALA T 96 -36.03 77.22 9.93
CA ALA T 96 -35.79 75.91 9.34
C ALA T 96 -35.97 74.79 10.35
N LEU T 97 -36.88 74.99 11.31
CA LEU T 97 -37.10 74.04 12.40
C LEU T 97 -38.37 73.21 12.22
N GLN T 98 -39.50 73.85 11.95
CA GLN T 98 -40.78 73.18 11.86
C GLN T 98 -41.24 73.19 10.41
N THR T 99 -42.11 72.23 10.06
CA THR T 99 -42.46 72.06 8.66
C THR T 99 -43.06 73.29 7.98
N PRO T 100 -43.90 74.15 8.62
CA PRO T 100 -44.41 75.32 7.88
C PRO T 100 -43.28 76.33 7.69
N GLY T 101 -42.75 76.37 6.48
CA GLY T 101 -41.59 77.20 6.20
C GLY T 101 -41.96 78.63 5.87
N THR T 102 -41.66 79.56 6.77
CA THR T 102 -42.06 80.95 6.60
C THR T 102 -40.85 81.82 6.36
N PHE T 103 -40.94 82.69 5.36
CA PHE T 103 -39.91 83.65 5.05
C PHE T 103 -40.28 85.03 5.59
N GLY T 104 -39.30 85.93 5.59
CA GLY T 104 -39.55 87.31 5.96
C GLY T 104 -40.34 88.04 4.89
N GLN T 105 -40.59 89.32 5.16
CA GLN T 105 -41.38 90.14 4.24
C GLN T 105 -40.53 90.87 3.21
N GLY T 106 -39.23 91.01 3.46
CA GLY T 106 -38.33 91.59 2.47
C GLY T 106 -37.89 93.00 2.74
N THR T 107 -36.64 93.15 3.21
CA THR T 107 -36.01 94.46 3.35
C THR T 107 -34.91 94.61 2.31
N ARG T 108 -35.01 95.62 1.44
CA ARG T 108 -33.97 95.86 0.46
C ARG T 108 -32.86 96.70 1.09
N LEU T 109 -31.62 96.30 0.87
CA LEU T 109 -30.49 97.22 0.95
C LEU T 109 -30.34 97.87 -0.41
N GLU T 110 -30.50 99.20 -0.46
CA GLU T 110 -30.39 99.91 -1.71
C GLU T 110 -29.34 101.00 -1.56
N ILE T 111 -29.08 101.71 -2.65
CA ILE T 111 -28.12 102.80 -2.70
C ILE T 111 -28.88 104.10 -2.83
N LYS T 112 -28.73 104.97 -1.83
CA LYS T 112 -29.57 106.16 -1.73
C LYS T 112 -28.81 107.41 -2.18
N VAL U 2 -24.77 72.20 -12.46
CA VAL U 2 -26.09 72.18 -11.85
C VAL U 2 -27.02 73.11 -12.63
N GLN U 3 -28.16 72.58 -13.06
CA GLN U 3 -29.21 73.36 -13.71
C GLN U 3 -30.57 72.89 -13.18
N LEU U 4 -31.45 73.85 -12.92
CA LEU U 4 -32.80 73.57 -12.43
C LEU U 4 -33.77 74.15 -13.46
N LEU U 5 -34.10 73.38 -14.48
CA LEU U 5 -35.01 73.82 -15.52
C LEU U 5 -36.44 73.50 -15.12
N GLU U 6 -37.23 74.54 -14.90
CA GLU U 6 -38.64 74.41 -14.59
C GLU U 6 -39.42 74.54 -15.88
N SER U 7 -40.33 73.60 -16.12
CA SER U 7 -41.10 73.56 -17.35
C SER U 7 -42.57 73.74 -17.03
N GLY U 8 -43.40 73.69 -18.07
CA GLY U 8 -44.81 73.92 -17.88
C GLY U 8 -45.09 75.38 -17.55
N GLY U 9 -46.30 75.60 -17.04
CA GLY U 9 -46.69 76.94 -16.62
C GLY U 9 -47.16 77.81 -17.76
N GLY U 10 -48.10 78.69 -17.47
CA GLY U 10 -48.65 79.58 -18.46
C GLY U 10 -49.91 80.24 -17.94
N VAL U 11 -50.93 80.34 -18.78
CA VAL U 11 -52.23 80.85 -18.37
C VAL U 11 -53.19 79.69 -18.25
N VAL U 12 -53.68 79.45 -17.03
CA VAL U 12 -54.64 78.39 -16.76
C VAL U 12 -55.94 79.02 -16.27
N GLN U 13 -57.02 78.23 -16.27
CA GLN U 13 -58.36 78.76 -16.07
C GLN U 13 -58.69 78.72 -14.57
N PRO U 14 -59.45 79.68 -14.05
CA PRO U 14 -59.85 79.63 -12.63
C PRO U 14 -60.64 78.37 -12.29
N GLY U 15 -60.02 77.51 -11.49
CA GLY U 15 -60.56 76.19 -11.21
C GLY U 15 -60.03 75.08 -12.09
N GLY U 16 -59.25 75.41 -13.13
CA GLY U 16 -58.69 74.42 -14.02
C GLY U 16 -57.53 73.67 -13.40
N SER U 17 -56.64 73.16 -14.27
CA SER U 17 -55.62 72.18 -13.91
C SER U 17 -54.29 72.52 -14.58
N LEU U 18 -53.18 72.02 -14.02
CA LEU U 18 -51.84 72.22 -14.58
C LEU U 18 -50.87 71.23 -13.96
N ARG U 19 -49.74 70.98 -14.61
CA ARG U 19 -48.68 70.25 -13.93
C ARG U 19 -47.29 70.75 -14.32
N LEU U 20 -46.45 70.94 -13.31
CA LEU U 20 -45.18 71.64 -13.47
C LEU U 20 -44.01 70.65 -13.35
N SER U 21 -42.96 70.88 -14.13
CA SER U 21 -41.80 69.97 -14.18
C SER U 21 -40.53 70.71 -13.81
N CYS U 22 -39.78 70.15 -12.86
CA CYS U 22 -38.46 70.67 -12.48
C CYS U 22 -37.39 69.66 -12.89
N ALA U 23 -36.88 69.81 -14.12
CA ALA U 23 -35.83 68.94 -14.66
C ALA U 23 -34.50 69.40 -14.09
N ALA U 24 -33.87 68.54 -13.29
CA ALA U 24 -32.61 68.88 -12.64
C ALA U 24 -31.48 68.03 -13.20
N SER U 25 -30.27 68.57 -13.14
CA SER U 25 -29.09 67.90 -13.67
C SER U 25 -27.85 68.48 -13.01
N GLY U 26 -26.72 67.83 -13.26
CA GLY U 26 -25.45 68.28 -12.70
C GLY U 26 -25.20 67.87 -11.28
N PHE U 27 -26.13 67.16 -10.66
CA PHE U 27 -25.96 66.69 -9.29
C PHE U 27 -26.80 65.43 -9.12
N ALA U 28 -26.65 64.80 -7.95
CA ALA U 28 -27.23 63.47 -7.71
C ALA U 28 -28.74 63.49 -7.85
N PHE U 29 -29.41 64.21 -6.94
CA PHE U 29 -30.86 64.37 -6.89
C PHE U 29 -31.42 63.05 -6.34
N THR U 30 -30.58 62.02 -6.22
CA THR U 30 -31.03 60.74 -5.71
C THR U 30 -31.00 60.69 -4.18
N THR U 31 -30.20 61.53 -3.53
CA THR U 31 -30.12 61.59 -2.08
C THR U 31 -30.44 62.98 -1.56
N TYR U 32 -30.90 63.85 -2.45
CA TYR U 32 -31.20 65.23 -2.14
C TYR U 32 -32.71 65.43 -2.08
N ALA U 33 -33.14 66.25 -1.13
CA ALA U 33 -34.52 66.69 -1.02
C ALA U 33 -34.76 67.84 -1.98
N MET U 34 -36.03 68.14 -2.23
CA MET U 34 -36.42 69.23 -3.11
C MET U 34 -37.52 70.05 -2.46
N ASN U 35 -37.59 71.33 -2.83
CA ASN U 35 -38.58 72.26 -2.30
C ASN U 35 -39.28 72.99 -3.44
N TRP U 36 -40.53 73.38 -3.19
CA TRP U 36 -41.28 74.21 -4.11
C TRP U 36 -41.61 75.53 -3.42
N VAL U 37 -41.26 76.65 -4.07
CA VAL U 37 -41.41 77.97 -3.49
C VAL U 37 -42.16 78.85 -4.48
N ARG U 38 -43.17 79.56 -3.99
CA ARG U 38 -43.94 80.47 -4.83
C ARG U 38 -43.75 81.92 -4.39
N GLN U 39 -44.04 82.82 -5.31
CA GLN U 39 -43.93 84.26 -5.08
C GLN U 39 -44.96 84.96 -5.93
N ALA U 40 -46.08 85.35 -5.32
CA ALA U 40 -47.07 86.16 -6.02
C ALA U 40 -46.46 87.52 -6.35
N PRO U 41 -46.96 88.20 -7.40
CA PRO U 41 -46.27 89.42 -7.88
C PRO U 41 -46.07 90.47 -6.81
N GLY U 42 -44.81 90.71 -6.47
CA GLY U 42 -44.47 91.70 -5.46
C GLY U 42 -45.04 91.39 -4.09
N ARG U 43 -45.05 90.12 -3.69
CA ARG U 43 -45.63 89.74 -2.41
C ARG U 43 -44.74 88.85 -1.55
N GLY U 44 -43.56 88.47 -2.00
CA GLY U 44 -42.60 87.77 -1.16
C GLY U 44 -42.59 86.28 -1.37
N LEU U 45 -41.44 85.69 -1.07
CA LEU U 45 -41.27 84.24 -1.15
C LEU U 45 -42.10 83.56 -0.08
N GLU U 46 -42.90 82.59 -0.49
CA GLU U 46 -43.74 81.82 0.42
C GLU U 46 -43.70 80.36 0.02
N TRP U 47 -43.76 79.49 1.02
CA TRP U 47 -43.46 78.07 0.79
C TRP U 47 -44.66 77.32 0.26
N VAL U 48 -44.38 76.19 -0.42
CA VAL U 48 -45.43 75.30 -0.89
C VAL U 48 -45.20 73.86 -0.45
N SER U 49 -44.05 73.28 -0.81
CA SER U 49 -43.92 71.83 -0.76
C SER U 49 -42.48 71.38 -0.58
N ALA U 50 -42.32 70.12 -0.19
CA ALA U 50 -41.02 69.46 -0.06
C ALA U 50 -41.20 67.95 -0.15
N ILE U 51 -40.15 67.24 -0.56
CA ILE U 51 -40.18 65.80 -0.75
C ILE U 51 -38.87 65.20 -0.25
N SER U 52 -38.93 63.92 0.15
CA SER U 52 -37.76 63.22 0.66
C SER U 52 -36.92 62.69 -0.50
N ASP U 53 -35.92 61.87 -0.18
CA ASP U 53 -35.00 61.36 -1.20
C ASP U 53 -35.72 60.47 -2.19
N GLY U 54 -36.66 59.66 -1.72
CA GLY U 54 -37.34 58.72 -2.59
C GLY U 54 -38.84 58.84 -2.61
N GLY U 55 -39.35 60.04 -2.37
CA GLY U 55 -40.79 60.24 -2.33
C GLY U 55 -41.40 59.69 -1.05
N GLY U 56 -42.72 59.53 -1.08
CA GLY U 56 -43.44 59.08 0.09
C GLY U 56 -43.70 60.19 1.08
N SER U 57 -42.64 60.89 1.48
CA SER U 57 -42.74 62.05 2.35
C SER U 57 -43.25 63.23 1.55
N ALA U 58 -44.55 63.50 1.65
CA ALA U 58 -45.21 64.53 0.85
C ALA U 58 -45.73 65.61 1.79
N TYR U 59 -44.99 66.71 1.87
CA TYR U 59 -45.19 67.75 2.88
C TYR U 59 -45.75 69.01 2.23
N TYR U 60 -46.90 69.47 2.74
CA TYR U 60 -47.65 70.54 2.12
C TYR U 60 -48.06 71.59 3.16
N ALA U 61 -48.24 72.82 2.69
CA ALA U 61 -48.86 73.88 3.49
C ALA U 61 -50.37 73.72 3.54
N ASP U 62 -51.03 74.48 4.42
CA ASP U 62 -52.48 74.41 4.53
C ASP U 62 -53.18 74.80 3.24
N SER U 63 -52.75 75.87 2.58
CA SER U 63 -53.47 76.33 1.40
C SER U 63 -53.37 75.34 0.25
N VAL U 64 -52.39 74.44 0.28
CA VAL U 64 -52.27 73.37 -0.69
C VAL U 64 -52.64 72.01 -0.12
N LYS U 65 -53.33 71.96 1.03
CA LYS U 65 -53.85 70.72 1.58
C LYS U 65 -54.70 69.96 0.57
N GLY U 66 -54.23 68.79 0.15
CA GLY U 66 -55.01 67.94 -0.74
C GLY U 66 -55.03 68.44 -2.17
N ARG U 67 -55.23 69.75 -2.34
CA ARG U 67 -55.35 70.34 -3.67
C ARG U 67 -54.05 70.24 -4.46
N PHE U 68 -52.89 70.28 -3.82
CA PHE U 68 -51.61 70.05 -4.51
C PHE U 68 -50.97 68.77 -4.02
N THR U 69 -50.29 68.09 -4.95
CA THR U 69 -49.52 66.88 -4.68
C THR U 69 -48.25 66.94 -5.50
N ILE U 70 -47.18 66.30 -5.02
CA ILE U 70 -45.87 66.39 -5.65
C ILE U 70 -45.31 65.00 -5.87
N SER U 71 -44.41 64.88 -6.84
CA SER U 71 -43.79 63.61 -7.19
C SER U 71 -42.44 63.88 -7.85
N ARG U 72 -41.64 62.82 -7.96
CA ARG U 72 -40.33 62.90 -8.57
C ARG U 72 -40.08 61.66 -9.42
N ASP U 73 -39.20 61.80 -10.39
CA ASP U 73 -38.81 60.71 -11.29
C ASP U 73 -37.34 60.43 -11.01
N ASN U 74 -37.08 59.57 -10.03
CA ASN U 74 -35.71 59.34 -9.59
C ASN U 74 -34.84 58.72 -10.69
N SER U 75 -35.44 58.05 -11.67
CA SER U 75 -34.67 57.55 -12.80
C SER U 75 -34.30 58.68 -13.77
N LYS U 76 -35.28 59.50 -14.15
CA LYS U 76 -35.07 60.57 -15.11
C LYS U 76 -34.63 61.89 -14.45
N ASN U 77 -34.63 61.94 -13.11
CA ASN U 77 -34.14 63.10 -12.35
C ASN U 77 -34.98 64.34 -12.64
N THR U 78 -36.26 64.26 -12.28
CA THR U 78 -37.21 65.33 -12.53
C THR U 78 -38.14 65.47 -11.34
N LEU U 79 -38.66 66.68 -11.12
CA LEU U 79 -39.61 66.96 -10.05
C LEU U 79 -40.94 67.40 -10.64
N TYR U 80 -42.04 66.95 -10.04
CA TYR U 80 -43.37 67.23 -10.55
C TYR U 80 -44.25 67.87 -9.48
N LEU U 81 -45.41 68.38 -9.90
CA LEU U 81 -46.28 69.17 -9.01
C LEU U 81 -47.71 69.13 -9.52
N GLN U 82 -48.60 68.49 -8.77
CA GLN U 82 -49.99 68.30 -9.16
C GLN U 82 -50.84 69.49 -8.72
N MET U 83 -51.73 69.95 -9.60
CA MET U 83 -52.56 71.10 -9.33
C MET U 83 -54.02 70.80 -9.66
N ASN U 84 -54.94 71.31 -8.83
CA ASN U 84 -56.37 71.17 -9.07
C ASN U 84 -57.14 72.32 -8.45
N SER U 85 -58.20 72.76 -9.14
CA SER U 85 -59.10 73.81 -8.67
C SER U 85 -58.33 75.07 -8.26
N LEU U 86 -57.47 75.53 -9.16
CA LEU U 86 -56.60 76.66 -8.85
C LEU U 86 -57.41 77.92 -8.58
N ARG U 87 -57.10 78.60 -7.48
CA ARG U 87 -57.66 79.89 -7.14
C ARG U 87 -56.75 81.01 -7.65
N ALA U 88 -57.15 82.26 -7.36
CA ALA U 88 -56.45 83.44 -7.84
C ALA U 88 -55.23 83.78 -7.00
N GLU U 89 -55.07 83.19 -5.83
CA GLU U 89 -53.94 83.48 -4.95
C GLU U 89 -52.70 82.67 -5.30
N ASP U 90 -52.82 81.65 -6.15
CA ASP U 90 -51.67 80.90 -6.62
C ASP U 90 -51.08 81.45 -7.90
N THR U 91 -51.58 82.58 -8.40
CA THR U 91 -50.98 83.22 -9.56
C THR U 91 -49.60 83.74 -9.18
N ALA U 92 -48.55 83.06 -9.61
CA ALA U 92 -47.21 83.37 -9.12
C ALA U 92 -46.17 82.71 -10.01
N VAL U 93 -44.91 82.99 -9.71
CA VAL U 93 -43.77 82.33 -10.32
C VAL U 93 -43.25 81.29 -9.33
N TYR U 94 -42.94 80.10 -9.83
CA TYR U 94 -42.68 78.96 -8.96
C TYR U 94 -41.22 78.55 -9.06
N TYR U 95 -40.56 78.43 -7.92
CA TYR U 95 -39.17 78.01 -7.84
C TYR U 95 -39.08 76.61 -7.26
N CYS U 96 -38.41 75.72 -7.97
CA CYS U 96 -38.01 74.44 -7.39
C CYS U 96 -36.58 74.59 -6.87
N ALA U 97 -36.37 74.16 -5.64
CA ALA U 97 -35.09 74.38 -4.99
C ALA U 97 -34.69 73.11 -4.26
N LYS U 98 -33.40 72.82 -4.26
CA LYS U 98 -32.89 71.63 -3.60
C LYS U 98 -32.37 72.00 -2.23
N THR U 99 -32.58 71.10 -1.27
CA THR U 99 -31.95 71.26 0.03
C THR U 99 -30.44 71.24 -0.15
N ARG U 100 -29.74 72.02 0.70
CA ARG U 100 -28.28 71.97 0.81
C ARG U 100 -27.74 70.60 0.46
N GLY U 101 -28.31 69.56 1.09
CA GLY U 101 -27.53 68.45 1.58
C GLY U 101 -28.35 67.20 1.80
N ARG U 102 -27.64 66.19 2.28
CA ARG U 102 -28.02 64.81 2.08
C ARG U 102 -28.03 63.97 3.37
N GLY U 103 -27.78 64.58 4.53
CA GLY U 103 -27.92 63.89 5.80
C GLY U 103 -29.18 64.28 6.57
N LEU U 104 -29.43 63.55 7.66
CA LEU U 104 -30.63 63.75 8.47
C LEU U 104 -30.37 64.81 9.54
N TYR U 105 -31.42 65.55 9.93
CA TYR U 105 -31.42 66.84 10.64
C TYR U 105 -31.01 68.01 9.73
N ASP U 106 -30.64 67.74 8.48
CA ASP U 106 -30.66 68.75 7.44
C ASP U 106 -32.05 68.66 6.83
N TYR U 107 -32.99 69.39 7.45
CA TYR U 107 -34.41 69.13 7.25
C TYR U 107 -34.81 69.27 5.79
N VAL U 108 -35.62 68.32 5.33
CA VAL U 108 -36.07 68.33 3.95
C VAL U 108 -36.99 69.51 3.66
N TRP U 109 -37.37 70.27 4.69
CA TRP U 109 -38.08 71.52 4.50
C TRP U 109 -37.26 72.72 4.96
N GLY U 110 -35.93 72.62 4.94
CA GLY U 110 -35.07 73.63 5.54
C GLY U 110 -34.27 74.45 4.55
N SER U 111 -32.94 74.40 4.68
CA SER U 111 -32.07 75.21 3.85
C SER U 111 -32.22 74.83 2.38
N LYS U 112 -32.18 75.85 1.51
CA LYS U 112 -32.33 75.69 0.07
C LYS U 112 -31.12 76.31 -0.59
N ASP U 113 -30.15 75.46 -0.98
CA ASP U 113 -28.89 75.95 -1.51
C ASP U 113 -29.06 76.53 -2.91
N TYR U 114 -29.56 75.73 -3.85
CA TYR U 114 -29.61 76.08 -5.25
C TYR U 114 -31.05 76.27 -5.66
N TRP U 115 -31.31 77.35 -6.40
CA TRP U 115 -32.63 77.66 -6.93
C TRP U 115 -32.62 77.67 -8.44
N GLY U 116 -33.83 77.66 -9.03
CA GLY U 116 -33.99 77.65 -10.47
C GLY U 116 -34.22 79.04 -11.04
N GLN U 117 -34.79 79.06 -12.25
CA GLN U 117 -35.09 80.31 -12.95
C GLN U 117 -36.55 80.71 -12.84
N GLY U 118 -37.44 79.78 -12.52
CA GLY U 118 -38.83 80.11 -12.25
C GLY U 118 -39.69 80.26 -13.49
N THR U 119 -40.91 79.73 -13.43
CA THR U 119 -41.88 79.87 -14.50
C THR U 119 -43.15 80.47 -13.93
N LEU U 120 -43.75 81.38 -14.68
CA LEU U 120 -44.95 82.07 -14.23
C LEU U 120 -46.17 81.21 -14.47
N VAL U 121 -46.99 81.07 -13.43
CA VAL U 121 -48.29 80.40 -13.52
C VAL U 121 -49.36 81.44 -13.26
N THR U 122 -50.16 81.73 -14.28
CA THR U 122 -51.16 82.79 -14.24
C THR U 122 -52.54 82.14 -14.29
N VAL U 123 -53.38 82.46 -13.31
CA VAL U 123 -54.77 82.01 -13.32
C VAL U 123 -55.65 83.19 -13.68
N SER U 124 -56.23 83.16 -14.89
CA SER U 124 -57.11 84.21 -15.33
C SER U 124 -57.95 83.68 -16.49
N SER U 125 -58.69 84.59 -17.12
CA SER U 125 -59.58 84.23 -18.21
C SER U 125 -59.45 85.21 -19.36
#